data_4W8F
#
_entry.id   4W8F
#
_cell.length_a   137.730
_cell.length_b   154.380
_cell.length_c   177.550
_cell.angle_alpha   90.00
_cell.angle_beta   96.59
_cell.angle_gamma   90.00
#
_symmetry.space_group_name_H-M   'P 1 21 1'
#
loop_
_entity.id
_entity.type
_entity.pdbx_description
1 polymer 'Dynein heavy chain lysozyme chimera'
2 non-polymer 'PHOSPHOAMINOPHOSPHONIC ACID-ADENYLATE ESTER'
3 non-polymer 'MAGNESIUM ION'
#
_entity_poly.entity_id   1
_entity_poly.type   'polypeptide(L)'
_entity_poly.pdbx_seq_one_letter_code
;GEFVIEKSLNRIKKFWKEAQYEVIEHSSGLKLVREWDVLEQACKEDLEELVSMKASNYYKIFEQDCLDLESKLTKLSEIQ
VNWVEVQFYWLDLYGILGENLDIQNFLPLETSKFKSLTSEYKMITTRAFQLDTTIEVIHIPNFDTTLKLTIDSLKMIKSS
LSTFLERQRRQFPRFYFLGNDDLLKIIGSGKHHDQVSKFMKKMFGSIESIIFLEDFITGVRSVEGEVLNLNEKIELKDSI
QAQEWLNILDTEIKLSVFTQFRDCLGQLKDGTDIEVVVSKYIFQAILLSAQVMWTELVEKCLQTNQFSKYWKEVDMKIKG
LLDKLNKSSDNVKKKIEALLVEYLHFNNVIGQLKNCSTKEEARLLWAKVQKFYQKNDTLDDLNSVFISQSGYLLQYKFEY
IGIPERLIYTPLLLIGFATLTDSLHQKYGGCFFGPAGTGKTETVKAFGQNLGRVVVVFNCDDSFDYQVLSRLLVGITQIG
AWGCFDQFNRLDEKVLSAVSANIQQIQNGLQVGKSHITLLEEETPLSPHTAVFITLNPGYNGRSELPENLKKSFREFSMK
SPQSGTIAEMILQIMGFEDSKSLASKIVHFLELLSSKCSSMNHYHFGLRTLKGVLRNCSPLISEFGEGEKTVVESLKRVI
LPSLGDTDELVFKDELSKIFDSAGTPLNSKAIVQCLKDAGQRSGFSMSEEFLKKCMQFYYMQKTQQALILVGKAGCGKTA
TWKTVIDAMAIFDGHANVVYVIDTKVLTKESLYGSMLKATLEWRDGLFTSILRRVNDDITGTFKNSRIWVVFDSDLDPEY
VEAMNSVLDDNKILTLPNGERLPIPPNFRILFETDNLDHTTPATITRCGLLWFSTDVCSISSKIDHLLNKSYEALDNKLS
MFELDKLKDLISDSFDMASLTNIFTCSNDLVHILGVRTFNKLETAVQLAVHLISSYRQWFQNLDDKSLKDVITLLIKRSL
LYALAGDSTGESQRAFIQTINTYFGHDSQELSDYSTIVIANDKLSFSSFCSEIPSVSLEAHEVMRPDIVIPTIDTIKHEK
IFYDLLNSKRGIILCGPPGSGKTMIMNNALRNSSLYDVVGINFSKDTTTEHILSALHRHTNYVTTSKGLTLLPKSDIKNL
VLFCDEINLPKLDKYGSQNVVLFLRQLMEKQGFWKTPENKWVTIERIHIVGACNPPTDPGRIPMSERFTRHAAILYLGYP
SGKSLSQIYEIYYKAIFKLVPEFRSYTEPFARASVHLYNECKARYSTGLQSHYLFSPRELTRLVRGVYTAINTGPRQTLR
SLIRLWAYEAWRIFADRLVGVKEKNSFEQLLYETVDKYLPNQDLGNISSTSLLFSGLLSLDFKEVNKTDLVNFIEERFKT
FCDEELEVPMVIHESMVDHILRIDRALKQVQGHMMLIGASRTGKTILTRFVAWLNGLKIVQPKIHRHSNLSDFDMILKKA
ISDCSLKESRTCLIIDESNILETAFLERMNTLLANADIPDLFQGEEYDKLLNNLRNKTRSLGLLLDTEQELYDWFVGEIA
KNLHVVFTICDPTNNKSSAMISSPALFNRCIINWMGDWDTKTMSQVANNMVDVIPMEFTDFIVPEVNKELVFTEPIQTIR
DAVVNILIHFDRNFYQKMKVGVNPRSPGYFIDGLRALVKLVTAKYQDLQENQRFVNVGLEKLNESVLKVNELNKTLGSGS
GSNIFEMLRIDEGLRLKIYKDTEGYYTIGIGHLLTKSPSLNAAKSELDKAIGRNTNGVITKDEAEKLFNQDVDAAVRGIL
RNAKLKPVYDSLDAVRRAALINMVFQMGETGVAGFTNSLRMLQQKRWDEAAVNLAKSRWYNQTPNRAKRVITTFRTGTWD
AYGSGSGSSISLVKSLTFEKERWLNTTKQFSKTSQELIGNCIISSIYETYFGHLNERERADMLVILKRLLGKFAVKYDVN
YRFIDYLVTLDEKMKWLECGLDKNDYFLENMSIVMNSQDAVPFLLDPSSHMITVISNYYGNKTVLLSFLEEGFVKRLENA
IRFGSVVIIQDGEFFDPIISRLISREFNHAGNRVTVEIGDHEVDVSGDFKLFIHSCDPSGDIPIFLRSRVRLVHFVTNKE
SIETRIFDITLTEENAEMQRKREDLIKLNTEYKLKLKNLEKRLLEELNNSQGNMLENDELMVTLNNLKKEAMNIEKKLSE
SEEFFPQFDNLVEEYSIIGKHSVKIFSMLEKFGQFHWFYGISIGQFLSCFKRVFIKKSRETRAARTRVDEILWLLYQEVY
CQFSTALDKKFKMIMAMTMFCLYKFDIESEQYKEAVLTMIGVLSESSDGVPKLTVDTNDDLRYLWDYVTTKSYISALNWF
KNEFFVDEWNIADVVANSENNYFTMASERDVDGTFKLIELAKASKESLKIIPLGSIENLNYAQEEISKSKIEGGWILLQN
IQMSLSWVKTYLHKHVEETKAAEEHEKFKMFMTCHLTGDKLPAPLLQRTDRVVYEDIPGILDTVKDLWGSQFFTGKISGV
WSVYCTFLLSWFHALITARTRLVPHGFSKKYYFNDCDFQFASVYLENVLATNSTNNIPWAQVRDHIATIVYGGKIDEEKD
LEVVAKLCAHVFCGSDNLQIVPGVRIPQPLLQQSEEEERARLTAILSNTIEPADSLSSWLQLPRESILDYERLQAKEVAS
STEQLLQEMGSGSGSHHHHHH
;
_entity_poly.pdbx_strand_id   A,B
#
# COMPACT_ATOMS: atom_id res chain seq x y z
N PHE A 3 68.27 34.83 9.37
CA PHE A 3 68.34 35.94 8.40
C PHE A 3 67.40 35.65 7.22
N VAL A 4 66.34 34.87 7.48
CA VAL A 4 65.31 34.55 6.50
C VAL A 4 65.82 33.50 5.50
N ILE A 5 67.14 33.35 5.43
CA ILE A 5 67.78 32.50 4.44
C ILE A 5 68.60 31.43 5.13
N GLU A 6 69.60 31.87 5.90
CA GLU A 6 70.46 30.96 6.64
C GLU A 6 69.62 30.06 7.54
N LYS A 7 68.46 30.58 7.94
CA LYS A 7 67.53 29.82 8.75
C LYS A 7 67.05 28.60 7.96
N SER A 8 66.73 28.82 6.69
CA SER A 8 66.29 27.74 5.81
C SER A 8 67.42 26.82 5.36
N LEU A 9 68.54 27.40 4.95
CA LEU A 9 69.70 26.62 4.48
C LEU A 9 70.21 25.66 5.56
N ASN A 10 70.38 26.13 6.79
CA ASN A 10 70.77 25.25 7.88
C ASN A 10 69.86 24.04 8.00
N ARG A 11 68.56 24.26 7.84
CA ARG A 11 67.58 23.20 8.08
C ARG A 11 67.53 22.19 6.94
N ILE A 12 67.88 22.60 5.72
CA ILE A 12 67.99 21.65 4.62
C ILE A 12 69.18 20.73 4.92
N LYS A 13 70.31 21.34 5.27
CA LYS A 13 71.51 20.57 5.60
C LYS A 13 71.24 19.62 6.76
N LYS A 14 70.76 20.17 7.87
CA LYS A 14 70.43 19.37 9.06
C LYS A 14 69.56 18.18 8.71
N PHE A 15 68.68 18.34 7.73
CA PHE A 15 67.83 17.25 7.28
C PHE A 15 68.58 16.17 6.50
N TRP A 16 69.51 16.56 5.66
CA TRP A 16 70.14 15.62 4.74
C TRP A 16 71.35 14.90 5.32
N LYS A 17 71.84 15.38 6.46
CA LYS A 17 72.91 14.68 7.14
C LYS A 17 72.38 13.53 8.00
N GLU A 18 71.09 13.58 8.34
CA GLU A 18 70.43 12.46 9.01
C GLU A 18 69.62 11.57 8.05
N ALA A 19 69.64 11.89 6.76
CA ALA A 19 68.89 11.15 5.74
C ALA A 19 69.26 9.65 5.69
N GLN A 20 68.25 8.79 5.72
CA GLN A 20 68.43 7.33 5.74
C GLN A 20 67.45 6.61 4.82
N TYR A 21 67.95 5.77 3.90
CA TYR A 21 67.07 4.85 3.15
C TYR A 21 66.82 3.59 3.99
N GLU A 22 65.57 3.16 4.07
CA GLU A 22 65.25 1.88 4.71
C GLU A 22 65.67 0.76 3.77
N VAL A 23 66.28 -0.29 4.30
CA VAL A 23 66.81 -1.38 3.48
C VAL A 23 66.50 -2.77 4.01
N ILE A 24 65.93 -3.61 3.13
CA ILE A 24 65.75 -5.02 3.42
C ILE A 24 66.23 -5.83 2.21
N GLU A 25 67.11 -6.81 2.43
CA GLU A 25 67.61 -7.57 1.28
C GLU A 25 66.64 -8.67 0.91
N HIS A 26 66.58 -8.97 -0.39
CA HIS A 26 65.75 -10.05 -0.91
C HIS A 26 66.57 -11.33 -0.87
N SER A 27 65.99 -12.41 -1.38
CA SER A 27 66.47 -13.77 -1.12
C SER A 27 67.97 -13.97 -1.24
N SER A 28 68.56 -13.47 -2.32
CA SER A 28 70.00 -13.59 -2.52
C SER A 28 70.57 -12.27 -2.98
N GLY A 29 71.65 -11.85 -2.35
CA GLY A 29 72.30 -10.62 -2.76
C GLY A 29 71.50 -9.36 -2.50
N LEU A 30 71.14 -8.69 -3.60
CA LEU A 30 70.87 -7.26 -3.64
C LEU A 30 69.96 -6.76 -2.53
N LYS A 31 70.42 -5.70 -1.88
CA LYS A 31 69.63 -5.02 -0.85
C LYS A 31 68.70 -4.00 -1.48
N LEU A 32 67.41 -4.22 -1.29
CA LEU A 32 66.34 -3.35 -1.78
C LEU A 32 66.08 -2.18 -0.86
N VAL A 33 65.51 -1.10 -1.42
CA VAL A 33 65.07 0.02 -0.60
C VAL A 33 63.54 0.12 -0.60
N ARG A 34 63.00 0.09 0.60
CA ARG A 34 61.62 0.50 0.86
C ARG A 34 61.56 2.03 0.86
N GLU A 35 60.35 2.59 0.73
CA GLU A 35 60.14 4.02 0.98
C GLU A 35 61.00 4.93 0.06
N TRP A 36 60.72 4.88 -1.24
CA TRP A 36 61.38 5.78 -2.19
C TRP A 36 60.85 7.20 -2.12
N ASP A 37 59.53 7.28 -2.15
CA ASP A 37 58.81 8.52 -2.39
C ASP A 37 59.15 9.58 -1.35
N VAL A 38 59.51 9.15 -0.15
CA VAL A 38 59.76 10.06 0.96
C VAL A 38 60.83 11.09 0.61
N LEU A 39 61.99 10.57 0.21
CA LEU A 39 63.15 11.40 -0.05
C LEU A 39 63.08 12.03 -1.44
N GLU A 40 62.51 11.29 -2.40
CA GLU A 40 62.26 11.82 -3.73
C GLU A 40 61.43 13.09 -3.62
N GLN A 41 60.49 13.08 -2.68
CA GLN A 41 59.67 14.24 -2.39
C GLN A 41 60.45 15.31 -1.65
N ALA A 42 61.11 14.91 -0.57
CA ALA A 42 61.80 15.86 0.30
C ALA A 42 62.94 16.54 -0.46
N CYS A 43 63.57 15.81 -1.37
CA CYS A 43 64.62 16.40 -2.20
C CYS A 43 63.98 17.40 -3.16
N LYS A 44 62.88 17.00 -3.79
CA LYS A 44 62.18 17.88 -4.71
C LYS A 44 61.68 19.12 -3.99
N GLU A 45 61.20 18.95 -2.76
CA GLU A 45 60.72 20.08 -1.97
C GLU A 45 61.83 21.05 -1.60
N ASP A 46 62.97 20.53 -1.13
CA ASP A 46 64.08 21.39 -0.71
C ASP A 46 64.71 22.08 -1.91
N LEU A 47 64.79 21.37 -3.03
CA LEU A 47 65.28 21.97 -4.27
C LEU A 47 64.43 23.18 -4.62
N GLU A 48 63.11 23.01 -4.60
CA GLU A 48 62.20 24.11 -4.89
C GLU A 48 62.42 25.27 -3.93
N GLU A 49 62.67 24.98 -2.66
CA GLU A 49 62.89 26.05 -1.69
C GLU A 49 64.17 26.78 -2.08
N LEU A 50 65.17 26.05 -2.57
CA LEU A 50 66.45 26.65 -2.94
C LEU A 50 66.36 27.52 -4.19
N VAL A 51 65.56 27.08 -5.17
CA VAL A 51 65.38 27.85 -6.40
C VAL A 51 64.68 29.16 -6.09
N SER A 52 63.58 29.08 -5.36
CA SER A 52 62.77 30.25 -5.06
C SER A 52 63.52 31.23 -4.16
N MET A 53 64.52 30.75 -3.43
CA MET A 53 65.34 31.60 -2.57
C MET A 53 65.96 32.73 -3.38
N LYS A 54 66.23 32.44 -4.65
CA LYS A 54 66.93 33.38 -5.51
C LYS A 54 66.12 34.65 -5.70
N ALA A 55 64.84 34.59 -5.34
CA ALA A 55 63.98 35.77 -5.35
C ALA A 55 64.37 36.79 -4.27
N SER A 56 64.95 36.33 -3.16
CA SER A 56 65.25 37.21 -2.02
C SER A 56 66.28 38.28 -2.34
N ASN A 57 66.08 39.45 -1.73
CA ASN A 57 66.95 40.61 -1.96
C ASN A 57 68.23 40.55 -1.14
N TYR A 58 68.20 39.76 -0.07
CA TYR A 58 69.34 39.58 0.80
C TYR A 58 70.14 38.32 0.46
N TYR A 59 69.70 37.63 -0.60
CA TYR A 59 70.28 36.35 -1.04
C TYR A 59 71.59 36.48 -1.83
N LYS A 60 71.84 37.67 -2.37
CA LYS A 60 72.94 37.89 -3.33
C LYS A 60 74.30 37.42 -2.81
N ILE A 61 74.64 37.85 -1.61
CA ILE A 61 75.93 37.52 -1.02
C ILE A 61 76.05 36.04 -0.62
N PHE A 62 74.95 35.44 -0.13
CA PHE A 62 74.96 34.03 0.25
C PHE A 62 74.73 33.09 -0.92
N GLU A 63 74.61 33.63 -2.13
CA GLU A 63 74.24 32.83 -3.30
C GLU A 63 75.12 31.59 -3.43
N GLN A 64 76.42 31.74 -3.17
CA GLN A 64 77.35 30.62 -3.27
C GLN A 64 76.94 29.48 -2.35
N ASP A 65 76.85 29.77 -1.05
CA ASP A 65 76.54 28.75 -0.06
C ASP A 65 75.21 28.06 -0.39
N CYS A 66 74.29 28.79 -1.01
CA CYS A 66 73.06 28.20 -1.48
C CYS A 66 73.34 27.30 -2.68
N LEU A 67 74.05 27.83 -3.67
CA LEU A 67 74.26 27.15 -4.95
C LEU A 67 74.97 25.81 -4.79
N ASP A 68 75.95 25.75 -3.88
CA ASP A 68 76.64 24.49 -3.61
C ASP A 68 75.66 23.43 -3.18
N LEU A 69 74.73 23.79 -2.28
CA LEU A 69 73.74 22.85 -1.80
C LEU A 69 72.85 22.41 -2.94
N GLU A 70 72.45 23.36 -3.77
CA GLU A 70 71.63 23.07 -4.93
C GLU A 70 72.32 22.04 -5.83
N SER A 71 73.61 22.25 -6.09
CA SER A 71 74.37 21.38 -6.98
C SER A 71 74.52 19.96 -6.42
N LYS A 72 74.57 19.86 -5.11
CA LYS A 72 74.64 18.56 -4.44
C LYS A 72 73.30 17.83 -4.51
N LEU A 73 72.23 18.53 -4.15
CA LEU A 73 70.89 17.95 -4.18
C LEU A 73 70.45 17.60 -5.59
N THR A 74 70.76 18.46 -6.55
CA THR A 74 70.43 18.20 -7.94
C THR A 74 71.07 16.91 -8.43
N LYS A 75 72.29 16.61 -7.98
CA LYS A 75 72.94 15.36 -8.38
C LYS A 75 72.39 14.17 -7.62
N LEU A 76 71.83 14.40 -6.42
CA LEU A 76 71.09 13.35 -5.75
C LEU A 76 69.84 13.04 -6.57
N SER A 77 69.12 14.08 -7.00
CA SER A 77 67.93 13.89 -7.81
C SER A 77 68.23 13.13 -9.09
N GLU A 78 69.35 13.47 -9.72
CA GLU A 78 69.79 12.80 -10.92
C GLU A 78 69.95 11.29 -10.70
N ILE A 79 70.52 10.92 -9.56
CA ILE A 79 70.71 9.50 -9.24
C ILE A 79 69.47 8.84 -8.60
N GLN A 80 68.65 9.58 -7.87
CA GLN A 80 67.40 9.01 -7.34
C GLN A 80 66.48 8.52 -8.43
N VAL A 81 66.18 9.42 -9.36
CA VAL A 81 65.32 9.11 -10.50
C VAL A 81 65.76 7.81 -11.18
N ASN A 82 67.08 7.63 -11.29
CA ASN A 82 67.64 6.43 -11.91
C ASN A 82 67.68 5.25 -10.96
N TRP A 83 68.05 5.48 -9.71
CA TRP A 83 68.24 4.40 -8.74
C TRP A 83 66.96 3.59 -8.60
N VAL A 84 65.81 4.27 -8.53
CA VAL A 84 64.55 3.59 -8.32
C VAL A 84 64.12 2.70 -9.49
N GLU A 85 64.26 3.19 -10.71
CA GLU A 85 63.86 2.41 -11.88
C GLU A 85 64.82 1.23 -12.10
N VAL A 86 66.09 1.41 -11.77
CA VAL A 86 67.05 0.31 -11.85
C VAL A 86 66.57 -0.83 -10.96
N GLN A 87 66.12 -0.49 -9.74
CA GLN A 87 65.62 -1.49 -8.82
C GLN A 87 64.37 -2.14 -9.38
N PHE A 88 63.38 -1.32 -9.70
CA PHE A 88 62.07 -1.78 -10.16
C PHE A 88 62.22 -2.76 -11.34
N TYR A 89 62.94 -2.34 -12.39
CA TYR A 89 63.16 -3.18 -13.56
C TYR A 89 63.90 -4.47 -13.25
N TRP A 90 64.93 -4.37 -12.40
CA TRP A 90 65.76 -5.52 -12.05
C TRP A 90 64.91 -6.56 -11.34
N LEU A 91 64.14 -6.09 -10.37
CA LEU A 91 63.27 -6.95 -9.58
C LEU A 91 62.29 -7.68 -10.48
N ASP A 92 61.71 -6.96 -11.43
CA ASP A 92 60.76 -7.55 -12.36
C ASP A 92 61.45 -8.60 -13.22
N LEU A 93 62.69 -8.35 -13.60
CA LEU A 93 63.43 -9.25 -14.48
C LEU A 93 64.00 -10.48 -13.78
N TYR A 94 64.26 -10.36 -12.48
CA TYR A 94 64.91 -11.45 -11.75
C TYR A 94 64.10 -12.74 -11.78
N GLY A 95 62.79 -12.62 -11.58
CA GLY A 95 61.89 -13.76 -11.64
C GLY A 95 61.94 -14.50 -12.97
N ILE A 96 62.07 -13.74 -14.05
CA ILE A 96 62.07 -14.30 -15.40
C ILE A 96 63.44 -14.87 -15.79
N LEU A 97 64.53 -14.32 -15.27
CA LEU A 97 65.89 -14.64 -15.75
C LEU A 97 66.75 -15.39 -14.75
N GLY A 98 67.07 -14.76 -13.62
CA GLY A 98 68.05 -15.30 -12.68
C GLY A 98 67.76 -16.65 -12.05
N GLU A 99 66.50 -17.07 -12.01
CA GLU A 99 66.14 -18.30 -11.32
C GLU A 99 66.02 -19.53 -12.23
N ASN A 100 64.94 -19.60 -13.03
CA ASN A 100 64.65 -20.81 -13.79
C ASN A 100 65.77 -21.07 -14.79
N LEU A 101 66.35 -22.27 -14.71
CA LEU A 101 67.54 -22.60 -15.48
C LEU A 101 67.18 -22.84 -16.94
N ASP A 102 66.01 -23.42 -17.17
CA ASP A 102 65.60 -23.80 -18.52
C ASP A 102 65.40 -22.56 -19.37
N ILE A 103 64.76 -21.55 -18.82
CA ILE A 103 64.43 -20.39 -19.62
C ILE A 103 65.71 -19.59 -19.90
N GLN A 104 66.57 -19.44 -18.89
CA GLN A 104 67.83 -18.71 -19.07
C GLN A 104 68.77 -19.52 -19.97
N ASN A 105 68.44 -20.79 -20.17
CA ASN A 105 69.22 -21.65 -21.05
C ASN A 105 69.02 -21.26 -22.52
N PHE A 106 67.78 -21.04 -22.92
CA PHE A 106 67.47 -20.64 -24.29
C PHE A 106 67.74 -19.17 -24.54
N LEU A 107 68.05 -18.44 -23.48
CA LEU A 107 68.45 -17.06 -23.59
C LEU A 107 69.79 -16.90 -22.91
N PRO A 108 70.84 -17.46 -23.53
CA PRO A 108 72.16 -17.41 -22.93
C PRO A 108 72.54 -15.97 -22.76
N LEU A 109 72.06 -15.19 -23.70
CA LEU A 109 72.49 -13.85 -23.86
C LEU A 109 71.90 -12.83 -22.87
N GLU A 110 70.57 -12.79 -22.76
CA GLU A 110 69.93 -11.83 -21.87
C GLU A 110 70.35 -12.13 -20.44
N THR A 111 70.56 -13.41 -20.17
CA THR A 111 71.04 -13.86 -18.87
C THR A 111 72.50 -13.47 -18.65
N SER A 112 73.33 -13.74 -19.67
CA SER A 112 74.75 -13.42 -19.62
C SER A 112 74.98 -11.95 -19.31
N LYS A 113 74.09 -11.09 -19.79
CA LYS A 113 74.15 -9.69 -19.43
C LYS A 113 73.59 -9.47 -18.03
N PHE A 114 72.53 -10.20 -17.68
CA PHE A 114 71.85 -9.96 -16.42
C PHE A 114 72.78 -10.21 -15.24
N LYS A 115 73.60 -11.25 -15.35
CA LYS A 115 74.53 -11.58 -14.26
C LYS A 115 75.50 -10.44 -13.99
N SER A 116 76.08 -9.89 -15.05
CA SER A 116 77.07 -8.84 -14.91
C SER A 116 76.44 -7.56 -14.36
N LEU A 117 75.29 -7.17 -14.88
CA LEU A 117 74.57 -6.02 -14.35
C LEU A 117 74.31 -6.21 -12.87
N THR A 118 73.85 -7.41 -12.52
CA THR A 118 73.47 -7.72 -11.15
C THR A 118 74.63 -7.56 -10.19
N SER A 119 75.76 -8.16 -10.56
CA SER A 119 76.95 -8.12 -9.73
C SER A 119 77.42 -6.69 -9.53
N GLU A 120 77.51 -5.94 -10.62
CA GLU A 120 77.91 -4.54 -10.59
C GLU A 120 76.92 -3.73 -9.73
N TYR A 121 75.63 -3.90 -9.96
CA TYR A 121 74.60 -3.19 -9.19
C TYR A 121 74.67 -3.61 -7.73
N LYS A 122 75.12 -4.85 -7.50
CA LYS A 122 75.33 -5.35 -6.15
C LYS A 122 76.49 -4.61 -5.47
N MET A 123 77.63 -4.48 -6.16
CA MET A 123 78.78 -3.79 -5.56
C MET A 123 78.42 -2.36 -5.19
N ILE A 124 77.87 -1.63 -6.17
CA ILE A 124 77.56 -0.21 -6.01
C ILE A 124 76.57 0.03 -4.87
N THR A 125 75.53 -0.80 -4.79
CA THR A 125 74.54 -0.69 -3.72
C THR A 125 75.14 -1.04 -2.38
N THR A 126 75.92 -2.12 -2.34
CA THR A 126 76.54 -2.53 -1.09
C THR A 126 77.45 -1.44 -0.55
N ARG A 127 78.21 -0.77 -1.41
CA ARG A 127 79.02 0.36 -0.95
C ARG A 127 78.10 1.51 -0.53
N ALA A 128 76.97 1.62 -1.20
CA ALA A 128 76.06 2.76 -0.99
C ALA A 128 75.47 2.73 0.41
N PHE A 129 75.03 1.56 0.84
CA PHE A 129 74.36 1.45 2.13
C PHE A 129 75.35 1.24 3.27
N GLN A 130 76.63 1.08 2.90
CA GLN A 130 77.69 1.09 3.90
C GLN A 130 77.98 2.52 4.36
N LEU A 131 77.48 3.52 3.63
CA LEU A 131 77.82 4.92 3.90
C LEU A 131 76.99 5.54 5.02
N ASP A 132 75.89 4.89 5.38
CA ASP A 132 75.09 5.28 6.54
C ASP A 132 74.46 6.67 6.37
N THR A 133 74.46 7.17 5.13
CA THR A 133 73.70 8.37 4.77
C THR A 133 73.39 8.33 3.27
N THR A 134 72.26 8.89 2.88
CA THR A 134 71.86 8.86 1.47
C THR A 134 72.53 9.97 0.65
N ILE A 135 72.69 11.15 1.23
CA ILE A 135 73.29 12.26 0.49
C ILE A 135 74.71 11.86 0.08
N GLU A 136 75.40 11.13 0.95
CA GLU A 136 76.79 10.72 0.73
C GLU A 136 76.98 10.01 -0.61
N VAL A 137 75.90 9.46 -1.14
CA VAL A 137 75.92 8.67 -2.37
C VAL A 137 76.48 9.46 -3.57
N ILE A 138 76.35 10.78 -3.53
CA ILE A 138 76.78 11.61 -4.65
C ILE A 138 78.29 11.58 -4.85
N HIS A 139 79.01 11.30 -3.77
CA HIS A 139 80.47 11.30 -3.80
C HIS A 139 81.09 9.95 -4.18
N ILE A 140 80.27 8.93 -4.35
CA ILE A 140 80.75 7.62 -4.81
C ILE A 140 81.19 7.75 -6.28
N PRO A 141 82.44 7.34 -6.59
CA PRO A 141 82.91 7.42 -7.98
C PRO A 141 82.13 6.50 -8.93
N ASN A 142 81.70 7.03 -10.08
CA ASN A 142 80.92 6.24 -11.04
C ASN A 142 79.68 5.63 -10.41
N PHE A 143 78.86 6.45 -9.75
CA PHE A 143 77.59 5.97 -9.23
C PHE A 143 76.50 6.29 -10.24
N ASP A 144 76.30 7.59 -10.49
CA ASP A 144 75.32 8.03 -11.48
C ASP A 144 75.55 7.28 -12.79
N THR A 145 76.81 7.17 -13.20
CA THR A 145 77.15 6.52 -14.46
C THR A 145 76.71 5.06 -14.43
N THR A 146 76.98 4.41 -13.30
CA THR A 146 76.69 2.99 -13.15
C THR A 146 75.21 2.72 -13.31
N LEU A 147 74.40 3.55 -12.69
CA LEU A 147 72.96 3.37 -12.71
C LEU A 147 72.42 3.58 -14.12
N LYS A 148 72.78 4.69 -14.74
CA LYS A 148 72.33 4.98 -16.10
C LYS A 148 72.69 3.85 -17.06
N LEU A 149 73.90 3.30 -16.94
CA LEU A 149 74.30 2.17 -17.77
C LEU A 149 73.47 0.95 -17.44
N THR A 150 73.12 0.81 -16.17
CA THR A 150 72.36 -0.34 -15.71
C THR A 150 70.91 -0.30 -16.20
N ILE A 151 70.22 0.82 -16.00
CA ILE A 151 68.82 0.92 -16.42
C ILE A 151 68.69 0.76 -17.93
N ASP A 152 69.61 1.38 -18.66
CA ASP A 152 69.64 1.27 -20.10
C ASP A 152 69.77 -0.18 -20.52
N SER A 153 70.70 -0.89 -19.87
CA SER A 153 70.96 -2.29 -20.19
C SER A 153 69.77 -3.15 -19.81
N LEU A 154 69.15 -2.87 -18.68
CA LEU A 154 68.01 -3.66 -18.26
C LEU A 154 66.90 -3.50 -19.28
N LYS A 155 66.61 -2.25 -19.64
CA LYS A 155 65.60 -1.96 -20.66
C LYS A 155 65.92 -2.66 -21.97
N MET A 156 67.20 -2.77 -22.32
CA MET A 156 67.62 -3.45 -23.54
C MET A 156 67.32 -4.95 -23.42
N ILE A 157 67.40 -5.48 -22.21
CA ILE A 157 67.03 -6.87 -21.96
C ILE A 157 65.52 -7.06 -22.02
N LYS A 158 64.79 -6.21 -21.31
CA LYS A 158 63.33 -6.28 -21.24
C LYS A 158 62.78 -6.24 -22.66
N SER A 159 63.31 -5.32 -23.46
CA SER A 159 62.96 -5.22 -24.87
C SER A 159 63.26 -6.49 -25.64
N SER A 160 64.46 -7.03 -25.42
CA SER A 160 64.92 -8.21 -26.15
C SER A 160 64.00 -9.39 -25.89
N LEU A 161 63.63 -9.53 -24.62
CA LEU A 161 62.73 -10.59 -24.20
C LEU A 161 61.38 -10.49 -24.85
N SER A 162 60.80 -9.29 -24.77
CA SER A 162 59.54 -9.00 -25.40
C SER A 162 59.60 -9.37 -26.88
N THR A 163 60.70 -8.99 -27.53
CA THR A 163 60.87 -9.26 -28.95
C THR A 163 60.99 -10.76 -29.16
N PHE A 164 61.80 -11.41 -28.31
CA PHE A 164 62.03 -12.84 -28.44
C PHE A 164 60.72 -13.61 -28.45
N LEU A 165 59.87 -13.32 -27.47
CA LEU A 165 58.57 -13.96 -27.35
C LEU A 165 57.67 -13.69 -28.54
N GLU A 166 57.52 -12.43 -28.90
CA GLU A 166 56.65 -12.05 -30.00
C GLU A 166 57.10 -12.71 -31.30
N ARG A 167 58.40 -12.97 -31.44
CA ARG A 167 58.92 -13.70 -32.61
C ARG A 167 58.63 -15.19 -32.45
N GLN A 168 58.52 -15.63 -31.20
CA GLN A 168 58.23 -17.03 -30.86
C GLN A 168 56.80 -17.42 -31.19
N ARG A 169 55.88 -16.51 -30.91
CA ARG A 169 54.47 -16.72 -31.22
C ARG A 169 54.25 -16.84 -32.72
N ARG A 170 54.97 -16.04 -33.50
CA ARG A 170 54.71 -15.93 -34.93
C ARG A 170 55.05 -17.21 -35.69
N GLN A 171 55.77 -18.11 -35.03
CA GLN A 171 56.06 -19.42 -35.62
C GLN A 171 54.82 -20.34 -35.49
N PHE A 172 54.07 -20.18 -34.40
CA PHE A 172 52.83 -20.94 -34.17
C PHE A 172 51.78 -20.01 -33.55
N PRO A 173 51.08 -19.22 -34.40
CA PRO A 173 50.27 -18.05 -33.98
C PRO A 173 49.25 -18.35 -32.89
N ARG A 174 48.84 -19.61 -32.78
CA ARG A 174 47.97 -20.06 -31.70
C ARG A 174 48.48 -19.60 -30.35
N PHE A 175 49.79 -19.48 -30.27
CA PHE A 175 50.47 -19.00 -29.05
C PHE A 175 49.98 -17.64 -28.60
N TYR A 176 49.46 -16.84 -29.54
CA TYR A 176 48.93 -15.52 -29.20
C TYR A 176 47.77 -15.64 -28.20
N PHE A 177 47.18 -16.83 -28.10
CA PHE A 177 46.08 -17.09 -27.18
C PHE A 177 46.55 -17.46 -25.79
N LEU A 178 47.82 -17.82 -25.68
CA LEU A 178 48.37 -18.24 -24.41
C LEU A 178 48.77 -17.04 -23.57
N GLY A 179 49.70 -16.25 -24.07
CA GLY A 179 50.25 -15.16 -23.28
C GLY A 179 51.54 -15.60 -22.62
N ASN A 180 52.32 -14.61 -22.21
CA ASN A 180 53.75 -14.77 -21.95
C ASN A 180 54.14 -15.92 -21.03
N ASP A 181 53.58 -15.91 -19.82
CA ASP A 181 53.92 -16.87 -18.79
C ASP A 181 53.85 -18.31 -19.30
N ASP A 182 52.65 -18.71 -19.69
CA ASP A 182 52.39 -20.05 -20.17
C ASP A 182 53.25 -20.41 -21.38
N LEU A 183 53.51 -19.43 -22.25
CA LEU A 183 54.32 -19.70 -23.42
C LEU A 183 55.72 -20.12 -22.97
N LEU A 184 56.27 -19.41 -22.00
CA LEU A 184 57.60 -19.71 -21.50
C LEU A 184 57.65 -21.12 -20.93
N LYS A 185 56.56 -21.53 -20.33
CA LYS A 185 56.44 -22.89 -19.80
C LYS A 185 56.50 -23.91 -20.94
N ILE A 186 55.86 -23.60 -22.07
CA ILE A 186 55.89 -24.48 -23.24
C ILE A 186 57.29 -24.55 -23.85
N ILE A 187 57.95 -23.39 -23.97
CA ILE A 187 59.28 -23.34 -24.57
C ILE A 187 60.27 -24.19 -23.80
N GLY A 188 60.18 -24.15 -22.47
CA GLY A 188 61.09 -24.88 -21.61
C GLY A 188 60.74 -26.35 -21.42
N SER A 189 59.45 -26.66 -21.40
CA SER A 189 58.99 -28.01 -21.14
C SER A 189 59.03 -28.87 -22.39
N GLY A 190 59.51 -28.31 -23.49
CA GLY A 190 59.61 -29.03 -24.76
C GLY A 190 60.55 -30.23 -24.63
N LYS A 191 61.20 -30.34 -23.48
CA LYS A 191 61.93 -31.54 -23.13
C LYS A 191 60.94 -32.68 -22.86
N HIS A 192 59.93 -32.38 -22.03
CA HIS A 192 58.99 -33.41 -21.56
C HIS A 192 57.83 -33.73 -22.51
N HIS A 193 57.26 -32.72 -23.15
CA HIS A 193 56.14 -32.86 -24.09
C HIS A 193 54.79 -33.05 -23.40
N ASP A 194 54.78 -33.39 -22.12
CA ASP A 194 53.53 -33.71 -21.42
C ASP A 194 52.92 -32.47 -20.77
N GLN A 195 53.70 -31.40 -20.71
CA GLN A 195 53.28 -30.17 -20.05
C GLN A 195 52.58 -29.25 -21.03
N VAL A 196 52.64 -29.63 -22.31
CA VAL A 196 51.98 -28.90 -23.37
C VAL A 196 50.49 -29.25 -23.40
N SER A 197 50.15 -30.44 -22.91
CA SER A 197 48.77 -30.91 -22.90
C SER A 197 47.81 -29.98 -22.16
N LYS A 198 48.29 -29.38 -21.07
CA LYS A 198 47.45 -28.49 -20.27
C LYS A 198 46.87 -27.34 -21.07
N PHE A 199 47.65 -26.86 -22.04
CA PHE A 199 47.33 -25.61 -22.73
C PHE A 199 46.46 -25.79 -23.96
N MET A 200 46.17 -27.04 -24.30
CA MET A 200 45.49 -27.30 -25.56
C MET A 200 44.02 -26.96 -25.50
N LYS A 201 43.52 -26.58 -24.34
CA LYS A 201 42.20 -25.96 -24.30
C LYS A 201 42.34 -24.50 -24.70
N LYS A 202 43.43 -23.85 -24.31
CA LYS A 202 43.52 -22.40 -24.51
C LYS A 202 43.89 -22.01 -25.94
N MET A 203 44.70 -22.81 -26.63
CA MET A 203 45.09 -22.47 -28.01
C MET A 203 44.20 -23.10 -29.09
N PHE A 204 43.34 -24.05 -28.73
CA PHE A 204 42.39 -24.64 -29.67
C PHE A 204 40.96 -24.42 -29.16
N GLY A 205 40.68 -24.86 -27.94
CA GLY A 205 39.39 -24.63 -27.31
C GLY A 205 38.42 -25.75 -27.53
N SER A 206 38.55 -26.44 -28.65
CA SER A 206 37.74 -27.59 -28.93
C SER A 206 38.36 -28.75 -28.19
N ILE A 207 39.68 -28.80 -28.30
CA ILE A 207 40.50 -29.89 -27.75
C ILE A 207 40.83 -29.62 -26.29
N GLU A 208 40.71 -30.62 -25.43
CA GLU A 208 41.12 -30.44 -24.04
C GLU A 208 42.57 -30.86 -23.82
N SER A 209 42.87 -32.13 -24.03
CA SER A 209 44.18 -32.69 -23.74
C SER A 209 44.70 -33.48 -24.91
N ILE A 210 45.89 -34.08 -24.78
CA ILE A 210 46.56 -34.71 -25.92
C ILE A 210 47.09 -36.11 -25.58
N ILE A 211 46.89 -37.04 -26.52
CA ILE A 211 47.13 -38.46 -26.30
C ILE A 211 48.45 -38.92 -26.90
N PHE A 212 49.27 -39.56 -26.07
CA PHE A 212 50.59 -40.03 -26.47
C PHE A 212 50.73 -41.56 -26.47
N LEU A 213 51.57 -42.08 -27.36
CA LEU A 213 52.12 -43.44 -27.21
C LEU A 213 53.51 -43.38 -26.56
N GLU A 214 53.87 -42.20 -26.05
CA GLU A 214 55.11 -41.92 -25.29
C GLU A 214 56.32 -41.65 -26.18
N ASP A 215 56.18 -41.99 -27.45
CA ASP A 215 57.13 -41.67 -28.50
C ASP A 215 56.41 -40.77 -29.49
N PHE A 216 55.20 -41.21 -29.84
CA PHE A 216 54.44 -40.65 -30.93
C PHE A 216 53.17 -40.03 -30.30
N ILE A 217 52.53 -39.10 -30.99
CA ILE A 217 51.21 -38.59 -30.59
C ILE A 217 50.14 -39.33 -31.39
N THR A 218 49.31 -40.12 -30.70
CA THR A 218 48.26 -40.86 -31.39
C THR A 218 47.04 -40.00 -31.68
N GLY A 219 46.78 -39.03 -30.82
CA GLY A 219 45.61 -38.21 -30.99
C GLY A 219 45.36 -37.15 -29.94
N VAL A 220 44.10 -36.69 -29.91
CA VAL A 220 43.64 -35.72 -28.96
C VAL A 220 42.32 -36.15 -28.32
N ARG A 221 41.95 -35.49 -27.24
CA ARG A 221 40.67 -35.70 -26.59
C ARG A 221 40.04 -34.35 -26.29
N SER A 222 38.84 -34.13 -26.82
CA SER A 222 38.16 -32.85 -26.66
C SER A 222 37.57 -32.67 -25.26
N VAL A 223 37.28 -31.41 -24.92
CA VAL A 223 36.69 -31.03 -23.63
C VAL A 223 35.41 -31.81 -23.32
N GLU A 224 34.77 -32.31 -24.37
CA GLU A 224 33.56 -33.10 -24.20
C GLU A 224 33.93 -34.49 -23.72
N GLY A 225 35.12 -34.94 -24.10
CA GLY A 225 35.55 -36.31 -23.85
C GLY A 225 35.60 -37.18 -25.10
N GLU A 226 35.39 -36.58 -26.27
CA GLU A 226 35.52 -37.33 -27.52
C GLU A 226 36.98 -37.58 -27.79
N VAL A 227 37.30 -38.69 -28.44
CA VAL A 227 38.68 -38.99 -28.83
C VAL A 227 38.84 -38.96 -30.33
N LEU A 228 39.76 -38.13 -30.80
CA LEU A 228 40.10 -38.02 -32.21
C LEU A 228 41.45 -38.68 -32.44
N ASN A 229 41.46 -39.81 -33.11
CA ASN A 229 42.71 -40.49 -33.43
C ASN A 229 43.26 -40.06 -34.78
N LEU A 230 44.50 -39.61 -34.79
CA LEU A 230 45.14 -39.14 -36.02
C LEU A 230 45.43 -40.31 -36.95
N ASN A 231 45.54 -40.02 -38.23
CA ASN A 231 45.96 -41.03 -39.18
C ASN A 231 47.42 -41.34 -38.94
N GLU A 232 48.28 -40.38 -39.26
CA GLU A 232 49.70 -40.51 -39.01
C GLU A 232 49.97 -40.02 -37.59
N LYS A 233 50.49 -40.91 -36.77
CA LYS A 233 50.96 -40.54 -35.44
C LYS A 233 52.15 -39.58 -35.60
N ILE A 234 52.27 -38.59 -34.71
CA ILE A 234 53.30 -37.56 -34.86
C ILE A 234 54.53 -37.93 -34.05
N GLU A 235 55.59 -38.26 -34.78
CA GLU A 235 56.84 -38.72 -34.19
C GLU A 235 57.61 -37.60 -33.49
N LEU A 236 58.10 -37.92 -32.28
CA LEU A 236 58.87 -36.97 -31.48
C LEU A 236 60.25 -37.54 -31.14
N LYS A 237 61.26 -36.68 -31.16
CA LYS A 237 62.60 -37.04 -30.70
C LYS A 237 62.91 -36.32 -29.40
N ASP A 238 63.79 -36.92 -28.59
CA ASP A 238 64.05 -36.46 -27.22
C ASP A 238 64.27 -34.95 -27.14
N SER A 239 65.05 -34.42 -28.08
CA SER A 239 65.20 -32.96 -28.22
C SER A 239 64.54 -32.48 -29.50
N ILE A 240 63.37 -31.84 -29.37
CA ILE A 240 62.67 -31.29 -30.53
C ILE A 240 61.82 -30.09 -30.09
N GLN A 241 61.73 -29.08 -30.94
CA GLN A 241 61.02 -27.87 -30.54
C GLN A 241 59.51 -28.12 -30.57
N ALA A 242 58.82 -27.57 -29.59
CA ALA A 242 57.37 -27.60 -29.53
C ALA A 242 56.77 -26.91 -30.73
N GLN A 243 57.29 -25.72 -31.05
CA GLN A 243 56.70 -24.86 -32.07
C GLN A 243 56.60 -25.58 -33.42
N GLU A 244 57.38 -26.63 -33.60
CA GLU A 244 57.30 -27.43 -34.82
C GLU A 244 56.17 -28.45 -34.79
N TRP A 245 56.23 -29.42 -33.86
CA TRP A 245 55.25 -30.51 -33.90
C TRP A 245 53.85 -30.02 -33.56
N LEU A 246 53.76 -28.87 -32.91
CA LEU A 246 52.47 -28.26 -32.64
C LEU A 246 51.82 -27.84 -33.94
N ASN A 247 52.64 -27.34 -34.86
CA ASN A 247 52.17 -26.97 -36.17
C ASN A 247 51.79 -28.21 -36.97
N ILE A 248 52.59 -29.26 -36.84
CA ILE A 248 52.28 -30.54 -37.50
C ILE A 248 50.96 -31.07 -36.97
N LEU A 249 50.74 -30.90 -35.67
CA LEU A 249 49.54 -31.40 -35.01
C LEU A 249 48.29 -30.67 -35.50
N ASP A 250 48.36 -29.35 -35.46
CA ASP A 250 47.24 -28.49 -35.86
C ASP A 250 46.76 -28.83 -37.28
N THR A 251 47.68 -29.20 -38.16
CA THR A 251 47.34 -29.54 -39.53
C THR A 251 46.77 -30.95 -39.60
N GLU A 252 47.29 -31.84 -38.76
CA GLU A 252 46.91 -33.24 -38.83
C GLU A 252 45.54 -33.49 -38.20
N ILE A 253 45.11 -32.64 -37.27
CA ILE A 253 43.77 -32.81 -36.70
C ILE A 253 42.75 -32.46 -37.79
N LYS A 254 43.00 -31.40 -38.56
CA LYS A 254 42.12 -31.03 -39.67
C LYS A 254 42.11 -32.14 -40.73
N LEU A 255 43.30 -32.60 -41.10
CA LEU A 255 43.44 -33.68 -42.07
C LEU A 255 42.75 -34.93 -41.59
N SER A 256 42.78 -35.15 -40.27
CA SER A 256 42.19 -36.33 -39.68
C SER A 256 40.66 -36.24 -39.71
N VAL A 257 40.12 -35.10 -39.27
CA VAL A 257 38.69 -34.85 -39.39
C VAL A 257 38.21 -35.09 -40.81
N PHE A 258 38.92 -34.52 -41.79
CA PHE A 258 38.56 -34.73 -43.19
C PHE A 258 38.53 -36.19 -43.58
N THR A 259 39.52 -36.95 -43.10
CA THR A 259 39.57 -38.37 -43.40
C THR A 259 38.34 -39.08 -42.87
N GLN A 260 38.07 -38.90 -41.59
CA GLN A 260 36.89 -39.51 -40.99
C GLN A 260 35.65 -39.08 -41.74
N PHE A 261 35.63 -37.83 -42.18
CA PHE A 261 34.51 -37.35 -42.97
C PHE A 261 34.33 -38.18 -44.24
N ARG A 262 35.37 -38.33 -45.07
CA ARG A 262 35.18 -39.05 -46.34
C ARG A 262 34.92 -40.53 -46.11
N ASP A 263 35.54 -41.11 -45.09
CA ASP A 263 35.36 -42.53 -44.80
C ASP A 263 33.91 -42.80 -44.48
N CYS A 264 33.40 -42.08 -43.48
CA CYS A 264 32.04 -42.22 -43.02
C CYS A 264 31.01 -41.88 -44.07
N LEU A 265 31.26 -40.81 -44.81
CA LEU A 265 30.35 -40.38 -45.85
C LEU A 265 30.27 -41.41 -46.97
N GLY A 266 31.40 -42.00 -47.31
CA GLY A 266 31.44 -43.06 -48.30
C GLY A 266 30.70 -44.29 -47.83
N GLN A 267 30.71 -44.53 -46.52
CA GLN A 267 30.02 -45.67 -45.96
C GLN A 267 28.51 -45.44 -46.15
N LEU A 268 28.03 -44.27 -45.73
CA LEU A 268 26.62 -43.92 -45.87
C LEU A 268 26.18 -43.92 -47.32
N LYS A 269 27.10 -43.56 -48.21
CA LYS A 269 26.83 -43.63 -49.63
C LYS A 269 26.63 -45.08 -50.06
N ASP A 270 27.43 -45.98 -49.52
CA ASP A 270 27.28 -47.40 -49.79
C ASP A 270 26.05 -47.95 -49.08
N GLY A 271 25.42 -47.11 -48.27
CA GLY A 271 24.14 -47.42 -47.66
C GLY A 271 24.17 -48.15 -46.32
N THR A 272 25.19 -47.90 -45.50
CA THR A 272 25.18 -48.41 -44.13
C THR A 272 24.25 -47.57 -43.25
N ASP A 273 23.62 -48.21 -42.26
CA ASP A 273 22.75 -47.50 -41.33
C ASP A 273 23.52 -46.47 -40.53
N ILE A 274 22.86 -45.36 -40.23
CA ILE A 274 23.50 -44.29 -39.50
C ILE A 274 23.93 -44.82 -38.12
N GLU A 275 23.13 -45.72 -37.55
CA GLU A 275 23.44 -46.28 -36.23
C GLU A 275 24.77 -47.02 -36.26
N VAL A 276 25.05 -47.69 -37.37
CA VAL A 276 26.30 -48.42 -37.54
C VAL A 276 27.45 -47.47 -37.36
N VAL A 277 27.30 -46.33 -38.01
CA VAL A 277 28.35 -45.35 -38.13
C VAL A 277 28.61 -44.64 -36.81
N VAL A 278 27.51 -44.32 -36.12
CA VAL A 278 27.56 -43.48 -34.92
C VAL A 278 28.61 -43.97 -33.92
N SER A 279 28.82 -45.28 -33.89
CA SER A 279 29.80 -45.87 -33.00
C SER A 279 31.24 -45.64 -33.49
N LYS A 280 31.43 -45.74 -34.81
CA LYS A 280 32.77 -45.90 -35.39
C LYS A 280 33.53 -44.62 -35.76
N TYR A 281 32.87 -43.46 -35.72
CA TYR A 281 33.53 -42.20 -36.07
C TYR A 281 33.28 -41.15 -35.01
N ILE A 282 34.06 -40.07 -35.05
CA ILE A 282 33.80 -38.93 -34.19
C ILE A 282 32.60 -38.18 -34.71
N PHE A 283 32.01 -37.36 -33.86
CA PHE A 283 30.80 -36.62 -34.21
C PHE A 283 30.91 -35.79 -35.47
N GLN A 284 31.89 -34.89 -35.52
CA GLN A 284 32.01 -33.95 -36.62
C GLN A 284 31.96 -34.62 -37.99
N ALA A 285 32.63 -35.76 -38.13
CA ALA A 285 32.69 -36.45 -39.42
C ALA A 285 31.33 -36.97 -39.89
N ILE A 286 30.64 -37.70 -39.01
CA ILE A 286 29.33 -38.27 -39.32
C ILE A 286 28.26 -37.21 -39.48
N LEU A 287 28.47 -36.04 -38.88
CA LEU A 287 27.58 -34.90 -39.05
C LEU A 287 27.66 -34.31 -40.44
N LEU A 288 28.86 -33.90 -40.84
CA LEU A 288 29.05 -33.30 -42.16
C LEU A 288 28.65 -34.31 -43.21
N SER A 289 28.86 -35.58 -42.88
CA SER A 289 28.46 -36.65 -43.75
C SER A 289 26.97 -36.55 -44.00
N ALA A 290 26.22 -36.57 -42.90
CA ALA A 290 24.76 -36.54 -42.98
C ALA A 290 24.33 -35.31 -43.74
N GLN A 291 24.97 -34.19 -43.46
CA GLN A 291 24.61 -32.91 -44.06
C GLN A 291 24.80 -32.92 -45.57
N VAL A 292 25.97 -33.35 -46.02
CA VAL A 292 26.26 -33.35 -47.44
C VAL A 292 25.37 -34.34 -48.17
N MET A 293 25.26 -35.56 -47.62
CA MET A 293 24.48 -36.61 -48.26
C MET A 293 23.01 -36.20 -48.31
N TRP A 294 22.52 -35.68 -47.20
CA TRP A 294 21.15 -35.20 -47.09
C TRP A 294 20.86 -34.25 -48.24
N THR A 295 21.68 -33.19 -48.28
CA THR A 295 21.56 -32.15 -49.30
C THR A 295 21.39 -32.78 -50.67
N GLU A 296 22.26 -33.73 -50.99
CA GLU A 296 22.19 -34.43 -52.27
C GLU A 296 20.86 -35.14 -52.46
N LEU A 297 20.36 -35.78 -51.40
CA LEU A 297 19.15 -36.57 -51.50
C LEU A 297 17.93 -35.70 -51.69
N VAL A 298 17.77 -34.72 -50.81
CA VAL A 298 16.60 -33.86 -50.90
C VAL A 298 16.71 -33.03 -52.18
N GLU A 299 17.90 -32.96 -52.77
CA GLU A 299 18.06 -32.30 -54.07
C GLU A 299 17.40 -33.06 -55.20
N LYS A 300 17.62 -34.37 -55.27
CA LYS A 300 17.00 -35.17 -56.33
C LYS A 300 15.56 -35.41 -55.94
N CYS A 301 15.32 -35.46 -54.63
CA CYS A 301 13.97 -35.61 -54.08
C CYS A 301 13.12 -34.39 -54.44
N LEU A 302 13.78 -33.27 -54.76
CA LEU A 302 13.08 -32.06 -55.21
C LEU A 302 12.60 -32.21 -56.64
N GLN A 303 13.47 -32.74 -57.50
CA GLN A 303 13.11 -32.92 -58.89
C GLN A 303 12.01 -33.97 -59.05
N THR A 304 12.12 -35.07 -58.30
CA THR A 304 11.14 -36.15 -58.36
C THR A 304 9.92 -35.90 -57.50
N ASN A 305 10.10 -35.14 -56.42
CA ASN A 305 9.10 -34.99 -55.37
C ASN A 305 8.81 -36.27 -54.59
N GLN A 306 9.87 -36.93 -54.11
CA GLN A 306 9.75 -38.19 -53.41
C GLN A 306 9.33 -37.96 -51.95
N PHE A 307 9.10 -36.71 -51.60
CA PHE A 307 9.19 -36.25 -50.22
C PHE A 307 8.55 -37.21 -49.21
N SER A 308 7.41 -37.80 -49.56
CA SER A 308 6.75 -38.75 -48.67
C SER A 308 7.68 -39.90 -48.28
N LYS A 309 8.31 -40.52 -49.27
CA LYS A 309 9.16 -41.69 -49.00
C LYS A 309 10.38 -41.31 -48.18
N TYR A 310 11.00 -40.19 -48.53
CA TYR A 310 12.18 -39.74 -47.81
C TYR A 310 11.82 -39.18 -46.43
N TRP A 311 10.63 -38.59 -46.31
CA TRP A 311 10.20 -38.05 -45.02
C TRP A 311 10.00 -39.18 -44.02
N LYS A 312 9.33 -40.23 -44.47
CA LYS A 312 9.03 -41.38 -43.61
C LYS A 312 10.32 -42.09 -43.25
N GLU A 313 11.19 -42.22 -44.24
CA GLU A 313 12.50 -42.83 -44.05
C GLU A 313 13.31 -42.11 -42.96
N VAL A 314 13.40 -40.78 -43.06
CA VAL A 314 14.15 -40.01 -42.07
C VAL A 314 13.50 -40.13 -40.71
N ASP A 315 12.17 -40.17 -40.68
CA ASP A 315 11.46 -40.31 -39.42
C ASP A 315 11.93 -41.56 -38.70
N MET A 316 12.10 -42.65 -39.45
CA MET A 316 12.60 -43.90 -38.88
C MET A 316 14.02 -43.71 -38.37
N LYS A 317 14.85 -43.07 -39.20
CA LYS A 317 16.23 -42.80 -38.82
C LYS A 317 16.26 -42.16 -37.42
N ILE A 318 15.42 -41.16 -37.22
CA ILE A 318 15.35 -40.44 -35.95
C ILE A 318 14.85 -41.35 -34.83
N LYS A 319 13.89 -42.20 -35.14
CA LYS A 319 13.39 -43.18 -34.18
C LYS A 319 14.53 -44.13 -33.80
N GLY A 320 15.28 -44.56 -34.82
CA GLY A 320 16.45 -45.40 -34.62
C GLY A 320 17.43 -44.74 -33.67
N LEU A 321 17.84 -43.52 -34.01
CA LEU A 321 18.81 -42.78 -33.22
C LEU A 321 18.35 -42.59 -31.78
N LEU A 322 17.04 -42.43 -31.60
CA LEU A 322 16.47 -42.22 -30.26
C LEU A 322 16.43 -43.50 -29.42
N ASP A 323 16.05 -44.62 -30.05
CA ASP A 323 16.07 -45.90 -29.36
C ASP A 323 17.49 -46.20 -28.89
N LYS A 324 18.46 -46.04 -29.78
CA LYS A 324 19.86 -46.27 -29.45
C LYS A 324 20.39 -45.20 -28.48
N LEU A 325 19.71 -44.05 -28.44
CA LEU A 325 20.12 -42.97 -27.54
C LEU A 325 19.90 -43.40 -26.10
N ASN A 326 18.77 -44.06 -25.90
CA ASN A 326 18.33 -44.50 -24.58
C ASN A 326 19.25 -45.59 -24.02
N LYS A 327 19.76 -46.42 -24.92
CA LYS A 327 20.49 -47.63 -24.57
C LYS A 327 22.02 -47.43 -24.54
N SER A 328 22.50 -46.20 -24.73
CA SER A 328 23.93 -45.96 -24.97
C SER A 328 24.66 -45.15 -23.88
N SER A 329 25.97 -45.32 -23.84
CA SER A 329 26.82 -44.71 -22.81
C SER A 329 26.79 -43.19 -22.89
N ASP A 330 27.18 -42.54 -21.80
CA ASP A 330 27.04 -41.10 -21.65
C ASP A 330 27.99 -40.33 -22.57
N ASN A 331 29.05 -40.98 -23.03
CA ASN A 331 29.98 -40.32 -23.94
C ASN A 331 29.43 -40.28 -25.35
N VAL A 332 28.81 -41.38 -25.79
CA VAL A 332 28.19 -41.43 -27.10
C VAL A 332 26.75 -40.90 -27.02
N LYS A 333 26.25 -40.73 -25.80
CA LYS A 333 24.93 -40.13 -25.61
C LYS A 333 24.97 -38.71 -26.17
N LYS A 334 25.97 -37.94 -25.74
CA LYS A 334 26.16 -36.58 -26.24
C LYS A 334 26.27 -36.54 -27.76
N LYS A 335 26.99 -37.49 -28.33
CA LYS A 335 27.17 -37.53 -29.78
C LYS A 335 25.81 -37.79 -30.44
N ILE A 336 25.03 -38.67 -29.84
CA ILE A 336 23.76 -39.05 -30.45
C ILE A 336 22.70 -37.96 -30.32
N GLU A 337 22.67 -37.25 -29.19
CA GLU A 337 21.72 -36.16 -29.03
C GLU A 337 22.10 -35.07 -30.03
N ALA A 338 23.40 -34.82 -30.14
CA ALA A 338 23.94 -33.87 -31.10
C ALA A 338 23.52 -34.14 -32.54
N LEU A 339 23.54 -35.40 -32.94
CA LEU A 339 23.17 -35.78 -34.30
C LEU A 339 21.67 -35.62 -34.57
N LEU A 340 20.88 -35.77 -33.50
CA LEU A 340 19.42 -35.67 -33.60
C LEU A 340 18.97 -34.25 -33.86
N VAL A 341 19.68 -33.30 -33.25
CA VAL A 341 19.41 -31.89 -33.44
C VAL A 341 19.46 -31.59 -34.93
N GLU A 342 20.43 -32.21 -35.60
CA GLU A 342 20.63 -32.04 -37.03
C GLU A 342 19.72 -32.91 -37.88
N TYR A 343 19.44 -34.13 -37.44
CA TYR A 343 18.56 -35.01 -38.20
C TYR A 343 17.11 -34.55 -38.11
N LEU A 344 16.76 -33.97 -36.96
CA LEU A 344 15.43 -33.39 -36.79
C LEU A 344 15.23 -32.29 -37.82
N HIS A 345 16.22 -31.41 -37.99
CA HIS A 345 16.12 -30.34 -38.97
C HIS A 345 15.94 -30.89 -40.38
N PHE A 346 16.55 -32.04 -40.66
CA PHE A 346 16.35 -32.65 -41.98
C PHE A 346 14.88 -32.97 -42.11
N ASN A 347 14.33 -33.56 -41.06
CA ASN A 347 12.93 -33.98 -41.05
C ASN A 347 12.03 -32.78 -41.25
N ASN A 348 12.36 -31.70 -40.54
CA ASN A 348 11.58 -30.47 -40.58
C ASN A 348 11.53 -29.84 -41.97
N VAL A 349 12.68 -29.76 -42.63
CA VAL A 349 12.76 -29.19 -43.97
C VAL A 349 12.06 -30.03 -45.02
N ILE A 350 12.35 -31.33 -45.06
CA ILE A 350 11.67 -32.22 -45.99
C ILE A 350 10.17 -32.12 -45.73
N GLY A 351 9.81 -31.96 -44.46
CA GLY A 351 8.43 -31.77 -44.05
C GLY A 351 7.88 -30.47 -44.59
N GLN A 352 8.66 -29.39 -44.49
CA GLN A 352 8.23 -28.11 -45.03
C GLN A 352 8.08 -28.25 -46.54
N LEU A 353 9.07 -28.86 -47.19
CA LEU A 353 9.07 -29.00 -48.64
C LEU A 353 7.90 -29.82 -49.15
N LYS A 354 7.51 -30.85 -48.40
CA LYS A 354 6.38 -31.70 -48.80
C LYS A 354 5.13 -30.84 -48.96
N ASN A 355 4.79 -30.13 -47.89
CA ASN A 355 3.55 -29.34 -47.81
C ASN A 355 3.53 -28.07 -48.66
N CYS A 356 4.63 -27.73 -49.31
CA CYS A 356 4.65 -26.58 -50.20
C CYS A 356 3.59 -26.72 -51.30
N SER A 357 2.95 -25.61 -51.66
CA SER A 357 1.90 -25.64 -52.65
C SER A 357 2.48 -25.97 -54.00
N THR A 358 3.48 -25.20 -54.38
CA THR A 358 4.03 -25.25 -55.72
C THR A 358 5.53 -25.55 -55.74
N LYS A 359 6.00 -26.09 -56.86
CA LYS A 359 7.41 -26.43 -57.01
C LYS A 359 8.32 -25.22 -56.89
N GLU A 360 7.77 -24.04 -57.20
CA GLU A 360 8.46 -22.78 -57.03
C GLU A 360 8.67 -22.49 -55.54
N GLU A 361 7.61 -22.59 -54.76
CA GLU A 361 7.67 -22.40 -53.30
C GLU A 361 8.73 -23.29 -52.65
N ALA A 362 8.87 -24.51 -53.15
CA ALA A 362 9.83 -25.45 -52.59
C ALA A 362 11.25 -24.94 -52.82
N ARG A 363 11.50 -24.43 -54.02
CA ARG A 363 12.82 -23.93 -54.39
C ARG A 363 13.22 -22.73 -53.52
N LEU A 364 12.26 -21.82 -53.32
CA LEU A 364 12.49 -20.67 -52.42
C LEU A 364 12.87 -21.16 -51.04
N LEU A 365 12.05 -22.07 -50.50
CA LEU A 365 12.23 -22.55 -49.15
C LEU A 365 13.52 -23.36 -49.04
N TRP A 366 13.92 -23.98 -50.14
CA TRP A 366 15.14 -24.77 -50.18
C TRP A 366 16.34 -23.84 -50.18
N ALA A 367 16.15 -22.67 -50.79
CA ALA A 367 17.22 -21.69 -50.94
C ALA A 367 17.49 -20.92 -49.67
N LYS A 368 16.59 -20.95 -48.71
CA LYS A 368 16.79 -20.17 -47.48
C LYS A 368 17.59 -21.00 -46.45
N VAL A 369 17.83 -22.28 -46.75
CA VAL A 369 18.54 -23.17 -45.82
C VAL A 369 19.96 -23.48 -46.28
N GLN A 370 20.87 -23.59 -45.32
CA GLN A 370 22.21 -24.07 -45.60
C GLN A 370 22.20 -25.47 -46.21
N LYS A 371 22.87 -25.58 -47.35
CA LYS A 371 23.04 -26.85 -48.06
C LYS A 371 24.52 -27.17 -48.06
N PHE A 372 24.86 -28.44 -47.89
CA PHE A 372 26.25 -28.84 -47.79
C PHE A 372 26.67 -29.64 -49.03
N TYR A 373 27.61 -29.08 -49.79
CA TYR A 373 28.08 -29.65 -51.04
C TYR A 373 29.55 -30.05 -51.01
N GLN A 374 29.86 -31.10 -51.77
CA GLN A 374 31.23 -31.60 -51.90
C GLN A 374 31.70 -31.69 -53.36
N LYS A 375 32.76 -30.96 -53.69
CA LYS A 375 33.32 -30.99 -55.03
C LYS A 375 34.00 -32.32 -55.27
N ASN A 376 33.64 -33.05 -56.32
CA ASN A 376 34.52 -34.14 -56.74
C ASN A 376 35.28 -33.51 -57.90
N ASP A 377 36.49 -33.06 -57.63
CA ASP A 377 37.33 -32.45 -58.65
C ASP A 377 38.79 -32.85 -58.55
N THR A 378 39.39 -32.37 -57.46
CA THR A 378 40.83 -32.35 -57.31
C THR A 378 41.36 -32.73 -55.94
N LEU A 379 42.67 -32.53 -55.82
CA LEU A 379 43.44 -32.68 -54.60
C LEU A 379 43.17 -31.40 -53.80
N ASP A 380 43.97 -31.13 -52.76
CA ASP A 380 43.73 -30.00 -51.89
C ASP A 380 42.39 -30.23 -51.19
N ASP A 381 42.30 -31.40 -50.56
CA ASP A 381 41.08 -31.92 -49.98
C ASP A 381 40.38 -31.02 -48.98
N LEU A 382 41.17 -30.32 -48.18
CA LEU A 382 40.61 -29.52 -47.10
C LEU A 382 39.80 -28.34 -47.63
N ASN A 383 39.97 -28.04 -48.91
CA ASN A 383 39.19 -27.02 -49.59
C ASN A 383 38.03 -27.63 -50.39
N SER A 384 37.82 -28.94 -50.24
CA SER A 384 36.89 -29.68 -51.09
C SER A 384 35.42 -29.63 -50.65
N VAL A 385 35.16 -29.12 -49.45
CA VAL A 385 33.80 -29.05 -48.94
C VAL A 385 33.35 -27.61 -48.77
N PHE A 386 32.20 -27.27 -49.34
CA PHE A 386 31.66 -25.92 -49.22
C PHE A 386 30.17 -25.90 -48.94
N ILE A 387 29.65 -24.72 -48.64
CA ILE A 387 28.28 -24.53 -48.17
C ILE A 387 27.58 -23.52 -49.06
N SER A 388 26.36 -23.84 -49.48
CA SER A 388 25.56 -22.90 -50.29
C SER A 388 24.34 -22.40 -49.53
N GLN A 389 24.22 -21.08 -49.41
CA GLN A 389 23.00 -20.50 -48.87
C GLN A 389 22.71 -19.18 -49.54
N SER A 390 21.45 -18.98 -49.91
CA SER A 390 21.02 -17.76 -50.58
C SER A 390 21.78 -17.55 -51.88
N GLY A 391 22.35 -18.63 -52.42
CA GLY A 391 23.13 -18.56 -53.65
C GLY A 391 24.52 -18.02 -53.42
N TYR A 392 24.92 -17.90 -52.16
CA TYR A 392 26.26 -17.46 -51.81
C TYR A 392 27.03 -18.68 -51.32
N LEU A 393 28.32 -18.76 -51.65
CA LEU A 393 29.13 -19.91 -51.25
C LEU A 393 30.17 -19.59 -50.19
N LEU A 394 30.31 -20.54 -49.26
CA LEU A 394 31.27 -20.46 -48.17
C LEU A 394 31.95 -21.81 -48.01
N GLN A 395 33.28 -21.81 -47.93
CA GLN A 395 34.05 -23.04 -47.78
C GLN A 395 34.12 -23.54 -46.33
N TYR A 396 34.37 -24.84 -46.20
CA TYR A 396 34.43 -25.50 -44.90
C TYR A 396 35.89 -25.68 -44.47
N LYS A 397 36.29 -24.89 -43.48
CA LYS A 397 37.56 -25.08 -42.81
C LYS A 397 37.35 -26.25 -41.87
N PHE A 398 38.35 -27.10 -41.74
CA PHE A 398 38.18 -28.39 -41.07
C PHE A 398 38.55 -28.42 -39.58
N GLU A 399 38.69 -27.26 -38.95
CA GLU A 399 38.99 -27.23 -37.52
C GLU A 399 38.08 -28.19 -36.76
N TYR A 400 38.66 -28.93 -35.83
CA TYR A 400 37.93 -29.95 -35.09
C TYR A 400 37.02 -29.36 -34.02
N ILE A 401 35.74 -29.68 -34.09
CA ILE A 401 34.74 -29.15 -33.15
C ILE A 401 34.42 -30.01 -31.92
N GLY A 402 34.77 -31.29 -31.93
CA GLY A 402 34.35 -32.16 -30.85
C GLY A 402 32.86 -32.47 -30.91
N ILE A 403 32.22 -32.32 -29.75
CA ILE A 403 30.77 -32.53 -29.59
C ILE A 403 30.20 -31.39 -28.77
N PRO A 404 30.02 -30.23 -29.40
CA PRO A 404 29.47 -29.06 -28.75
C PRO A 404 27.98 -29.24 -28.50
N GLU A 405 27.35 -28.46 -27.62
CA GLU A 405 25.92 -28.57 -27.51
C GLU A 405 25.33 -27.80 -28.68
N ARG A 406 24.66 -28.56 -29.55
CA ARG A 406 24.21 -28.07 -30.84
C ARG A 406 22.88 -27.32 -30.73
N LEU A 407 22.80 -26.15 -31.35
CA LEU A 407 21.58 -25.34 -31.26
C LEU A 407 20.43 -25.91 -32.08
N ILE A 408 19.23 -25.84 -31.51
CA ILE A 408 18.02 -26.25 -32.19
C ILE A 408 17.83 -25.39 -33.42
N TYR A 409 17.41 -26.00 -34.51
CA TYR A 409 17.19 -25.24 -35.72
C TYR A 409 15.87 -24.49 -35.63
N THR A 410 15.94 -23.17 -35.75
CA THR A 410 14.75 -22.33 -35.86
C THR A 410 14.98 -21.37 -37.01
N PRO A 411 13.90 -20.89 -37.64
CA PRO A 411 14.00 -19.95 -38.75
C PRO A 411 14.81 -18.70 -38.44
N LEU A 412 14.81 -18.26 -37.18
CA LEU A 412 15.62 -17.10 -36.79
C LEU A 412 17.10 -17.40 -36.92
N LEU A 413 17.51 -18.56 -36.45
CA LEU A 413 18.89 -18.97 -36.57
C LEU A 413 19.29 -19.13 -38.03
N LEU A 414 18.38 -19.61 -38.88
CA LEU A 414 18.64 -19.70 -40.31
C LEU A 414 18.75 -18.35 -40.99
N ILE A 415 17.95 -17.38 -40.58
CA ILE A 415 18.05 -16.05 -41.16
C ILE A 415 19.36 -15.44 -40.72
N GLY A 416 19.72 -15.66 -39.46
CA GLY A 416 20.98 -15.19 -38.93
C GLY A 416 22.14 -15.74 -39.73
N PHE A 417 22.05 -17.02 -40.08
CA PHE A 417 23.04 -17.63 -40.95
C PHE A 417 23.05 -16.95 -42.31
N ALA A 418 21.90 -16.46 -42.74
CA ALA A 418 21.78 -15.85 -44.05
C ALA A 418 22.38 -14.44 -44.09
N THR A 419 22.21 -13.68 -43.01
CA THR A 419 22.74 -12.32 -42.98
C THR A 419 24.25 -12.38 -42.84
N LEU A 420 24.71 -13.36 -42.08
CA LEU A 420 26.13 -13.53 -41.87
C LEU A 420 26.81 -14.00 -43.15
N THR A 421 26.21 -14.97 -43.83
CA THR A 421 26.77 -15.43 -45.09
C THR A 421 26.68 -14.31 -46.12
N ASP A 422 25.63 -13.49 -46.02
CA ASP A 422 25.45 -12.37 -46.94
C ASP A 422 26.57 -11.36 -46.77
N SER A 423 26.96 -11.13 -45.52
CA SER A 423 28.02 -10.18 -45.22
C SER A 423 29.39 -10.70 -45.65
N LEU A 424 29.72 -11.92 -45.23
CA LEU A 424 31.04 -12.49 -45.45
C LEU A 424 31.35 -12.62 -46.92
N HIS A 425 30.29 -12.75 -47.71
CA HIS A 425 30.42 -12.92 -49.14
C HIS A 425 31.22 -11.76 -49.73
N GLN A 426 30.96 -10.55 -49.22
CA GLN A 426 31.70 -9.34 -49.58
C GLN A 426 32.77 -8.97 -48.55
N LYS A 427 32.99 -9.82 -47.56
CA LYS A 427 34.03 -9.61 -46.56
C LYS A 427 33.81 -8.34 -45.71
N TYR A 428 32.56 -8.14 -45.32
CA TYR A 428 32.21 -7.22 -44.26
C TYR A 428 31.99 -8.05 -43.01
N GLY A 429 32.31 -7.50 -41.85
CA GLY A 429 31.99 -8.18 -40.61
C GLY A 429 30.49 -8.16 -40.41
N GLY A 430 29.94 -9.22 -39.83
CA GLY A 430 28.55 -9.22 -39.44
C GLY A 430 28.40 -8.76 -38.00
N CYS A 431 27.28 -8.12 -37.70
CA CYS A 431 27.02 -7.63 -36.36
C CYS A 431 25.56 -7.81 -35.95
N PHE A 432 25.36 -8.35 -34.75
CA PHE A 432 24.02 -8.56 -34.20
C PHE A 432 23.69 -7.60 -33.10
N PHE A 433 22.48 -7.07 -33.11
CA PHE A 433 21.97 -6.37 -31.94
C PHE A 433 20.60 -6.90 -31.62
N GLY A 434 20.25 -6.82 -30.35
CA GLY A 434 18.94 -7.20 -29.89
C GLY A 434 19.02 -7.41 -28.41
N PRO A 435 17.86 -7.47 -27.75
CA PRO A 435 17.81 -7.47 -26.28
C PRO A 435 18.49 -8.67 -25.67
N ALA A 436 18.83 -8.59 -24.39
CA ALA A 436 19.35 -9.75 -23.69
C ALA A 436 18.26 -10.82 -23.71
N GLY A 437 18.67 -12.09 -23.75
CA GLY A 437 17.74 -13.20 -23.65
C GLY A 437 17.32 -13.86 -24.97
N THR A 438 17.76 -13.30 -26.10
CA THR A 438 17.74 -14.02 -27.37
C THR A 438 19.11 -14.63 -27.39
N GLY A 439 19.61 -15.02 -28.54
CA GLY A 439 21.01 -15.36 -28.60
C GLY A 439 21.62 -14.86 -29.88
N LYS A 440 22.87 -14.44 -29.72
CA LYS A 440 23.66 -13.82 -30.77
C LYS A 440 25.02 -14.44 -30.82
N THR A 441 25.73 -14.31 -29.72
CA THR A 441 27.08 -14.82 -29.61
C THR A 441 27.02 -16.32 -29.84
N GLU A 442 26.01 -16.95 -29.24
CA GLU A 442 25.88 -18.39 -29.35
C GLU A 442 25.39 -18.81 -30.74
N THR A 443 24.75 -17.90 -31.47
CA THR A 443 24.36 -18.15 -32.86
C THR A 443 25.57 -18.09 -33.80
N VAL A 444 26.48 -17.15 -33.52
CA VAL A 444 27.71 -17.01 -34.30
C VAL A 444 28.59 -18.23 -34.10
N LYS A 445 28.69 -18.68 -32.86
CA LYS A 445 29.40 -19.91 -32.53
C LYS A 445 28.90 -21.10 -33.35
N ALA A 446 27.59 -21.29 -33.43
CA ALA A 446 27.04 -22.42 -34.19
C ALA A 446 27.30 -22.24 -35.68
N PHE A 447 27.26 -20.99 -36.14
CA PHE A 447 27.60 -20.68 -37.52
C PHE A 447 29.04 -21.07 -37.85
N GLY A 448 29.95 -20.81 -36.91
CA GLY A 448 31.32 -21.25 -37.04
C GLY A 448 31.39 -22.77 -37.11
N GLN A 449 30.72 -23.43 -36.17
CA GLN A 449 30.67 -24.89 -36.11
C GLN A 449 30.26 -25.49 -37.46
N ASN A 450 29.22 -24.93 -38.05
CA ASN A 450 28.64 -25.51 -39.24
C ASN A 450 29.62 -25.48 -40.41
N LEU A 451 30.50 -24.49 -40.40
CA LEU A 451 31.56 -24.38 -41.39
C LEU A 451 32.86 -24.99 -40.88
N GLY A 452 32.80 -25.61 -39.70
CA GLY A 452 33.94 -26.34 -39.20
C GLY A 452 34.99 -25.41 -38.62
N ARG A 453 34.54 -24.32 -38.00
CA ARG A 453 35.45 -23.38 -37.34
C ARG A 453 35.09 -23.21 -35.88
N VAL A 454 36.12 -23.19 -35.05
CA VAL A 454 35.96 -22.81 -33.66
C VAL A 454 36.12 -21.30 -33.53
N VAL A 455 35.03 -20.64 -33.16
CA VAL A 455 34.99 -19.19 -33.03
C VAL A 455 35.61 -18.81 -31.69
N VAL A 456 36.63 -17.95 -31.69
CA VAL A 456 37.16 -17.43 -30.42
C VAL A 456 36.29 -16.25 -29.99
N VAL A 457 36.07 -16.15 -28.69
CA VAL A 457 35.10 -15.20 -28.17
C VAL A 457 35.72 -14.30 -27.11
N PHE A 458 35.47 -12.99 -27.22
CA PHE A 458 35.91 -12.04 -26.21
C PHE A 458 34.70 -11.50 -25.46
N ASN A 459 34.56 -11.91 -24.21
CA ASN A 459 33.55 -11.34 -23.32
C ASN A 459 34.00 -9.99 -22.79
N CYS A 460 33.16 -8.98 -22.96
CA CYS A 460 33.58 -7.59 -22.76
C CYS A 460 33.12 -7.05 -21.40
N ASP A 461 33.91 -6.14 -20.85
CA ASP A 461 33.68 -5.60 -19.51
C ASP A 461 33.70 -6.71 -18.48
N ASP A 462 34.58 -7.68 -18.71
CA ASP A 462 34.87 -8.76 -17.79
C ASP A 462 36.07 -8.40 -16.90
N SER A 463 36.49 -7.13 -16.96
CA SER A 463 37.69 -6.63 -16.29
C SER A 463 38.94 -7.12 -17.02
N PHE A 464 38.76 -7.47 -18.30
CA PHE A 464 39.85 -7.93 -19.15
C PHE A 464 40.90 -6.84 -19.43
N ASP A 465 42.15 -7.26 -19.55
CA ASP A 465 43.25 -6.37 -19.92
C ASP A 465 43.21 -6.08 -21.42
N TYR A 466 43.57 -4.87 -21.83
CA TYR A 466 43.60 -4.54 -23.25
C TYR A 466 44.68 -5.33 -23.95
N GLN A 467 45.77 -5.62 -23.24
CA GLN A 467 46.89 -6.38 -23.78
C GLN A 467 46.43 -7.74 -24.28
N VAL A 468 45.68 -8.43 -23.43
CA VAL A 468 45.25 -9.77 -23.77
C VAL A 468 44.24 -9.66 -24.90
N LEU A 469 43.48 -8.57 -24.95
CA LEU A 469 42.54 -8.40 -26.05
C LEU A 469 43.30 -8.12 -27.35
N SER A 470 44.31 -7.25 -27.28
CA SER A 470 45.13 -6.94 -28.46
C SER A 470 45.75 -8.22 -28.97
N ARG A 471 46.32 -8.97 -28.04
CA ARG A 471 47.07 -10.17 -28.38
C ARG A 471 46.18 -11.21 -29.07
N LEU A 472 44.97 -11.40 -28.55
CA LEU A 472 44.05 -12.36 -29.14
C LEU A 472 43.65 -11.96 -30.53
N LEU A 473 43.53 -10.66 -30.75
CA LEU A 473 43.19 -10.18 -32.07
C LEU A 473 44.32 -10.45 -33.02
N VAL A 474 45.55 -10.27 -32.56
CA VAL A 474 46.70 -10.51 -33.43
C VAL A 474 46.74 -11.99 -33.78
N GLY A 475 46.39 -12.84 -32.82
CA GLY A 475 46.39 -14.28 -33.06
C GLY A 475 45.37 -14.60 -34.11
N ILE A 476 44.19 -14.03 -33.96
CA ILE A 476 43.08 -14.37 -34.82
C ILE A 476 43.30 -13.95 -36.26
N THR A 477 44.03 -12.86 -36.47
CA THR A 477 44.37 -12.43 -37.81
C THR A 477 45.45 -13.30 -38.45
N GLN A 478 46.43 -13.73 -37.64
CA GLN A 478 47.51 -14.55 -38.17
C GLN A 478 47.04 -15.98 -38.38
N ILE A 479 46.38 -16.54 -37.37
CA ILE A 479 45.75 -17.85 -37.50
C ILE A 479 44.74 -17.78 -38.64
N GLY A 480 43.88 -16.76 -38.58
CA GLY A 480 42.75 -16.67 -39.48
C GLY A 480 41.45 -17.19 -38.90
N ALA A 481 41.33 -17.22 -37.58
CA ALA A 481 40.09 -17.68 -36.95
C ALA A 481 39.01 -16.61 -37.04
N TRP A 482 37.83 -16.95 -36.53
CA TRP A 482 36.69 -16.04 -36.47
C TRP A 482 36.50 -15.52 -35.07
N GLY A 483 36.62 -14.20 -34.90
CA GLY A 483 36.42 -13.60 -33.60
C GLY A 483 35.00 -13.13 -33.41
N CYS A 484 34.56 -13.14 -32.16
CA CYS A 484 33.25 -12.61 -31.81
C CYS A 484 33.42 -11.80 -30.53
N PHE A 485 32.94 -10.56 -30.55
CA PHE A 485 32.95 -9.72 -29.37
C PHE A 485 31.57 -9.76 -28.71
N ASP A 486 31.50 -10.41 -27.55
CA ASP A 486 30.26 -10.55 -26.81
C ASP A 486 30.02 -9.27 -26.03
N GLN A 487 28.90 -8.60 -26.31
CA GLN A 487 28.56 -7.33 -25.66
C GLN A 487 29.62 -6.26 -25.91
N PHE A 488 29.99 -6.11 -27.18
CA PHE A 488 30.91 -5.07 -27.61
C PHE A 488 30.44 -3.69 -27.19
N ASN A 489 29.12 -3.54 -27.06
CA ASN A 489 28.51 -2.24 -26.76
C ASN A 489 29.09 -1.63 -25.49
N ARG A 490 29.42 -2.48 -24.52
CA ARG A 490 30.04 -1.98 -23.30
C ARG A 490 31.54 -2.22 -23.31
N LEU A 491 32.28 -1.15 -23.55
CA LEU A 491 33.72 -1.12 -23.43
C LEU A 491 34.08 0.32 -23.12
N ASP A 492 35.20 0.54 -22.46
CA ASP A 492 35.58 1.89 -22.05
C ASP A 492 35.94 2.74 -23.26
N GLU A 493 35.86 4.06 -23.09
CA GLU A 493 36.12 5.00 -24.17
C GLU A 493 37.42 4.64 -24.86
N LYS A 494 38.49 4.59 -24.08
CA LYS A 494 39.81 4.37 -24.66
C LYS A 494 39.96 2.92 -25.15
N VAL A 495 39.36 1.98 -24.44
CA VAL A 495 39.47 0.57 -24.81
C VAL A 495 38.73 0.32 -26.11
N LEU A 496 37.48 0.74 -26.16
CA LEU A 496 36.64 0.61 -27.34
C LEU A 496 37.21 1.34 -28.54
N SER A 497 37.75 2.52 -28.28
CA SER A 497 38.35 3.33 -29.31
C SER A 497 39.46 2.56 -30.01
N ALA A 498 40.37 2.04 -29.21
CA ALA A 498 41.53 1.34 -29.73
C ALA A 498 41.17 0.01 -30.37
N VAL A 499 40.31 -0.77 -29.72
CA VAL A 499 39.92 -2.05 -30.29
C VAL A 499 39.25 -1.81 -31.62
N SER A 500 38.32 -0.86 -31.63
CA SER A 500 37.59 -0.50 -32.84
C SER A 500 38.54 -0.17 -34.00
N ALA A 501 39.47 0.75 -33.77
CA ALA A 501 40.40 1.17 -34.80
C ALA A 501 41.15 -0.03 -35.37
N ASN A 502 41.58 -0.94 -34.50
CA ASN A 502 42.25 -2.16 -34.94
C ASN A 502 41.31 -3.02 -35.77
N ILE A 503 40.06 -3.14 -35.34
CA ILE A 503 39.09 -3.93 -36.09
C ILE A 503 38.86 -3.35 -37.48
N GLN A 504 38.99 -2.04 -37.63
CA GLN A 504 38.82 -1.49 -38.97
C GLN A 504 40.08 -1.78 -39.78
N GLN A 505 41.25 -1.72 -39.15
CA GLN A 505 42.48 -2.06 -39.85
C GLN A 505 42.34 -3.46 -40.43
N ILE A 506 41.80 -4.37 -39.62
CA ILE A 506 41.62 -5.74 -40.05
C ILE A 506 40.58 -5.82 -41.15
N GLN A 507 39.38 -5.32 -40.87
CA GLN A 507 38.26 -5.44 -41.81
C GLN A 507 38.57 -4.74 -43.13
N ASN A 508 39.19 -3.56 -43.06
CA ASN A 508 39.61 -2.85 -44.26
C ASN A 508 40.60 -3.68 -45.06
N GLY A 509 41.62 -4.19 -44.36
CA GLY A 509 42.63 -5.03 -44.98
C GLY A 509 42.07 -6.29 -45.62
N LEU A 510 40.96 -6.78 -45.10
CA LEU A 510 40.34 -7.97 -45.65
C LEU A 510 39.63 -7.64 -46.95
N GLN A 511 38.97 -6.49 -46.98
CA GLN A 511 38.23 -6.07 -48.17
C GLN A 511 39.21 -5.74 -49.30
N VAL A 512 40.31 -5.07 -48.95
CA VAL A 512 41.33 -4.63 -49.89
C VAL A 512 42.13 -5.79 -50.44
N GLY A 513 42.39 -6.77 -49.59
CA GLY A 513 43.25 -7.89 -49.95
C GLY A 513 44.69 -7.73 -49.49
N LYS A 514 44.93 -6.92 -48.46
CA LYS A 514 46.30 -6.70 -47.99
C LYS A 514 46.86 -7.98 -47.38
N SER A 515 48.13 -8.24 -47.69
CA SER A 515 48.84 -9.40 -47.16
C SER A 515 49.29 -9.15 -45.73
N HIS A 516 49.71 -7.91 -45.48
CA HIS A 516 50.06 -7.45 -44.14
C HIS A 516 49.27 -6.17 -43.85
N ILE A 517 48.93 -5.95 -42.59
CA ILE A 517 48.24 -4.73 -42.19
C ILE A 517 48.98 -4.09 -41.02
N THR A 518 48.58 -2.88 -40.66
CA THR A 518 49.18 -2.16 -39.54
C THR A 518 48.10 -1.69 -38.56
N LEU A 519 48.33 -1.96 -37.29
CA LEU A 519 47.38 -1.62 -36.25
C LEU A 519 48.08 -1.26 -34.93
N LEU A 520 47.45 -0.41 -34.12
CA LEU A 520 47.84 -0.22 -32.71
C LEU A 520 49.29 0.09 -32.49
N GLU A 521 50.04 0.48 -33.52
CA GLU A 521 51.48 0.54 -33.35
C GLU A 521 52.01 -0.90 -33.10
N GLU A 522 51.43 -1.85 -33.85
CA GLU A 522 51.96 -3.21 -34.06
C GLU A 522 51.72 -3.70 -35.50
N GLU A 523 52.77 -4.14 -36.20
CA GLU A 523 52.60 -4.69 -37.55
C GLU A 523 52.44 -6.21 -37.60
N THR A 524 51.39 -6.68 -38.28
CA THR A 524 51.14 -8.12 -38.43
C THR A 524 50.67 -8.52 -39.82
N PRO A 525 50.91 -9.79 -40.20
CA PRO A 525 50.36 -10.37 -41.42
C PRO A 525 48.88 -10.67 -41.23
N LEU A 526 48.16 -10.92 -42.33
CA LEU A 526 46.71 -11.11 -42.27
C LEU A 526 46.23 -12.27 -43.12
N SER A 527 45.60 -13.24 -42.49
CA SER A 527 45.02 -14.38 -43.21
C SER A 527 43.75 -13.93 -43.92
N PRO A 528 43.62 -14.24 -45.21
CA PRO A 528 42.39 -13.93 -45.95
C PRO A 528 41.14 -14.50 -45.28
N HIS A 529 41.35 -15.52 -44.44
CA HIS A 529 40.27 -16.27 -43.83
C HIS A 529 39.84 -15.72 -42.48
N THR A 530 40.41 -14.58 -42.09
CA THR A 530 40.03 -13.92 -40.83
C THR A 530 38.68 -13.25 -40.95
N ALA A 531 37.94 -13.21 -39.84
CA ALA A 531 36.67 -12.50 -39.79
C ALA A 531 36.36 -12.05 -38.38
N VAL A 532 35.66 -10.94 -38.28
CA VAL A 532 35.29 -10.37 -37.00
C VAL A 532 33.80 -10.16 -36.88
N PHE A 533 33.22 -10.72 -35.83
CA PHE A 533 31.79 -10.60 -35.57
C PHE A 533 31.57 -9.80 -34.31
N ILE A 534 30.40 -9.17 -34.23
CA ILE A 534 30.07 -8.31 -33.09
C ILE A 534 28.63 -8.51 -32.68
N THR A 535 28.41 -8.69 -31.38
CA THR A 535 27.07 -8.68 -30.82
C THR A 535 26.92 -7.46 -29.93
N LEU A 536 25.73 -6.86 -29.97
CA LEU A 536 25.46 -5.62 -29.22
C LEU A 536 24.19 -5.69 -28.36
N ASN A 537 24.36 -5.61 -27.04
CA ASN A 537 23.21 -5.54 -26.14
C ASN A 537 22.79 -4.09 -25.87
N PRO A 538 21.47 -3.84 -25.75
CA PRO A 538 20.89 -2.51 -25.57
C PRO A 538 20.99 -1.96 -24.15
N GLY A 539 21.08 -0.64 -24.00
CA GLY A 539 20.92 0.03 -22.72
C GLY A 539 19.54 0.64 -22.62
N TYR A 540 19.28 1.42 -21.56
CA TYR A 540 17.95 2.02 -21.36
C TYR A 540 17.63 3.01 -22.49
N ASN A 541 18.69 3.51 -23.11
CA ASN A 541 18.61 4.49 -24.19
C ASN A 541 18.15 3.95 -25.55
N GLY A 542 18.03 2.63 -25.69
CA GLY A 542 17.69 2.00 -26.96
C GLY A 542 18.78 1.10 -27.49
N ARG A 543 18.51 0.42 -28.60
CA ARG A 543 19.41 -0.61 -29.12
C ARG A 543 20.78 -0.03 -29.47
N SER A 544 21.82 -0.64 -28.93
CA SER A 544 23.19 -0.14 -29.06
C SER A 544 23.64 -0.14 -30.52
N GLU A 545 24.62 0.71 -30.83
CA GLU A 545 25.16 0.80 -32.18
C GLU A 545 26.67 0.72 -32.24
N LEU A 546 27.16 0.39 -33.43
CA LEU A 546 28.58 0.33 -33.69
C LEU A 546 29.19 1.72 -33.66
N PRO A 547 30.42 1.84 -33.15
CA PRO A 547 31.09 3.15 -33.27
C PRO A 547 31.21 3.55 -34.74
N GLU A 548 31.24 4.85 -35.01
CA GLU A 548 31.14 5.38 -36.37
C GLU A 548 32.14 4.78 -37.36
N ASN A 549 33.34 4.50 -36.87
CA ASN A 549 34.40 3.97 -37.73
C ASN A 549 34.05 2.57 -38.27
N LEU A 550 33.45 1.72 -37.44
CA LEU A 550 33.06 0.36 -37.86
C LEU A 550 31.70 0.29 -38.56
N LYS A 551 30.94 1.38 -38.56
CA LYS A 551 29.59 1.34 -39.11
C LYS A 551 29.66 1.03 -40.60
N LYS A 552 30.73 1.48 -41.24
CA LYS A 552 30.87 1.29 -42.68
C LYS A 552 31.48 -0.07 -43.04
N SER A 553 32.13 -0.74 -42.10
CA SER A 553 32.81 -2.01 -42.36
C SER A 553 31.98 -3.25 -41.99
N PHE A 554 30.80 -3.03 -41.39
CA PHE A 554 29.97 -4.13 -40.92
C PHE A 554 28.58 -4.14 -41.57
N ARG A 555 27.80 -5.17 -41.25
CA ARG A 555 26.40 -5.25 -41.66
C ARG A 555 25.52 -5.56 -40.46
N GLU A 556 24.71 -4.58 -40.06
CA GLU A 556 23.93 -4.73 -38.84
C GLU A 556 22.63 -5.50 -39.09
N PHE A 557 22.28 -6.36 -38.13
CA PHE A 557 21.06 -7.16 -38.21
C PHE A 557 20.49 -7.34 -36.80
N SER A 558 19.18 -7.53 -36.71
CA SER A 558 18.49 -7.63 -35.42
C SER A 558 18.13 -9.06 -35.02
N MET A 559 18.33 -9.39 -33.74
CA MET A 559 17.85 -10.65 -33.20
C MET A 559 16.65 -10.33 -32.32
N LYS A 560 15.50 -10.85 -32.71
CA LYS A 560 14.22 -10.41 -32.13
C LYS A 560 13.48 -11.41 -31.23
N SER A 561 12.95 -12.44 -31.87
CA SER A 561 11.96 -13.34 -31.28
C SER A 561 12.52 -14.75 -31.29
N PRO A 562 13.10 -15.20 -30.16
CA PRO A 562 13.86 -16.45 -30.10
C PRO A 562 13.11 -17.73 -30.47
N GLN A 563 11.79 -17.67 -30.64
CA GLN A 563 11.01 -18.86 -30.98
C GLN A 563 11.15 -19.93 -29.92
N SER A 564 10.99 -19.52 -28.67
CA SER A 564 11.17 -20.40 -27.53
C SER A 564 10.44 -21.73 -27.73
N GLY A 565 9.24 -21.67 -28.31
CA GLY A 565 8.46 -22.86 -28.57
C GLY A 565 9.16 -23.98 -29.33
N THR A 566 9.67 -23.69 -30.53
CA THR A 566 10.29 -24.74 -31.34
C THR A 566 11.57 -25.29 -30.68
N ILE A 567 12.33 -24.44 -30.00
CA ILE A 567 13.48 -24.91 -29.23
C ILE A 567 13.03 -25.96 -28.23
N ALA A 568 12.04 -25.60 -27.42
CA ALA A 568 11.60 -26.44 -26.32
C ALA A 568 11.07 -27.77 -26.81
N GLU A 569 10.32 -27.73 -27.90
CA GLU A 569 9.75 -28.93 -28.49
C GLU A 569 10.82 -29.95 -28.82
N MET A 570 11.88 -29.50 -29.49
CA MET A 570 12.91 -30.41 -30.01
C MET A 570 13.81 -30.94 -28.92
N ILE A 571 14.05 -30.11 -27.90
CA ILE A 571 14.84 -30.53 -26.76
C ILE A 571 14.03 -31.54 -25.96
N LEU A 572 12.77 -31.23 -25.72
CA LEU A 572 11.87 -32.18 -25.08
C LEU A 572 11.79 -33.44 -25.96
N GLN A 573 11.93 -33.25 -27.27
CA GLN A 573 11.88 -34.35 -28.23
C GLN A 573 13.12 -35.23 -28.20
N ILE A 574 14.30 -34.66 -27.91
CA ILE A 574 15.51 -35.49 -27.82
C ILE A 574 15.60 -36.20 -26.47
N MET A 575 14.96 -35.66 -25.44
CA MET A 575 14.72 -36.44 -24.24
C MET A 575 13.59 -37.43 -24.57
N GLY A 576 12.98 -37.21 -25.73
CA GLY A 576 12.13 -38.18 -26.40
C GLY A 576 10.85 -38.53 -25.71
N PHE A 577 10.48 -37.74 -24.71
CA PHE A 577 9.31 -38.08 -23.94
C PHE A 577 7.97 -37.43 -24.22
N GLU A 578 6.95 -38.27 -24.06
CA GLU A 578 5.54 -37.89 -24.09
C GLU A 578 5.16 -36.94 -25.20
N ASP A 579 4.49 -35.86 -24.82
CA ASP A 579 4.04 -34.87 -25.76
C ASP A 579 5.08 -33.77 -25.83
N SER A 580 5.82 -33.73 -26.93
CA SER A 580 6.89 -32.75 -27.06
C SER A 580 6.24 -31.42 -27.39
N LYS A 581 5.32 -31.46 -28.35
CA LYS A 581 4.66 -30.23 -28.81
C LYS A 581 3.81 -29.63 -27.69
N SER A 582 2.97 -30.46 -27.08
CA SER A 582 2.08 -30.00 -26.02
C SER A 582 2.86 -29.37 -24.86
N LEU A 583 3.81 -30.11 -24.28
CA LEU A 583 4.59 -29.59 -23.17
C LEU A 583 5.30 -28.31 -23.54
N ALA A 584 5.81 -28.24 -24.76
CA ALA A 584 6.51 -27.05 -25.22
C ALA A 584 5.59 -25.84 -25.11
N SER A 585 4.42 -25.91 -25.74
CA SER A 585 3.49 -24.79 -25.74
C SER A 585 3.11 -24.41 -24.32
N LYS A 586 2.79 -25.40 -23.50
CA LYS A 586 2.38 -25.13 -22.13
C LYS A 586 3.51 -24.51 -21.30
N ILE A 587 4.73 -24.99 -21.47
CA ILE A 587 5.84 -24.41 -20.72
C ILE A 587 6.08 -22.97 -21.19
N VAL A 588 6.23 -22.76 -22.50
CA VAL A 588 6.51 -21.41 -23.01
C VAL A 588 5.43 -20.42 -22.61
N HIS A 589 4.18 -20.81 -22.80
CA HIS A 589 3.04 -19.95 -22.47
C HIS A 589 3.10 -19.62 -20.98
N PHE A 590 3.52 -20.60 -20.19
CA PHE A 590 3.56 -20.45 -18.74
C PHE A 590 4.64 -19.46 -18.24
N LEU A 591 5.82 -19.47 -18.85
CA LEU A 591 6.87 -18.51 -18.47
C LEU A 591 6.38 -17.13 -18.87
N GLU A 592 5.70 -17.10 -20.02
CA GLU A 592 5.12 -15.87 -20.54
C GLU A 592 4.12 -15.30 -19.52
N LEU A 593 3.28 -16.18 -18.98
CA LEU A 593 2.36 -15.79 -17.91
C LEU A 593 3.12 -15.25 -16.72
N LEU A 594 4.19 -15.95 -16.38
CA LEU A 594 5.00 -15.58 -15.23
C LEU A 594 5.59 -14.19 -15.41
N SER A 595 5.87 -13.83 -16.66
CA SER A 595 6.43 -12.53 -16.95
C SER A 595 5.35 -11.48 -16.90
N SER A 596 4.15 -11.85 -17.33
CA SER A 596 3.04 -10.92 -17.38
C SER A 596 2.51 -10.65 -15.98
N LYS A 597 2.27 -11.71 -15.21
CA LYS A 597 1.59 -11.59 -13.92
C LYS A 597 2.50 -11.16 -12.75
N CYS A 598 3.69 -11.74 -12.63
CA CYS A 598 4.57 -11.47 -11.49
C CYS A 598 5.19 -10.07 -11.53
N SER A 599 5.49 -9.55 -10.34
CA SER A 599 6.04 -8.21 -10.20
C SER A 599 7.33 -8.07 -10.98
N SER A 600 7.57 -6.88 -11.52
CA SER A 600 8.83 -6.60 -12.18
C SER A 600 9.89 -6.56 -11.09
N MET A 601 10.92 -7.37 -11.27
CA MET A 601 12.02 -7.46 -10.31
C MET A 601 13.30 -7.45 -11.11
N ASN A 602 14.31 -6.78 -10.56
CA ASN A 602 15.55 -6.56 -11.29
C ASN A 602 16.19 -7.88 -11.69
N HIS A 603 16.13 -8.85 -10.79
CA HIS A 603 16.80 -10.14 -10.98
C HIS A 603 15.92 -11.28 -11.55
N TYR A 604 14.68 -10.99 -11.94
CA TYR A 604 13.83 -12.01 -12.55
C TYR A 604 14.15 -12.21 -14.03
N HIS A 605 14.55 -13.42 -14.40
CA HIS A 605 14.68 -13.79 -15.82
C HIS A 605 13.81 -15.02 -16.13
N PHE A 606 12.76 -14.79 -16.91
CA PHE A 606 11.87 -15.83 -17.41
C PHE A 606 12.19 -16.24 -18.86
N GLY A 607 13.30 -15.73 -19.39
CA GLY A 607 13.65 -15.91 -20.79
C GLY A 607 14.05 -17.32 -21.23
N LEU A 608 14.55 -17.42 -22.46
CA LEU A 608 14.91 -18.70 -23.07
C LEU A 608 16.08 -19.34 -22.32
N ARG A 609 16.91 -18.52 -21.69
CA ARG A 609 18.03 -19.02 -20.89
C ARG A 609 17.52 -19.73 -19.63
N THR A 610 16.42 -19.22 -19.08
CA THR A 610 15.75 -19.85 -17.95
C THR A 610 15.02 -21.12 -18.43
N LEU A 611 14.42 -21.04 -19.62
CA LEU A 611 13.68 -22.18 -20.19
C LEU A 611 14.61 -23.35 -20.49
N LYS A 612 15.82 -23.05 -20.95
CA LYS A 612 16.78 -24.11 -21.18
C LYS A 612 17.22 -24.78 -19.89
N GLY A 613 17.28 -23.99 -18.82
CA GLY A 613 17.69 -24.51 -17.53
C GLY A 613 16.65 -25.48 -17.04
N VAL A 614 15.40 -25.18 -17.39
CA VAL A 614 14.29 -26.05 -17.07
C VAL A 614 14.40 -27.35 -17.86
N LEU A 615 14.56 -27.26 -19.18
CA LEU A 615 14.64 -28.46 -20.02
C LEU A 615 15.82 -29.36 -19.71
N ARG A 616 16.95 -28.76 -19.32
CA ARG A 616 18.14 -29.53 -18.99
C ARG A 616 18.05 -30.09 -17.57
N ASN A 617 17.57 -29.28 -16.63
CA ASN A 617 17.42 -29.74 -15.26
C ASN A 617 16.22 -30.69 -15.15
N CYS A 618 15.46 -30.80 -16.23
CA CYS A 618 14.36 -31.76 -16.34
C CYS A 618 14.89 -33.18 -16.49
N SER A 619 16.10 -33.31 -17.03
CA SER A 619 16.68 -34.61 -17.33
C SER A 619 16.99 -35.51 -16.10
N PRO A 620 17.64 -34.96 -15.07
CA PRO A 620 17.97 -35.81 -13.91
C PRO A 620 16.76 -36.34 -13.15
N LEU A 621 15.70 -35.54 -13.12
CA LEU A 621 14.49 -35.90 -12.39
C LEU A 621 13.77 -37.07 -13.04
N ILE A 622 14.03 -37.28 -14.33
CA ILE A 622 13.42 -38.35 -15.10
C ILE A 622 13.68 -39.74 -14.50
N SER A 623 14.82 -39.92 -13.84
CA SER A 623 15.17 -41.23 -13.30
C SER A 623 14.21 -41.70 -12.19
N GLU A 624 13.98 -40.85 -11.18
CA GLU A 624 13.12 -41.22 -10.06
C GLU A 624 11.65 -40.80 -10.26
N PHE A 625 11.40 -39.99 -11.30
CA PHE A 625 10.04 -39.59 -11.68
C PHE A 625 9.80 -40.17 -13.06
N GLY A 626 8.67 -39.81 -13.67
CA GLY A 626 8.37 -40.27 -15.01
C GLY A 626 8.86 -39.21 -15.97
N GLU A 627 8.51 -39.38 -17.23
CA GLU A 627 8.83 -38.40 -18.25
C GLU A 627 7.66 -37.43 -18.49
N GLY A 628 6.60 -37.60 -17.71
CA GLY A 628 5.37 -36.84 -17.87
C GLY A 628 5.50 -35.38 -17.48
N GLU A 629 4.37 -34.68 -17.46
CA GLU A 629 4.35 -33.27 -17.06
C GLU A 629 4.86 -33.14 -15.64
N LYS A 630 4.75 -34.21 -14.88
CA LYS A 630 5.10 -34.16 -13.46
C LYS A 630 6.55 -33.75 -13.28
N THR A 631 7.43 -34.31 -14.10
CA THR A 631 8.84 -33.94 -14.09
C THR A 631 9.05 -32.49 -14.49
N VAL A 632 8.37 -32.07 -15.54
CA VAL A 632 8.41 -30.68 -15.98
C VAL A 632 7.94 -29.77 -14.84
N VAL A 633 6.87 -30.17 -14.17
CA VAL A 633 6.37 -29.40 -13.04
C VAL A 633 7.41 -29.31 -11.93
N GLU A 634 8.05 -30.43 -11.63
CA GLU A 634 9.02 -30.43 -10.55
C GLU A 634 10.22 -29.59 -10.92
N SER A 635 10.69 -29.72 -12.16
CA SER A 635 11.84 -28.95 -12.61
C SER A 635 11.58 -27.46 -12.48
N LEU A 636 10.38 -27.04 -12.87
CA LEU A 636 10.04 -25.62 -12.85
C LEU A 636 10.11 -25.07 -11.43
N LYS A 637 9.43 -25.72 -10.50
CA LYS A 637 9.42 -25.23 -9.13
C LYS A 637 10.79 -25.36 -8.46
N ARG A 638 11.68 -26.16 -9.04
CA ARG A 638 13.05 -26.25 -8.53
C ARG A 638 13.90 -25.09 -9.02
N VAL A 639 13.74 -24.77 -10.30
CA VAL A 639 14.52 -23.71 -10.95
C VAL A 639 13.98 -22.32 -10.55
N ILE A 640 12.71 -22.08 -10.90
CA ILE A 640 12.09 -20.75 -10.72
C ILE A 640 11.94 -20.29 -9.27
N LEU A 641 11.32 -21.12 -8.44
CA LEU A 641 10.77 -20.67 -7.15
C LEU A 641 11.72 -19.96 -6.19
N PRO A 642 12.94 -20.49 -6.00
CA PRO A 642 13.85 -19.95 -4.97
C PRO A 642 14.02 -18.44 -5.03
N SER A 643 13.99 -17.89 -6.24
CA SER A 643 14.18 -16.47 -6.45
C SER A 643 12.93 -15.64 -6.10
N LEU A 644 11.76 -16.25 -6.23
CA LEU A 644 10.49 -15.54 -6.06
C LEU A 644 10.17 -15.26 -4.58
N GLY A 645 9.34 -14.25 -4.32
CA GLY A 645 9.00 -13.82 -2.97
C GLY A 645 7.60 -14.19 -2.51
N ASP A 646 7.07 -13.44 -1.53
CA ASP A 646 5.73 -13.70 -0.97
C ASP A 646 4.67 -13.86 -2.05
N THR A 647 4.34 -12.76 -2.70
CA THR A 647 3.28 -12.72 -3.69
C THR A 647 3.64 -13.61 -4.88
N ASP A 648 4.83 -13.40 -5.43
CA ASP A 648 5.21 -14.06 -6.67
C ASP A 648 5.20 -15.58 -6.56
N GLU A 649 5.42 -16.12 -5.36
CA GLU A 649 5.33 -17.57 -5.19
C GLU A 649 3.90 -18.06 -5.41
N LEU A 650 2.91 -17.36 -4.83
CA LEU A 650 1.51 -17.78 -4.96
C LEU A 650 0.99 -17.54 -6.38
N VAL A 651 1.55 -16.55 -7.07
CA VAL A 651 1.26 -16.33 -8.47
C VAL A 651 1.74 -17.52 -9.31
N PHE A 652 2.98 -17.93 -9.07
CA PHE A 652 3.57 -19.09 -9.73
C PHE A 652 2.65 -20.30 -9.57
N LYS A 653 2.19 -20.52 -8.34
CA LYS A 653 1.33 -21.65 -8.02
C LYS A 653 -0.04 -21.52 -8.67
N ASP A 654 -0.61 -20.32 -8.63
CA ASP A 654 -1.93 -20.08 -9.21
C ASP A 654 -1.93 -20.33 -10.71
N GLU A 655 -1.01 -19.67 -11.41
CA GLU A 655 -0.88 -19.83 -12.85
C GLU A 655 -0.29 -21.19 -13.22
N LEU A 656 0.29 -21.92 -12.26
CA LEU A 656 0.80 -23.25 -12.55
C LEU A 656 -0.37 -24.20 -12.70
N SER A 657 -1.28 -24.15 -11.73
CA SER A 657 -2.49 -24.98 -11.75
C SER A 657 -3.34 -24.73 -12.99
N LYS A 658 -3.39 -23.46 -13.40
CA LYS A 658 -4.22 -23.00 -14.52
C LYS A 658 -3.81 -23.64 -15.85
N ILE A 659 -2.59 -24.17 -15.91
CA ILE A 659 -2.03 -24.73 -17.16
C ILE A 659 -1.80 -26.23 -17.15
N PHE A 660 -0.87 -26.70 -16.32
CA PHE A 660 -0.64 -28.13 -16.19
C PHE A 660 -0.63 -28.55 -14.72
N ASP A 661 -1.31 -29.67 -14.46
CA ASP A 661 -1.56 -30.15 -13.10
C ASP A 661 -0.38 -30.83 -12.42
N SER A 662 -0.59 -31.21 -11.16
CA SER A 662 0.40 -31.92 -10.36
C SER A 662 -0.18 -33.23 -9.82
N ASN A 668 15.95 -38.66 -3.78
CA ASN A 668 16.69 -38.26 -2.59
C ASN A 668 15.78 -37.62 -1.56
N SER A 669 14.48 -37.83 -1.70
CA SER A 669 13.49 -37.12 -0.91
C SER A 669 13.52 -37.52 0.57
N LYS A 670 13.32 -38.81 0.83
CA LYS A 670 13.20 -39.32 2.18
C LYS A 670 14.52 -39.32 2.96
N ALA A 671 15.60 -39.67 2.27
CA ALA A 671 16.91 -39.74 2.92
C ALA A 671 17.32 -38.36 3.43
N ILE A 672 17.40 -37.40 2.53
CA ILE A 672 17.87 -36.06 2.86
C ILE A 672 16.96 -35.38 3.88
N VAL A 673 15.65 -35.54 3.71
CA VAL A 673 14.69 -34.88 4.58
C VAL A 673 14.74 -35.45 6.00
N GLN A 674 15.17 -36.70 6.13
CA GLN A 674 15.34 -37.29 7.45
C GLN A 674 16.66 -36.85 8.08
N CYS A 675 17.65 -36.54 7.22
CA CYS A 675 18.92 -35.99 7.67
C CYS A 675 18.76 -34.55 8.14
N LEU A 676 18.01 -33.76 7.37
CA LEU A 676 17.70 -32.39 7.77
C LEU A 676 17.00 -32.42 9.10
N LYS A 677 15.97 -33.24 9.19
CA LYS A 677 15.23 -33.39 10.43
C LYS A 677 16.22 -33.73 11.54
N ASP A 678 17.22 -34.56 11.24
CA ASP A 678 18.23 -34.88 12.24
C ASP A 678 19.04 -33.64 12.62
N ALA A 679 19.36 -32.83 11.61
CA ALA A 679 20.19 -31.63 11.81
C ALA A 679 19.46 -30.53 12.58
N GLY A 680 18.17 -30.34 12.27
CA GLY A 680 17.36 -29.39 13.00
C GLY A 680 17.17 -29.85 14.43
N GLN A 681 16.80 -31.12 14.58
CA GLN A 681 16.62 -31.71 15.91
C GLN A 681 17.87 -31.54 16.77
N ARG A 682 19.03 -31.50 16.12
CA ARG A 682 20.30 -31.39 16.82
C ARG A 682 20.67 -29.96 17.23
N SER A 683 20.31 -28.98 16.41
CA SER A 683 20.62 -27.58 16.69
C SER A 683 19.51 -26.87 17.47
N GLY A 684 18.38 -27.56 17.65
CA GLY A 684 17.24 -27.02 18.39
C GLY A 684 16.22 -26.32 17.51
N PHE A 685 16.38 -26.44 16.19
CA PHE A 685 15.49 -25.78 15.23
C PHE A 685 14.23 -26.59 14.93
N SER A 686 13.09 -25.91 14.91
CA SER A 686 11.83 -26.53 14.49
C SER A 686 11.72 -26.60 12.97
N MET A 687 11.23 -27.73 12.45
CA MET A 687 11.03 -27.89 11.01
C MET A 687 9.61 -27.51 10.58
N SER A 688 9.51 -26.40 9.87
CA SER A 688 8.22 -25.94 9.36
C SER A 688 8.03 -26.36 7.91
N GLU A 689 6.95 -25.87 7.33
CA GLU A 689 6.78 -25.89 5.90
C GLU A 689 7.93 -25.11 5.30
N GLU A 690 8.05 -23.88 5.76
CA GLU A 690 9.00 -22.91 5.23
C GLU A 690 10.45 -23.35 5.42
N PHE A 691 10.83 -23.61 6.67
CA PHE A 691 12.21 -23.94 6.98
C PHE A 691 12.68 -25.15 6.18
N LEU A 692 11.84 -26.17 6.12
CA LEU A 692 12.17 -27.35 5.34
C LEU A 692 12.24 -26.96 3.87
N LYS A 693 11.30 -26.13 3.45
CA LYS A 693 11.22 -25.73 2.04
C LYS A 693 12.54 -25.09 1.62
N LYS A 694 13.01 -24.14 2.40
CA LYS A 694 14.22 -23.40 2.06
C LYS A 694 15.45 -24.30 2.13
N CYS A 695 15.50 -25.15 3.15
CA CYS A 695 16.56 -26.15 3.26
C CYS A 695 16.67 -26.99 1.99
N MET A 696 15.56 -27.58 1.57
CA MET A 696 15.56 -28.43 0.39
C MET A 696 15.96 -27.66 -0.85
N GLN A 697 15.47 -26.43 -0.97
CA GLN A 697 15.77 -25.60 -2.12
C GLN A 697 17.28 -25.43 -2.20
N PHE A 698 17.86 -25.09 -1.05
CA PHE A 698 19.31 -24.95 -0.92
C PHE A 698 20.06 -26.24 -1.24
N TYR A 699 19.64 -27.34 -0.65
CA TYR A 699 20.29 -28.63 -0.87
C TYR A 699 20.38 -28.98 -2.35
N TYR A 700 19.33 -28.69 -3.11
CA TYR A 700 19.31 -28.96 -4.55
C TYR A 700 20.06 -27.91 -5.35
N MET A 701 20.19 -26.71 -4.78
CA MET A 701 20.96 -25.65 -5.41
C MET A 701 22.45 -25.94 -5.38
N GLN A 702 22.92 -26.47 -4.26
CA GLN A 702 24.35 -26.61 -4.00
C GLN A 702 24.99 -27.59 -4.97
N LYS A 703 24.18 -28.52 -5.47
CA LYS A 703 24.65 -29.49 -6.44
C LYS A 703 24.94 -28.78 -7.78
N THR A 704 23.99 -27.99 -8.27
CA THR A 704 24.18 -27.22 -9.50
C THR A 704 25.13 -26.02 -9.34
N GLN A 705 24.77 -25.12 -8.43
CA GLN A 705 25.45 -23.83 -8.29
C GLN A 705 26.65 -23.85 -7.36
N GLN A 706 27.77 -23.31 -7.83
CA GLN A 706 29.01 -23.26 -7.07
C GLN A 706 29.01 -22.14 -6.03
N ALA A 707 28.44 -20.99 -6.41
CA ALA A 707 28.29 -19.88 -5.49
C ALA A 707 26.81 -19.63 -5.24
N LEU A 708 26.43 -19.46 -3.98
CA LEU A 708 25.03 -19.27 -3.63
C LEU A 708 24.84 -17.93 -2.95
N ILE A 709 23.72 -17.28 -3.24
CA ILE A 709 23.38 -16.01 -2.58
C ILE A 709 22.09 -16.20 -1.83
N LEU A 710 22.12 -15.84 -0.55
CA LEU A 710 20.97 -16.00 0.33
C LEU A 710 20.50 -14.64 0.82
N VAL A 711 19.31 -14.22 0.40
CA VAL A 711 18.81 -12.88 0.69
C VAL A 711 17.55 -12.84 1.53
N GLY A 712 17.58 -12.04 2.59
CA GLY A 712 16.44 -11.91 3.47
C GLY A 712 16.65 -10.94 4.61
N LYS A 713 15.57 -10.47 5.22
CA LYS A 713 15.65 -9.47 6.30
C LYS A 713 16.38 -10.05 7.51
N ALA A 714 16.89 -9.17 8.36
CA ALA A 714 17.59 -9.61 9.56
C ALA A 714 16.70 -10.50 10.41
N GLY A 715 17.20 -11.68 10.73
CA GLY A 715 16.45 -12.67 11.49
C GLY A 715 15.66 -13.62 10.61
N CYS A 716 15.96 -13.65 9.32
CA CYS A 716 15.24 -14.51 8.40
C CYS A 716 15.48 -16.00 8.67
N GLY A 717 16.66 -16.32 9.19
CA GLY A 717 17.05 -17.71 9.33
C GLY A 717 17.87 -18.18 8.15
N LYS A 718 18.57 -17.25 7.49
CA LYS A 718 19.42 -17.60 6.36
C LYS A 718 20.58 -18.47 6.83
N THR A 719 21.21 -18.05 7.92
CA THR A 719 22.32 -18.79 8.49
C THR A 719 21.90 -20.18 8.96
N ALA A 720 20.81 -20.23 9.72
CA ALA A 720 20.26 -21.49 10.21
C ALA A 720 20.09 -22.48 9.08
N THR A 721 19.56 -22.00 7.97
CA THR A 721 19.36 -22.84 6.80
C THR A 721 20.67 -23.46 6.30
N TRP A 722 21.63 -22.66 5.80
CA TRP A 722 22.82 -23.27 5.18
C TRP A 722 23.63 -24.08 6.20
N LYS A 723 23.66 -23.63 7.44
CA LYS A 723 24.39 -24.34 8.48
C LYS A 723 23.78 -25.73 8.69
N THR A 724 22.46 -25.79 8.75
CA THR A 724 21.75 -27.05 8.93
C THR A 724 21.91 -27.98 7.74
N VAL A 725 21.80 -27.43 6.52
CA VAL A 725 21.91 -28.24 5.33
C VAL A 725 23.34 -28.73 5.15
N ILE A 726 24.31 -27.91 5.54
CA ILE A 726 25.70 -28.34 5.57
C ILE A 726 25.86 -29.52 6.50
N ASP A 727 25.40 -29.33 7.73
CA ASP A 727 25.53 -30.33 8.79
C ASP A 727 24.89 -31.67 8.39
N ALA A 728 23.73 -31.61 7.75
CA ALA A 728 22.98 -32.81 7.37
C ALA A 728 23.61 -33.56 6.19
N MET A 729 24.31 -32.84 5.33
CA MET A 729 25.02 -33.47 4.23
C MET A 729 26.21 -34.26 4.76
N ALA A 730 26.90 -33.68 5.75
CA ALA A 730 28.03 -34.34 6.39
C ALA A 730 27.59 -35.68 6.98
N ILE A 731 26.45 -35.67 7.66
CA ILE A 731 25.78 -36.87 8.12
C ILE A 731 25.59 -37.79 6.92
N PHE A 732 24.80 -37.31 5.97
CA PHE A 732 24.38 -38.09 4.80
C PHE A 732 25.50 -38.52 3.86
N ASP A 733 26.24 -37.56 3.31
CA ASP A 733 27.26 -37.86 2.29
C ASP A 733 28.53 -38.42 2.87
N GLY A 734 28.82 -38.07 4.13
CA GLY A 734 30.06 -38.48 4.75
C GLY A 734 31.20 -37.53 4.39
N HIS A 735 30.97 -36.63 3.43
CA HIS A 735 31.98 -35.63 3.10
C HIS A 735 31.98 -34.61 4.23
N ALA A 736 33.12 -34.47 4.90
CA ALA A 736 33.26 -33.53 6.01
C ALA A 736 33.30 -32.09 5.49
N ASN A 737 32.87 -31.16 6.32
CA ASN A 737 32.75 -29.76 5.89
C ASN A 737 33.67 -28.78 6.62
N VAL A 738 34.46 -28.04 5.85
CA VAL A 738 35.28 -26.96 6.39
C VAL A 738 34.62 -25.64 6.06
N VAL A 739 34.21 -24.90 7.08
CA VAL A 739 33.46 -23.65 6.91
C VAL A 739 34.25 -22.46 7.43
N TYR A 740 34.51 -21.50 6.53
CA TYR A 740 35.13 -20.24 6.92
C TYR A 740 34.08 -19.13 6.79
N VAL A 741 33.77 -18.43 7.89
CA VAL A 741 32.82 -17.31 7.84
C VAL A 741 33.55 -15.99 7.95
N ILE A 742 33.60 -15.28 6.83
CA ILE A 742 34.25 -13.98 6.76
C ILE A 742 33.17 -12.92 6.73
N ASP A 743 33.24 -11.94 7.64
CA ASP A 743 32.33 -10.80 7.54
C ASP A 743 33.06 -9.85 6.63
N THR A 744 32.54 -9.73 5.40
CA THR A 744 33.30 -9.20 4.27
C THR A 744 33.81 -7.79 4.44
N LYS A 745 32.89 -6.87 4.68
CA LYS A 745 33.20 -5.46 4.55
C LYS A 745 33.88 -4.95 5.82
N VAL A 746 34.13 -5.85 6.77
CA VAL A 746 35.02 -5.55 7.87
C VAL A 746 36.45 -5.40 7.36
N LEU A 747 36.83 -6.24 6.41
CA LEU A 747 38.14 -6.20 5.80
C LEU A 747 38.14 -5.36 4.51
N THR A 748 39.21 -4.61 4.29
CA THR A 748 39.47 -3.95 3.01
C THR A 748 39.84 -5.00 1.98
N LYS A 749 39.77 -4.65 0.69
CA LYS A 749 40.22 -5.58 -0.34
C LYS A 749 41.65 -6.03 -0.07
N GLU A 750 42.48 -5.09 0.39
CA GLU A 750 43.86 -5.39 0.70
C GLU A 750 43.92 -6.48 1.77
N SER A 751 43.19 -6.28 2.86
CA SER A 751 43.16 -7.25 3.95
C SER A 751 42.57 -8.60 3.53
N LEU A 752 41.53 -8.58 2.72
CA LEU A 752 40.85 -9.81 2.32
C LEU A 752 41.62 -10.61 1.29
N TYR A 753 41.78 -10.04 0.10
CA TYR A 753 42.42 -10.71 -1.03
C TYR A 753 43.96 -10.67 -1.02
N GLY A 754 44.54 -9.63 -0.43
CA GLY A 754 45.99 -9.50 -0.37
C GLY A 754 46.52 -8.28 -1.08
N SER A 755 47.84 -8.08 -1.03
CA SER A 755 48.44 -6.85 -1.53
C SER A 755 49.94 -6.95 -1.77
N MET A 756 50.50 -5.92 -2.41
CA MET A 756 51.94 -5.88 -2.72
C MET A 756 52.63 -4.66 -2.12
N LEU A 757 53.83 -4.89 -1.61
CA LEU A 757 54.66 -3.84 -1.06
C LEU A 757 55.06 -2.90 -2.19
N LYS A 758 55.10 -1.60 -1.89
CA LYS A 758 55.37 -0.57 -2.89
C LYS A 758 56.63 -0.83 -3.71
N ALA A 759 57.78 -0.84 -3.03
CA ALA A 759 59.09 -0.89 -3.66
C ALA A 759 59.58 -2.29 -4.03
N THR A 760 59.70 -3.15 -3.01
CA THR A 760 60.31 -4.47 -3.16
C THR A 760 59.45 -5.45 -3.96
N LEU A 761 58.23 -5.02 -4.32
CA LEU A 761 57.36 -5.84 -5.16
C LEU A 761 57.18 -7.23 -4.57
N GLU A 762 57.08 -7.31 -3.25
CA GLU A 762 56.81 -8.59 -2.59
C GLU A 762 55.32 -8.77 -2.32
N TRP A 763 54.84 -9.98 -2.59
CA TRP A 763 53.45 -10.33 -2.38
C TRP A 763 53.18 -10.78 -0.94
N ARG A 764 51.99 -10.44 -0.44
CA ARG A 764 51.51 -10.93 0.85
C ARG A 764 50.05 -11.40 0.78
N ASP A 765 49.79 -12.65 1.15
CA ASP A 765 48.42 -13.18 1.07
C ASP A 765 47.46 -12.46 2.01
N GLY A 766 46.24 -12.26 1.53
CA GLY A 766 45.16 -11.75 2.36
C GLY A 766 44.44 -12.90 3.03
N LEU A 767 43.27 -12.63 3.62
CA LEU A 767 42.51 -13.67 4.31
C LEU A 767 41.94 -14.72 3.37
N PHE A 768 41.24 -14.29 2.32
CA PHE A 768 40.64 -15.22 1.39
C PHE A 768 41.70 -16.10 0.74
N THR A 769 42.74 -15.46 0.20
CA THR A 769 43.77 -16.18 -0.52
C THR A 769 44.54 -17.16 0.36
N SER A 770 44.73 -16.82 1.62
CA SER A 770 45.51 -17.68 2.50
C SER A 770 44.70 -18.93 2.80
N ILE A 771 43.41 -18.77 3.10
CA ILE A 771 42.57 -19.93 3.38
C ILE A 771 42.28 -20.72 2.11
N LEU A 772 42.52 -20.11 0.94
CA LEU A 772 42.44 -20.86 -0.30
C LEU A 772 43.71 -21.67 -0.50
N ARG A 773 44.84 -21.06 -0.19
CA ARG A 773 46.12 -21.74 -0.32
C ARG A 773 46.16 -22.98 0.58
N ARG A 774 45.64 -22.89 1.81
CA ARG A 774 45.62 -24.05 2.70
C ARG A 774 44.97 -25.22 1.97
N VAL A 775 43.96 -24.92 1.15
CA VAL A 775 43.22 -25.95 0.43
C VAL A 775 44.01 -26.55 -0.73
N ASN A 776 44.75 -25.72 -1.45
CA ASN A 776 45.35 -26.16 -2.71
C ASN A 776 46.80 -26.54 -2.53
N ASP A 777 47.65 -25.52 -2.45
CA ASP A 777 49.10 -25.67 -2.62
C ASP A 777 49.67 -26.75 -1.71
N ASP A 778 49.42 -26.62 -0.42
CA ASP A 778 49.88 -27.61 0.56
C ASP A 778 48.72 -28.08 1.44
N ILE A 779 48.37 -29.35 1.28
CA ILE A 779 47.41 -30.00 2.16
C ILE A 779 48.12 -31.00 3.06
N THR A 780 48.20 -30.68 4.35
CA THR A 780 48.79 -31.60 5.32
C THR A 780 47.80 -32.71 5.53
N GLY A 781 46.54 -32.31 5.74
CA GLY A 781 45.47 -33.25 5.88
C GLY A 781 44.89 -33.58 4.52
N THR A 782 43.62 -33.90 4.50
CA THR A 782 42.89 -34.16 3.27
C THR A 782 41.71 -33.19 3.12
N PHE A 783 41.81 -32.32 2.12
CA PHE A 783 40.67 -31.51 1.73
C PHE A 783 39.94 -32.19 0.56
N LYS A 784 40.48 -33.32 0.11
CA LYS A 784 39.96 -34.02 -1.07
C LYS A 784 38.54 -34.52 -0.84
N ASN A 785 38.34 -35.17 0.30
CA ASN A 785 37.10 -35.88 0.56
C ASN A 785 36.07 -34.97 1.23
N SER A 786 36.41 -33.69 1.37
CA SER A 786 35.57 -32.75 2.10
C SER A 786 35.14 -31.56 1.24
N ARG A 787 34.09 -30.88 1.69
CA ARG A 787 33.55 -29.70 1.03
C ARG A 787 33.93 -28.45 1.82
N ILE A 788 34.44 -27.43 1.13
CA ILE A 788 34.80 -26.19 1.80
C ILE A 788 33.75 -25.13 1.51
N TRP A 789 33.41 -24.32 2.51
CA TRP A 789 32.46 -23.24 2.32
C TRP A 789 32.99 -21.92 2.88
N VAL A 790 33.26 -20.98 1.99
CA VAL A 790 33.64 -19.63 2.39
C VAL A 790 32.37 -18.81 2.37
N VAL A 791 31.96 -18.33 3.54
CA VAL A 791 30.70 -17.62 3.67
C VAL A 791 30.96 -16.14 3.89
N PHE A 792 30.35 -15.30 3.05
CA PHE A 792 30.50 -13.86 3.18
C PHE A 792 29.24 -13.31 3.82
N ASP A 793 29.37 -12.95 5.09
CA ASP A 793 28.22 -12.62 5.93
C ASP A 793 27.67 -11.21 5.67
N SER A 794 28.52 -10.33 5.13
CA SER A 794 28.16 -8.93 5.06
C SER A 794 27.50 -8.52 3.76
N ASP A 795 27.12 -7.25 3.70
CA ASP A 795 26.61 -6.64 2.49
C ASP A 795 27.65 -6.79 1.39
N LEU A 796 27.21 -7.16 0.20
CA LEU A 796 28.13 -7.37 -0.91
C LEU A 796 28.04 -6.20 -1.89
N ASP A 797 29.21 -5.63 -2.20
CA ASP A 797 29.28 -4.48 -3.08
C ASP A 797 30.04 -4.89 -4.35
N PRO A 798 29.81 -4.17 -5.47
CA PRO A 798 30.41 -4.47 -6.77
C PRO A 798 31.93 -4.72 -6.72
N GLU A 799 32.61 -3.98 -5.86
CA GLU A 799 34.07 -3.95 -5.82
C GLU A 799 34.69 -5.30 -5.44
N TYR A 800 34.21 -5.89 -4.35
CA TYR A 800 34.77 -7.15 -3.85
C TYR A 800 34.48 -8.31 -4.78
N VAL A 801 33.30 -8.33 -5.38
CA VAL A 801 32.99 -9.39 -6.33
C VAL A 801 33.75 -9.14 -7.65
N GLU A 802 34.01 -7.87 -7.96
CA GLU A 802 34.82 -7.54 -9.14
C GLU A 802 36.20 -8.16 -9.02
N ALA A 803 36.67 -8.30 -7.79
CA ALA A 803 37.98 -8.92 -7.53
C ALA A 803 37.90 -10.42 -7.76
N MET A 804 36.88 -11.05 -7.20
CA MET A 804 36.71 -12.49 -7.28
C MET A 804 35.76 -12.92 -8.40
N ASN A 805 35.33 -12.00 -9.26
CA ASN A 805 34.42 -12.40 -10.33
C ASN A 805 35.07 -13.48 -11.21
N SER A 806 36.41 -13.52 -11.19
CA SER A 806 37.16 -14.57 -11.89
C SER A 806 36.92 -15.95 -11.25
N VAL A 807 36.52 -15.94 -9.97
CA VAL A 807 36.17 -17.16 -9.24
C VAL A 807 34.81 -17.66 -9.67
N LEU A 808 33.89 -16.70 -9.70
CA LEU A 808 32.49 -16.92 -10.04
C LEU A 808 32.37 -17.32 -11.51
N ASP A 809 33.44 -17.02 -12.24
CA ASP A 809 33.53 -17.24 -13.68
C ASP A 809 33.59 -18.72 -14.05
N ASP A 810 33.55 -19.00 -15.35
CA ASP A 810 33.75 -20.36 -15.84
C ASP A 810 35.23 -20.72 -15.82
N ASN A 811 36.07 -19.72 -15.59
CA ASN A 811 37.51 -19.94 -15.48
C ASN A 811 37.90 -20.64 -14.19
N LYS A 812 37.06 -20.51 -13.17
CA LYS A 812 37.28 -21.16 -11.88
C LYS A 812 38.72 -20.98 -11.39
N ILE A 813 39.19 -19.73 -11.45
CA ILE A 813 40.54 -19.39 -11.00
C ILE A 813 40.52 -18.02 -10.32
N LEU A 814 41.19 -17.92 -9.18
CA LEU A 814 41.32 -16.66 -8.43
C LEU A 814 42.49 -15.81 -8.88
N THR A 815 42.22 -14.59 -9.35
CA THR A 815 43.26 -13.73 -9.91
C THR A 815 43.84 -12.69 -8.94
N LEU A 816 45.11 -12.90 -8.56
CA LEU A 816 45.86 -11.94 -7.75
C LEU A 816 46.69 -10.98 -8.61
N PRO A 817 46.93 -9.75 -8.12
CA PRO A 817 47.67 -8.71 -8.86
C PRO A 817 49.09 -9.11 -9.32
N ASN A 818 49.72 -10.08 -8.68
CA ASN A 818 51.05 -10.51 -9.07
C ASN A 818 50.95 -11.57 -10.17
N GLY A 819 49.74 -12.01 -10.44
CA GLY A 819 49.48 -12.91 -11.55
C GLY A 819 49.71 -14.34 -11.09
N GLU A 820 49.40 -14.61 -9.83
CA GLU A 820 49.60 -15.93 -9.26
C GLU A 820 48.53 -16.93 -9.74
N ARG A 821 47.37 -16.43 -10.18
CA ARG A 821 46.36 -17.26 -10.85
C ARG A 821 46.11 -18.58 -10.14
N LEU A 822 45.51 -18.53 -8.95
CA LEU A 822 45.20 -19.75 -8.19
C LEU A 822 44.01 -20.53 -8.74
N PRO A 823 44.21 -21.78 -9.20
CA PRO A 823 42.99 -22.51 -9.55
C PRO A 823 42.11 -22.87 -8.36
N ILE A 824 40.84 -23.12 -8.68
CA ILE A 824 39.82 -23.42 -7.68
C ILE A 824 39.21 -24.81 -7.84
N PRO A 825 39.37 -25.67 -6.82
CA PRO A 825 38.81 -27.02 -6.91
C PRO A 825 37.28 -26.97 -6.83
N PRO A 826 36.60 -28.05 -7.25
CA PRO A 826 35.15 -28.17 -7.08
C PRO A 826 34.68 -28.36 -5.63
N ASN A 827 35.60 -28.72 -4.73
CA ASN A 827 35.30 -28.86 -3.31
C ASN A 827 34.99 -27.51 -2.68
N PHE A 828 35.36 -26.47 -3.40
CA PHE A 828 35.32 -25.10 -2.94
C PHE A 828 33.99 -24.45 -3.31
N ARG A 829 33.19 -24.15 -2.30
CA ARG A 829 31.88 -23.54 -2.52
C ARG A 829 31.83 -22.20 -1.78
N ILE A 830 31.12 -21.25 -2.37
CA ILE A 830 31.09 -19.88 -1.86
C ILE A 830 29.68 -19.44 -1.53
N LEU A 831 29.50 -18.90 -0.33
CA LEU A 831 28.21 -18.37 0.11
C LEU A 831 28.25 -16.87 0.33
N PHE A 832 27.19 -16.20 -0.11
CA PHE A 832 26.92 -14.83 0.27
C PHE A 832 25.60 -14.78 1.02
N GLU A 833 25.64 -14.48 2.32
CA GLU A 833 24.41 -14.25 3.07
C GLU A 833 24.33 -12.75 3.34
N THR A 834 23.22 -12.13 2.92
CA THR A 834 23.06 -10.67 3.00
C THR A 834 21.58 -10.31 3.00
N ASP A 835 21.23 -9.12 3.50
CA ASP A 835 19.82 -8.71 3.55
C ASP A 835 19.28 -8.05 2.28
N ASN A 836 20.13 -7.35 1.53
CA ASN A 836 19.69 -6.59 0.36
C ASN A 836 20.53 -6.92 -0.87
N LEU A 837 19.89 -6.98 -2.03
CA LEU A 837 20.61 -7.13 -3.30
C LEU A 837 20.79 -5.85 -4.10
N ASP A 838 20.22 -4.73 -3.65
CA ASP A 838 20.10 -3.56 -4.51
C ASP A 838 21.41 -3.11 -5.16
N HIS A 839 22.52 -3.22 -4.44
CA HIS A 839 23.80 -2.70 -4.92
C HIS A 839 24.66 -3.71 -5.69
N THR A 840 24.29 -4.98 -5.71
CA THR A 840 25.11 -5.96 -6.41
C THR A 840 24.93 -5.89 -7.91
N THR A 841 25.93 -6.42 -8.61
CA THR A 841 25.96 -6.44 -10.05
C THR A 841 24.93 -7.46 -10.57
N PRO A 842 24.26 -7.16 -11.69
CA PRO A 842 23.39 -8.17 -12.31
C PRO A 842 24.17 -9.42 -12.75
N ALA A 843 25.40 -9.18 -13.18
CA ALA A 843 26.36 -10.23 -13.53
C ALA A 843 26.69 -11.16 -12.36
N THR A 844 26.86 -10.61 -11.17
CA THR A 844 27.14 -11.44 -9.99
C THR A 844 25.99 -12.40 -9.75
N ILE A 845 24.77 -11.95 -10.03
CA ILE A 845 23.59 -12.77 -9.80
C ILE A 845 23.48 -13.86 -10.87
N THR A 846 23.74 -13.50 -12.12
CA THR A 846 23.65 -14.46 -13.20
C THR A 846 24.75 -15.51 -13.08
N ARG A 847 25.85 -15.14 -12.43
CA ARG A 847 26.92 -16.10 -12.17
C ARG A 847 26.61 -17.03 -11.00
N CYS A 848 25.92 -16.54 -9.98
CA CYS A 848 25.55 -17.38 -8.84
C CYS A 848 24.14 -17.94 -8.96
N GLY A 849 23.80 -18.82 -8.02
CA GLY A 849 22.43 -19.20 -7.76
C GLY A 849 21.90 -18.29 -6.68
N LEU A 850 20.59 -18.02 -6.72
CA LEU A 850 19.99 -17.10 -5.75
C LEU A 850 18.88 -17.77 -4.97
N LEU A 851 19.02 -17.74 -3.64
CA LEU A 851 17.98 -18.21 -2.73
C LEU A 851 17.40 -17.04 -1.96
N TRP A 852 16.16 -16.68 -2.28
CA TRP A 852 15.51 -15.53 -1.67
C TRP A 852 14.67 -16.00 -0.50
N PHE A 853 14.75 -15.28 0.62
CA PHE A 853 13.93 -15.59 1.78
C PHE A 853 12.83 -14.54 1.90
N SER A 854 11.60 -14.93 1.59
CA SER A 854 10.49 -13.99 1.62
C SER A 854 10.08 -13.73 3.05
N THR A 855 9.87 -14.78 3.83
CA THR A 855 9.44 -14.62 5.22
C THR A 855 10.27 -15.46 6.16
N ASP A 856 10.09 -15.17 7.44
CA ASP A 856 10.76 -15.88 8.52
C ASP A 856 10.53 -17.37 8.36
N VAL A 857 11.59 -18.16 8.50
CA VAL A 857 11.51 -19.61 8.32
C VAL A 857 10.73 -20.29 9.43
N CYS A 858 10.35 -19.51 10.44
CA CYS A 858 10.03 -20.04 11.74
C CYS A 858 8.85 -19.30 12.38
N SER A 859 7.95 -20.04 13.04
CA SER A 859 6.84 -19.42 13.76
C SER A 859 7.37 -18.78 15.03
N ILE A 860 6.79 -17.66 15.42
CA ILE A 860 7.24 -16.93 16.61
C ILE A 860 7.39 -17.84 17.83
N SER A 861 6.39 -18.69 18.07
CA SER A 861 6.44 -19.63 19.19
C SER A 861 7.59 -20.63 19.02
N SER A 862 7.86 -21.03 17.79
CA SER A 862 8.95 -21.97 17.52
C SER A 862 10.30 -21.36 17.91
N LYS A 863 10.50 -20.08 17.58
CA LYS A 863 11.76 -19.41 17.90
C LYS A 863 11.89 -19.32 19.42
N ILE A 864 10.79 -18.95 20.08
CA ILE A 864 10.75 -18.90 21.52
C ILE A 864 11.16 -20.27 22.07
N ASP A 865 10.50 -21.32 21.60
CA ASP A 865 10.83 -22.68 22.02
C ASP A 865 12.30 -23.02 21.76
N HIS A 866 12.86 -22.57 20.64
CA HIS A 866 14.27 -22.84 20.35
C HIS A 866 15.20 -22.11 21.32
N LEU A 867 14.89 -20.85 21.60
CA LEU A 867 15.72 -20.01 22.47
C LEU A 867 15.81 -20.62 23.86
N LEU A 868 14.65 -21.06 24.35
CA LEU A 868 14.53 -21.70 25.64
C LEU A 868 15.40 -22.94 25.74
N ASN A 869 15.32 -23.79 24.72
CA ASN A 869 16.16 -24.98 24.64
C ASN A 869 17.62 -24.60 24.80
N LYS A 870 18.02 -23.55 24.08
CA LYS A 870 19.39 -23.07 24.09
C LYS A 870 19.77 -22.58 25.46
N SER A 871 18.85 -21.86 26.09
CA SER A 871 19.10 -21.31 27.40
C SER A 871 19.16 -22.45 28.43
N TYR A 872 18.32 -23.46 28.24
CA TYR A 872 18.35 -24.63 29.13
C TYR A 872 19.66 -25.40 28.99
N GLU A 873 20.08 -25.66 27.76
CA GLU A 873 21.32 -26.39 27.52
C GLU A 873 22.54 -25.58 27.98
N ALA A 874 22.42 -24.27 27.98
CA ALA A 874 23.48 -23.41 28.52
C ALA A 874 23.62 -23.64 30.02
N LEU A 875 22.49 -23.90 30.68
CA LEU A 875 22.46 -24.23 32.10
C LEU A 875 22.88 -25.68 32.39
N ASP A 876 22.60 -26.57 31.44
CA ASP A 876 22.80 -28.01 31.61
C ASP A 876 24.26 -28.37 31.86
N ASN A 877 25.16 -27.51 31.39
CA ASN A 877 26.58 -27.71 31.56
C ASN A 877 27.03 -27.40 32.99
N LYS A 878 26.61 -26.24 33.51
CA LYS A 878 27.05 -25.79 34.83
C LYS A 878 26.07 -26.07 35.98
N LEU A 879 24.95 -26.74 35.72
CA LEU A 879 23.95 -26.98 36.77
C LEU A 879 23.45 -28.44 36.81
N SER A 880 22.90 -28.85 37.94
CA SER A 880 22.40 -30.22 38.13
C SER A 880 21.08 -30.47 37.39
N MET A 881 20.76 -31.74 37.17
CA MET A 881 19.56 -32.14 36.42
C MET A 881 18.32 -31.98 37.29
N PHE A 882 18.48 -32.02 38.61
CA PHE A 882 17.37 -31.89 39.53
C PHE A 882 16.68 -30.54 39.41
N GLU A 883 17.48 -29.48 39.43
CA GLU A 883 16.98 -28.13 39.25
C GLU A 883 16.44 -27.91 37.84
N LEU A 884 17.21 -28.36 36.86
CA LEU A 884 16.92 -28.13 35.45
C LEU A 884 15.52 -28.64 35.06
N ASP A 885 15.18 -29.87 35.46
CA ASP A 885 13.87 -30.44 35.17
C ASP A 885 12.74 -29.59 35.76
N LYS A 886 12.83 -29.33 37.05
CA LYS A 886 11.82 -28.55 37.77
C LYS A 886 11.65 -27.16 37.16
N LEU A 887 12.76 -26.47 36.91
CA LEU A 887 12.71 -25.10 36.37
C LEU A 887 12.20 -25.02 34.93
N LYS A 888 12.70 -25.88 34.05
CA LYS A 888 12.33 -25.78 32.64
C LYS A 888 10.86 -26.14 32.47
N ASP A 889 10.34 -26.99 33.35
CA ASP A 889 8.92 -27.24 33.41
C ASP A 889 8.20 -25.97 33.83
N LEU A 890 8.75 -25.30 34.85
CA LEU A 890 8.16 -24.06 35.36
C LEU A 890 8.06 -23.00 34.26
N ILE A 891 9.17 -22.70 33.60
CA ILE A 891 9.20 -21.65 32.57
C ILE A 891 8.20 -21.95 31.45
N SER A 892 8.37 -23.10 30.82
CA SER A 892 7.56 -23.49 29.66
C SER A 892 6.06 -23.48 29.94
N ASP A 893 5.68 -23.95 31.12
CA ASP A 893 4.28 -24.07 31.48
C ASP A 893 3.81 -22.82 32.22
N SER A 894 4.72 -21.88 32.47
CA SER A 894 4.37 -20.60 33.08
C SER A 894 3.79 -19.64 32.05
N PHE A 895 4.21 -19.76 30.79
CA PHE A 895 3.64 -18.94 29.73
C PHE A 895 3.32 -19.75 28.48
N ASP A 896 2.18 -19.41 27.90
CA ASP A 896 1.62 -20.07 26.74
C ASP A 896 1.57 -19.10 25.57
N MET A 897 1.51 -19.62 24.35
CA MET A 897 1.54 -18.76 23.18
C MET A 897 0.25 -17.97 23.00
N ALA A 898 -0.83 -18.44 23.60
CA ALA A 898 -2.13 -17.77 23.47
C ALA A 898 -2.12 -16.39 24.13
N SER A 899 -1.54 -16.28 25.33
CA SER A 899 -1.37 -14.97 25.95
C SER A 899 -0.40 -14.12 25.15
N LEU A 900 0.77 -14.69 24.86
CA LEU A 900 1.86 -13.95 24.24
C LEU A 900 1.53 -13.36 22.87
N THR A 901 0.79 -14.09 22.04
CA THR A 901 0.53 -13.65 20.67
C THR A 901 -0.20 -12.31 20.63
N ASN A 902 -1.13 -12.10 21.54
CA ASN A 902 -1.82 -10.82 21.64
C ASN A 902 -0.89 -9.72 22.13
N ILE A 903 0.04 -10.07 23.00
CA ILE A 903 1.00 -9.10 23.51
C ILE A 903 1.94 -8.68 22.40
N PHE A 904 2.43 -9.66 21.65
CA PHE A 904 3.32 -9.37 20.54
C PHE A 904 2.57 -8.54 19.52
N THR A 905 1.27 -8.75 19.41
CA THR A 905 0.43 -7.98 18.49
C THR A 905 0.23 -6.53 18.95
N CYS A 906 0.07 -6.29 20.25
CA CYS A 906 -0.06 -4.91 20.74
C CYS A 906 1.28 -4.21 20.73
N SER A 907 2.37 -4.98 20.78
CA SER A 907 3.70 -4.42 20.65
C SER A 907 3.84 -3.83 19.26
N ASN A 908 3.25 -4.52 18.28
CA ASN A 908 3.30 -4.07 16.90
C ASN A 908 2.56 -2.75 16.71
N ASP A 909 1.58 -2.45 17.56
CA ASP A 909 0.96 -1.14 17.53
C ASP A 909 1.57 -0.33 18.65
N LEU A 910 2.55 0.50 18.31
CA LEU A 910 3.35 1.22 19.29
C LEU A 910 4.48 1.95 18.57
N VAL A 911 5.06 2.94 19.23
CA VAL A 911 6.12 3.76 18.62
C VAL A 911 7.48 3.34 19.17
N HIS A 912 8.30 2.73 18.31
CA HIS A 912 9.60 2.19 18.73
C HIS A 912 10.76 3.04 18.23
N ILE A 913 11.43 3.73 19.15
CA ILE A 913 12.58 4.54 18.77
C ILE A 913 13.70 3.56 18.51
N LEU A 914 14.25 3.61 17.30
CA LEU A 914 15.25 2.65 16.86
C LEU A 914 14.68 1.24 17.01
N GLY A 915 13.61 1.00 16.27
CA GLY A 915 12.80 -0.20 16.37
C GLY A 915 13.43 -1.41 15.73
N VAL A 916 13.23 -2.57 16.36
CA VAL A 916 13.66 -3.84 15.81
C VAL A 916 12.40 -4.68 15.69
N ARG A 917 12.20 -5.44 14.61
CA ARG A 917 10.92 -6.15 14.48
C ARG A 917 10.77 -7.22 15.57
N THR A 918 9.53 -7.63 15.82
CA THR A 918 9.20 -8.44 17.00
C THR A 918 9.98 -9.74 17.06
N PHE A 919 10.08 -10.39 15.92
CA PHE A 919 10.76 -11.67 15.80
C PHE A 919 12.16 -11.61 16.40
N ASN A 920 12.83 -10.48 16.21
CA ASN A 920 14.20 -10.30 16.68
C ASN A 920 14.32 -9.88 18.14
N LYS A 921 13.25 -9.34 18.70
CA LYS A 921 13.26 -8.95 20.10
C LYS A 921 13.22 -10.20 20.99
N LEU A 922 12.68 -11.28 20.44
CA LEU A 922 12.50 -12.54 21.17
C LEU A 922 13.74 -12.98 21.91
N GLU A 923 14.88 -12.80 21.26
CA GLU A 923 16.15 -13.28 21.79
C GLU A 923 16.42 -12.59 23.12
N THR A 924 16.17 -11.29 23.15
CA THR A 924 16.23 -10.54 24.40
C THR A 924 15.22 -11.08 25.41
N ALA A 925 14.01 -11.38 24.93
CA ALA A 925 12.92 -11.80 25.80
C ALA A 925 13.27 -13.07 26.58
N VAL A 926 13.51 -14.14 25.85
CA VAL A 926 13.78 -15.44 26.45
C VAL A 926 15.02 -15.43 27.33
N GLN A 927 16.13 -14.98 26.76
CA GLN A 927 17.40 -15.00 27.48
C GLN A 927 17.33 -14.16 28.75
N LEU A 928 16.62 -13.04 28.71
CA LEU A 928 16.47 -12.21 29.89
C LEU A 928 15.69 -13.00 30.92
N ALA A 929 14.51 -13.49 30.53
CA ALA A 929 13.63 -14.24 31.42
C ALA A 929 14.32 -15.41 32.09
N VAL A 930 14.87 -16.32 31.29
CA VAL A 930 15.58 -17.50 31.82
C VAL A 930 16.61 -17.13 32.87
N HIS A 931 17.60 -16.33 32.49
CA HIS A 931 18.67 -15.96 33.39
C HIS A 931 18.11 -15.34 34.67
N LEU A 932 17.10 -14.49 34.51
CA LEU A 932 16.48 -13.84 35.64
C LEU A 932 15.86 -14.85 36.60
N ILE A 933 15.06 -15.76 36.06
CA ILE A 933 14.46 -16.81 36.87
C ILE A 933 15.54 -17.66 37.53
N SER A 934 16.48 -18.13 36.72
CA SER A 934 17.53 -19.03 37.21
C SER A 934 18.49 -18.33 38.17
N SER A 935 18.52 -17.01 38.13
CA SER A 935 19.33 -16.26 39.08
C SER A 935 18.83 -16.55 40.48
N TYR A 936 17.51 -16.68 40.60
CA TYR A 936 16.81 -16.84 41.87
C TYR A 936 16.51 -18.30 42.21
N ARG A 937 17.04 -19.23 41.43
CA ARG A 937 16.76 -20.66 41.58
C ARG A 937 16.94 -21.18 43.01
N GLN A 938 17.91 -20.63 43.74
CA GLN A 938 18.27 -21.13 45.07
C GLN A 938 17.20 -20.92 46.12
N TRP A 939 16.27 -20.01 45.86
CA TRP A 939 15.23 -19.69 46.82
C TRP A 939 13.95 -20.48 46.55
N PHE A 940 13.98 -21.33 45.53
CA PHE A 940 12.79 -22.09 45.12
C PHE A 940 12.64 -23.40 45.90
N GLN A 941 13.65 -23.79 46.64
CA GLN A 941 13.58 -25.03 47.41
C GLN A 941 12.55 -24.93 48.53
N ASN A 942 12.63 -23.83 49.29
CA ASN A 942 11.77 -23.62 50.45
C ASN A 942 10.52 -22.79 50.13
N LEU A 943 10.35 -22.43 48.85
CA LEU A 943 9.28 -21.52 48.45
C LEU A 943 7.95 -22.25 48.28
N ASP A 944 6.87 -21.57 48.63
CA ASP A 944 5.52 -22.11 48.48
C ASP A 944 5.19 -22.27 47.00
N ASP A 945 4.27 -23.18 46.67
CA ASP A 945 4.01 -23.54 45.28
C ASP A 945 3.27 -22.47 44.47
N LYS A 946 2.38 -21.72 45.12
CA LYS A 946 1.68 -20.63 44.45
C LYS A 946 2.63 -19.47 44.17
N SER A 947 3.39 -19.12 45.20
CA SER A 947 4.24 -17.95 45.19
C SER A 947 5.24 -17.91 44.03
N LEU A 948 5.79 -19.05 43.65
CA LEU A 948 6.76 -19.07 42.56
C LEU A 948 6.11 -18.69 41.24
N LYS A 949 4.98 -19.33 40.91
CA LYS A 949 4.32 -19.09 39.63
C LYS A 949 4.10 -17.59 39.49
N ASP A 950 3.75 -16.97 40.60
CA ASP A 950 3.62 -15.52 40.68
C ASP A 950 4.96 -14.84 40.44
N VAL A 951 6.03 -15.41 40.99
CA VAL A 951 7.39 -14.88 40.80
C VAL A 951 7.86 -15.07 39.37
N ILE A 952 7.79 -16.30 38.89
CA ILE A 952 8.14 -16.59 37.50
C ILE A 952 7.41 -15.61 36.61
N THR A 953 6.11 -15.51 36.83
CA THR A 953 5.28 -14.62 36.04
C THR A 953 5.74 -13.17 36.14
N LEU A 954 6.20 -12.75 37.31
CA LEU A 954 6.67 -11.38 37.47
C LEU A 954 7.97 -11.18 36.70
N LEU A 955 8.91 -12.11 36.85
CA LEU A 955 10.19 -12.01 36.17
C LEU A 955 10.03 -12.03 34.66
N ILE A 956 9.06 -12.82 34.19
CA ILE A 956 8.77 -12.91 32.78
C ILE A 956 8.06 -11.67 32.24
N LYS A 957 7.06 -11.18 32.98
CA LYS A 957 6.35 -9.98 32.58
C LYS A 957 7.33 -8.83 32.41
N ARG A 958 8.26 -8.71 33.37
CA ARG A 958 9.27 -7.66 33.34
C ARG A 958 10.16 -7.78 32.12
N SER A 959 10.67 -8.99 31.88
CA SER A 959 11.56 -9.21 30.75
C SER A 959 10.82 -9.09 29.42
N LEU A 960 9.52 -9.42 29.43
CA LEU A 960 8.71 -9.30 28.23
C LEU A 960 8.40 -7.83 27.93
N LEU A 961 8.24 -7.04 28.99
CA LEU A 961 8.07 -5.59 28.86
C LEU A 961 9.28 -4.94 28.21
N TYR A 962 10.46 -5.18 28.78
CA TYR A 962 11.68 -4.55 28.29
C TYR A 962 12.03 -4.98 26.88
N ALA A 963 11.92 -6.28 26.64
CA ALA A 963 12.31 -6.84 25.35
C ALA A 963 11.44 -6.30 24.21
N LEU A 964 10.20 -5.97 24.52
CA LEU A 964 9.25 -5.46 23.51
C LEU A 964 9.20 -3.95 23.48
N ALA A 965 8.74 -3.36 24.60
CA ALA A 965 8.53 -1.93 24.70
C ALA A 965 9.68 -1.17 25.37
N GLY A 966 10.77 -1.86 25.72
CA GLY A 966 11.87 -1.21 26.41
C GLY A 966 12.42 -0.03 25.64
N ASP A 967 12.14 0.00 24.34
CA ASP A 967 12.57 1.07 23.46
C ASP A 967 11.50 2.15 23.28
N SER A 968 10.40 2.04 24.01
CA SER A 968 9.31 3.01 23.90
C SER A 968 9.43 4.18 24.90
N THR A 969 8.50 5.12 24.80
CA THR A 969 8.64 6.47 25.38
C THR A 969 8.63 6.58 26.91
N GLY A 970 8.32 5.50 27.61
CA GLY A 970 8.23 5.51 29.07
C GLY A 970 6.83 5.86 29.53
N GLU A 971 6.10 6.59 28.69
CA GLU A 971 4.66 6.72 28.83
C GLU A 971 4.04 5.48 28.21
N SER A 972 4.57 5.10 27.05
CA SER A 972 4.14 3.91 26.32
C SER A 972 4.50 2.64 27.07
N GLN A 973 5.60 2.69 27.82
CA GLN A 973 6.00 1.56 28.64
C GLN A 973 4.88 1.24 29.63
N ARG A 974 4.35 2.29 30.25
CA ARG A 974 3.32 2.16 31.26
C ARG A 974 2.03 1.62 30.66
N ALA A 975 1.68 2.11 29.46
CA ALA A 975 0.50 1.64 28.76
C ALA A 975 0.65 0.18 28.39
N PHE A 976 1.87 -0.22 28.04
CA PHE A 976 2.14 -1.60 27.66
C PHE A 976 2.19 -2.54 28.87
N ILE A 977 2.52 -2.01 30.03
CA ILE A 977 2.45 -2.79 31.26
C ILE A 977 1.00 -3.20 31.45
N GLN A 978 0.10 -2.24 31.34
CA GLN A 978 -1.33 -2.50 31.46
C GLN A 978 -1.74 -3.54 30.41
N THR A 979 -1.09 -3.48 29.24
CA THR A 979 -1.41 -4.41 28.15
C THR A 979 -0.91 -5.81 28.45
N ILE A 980 0.13 -5.90 29.26
CA ILE A 980 0.67 -7.19 29.69
C ILE A 980 -0.15 -7.79 30.83
N ASN A 981 -0.52 -6.98 31.82
CA ASN A 981 -1.33 -7.47 32.92
C ASN A 981 -2.66 -7.98 32.42
N THR A 982 -3.26 -7.23 31.49
CA THR A 982 -4.58 -7.54 30.97
C THR A 982 -4.61 -8.78 30.08
N TYR A 983 -3.58 -8.97 29.26
CA TYR A 983 -3.53 -10.16 28.38
C TYR A 983 -2.93 -11.43 28.99
N PHE A 984 -2.24 -11.34 30.12
CA PHE A 984 -1.89 -12.54 30.88
C PHE A 984 -3.06 -12.77 31.82
N GLY A 985 -2.88 -13.63 32.83
CA GLY A 985 -3.93 -13.85 33.80
C GLY A 985 -4.22 -12.62 34.64
N HIS A 986 -5.50 -12.45 34.97
CA HIS A 986 -5.95 -11.39 35.86
C HIS A 986 -5.52 -11.64 37.30
N ASP A 987 -5.54 -12.91 37.71
CA ASP A 987 -5.08 -13.28 39.05
C ASP A 987 -3.56 -13.17 39.15
N SER A 988 -2.89 -13.35 38.01
CA SER A 988 -1.43 -13.39 38.00
C SER A 988 -0.87 -12.06 38.47
N GLN A 989 0.30 -12.11 39.07
CA GLN A 989 0.86 -10.92 39.68
C GLN A 989 0.96 -9.82 38.66
N GLU A 990 0.34 -8.69 38.99
CA GLU A 990 0.32 -7.59 38.06
C GLU A 990 1.66 -6.90 38.11
N LEU A 991 2.09 -6.49 36.92
CA LEU A 991 3.30 -5.71 36.78
C LEU A 991 2.99 -4.23 36.97
N SER A 992 3.89 -3.50 37.61
CA SER A 992 3.75 -2.06 37.78
C SER A 992 5.01 -1.40 37.25
N ASP A 993 4.97 -0.09 37.06
CA ASP A 993 6.14 0.64 36.57
C ASP A 993 7.36 0.28 37.40
N TYR A 994 7.20 0.39 38.71
CA TYR A 994 8.29 0.22 39.65
C TYR A 994 8.35 -1.15 40.35
N SER A 995 7.44 -2.05 40.00
CA SER A 995 7.35 -3.38 40.62
C SER A 995 8.67 -4.17 40.66
N THR A 996 9.04 -4.68 41.83
CA THR A 996 10.30 -5.42 41.98
C THR A 996 10.24 -6.53 43.04
N ILE A 997 11.04 -7.57 42.83
CA ILE A 997 11.26 -8.62 43.82
C ILE A 997 12.41 -8.29 44.73
N VAL A 998 12.20 -8.49 46.03
CA VAL A 998 13.19 -8.19 47.04
C VAL A 998 13.33 -9.38 47.99
N ILE A 999 14.55 -9.61 48.45
CA ILE A 999 14.85 -10.70 49.38
C ILE A 999 15.70 -10.13 50.52
N ALA A 1000 15.50 -10.65 51.73
CA ALA A 1000 16.10 -10.05 52.94
C ALA A 1000 17.63 -10.19 52.96
N ASN A 1001 18.28 -9.23 53.62
CA ASN A 1001 19.74 -9.15 53.64
C ASN A 1001 20.40 -10.33 54.34
N ASP A 1002 20.08 -10.52 55.61
CA ASP A 1002 20.74 -11.52 56.44
C ASP A 1002 20.02 -12.86 56.45
N LYS A 1003 18.81 -12.90 55.89
CA LYS A 1003 18.02 -14.13 55.87
C LYS A 1003 17.29 -14.33 54.56
N LEU A 1004 16.87 -15.56 54.32
CA LEU A 1004 16.12 -15.91 53.11
C LEU A 1004 14.66 -15.50 53.26
N SER A 1005 14.14 -14.79 52.27
CA SER A 1005 12.73 -14.40 52.27
C SER A 1005 12.18 -14.20 50.86
N PHE A 1006 10.88 -13.94 50.77
CA PHE A 1006 10.25 -13.58 49.49
C PHE A 1006 9.20 -12.49 49.69
N SER A 1007 9.39 -11.36 49.01
CA SER A 1007 8.39 -10.29 48.98
C SER A 1007 8.59 -9.44 47.74
N SER A 1008 7.57 -8.68 47.37
CA SER A 1008 7.67 -7.71 46.29
C SER A 1008 7.47 -6.29 46.81
N PHE A 1009 8.56 -5.52 46.85
CA PHE A 1009 8.56 -4.11 47.27
C PHE A 1009 9.33 -3.31 46.22
N CYS A 1010 9.18 -1.99 46.26
CA CYS A 1010 9.74 -1.16 45.19
C CYS A 1010 10.00 0.30 45.58
N SER A 1011 10.82 0.96 44.76
CA SER A 1011 11.18 2.37 44.91
C SER A 1011 11.76 2.70 46.29
N GLU A 1012 12.73 1.90 46.73
CA GLU A 1012 13.54 2.23 47.90
C GLU A 1012 14.91 2.70 47.43
N ILE A 1013 15.28 3.91 47.85
CA ILE A 1013 16.41 4.62 47.26
C ILE A 1013 17.45 5.02 48.32
N PRO A 1014 18.74 5.03 47.94
CA PRO A 1014 19.76 5.55 48.86
C PRO A 1014 19.76 7.08 48.94
N SER A 1015 19.98 7.59 50.15
CA SER A 1015 20.07 9.03 50.38
C SER A 1015 21.51 9.48 50.15
N VAL A 1016 21.68 10.52 49.34
CA VAL A 1016 23.00 11.06 49.05
C VAL A 1016 23.10 12.46 49.65
N SER A 1017 24.23 12.74 50.29
CA SER A 1017 24.59 14.09 50.70
C SER A 1017 26.03 14.31 50.30
N LEU A 1018 26.27 15.25 49.39
CA LEU A 1018 27.62 15.52 48.91
C LEU A 1018 27.91 16.98 49.19
N GLU A 1019 29.16 17.26 49.52
CA GLU A 1019 29.56 18.60 49.94
C GLU A 1019 29.44 19.54 48.76
N ALA A 1020 29.45 20.83 49.02
CA ALA A 1020 29.32 21.82 47.96
C ALA A 1020 30.41 21.60 46.91
N HIS A 1021 31.67 21.53 47.33
CA HIS A 1021 32.77 21.40 46.38
C HIS A 1021 32.72 20.09 45.57
N GLU A 1022 31.86 19.16 45.99
CA GLU A 1022 31.67 17.90 45.27
C GLU A 1022 30.52 17.98 44.25
N VAL A 1023 29.88 19.15 44.20
CA VAL A 1023 28.73 19.35 43.33
C VAL A 1023 29.21 19.54 41.89
N MET A 1024 30.45 19.99 41.73
CA MET A 1024 31.03 20.28 40.42
C MET A 1024 31.71 19.09 39.78
N ARG A 1025 31.65 17.93 40.41
CA ARG A 1025 32.30 16.77 39.80
C ARG A 1025 31.39 16.40 38.63
N PRO A 1026 31.96 16.28 37.43
CA PRO A 1026 31.17 15.82 36.29
C PRO A 1026 30.66 14.39 36.48
N ASP A 1027 31.47 13.49 37.03
CA ASP A 1027 30.96 12.14 37.22
C ASP A 1027 30.31 12.19 38.57
N ILE A 1028 28.99 12.26 38.51
CA ILE A 1028 28.14 12.26 39.67
C ILE A 1028 26.75 11.83 39.25
N VAL A 1029 26.01 11.25 40.19
CA VAL A 1029 24.62 10.94 39.94
C VAL A 1029 23.81 11.12 41.21
N ILE A 1030 22.67 11.75 41.05
CA ILE A 1030 21.67 11.87 42.09
C ILE A 1030 20.70 10.73 41.87
N PRO A 1031 20.74 9.71 42.73
CA PRO A 1031 19.90 8.55 42.45
C PRO A 1031 18.42 8.89 42.48
N THR A 1032 17.71 8.47 41.45
CA THR A 1032 16.26 8.61 41.39
C THR A 1032 15.70 7.21 41.15
N ILE A 1033 14.38 7.08 41.12
CA ILE A 1033 13.75 5.78 40.91
C ILE A 1033 14.25 5.20 39.59
N ASP A 1034 14.24 6.06 38.57
CA ASP A 1034 14.62 5.68 37.22
C ASP A 1034 16.10 5.31 37.11
N THR A 1035 16.95 5.98 37.89
CA THR A 1035 18.37 5.66 37.91
C THR A 1035 18.53 4.20 38.26
N ILE A 1036 18.02 3.83 39.42
CA ILE A 1036 18.18 2.48 39.92
C ILE A 1036 17.55 1.49 38.97
N LYS A 1037 16.32 1.78 38.55
CA LYS A 1037 15.58 0.90 37.65
C LYS A 1037 16.42 0.66 36.41
N HIS A 1038 16.96 1.74 35.86
CA HIS A 1038 17.79 1.69 34.66
C HIS A 1038 19.10 0.96 34.87
N GLU A 1039 19.76 1.24 35.99
CA GLU A 1039 21.06 0.62 36.25
C GLU A 1039 20.84 -0.88 36.35
N LYS A 1040 19.73 -1.27 36.96
CA LYS A 1040 19.43 -2.67 37.18
C LYS A 1040 19.14 -3.45 35.87
N ILE A 1041 18.38 -2.87 34.94
CA ILE A 1041 18.11 -3.57 33.67
C ILE A 1041 19.37 -3.64 32.78
N PHE A 1042 20.27 -2.68 32.96
CA PHE A 1042 21.59 -2.73 32.31
C PHE A 1042 22.33 -3.98 32.76
N TYR A 1043 22.48 -4.11 34.07
CA TYR A 1043 23.09 -5.27 34.70
C TYR A 1043 22.48 -6.57 34.19
N ASP A 1044 21.18 -6.74 34.42
CA ASP A 1044 20.46 -7.95 33.99
C ASP A 1044 20.74 -8.28 32.53
N LEU A 1045 20.66 -7.29 31.67
CA LEU A 1045 20.96 -7.49 30.26
C LEU A 1045 22.41 -7.92 30.09
N LEU A 1046 23.31 -7.29 30.82
CA LEU A 1046 24.73 -7.60 30.69
C LEU A 1046 25.11 -8.96 31.25
N ASN A 1047 24.34 -9.46 32.22
CA ASN A 1047 24.61 -10.78 32.77
C ASN A 1047 24.10 -11.88 31.85
N SER A 1048 23.18 -11.50 30.95
CA SER A 1048 22.69 -12.40 29.93
C SER A 1048 23.59 -12.42 28.69
N LYS A 1049 24.67 -11.64 28.71
CA LYS A 1049 25.66 -11.61 27.64
C LYS A 1049 25.07 -11.06 26.33
N ARG A 1050 23.77 -10.73 26.38
CA ARG A 1050 23.12 -9.99 25.32
C ARG A 1050 23.59 -8.53 25.38
N GLY A 1051 23.60 -7.86 24.22
CA GLY A 1051 24.10 -6.50 24.13
C GLY A 1051 23.09 -5.41 24.41
N ILE A 1052 23.58 -4.20 24.61
CA ILE A 1052 22.75 -3.02 24.88
C ILE A 1052 23.03 -1.87 23.90
N ILE A 1053 21.98 -1.17 23.49
CA ILE A 1053 22.11 0.12 22.82
C ILE A 1053 21.12 1.12 23.39
N LEU A 1054 21.65 2.25 23.85
CA LEU A 1054 20.84 3.30 24.47
C LEU A 1054 20.56 4.45 23.53
N CYS A 1055 19.29 4.69 23.21
CA CYS A 1055 18.94 5.78 22.31
C CYS A 1055 18.00 6.76 22.96
N GLY A 1056 18.40 8.01 22.99
CA GLY A 1056 17.61 9.05 23.59
C GLY A 1056 18.07 10.44 23.20
N PRO A 1057 17.30 11.47 23.59
CA PRO A 1057 17.69 12.87 23.39
C PRO A 1057 18.92 13.24 24.19
N PRO A 1058 19.44 14.46 24.00
CA PRO A 1058 20.47 15.01 24.88
C PRO A 1058 20.02 15.13 26.32
N GLY A 1059 20.94 15.02 27.27
CA GLY A 1059 20.58 15.20 28.67
C GLY A 1059 19.67 14.11 29.18
N SER A 1060 19.49 13.07 28.38
CA SER A 1060 18.65 11.95 28.78
C SER A 1060 19.31 11.22 29.95
N GLY A 1061 20.64 11.26 29.98
CA GLY A 1061 21.40 10.57 31.02
C GLY A 1061 22.05 9.28 30.56
N LYS A 1062 22.15 9.07 29.25
CA LYS A 1062 22.73 7.85 28.71
C LYS A 1062 24.17 7.63 29.17
N THR A 1063 25.04 8.59 28.88
CA THR A 1063 26.43 8.47 29.28
C THR A 1063 26.53 8.55 30.80
N MET A 1064 25.77 9.45 31.41
CA MET A 1064 25.80 9.60 32.86
C MET A 1064 25.45 8.31 33.55
N ILE A 1065 24.31 7.73 33.20
CA ILE A 1065 23.86 6.52 33.89
C ILE A 1065 24.69 5.27 33.58
N MET A 1066 25.07 5.03 32.33
CA MET A 1066 25.77 3.78 32.07
C MET A 1066 27.20 3.77 32.59
N ASN A 1067 27.93 4.86 32.41
CA ASN A 1067 29.28 4.93 32.98
C ASN A 1067 29.16 4.76 34.48
N ASN A 1068 28.07 5.28 35.04
CA ASN A 1068 27.85 5.20 36.46
C ASN A 1068 27.63 3.77 36.90
N ALA A 1069 26.82 3.04 36.15
CA ALA A 1069 26.49 1.66 36.48
C ALA A 1069 27.70 0.75 36.38
N LEU A 1070 28.54 0.98 35.38
CA LEU A 1070 29.70 0.12 35.14
C LEU A 1070 30.88 0.44 36.05
N ARG A 1071 31.00 1.71 36.46
CA ARG A 1071 32.03 2.10 37.41
C ARG A 1071 31.58 1.67 38.81
N ASN A 1072 30.27 1.59 39.01
CA ASN A 1072 29.70 1.24 40.31
C ASN A 1072 30.00 -0.21 40.67
N SER A 1073 29.79 -1.12 39.73
CA SER A 1073 29.98 -2.53 40.03
C SER A 1073 31.44 -2.91 39.83
N SER A 1074 31.89 -3.85 40.66
CA SER A 1074 33.25 -4.38 40.57
C SER A 1074 33.36 -5.44 39.48
N LEU A 1075 32.23 -6.05 39.14
CA LEU A 1075 32.19 -7.18 38.22
C LEU A 1075 32.48 -6.75 36.79
N TYR A 1076 32.10 -5.52 36.46
CA TYR A 1076 32.33 -4.98 35.14
C TYR A 1076 33.27 -3.77 35.20
N ASP A 1077 34.18 -3.69 34.23
CA ASP A 1077 35.04 -2.53 34.01
C ASP A 1077 34.78 -2.00 32.60
N VAL A 1078 34.94 -0.69 32.42
CA VAL A 1078 34.61 -0.04 31.15
C VAL A 1078 35.84 0.26 30.31
N VAL A 1079 35.65 0.20 29.00
CA VAL A 1079 36.59 0.77 28.06
C VAL A 1079 35.87 1.89 27.32
N GLY A 1080 36.25 3.13 27.60
CA GLY A 1080 35.62 4.25 26.94
C GLY A 1080 36.01 4.40 25.48
N ILE A 1081 35.01 4.50 24.60
CA ILE A 1081 35.24 4.90 23.22
C ILE A 1081 34.19 5.87 22.76
N ASN A 1082 34.64 6.94 22.11
CA ASN A 1082 33.73 7.87 21.47
C ASN A 1082 33.84 7.74 19.99
N PHE A 1083 32.82 7.17 19.37
CA PHE A 1083 32.87 6.99 17.94
C PHE A 1083 32.82 8.36 17.31
N SER A 1084 33.46 8.45 16.17
CA SER A 1084 33.50 9.68 15.42
C SER A 1084 33.04 9.31 14.02
N LYS A 1085 32.63 10.29 13.23
CA LYS A 1085 32.13 10.00 11.89
C LYS A 1085 33.29 9.49 11.04
N ASP A 1086 34.50 9.67 11.55
CA ASP A 1086 35.67 8.94 11.08
C ASP A 1086 36.17 8.09 12.23
N THR A 1087 35.94 6.79 12.14
CA THR A 1087 36.44 5.83 13.13
C THR A 1087 36.78 4.51 12.48
N THR A 1088 37.81 3.85 13.00
CA THR A 1088 38.26 2.58 12.44
C THR A 1088 38.08 1.46 13.44
N THR A 1089 37.95 0.24 12.93
CA THR A 1089 37.96 -0.97 13.75
C THR A 1089 39.21 -0.99 14.63
N GLU A 1090 40.29 -0.48 14.05
CA GLU A 1090 41.60 -0.49 14.66
C GLU A 1090 41.73 0.50 15.82
N HIS A 1091 40.80 1.45 15.89
CA HIS A 1091 40.69 2.32 17.06
C HIS A 1091 40.13 1.53 18.23
N ILE A 1092 39.17 0.67 17.93
CA ILE A 1092 38.46 -0.11 18.92
C ILE A 1092 39.38 -1.14 19.55
N LEU A 1093 40.10 -1.85 18.69
CA LEU A 1093 41.07 -2.83 19.14
C LEU A 1093 42.11 -2.18 20.04
N SER A 1094 42.72 -1.10 19.57
CA SER A 1094 43.75 -0.41 20.34
C SER A 1094 43.17 0.15 21.63
N ALA A 1095 41.87 0.43 21.62
CA ALA A 1095 41.21 0.94 22.81
C ALA A 1095 41.17 -0.14 23.88
N LEU A 1096 41.08 -1.38 23.44
CA LEU A 1096 41.04 -2.53 24.35
C LEU A 1096 42.42 -2.95 24.86
N HIS A 1097 43.47 -2.74 24.07
CA HIS A 1097 44.79 -3.35 24.34
C HIS A 1097 45.45 -2.96 25.66
N ARG A 1098 44.95 -1.91 26.31
CA ARG A 1098 45.43 -1.55 27.64
C ARG A 1098 44.79 -2.46 28.69
N HIS A 1099 43.53 -2.79 28.48
CA HIS A 1099 42.77 -3.60 29.44
C HIS A 1099 42.77 -5.08 29.10
N THR A 1100 43.36 -5.46 27.96
CA THR A 1100 43.28 -6.84 27.52
C THR A 1100 44.63 -7.43 27.18
N ASN A 1101 44.63 -8.75 27.05
CA ASN A 1101 45.83 -9.51 26.78
C ASN A 1101 45.48 -10.66 25.85
N TYR A 1102 46.29 -10.88 24.82
CA TYR A 1102 46.10 -12.05 23.94
C TYR A 1102 46.70 -13.28 24.62
N VAL A 1103 46.02 -14.42 24.49
CA VAL A 1103 46.55 -15.72 24.94
C VAL A 1103 46.37 -16.78 23.86
N THR A 1104 47.21 -17.82 23.89
CA THR A 1104 47.06 -18.97 22.99
C THR A 1104 46.56 -20.20 23.73
N THR A 1105 45.36 -20.64 23.39
CA THR A 1105 44.72 -21.78 24.05
C THR A 1105 44.23 -22.79 23.03
N SER A 1106 44.78 -24.00 23.08
CA SER A 1106 44.43 -25.05 22.13
C SER A 1106 42.92 -25.38 22.16
N LYS A 1107 42.24 -24.98 23.25
CA LYS A 1107 40.79 -25.14 23.33
C LYS A 1107 40.05 -24.25 22.32
N GLY A 1108 40.27 -22.94 22.39
CA GLY A 1108 39.64 -21.99 21.47
C GLY A 1108 40.59 -21.36 20.46
N LEU A 1109 41.77 -21.94 20.31
CA LEU A 1109 42.86 -21.34 19.52
C LEU A 1109 43.25 -19.98 20.14
N THR A 1110 43.34 -18.93 19.34
CA THR A 1110 43.70 -17.62 19.88
C THR A 1110 42.49 -17.00 20.58
N LEU A 1111 42.75 -16.42 21.75
CA LEU A 1111 41.72 -15.79 22.56
C LEU A 1111 42.16 -14.39 22.95
N LEU A 1112 41.21 -13.49 23.16
CA LEU A 1112 41.49 -12.13 23.58
C LEU A 1112 40.61 -11.71 24.76
N PRO A 1113 40.95 -12.15 25.99
CA PRO A 1113 40.20 -11.76 27.19
C PRO A 1113 40.77 -10.52 27.88
N LYS A 1114 40.10 -10.07 28.93
CA LYS A 1114 40.66 -9.06 29.83
C LYS A 1114 41.88 -9.65 30.55
N SER A 1115 42.76 -8.78 31.03
CA SER A 1115 44.00 -9.21 31.68
C SER A 1115 43.80 -9.83 33.06
N ASP A 1116 42.56 -9.85 33.55
CA ASP A 1116 42.22 -10.52 34.81
C ASP A 1116 40.90 -11.28 34.66
N ILE A 1117 40.32 -11.70 35.79
CA ILE A 1117 39.11 -12.52 35.79
C ILE A 1117 37.81 -11.79 35.43
N LYS A 1118 37.56 -10.64 36.05
CA LYS A 1118 36.26 -9.98 35.92
C LYS A 1118 36.04 -9.28 34.57
N ASN A 1119 34.77 -9.16 34.18
CA ASN A 1119 34.38 -8.80 32.82
C ASN A 1119 34.60 -7.34 32.40
N LEU A 1120 34.79 -7.16 31.10
CA LEU A 1120 35.19 -5.90 30.50
C LEU A 1120 34.10 -5.47 29.53
N VAL A 1121 33.55 -4.27 29.71
CA VAL A 1121 32.44 -3.82 28.86
C VAL A 1121 32.90 -2.65 28.00
N LEU A 1122 32.79 -2.82 26.69
CA LEU A 1122 33.17 -1.75 25.78
C LEU A 1122 32.01 -0.79 25.54
N PHE A 1123 32.23 0.49 25.83
CA PHE A 1123 31.15 1.47 25.74
C PHE A 1123 31.39 2.43 24.59
N CYS A 1124 30.61 2.26 23.52
CA CYS A 1124 30.77 3.10 22.35
C CYS A 1124 29.72 4.18 22.45
N ASP A 1125 30.15 5.38 22.83
CA ASP A 1125 29.25 6.50 22.99
C ASP A 1125 29.15 7.18 21.64
N GLU A 1126 27.98 7.70 21.31
CA GLU A 1126 27.74 8.24 19.99
C GLU A 1126 28.02 7.18 18.95
N ILE A 1127 27.42 6.02 19.16
CA ILE A 1127 27.74 4.83 18.39
C ILE A 1127 27.29 4.87 16.93
N ASN A 1128 26.27 5.67 16.61
CA ASN A 1128 25.71 5.66 15.24
C ASN A 1128 26.41 6.62 14.28
N LEU A 1129 27.41 7.35 14.75
CA LEU A 1129 28.05 8.37 13.93
C LEU A 1129 28.92 7.92 12.74
N PRO A 1130 29.64 6.79 12.85
CA PRO A 1130 30.52 6.36 11.76
C PRO A 1130 29.88 6.41 10.35
N LYS A 1131 30.65 6.81 9.34
CA LYS A 1131 30.10 7.10 8.01
C LYS A 1131 29.88 5.85 7.17
N LEU A 1132 29.28 6.03 5.98
CA LEU A 1132 28.97 4.92 5.09
C LEU A 1132 29.89 4.89 3.87
N ASP A 1133 30.16 3.68 3.42
CA ASP A 1133 30.95 3.44 2.22
C ASP A 1133 30.19 3.97 1.01
N LYS A 1134 30.88 4.19 -0.11
CA LYS A 1134 30.20 4.70 -1.29
C LYS A 1134 29.01 3.81 -1.60
N TYR A 1135 29.18 2.52 -1.35
CA TYR A 1135 28.14 1.54 -1.60
C TYR A 1135 27.21 1.39 -0.38
N GLY A 1136 27.42 2.24 0.63
CA GLY A 1136 26.42 2.44 1.67
C GLY A 1136 26.47 1.56 2.91
N SER A 1137 27.66 1.13 3.31
CA SER A 1137 27.81 0.25 4.48
C SER A 1137 28.92 0.70 5.41
N GLN A 1138 28.63 0.72 6.71
CA GLN A 1138 29.60 1.19 7.71
C GLN A 1138 30.27 0.00 8.36
N ASN A 1139 31.54 -0.19 8.04
CA ASN A 1139 32.25 -1.43 8.40
C ASN A 1139 32.42 -1.56 9.90
N VAL A 1140 32.68 -0.44 10.55
CA VAL A 1140 32.98 -0.43 11.96
C VAL A 1140 31.80 -0.97 12.77
N VAL A 1141 30.58 -0.70 12.33
CA VAL A 1141 29.39 -1.25 12.98
C VAL A 1141 29.24 -2.74 12.67
N LEU A 1142 29.43 -3.11 11.41
CA LEU A 1142 29.42 -4.51 11.01
C LEU A 1142 30.49 -5.31 11.76
N PHE A 1143 31.52 -4.61 12.22
CA PHE A 1143 32.58 -5.21 13.02
C PHE A 1143 32.10 -5.46 14.45
N LEU A 1144 31.36 -4.50 15.00
CA LEU A 1144 30.73 -4.69 16.30
C LEU A 1144 29.77 -5.86 16.22
N ARG A 1145 29.14 -6.00 15.07
CA ARG A 1145 28.24 -7.10 14.83
C ARG A 1145 28.99 -8.43 14.84
N GLN A 1146 30.04 -8.52 14.02
CA GLN A 1146 30.86 -9.73 13.95
C GLN A 1146 31.31 -10.14 15.34
N LEU A 1147 31.72 -9.17 16.15
CA LEU A 1147 32.05 -9.46 17.54
C LEU A 1147 30.85 -10.03 18.28
N MET A 1148 29.69 -9.42 18.10
CA MET A 1148 28.54 -9.81 18.90
C MET A 1148 28.04 -11.20 18.48
N GLU A 1149 27.80 -11.40 17.19
CA GLU A 1149 27.27 -12.67 16.71
C GLU A 1149 28.28 -13.83 16.73
N LYS A 1150 29.51 -13.58 16.28
CA LYS A 1150 30.49 -14.65 16.15
C LYS A 1150 31.44 -14.75 17.36
N GLN A 1151 31.29 -13.83 18.32
CA GLN A 1151 32.14 -13.78 19.51
C GLN A 1151 33.62 -13.86 19.15
N GLY A 1152 33.99 -13.21 18.05
CA GLY A 1152 35.36 -13.23 17.59
C GLY A 1152 35.50 -12.45 16.29
N PHE A 1153 36.73 -12.33 15.82
CA PHE A 1153 37.03 -11.55 14.64
C PHE A 1153 38.33 -12.05 14.05
N TRP A 1154 38.54 -11.77 12.77
CA TRP A 1154 39.79 -12.09 12.12
C TRP A 1154 40.86 -11.10 12.50
N LYS A 1155 42.05 -11.57 12.89
CA LYS A 1155 43.16 -10.63 13.06
C LYS A 1155 43.63 -10.28 11.68
N THR A 1156 43.53 -8.99 11.40
CA THR A 1156 43.54 -8.50 10.04
C THR A 1156 44.86 -8.79 9.31
N PRO A 1157 46.02 -8.45 9.93
CA PRO A 1157 47.30 -8.64 9.24
C PRO A 1157 47.76 -10.10 9.03
N GLU A 1158 47.57 -10.93 10.04
CA GLU A 1158 48.18 -12.26 10.08
C GLU A 1158 47.28 -13.38 9.56
N ASN A 1159 46.02 -13.04 9.30
CA ASN A 1159 45.04 -14.00 8.78
C ASN A 1159 44.79 -15.20 9.68
N LYS A 1160 44.48 -14.94 10.95
CA LYS A 1160 44.20 -15.97 11.94
C LYS A 1160 43.02 -15.55 12.81
N TRP A 1161 42.17 -16.51 13.17
CA TRP A 1161 40.92 -16.20 13.86
C TRP A 1161 41.11 -15.92 15.35
N VAL A 1162 40.61 -14.76 15.78
CA VAL A 1162 40.62 -14.37 17.18
C VAL A 1162 39.25 -14.55 17.82
N THR A 1163 39.22 -15.12 19.03
CA THR A 1163 37.99 -15.29 19.79
C THR A 1163 37.99 -14.43 21.05
N ILE A 1164 36.94 -13.64 21.24
CA ILE A 1164 36.84 -12.78 22.42
C ILE A 1164 36.24 -13.50 23.63
N GLU A 1165 36.67 -13.11 24.83
CA GLU A 1165 36.22 -13.71 26.08
C GLU A 1165 35.88 -12.63 27.09
N ARG A 1166 34.70 -12.76 27.73
CA ARG A 1166 34.32 -11.84 28.79
C ARG A 1166 34.38 -10.39 28.32
N ILE A 1167 33.99 -10.14 27.07
CA ILE A 1167 33.87 -8.77 26.59
C ILE A 1167 32.46 -8.52 26.02
N HIS A 1168 31.78 -7.55 26.63
CA HIS A 1168 30.43 -7.16 26.20
C HIS A 1168 30.49 -5.86 25.42
N ILE A 1169 29.62 -5.72 24.43
CA ILE A 1169 29.51 -4.48 23.66
C ILE A 1169 28.23 -3.74 23.99
N VAL A 1170 28.40 -2.47 24.32
CA VAL A 1170 27.30 -1.59 24.69
C VAL A 1170 27.48 -0.22 24.04
N GLY A 1171 26.39 0.44 23.71
CA GLY A 1171 26.46 1.74 23.05
C GLY A 1171 25.35 2.72 23.40
N ALA A 1172 25.60 3.98 23.09
CA ALA A 1172 24.64 5.04 23.30
C ALA A 1172 24.67 6.00 22.12
N CYS A 1173 23.53 6.57 21.78
CA CYS A 1173 23.42 7.41 20.60
C CYS A 1173 22.12 8.17 20.59
N ASN A 1174 21.97 8.99 19.56
CA ASN A 1174 20.77 9.78 19.38
C ASN A 1174 20.05 9.26 18.14
N PRO A 1175 18.73 9.43 18.10
CA PRO A 1175 17.90 8.85 17.03
C PRO A 1175 18.40 9.22 15.64
N PRO A 1176 18.31 8.30 14.66
CA PRO A 1176 18.76 8.59 13.29
C PRO A 1176 18.08 9.82 12.72
N THR A 1177 16.97 10.22 13.33
CA THR A 1177 16.22 11.38 12.89
C THR A 1177 17.07 12.65 12.89
N ASP A 1178 17.92 12.79 13.92
CA ASP A 1178 18.75 13.98 14.05
C ASP A 1178 19.83 14.06 12.96
N PRO A 1179 20.36 15.27 12.73
CA PRO A 1179 21.44 15.46 11.75
C PRO A 1179 22.79 14.92 12.21
N GLY A 1180 23.50 14.31 11.26
CA GLY A 1180 24.83 13.80 11.51
C GLY A 1180 24.79 12.32 11.85
N ARG A 1181 23.63 11.86 12.32
CA ARG A 1181 23.46 10.46 12.70
C ARG A 1181 23.20 9.61 11.47
N ILE A 1182 23.60 8.35 11.56
CA ILE A 1182 23.47 7.42 10.45
C ILE A 1182 22.54 6.26 10.86
N PRO A 1183 21.83 5.66 9.88
CA PRO A 1183 21.00 4.48 10.17
C PRO A 1183 21.84 3.25 10.53
N MET A 1184 21.47 2.51 11.58
CA MET A 1184 22.20 1.27 11.89
C MET A 1184 21.38 0.05 11.45
N SER A 1185 22.06 -0.88 10.78
CA SER A 1185 21.43 -2.07 10.21
C SER A 1185 20.85 -3.03 11.24
N GLU A 1186 19.67 -3.55 10.94
CA GLU A 1186 19.00 -4.50 11.84
C GLU A 1186 19.87 -5.74 12.05
N ARG A 1187 20.83 -5.96 11.15
CA ARG A 1187 21.74 -7.07 11.31
C ARG A 1187 22.70 -6.85 12.49
N PHE A 1188 23.00 -5.60 12.81
CA PHE A 1188 23.69 -5.28 14.07
C PHE A 1188 22.74 -5.17 15.25
N THR A 1189 21.64 -4.44 15.06
CA THR A 1189 20.82 -4.05 16.21
C THR A 1189 20.00 -5.21 16.74
N ARG A 1190 19.82 -6.24 15.91
CA ARG A 1190 19.11 -7.43 16.36
C ARG A 1190 19.79 -8.07 17.56
N HIS A 1191 21.10 -7.89 17.69
CA HIS A 1191 21.85 -8.56 18.74
C HIS A 1191 21.97 -7.77 20.04
N ALA A 1192 21.48 -6.54 20.04
CA ALA A 1192 21.50 -5.69 21.24
C ALA A 1192 20.08 -5.36 21.64
N ALA A 1193 19.80 -5.39 22.94
CA ALA A 1193 18.51 -4.93 23.44
C ALA A 1193 18.54 -3.41 23.51
N ILE A 1194 17.51 -2.78 22.97
CA ILE A 1194 17.50 -1.32 22.87
C ILE A 1194 16.57 -0.68 23.88
N LEU A 1195 17.12 0.28 24.61
CA LEU A 1195 16.39 1.00 25.63
C LEU A 1195 16.32 2.48 25.28
N TYR A 1196 15.11 3.02 25.29
CA TYR A 1196 14.96 4.45 25.14
C TYR A 1196 15.25 5.05 26.50
N LEU A 1197 15.90 6.21 26.48
CA LEU A 1197 16.25 6.92 27.70
C LEU A 1197 15.91 8.39 27.52
N GLY A 1198 15.07 8.91 28.41
CA GLY A 1198 14.53 10.24 28.24
C GLY A 1198 14.55 11.06 29.51
N TYR A 1199 14.09 12.30 29.36
CA TYR A 1199 14.12 13.28 30.44
C TYR A 1199 13.37 12.72 31.65
N PRO A 1200 13.88 12.99 32.86
CA PRO A 1200 13.18 12.52 34.06
C PRO A 1200 11.75 13.04 34.16
N SER A 1201 10.97 12.41 35.05
CA SER A 1201 9.55 12.68 35.20
C SER A 1201 9.22 14.14 35.49
N GLY A 1202 10.25 14.93 35.79
CA GLY A 1202 10.11 16.36 35.91
C GLY A 1202 9.74 16.65 37.34
N LYS A 1203 9.11 15.67 37.97
CA LYS A 1203 8.93 15.68 39.41
C LYS A 1203 10.26 15.14 39.89
N SER A 1204 10.80 14.18 39.12
CA SER A 1204 12.13 13.64 39.39
C SER A 1204 13.12 14.79 39.36
N LEU A 1205 13.02 15.61 38.32
CA LEU A 1205 13.91 16.76 38.14
C LEU A 1205 13.89 17.68 39.34
N SER A 1206 12.69 17.98 39.83
CA SER A 1206 12.52 18.81 41.01
C SER A 1206 13.19 18.15 42.21
N GLN A 1207 13.06 16.82 42.30
CA GLN A 1207 13.68 16.05 43.37
C GLN A 1207 15.20 16.06 43.25
N ILE A 1208 15.70 15.82 42.05
CA ILE A 1208 17.13 15.84 41.80
C ILE A 1208 17.75 17.17 42.17
N TYR A 1209 17.18 18.25 41.65
CA TYR A 1209 17.78 19.57 41.80
C TYR A 1209 17.47 20.18 43.15
N GLU A 1210 16.47 19.64 43.84
CA GLU A 1210 16.24 20.00 45.24
C GLU A 1210 17.45 19.55 46.04
N ILE A 1211 18.05 18.43 45.65
CA ILE A 1211 19.25 17.92 46.32
C ILE A 1211 20.43 18.83 46.00
N TYR A 1212 20.49 19.28 44.76
CA TYR A 1212 21.55 20.17 44.33
C TYR A 1212 21.54 21.49 45.08
N TYR A 1213 20.40 22.17 45.10
CA TYR A 1213 20.30 23.41 45.85
C TYR A 1213 20.61 23.17 47.33
N LYS A 1214 20.18 22.03 47.85
CA LYS A 1214 20.45 21.70 49.25
C LYS A 1214 21.96 21.57 49.49
N ALA A 1215 22.70 21.22 48.43
CA ALA A 1215 24.16 21.13 48.52
C ALA A 1215 24.88 22.48 48.38
N ILE A 1216 24.40 23.35 47.48
CA ILE A 1216 25.06 24.63 47.21
C ILE A 1216 24.69 25.70 48.24
N PHE A 1217 23.58 25.50 48.96
CA PHE A 1217 23.08 26.51 49.91
C PHE A 1217 23.72 26.35 51.27
N LYS A 1218 24.68 25.44 51.38
CA LYS A 1218 25.45 25.32 52.60
C LYS A 1218 26.25 26.61 52.83
N LEU A 1219 26.45 27.35 51.75
CA LEU A 1219 27.15 28.64 51.80
C LEU A 1219 26.28 29.78 52.27
N VAL A 1220 24.98 29.56 52.32
CA VAL A 1220 24.03 30.56 52.79
C VAL A 1220 22.98 29.89 53.68
N PRO A 1221 23.41 29.42 54.86
CA PRO A 1221 22.54 28.60 55.71
C PRO A 1221 21.23 29.28 56.12
N GLU A 1222 21.22 30.60 56.13
CA GLU A 1222 20.05 31.37 56.55
C GLU A 1222 18.88 31.09 55.64
N PHE A 1223 19.18 30.92 54.36
CA PHE A 1223 18.19 30.76 53.31
C PHE A 1223 17.91 29.29 53.04
N ARG A 1224 18.45 28.43 53.92
CA ARG A 1224 18.28 26.99 53.82
C ARG A 1224 16.84 26.56 53.54
N SER A 1225 15.89 27.28 54.13
CA SER A 1225 14.48 26.92 54.00
C SER A 1225 14.02 26.89 52.56
N TYR A 1226 14.70 27.66 51.71
CA TYR A 1226 14.24 27.95 50.35
C TYR A 1226 14.73 26.94 49.32
N THR A 1227 15.34 25.85 49.77
CA THR A 1227 15.86 24.83 48.84
C THR A 1227 14.84 24.36 47.80
N GLU A 1228 13.65 23.94 48.21
CA GLU A 1228 12.68 23.43 47.24
C GLU A 1228 12.21 24.52 46.25
N PRO A 1229 11.75 25.68 46.76
CA PRO A 1229 11.16 26.65 45.81
C PRO A 1229 12.12 27.16 44.73
N PHE A 1230 13.43 27.13 44.97
CA PHE A 1230 14.37 27.46 43.91
C PHE A 1230 14.44 26.29 42.94
N ALA A 1231 14.48 25.08 43.49
CA ALA A 1231 14.52 23.88 42.67
C ALA A 1231 13.24 23.79 41.84
N ARG A 1232 12.11 24.08 42.48
CA ARG A 1232 10.82 24.08 41.79
C ARG A 1232 10.77 25.17 40.73
N ALA A 1233 11.13 26.39 41.13
CA ALA A 1233 11.18 27.52 40.20
C ALA A 1233 12.14 27.25 39.04
N SER A 1234 13.25 26.57 39.33
CA SER A 1234 14.23 26.24 38.31
C SER A 1234 13.68 25.22 37.32
N VAL A 1235 12.98 24.21 37.82
CA VAL A 1235 12.42 23.17 36.96
C VAL A 1235 11.22 23.75 36.21
N HIS A 1236 10.49 24.64 36.87
CA HIS A 1236 9.34 25.29 36.25
C HIS A 1236 9.76 26.04 35.01
N LEU A 1237 10.71 26.96 35.21
CA LEU A 1237 11.30 27.75 34.14
C LEU A 1237 11.77 26.83 33.03
N TYR A 1238 12.53 25.81 33.40
CA TYR A 1238 13.00 24.80 32.45
C TYR A 1238 11.84 24.25 31.62
N ASN A 1239 10.74 23.90 32.28
CA ASN A 1239 9.57 23.36 31.58
C ASN A 1239 8.94 24.39 30.65
N GLU A 1240 8.64 25.57 31.18
CA GLU A 1240 7.97 26.61 30.41
C GLU A 1240 8.81 26.99 29.18
N CYS A 1241 10.10 27.23 29.39
CA CYS A 1241 11.00 27.58 28.30
C CYS A 1241 10.94 26.51 27.22
N LYS A 1242 10.98 25.27 27.66
CA LYS A 1242 11.01 24.15 26.75
C LYS A 1242 9.69 24.13 25.98
N ALA A 1243 8.64 24.64 26.63
CA ALA A 1243 7.31 24.71 26.02
C ALA A 1243 7.13 25.88 25.06
N ARG A 1244 7.52 27.09 25.47
CA ARG A 1244 7.26 28.29 24.67
C ARG A 1244 8.11 28.34 23.41
N TYR A 1245 9.41 28.19 23.58
CA TYR A 1245 10.35 28.26 22.47
C TYR A 1245 10.66 26.85 22.00
N SER A 1246 10.27 26.56 20.77
CA SER A 1246 10.38 25.21 20.25
C SER A 1246 11.16 25.22 18.96
N THR A 1247 11.61 24.03 18.59
CA THR A 1247 12.49 23.86 17.46
C THR A 1247 11.84 24.29 16.14
N GLY A 1248 10.52 24.49 16.16
CA GLY A 1248 9.80 24.94 14.98
C GLY A 1248 10.14 26.38 14.60
N LEU A 1249 10.46 27.18 15.61
CA LEU A 1249 10.91 28.55 15.40
C LEU A 1249 12.40 28.55 15.04
N GLN A 1250 13.23 28.14 15.99
CA GLN A 1250 14.68 28.10 15.79
C GLN A 1250 15.25 26.70 16.01
N SER A 1251 16.25 26.33 15.22
CA SER A 1251 16.89 25.02 15.35
C SER A 1251 17.52 24.82 16.71
N HIS A 1252 17.98 25.91 17.33
CA HIS A 1252 18.78 25.80 18.54
C HIS A 1252 18.00 25.95 19.83
N TYR A 1253 16.66 25.99 19.75
CA TYR A 1253 15.90 25.99 20.98
C TYR A 1253 15.73 24.53 21.34
N LEU A 1254 16.52 24.13 22.31
CA LEU A 1254 16.52 22.80 22.86
C LEU A 1254 16.83 22.97 24.32
N PHE A 1255 16.10 22.26 25.15
CA PHE A 1255 16.31 22.35 26.58
C PHE A 1255 16.37 20.95 27.14
N SER A 1256 17.38 20.73 27.98
CA SER A 1256 17.62 19.41 28.56
C SER A 1256 17.85 19.60 30.05
N PRO A 1257 18.04 18.52 30.79
CA PRO A 1257 18.35 18.73 32.20
C PRO A 1257 19.67 19.48 32.41
N ARG A 1258 20.54 19.46 31.40
CA ARG A 1258 21.81 20.18 31.46
C ARG A 1258 21.57 21.64 31.80
N GLU A 1259 20.52 22.22 31.22
CA GLU A 1259 20.17 23.60 31.48
C GLU A 1259 19.87 23.78 32.95
N LEU A 1260 19.22 22.79 33.54
CA LEU A 1260 18.98 22.79 34.97
C LEU A 1260 20.31 22.60 35.69
N THR A 1261 21.18 21.78 35.12
CA THR A 1261 22.50 21.56 35.71
C THR A 1261 23.30 22.85 35.71
N ARG A 1262 23.41 23.49 34.54
CA ARG A 1262 24.12 24.76 34.42
C ARG A 1262 23.61 25.83 35.38
N LEU A 1263 22.28 25.89 35.52
CA LEU A 1263 21.66 26.91 36.37
C LEU A 1263 22.08 26.76 37.83
N VAL A 1264 22.12 25.53 38.33
CA VAL A 1264 22.57 25.30 39.69
C VAL A 1264 24.07 25.60 39.80
N ARG A 1265 24.84 25.09 38.84
CA ARG A 1265 26.29 25.26 38.87
C ARG A 1265 26.70 26.73 38.84
N GLY A 1266 26.09 27.47 37.91
CA GLY A 1266 26.32 28.89 37.80
C GLY A 1266 26.04 29.62 39.10
N VAL A 1267 24.88 29.34 39.67
CA VAL A 1267 24.50 29.90 40.95
C VAL A 1267 25.48 29.52 42.04
N TYR A 1268 25.97 28.28 42.02
CA TYR A 1268 26.88 27.83 43.07
C TYR A 1268 28.15 28.67 43.12
N THR A 1269 28.83 28.79 41.99
CA THR A 1269 30.05 29.54 41.93
C THR A 1269 29.80 31.01 42.30
N ALA A 1270 28.74 31.59 41.75
CA ALA A 1270 28.43 33.00 41.98
C ALA A 1270 28.13 33.32 43.44
N ILE A 1271 27.46 32.39 44.13
CA ILE A 1271 27.23 32.57 45.56
C ILE A 1271 28.57 32.45 46.29
N ASN A 1272 29.30 31.39 45.97
CA ASN A 1272 30.58 31.12 46.65
C ASN A 1272 31.57 32.26 46.48
N THR A 1273 31.68 32.78 45.27
CA THR A 1273 32.63 33.85 44.98
C THR A 1273 32.03 35.21 45.32
N GLY A 1274 30.71 35.24 45.54
CA GLY A 1274 29.99 36.48 45.68
C GLY A 1274 29.92 37.00 47.10
N PRO A 1275 29.46 38.24 47.26
CA PRO A 1275 29.36 38.97 48.53
C PRO A 1275 28.26 38.43 49.42
N ARG A 1276 28.17 38.96 50.64
CA ARG A 1276 27.14 38.52 51.57
C ARG A 1276 25.75 38.72 50.95
N GLN A 1277 24.93 37.69 50.98
CA GLN A 1277 23.66 37.68 50.25
C GLN A 1277 22.45 37.91 51.14
N THR A 1278 21.48 38.71 50.65
CA THR A 1278 20.13 38.73 51.18
C THR A 1278 19.27 37.81 50.31
N LEU A 1279 17.98 37.68 50.62
CA LEU A 1279 17.09 36.88 49.79
C LEU A 1279 16.98 37.48 48.39
N ARG A 1280 16.82 38.81 48.31
CA ARG A 1280 16.84 39.52 47.04
C ARG A 1280 18.10 39.19 46.24
N SER A 1281 19.21 39.15 46.95
CA SER A 1281 20.51 38.92 46.34
C SER A 1281 20.51 37.57 45.64
N LEU A 1282 20.05 36.56 46.35
CA LEU A 1282 20.05 35.20 45.81
C LEU A 1282 19.11 35.07 44.62
N ILE A 1283 17.89 35.58 44.76
CA ILE A 1283 16.89 35.36 43.74
C ILE A 1283 17.18 36.19 42.47
N ARG A 1284 17.91 37.29 42.59
CA ARG A 1284 18.32 38.07 41.42
C ARG A 1284 19.46 37.37 40.69
N LEU A 1285 20.42 36.89 41.47
CA LEU A 1285 21.49 36.04 41.00
C LEU A 1285 20.92 34.84 40.25
N TRP A 1286 19.87 34.25 40.82
CA TRP A 1286 19.18 33.16 40.18
C TRP A 1286 18.66 33.61 38.82
N ALA A 1287 18.00 34.76 38.81
CA ALA A 1287 17.43 35.33 37.60
C ALA A 1287 18.49 35.68 36.55
N TYR A 1288 19.69 36.05 37.00
CA TYR A 1288 20.81 36.30 36.10
C TYR A 1288 21.16 35.02 35.38
N GLU A 1289 21.50 34.00 36.16
CA GLU A 1289 21.89 32.71 35.62
C GLU A 1289 20.73 32.19 34.78
N ALA A 1290 19.50 32.46 35.21
CA ALA A 1290 18.35 32.05 34.44
C ALA A 1290 18.41 32.66 33.05
N TRP A 1291 18.65 33.97 33.01
CA TRP A 1291 18.77 34.71 31.76
C TRP A 1291 19.83 34.14 30.82
N ARG A 1292 21.01 33.88 31.37
CA ARG A 1292 22.16 33.46 30.56
C ARG A 1292 22.02 32.03 30.08
N ILE A 1293 21.53 31.17 30.97
CA ILE A 1293 21.45 29.77 30.64
C ILE A 1293 20.36 29.52 29.61
N PHE A 1294 19.24 30.24 29.73
CA PHE A 1294 18.08 29.97 28.91
C PHE A 1294 17.88 30.97 27.76
N ALA A 1295 17.63 32.23 28.10
CA ALA A 1295 17.18 33.22 27.13
C ALA A 1295 18.26 33.80 26.22
N ASP A 1296 19.52 33.78 26.64
CA ASP A 1296 20.57 34.39 25.85
C ASP A 1296 20.66 33.78 24.45
N ARG A 1297 20.06 32.60 24.26
CA ARG A 1297 20.07 31.95 22.96
C ARG A 1297 18.97 32.51 22.05
N LEU A 1298 18.08 33.33 22.61
CA LEU A 1298 16.88 33.77 21.90
C LEU A 1298 17.15 34.89 20.91
N VAL A 1299 16.65 34.70 19.70
CA VAL A 1299 16.69 35.70 18.65
C VAL A 1299 15.58 36.75 18.83
N GLY A 1300 15.75 37.90 18.19
CA GLY A 1300 14.72 38.92 18.17
C GLY A 1300 14.49 39.53 19.54
N VAL A 1301 13.25 39.94 19.79
CA VAL A 1301 12.93 40.75 20.96
C VAL A 1301 11.77 40.11 21.73
N LYS A 1302 10.64 39.93 21.05
CA LYS A 1302 9.42 39.43 21.66
C LYS A 1302 9.68 38.19 22.51
N GLU A 1303 10.57 37.33 22.01
CA GLU A 1303 10.92 36.10 22.70
C GLU A 1303 11.70 36.38 23.98
N LYS A 1304 12.60 37.38 23.96
CA LYS A 1304 13.32 37.77 25.16
C LYS A 1304 12.36 38.42 26.15
N ASN A 1305 11.38 39.16 25.62
CA ASN A 1305 10.34 39.74 26.46
C ASN A 1305 9.40 38.70 27.02
N SER A 1306 9.12 37.69 26.20
CA SER A 1306 8.33 36.55 26.64
C SER A 1306 9.01 35.90 27.83
N PHE A 1307 10.33 35.75 27.75
CA PHE A 1307 11.10 35.17 28.84
C PHE A 1307 11.09 36.04 30.11
N GLU A 1308 11.17 37.36 29.96
CA GLU A 1308 11.14 38.25 31.11
C GLU A 1308 9.82 38.05 31.85
N GLN A 1309 8.74 38.02 31.08
CA GLN A 1309 7.40 37.85 31.64
C GLN A 1309 7.31 36.53 32.40
N LEU A 1310 7.86 35.48 31.81
CA LEU A 1310 7.90 34.17 32.45
C LEU A 1310 8.70 34.20 33.73
N LEU A 1311 9.78 34.97 33.72
CA LEU A 1311 10.65 35.04 34.87
C LEU A 1311 9.88 35.69 36.01
N TYR A 1312 9.24 36.82 35.71
CA TYR A 1312 8.41 37.51 36.69
C TYR A 1312 7.34 36.58 37.25
N GLU A 1313 6.67 35.87 36.36
CA GLU A 1313 5.64 34.93 36.79
C GLU A 1313 6.21 33.87 37.72
N THR A 1314 7.35 33.29 37.33
CA THR A 1314 7.97 32.23 38.13
C THR A 1314 8.30 32.72 39.52
N VAL A 1315 8.94 33.88 39.61
CA VAL A 1315 9.35 34.42 40.89
C VAL A 1315 8.13 34.63 41.77
N ASP A 1316 7.06 35.15 41.17
CA ASP A 1316 5.82 35.44 41.88
C ASP A 1316 5.17 34.16 42.41
N LYS A 1317 5.17 33.13 41.57
CA LYS A 1317 4.50 31.86 41.89
C LYS A 1317 5.20 31.08 43.00
N TYR A 1318 6.50 31.24 43.11
CA TYR A 1318 7.31 30.43 44.02
C TYR A 1318 7.91 31.25 45.17
N LEU A 1319 8.65 32.31 44.84
CA LEU A 1319 9.33 33.12 45.86
C LEU A 1319 8.88 34.59 45.91
N PRO A 1320 7.76 34.88 46.61
CA PRO A 1320 7.20 36.24 46.64
C PRO A 1320 7.89 37.24 47.59
N ASN A 1321 8.96 37.87 47.12
CA ASN A 1321 9.55 39.01 47.81
C ASN A 1321 9.32 40.27 46.97
N GLN A 1322 8.91 41.35 47.62
CA GLN A 1322 8.65 42.62 46.92
C GLN A 1322 9.87 43.53 46.92
N ASP A 1323 10.99 43.05 47.45
CA ASP A 1323 12.21 43.83 47.54
C ASP A 1323 12.93 43.89 46.19
N LEU A 1324 12.43 43.14 45.21
CA LEU A 1324 13.03 43.09 43.89
C LEU A 1324 12.94 44.42 43.17
N GLY A 1325 13.86 44.62 42.23
CA GLY A 1325 13.80 45.75 41.34
C GLY A 1325 13.32 45.29 39.98
N ASN A 1326 13.68 46.04 38.94
CA ASN A 1326 13.44 45.59 37.58
C ASN A 1326 14.29 44.33 37.33
N ILE A 1327 13.64 43.23 36.94
CA ILE A 1327 14.32 41.95 36.77
C ILE A 1327 14.63 41.66 35.29
N SER A 1328 14.42 42.67 34.44
CA SER A 1328 14.66 42.55 32.99
C SER A 1328 16.13 42.25 32.74
N SER A 1329 16.50 41.81 31.53
CA SER A 1329 17.89 41.39 31.29
C SER A 1329 18.92 42.44 31.69
N THR A 1330 18.62 43.72 31.47
CA THR A 1330 19.45 44.77 32.04
C THR A 1330 18.86 45.01 33.43
N SER A 1331 19.50 45.82 34.25
CA SER A 1331 19.06 46.07 35.64
C SER A 1331 19.41 44.92 36.59
N LEU A 1332 19.86 43.78 36.04
CA LEU A 1332 20.22 42.63 36.88
C LEU A 1332 21.68 42.24 36.72
N LEU A 1333 22.05 41.89 35.49
CA LEU A 1333 23.26 41.12 35.25
C LEU A 1333 24.37 41.80 36.01
N PHE A 1334 24.76 42.99 35.57
CA PHE A 1334 25.69 43.81 36.31
C PHE A 1334 26.77 42.94 36.94
N SER A 1335 27.29 42.01 36.14
CA SER A 1335 28.11 40.93 36.69
C SER A 1335 29.53 41.39 36.95
N GLY A 1336 29.94 41.36 38.21
CA GLY A 1336 31.24 41.88 38.55
C GLY A 1336 32.35 41.01 38.03
N LEU A 1337 33.25 41.63 37.26
CA LEU A 1337 34.54 41.06 36.92
C LEU A 1337 35.65 41.97 37.45
N LEU A 1338 35.63 43.22 37.02
CA LEU A 1338 36.59 44.24 37.45
C LEU A 1338 36.59 44.40 38.95
N SER A 1339 35.40 44.39 39.54
CA SER A 1339 35.26 44.30 40.97
C SER A 1339 35.59 42.85 41.30
N LEU A 1340 36.42 42.67 42.33
CA LEU A 1340 37.08 41.40 42.56
C LEU A 1340 36.20 40.19 42.92
N ASP A 1341 35.02 40.41 43.51
CA ASP A 1341 34.12 39.29 43.92
C ASP A 1341 32.83 38.87 43.13
N PHE A 1342 32.53 39.43 41.95
CA PHE A 1342 31.25 39.13 41.24
C PHE A 1342 29.99 39.59 41.99
N LYS A 1343 29.89 40.90 42.15
CA LYS A 1343 28.69 41.52 42.71
C LYS A 1343 27.98 42.29 41.60
N GLU A 1344 26.91 42.99 41.93
CA GLU A 1344 26.34 43.98 41.02
C GLU A 1344 27.35 45.14 40.89
N VAL A 1345 27.25 45.92 39.81
CA VAL A 1345 28.21 47.01 39.56
C VAL A 1345 27.56 48.33 39.14
N ASN A 1346 28.38 49.36 38.95
CA ASN A 1346 27.90 50.72 38.69
C ASN A 1346 27.62 51.09 37.23
N LYS A 1347 28.10 50.26 36.30
CA LYS A 1347 27.82 50.38 34.86
C LYS A 1347 28.58 51.51 34.15
N THR A 1348 28.94 52.57 34.88
CA THR A 1348 29.76 53.62 34.30
C THR A 1348 31.20 53.18 34.42
N ASP A 1349 31.50 52.58 35.57
CA ASP A 1349 32.81 52.02 35.81
C ASP A 1349 33.11 50.88 34.85
N LEU A 1350 32.11 50.04 34.58
CA LEU A 1350 32.28 48.92 33.66
C LEU A 1350 32.73 49.39 32.29
N VAL A 1351 31.95 50.28 31.69
CA VAL A 1351 32.21 50.72 30.33
C VAL A 1351 33.63 51.29 30.24
N ASN A 1352 34.03 52.08 31.23
CA ASN A 1352 35.38 52.64 31.27
C ASN A 1352 36.46 51.56 31.41
N PHE A 1353 36.30 50.68 32.39
CA PHE A 1353 37.27 49.61 32.63
C PHE A 1353 37.49 48.82 31.37
N ILE A 1354 36.39 48.45 30.74
CA ILE A 1354 36.41 47.68 29.52
C ILE A 1354 37.16 48.47 28.44
N GLU A 1355 36.80 49.74 28.29
CA GLU A 1355 37.36 50.56 27.22
C GLU A 1355 38.86 50.76 27.36
N GLU A 1356 39.34 50.99 28.58
CA GLU A 1356 40.78 51.15 28.79
C GLU A 1356 41.49 49.81 28.63
N ARG A 1357 40.83 48.72 29.01
CA ARG A 1357 41.43 47.39 28.87
C ARG A 1357 41.32 46.94 27.43
N PHE A 1358 40.37 47.52 26.68
CA PHE A 1358 40.27 47.26 25.25
C PHE A 1358 41.30 48.07 24.47
N LYS A 1359 41.54 49.31 24.89
CA LYS A 1359 42.63 50.11 24.31
C LYS A 1359 43.95 49.38 24.51
N THR A 1360 44.17 48.91 25.73
CA THR A 1360 45.38 48.17 26.04
C THR A 1360 45.47 46.96 25.14
N PHE A 1361 44.40 46.18 25.07
CA PHE A 1361 44.39 44.94 24.31
C PHE A 1361 44.56 45.17 22.82
N CYS A 1362 44.02 46.28 22.35
CA CYS A 1362 44.11 46.59 20.93
C CYS A 1362 45.57 46.89 20.58
N ASP A 1363 46.27 47.61 21.46
CA ASP A 1363 47.69 47.92 21.25
C ASP A 1363 48.64 46.76 21.56
N GLU A 1364 48.50 46.15 22.73
CA GLU A 1364 49.47 45.15 23.22
C GLU A 1364 49.40 43.84 22.43
N GLU A 1365 48.20 43.33 22.22
CA GLU A 1365 48.01 42.14 21.40
C GLU A 1365 47.72 42.55 19.98
N LEU A 1366 47.46 41.57 19.11
CA LEU A 1366 47.48 41.79 17.67
C LEU A 1366 46.64 42.98 17.26
N GLU A 1367 47.16 43.76 16.30
CA GLU A 1367 46.52 45.02 15.93
C GLU A 1367 45.69 44.81 14.68
N VAL A 1368 44.40 44.71 14.92
CA VAL A 1368 43.34 44.85 13.95
C VAL A 1368 42.59 46.04 14.51
N PRO A 1369 42.55 47.17 13.77
CA PRO A 1369 41.82 48.31 14.35
C PRO A 1369 40.39 47.93 14.74
N MET A 1370 39.94 48.35 15.92
CA MET A 1370 38.61 47.99 16.39
C MET A 1370 37.84 49.18 16.93
N VAL A 1371 36.55 48.96 17.15
CA VAL A 1371 35.65 49.98 17.65
C VAL A 1371 34.84 49.45 18.83
N ILE A 1372 34.36 50.37 19.66
CA ILE A 1372 33.55 50.05 20.83
C ILE A 1372 32.09 50.46 20.64
N HIS A 1373 31.20 49.74 21.31
CA HIS A 1373 29.77 50.05 21.36
C HIS A 1373 29.15 49.39 22.58
N GLU A 1374 27.98 49.84 23.03
CA GLU A 1374 27.34 49.23 24.21
C GLU A 1374 27.12 47.76 23.90
N SER A 1375 26.77 47.48 22.66
CA SER A 1375 26.51 46.12 22.21
C SER A 1375 27.64 45.18 22.62
N MET A 1376 28.85 45.62 22.34
CA MET A 1376 30.05 44.89 22.70
C MET A 1376 30.09 44.55 24.18
N VAL A 1377 29.76 45.53 25.01
CA VAL A 1377 29.91 45.41 26.45
C VAL A 1377 29.05 44.29 27.00
N ASP A 1378 27.79 44.25 26.58
CA ASP A 1378 26.88 43.24 27.09
C ASP A 1378 27.45 41.85 26.77
N HIS A 1379 27.87 41.65 25.52
CA HIS A 1379 28.37 40.33 25.14
C HIS A 1379 29.70 40.04 25.80
N ILE A 1380 30.48 41.07 26.14
CA ILE A 1380 31.73 40.84 26.87
C ILE A 1380 31.43 40.24 28.24
N LEU A 1381 30.53 40.85 29.00
CA LEU A 1381 30.14 40.31 30.30
C LEU A 1381 29.67 38.88 30.18
N ARG A 1382 28.93 38.60 29.10
CA ARG A 1382 28.42 37.26 28.84
C ARG A 1382 29.56 36.27 28.57
N ILE A 1383 30.55 36.67 27.77
CA ILE A 1383 31.65 35.77 27.45
C ILE A 1383 32.50 35.48 28.69
N ASP A 1384 32.70 36.48 29.53
CA ASP A 1384 33.55 36.33 30.71
C ASP A 1384 32.89 35.47 31.75
N ARG A 1385 31.65 35.80 32.06
CA ARG A 1385 30.87 35.03 33.01
C ARG A 1385 30.87 33.57 32.58
N ALA A 1386 30.75 33.35 31.27
CA ALA A 1386 30.73 32.00 30.72
C ALA A 1386 32.04 31.27 30.95
N LEU A 1387 33.16 31.93 30.70
CA LEU A 1387 34.48 31.33 30.87
C LEU A 1387 34.83 31.18 32.36
N LYS A 1388 34.05 31.83 33.22
CA LYS A 1388 34.23 31.71 34.68
C LYS A 1388 33.54 30.47 35.25
N GLN A 1389 32.53 29.95 34.56
CA GLN A 1389 31.73 28.83 35.07
C GLN A 1389 32.41 27.47 34.94
N VAL A 1390 32.29 26.65 35.99
CA VAL A 1390 33.19 25.51 36.20
C VAL A 1390 33.34 24.62 34.97
N GLN A 1391 32.31 23.86 34.63
CA GLN A 1391 32.38 23.06 33.40
C GLN A 1391 31.47 23.74 32.41
N GLY A 1392 32.06 24.39 31.43
CA GLY A 1392 31.29 25.22 30.55
C GLY A 1392 32.04 25.70 29.34
N HIS A 1393 31.24 25.95 28.32
CA HIS A 1393 31.73 26.27 27.00
C HIS A 1393 30.66 27.14 26.42
N MET A 1394 30.99 27.79 25.33
CA MET A 1394 30.09 28.77 24.76
C MET A 1394 30.15 28.65 23.27
N MET A 1395 29.05 28.99 22.63
CA MET A 1395 29.07 29.17 21.20
C MET A 1395 28.38 30.48 20.85
N LEU A 1396 29.06 31.28 20.06
CA LEU A 1396 28.57 32.59 19.69
C LEU A 1396 27.97 32.55 18.30
N ILE A 1397 26.65 32.74 18.20
CA ILE A 1397 26.02 32.85 16.89
C ILE A 1397 25.93 34.32 16.59
N GLY A 1398 26.86 34.80 15.75
CA GLY A 1398 27.00 36.22 15.52
C GLY A 1398 26.80 36.77 14.13
N ALA A 1399 26.28 35.99 13.21
CA ALA A 1399 26.54 36.25 11.79
C ALA A 1399 28.07 36.23 11.66
N SER A 1400 28.66 37.15 10.90
CA SER A 1400 30.10 37.14 10.59
C SER A 1400 30.64 38.57 10.68
N ARG A 1401 31.95 38.74 10.90
CA ARG A 1401 32.55 40.08 10.99
C ARG A 1401 31.99 40.85 12.18
N THR A 1402 31.07 40.20 12.91
CA THR A 1402 30.40 40.76 14.06
C THR A 1402 31.41 41.06 15.15
N GLY A 1403 32.59 40.45 15.02
CA GLY A 1403 33.65 40.61 16.00
C GLY A 1403 33.47 39.69 17.19
N LYS A 1404 33.00 38.47 16.93
CA LYS A 1404 32.82 37.49 18.03
C LYS A 1404 34.09 36.72 18.39
N THR A 1405 34.92 36.37 17.42
CA THR A 1405 36.15 35.67 17.74
C THR A 1405 37.07 36.59 18.52
N ILE A 1406 37.26 37.80 18.00
CA ILE A 1406 38.19 38.75 18.58
C ILE A 1406 37.75 39.15 19.99
N LEU A 1407 36.45 39.08 20.26
CA LEU A 1407 35.91 39.35 21.58
C LEU A 1407 36.23 38.21 22.53
N THR A 1408 36.14 36.99 22.04
CA THR A 1408 36.52 35.82 22.83
C THR A 1408 37.96 36.00 23.24
N ARG A 1409 38.79 36.34 22.27
CA ARG A 1409 40.21 36.57 22.50
C ARG A 1409 40.44 37.69 23.50
N PHE A 1410 39.56 38.67 23.52
CA PHE A 1410 39.71 39.77 24.46
C PHE A 1410 39.54 39.27 25.89
N VAL A 1411 38.48 38.51 26.13
CA VAL A 1411 38.24 38.01 27.47
C VAL A 1411 39.34 37.03 27.86
N ALA A 1412 39.76 36.22 26.88
CA ALA A 1412 40.85 35.27 27.11
C ALA A 1412 42.09 36.02 27.58
N TRP A 1413 42.34 37.18 26.97
CA TRP A 1413 43.47 38.03 27.33
C TRP A 1413 43.24 38.68 28.69
N LEU A 1414 41.99 39.03 28.97
CA LEU A 1414 41.62 39.67 30.24
C LEU A 1414 41.85 38.78 31.45
N ASN A 1415 41.39 37.54 31.35
CA ASN A 1415 41.50 36.58 32.44
C ASN A 1415 42.74 35.70 32.32
N GLY A 1416 43.59 36.00 31.33
CA GLY A 1416 44.87 35.33 31.20
C GLY A 1416 44.73 33.84 30.94
N LEU A 1417 43.81 33.50 30.06
CA LEU A 1417 43.59 32.12 29.64
C LEU A 1417 44.43 31.85 28.41
N LYS A 1418 44.96 30.64 28.28
CA LYS A 1418 45.78 30.31 27.12
C LYS A 1418 44.85 30.04 25.95
N ILE A 1419 45.04 30.81 24.89
CA ILE A 1419 44.21 30.68 23.69
C ILE A 1419 44.78 29.63 22.76
N VAL A 1420 43.92 28.75 22.26
CA VAL A 1420 44.30 27.75 21.27
C VAL A 1420 43.29 27.75 20.14
N GLN A 1421 43.74 28.03 18.93
CA GLN A 1421 42.88 27.96 17.75
C GLN A 1421 43.42 26.80 16.90
N PRO A 1422 42.61 25.74 16.70
CA PRO A 1422 43.10 24.58 15.93
C PRO A 1422 43.54 24.93 14.52
N LYS A 1423 44.76 24.51 14.19
CA LYS A 1423 45.35 24.77 12.89
C LYS A 1423 45.17 23.55 11.97
N ILE A 1424 44.41 23.73 10.89
CA ILE A 1424 43.98 22.63 10.02
C ILE A 1424 43.82 23.04 8.54
N HIS A 1425 43.48 22.08 7.67
CA HIS A 1425 43.21 22.36 6.24
C HIS A 1425 42.54 21.18 5.53
N ARG A 1426 42.42 21.26 4.20
CA ARG A 1426 41.78 20.22 3.41
C ARG A 1426 42.47 18.86 3.56
N HIS A 1427 43.79 18.88 3.74
CA HIS A 1427 44.57 17.66 3.90
C HIS A 1427 44.73 17.24 5.36
N SER A 1428 44.17 18.01 6.29
CA SER A 1428 44.33 17.76 7.72
C SER A 1428 43.63 16.47 8.17
N ASN A 1429 44.28 15.72 9.06
CA ASN A 1429 43.79 14.42 9.50
C ASN A 1429 43.11 14.44 10.89
N LEU A 1430 42.55 13.31 11.30
CA LEU A 1430 41.96 13.19 12.64
C LEU A 1430 43.03 13.04 13.70
N SER A 1431 44.06 12.27 13.36
CA SER A 1431 45.25 12.16 14.18
C SER A 1431 45.79 13.54 14.52
N ASP A 1432 45.67 14.45 13.56
CA ASP A 1432 46.14 15.82 13.75
C ASP A 1432 45.30 16.56 14.79
N PHE A 1433 43.98 16.52 14.67
CA PHE A 1433 43.11 17.17 15.64
C PHE A 1433 43.19 16.53 17.03
N ASP A 1434 43.46 15.23 17.08
CA ASP A 1434 43.66 14.55 18.35
C ASP A 1434 44.80 15.19 19.12
N MET A 1435 45.94 15.34 18.46
CA MET A 1435 47.15 15.88 19.07
C MET A 1435 46.94 17.28 19.64
N ILE A 1436 46.14 18.09 18.95
CA ILE A 1436 45.81 19.41 19.46
C ILE A 1436 45.06 19.26 20.77
N LEU A 1437 44.00 18.46 20.74
CA LEU A 1437 43.18 18.21 21.92
C LEU A 1437 44.02 17.54 23.00
N LYS A 1438 44.85 16.59 22.58
CA LYS A 1438 45.67 15.80 23.47
C LYS A 1438 46.60 16.69 24.29
N LYS A 1439 47.38 17.49 23.58
CA LYS A 1439 48.31 18.45 24.18
C LYS A 1439 47.58 19.53 24.99
N ALA A 1440 46.43 19.97 24.48
CA ALA A 1440 45.64 21.00 25.15
C ALA A 1440 45.18 20.52 26.51
N ILE A 1441 44.75 19.26 26.58
CA ILE A 1441 44.27 18.66 27.82
C ILE A 1441 45.40 18.48 28.83
N SER A 1442 46.57 18.05 28.36
CA SER A 1442 47.74 17.87 29.22
C SER A 1442 48.08 19.16 29.96
N ASP A 1443 48.09 20.27 29.23
CA ASP A 1443 48.42 21.56 29.81
C ASP A 1443 47.33 22.01 30.77
N CYS A 1444 46.09 21.68 30.45
CA CYS A 1444 44.94 22.05 31.29
C CYS A 1444 44.99 21.33 32.62
N SER A 1445 45.70 20.21 32.67
CA SER A 1445 45.78 19.38 33.86
C SER A 1445 47.11 19.53 34.58
N LEU A 1446 48.16 19.07 33.94
CA LEU A 1446 49.50 19.00 34.54
C LEU A 1446 50.05 20.36 34.94
N LYS A 1447 49.96 21.34 34.05
CA LYS A 1447 50.49 22.69 34.31
C LYS A 1447 49.46 23.71 34.81
N GLU A 1448 48.19 23.31 34.91
CA GLU A 1448 47.13 24.21 35.37
C GLU A 1448 47.06 25.48 34.51
N SER A 1449 47.09 25.31 33.18
CA SER A 1449 47.14 26.43 32.25
C SER A 1449 45.84 27.21 32.07
N ARG A 1450 44.71 26.57 32.30
CA ARG A 1450 43.41 27.23 32.15
C ARG A 1450 43.24 27.79 30.73
N THR A 1451 43.12 26.91 29.73
CA THR A 1451 43.14 27.33 28.32
C THR A 1451 41.74 27.52 27.75
N CYS A 1452 41.60 28.47 26.83
CA CYS A 1452 40.37 28.67 26.07
C CYS A 1452 40.55 28.29 24.59
N LEU A 1453 39.86 27.23 24.16
CA LEU A 1453 39.98 26.72 22.80
C LEU A 1453 38.93 27.31 21.86
N ILE A 1454 39.36 28.14 20.91
CA ILE A 1454 38.46 28.82 19.99
C ILE A 1454 38.34 28.08 18.67
N ILE A 1455 37.14 27.54 18.43
CA ILE A 1455 36.82 26.90 17.15
C ILE A 1455 36.01 27.87 16.31
N ASP A 1456 36.44 28.10 15.08
CA ASP A 1456 35.62 28.82 14.11
C ASP A 1456 34.96 27.80 13.20
N GLU A 1457 34.06 28.24 12.32
CA GLU A 1457 33.43 27.34 11.37
C GLU A 1457 34.26 27.28 10.09
N SER A 1458 35.27 28.15 9.99
CA SER A 1458 36.27 28.02 8.94
C SER A 1458 37.10 26.77 9.23
N ASN A 1459 37.44 26.59 10.50
CA ASN A 1459 38.34 25.53 10.92
C ASN A 1459 37.91 24.10 10.56
N ILE A 1460 36.62 23.87 10.37
CA ILE A 1460 36.16 22.51 10.12
C ILE A 1460 36.09 22.22 8.61
N LEU A 1461 36.98 21.34 8.16
CA LEU A 1461 36.93 20.80 6.81
C LEU A 1461 36.23 19.46 6.81
N GLU A 1462 35.93 18.96 8.00
CA GLU A 1462 35.27 17.68 8.13
C GLU A 1462 34.57 17.63 9.47
N THR A 1463 33.62 16.71 9.62
CA THR A 1463 32.84 16.62 10.84
C THR A 1463 33.65 16.01 11.98
N ALA A 1464 34.75 15.33 11.67
CA ALA A 1464 35.54 14.62 12.68
C ALA A 1464 35.80 15.50 13.90
N PHE A 1465 35.82 16.80 13.64
CA PHE A 1465 35.98 17.84 14.64
C PHE A 1465 34.71 17.93 15.50
N LEU A 1466 33.56 17.73 14.87
CA LEU A 1466 32.27 17.66 15.55
C LEU A 1466 32.34 16.75 16.78
N GLU A 1467 32.66 15.50 16.50
CA GLU A 1467 32.41 14.41 17.42
C GLU A 1467 33.34 14.20 18.60
N ARG A 1468 34.65 14.26 18.37
CA ARG A 1468 35.56 13.99 19.48
C ARG A 1468 35.31 14.98 20.61
N MET A 1469 34.82 16.16 20.25
CA MET A 1469 34.39 17.14 21.24
C MET A 1469 32.94 16.93 21.72
N ASN A 1470 32.11 16.18 20.99
CA ASN A 1470 30.79 15.79 21.53
C ASN A 1470 31.04 15.19 22.90
N THR A 1471 32.14 14.46 22.96
CA THR A 1471 32.65 13.87 24.19
C THR A 1471 33.16 14.89 25.22
N LEU A 1472 34.17 15.68 24.82
CA LEU A 1472 34.96 16.50 25.74
C LEU A 1472 34.12 17.55 26.44
N LEU A 1473 33.11 18.02 25.71
CA LEU A 1473 32.17 18.99 26.22
C LEU A 1473 31.22 18.32 27.21
N ALA A 1474 30.49 17.32 26.70
CA ALA A 1474 29.45 16.62 27.47
C ALA A 1474 29.96 16.03 28.78
N ASN A 1475 30.76 14.97 28.69
CA ASN A 1475 31.47 14.46 29.84
C ASN A 1475 32.75 15.28 29.91
N ALA A 1476 33.60 15.05 30.91
CA ALA A 1476 34.76 15.89 31.11
C ALA A 1476 36.09 15.34 30.55
N ASP A 1477 36.07 14.18 29.89
CA ASP A 1477 37.32 13.56 29.40
C ASP A 1477 37.12 12.99 28.02
N ILE A 1478 38.22 12.60 27.39
CA ILE A 1478 38.16 11.71 26.24
C ILE A 1478 38.92 10.43 26.61
N PRO A 1479 38.22 9.28 26.70
CA PRO A 1479 38.89 8.02 27.05
C PRO A 1479 39.90 7.48 26.04
N ASP A 1480 39.60 7.55 24.75
CA ASP A 1480 40.48 7.02 23.71
C ASP A 1480 41.80 7.78 23.62
N LEU A 1481 41.73 9.08 23.89
CA LEU A 1481 42.79 10.00 23.53
C LEU A 1481 44.16 9.63 24.10
N PHE A 1482 44.19 9.28 25.37
CA PHE A 1482 45.43 8.80 25.99
C PHE A 1482 45.33 7.29 26.12
N GLN A 1483 46.07 6.58 25.28
CA GLN A 1483 46.00 5.13 25.30
C GLN A 1483 47.32 4.46 24.96
N GLY A 1484 47.39 3.16 25.25
CA GLY A 1484 48.62 2.41 25.15
C GLY A 1484 49.59 2.86 26.22
N GLU A 1485 50.87 2.93 25.88
CA GLU A 1485 51.88 3.43 26.81
C GLU A 1485 51.63 4.90 27.11
N GLU A 1486 51.04 5.61 26.15
CA GLU A 1486 50.76 7.03 26.30
C GLU A 1486 49.92 7.30 27.55
N TYR A 1487 49.09 6.33 27.89
CA TYR A 1487 48.31 6.34 29.11
C TYR A 1487 49.19 6.28 30.36
N ASP A 1488 50.14 5.34 30.37
CA ASP A 1488 51.06 5.17 31.49
C ASP A 1488 51.96 6.39 31.72
N LYS A 1489 52.34 7.05 30.63
CA LYS A 1489 53.19 8.23 30.74
C LYS A 1489 52.41 9.32 31.45
N LEU A 1490 51.17 9.54 31.00
CA LEU A 1490 50.29 10.53 31.60
C LEU A 1490 50.09 10.27 33.08
N LEU A 1491 49.75 9.03 33.41
CA LEU A 1491 49.54 8.59 34.79
C LEU A 1491 50.70 8.93 35.71
N ASN A 1492 51.91 8.65 35.24
CA ASN A 1492 53.13 8.97 35.98
C ASN A 1492 53.17 10.46 36.33
N ASN A 1493 53.04 11.30 35.31
CA ASN A 1493 53.00 12.75 35.48
C ASN A 1493 51.93 13.19 36.49
N LEU A 1494 50.74 12.60 36.38
CA LEU A 1494 49.63 12.93 37.27
C LEU A 1494 49.98 12.68 38.72
N ARG A 1495 50.62 11.55 38.98
CA ARG A 1495 51.04 11.20 40.33
C ARG A 1495 51.95 12.31 40.84
N ASN A 1496 52.96 12.68 40.05
CA ASN A 1496 53.89 13.75 40.39
C ASN A 1496 53.24 15.09 40.70
N LYS A 1497 52.35 15.52 39.81
CA LYS A 1497 51.68 16.80 39.98
C LYS A 1497 50.79 16.76 41.21
N THR A 1498 50.09 15.65 41.38
CA THR A 1498 49.17 15.49 42.50
C THR A 1498 49.94 15.58 43.81
N ARG A 1499 51.03 14.84 43.89
CA ARG A 1499 51.85 14.80 45.09
C ARG A 1499 52.53 16.13 45.36
N SER A 1500 52.75 16.90 44.31
CA SER A 1500 53.33 18.24 44.44
C SER A 1500 52.29 19.23 44.96
N LEU A 1501 51.02 18.90 44.78
CA LEU A 1501 49.93 19.70 45.32
C LEU A 1501 49.67 19.37 46.79
N GLY A 1502 50.39 18.38 47.31
CA GLY A 1502 50.24 17.98 48.71
C GLY A 1502 49.17 16.93 48.93
N LEU A 1503 48.86 16.17 47.88
CA LEU A 1503 47.86 15.11 47.96
C LEU A 1503 48.42 13.81 47.39
N LEU A 1504 48.49 12.77 48.23
CA LEU A 1504 48.95 11.47 47.78
C LEU A 1504 47.71 10.62 47.55
N LEU A 1505 47.44 10.34 46.27
CA LEU A 1505 46.25 9.62 45.88
C LEU A 1505 46.52 8.13 45.68
N ASP A 1506 45.86 7.31 46.50
CA ASP A 1506 46.09 5.88 46.54
C ASP A 1506 45.90 5.22 45.16
N THR A 1507 44.66 5.13 44.72
CA THR A 1507 44.34 4.36 43.52
C THR A 1507 44.72 5.12 42.26
N GLU A 1508 44.53 4.47 41.12
CA GLU A 1508 44.76 5.05 39.81
C GLU A 1508 43.57 5.89 39.38
N GLN A 1509 42.37 5.38 39.66
CA GLN A 1509 41.13 6.05 39.27
C GLN A 1509 40.99 7.38 40.00
N GLU A 1510 41.61 7.46 41.18
CA GLU A 1510 41.57 8.69 41.96
C GLU A 1510 42.35 9.77 41.21
N LEU A 1511 43.54 9.40 40.75
CA LEU A 1511 44.34 10.28 39.91
C LEU A 1511 43.54 10.71 38.70
N TYR A 1512 42.98 9.74 38.00
CA TYR A 1512 42.19 10.01 36.80
C TYR A 1512 40.91 10.80 37.12
N ASP A 1513 40.38 10.65 38.33
CA ASP A 1513 39.20 11.42 38.72
C ASP A 1513 39.59 12.88 38.98
N TRP A 1514 40.77 13.07 39.57
CA TRP A 1514 41.33 14.41 39.77
C TRP A 1514 41.63 15.07 38.43
N PHE A 1515 42.18 14.25 37.54
CA PHE A 1515 42.57 14.67 36.20
C PHE A 1515 41.38 15.20 35.42
N VAL A 1516 40.32 14.41 35.40
CA VAL A 1516 39.11 14.77 34.66
C VAL A 1516 38.46 16.02 35.22
N GLY A 1517 38.39 16.11 36.54
CA GLY A 1517 37.88 17.30 37.21
C GLY A 1517 38.69 18.52 36.84
N GLU A 1518 39.98 18.31 36.58
CA GLU A 1518 40.87 19.38 36.16
C GLU A 1518 40.53 19.84 34.74
N ILE A 1519 40.25 18.90 33.85
CA ILE A 1519 39.83 19.24 32.49
C ILE A 1519 38.50 19.99 32.53
N ALA A 1520 37.62 19.57 33.43
CA ALA A 1520 36.31 20.20 33.55
C ALA A 1520 36.37 21.68 33.91
N LYS A 1521 37.06 22.03 35.00
CA LYS A 1521 37.10 23.41 35.47
C LYS A 1521 38.08 24.30 34.71
N ASN A 1522 39.18 23.73 34.23
CA ASN A 1522 40.22 24.50 33.54
C ASN A 1522 40.25 24.49 32.01
N LEU A 1523 39.31 23.81 31.34
CA LEU A 1523 39.28 23.84 29.87
C LEU A 1523 37.94 24.34 29.35
N HIS A 1524 38.01 25.49 28.69
CA HIS A 1524 36.84 26.09 28.04
C HIS A 1524 36.95 26.04 26.53
N VAL A 1525 35.82 25.82 25.89
CA VAL A 1525 35.75 25.80 24.44
C VAL A 1525 34.77 26.86 23.97
N VAL A 1526 35.13 27.59 22.93
CA VAL A 1526 34.24 28.59 22.37
C VAL A 1526 34.07 28.38 20.87
N PHE A 1527 32.85 28.06 20.46
CA PHE A 1527 32.52 28.00 19.04
C PHE A 1527 32.05 29.36 18.58
N THR A 1528 32.43 29.73 17.36
CA THR A 1528 31.90 30.92 16.71
C THR A 1528 31.34 30.53 15.36
N ILE A 1529 30.02 30.61 15.21
CA ILE A 1529 29.37 30.24 13.95
C ILE A 1529 28.57 31.39 13.38
N CYS A 1530 28.36 31.36 12.07
CA CYS A 1530 27.78 32.50 11.36
C CYS A 1530 26.35 32.22 10.96
N ASP A 1531 26.16 31.39 9.93
CA ASP A 1531 24.82 31.10 9.46
C ASP A 1531 24.46 29.72 9.98
N PRO A 1532 23.57 29.68 10.98
CA PRO A 1532 23.15 28.37 11.46
C PRO A 1532 22.31 27.60 10.43
N THR A 1533 21.82 28.31 9.44
CA THR A 1533 20.88 27.78 8.46
C THR A 1533 21.42 26.80 7.41
N ASN A 1534 22.67 26.96 6.99
CA ASN A 1534 23.27 26.08 5.98
C ASN A 1534 23.51 24.69 6.59
N ASN A 1535 23.66 23.65 5.75
CA ASN A 1535 23.86 22.28 6.25
C ASN A 1535 25.20 22.09 6.97
N LYS A 1536 26.22 22.83 6.55
CA LYS A 1536 27.57 22.71 7.11
C LYS A 1536 27.63 23.10 8.59
N SER A 1537 27.06 24.26 8.91
CA SER A 1537 26.93 24.73 10.28
C SER A 1537 25.78 24.06 11.03
N SER A 1538 24.75 23.62 10.32
CA SER A 1538 23.61 23.02 10.99
C SER A 1538 23.97 21.60 11.48
N ALA A 1539 24.99 21.01 10.87
CA ALA A 1539 25.53 19.75 11.36
C ALA A 1539 26.17 20.01 12.73
N MET A 1540 26.79 21.17 12.87
CA MET A 1540 27.32 21.63 14.15
C MET A 1540 26.17 21.90 15.11
N ILE A 1541 25.07 22.35 14.55
CA ILE A 1541 23.97 22.91 15.33
C ILE A 1541 23.10 21.91 16.08
N SER A 1542 22.41 21.05 15.34
CA SER A 1542 21.48 20.11 15.96
C SER A 1542 22.22 19.25 16.96
N SER A 1543 23.49 18.99 16.65
CA SER A 1543 24.27 18.01 17.37
C SER A 1543 24.18 18.38 18.84
N PRO A 1544 23.59 17.47 19.62
CA PRO A 1544 23.17 17.82 20.96
C PRO A 1544 24.30 18.15 21.93
N ALA A 1545 25.36 17.34 21.96
CA ALA A 1545 26.40 17.53 22.96
C ALA A 1545 26.96 18.94 22.83
N LEU A 1546 26.93 19.43 21.58
CA LEU A 1546 27.19 20.84 21.30
C LEU A 1546 26.17 21.76 21.95
N PHE A 1547 24.97 21.79 21.40
CA PHE A 1547 23.98 22.76 21.86
C PHE A 1547 23.63 22.67 23.32
N ASN A 1548 23.66 21.48 23.90
CA ASN A 1548 23.33 21.40 25.32
C ASN A 1548 24.45 21.61 26.35
N ARG A 1549 25.73 21.41 26.02
CA ARG A 1549 26.80 21.89 26.91
C ARG A 1549 27.43 23.19 26.41
N CYS A 1550 26.98 23.69 25.27
CA CYS A 1550 27.39 25.01 24.83
C CYS A 1550 26.37 26.01 25.32
N ILE A 1551 26.87 27.08 25.91
CA ILE A 1551 26.03 28.22 26.20
C ILE A 1551 25.85 28.94 24.87
N ILE A 1552 24.62 29.00 24.41
CA ILE A 1552 24.34 29.59 23.10
C ILE A 1552 24.13 31.07 23.33
N ASN A 1553 24.98 31.89 22.70
CA ASN A 1553 24.80 33.33 22.77
C ASN A 1553 24.57 33.89 21.39
N TRP A 1554 23.44 34.56 21.25
CA TRP A 1554 23.01 35.07 19.97
C TRP A 1554 23.44 36.52 19.74
N MET A 1555 24.38 36.69 18.81
CA MET A 1555 24.74 38.00 18.29
C MET A 1555 24.11 37.96 16.89
N GLY A 1556 24.29 38.99 16.07
CA GLY A 1556 23.64 39.00 14.76
C GLY A 1556 24.26 40.08 13.90
N ASP A 1557 23.56 40.55 12.87
CA ASP A 1557 24.14 41.60 12.04
C ASP A 1557 24.17 42.84 12.93
N TRP A 1558 24.92 43.87 12.54
CA TRP A 1558 25.05 45.06 13.38
C TRP A 1558 23.67 45.58 13.65
N ASP A 1559 23.57 46.28 14.77
CA ASP A 1559 22.32 46.69 15.33
C ASP A 1559 21.72 47.96 14.67
N THR A 1560 22.40 48.49 13.65
CA THR A 1560 21.98 49.71 12.92
C THR A 1560 22.12 50.95 13.77
N LYS A 1561 22.45 50.74 15.05
CA LYS A 1561 22.68 51.80 16.00
C LYS A 1561 24.17 51.76 16.21
N THR A 1562 24.63 50.58 16.59
CA THR A 1562 26.05 50.31 16.72
C THR A 1562 26.72 50.52 15.36
N MET A 1563 25.97 50.38 14.26
CA MET A 1563 26.50 50.73 12.95
C MET A 1563 26.96 52.19 12.96
N SER A 1564 26.18 53.06 13.60
CA SER A 1564 26.56 54.46 13.74
C SER A 1564 27.74 54.63 14.69
N GLN A 1565 27.75 53.88 15.79
CA GLN A 1565 28.82 53.98 16.77
C GLN A 1565 30.13 53.62 16.12
N VAL A 1566 30.09 52.61 15.24
CA VAL A 1566 31.25 52.24 14.47
C VAL A 1566 31.61 53.34 13.50
N ALA A 1567 30.62 53.78 12.73
CA ALA A 1567 30.85 54.77 11.71
C ALA A 1567 31.42 56.03 12.32
N ASN A 1568 30.75 56.56 13.33
CA ASN A 1568 31.19 57.79 13.96
C ASN A 1568 32.61 57.68 14.50
N ASN A 1569 32.94 56.53 15.09
CA ASN A 1569 34.26 56.37 15.71
C ASN A 1569 35.37 56.26 14.67
N MET A 1570 35.00 55.92 13.44
CA MET A 1570 35.95 55.86 12.32
C MET A 1570 36.21 57.21 11.66
N VAL A 1571 35.18 58.05 11.61
CA VAL A 1571 35.30 59.37 11.03
C VAL A 1571 35.70 60.39 12.11
N ASP A 1572 36.07 59.88 13.29
CA ASP A 1572 36.53 60.69 14.41
C ASP A 1572 37.60 61.70 13.96
N VAL A 1573 38.51 61.26 13.10
CA VAL A 1573 39.49 62.17 12.48
C VAL A 1573 38.72 63.14 11.60
N ILE A 1574 39.09 64.42 11.63
CA ILE A 1574 38.21 65.49 11.12
C ILE A 1574 38.78 66.24 9.91
N PRO A 1575 38.78 65.59 8.72
CA PRO A 1575 38.96 66.18 7.40
C PRO A 1575 37.74 66.99 6.90
N MET A 1576 36.64 66.95 7.64
CA MET A 1576 35.34 67.46 7.16
C MET A 1576 35.18 68.99 7.17
N GLU A 1577 34.72 69.48 6.02
CA GLU A 1577 34.80 70.89 5.61
C GLU A 1577 33.47 71.61 5.38
N PHE A 1578 33.61 72.90 5.09
CA PHE A 1578 32.52 73.81 4.75
C PHE A 1578 31.41 73.91 5.82
N THR A 1579 30.18 74.10 5.37
CA THR A 1579 29.02 74.30 6.21
C THR A 1579 27.95 73.33 5.74
N ASP A 1580 26.94 73.14 6.57
CA ASP A 1580 25.76 72.43 6.11
C ASP A 1580 24.84 73.53 5.65
N PHE A 1581 24.53 73.55 4.37
CA PHE A 1581 23.66 74.58 3.84
C PHE A 1581 22.31 74.35 4.49
N ILE A 1582 21.98 73.08 4.64
CA ILE A 1582 20.73 72.68 5.27
C ILE A 1582 21.09 71.86 6.49
N VAL A 1583 20.89 72.45 7.68
CA VAL A 1583 20.65 71.65 8.86
C VAL A 1583 19.55 70.79 8.33
N PRO A 1584 19.64 69.47 8.53
CA PRO A 1584 18.66 68.60 7.85
C PRO A 1584 17.23 69.11 8.06
N GLU A 1585 16.56 69.56 7.01
CA GLU A 1585 15.15 69.86 7.15
C GLU A 1585 14.40 69.02 6.13
N VAL A 1586 13.97 67.85 6.58
CA VAL A 1586 13.16 66.93 5.79
C VAL A 1586 13.15 65.60 6.59
N ASN A 1587 12.31 64.66 6.19
CA ASN A 1587 12.25 63.32 6.79
C ASN A 1587 11.56 63.37 8.14
N PHE A 1592 18.29 57.72 12.07
CA PHE A 1592 18.29 56.85 13.25
C PHE A 1592 19.69 56.69 13.83
N THR A 1593 20.69 57.19 13.10
CA THR A 1593 22.06 57.20 13.58
C THR A 1593 22.19 58.04 14.85
N GLU A 1594 21.69 59.26 14.77
CA GLU A 1594 21.80 60.25 15.84
C GLU A 1594 20.91 61.42 15.43
N PRO A 1595 20.59 62.32 16.39
CA PRO A 1595 20.04 63.58 15.91
C PRO A 1595 21.10 64.18 15.01
N ILE A 1596 20.72 64.62 13.81
CA ILE A 1596 21.70 64.91 12.77
C ILE A 1596 21.94 66.42 12.70
N GLN A 1597 23.18 66.80 13.01
CA GLN A 1597 23.60 68.19 12.94
C GLN A 1597 24.70 68.43 11.90
N THR A 1598 25.81 67.72 12.10
CA THR A 1598 27.05 67.86 11.32
C THR A 1598 27.00 67.16 9.96
N ILE A 1599 28.01 67.38 9.13
CA ILE A 1599 28.19 66.61 7.90
C ILE A 1599 28.52 65.18 8.28
N ARG A 1600 29.17 65.04 9.43
CA ARG A 1600 29.56 63.74 9.94
C ARG A 1600 28.34 62.83 10.01
N ASP A 1601 27.33 63.29 10.73
CA ASP A 1601 26.11 62.54 10.94
C ASP A 1601 25.45 62.23 9.59
N ALA A 1602 25.43 63.20 8.69
CA ALA A 1602 24.87 63.00 7.36
C ALA A 1602 25.55 61.82 6.69
N VAL A 1603 26.88 61.79 6.71
CA VAL A 1603 27.64 60.73 6.06
C VAL A 1603 27.33 59.35 6.62
N VAL A 1604 27.21 59.22 7.95
CA VAL A 1604 27.01 57.90 8.52
C VAL A 1604 25.56 57.46 8.26
N ASN A 1605 24.68 58.43 8.07
CA ASN A 1605 23.28 58.12 7.78
C ASN A 1605 23.11 57.65 6.34
N ILE A 1606 23.87 58.26 5.44
CA ILE A 1606 23.86 57.88 4.04
C ILE A 1606 24.44 56.48 3.91
N LEU A 1607 25.56 56.26 4.57
CA LEU A 1607 26.28 55.00 4.47
C LEU A 1607 25.42 53.86 4.97
N ILE A 1608 24.82 54.07 6.14
CA ILE A 1608 23.95 53.07 6.71
C ILE A 1608 22.76 52.79 5.80
N HIS A 1609 22.08 53.84 5.37
CA HIS A 1609 20.95 53.67 4.47
C HIS A 1609 21.37 52.89 3.25
N PHE A 1610 22.58 53.13 2.74
CA PHE A 1610 23.01 52.39 1.57
C PHE A 1610 23.24 50.92 1.89
N ASP A 1611 23.79 50.62 3.08
CA ASP A 1611 24.04 49.24 3.46
C ASP A 1611 22.70 48.53 3.49
N ARG A 1612 21.80 49.05 4.31
CA ARG A 1612 20.49 48.45 4.46
C ARG A 1612 19.80 48.36 3.10
N ASN A 1613 19.95 49.38 2.27
CA ASN A 1613 19.35 49.35 0.94
C ASN A 1613 20.04 48.33 0.08
N PHE A 1614 21.35 48.18 0.26
CA PHE A 1614 22.11 47.27 -0.58
C PHE A 1614 21.63 45.85 -0.32
N TYR A 1615 21.55 45.51 0.96
CA TYR A 1615 21.12 44.17 1.34
C TYR A 1615 19.68 43.90 0.92
N GLN A 1616 18.85 44.93 0.94
CA GLN A 1616 17.46 44.78 0.57
C GLN A 1616 17.34 44.50 -0.92
N LYS A 1617 17.99 45.35 -1.71
CA LYS A 1617 17.76 45.39 -3.15
C LYS A 1617 18.65 44.37 -3.88
N MET A 1618 19.50 43.67 -3.13
CA MET A 1618 20.41 42.66 -3.71
C MET A 1618 20.24 41.30 -3.04
N LYS A 1619 20.76 41.18 -1.82
CA LYS A 1619 20.79 39.91 -1.12
C LYS A 1619 19.40 39.48 -0.68
N VAL A 1620 19.12 38.20 -0.89
CA VAL A 1620 17.85 37.58 -0.54
C VAL A 1620 18.08 36.73 0.72
N GLY A 1621 17.05 36.58 1.54
CA GLY A 1621 17.14 35.78 2.74
C GLY A 1621 17.18 36.60 4.03
N VAL A 1622 16.78 35.97 5.13
CA VAL A 1622 16.68 36.65 6.43
C VAL A 1622 17.95 36.47 7.26
N ASN A 1623 18.69 37.56 7.41
CA ASN A 1623 20.02 37.57 8.03
C ASN A 1623 20.96 36.40 7.63
N PRO A 1624 21.03 36.06 6.32
CA PRO A 1624 22.02 35.04 5.93
C PRO A 1624 23.40 35.59 5.57
N ARG A 1625 23.93 36.55 6.32
CA ARG A 1625 25.17 37.21 5.90
C ARG A 1625 25.60 38.32 6.82
N SER A 1626 26.89 38.62 6.76
CA SER A 1626 27.45 39.69 7.53
C SER A 1626 27.71 41.03 6.87
N PRO A 1627 27.83 42.05 7.72
CA PRO A 1627 28.08 43.47 7.46
C PRO A 1627 29.56 43.86 7.64
N GLY A 1628 30.42 43.43 6.73
CA GLY A 1628 31.76 43.97 6.64
C GLY A 1628 31.92 44.88 5.44
N TYR A 1629 30.88 44.98 4.62
CA TYR A 1629 30.89 45.95 3.54
C TYR A 1629 30.90 47.32 4.17
N PHE A 1630 30.12 47.46 5.23
CA PHE A 1630 30.00 48.71 5.95
C PHE A 1630 31.39 49.20 6.36
N ILE A 1631 32.14 48.32 7.02
CA ILE A 1631 33.46 48.68 7.52
C ILE A 1631 34.50 48.86 6.44
N ASP A 1632 34.58 47.90 5.53
CA ASP A 1632 35.51 48.00 4.42
C ASP A 1632 35.19 49.29 3.66
N GLY A 1633 33.93 49.73 3.77
CA GLY A 1633 33.45 50.96 3.16
C GLY A 1633 33.72 52.24 3.95
N LEU A 1634 33.76 52.15 5.27
CA LEU A 1634 34.12 53.29 6.10
C LEU A 1634 35.61 53.59 5.97
N ARG A 1635 36.42 52.53 5.93
CA ARG A 1635 37.86 52.67 5.86
C ARG A 1635 38.35 53.26 4.54
N ALA A 1636 37.85 52.73 3.42
CA ALA A 1636 38.24 53.23 2.10
C ALA A 1636 37.89 54.70 1.99
N LEU A 1637 36.78 55.08 2.61
CA LEU A 1637 36.35 56.47 2.65
C LEU A 1637 37.36 57.33 3.40
N VAL A 1638 37.79 56.87 4.57
CA VAL A 1638 38.88 57.54 5.27
C VAL A 1638 40.10 57.68 4.39
N LYS A 1639 40.40 56.65 3.61
CA LYS A 1639 41.53 56.73 2.69
C LYS A 1639 41.33 57.83 1.66
N LEU A 1640 40.23 57.76 0.91
CA LEU A 1640 40.00 58.69 -0.21
C LEU A 1640 39.71 60.14 0.17
N VAL A 1641 39.03 60.38 1.28
CA VAL A 1641 38.79 61.75 1.73
C VAL A 1641 40.10 62.41 2.11
N THR A 1642 40.96 61.65 2.77
CA THR A 1642 42.27 62.16 3.16
C THR A 1642 43.11 62.47 1.93
N ALA A 1643 43.21 61.51 1.02
CA ALA A 1643 44.06 61.64 -0.17
C ALA A 1643 43.64 62.83 -1.04
N LYS A 1644 42.37 62.88 -1.40
CA LYS A 1644 41.86 63.93 -2.27
C LYS A 1644 41.87 65.28 -1.56
N TYR A 1645 41.64 65.28 -0.25
CA TYR A 1645 41.68 66.53 0.52
C TYR A 1645 43.09 67.11 0.63
N GLN A 1646 44.07 66.27 0.91
CA GLN A 1646 45.46 66.72 0.93
C GLN A 1646 45.84 67.32 -0.42
N ASP A 1647 45.60 66.55 -1.48
CA ASP A 1647 45.95 66.98 -2.83
C ASP A 1647 45.25 68.28 -3.17
N LEU A 1648 44.03 68.44 -2.67
CA LEU A 1648 43.30 69.69 -2.85
C LEU A 1648 44.06 70.84 -2.19
N GLN A 1649 44.31 70.72 -0.88
CA GLN A 1649 44.99 71.79 -0.14
C GLN A 1649 46.35 72.12 -0.72
N GLU A 1650 47.02 71.10 -1.27
CA GLU A 1650 48.33 71.31 -1.87
C GLU A 1650 48.17 72.24 -3.06
N ASN A 1651 47.15 71.98 -3.88
CA ASN A 1651 46.85 72.85 -5.01
C ASN A 1651 46.48 74.27 -4.56
N GLN A 1652 45.63 74.38 -3.55
CA GLN A 1652 45.19 75.70 -3.09
C GLN A 1652 46.33 76.52 -2.51
N ARG A 1653 47.29 75.86 -1.87
CA ARG A 1653 48.46 76.55 -1.35
C ARG A 1653 49.29 77.07 -2.51
N PHE A 1654 49.44 76.24 -3.54
CA PHE A 1654 50.27 76.54 -4.69
C PHE A 1654 49.79 77.74 -5.52
N VAL A 1655 48.48 77.87 -5.72
CA VAL A 1655 47.95 79.00 -6.49
C VAL A 1655 47.96 80.27 -5.62
N ASN A 1656 47.90 80.07 -4.30
CA ASN A 1656 47.88 81.19 -3.35
C ASN A 1656 49.25 81.80 -3.07
N VAL A 1657 50.31 81.00 -3.02
CA VAL A 1657 51.66 81.53 -2.93
C VAL A 1657 52.08 82.03 -4.32
N GLY A 1658 51.51 81.41 -5.35
CA GLY A 1658 51.73 81.84 -6.72
C GLY A 1658 51.12 83.21 -6.92
N LEU A 1659 49.86 83.34 -6.48
CA LEU A 1659 49.15 84.61 -6.48
C LEU A 1659 49.91 85.68 -5.68
N GLU A 1660 50.56 85.24 -4.61
CA GLU A 1660 51.39 86.12 -3.77
C GLU A 1660 52.53 86.74 -4.58
N LYS A 1661 53.28 85.89 -5.28
CA LYS A 1661 54.41 86.35 -6.07
C LYS A 1661 53.93 87.24 -7.21
N LEU A 1662 52.66 87.09 -7.60
CA LEU A 1662 52.05 87.97 -8.61
C LEU A 1662 51.64 89.33 -8.03
N ASN A 1663 51.17 89.36 -6.78
CA ASN A 1663 50.86 90.62 -6.12
C ASN A 1663 52.14 91.41 -5.84
N GLU A 1664 53.22 90.69 -5.61
CA GLU A 1664 54.55 91.28 -5.48
C GLU A 1664 55.07 91.69 -6.86
N SER A 1665 54.57 91.03 -7.90
CA SER A 1665 55.08 91.25 -9.25
C SER A 1665 54.61 92.58 -9.82
N VAL A 1666 53.59 93.18 -9.20
CA VAL A 1666 53.18 94.53 -9.56
C VAL A 1666 53.93 95.53 -8.67
N LEU A 1667 54.85 96.23 -9.31
CA LEU A 1667 55.74 97.16 -8.66
C LEU A 1667 55.90 98.37 -9.58
N LYS A 1668 55.67 99.55 -8.99
CA LYS A 1668 55.76 100.82 -9.71
C LYS A 1668 54.84 100.75 -10.93
N VAL A 1669 55.36 101.01 -12.12
CA VAL A 1669 54.58 100.94 -13.37
C VAL A 1669 55.47 101.28 -14.55
N ASN A 1683 52.80 99.85 -27.86
CA ASN A 1683 54.06 100.54 -28.12
C ASN A 1683 55.04 99.64 -28.86
N ILE A 1684 55.69 100.20 -29.87
CA ILE A 1684 56.62 99.44 -30.70
C ILE A 1684 57.87 99.00 -29.92
N PHE A 1685 58.19 99.70 -28.83
CA PHE A 1685 59.42 99.37 -28.13
C PHE A 1685 59.33 98.00 -27.49
N GLU A 1686 58.19 97.71 -26.86
CA GLU A 1686 58.03 96.42 -26.22
C GLU A 1686 58.00 95.34 -27.29
N MET A 1687 57.52 95.69 -28.49
CA MET A 1687 57.55 94.74 -29.59
C MET A 1687 59.00 94.35 -29.82
N LEU A 1688 59.82 95.31 -30.21
CA LEU A 1688 61.18 95.01 -30.60
C LEU A 1688 61.97 94.41 -29.45
N ARG A 1689 61.58 94.72 -28.22
CA ARG A 1689 62.19 94.06 -27.08
C ARG A 1689 61.91 92.56 -27.09
N ILE A 1690 60.69 92.19 -27.43
CA ILE A 1690 60.29 90.79 -27.30
C ILE A 1690 61.01 89.78 -28.21
N ASP A 1691 61.05 89.99 -29.53
CA ASP A 1691 61.71 89.01 -30.40
C ASP A 1691 63.23 89.21 -30.46
N GLU A 1692 63.68 90.47 -30.42
CA GLU A 1692 65.10 90.77 -30.55
C GLU A 1692 65.77 90.72 -29.18
N GLY A 1693 65.28 91.54 -28.25
CA GLY A 1693 65.76 91.53 -26.88
C GLY A 1693 66.60 92.73 -26.50
N LEU A 1694 66.52 93.06 -25.22
CA LEU A 1694 67.08 94.29 -24.67
C LEU A 1694 68.31 93.97 -23.85
N ARG A 1695 69.43 94.61 -24.17
CA ARG A 1695 70.67 94.39 -23.43
C ARG A 1695 71.22 95.71 -22.91
N LEU A 1696 71.58 95.74 -21.63
CA LEU A 1696 72.18 96.93 -21.04
C LEU A 1696 73.70 96.85 -21.00
N LYS A 1697 74.27 95.76 -21.54
CA LYS A 1697 75.71 95.66 -21.69
C LYS A 1697 76.04 95.10 -23.07
N ILE A 1698 77.20 95.49 -23.60
CA ILE A 1698 77.58 95.07 -24.95
C ILE A 1698 77.65 93.55 -25.05
N TYR A 1699 77.27 93.05 -26.22
CA TYR A 1699 77.31 91.62 -26.50
C TYR A 1699 77.51 91.38 -27.99
N LYS A 1700 77.35 90.14 -28.42
CA LYS A 1700 77.48 89.79 -29.82
C LYS A 1700 76.18 89.18 -30.36
N ASP A 1701 75.89 89.46 -31.63
CA ASP A 1701 74.68 88.98 -32.28
C ASP A 1701 74.88 87.59 -32.88
N THR A 1702 73.89 87.13 -33.66
CA THR A 1702 73.97 85.80 -34.29
C THR A 1702 75.19 85.67 -35.20
N GLU A 1703 75.55 86.74 -35.89
CA GLU A 1703 76.75 86.75 -36.75
C GLU A 1703 78.00 87.16 -35.96
N GLY A 1704 77.83 87.46 -34.68
CA GLY A 1704 78.96 87.68 -33.79
C GLY A 1704 79.49 89.11 -33.77
N TYR A 1705 78.80 90.02 -34.46
CA TYR A 1705 79.22 91.42 -34.51
C TYR A 1705 78.95 92.11 -33.17
N TYR A 1706 79.31 93.39 -33.04
CA TYR A 1706 79.14 94.12 -31.79
C TYR A 1706 77.83 94.93 -31.74
N THR A 1707 77.05 94.69 -30.69
CA THR A 1707 75.72 95.28 -30.56
C THR A 1707 75.42 95.66 -29.10
N ILE A 1708 74.51 96.62 -28.90
CA ILE A 1708 74.07 97.02 -27.56
C ILE A 1708 72.62 97.51 -27.60
N GLY A 1709 71.94 97.46 -26.45
CA GLY A 1709 70.54 97.84 -26.40
C GLY A 1709 69.76 96.89 -27.29
N ILE A 1710 68.87 97.44 -28.11
CA ILE A 1710 68.10 96.63 -29.03
C ILE A 1710 68.69 96.71 -30.43
N GLY A 1711 69.37 95.64 -30.83
CA GLY A 1711 69.83 95.49 -32.19
C GLY A 1711 70.68 96.62 -32.74
N HIS A 1712 71.26 97.44 -31.86
CA HIS A 1712 72.05 98.59 -32.31
C HIS A 1712 73.50 98.19 -32.49
N LEU A 1713 73.94 98.19 -33.74
CA LEU A 1713 75.26 97.67 -34.10
C LEU A 1713 76.31 98.78 -34.09
N LEU A 1714 77.22 98.67 -33.13
CA LEU A 1714 78.33 99.62 -32.99
C LEU A 1714 79.40 99.42 -34.06
N THR A 1715 79.91 98.19 -34.19
CA THR A 1715 80.87 97.88 -35.24
C THR A 1715 80.85 96.41 -35.68
N LYS A 1716 81.06 96.19 -36.97
CA LYS A 1716 81.21 94.83 -37.52
C LYS A 1716 82.66 94.39 -37.43
N SER A 1717 83.53 95.29 -36.96
CA SER A 1717 84.94 94.99 -36.84
C SER A 1717 85.17 93.98 -35.71
N PRO A 1718 86.10 93.04 -35.90
CA PRO A 1718 86.44 92.10 -34.81
C PRO A 1718 87.05 92.78 -33.58
N SER A 1719 87.48 94.03 -33.75
CA SER A 1719 88.06 94.81 -32.65
C SER A 1719 87.10 94.93 -31.45
N LEU A 1720 87.66 94.76 -30.26
CA LEU A 1720 86.87 94.75 -29.03
C LEU A 1720 86.49 96.17 -28.62
N ASN A 1721 87.44 97.09 -28.76
CA ASN A 1721 87.25 98.48 -28.36
C ASN A 1721 86.80 99.40 -29.50
N ALA A 1722 86.62 98.85 -30.70
CA ALA A 1722 86.07 99.62 -31.82
C ALA A 1722 84.61 99.94 -31.55
N ALA A 1723 83.92 99.03 -30.87
CA ALA A 1723 82.53 99.23 -30.46
C ALA A 1723 82.40 100.30 -29.37
N LYS A 1724 83.28 100.24 -28.37
CA LYS A 1724 83.27 101.23 -27.28
C LYS A 1724 83.51 102.65 -27.78
N SER A 1725 84.33 102.78 -28.82
CA SER A 1725 84.58 104.08 -29.44
C SER A 1725 83.35 104.63 -30.15
N GLU A 1726 82.65 103.77 -30.90
CA GLU A 1726 81.45 104.17 -31.62
C GLU A 1726 80.29 104.51 -30.69
N LEU A 1727 80.09 103.67 -29.67
CA LEU A 1727 78.98 103.86 -28.72
C LEU A 1727 79.14 105.16 -27.96
N ASP A 1728 80.35 105.42 -27.50
CA ASP A 1728 80.65 106.62 -26.75
C ASP A 1728 80.49 107.84 -27.65
N LYS A 1729 80.75 107.68 -28.94
CA LYS A 1729 80.54 108.75 -29.90
C LYS A 1729 79.05 108.94 -30.21
N ALA A 1730 78.27 107.88 -30.00
CA ALA A 1730 76.83 107.91 -30.26
C ALA A 1730 76.05 108.51 -29.10
N ILE A 1731 76.08 107.83 -27.95
CA ILE A 1731 75.32 108.25 -26.77
C ILE A 1731 75.90 109.50 -26.11
N GLY A 1732 77.17 109.77 -26.38
CA GLY A 1732 77.85 110.91 -25.81
C GLY A 1732 78.29 110.72 -24.38
N ARG A 1733 78.69 109.49 -24.04
CA ARG A 1733 79.23 109.19 -22.71
C ARG A 1733 80.40 108.22 -22.82
N ASN A 1734 81.22 108.18 -21.77
CA ASN A 1734 82.51 107.49 -21.80
C ASN A 1734 82.41 105.98 -21.52
N THR A 1735 81.17 105.51 -21.41
CA THR A 1735 80.87 104.18 -20.88
C THR A 1735 81.61 103.02 -21.56
N ASN A 1736 81.87 101.96 -20.77
CA ASN A 1736 82.61 100.80 -21.24
C ASN A 1736 81.72 99.87 -22.06
N GLY A 1737 80.48 100.30 -22.29
CA GLY A 1737 79.46 99.42 -22.82
C GLY A 1737 78.40 99.02 -21.81
N VAL A 1738 78.30 99.73 -20.69
CA VAL A 1738 77.18 99.59 -19.75
C VAL A 1738 76.28 100.81 -19.78
N ILE A 1739 75.02 100.63 -20.17
CA ILE A 1739 74.08 101.75 -20.36
C ILE A 1739 72.86 101.72 -19.45
N THR A 1740 72.34 102.91 -19.18
CA THR A 1740 71.15 103.12 -18.37
C THR A 1740 69.87 102.78 -19.14
N LYS A 1741 68.76 102.62 -18.41
CA LYS A 1741 67.47 102.28 -19.00
C LYS A 1741 66.98 103.20 -20.12
N ASP A 1742 66.92 104.50 -19.85
CA ASP A 1742 66.36 105.46 -20.79
C ASP A 1742 67.16 105.52 -22.10
N GLU A 1743 68.48 105.40 -21.98
CA GLU A 1743 69.36 105.47 -23.14
C GLU A 1743 69.11 104.29 -24.06
N ALA A 1744 68.64 103.18 -23.50
CA ALA A 1744 68.28 102.03 -24.31
C ALA A 1744 67.10 102.39 -25.22
N GLU A 1745 66.11 103.09 -24.68
CA GLU A 1745 64.96 103.48 -25.47
C GLU A 1745 65.32 104.65 -26.40
N LYS A 1746 66.26 105.50 -25.99
CA LYS A 1746 66.69 106.60 -26.85
C LYS A 1746 67.36 106.05 -28.09
N LEU A 1747 68.33 105.16 -27.91
CA LEU A 1747 68.99 104.56 -29.05
C LEU A 1747 68.00 103.77 -29.89
N PHE A 1748 67.00 103.18 -29.24
CA PHE A 1748 65.99 102.46 -30.01
C PHE A 1748 65.17 103.42 -30.87
N ASN A 1749 64.54 104.41 -30.24
CA ASN A 1749 63.71 105.36 -30.97
C ASN A 1749 64.48 106.00 -32.12
N GLN A 1750 65.76 106.24 -31.88
CA GLN A 1750 66.67 106.77 -32.89
C GLN A 1750 66.85 105.80 -34.05
N ASP A 1751 67.11 104.54 -33.74
CA ASP A 1751 67.28 103.50 -34.75
C ASP A 1751 66.02 103.35 -35.58
N VAL A 1752 64.87 103.50 -34.93
CA VAL A 1752 63.57 103.37 -35.59
C VAL A 1752 63.32 104.50 -36.58
N ASP A 1753 63.48 105.74 -36.11
CA ASP A 1753 63.27 106.92 -36.94
C ASP A 1753 64.11 106.80 -38.19
N ALA A 1754 65.36 106.43 -37.97
CA ALA A 1754 66.33 106.25 -39.04
C ALA A 1754 65.83 105.19 -40.02
N ALA A 1755 65.29 104.10 -39.49
CA ALA A 1755 64.78 103.02 -40.34
C ALA A 1755 63.55 103.49 -41.09
N VAL A 1756 62.73 104.31 -40.45
CA VAL A 1756 61.54 104.86 -41.10
C VAL A 1756 61.92 105.84 -42.20
N ARG A 1757 62.87 106.72 -41.92
CA ARG A 1757 63.34 107.68 -42.93
C ARG A 1757 63.88 106.95 -44.16
N GLY A 1758 64.56 105.83 -43.92
CA GLY A 1758 65.10 105.00 -45.00
C GLY A 1758 64.04 104.31 -45.84
N ILE A 1759 62.99 103.83 -45.19
CA ILE A 1759 61.89 103.19 -45.91
C ILE A 1759 61.27 104.18 -46.89
N LEU A 1760 61.03 105.38 -46.41
CA LEU A 1760 60.41 106.42 -47.22
C LEU A 1760 61.35 106.74 -48.39
N ARG A 1761 62.65 106.61 -48.16
CA ARG A 1761 63.65 106.79 -49.21
C ARG A 1761 63.49 105.69 -50.24
N ASN A 1762 63.34 104.46 -49.78
CA ASN A 1762 63.24 103.31 -50.67
C ASN A 1762 61.93 103.44 -51.44
N ALA A 1763 62.01 103.31 -52.75
CA ALA A 1763 60.82 103.43 -53.60
C ALA A 1763 59.99 102.15 -53.71
N LYS A 1764 60.52 101.01 -53.28
CA LYS A 1764 59.69 99.80 -53.23
C LYS A 1764 58.84 99.72 -51.95
N LEU A 1765 59.41 100.10 -50.82
CA LEU A 1765 58.67 100.08 -49.53
C LEU A 1765 57.77 101.28 -49.26
N LYS A 1766 58.09 102.45 -49.82
CA LYS A 1766 57.42 103.70 -49.44
C LYS A 1766 55.89 103.69 -49.52
N PRO A 1767 55.33 103.24 -50.66
CA PRO A 1767 53.86 103.28 -50.73
C PRO A 1767 53.21 102.44 -49.66
N VAL A 1768 53.80 101.27 -49.40
CA VAL A 1768 53.29 100.37 -48.39
C VAL A 1768 53.26 101.03 -47.03
N TYR A 1769 54.40 101.59 -46.61
CA TYR A 1769 54.50 102.16 -45.26
C TYR A 1769 53.50 103.30 -45.11
N ASP A 1770 53.23 103.97 -46.21
CA ASP A 1770 52.24 105.03 -46.23
C ASP A 1770 50.83 104.44 -46.10
N SER A 1771 50.62 103.27 -46.71
CA SER A 1771 49.31 102.62 -46.71
C SER A 1771 48.89 102.18 -45.32
N LEU A 1772 49.83 101.58 -44.62
CA LEU A 1772 49.54 100.84 -43.41
C LEU A 1772 49.18 101.75 -42.25
N ASP A 1773 48.36 101.21 -41.36
CA ASP A 1773 48.09 101.79 -40.06
C ASP A 1773 49.33 101.68 -39.18
N ALA A 1774 49.37 102.48 -38.11
CA ALA A 1774 50.55 102.54 -37.25
C ALA A 1774 51.02 101.16 -36.80
N VAL A 1775 50.09 100.32 -36.37
CA VAL A 1775 50.42 98.98 -35.88
C VAL A 1775 51.13 98.15 -36.95
N ARG A 1776 50.55 98.08 -38.15
CA ARG A 1776 51.14 97.28 -39.22
C ARG A 1776 52.47 97.88 -39.69
N ARG A 1777 52.58 99.20 -39.61
CA ARG A 1777 53.84 99.87 -39.87
C ARG A 1777 54.90 99.33 -38.94
N ALA A 1778 54.56 99.29 -37.65
CA ALA A 1778 55.46 98.82 -36.61
C ALA A 1778 55.93 97.42 -36.94
N ALA A 1779 55.08 96.66 -37.62
CA ALA A 1779 55.44 95.34 -38.07
C ALA A 1779 56.46 95.43 -39.20
N LEU A 1780 56.24 96.36 -40.13
CA LEU A 1780 57.15 96.52 -41.25
C LEU A 1780 58.50 97.00 -40.73
N ILE A 1781 58.47 97.90 -39.76
CA ILE A 1781 59.67 98.39 -39.10
C ILE A 1781 60.43 97.22 -38.46
N ASN A 1782 59.68 96.25 -37.95
CA ASN A 1782 60.27 95.08 -37.34
C ASN A 1782 61.01 94.25 -38.39
N MET A 1783 60.37 93.98 -39.53
CA MET A 1783 61.00 93.20 -40.58
C MET A 1783 62.29 93.87 -41.06
N VAL A 1784 62.25 95.20 -41.14
CA VAL A 1784 63.44 95.97 -41.51
C VAL A 1784 64.57 95.79 -40.50
N PHE A 1785 64.26 95.73 -39.21
CA PHE A 1785 65.31 95.62 -38.19
C PHE A 1785 65.99 94.28 -38.24
N GLN A 1786 65.29 93.26 -38.69
CA GLN A 1786 65.87 91.94 -38.79
C GLN A 1786 66.65 91.83 -40.10
N MET A 1787 65.93 91.96 -41.21
CA MET A 1787 66.48 91.66 -42.53
C MET A 1787 67.18 92.80 -43.25
N GLY A 1788 66.96 94.03 -42.79
CA GLY A 1788 67.52 95.21 -43.44
C GLY A 1788 66.58 95.60 -44.56
N GLU A 1789 66.46 96.90 -44.86
CA GLU A 1789 65.39 97.33 -45.77
C GLU A 1789 65.55 96.65 -47.12
N THR A 1790 66.80 96.43 -47.53
CA THR A 1790 67.07 95.79 -48.82
C THR A 1790 66.43 94.41 -48.81
N GLY A 1791 66.49 93.76 -47.66
CA GLY A 1791 65.87 92.46 -47.48
C GLY A 1791 64.35 92.48 -47.50
N VAL A 1792 63.75 93.50 -46.89
CA VAL A 1792 62.30 93.59 -46.84
C VAL A 1792 61.74 93.87 -48.22
N ALA A 1793 62.51 94.55 -49.06
CA ALA A 1793 62.04 94.97 -50.38
C ALA A 1793 61.84 93.83 -51.37
N GLY A 1794 62.53 92.70 -51.15
CA GLY A 1794 62.43 91.57 -52.06
C GLY A 1794 61.13 90.80 -51.93
N PHE A 1795 60.22 91.31 -51.12
CA PHE A 1795 59.01 90.62 -50.73
C PHE A 1795 57.84 90.88 -51.66
N THR A 1796 58.12 91.43 -52.84
CA THR A 1796 57.18 92.21 -53.62
C THR A 1796 55.74 91.68 -53.64
N ASN A 1797 55.57 90.36 -53.70
CA ASN A 1797 54.25 89.75 -53.56
C ASN A 1797 53.56 90.19 -52.27
N SER A 1798 54.14 89.76 -51.15
CA SER A 1798 53.61 90.05 -49.83
C SER A 1798 53.38 91.55 -49.60
N LEU A 1799 54.30 92.38 -50.06
CA LEU A 1799 54.20 93.82 -49.86
C LEU A 1799 53.07 94.42 -50.68
N ARG A 1800 52.93 93.93 -51.91
CA ARG A 1800 51.87 94.40 -52.78
C ARG A 1800 50.52 94.15 -52.11
N MET A 1801 50.30 92.92 -51.72
CA MET A 1801 49.05 92.56 -51.06
C MET A 1801 48.88 93.29 -49.74
N LEU A 1802 49.98 93.70 -49.11
CA LEU A 1802 49.85 94.43 -47.86
C LEU A 1802 49.30 95.81 -48.11
N GLN A 1803 49.67 96.43 -49.23
CA GLN A 1803 49.19 97.79 -49.50
C GLN A 1803 47.77 97.69 -50.05
N GLN A 1804 47.49 96.63 -50.80
CA GLN A 1804 46.13 96.33 -51.25
C GLN A 1804 45.18 95.98 -50.10
N LYS A 1805 45.74 95.85 -48.91
CA LYS A 1805 44.98 95.75 -47.67
C LYS A 1805 44.16 94.45 -47.57
N ARG A 1806 44.59 93.40 -48.27
CA ARG A 1806 44.04 92.07 -48.03
C ARG A 1806 45.04 91.31 -47.17
N TRP A 1807 44.71 91.19 -45.89
CA TRP A 1807 45.68 90.81 -44.87
C TRP A 1807 45.88 89.31 -44.73
N ASP A 1808 44.88 88.55 -45.17
CA ASP A 1808 44.99 87.10 -45.07
C ASP A 1808 45.91 86.57 -46.16
N GLU A 1809 45.70 86.98 -47.40
CA GLU A 1809 46.54 86.52 -48.51
C GLU A 1809 47.96 87.00 -48.32
N ALA A 1810 48.12 88.16 -47.69
CA ALA A 1810 49.43 88.68 -47.40
C ALA A 1810 50.14 87.78 -46.41
N ALA A 1811 49.40 87.37 -45.39
CA ALA A 1811 49.96 86.53 -44.34
C ALA A 1811 50.30 85.14 -44.84
N VAL A 1812 49.49 84.66 -45.77
CA VAL A 1812 49.72 83.34 -46.35
C VAL A 1812 51.01 83.35 -47.16
N ASN A 1813 51.29 84.45 -47.84
CA ASN A 1813 52.51 84.57 -48.64
C ASN A 1813 53.73 84.83 -47.78
N LEU A 1814 53.58 85.65 -46.74
CA LEU A 1814 54.69 85.94 -45.85
C LEU A 1814 55.14 84.65 -45.20
N ALA A 1815 54.19 83.76 -44.96
CA ALA A 1815 54.46 82.47 -44.33
C ALA A 1815 55.46 81.68 -45.19
N LYS A 1816 55.41 81.89 -46.51
CA LYS A 1816 56.33 81.22 -47.43
C LYS A 1816 57.53 82.12 -47.72
N SER A 1817 58.69 81.77 -47.19
CA SER A 1817 59.90 82.56 -47.37
C SER A 1817 61.04 81.93 -46.57
N ARG A 1818 62.28 82.27 -46.91
CA ARG A 1818 63.40 81.79 -46.11
C ARG A 1818 63.34 82.47 -44.75
N TRP A 1819 62.73 83.64 -44.69
CA TRP A 1819 62.58 84.39 -43.44
C TRP A 1819 61.79 83.60 -42.41
N TYR A 1820 60.76 82.89 -42.88
CA TYR A 1820 59.92 82.08 -42.01
C TYR A 1820 60.68 80.85 -41.55
N ASN A 1821 61.22 80.09 -42.50
CA ASN A 1821 61.91 78.84 -42.17
C ASN A 1821 63.06 79.06 -41.20
N GLN A 1822 63.67 80.23 -41.24
CA GLN A 1822 64.81 80.52 -40.38
C GLN A 1822 64.36 80.83 -38.96
N THR A 1823 63.37 81.72 -38.84
CA THR A 1823 62.93 82.19 -37.54
C THR A 1823 61.41 82.20 -37.44
N PRO A 1824 60.78 81.01 -37.59
CA PRO A 1824 59.31 80.92 -37.71
C PRO A 1824 58.62 81.05 -36.36
N ASN A 1825 59.07 82.00 -35.57
CA ASN A 1825 58.51 82.25 -34.25
C ASN A 1825 58.20 83.72 -34.28
N ARG A 1826 59.25 84.48 -34.48
CA ARG A 1826 59.15 85.90 -34.75
C ARG A 1826 58.36 86.14 -36.02
N ALA A 1827 58.68 85.38 -37.07
CA ALA A 1827 58.01 85.53 -38.34
C ALA A 1827 56.53 85.24 -38.19
N LYS A 1828 56.18 84.35 -37.27
CA LYS A 1828 54.79 84.01 -37.07
C LYS A 1828 54.05 85.16 -36.37
N ARG A 1829 54.72 85.81 -35.41
CA ARG A 1829 54.12 86.90 -34.65
C ARG A 1829 53.94 88.17 -35.47
N VAL A 1830 54.96 88.51 -36.24
CA VAL A 1830 54.88 89.62 -37.18
C VAL A 1830 53.73 89.41 -38.16
N ILE A 1831 53.63 88.21 -38.69
CA ILE A 1831 52.61 87.89 -39.69
C ILE A 1831 51.19 88.02 -39.14
N THR A 1832 50.92 87.50 -37.94
CA THR A 1832 49.58 87.63 -37.36
C THR A 1832 49.30 89.08 -36.92
N THR A 1833 50.35 89.88 -36.76
CA THR A 1833 50.21 91.32 -36.51
C THR A 1833 49.84 92.04 -37.80
N PHE A 1834 50.43 91.59 -38.91
CA PHE A 1834 50.05 92.12 -40.21
C PHE A 1834 48.58 91.77 -40.42
N ARG A 1835 48.25 90.51 -40.16
CA ARG A 1835 46.87 90.06 -40.30
C ARG A 1835 45.91 90.90 -39.49
N THR A 1836 45.99 90.74 -38.17
CA THR A 1836 45.01 91.32 -37.28
C THR A 1836 45.14 92.83 -37.16
N GLY A 1837 46.31 93.35 -37.51
CA GLY A 1837 46.58 94.76 -37.25
C GLY A 1837 46.43 94.97 -35.76
N THR A 1838 46.75 93.94 -34.98
CA THR A 1838 46.56 93.99 -33.54
C THR A 1838 47.84 93.60 -32.80
N TRP A 1839 47.98 94.11 -31.57
CA TRP A 1839 49.20 93.88 -30.81
C TRP A 1839 49.18 92.60 -30.00
N ASP A 1840 48.04 91.92 -30.03
CA ASP A 1840 47.80 90.80 -29.12
C ASP A 1840 48.78 89.67 -29.28
N ALA A 1841 48.99 89.28 -30.54
CA ALA A 1841 49.94 88.23 -30.89
C ALA A 1841 51.27 88.52 -30.24
N TYR A 1842 51.65 89.78 -30.34
CA TYR A 1842 52.92 90.22 -29.84
C TYR A 1842 52.81 90.70 -28.40
N ILE A 1850 46.36 98.99 -26.58
CA ILE A 1850 47.79 98.77 -26.83
C ILE A 1850 48.28 97.93 -25.67
N SER A 1851 48.40 96.63 -25.88
CA SER A 1851 48.70 95.73 -24.76
C SER A 1851 50.17 95.48 -24.61
N LEU A 1852 51.03 96.12 -25.40
CA LEU A 1852 52.42 95.83 -25.16
C LEU A 1852 52.81 96.84 -24.13
N VAL A 1853 52.67 96.33 -22.92
CA VAL A 1853 52.90 97.00 -21.67
C VAL A 1853 52.92 95.72 -20.87
N LYS A 1854 53.72 95.62 -19.83
CA LYS A 1854 53.76 94.35 -19.09
C LYS A 1854 52.42 94.11 -18.39
N SER A 1855 51.54 95.11 -18.44
CA SER A 1855 50.19 95.03 -17.87
C SER A 1855 49.37 93.83 -18.39
N LEU A 1856 49.79 93.21 -19.50
CA LEU A 1856 49.10 91.98 -19.94
C LEU A 1856 49.40 90.92 -18.87
N THR A 1857 50.56 91.01 -18.20
CA THR A 1857 50.81 90.13 -17.05
C THR A 1857 49.77 90.36 -15.95
N PHE A 1858 49.28 91.59 -15.83
CA PHE A 1858 48.22 91.88 -14.87
C PHE A 1858 47.00 91.05 -15.19
N GLU A 1859 46.82 90.68 -16.46
CA GLU A 1859 45.67 89.90 -16.86
C GLU A 1859 45.68 88.47 -16.27
N LYS A 1860 46.86 87.90 -16.06
CA LYS A 1860 47.00 86.61 -15.37
C LYS A 1860 46.38 86.69 -13.97
N GLU A 1861 46.34 87.91 -13.42
CA GLU A 1861 45.67 88.18 -12.14
C GLU A 1861 44.22 87.71 -12.12
N ARG A 1862 43.52 87.84 -13.26
CA ARG A 1862 42.09 87.48 -13.33
C ARG A 1862 41.92 85.97 -13.50
N TRP A 1863 43.03 85.26 -13.65
CA TRP A 1863 43.01 83.79 -13.76
C TRP A 1863 43.04 83.19 -12.36
N LEU A 1864 42.90 84.04 -11.34
CA LEU A 1864 42.69 83.57 -9.96
C LEU A 1864 41.35 82.85 -9.82
N ASN A 1865 40.55 82.86 -10.88
CA ASN A 1865 39.23 82.22 -10.87
C ASN A 1865 39.27 80.80 -10.35
N THR A 1866 40.45 80.17 -10.46
CA THR A 1866 40.67 78.86 -9.86
C THR A 1866 40.21 78.86 -8.41
N THR A 1867 40.53 79.95 -7.71
CA THR A 1867 40.18 80.09 -6.30
C THR A 1867 38.68 79.91 -6.10
N LYS A 1868 37.89 80.39 -7.06
CA LYS A 1868 36.44 80.22 -7.00
C LYS A 1868 35.97 78.85 -7.48
N GLN A 1869 36.73 78.22 -8.36
CA GLN A 1869 36.39 76.87 -8.82
C GLN A 1869 36.54 75.83 -7.72
N PHE A 1870 37.53 76.02 -6.85
CA PHE A 1870 37.75 75.14 -5.70
C PHE A 1870 36.47 74.95 -4.91
N SER A 1871 35.83 76.08 -4.61
CA SER A 1871 34.65 76.13 -3.78
C SER A 1871 33.61 75.12 -4.25
N LYS A 1872 33.60 74.82 -5.54
CA LYS A 1872 32.82 73.70 -6.06
C LYS A 1872 33.49 72.38 -5.73
N THR A 1873 34.70 72.18 -6.25
CA THR A 1873 35.38 70.89 -6.22
C THR A 1873 35.40 70.30 -4.83
N SER A 1874 35.65 71.16 -3.85
CA SER A 1874 35.75 70.74 -2.46
C SER A 1874 34.40 70.55 -1.77
N GLN A 1875 33.41 71.36 -2.14
CA GLN A 1875 32.11 71.26 -1.49
C GLN A 1875 31.56 69.86 -1.76
N GLU A 1876 31.71 69.37 -2.99
CA GLU A 1876 31.24 68.04 -3.34
C GLU A 1876 32.31 66.97 -3.20
N LEU A 1877 33.48 67.33 -2.65
CA LEU A 1877 34.51 66.32 -2.45
C LEU A 1877 34.03 65.16 -1.61
N ILE A 1878 33.39 65.47 -0.48
CA ILE A 1878 32.98 64.42 0.45
C ILE A 1878 32.05 63.45 -0.28
N GLY A 1879 31.01 63.99 -0.89
CA GLY A 1879 30.05 63.18 -1.65
C GLY A 1879 30.73 62.31 -2.67
N ASN A 1880 31.65 62.89 -3.43
CA ASN A 1880 32.37 62.14 -4.44
C ASN A 1880 33.14 60.97 -3.86
N CYS A 1881 33.72 61.14 -2.68
CA CYS A 1881 34.50 60.08 -2.08
C CYS A 1881 33.63 58.96 -1.55
N ILE A 1882 32.45 59.31 -1.06
CA ILE A 1882 31.47 58.30 -0.63
C ILE A 1882 31.14 57.36 -1.78
N ILE A 1883 30.70 57.91 -2.92
CA ILE A 1883 30.42 57.09 -4.09
C ILE A 1883 31.61 56.20 -4.39
N SER A 1884 32.80 56.77 -4.32
CA SER A 1884 34.00 56.04 -4.70
C SER A 1884 34.26 54.92 -3.71
N SER A 1885 34.11 55.22 -2.42
CA SER A 1885 34.32 54.21 -1.40
C SER A 1885 33.35 53.06 -1.55
N ILE A 1886 32.08 53.41 -1.67
CA ILE A 1886 31.02 52.42 -1.88
C ILE A 1886 31.23 51.64 -3.18
N TYR A 1887 31.61 52.34 -4.24
CA TYR A 1887 31.82 51.69 -5.53
C TYR A 1887 32.95 50.65 -5.42
N GLU A 1888 34.04 51.00 -4.75
CA GLU A 1888 35.13 50.04 -4.58
C GLU A 1888 34.63 48.82 -3.83
N THR A 1889 33.97 49.08 -2.71
CA THR A 1889 33.60 48.04 -1.76
C THR A 1889 32.41 47.17 -2.17
N TYR A 1890 31.21 47.75 -2.24
CA TYR A 1890 30.01 46.96 -2.46
C TYR A 1890 29.85 46.41 -3.89
N PHE A 1891 30.35 47.14 -4.88
CA PHE A 1891 29.95 46.91 -6.28
C PHE A 1891 30.67 45.81 -7.05
N GLY A 1892 31.76 45.28 -6.50
CA GLY A 1892 32.63 44.36 -7.22
C GLY A 1892 31.94 43.19 -7.92
N HIS A 1893 30.97 42.60 -7.23
CA HIS A 1893 30.31 41.37 -7.68
C HIS A 1893 29.01 41.62 -8.44
N LEU A 1894 28.70 42.88 -8.73
CA LEU A 1894 27.40 43.26 -9.26
C LEU A 1894 27.38 43.45 -10.78
N ASN A 1895 26.24 43.14 -11.39
CA ASN A 1895 26.03 43.37 -12.83
C ASN A 1895 26.13 44.85 -13.15
N GLU A 1896 26.35 45.14 -14.43
CA GLU A 1896 26.31 46.52 -14.90
C GLU A 1896 25.04 47.20 -14.43
N ARG A 1897 23.90 46.56 -14.70
CA ARG A 1897 22.61 47.14 -14.36
C ARG A 1897 22.51 47.28 -12.85
N GLU A 1898 23.14 46.37 -12.12
CA GLU A 1898 23.08 46.41 -10.67
C GLU A 1898 23.82 47.63 -10.15
N ARG A 1899 25.02 47.91 -10.67
CA ARG A 1899 25.80 49.03 -10.19
C ARG A 1899 25.07 50.32 -10.50
N ALA A 1900 24.44 50.36 -11.67
CA ALA A 1900 23.72 51.54 -12.10
C ALA A 1900 22.64 51.90 -11.11
N ASP A 1901 21.69 50.99 -10.89
CA ASP A 1901 20.55 51.26 -10.03
C ASP A 1901 21.02 51.51 -8.60
N MET A 1902 22.06 50.81 -8.17
CA MET A 1902 22.58 50.96 -6.82
C MET A 1902 23.18 52.35 -6.64
N LEU A 1903 23.80 52.83 -7.71
CA LEU A 1903 24.42 54.15 -7.73
C LEU A 1903 23.33 55.22 -7.68
N VAL A 1904 22.23 54.98 -8.40
CA VAL A 1904 21.06 55.85 -8.37
C VAL A 1904 20.51 55.97 -6.96
N ILE A 1905 20.34 54.83 -6.30
CA ILE A 1905 19.89 54.82 -4.92
C ILE A 1905 20.86 55.63 -4.09
N LEU A 1906 22.14 55.44 -4.38
CA LEU A 1906 23.18 56.08 -3.60
C LEU A 1906 23.15 57.59 -3.76
N LYS A 1907 22.89 58.05 -4.98
CA LYS A 1907 22.88 59.49 -5.24
C LYS A 1907 21.67 60.18 -4.63
N ARG A 1908 20.52 59.52 -4.67
CA ARG A 1908 19.32 60.07 -4.05
C ARG A 1908 19.43 59.95 -2.54
N LEU A 1909 20.42 59.21 -2.07
CA LEU A 1909 20.76 59.22 -0.64
C LEU A 1909 21.64 60.43 -0.33
N LEU A 1910 22.60 60.73 -1.20
CA LEU A 1910 23.46 61.89 -1.02
C LEU A 1910 22.64 63.17 -1.15
N GLY A 1911 21.53 63.08 -1.88
CA GLY A 1911 20.62 64.20 -2.03
C GLY A 1911 19.69 64.36 -0.84
N LYS A 1912 19.19 63.25 -0.32
CA LYS A 1912 18.14 63.28 0.71
C LYS A 1912 18.65 63.91 2.00
N PHE A 1913 19.75 63.38 2.53
CA PHE A 1913 20.53 64.13 3.50
C PHE A 1913 21.28 65.12 2.65
N ALA A 1914 21.70 66.25 3.18
CA ALA A 1914 22.29 67.27 2.32
C ALA A 1914 23.79 67.04 2.27
N VAL A 1915 24.24 66.53 1.13
CA VAL A 1915 25.65 66.46 0.85
C VAL A 1915 25.82 66.55 -0.67
N LYS A 1916 26.80 67.34 -1.12
CA LYS A 1916 26.99 67.56 -2.55
C LYS A 1916 27.83 66.47 -3.16
N TYR A 1917 27.46 66.04 -4.37
CA TYR A 1917 28.29 65.15 -5.15
C TYR A 1917 28.34 65.68 -6.58
N ASP A 1918 29.30 65.20 -7.36
CA ASP A 1918 29.49 65.74 -8.69
C ASP A 1918 28.49 65.09 -9.63
N VAL A 1919 27.58 65.92 -10.13
CA VAL A 1919 26.40 65.46 -10.83
C VAL A 1919 26.84 64.65 -12.03
N ASN A 1920 27.90 65.15 -12.66
CA ASN A 1920 28.59 64.41 -13.69
C ASN A 1920 29.74 63.68 -13.03
N TYR A 1921 29.62 62.36 -12.91
CA TYR A 1921 30.62 61.56 -12.24
C TYR A 1921 30.75 60.24 -12.93
N ARG A 1922 31.99 59.80 -13.10
CA ARG A 1922 32.27 58.49 -13.64
C ARG A 1922 33.44 57.90 -12.88
N PHE A 1923 33.23 56.69 -12.37
CA PHE A 1923 34.15 56.04 -11.45
C PHE A 1923 35.53 55.94 -12.03
N ILE A 1924 35.60 55.50 -13.27
CA ILE A 1924 36.85 55.26 -13.96
C ILE A 1924 37.68 56.54 -13.99
N ASP A 1925 37.11 57.58 -14.59
CA ASP A 1925 37.82 58.83 -14.79
C ASP A 1925 38.32 59.38 -13.47
N TYR A 1926 37.58 59.09 -12.41
CA TYR A 1926 37.90 59.61 -11.10
C TYR A 1926 39.11 58.90 -10.45
N LEU A 1927 39.08 57.57 -10.43
CA LEU A 1927 40.09 56.79 -9.71
C LEU A 1927 41.22 56.17 -10.53
N VAL A 1928 41.22 56.33 -11.85
CA VAL A 1928 42.28 55.74 -12.68
C VAL A 1928 43.13 56.75 -13.44
N THR A 1929 44.43 56.49 -13.45
CA THR A 1929 45.41 57.27 -14.20
C THR A 1929 45.30 56.91 -15.68
N LEU A 1930 45.70 57.82 -16.58
CA LEU A 1930 45.84 57.46 -17.98
C LEU A 1930 46.81 56.30 -18.11
N ASP A 1931 47.97 56.49 -17.48
CA ASP A 1931 49.02 55.50 -17.46
C ASP A 1931 48.52 54.15 -16.94
N GLU A 1932 47.79 54.19 -15.83
CA GLU A 1932 47.18 52.98 -15.27
C GLU A 1932 46.30 52.32 -16.31
N LYS A 1933 45.36 53.10 -16.85
CA LYS A 1933 44.42 52.61 -17.85
C LYS A 1933 45.22 52.02 -18.99
N MET A 1934 46.20 52.78 -19.47
CA MET A 1934 47.06 52.34 -20.56
C MET A 1934 47.82 51.06 -20.17
N LYS A 1935 48.36 51.03 -18.95
CA LYS A 1935 49.17 49.89 -18.50
C LYS A 1935 48.37 48.60 -18.39
N TRP A 1936 47.16 48.69 -17.88
CA TRP A 1936 46.28 47.53 -17.75
C TRP A 1936 45.91 46.93 -19.10
N LEU A 1937 45.52 47.80 -20.02
CA LEU A 1937 45.09 47.41 -21.35
C LEU A 1937 46.25 46.75 -22.12
N GLU A 1938 47.47 47.14 -21.74
CA GLU A 1938 48.71 46.57 -22.29
C GLU A 1938 48.87 45.12 -21.86
N CYS A 1939 48.55 44.84 -20.60
CA CYS A 1939 48.64 43.49 -20.05
C CYS A 1939 47.58 42.56 -20.63
N GLY A 1940 46.67 43.10 -21.44
CA GLY A 1940 45.65 42.30 -22.10
C GLY A 1940 44.23 42.49 -21.61
N LEU A 1941 44.02 43.45 -20.71
CA LEU A 1941 42.68 43.71 -20.15
C LEU A 1941 41.67 44.05 -21.24
N ASP A 1942 40.41 43.63 -21.03
CA ASP A 1942 39.36 43.88 -22.02
C ASP A 1942 38.96 45.35 -22.08
N LYS A 1943 38.42 45.73 -23.23
CA LYS A 1943 38.07 47.10 -23.57
C LYS A 1943 37.04 47.78 -22.65
N ASN A 1944 36.19 46.99 -22.01
CA ASN A 1944 35.02 47.48 -21.27
C ASN A 1944 35.27 48.54 -20.21
N ASP A 1945 34.27 49.41 -20.02
CA ASP A 1945 34.26 50.26 -18.84
C ASP A 1945 34.24 49.34 -17.62
N TYR A 1946 33.47 48.26 -17.75
CA TYR A 1946 33.27 47.30 -16.68
C TYR A 1946 34.60 46.74 -16.19
N PHE A 1947 35.30 46.05 -17.08
CA PHE A 1947 36.59 45.44 -16.75
C PHE A 1947 37.62 46.47 -16.29
N LEU A 1948 37.42 47.74 -16.66
CA LEU A 1948 38.28 48.80 -16.14
C LEU A 1948 37.86 49.18 -14.73
N GLU A 1949 36.55 49.28 -14.51
CA GLU A 1949 36.04 49.52 -13.17
C GLU A 1949 36.59 48.43 -12.27
N ASN A 1950 36.48 47.18 -12.72
CA ASN A 1950 36.94 46.03 -11.95
C ASN A 1950 38.43 46.07 -11.64
N MET A 1951 39.23 46.17 -12.69
CA MET A 1951 40.68 46.16 -12.56
C MET A 1951 41.12 47.25 -11.58
N SER A 1952 40.38 48.35 -11.56
CA SER A 1952 40.65 49.40 -10.59
C SER A 1952 40.38 48.88 -9.18
N ILE A 1953 39.21 48.27 -8.97
CA ILE A 1953 38.84 47.82 -7.62
C ILE A 1953 39.83 46.77 -7.09
N VAL A 1954 40.29 45.89 -7.96
CA VAL A 1954 41.26 44.87 -7.55
C VAL A 1954 42.58 45.53 -7.18
N MET A 1955 43.14 46.29 -8.12
CA MET A 1955 44.47 46.87 -7.96
C MET A 1955 44.43 47.99 -6.94
N ASN A 1956 43.66 49.01 -7.28
CA ASN A 1956 43.65 50.29 -6.59
C ASN A 1956 43.44 50.10 -5.08
N SER A 1957 42.61 49.13 -4.71
CA SER A 1957 42.35 48.83 -3.30
C SER A 1957 42.71 47.42 -2.85
N GLN A 1958 43.80 47.27 -2.11
CA GLN A 1958 43.99 46.10 -1.26
C GLN A 1958 44.25 46.54 0.20
N ASP A 1959 43.24 46.47 1.06
CA ASP A 1959 43.47 46.24 2.49
C ASP A 1959 43.13 44.77 2.77
N ALA A 1960 42.65 44.10 1.73
CA ALA A 1960 42.19 42.72 1.80
C ALA A 1960 42.43 42.05 0.44
N VAL A 1961 42.45 40.71 0.44
CA VAL A 1961 42.82 39.93 -0.74
C VAL A 1961 41.75 39.94 -1.84
N PRO A 1962 42.13 40.29 -3.08
CA PRO A 1962 41.14 40.20 -4.16
C PRO A 1962 40.75 38.77 -4.52
N PHE A 1963 39.49 38.59 -4.91
CA PHE A 1963 39.00 37.31 -5.43
C PHE A 1963 38.45 37.52 -6.82
N LEU A 1964 39.16 36.99 -7.81
CA LEU A 1964 38.81 37.23 -9.19
C LEU A 1964 37.97 36.08 -9.70
N LEU A 1965 36.91 36.41 -10.44
CA LEU A 1965 36.03 35.41 -11.01
C LEU A 1965 35.87 35.68 -12.49
N ASP A 1966 36.41 34.81 -13.34
CA ASP A 1966 36.00 34.80 -14.74
C ASP A 1966 35.88 33.38 -15.30
N PRO A 1967 34.82 33.11 -16.08
CA PRO A 1967 34.65 31.75 -16.59
C PRO A 1967 35.82 31.30 -17.44
N SER A 1968 36.22 32.14 -18.40
CA SER A 1968 37.46 31.91 -19.11
C SER A 1968 38.40 32.80 -18.35
N SER A 1969 39.55 32.26 -17.94
CA SER A 1969 40.41 33.07 -17.12
C SER A 1969 41.46 33.66 -18.03
N HIS A 1970 41.14 34.85 -18.52
CA HIS A 1970 42.10 35.65 -19.26
C HIS A 1970 42.76 36.58 -18.28
N MET A 1971 42.14 36.69 -17.10
CA MET A 1971 42.54 37.65 -16.12
C MET A 1971 43.77 37.12 -15.43
N ILE A 1972 43.93 35.80 -15.46
CA ILE A 1972 45.05 35.17 -14.80
C ILE A 1972 46.33 35.49 -15.57
N THR A 1973 46.19 35.70 -16.89
CA THR A 1973 47.33 36.09 -17.72
C THR A 1973 47.46 37.61 -17.80
N VAL A 1974 46.47 38.34 -17.26
CA VAL A 1974 46.56 39.79 -17.14
C VAL A 1974 47.43 40.14 -15.94
N ILE A 1975 47.17 39.47 -14.83
CA ILE A 1975 47.97 39.65 -13.65
C ILE A 1975 49.39 39.20 -14.00
N SER A 1976 49.49 38.04 -14.66
CA SER A 1976 50.79 37.48 -15.04
C SER A 1976 51.58 38.43 -15.94
N ASN A 1977 50.91 39.12 -16.86
CA ASN A 1977 51.59 40.08 -17.71
C ASN A 1977 52.00 41.32 -16.93
N TYR A 1978 51.24 41.63 -15.88
CA TYR A 1978 51.50 42.83 -15.09
C TYR A 1978 52.76 42.72 -14.27
N TYR A 1979 52.95 41.59 -13.60
CA TYR A 1979 54.07 41.41 -12.71
C TYR A 1979 55.24 40.68 -13.39
N GLY A 1980 55.04 40.24 -14.63
CA GLY A 1980 56.07 39.58 -15.42
C GLY A 1980 56.46 38.21 -14.89
N ASN A 1981 57.75 37.98 -14.73
CA ASN A 1981 58.27 36.70 -14.24
C ASN A 1981 57.96 36.50 -12.75
N LYS A 1982 57.71 37.59 -12.05
CA LYS A 1982 57.50 37.57 -10.61
C LYS A 1982 56.33 36.68 -10.20
N THR A 1983 55.35 36.56 -11.10
CA THR A 1983 54.14 35.82 -10.81
C THR A 1983 54.43 34.35 -10.53
N VAL A 1984 53.86 33.85 -9.43
CA VAL A 1984 53.91 32.43 -9.11
C VAL A 1984 52.49 31.94 -9.00
N LEU A 1985 52.19 30.90 -9.77
CA LEU A 1985 50.83 30.41 -9.92
C LEU A 1985 50.62 29.10 -9.17
N LEU A 1986 49.71 29.12 -8.20
CA LEU A 1986 49.41 27.95 -7.38
C LEU A 1986 47.94 27.59 -7.48
N SER A 1987 47.59 26.39 -7.06
CA SER A 1987 46.20 25.97 -6.97
C SER A 1987 45.94 25.40 -5.59
N PHE A 1988 44.69 25.46 -5.14
CA PHE A 1988 44.30 24.85 -3.87
C PHE A 1988 44.24 23.33 -4.02
N LEU A 1989 44.01 22.84 -5.23
CA LEU A 1989 43.89 21.41 -5.47
C LEU A 1989 45.21 20.68 -5.72
N GLU A 1990 46.29 21.41 -6.01
CA GLU A 1990 47.56 20.74 -6.28
C GLU A 1990 48.19 20.29 -4.97
N GLU A 1991 48.91 19.18 -5.03
CA GLU A 1991 49.48 18.54 -3.85
C GLU A 1991 50.36 19.48 -3.02
N GLY A 1992 51.51 19.86 -3.56
CA GLY A 1992 52.54 20.52 -2.77
C GLY A 1992 52.25 21.98 -2.47
N PHE A 1993 51.03 22.40 -2.79
CA PHE A 1993 50.61 23.80 -2.69
C PHE A 1993 51.00 24.45 -1.37
N VAL A 1994 50.67 23.77 -0.28
CA VAL A 1994 50.90 24.29 1.05
C VAL A 1994 52.33 24.79 1.27
N LYS A 1995 53.33 24.03 0.85
CA LYS A 1995 54.72 24.46 1.00
C LYS A 1995 55.10 25.53 0.00
N ARG A 1996 54.62 25.37 -1.23
CA ARG A 1996 55.02 26.24 -2.32
C ARG A 1996 54.45 27.63 -2.07
N LEU A 1997 53.45 27.69 -1.19
CA LEU A 1997 52.92 28.96 -0.72
C LEU A 1997 53.94 29.53 0.28
N GLU A 1998 54.34 28.69 1.24
CA GLU A 1998 55.34 29.07 2.25
C GLU A 1998 56.62 29.58 1.59
N ASN A 1999 56.96 29.05 0.42
CA ASN A 1999 58.09 29.57 -0.34
C ASN A 1999 57.84 30.97 -0.90
N ALA A 2000 56.74 31.12 -1.64
CA ALA A 2000 56.41 32.41 -2.24
C ALA A 2000 56.33 33.50 -1.18
N ILE A 2001 55.70 33.19 -0.04
CA ILE A 2001 55.47 34.19 1.01
C ILE A 2001 56.77 34.66 1.67
N ARG A 2002 57.74 33.77 1.83
CA ARG A 2002 58.96 34.15 2.55
C ARG A 2002 59.88 35.02 1.69
N PHE A 2003 59.98 34.67 0.41
CA PHE A 2003 60.92 35.33 -0.49
C PHE A 2003 60.29 36.41 -1.38
N GLY A 2004 59.00 36.69 -1.19
CA GLY A 2004 58.39 37.84 -1.83
C GLY A 2004 57.85 37.65 -3.24
N SER A 2005 57.43 36.43 -3.57
CA SER A 2005 56.84 36.14 -4.88
C SER A 2005 55.38 36.61 -4.94
N VAL A 2006 54.90 36.97 -6.13
CA VAL A 2006 53.49 37.35 -6.31
C VAL A 2006 52.66 36.13 -6.65
N VAL A 2007 51.70 35.82 -5.77
CA VAL A 2007 51.00 34.56 -5.83
C VAL A 2007 49.61 34.71 -6.44
N ILE A 2008 49.22 33.72 -7.24
CA ILE A 2008 47.83 33.55 -7.63
C ILE A 2008 47.43 32.13 -7.26
N ILE A 2009 46.32 31.96 -6.54
CA ILE A 2009 45.86 30.61 -6.20
C ILE A 2009 44.65 30.25 -7.07
N GLN A 2010 44.86 29.25 -7.93
CA GLN A 2010 44.12 29.10 -9.18
C GLN A 2010 42.71 28.56 -9.03
N ASP A 2011 42.45 27.76 -8.01
CA ASP A 2011 41.09 27.33 -7.72
C ASP A 2011 40.60 27.92 -6.42
N GLY A 2012 39.75 28.93 -6.52
CA GLY A 2012 39.22 29.62 -5.37
C GLY A 2012 37.98 28.85 -4.97
N GLU A 2013 37.46 28.12 -5.96
CA GLU A 2013 36.28 27.29 -5.79
C GLU A 2013 36.47 26.49 -4.51
N PHE A 2014 37.63 25.88 -4.41
CA PHE A 2014 38.06 25.12 -3.23
C PHE A 2014 39.10 25.92 -2.42
N PHE A 2015 38.84 26.14 -1.13
CA PHE A 2015 39.73 26.94 -0.29
C PHE A 2015 39.92 26.36 1.12
N ASP A 2016 41.17 26.07 1.51
CA ASP A 2016 41.43 25.53 2.85
C ASP A 2016 42.04 26.56 3.85
N PRO A 2017 41.48 26.64 5.08
CA PRO A 2017 41.79 27.62 6.11
C PRO A 2017 43.25 27.79 6.54
N ILE A 2018 44.17 26.93 6.12
CA ILE A 2018 45.57 27.23 6.44
C ILE A 2018 45.89 28.65 6.01
N ILE A 2019 45.25 29.11 4.94
CA ILE A 2019 45.40 30.48 4.46
C ILE A 2019 44.57 31.47 5.30
N SER A 2020 43.69 30.98 6.16
CA SER A 2020 42.76 31.84 6.91
C SER A 2020 43.51 32.94 7.64
N ARG A 2021 44.61 32.58 8.30
CA ARG A 2021 45.37 33.58 9.01
C ARG A 2021 45.94 34.60 8.03
N LEU A 2022 46.10 34.18 6.78
CA LEU A 2022 46.61 35.06 5.72
C LEU A 2022 45.56 35.94 5.03
N ILE A 2023 44.31 35.47 5.01
CA ILE A 2023 43.19 36.23 4.44
C ILE A 2023 42.82 37.37 5.35
N SER A 2024 42.36 37.03 6.54
CA SER A 2024 42.27 38.02 7.60
C SER A 2024 43.71 38.47 7.75
N ARG A 2025 43.95 39.74 8.06
CA ARG A 2025 45.34 40.12 8.22
C ARG A 2025 45.72 39.94 9.68
N GLU A 2026 46.45 38.86 9.93
CA GLU A 2026 46.92 38.52 11.27
C GLU A 2026 48.39 38.21 11.18
N PHE A 2027 49.18 38.89 11.99
CA PHE A 2027 50.61 38.64 12.05
C PHE A 2027 51.21 38.91 13.42
N ASN A 2028 52.15 38.08 13.83
CA ASN A 2028 52.87 38.31 15.06
C ASN A 2028 54.11 39.10 14.66
N HIS A 2029 54.20 40.36 15.09
CA HIS A 2029 55.35 41.19 14.77
C HIS A 2029 56.55 41.03 15.69
N ALA A 2030 57.73 41.18 15.10
CA ALA A 2030 59.01 41.08 15.79
C ALA A 2030 59.81 42.36 15.58
N GLY A 2031 61.08 42.34 15.94
CA GLY A 2031 61.92 43.52 15.78
C GLY A 2031 62.07 43.84 14.31
N ASN A 2032 62.30 42.82 13.50
CA ASN A 2032 62.50 42.98 12.06
C ASN A 2032 61.51 42.07 11.35
N ARG A 2033 61.59 40.78 11.63
CA ARG A 2033 60.70 39.79 11.03
C ARG A 2033 59.21 39.97 11.37
N VAL A 2034 58.39 39.46 10.45
CA VAL A 2034 56.93 39.45 10.55
C VAL A 2034 56.55 37.99 10.32
N THR A 2035 55.85 37.35 11.25
CA THR A 2035 55.48 35.93 11.06
C THR A 2035 54.00 35.58 11.16
N VAL A 2036 53.60 34.67 10.28
CA VAL A 2036 52.20 34.26 10.14
C VAL A 2036 52.06 32.73 10.29
N GLU A 2037 51.30 32.30 11.28
CA GLU A 2037 51.15 30.86 11.49
C GLU A 2037 50.39 30.26 10.31
N ILE A 2038 50.91 29.19 9.75
CA ILE A 2038 50.20 28.44 8.71
C ILE A 2038 50.33 26.95 9.01
N GLY A 2039 49.23 26.29 9.29
CA GLY A 2039 49.29 24.88 9.64
C GLY A 2039 50.03 24.72 10.95
N ASP A 2040 51.11 23.97 10.98
CA ASP A 2040 51.88 23.81 12.21
C ASP A 2040 53.16 24.64 12.29
N HIS A 2041 53.43 25.47 11.29
CA HIS A 2041 54.70 26.21 11.20
C HIS A 2041 54.51 27.73 11.10
N GLU A 2042 55.40 28.49 11.74
CA GLU A 2042 55.36 29.95 11.68
C GLU A 2042 56.31 30.46 10.58
N VAL A 2043 55.76 30.93 9.46
CA VAL A 2043 56.58 31.47 8.37
C VAL A 2043 56.65 33.00 8.28
N ASP A 2044 57.81 33.48 7.83
CA ASP A 2044 58.08 34.91 7.71
C ASP A 2044 57.46 35.50 6.44
N VAL A 2045 56.76 36.61 6.61
CA VAL A 2045 56.15 37.37 5.52
C VAL A 2045 57.14 38.38 4.97
N SER A 2046 57.03 38.68 3.68
CA SER A 2046 57.98 39.56 3.01
C SER A 2046 57.47 41.00 2.98
N GLY A 2047 56.34 41.22 2.33
CA GLY A 2047 55.76 42.54 2.24
C GLY A 2047 55.91 43.02 0.81
N ASP A 2048 56.75 42.31 0.06
CA ASP A 2048 56.78 42.44 -1.38
C ASP A 2048 55.87 41.34 -1.90
N PHE A 2049 55.31 40.58 -0.96
CA PHE A 2049 54.38 39.50 -1.22
C PHE A 2049 52.98 40.02 -1.53
N LYS A 2050 52.36 39.49 -2.57
CA LYS A 2050 50.98 39.85 -2.91
C LYS A 2050 50.20 38.54 -3.07
N LEU A 2051 48.88 38.59 -2.96
CA LEU A 2051 48.06 37.39 -3.18
C LEU A 2051 46.86 37.72 -4.04
N PHE A 2052 46.51 36.81 -4.94
CA PHE A 2052 45.31 36.92 -5.75
C PHE A 2052 44.63 35.57 -5.75
N ILE A 2053 43.40 35.52 -5.28
CA ILE A 2053 42.66 34.28 -5.36
C ILE A 2053 41.81 34.36 -6.63
N HIS A 2054 41.76 33.25 -7.34
CA HIS A 2054 41.15 33.21 -8.66
C HIS A 2054 40.27 31.98 -8.86
N SER A 2055 39.09 32.19 -9.43
CA SER A 2055 38.16 31.11 -9.71
C SER A 2055 37.51 31.27 -11.05
N CYS A 2056 36.92 30.18 -11.54
CA CYS A 2056 36.32 30.16 -12.86
C CYS A 2056 34.79 30.08 -12.84
N ASP A 2057 34.21 29.02 -12.29
CA ASP A 2057 32.76 28.88 -12.35
C ASP A 2057 32.12 29.72 -11.23
N PRO A 2058 31.05 30.48 -11.56
CA PRO A 2058 30.29 31.20 -10.54
C PRO A 2058 29.49 30.27 -9.64
N SER A 2059 29.30 29.04 -10.10
CA SER A 2059 28.56 28.04 -9.33
C SER A 2059 29.24 27.87 -7.98
N GLY A 2060 30.57 27.87 -8.00
CA GLY A 2060 31.38 27.53 -6.85
C GLY A 2060 31.09 28.35 -5.61
N ASP A 2061 30.95 27.65 -4.48
CA ASP A 2061 30.58 28.26 -3.22
C ASP A 2061 31.77 28.31 -2.24
N ILE A 2062 32.19 29.53 -1.91
CA ILE A 2062 33.24 29.74 -0.92
C ILE A 2062 32.67 29.87 0.49
N PRO A 2063 33.45 29.51 1.52
CA PRO A 2063 33.01 29.73 2.89
C PRO A 2063 32.62 31.18 3.13
N ILE A 2064 31.61 31.40 3.97
CA ILE A 2064 31.17 32.75 4.32
C ILE A 2064 32.37 33.53 4.88
N PHE A 2065 33.26 32.81 5.55
CA PHE A 2065 34.45 33.43 6.12
C PHE A 2065 35.32 34.09 5.07
N LEU A 2066 35.54 33.42 3.93
CA LEU A 2066 36.33 34.01 2.85
C LEU A 2066 35.60 35.22 2.27
N ARG A 2067 34.34 35.05 1.91
CA ARG A 2067 33.60 36.09 1.20
C ARG A 2067 33.49 37.40 2.00
N SER A 2068 33.46 37.31 3.33
CA SER A 2068 33.43 38.51 4.16
C SER A 2068 34.76 39.25 4.13
N ARG A 2069 35.84 38.48 4.29
CA ARG A 2069 37.17 39.05 4.45
C ARG A 2069 37.73 39.53 3.12
N VAL A 2070 37.10 39.09 2.03
CA VAL A 2070 37.69 39.19 0.70
C VAL A 2070 36.95 40.20 -0.16
N ARG A 2071 37.69 40.90 -1.02
CA ARG A 2071 37.07 41.81 -1.99
C ARG A 2071 36.85 41.06 -3.29
N LEU A 2072 35.59 40.80 -3.61
CA LEU A 2072 35.21 39.89 -4.69
C LEU A 2072 34.84 40.64 -5.96
N VAL A 2073 35.50 40.30 -7.06
CA VAL A 2073 35.29 41.00 -8.34
C VAL A 2073 34.90 40.06 -9.48
N HIS A 2074 33.81 40.41 -10.16
CA HIS A 2074 33.33 39.63 -11.29
C HIS A 2074 33.86 40.19 -12.60
N PHE A 2075 34.81 39.50 -13.21
CA PHE A 2075 35.18 39.79 -14.58
C PHE A 2075 34.35 38.77 -15.35
N VAL A 2076 33.31 39.18 -16.04
CA VAL A 2076 32.48 38.19 -16.72
C VAL A 2076 31.64 38.80 -17.82
N THR A 2077 31.24 37.96 -18.77
CA THR A 2077 30.20 38.35 -19.70
C THR A 2077 29.02 37.41 -19.47
N ASN A 2078 28.00 37.93 -18.82
CA ASN A 2078 26.83 37.13 -18.43
C ASN A 2078 25.64 37.23 -19.37
N LYS A 2079 25.84 37.90 -20.51
CA LYS A 2079 24.78 38.24 -21.46
C LYS A 2079 24.01 39.48 -20.97
N GLU A 2080 24.21 39.83 -19.69
CA GLU A 2080 23.74 41.09 -19.16
C GLU A 2080 24.72 42.19 -19.51
N SER A 2081 25.89 41.77 -20.00
CA SER A 2081 26.92 42.70 -20.44
C SER A 2081 26.64 43.19 -21.87
N ILE A 2082 25.74 42.52 -22.58
CA ILE A 2082 25.43 42.84 -23.98
C ILE A 2082 24.88 44.26 -24.16
N GLU A 2083 23.94 44.63 -23.30
CA GLU A 2083 23.30 45.93 -23.37
C GLU A 2083 24.38 47.01 -23.44
N THR A 2084 25.32 46.94 -22.50
CA THR A 2084 26.47 47.84 -22.44
C THR A 2084 27.32 47.80 -23.70
N ARG A 2085 27.64 46.59 -24.12
CA ARG A 2085 28.65 46.37 -25.15
C ARG A 2085 28.17 46.72 -26.56
N ILE A 2086 26.89 46.51 -26.85
CA ILE A 2086 26.36 46.92 -28.16
C ILE A 2086 26.19 48.43 -28.23
N PHE A 2087 26.03 49.09 -27.08
CA PHE A 2087 25.97 50.55 -27.07
C PHE A 2087 27.34 51.10 -27.45
N ASP A 2088 28.38 50.57 -26.81
CA ASP A 2088 29.75 50.96 -27.11
C ASP A 2088 30.06 50.83 -28.61
N ILE A 2089 29.75 49.66 -29.17
CA ILE A 2089 29.93 49.44 -30.60
C ILE A 2089 29.07 50.43 -31.40
N THR A 2090 27.82 50.60 -30.97
CA THR A 2090 26.91 51.48 -31.68
C THR A 2090 27.47 52.90 -31.69
N LEU A 2091 27.94 53.34 -30.54
CA LEU A 2091 28.45 54.69 -30.41
C LEU A 2091 29.76 54.86 -31.12
N THR A 2092 30.61 53.86 -31.04
CA THR A 2092 31.88 53.91 -31.75
C THR A 2092 31.64 54.12 -33.24
N GLU A 2093 30.66 53.39 -33.79
CA GLU A 2093 30.37 53.44 -35.22
C GLU A 2093 29.40 54.54 -35.66
N GLU A 2094 28.68 55.14 -34.72
CA GLU A 2094 27.70 56.18 -35.05
C GLU A 2094 28.20 57.57 -34.69
N ASN A 2095 28.40 57.84 -33.40
CA ASN A 2095 29.04 59.09 -33.01
C ASN A 2095 30.44 58.79 -32.53
N ALA A 2096 31.40 59.02 -33.42
CA ALA A 2096 32.78 58.62 -33.16
C ALA A 2096 33.45 59.66 -32.29
N GLU A 2097 33.28 60.93 -32.63
CA GLU A 2097 34.12 61.95 -32.05
C GLU A 2097 33.87 62.03 -30.56
N MET A 2098 32.67 61.67 -30.12
CA MET A 2098 32.40 61.66 -28.68
C MET A 2098 32.66 60.29 -28.04
N GLN A 2099 32.90 59.24 -28.83
CA GLN A 2099 33.53 58.03 -28.30
C GLN A 2099 35.03 58.26 -28.09
N ARG A 2100 35.68 58.94 -29.05
CA ARG A 2100 37.08 59.31 -28.88
C ARG A 2100 37.21 60.22 -27.66
N LYS A 2101 36.41 61.28 -27.61
CA LYS A 2101 36.55 62.29 -26.56
C LYS A 2101 35.76 61.84 -25.33
N ARG A 2102 35.19 60.64 -25.39
CA ARG A 2102 34.81 59.89 -24.20
C ARG A 2102 36.04 59.24 -23.59
N GLU A 2103 36.87 58.65 -24.45
CA GLU A 2103 38.07 57.94 -24.01
C GLU A 2103 39.19 58.84 -23.46
N ASP A 2104 39.51 59.92 -24.19
CA ASP A 2104 40.63 60.78 -23.80
C ASP A 2104 40.19 61.85 -22.81
N LEU A 2105 38.97 61.70 -22.30
CA LEU A 2105 38.42 62.62 -21.31
C LEU A 2105 39.41 62.89 -20.18
N ILE A 2106 40.07 61.86 -19.67
CA ILE A 2106 41.10 62.05 -18.65
C ILE A 2106 42.47 62.46 -19.23
N LYS A 2107 42.80 61.97 -20.41
CA LYS A 2107 44.11 62.23 -21.03
C LYS A 2107 44.46 63.70 -21.12
N LEU A 2108 43.78 64.40 -22.02
CA LEU A 2108 44.12 65.79 -22.31
C LEU A 2108 43.88 66.63 -21.07
N ASN A 2109 42.96 66.20 -20.21
CA ASN A 2109 42.73 66.88 -18.94
C ASN A 2109 43.99 66.97 -18.06
N THR A 2110 44.47 65.85 -17.52
CA THR A 2110 45.66 65.90 -16.66
C THR A 2110 46.90 66.25 -17.46
N GLU A 2111 46.88 65.98 -18.77
CA GLU A 2111 47.98 66.44 -19.62
C GLU A 2111 48.00 67.96 -19.70
N TYR A 2112 46.87 68.58 -20.04
CA TYR A 2112 46.86 70.03 -20.19
C TYR A 2112 47.09 70.75 -18.86
N LYS A 2113 46.59 70.19 -17.75
CA LYS A 2113 46.82 70.81 -16.45
C LYS A 2113 48.24 70.58 -15.95
N LEU A 2114 48.93 69.55 -16.47
CA LEU A 2114 50.35 69.40 -16.18
C LEU A 2114 51.20 70.27 -17.11
N LYS A 2115 50.67 70.64 -18.27
CA LYS A 2115 51.35 71.59 -19.15
C LYS A 2115 51.24 73.02 -18.64
N LEU A 2116 50.07 73.36 -18.11
CA LEU A 2116 49.88 74.65 -17.46
C LEU A 2116 50.75 74.75 -16.21
N LYS A 2117 50.67 73.75 -15.33
CA LYS A 2117 51.51 73.73 -14.14
C LYS A 2117 52.97 73.84 -14.53
N ASN A 2118 53.32 73.26 -15.67
CA ASN A 2118 54.71 73.27 -16.15
C ASN A 2118 55.17 74.70 -16.46
N LEU A 2119 54.38 75.46 -17.23
CA LEU A 2119 54.72 76.84 -17.52
C LEU A 2119 54.47 77.74 -16.30
N GLU A 2120 53.48 77.37 -15.49
CA GLU A 2120 53.22 78.07 -14.24
C GLU A 2120 54.46 77.90 -13.34
N LYS A 2121 55.12 76.75 -13.45
CA LYS A 2121 56.39 76.50 -12.77
C LYS A 2121 57.52 77.34 -13.35
N ARG A 2122 57.59 77.44 -14.68
CA ARG A 2122 58.63 78.22 -15.34
C ARG A 2122 58.50 79.68 -14.98
N LEU A 2123 57.25 80.14 -14.84
CA LEU A 2123 56.98 81.52 -14.43
C LEU A 2123 57.53 81.82 -13.03
N LEU A 2124 57.13 81.02 -12.05
CA LEU A 2124 57.59 81.20 -10.66
C LEU A 2124 59.11 81.08 -10.54
N GLU A 2125 59.66 80.08 -11.19
CA GLU A 2125 61.09 79.81 -11.15
C GLU A 2125 61.91 81.02 -11.56
N GLU A 2126 61.65 81.50 -12.76
CA GLU A 2126 62.46 82.54 -13.38
C GLU A 2126 61.89 83.96 -13.17
N LEU A 2127 60.82 84.09 -12.39
CA LEU A 2127 60.40 85.42 -11.93
C LEU A 2127 61.21 85.89 -10.73
N ASN A 2128 61.57 84.97 -9.85
CA ASN A 2128 62.39 85.28 -8.69
C ASN A 2128 63.86 85.39 -9.04
N ASN A 2129 64.25 84.72 -10.13
CA ASN A 2129 65.65 84.61 -10.54
C ASN A 2129 66.38 85.94 -10.71
N SER A 2130 67.55 86.04 -10.09
CA SER A 2130 68.24 87.32 -9.88
C SER A 2130 67.21 88.29 -9.31
N GLN A 2131 67.20 89.55 -9.75
CA GLN A 2131 66.19 90.49 -9.26
C GLN A 2131 65.51 91.39 -10.29
N GLY A 2132 66.29 92.31 -10.89
CA GLY A 2132 65.77 93.25 -11.86
C GLY A 2132 64.86 92.67 -12.95
N ASN A 2133 65.32 91.60 -13.58
CA ASN A 2133 64.58 90.99 -14.69
C ASN A 2133 64.22 91.94 -15.83
N MET A 2134 64.99 93.01 -15.93
CA MET A 2134 64.78 94.09 -16.88
C MET A 2134 64.53 93.57 -18.30
N LEU A 2135 65.27 92.55 -18.72
CA LEU A 2135 65.19 92.02 -20.09
C LEU A 2135 64.59 90.61 -20.15
N GLU A 2136 65.23 89.64 -19.51
CA GLU A 2136 64.94 88.22 -19.74
C GLU A 2136 63.53 87.79 -19.35
N ASN A 2137 63.03 88.27 -18.22
CA ASN A 2137 61.71 87.86 -17.75
C ASN A 2137 60.65 88.24 -18.79
N ASP A 2138 60.96 89.27 -19.58
CA ASP A 2138 60.13 89.62 -20.71
C ASP A 2138 60.30 88.52 -21.75
N GLU A 2139 61.52 88.00 -21.88
CA GLU A 2139 61.75 86.91 -22.81
C GLU A 2139 61.14 85.61 -22.27
N LEU A 2140 60.84 85.59 -20.97
CA LEU A 2140 59.96 84.57 -20.41
C LEU A 2140 58.48 84.94 -20.58
N MET A 2141 58.16 86.23 -20.51
CA MET A 2141 56.75 86.65 -20.54
C MET A 2141 56.12 86.19 -21.86
N VAL A 2142 56.92 86.11 -22.89
CA VAL A 2142 56.41 85.62 -24.16
C VAL A 2142 56.10 84.14 -24.04
N THR A 2143 56.81 83.46 -23.13
CA THR A 2143 56.49 82.08 -22.84
C THR A 2143 55.24 81.97 -21.98
N LEU A 2144 54.98 82.97 -21.12
CA LEU A 2144 53.69 83.04 -20.41
C LEU A 2144 52.59 83.66 -21.27
N ASN A 2145 52.96 84.41 -22.30
CA ASN A 2145 51.98 84.85 -23.27
C ASN A 2145 51.55 83.61 -24.03
N ASN A 2146 52.53 82.76 -24.35
CA ASN A 2146 52.23 81.42 -24.88
C ASN A 2146 51.40 80.60 -23.88
N LEU A 2147 51.65 80.80 -22.59
CA LEU A 2147 50.86 80.15 -21.54
C LEU A 2147 49.40 80.55 -21.63
N LYS A 2148 49.15 81.80 -22.04
CA LYS A 2148 47.79 82.29 -22.13
C LYS A 2148 47.04 81.57 -23.26
N LYS A 2149 47.75 81.27 -24.35
CA LYS A 2149 47.16 80.48 -25.44
C LYS A 2149 46.88 79.02 -25.03
N GLU A 2150 47.80 78.39 -24.31
CA GLU A 2150 47.55 77.04 -23.78
C GLU A 2150 46.45 77.03 -22.72
N ALA A 2151 46.24 78.18 -22.07
CA ALA A 2151 45.16 78.32 -21.10
C ALA A 2151 43.80 78.49 -21.80
N MET A 2152 43.83 78.98 -23.03
CA MET A 2152 42.62 79.04 -23.87
C MET A 2152 42.29 77.66 -24.45
N ASN A 2153 43.32 76.87 -24.72
CA ASN A 2153 43.12 75.49 -25.14
C ASN A 2153 42.41 74.73 -24.04
N ILE A 2154 42.86 74.96 -22.81
CA ILE A 2154 42.26 74.37 -21.63
C ILE A 2154 40.78 74.73 -21.44
N GLU A 2155 40.47 76.02 -21.52
CA GLU A 2155 39.08 76.44 -21.36
C GLU A 2155 38.23 75.93 -22.52
N LYS A 2156 38.85 75.69 -23.68
CA LYS A 2156 38.11 75.15 -24.83
C LYS A 2156 37.68 73.72 -24.54
N LYS A 2157 38.59 72.90 -24.05
CA LYS A 2157 38.26 71.54 -23.67
C LYS A 2157 37.35 71.50 -22.45
N LEU A 2158 37.66 72.36 -21.48
CA LEU A 2158 36.87 72.49 -20.27
C LEU A 2158 35.41 72.89 -20.54
N SER A 2159 35.19 73.69 -21.59
CA SER A 2159 33.84 74.15 -21.92
C SER A 2159 33.03 73.10 -22.68
N GLU A 2160 33.73 72.28 -23.47
CA GLU A 2160 33.07 71.26 -24.28
C GLU A 2160 32.89 69.97 -23.48
N SER A 2161 33.33 69.97 -22.22
CA SER A 2161 33.02 68.90 -21.30
C SER A 2161 31.57 68.98 -20.85
N GLU A 2162 31.16 70.17 -20.39
CA GLU A 2162 29.80 70.36 -19.93
C GLU A 2162 28.81 70.09 -21.07
N GLU A 2163 29.26 70.26 -22.31
CA GLU A 2163 28.44 69.93 -23.47
C GLU A 2163 28.42 68.42 -23.73
N PHE A 2164 29.51 67.74 -23.37
CA PHE A 2164 29.65 66.32 -23.68
C PHE A 2164 28.74 65.43 -22.84
N PHE A 2165 28.68 65.69 -21.55
CA PHE A 2165 28.02 64.78 -20.64
C PHE A 2165 26.53 64.59 -20.94
N PRO A 2166 25.75 65.69 -21.04
CA PRO A 2166 24.34 65.50 -21.37
C PRO A 2166 24.07 64.93 -22.77
N GLN A 2167 24.92 65.25 -23.75
CA GLN A 2167 24.77 64.66 -25.08
C GLN A 2167 25.06 63.17 -25.03
N PHE A 2168 26.02 62.79 -24.19
CA PHE A 2168 26.36 61.40 -24.02
C PHE A 2168 25.22 60.74 -23.27
N ASP A 2169 24.87 61.31 -22.13
CA ASP A 2169 23.84 60.74 -21.28
C ASP A 2169 22.53 60.56 -22.04
N ASN A 2170 22.29 61.43 -23.02
CA ASN A 2170 21.09 61.28 -23.83
C ASN A 2170 21.26 60.14 -24.83
N LEU A 2171 22.44 60.01 -25.41
CA LEU A 2171 22.64 59.02 -26.47
C LEU A 2171 22.53 57.59 -25.94
N VAL A 2172 22.73 57.39 -24.64
CA VAL A 2172 22.57 56.05 -24.06
C VAL A 2172 21.10 55.73 -23.93
N GLU A 2173 20.28 56.76 -23.78
CA GLU A 2173 18.83 56.58 -23.69
C GLU A 2173 18.24 56.32 -25.07
N GLU A 2174 18.67 57.06 -26.08
CA GLU A 2174 18.16 56.86 -27.43
C GLU A 2174 18.52 55.49 -27.99
N TYR A 2175 19.65 54.94 -27.57
CA TYR A 2175 20.10 53.64 -28.07
C TYR A 2175 19.65 52.48 -27.19
N SER A 2176 18.96 52.78 -26.10
CA SER A 2176 18.51 51.76 -25.15
C SER A 2176 17.90 50.57 -25.88
N ILE A 2177 16.99 50.89 -26.78
CA ILE A 2177 16.13 49.91 -27.43
C ILE A 2177 16.95 48.85 -28.16
N ILE A 2178 18.04 49.26 -28.79
CA ILE A 2178 18.87 48.35 -29.57
C ILE A 2178 19.42 47.29 -28.63
N GLY A 2179 19.72 47.71 -27.41
CA GLY A 2179 20.28 46.83 -26.43
C GLY A 2179 19.24 45.80 -26.04
N LYS A 2180 18.08 46.30 -25.64
CA LYS A 2180 17.03 45.45 -25.11
C LYS A 2180 16.49 44.43 -26.11
N HIS A 2181 16.61 44.73 -27.40
CA HIS A 2181 16.21 43.76 -28.42
C HIS A 2181 17.27 42.68 -28.53
N SER A 2182 18.52 43.12 -28.49
CA SER A 2182 19.65 42.22 -28.69
C SER A 2182 19.88 41.28 -27.52
N VAL A 2183 19.42 41.64 -26.34
CA VAL A 2183 19.52 40.71 -25.20
C VAL A 2183 18.53 39.56 -25.41
N LYS A 2184 17.33 39.85 -25.94
CA LYS A 2184 16.36 38.79 -26.21
C LYS A 2184 16.68 38.01 -27.48
N ILE A 2185 17.22 38.67 -28.50
CA ILE A 2185 17.62 37.95 -29.70
C ILE A 2185 18.76 37.02 -29.36
N PHE A 2186 19.66 37.48 -28.50
CA PHE A 2186 20.75 36.63 -28.07
C PHE A 2186 20.21 35.49 -27.24
N SER A 2187 19.36 35.81 -26.29
CA SER A 2187 18.80 34.82 -25.37
C SER A 2187 18.17 33.67 -26.14
N MET A 2188 17.54 34.00 -27.26
CA MET A 2188 16.97 33.01 -28.16
C MET A 2188 18.03 32.07 -28.72
N LEU A 2189 19.14 32.65 -29.17
CA LEU A 2189 20.21 31.88 -29.80
C LEU A 2189 20.88 30.99 -28.76
N GLU A 2190 20.92 31.47 -27.52
CA GLU A 2190 21.50 30.72 -26.42
C GLU A 2190 20.64 29.48 -26.19
N LYS A 2191 19.32 29.67 -26.22
CA LYS A 2191 18.39 28.58 -25.99
C LYS A 2191 18.40 27.55 -27.12
N PHE A 2192 18.77 27.97 -28.33
CA PHE A 2192 18.95 27.02 -29.42
C PHE A 2192 20.14 26.14 -29.07
N GLY A 2193 21.16 26.76 -28.50
CA GLY A 2193 22.39 26.07 -28.17
C GLY A 2193 22.22 25.03 -27.08
N GLN A 2194 21.29 25.27 -26.17
CA GLN A 2194 21.06 24.35 -25.05
C GLN A 2194 20.32 23.07 -25.46
N PHE A 2195 19.70 23.10 -26.64
CA PHE A 2195 18.99 21.93 -27.17
C PHE A 2195 19.95 20.94 -27.84
N HIS A 2196 20.96 21.48 -28.52
CA HIS A 2196 21.87 20.68 -29.32
C HIS A 2196 23.24 21.34 -29.40
N TRP A 2197 24.28 20.51 -29.44
CA TRP A 2197 25.66 20.98 -29.26
C TRP A 2197 26.15 21.89 -30.39
N PHE A 2198 25.61 21.69 -31.57
CA PHE A 2198 26.05 22.39 -32.77
C PHE A 2198 25.56 23.84 -32.82
N TYR A 2199 24.54 24.13 -32.01
CA TYR A 2199 23.82 25.41 -32.08
C TYR A 2199 24.28 26.49 -31.09
N GLY A 2200 25.39 26.24 -30.38
CA GLY A 2200 25.97 27.23 -29.49
C GLY A 2200 26.32 28.57 -30.13
N ILE A 2201 26.40 29.61 -29.31
CA ILE A 2201 26.86 30.91 -29.78
C ILE A 2201 27.45 31.67 -28.59
N SER A 2202 28.44 32.53 -28.83
CA SER A 2202 29.04 33.32 -27.76
C SER A 2202 28.55 34.74 -27.92
N ILE A 2203 28.80 35.58 -26.93
CA ILE A 2203 28.45 36.98 -27.06
C ILE A 2203 29.44 37.57 -28.04
N GLY A 2204 30.57 36.90 -28.20
CA GLY A 2204 31.57 37.28 -29.17
C GLY A 2204 31.01 37.31 -30.57
N GLN A 2205 30.45 36.19 -31.02
CA GLN A 2205 29.93 36.10 -32.37
C GLN A 2205 28.81 37.11 -32.55
N PHE A 2206 28.04 37.31 -31.48
CA PHE A 2206 26.86 38.17 -31.56
C PHE A 2206 27.29 39.62 -31.79
N LEU A 2207 28.27 40.06 -31.01
CA LEU A 2207 28.80 41.41 -31.15
C LEU A 2207 29.51 41.59 -32.47
N SER A 2208 30.16 40.54 -32.93
CA SER A 2208 30.88 40.57 -34.19
C SER A 2208 29.91 40.70 -35.34
N CYS A 2209 28.74 40.08 -35.17
CA CYS A 2209 27.67 40.17 -36.15
C CYS A 2209 27.09 41.58 -36.15
N PHE A 2210 26.81 42.08 -34.95
CA PHE A 2210 26.26 43.43 -34.78
C PHE A 2210 27.14 44.51 -35.41
N LYS A 2211 28.45 44.32 -35.41
CA LYS A 2211 29.37 45.31 -35.99
C LYS A 2211 29.09 45.43 -37.49
N ARG A 2212 28.70 44.33 -38.09
CA ARG A 2212 28.42 44.26 -39.53
C ARG A 2212 27.20 45.11 -39.90
N VAL A 2213 26.38 45.44 -38.90
CA VAL A 2213 25.18 46.22 -39.12
C VAL A 2213 25.55 47.57 -39.70
N PHE A 2214 26.77 48.00 -39.40
CA PHE A 2214 27.24 49.30 -39.81
C PHE A 2214 28.11 49.16 -41.04
N ILE A 2215 29.35 48.71 -40.80
CA ILE A 2215 30.38 48.64 -41.82
C ILE A 2215 30.05 47.61 -42.90
N THR A 2226 14.71 57.97 -36.70
CA THR A 2226 14.63 56.93 -37.71
C THR A 2226 16.00 56.35 -38.05
N ARG A 2227 17.08 56.90 -37.49
CA ARG A 2227 18.38 56.27 -37.65
C ARG A 2227 18.46 55.03 -36.77
N VAL A 2228 18.14 55.22 -35.50
CA VAL A 2228 18.12 54.14 -34.54
C VAL A 2228 17.12 53.07 -34.94
N ASP A 2229 16.05 53.47 -35.59
CA ASP A 2229 15.11 52.49 -36.12
C ASP A 2229 15.81 51.66 -37.18
N GLU A 2230 16.51 52.35 -38.07
CA GLU A 2230 17.20 51.64 -39.14
C GLU A 2230 18.27 50.73 -38.57
N ILE A 2231 19.01 51.20 -37.57
CA ILE A 2231 20.10 50.39 -37.06
C ILE A 2231 19.51 49.16 -36.39
N LEU A 2232 18.32 49.30 -35.83
CA LEU A 2232 17.60 48.19 -35.20
C LEU A 2232 17.10 47.17 -36.23
N TRP A 2233 16.35 47.64 -37.22
CA TRP A 2233 15.85 46.77 -38.27
C TRP A 2233 16.98 46.00 -38.91
N LEU A 2234 18.11 46.66 -39.14
CA LEU A 2234 19.27 46.00 -39.70
C LEU A 2234 19.78 44.92 -38.76
N LEU A 2235 19.68 45.16 -37.46
CA LEU A 2235 20.18 44.19 -36.48
C LEU A 2235 19.53 42.85 -36.74
N TYR A 2236 18.19 42.82 -36.71
CA TYR A 2236 17.44 41.59 -36.93
C TYR A 2236 17.83 40.94 -38.25
N GLN A 2237 17.89 41.75 -39.30
CA GLN A 2237 18.12 41.24 -40.64
C GLN A 2237 19.51 40.67 -40.78
N GLU A 2238 20.48 41.26 -40.10
CA GLU A 2238 21.85 40.77 -40.17
C GLU A 2238 22.05 39.57 -39.26
N VAL A 2239 21.40 39.54 -38.11
CA VAL A 2239 21.50 38.37 -37.23
C VAL A 2239 20.82 37.17 -37.86
N TYR A 2240 19.70 37.39 -38.52
CA TYR A 2240 19.05 36.29 -39.20
C TYR A 2240 19.92 35.81 -40.35
N CYS A 2241 20.26 36.76 -41.22
CA CYS A 2241 21.06 36.49 -42.41
C CYS A 2241 22.31 35.66 -42.13
N GLN A 2242 22.99 35.94 -41.03
CA GLN A 2242 24.17 35.16 -40.66
C GLN A 2242 23.79 33.79 -40.09
N PHE A 2243 23.18 33.82 -38.90
CA PHE A 2243 23.03 32.62 -38.07
C PHE A 2243 21.97 31.64 -38.56
N SER A 2244 21.19 32.04 -39.56
CA SER A 2244 20.24 31.13 -40.20
C SER A 2244 20.96 29.89 -40.72
N THR A 2245 22.22 30.08 -41.08
CA THR A 2245 23.00 29.03 -41.72
C THR A 2245 23.53 27.97 -40.75
N ALA A 2246 23.64 28.31 -39.48
CA ALA A 2246 24.19 27.38 -38.49
C ALA A 2246 23.10 26.45 -37.96
N LEU A 2247 21.87 26.66 -38.43
CA LEU A 2247 20.69 25.92 -37.96
C LEU A 2247 20.07 25.11 -39.11
N ASP A 2248 19.51 23.95 -38.78
CA ASP A 2248 18.75 23.14 -39.74
C ASP A 2248 17.36 23.76 -39.99
N LYS A 2249 16.70 23.34 -41.07
CA LYS A 2249 15.44 23.94 -41.52
C LYS A 2249 14.45 24.20 -40.40
N LYS A 2250 14.27 23.23 -39.51
CA LYS A 2250 13.35 23.38 -38.38
C LYS A 2250 13.63 24.65 -37.59
N PHE A 2251 14.89 24.86 -37.22
CA PHE A 2251 15.26 25.97 -36.36
C PHE A 2251 15.32 27.29 -37.10
N LYS A 2252 15.56 27.23 -38.40
CA LYS A 2252 15.48 28.43 -39.22
C LYS A 2252 14.06 28.96 -39.06
N MET A 2253 13.09 28.05 -39.14
CA MET A 2253 11.67 28.39 -39.10
C MET A 2253 11.25 28.82 -37.70
N ILE A 2254 11.80 28.18 -36.68
CA ILE A 2254 11.57 28.63 -35.32
C ILE A 2254 12.15 30.02 -35.19
N MET A 2255 13.34 30.21 -35.73
CA MET A 2255 14.07 31.46 -35.56
C MET A 2255 13.37 32.60 -36.28
N ALA A 2256 12.86 32.34 -37.47
CA ALA A 2256 12.13 33.37 -38.20
C ALA A 2256 10.93 33.83 -37.39
N MET A 2257 10.10 32.88 -36.99
CA MET A 2257 8.85 33.20 -36.30
C MET A 2257 9.09 33.90 -34.96
N THR A 2258 10.11 33.47 -34.21
CA THR A 2258 10.41 34.09 -32.92
C THR A 2258 10.86 35.54 -33.10
N MET A 2259 11.89 35.71 -33.91
CA MET A 2259 12.50 37.03 -34.13
C MET A 2259 11.49 38.00 -34.70
N PHE A 2260 10.69 37.51 -35.64
CA PHE A 2260 9.63 38.31 -36.23
C PHE A 2260 8.69 38.88 -35.17
N CYS A 2261 8.22 38.01 -34.28
CA CYS A 2261 7.33 38.42 -33.19
C CYS A 2261 8.04 39.43 -32.29
N LEU A 2262 9.29 39.12 -31.97
CA LEU A 2262 10.12 39.92 -31.06
C LEU A 2262 10.21 41.38 -31.49
N TYR A 2263 10.26 41.57 -32.81
CA TYR A 2263 10.33 42.89 -33.44
C TYR A 2263 8.97 43.57 -33.57
N LYS A 2264 8.06 42.94 -34.31
CA LYS A 2264 6.74 43.52 -34.56
C LYS A 2264 5.95 43.86 -33.29
N PHE A 2265 5.95 42.97 -32.30
CA PHE A 2265 5.22 43.19 -31.06
C PHE A 2265 5.60 44.50 -30.40
N ASP A 2266 6.81 44.93 -30.69
CA ASP A 2266 7.34 46.20 -30.24
C ASP A 2266 6.81 47.32 -31.12
N ILE A 2267 7.05 47.21 -32.41
CA ILE A 2267 6.66 48.22 -33.39
C ILE A 2267 5.13 48.31 -33.56
N GLU A 2268 4.50 47.19 -33.90
CA GLU A 2268 3.06 47.16 -34.21
C GLU A 2268 2.06 47.20 -33.03
N SER A 2269 0.78 47.24 -33.41
CA SER A 2269 -0.35 47.43 -32.50
C SER A 2269 -0.70 46.20 -31.67
N GLU A 2270 -1.43 46.40 -30.57
CA GLU A 2270 -1.84 45.30 -29.70
C GLU A 2270 -2.82 44.34 -30.36
N GLN A 2271 -3.62 44.83 -31.31
CA GLN A 2271 -4.52 43.97 -32.07
C GLN A 2271 -3.72 43.11 -33.05
N TYR A 2272 -2.66 43.70 -33.59
CA TYR A 2272 -1.72 42.96 -34.43
C TYR A 2272 -1.19 41.76 -33.66
N LYS A 2273 -0.60 42.05 -32.50
CA LYS A 2273 0.05 41.04 -31.68
C LYS A 2273 -0.90 39.91 -31.34
N GLU A 2274 -2.05 40.25 -30.79
CA GLU A 2274 -3.00 39.23 -30.35
C GLU A 2274 -3.50 38.42 -31.54
N ALA A 2275 -3.53 39.03 -32.72
CA ALA A 2275 -3.92 38.31 -33.95
C ALA A 2275 -2.82 37.34 -34.38
N VAL A 2276 -1.60 37.83 -34.49
CA VAL A 2276 -0.50 36.97 -34.88
C VAL A 2276 -0.34 35.92 -33.79
N LEU A 2277 -0.51 36.33 -32.55
CA LEU A 2277 -0.36 35.40 -31.43
C LEU A 2277 -1.43 34.32 -31.44
N THR A 2278 -2.69 34.68 -31.69
CA THR A 2278 -3.73 33.66 -31.73
C THR A 2278 -3.52 32.79 -32.97
N MET A 2279 -3.03 33.37 -34.05
CA MET A 2279 -2.84 32.63 -35.29
C MET A 2279 -1.75 31.58 -35.14
N ILE A 2280 -0.68 31.91 -34.41
CA ILE A 2280 0.35 30.93 -34.10
C ILE A 2280 -0.21 29.85 -33.19
N GLY A 2281 -0.95 30.28 -32.17
CA GLY A 2281 -1.58 29.35 -31.24
C GLY A 2281 -2.48 28.35 -31.93
N VAL A 2282 -3.04 28.75 -33.07
CA VAL A 2282 -3.78 27.84 -33.94
C VAL A 2282 -2.88 26.86 -34.69
N LEU A 2283 -1.70 27.30 -35.11
CA LEU A 2283 -0.75 26.43 -35.82
C LEU A 2283 -0.29 25.35 -34.87
N SER A 2284 -0.01 25.78 -33.65
CA SER A 2284 0.17 24.87 -32.54
C SER A 2284 -1.19 24.34 -32.15
N GLU A 2285 -1.23 23.41 -31.22
CA GLU A 2285 -2.51 22.92 -30.71
C GLU A 2285 -2.92 23.74 -29.48
N SER A 2286 -2.17 24.81 -29.22
CA SER A 2286 -2.38 25.66 -28.05
C SER A 2286 -3.84 26.06 -27.83
N SER A 2287 -4.43 26.65 -28.85
CA SER A 2287 -5.84 27.04 -28.82
C SER A 2287 -6.30 27.18 -30.25
N ASP A 2288 -7.60 27.06 -30.50
CA ASP A 2288 -8.14 27.39 -31.82
C ASP A 2288 -9.21 28.49 -31.69
N GLY A 2289 -8.99 29.60 -32.38
CA GLY A 2289 -9.95 30.69 -32.39
C GLY A 2289 -9.68 31.71 -33.48
N VAL A 2290 -10.75 32.41 -33.90
CA VAL A 2290 -10.65 33.39 -34.97
C VAL A 2290 -9.95 34.67 -34.46
N PRO A 2291 -8.98 35.18 -35.23
CA PRO A 2291 -8.26 36.39 -34.83
C PRO A 2291 -9.09 37.66 -34.96
N LYS A 2292 -8.73 38.71 -34.23
CA LYS A 2292 -9.49 39.94 -34.32
C LYS A 2292 -9.23 40.37 -35.73
N LEU A 2293 -10.27 40.44 -36.54
CA LEU A 2293 -10.05 40.60 -37.96
C LEU A 2293 -10.20 42.06 -38.32
N THR A 2294 -9.06 42.67 -38.63
CA THR A 2294 -9.05 44.02 -39.16
C THR A 2294 -8.89 43.91 -40.64
N VAL A 2295 -9.59 44.80 -41.33
CA VAL A 2295 -9.79 44.69 -42.75
C VAL A 2295 -8.89 45.61 -43.58
N ASP A 2296 -7.94 44.99 -44.27
CA ASP A 2296 -6.98 45.67 -45.17
C ASP A 2296 -6.01 46.63 -44.49
N THR A 2297 -6.22 46.92 -43.20
CA THR A 2297 -5.22 47.67 -42.43
C THR A 2297 -4.02 46.74 -42.28
N ASN A 2298 -4.31 45.47 -41.98
CA ASN A 2298 -3.31 44.42 -42.06
C ASN A 2298 -3.69 43.49 -43.20
N ASP A 2299 -2.95 43.62 -44.30
CA ASP A 2299 -3.13 42.79 -45.47
C ASP A 2299 -2.46 41.45 -45.21
N ASP A 2300 -1.16 41.52 -44.99
CA ASP A 2300 -0.31 40.35 -44.80
C ASP A 2300 -0.89 39.37 -43.79
N LEU A 2301 -1.46 39.87 -42.69
CA LEU A 2301 -1.97 38.97 -41.66
C LEU A 2301 -3.15 38.19 -42.19
N ARG A 2302 -3.91 38.82 -43.06
CA ARG A 2302 -5.05 38.16 -43.68
C ARG A 2302 -4.48 37.16 -44.65
N TYR A 2303 -3.30 37.49 -45.17
CA TYR A 2303 -2.56 36.58 -46.05
C TYR A 2303 -2.10 35.34 -45.28
N LEU A 2304 -1.69 35.54 -44.02
CA LEU A 2304 -1.25 34.45 -43.15
C LEU A 2304 -2.38 33.55 -42.67
N TRP A 2305 -3.44 34.15 -42.13
CA TRP A 2305 -4.55 33.37 -41.61
C TRP A 2305 -5.12 32.55 -42.76
N ASP A 2306 -5.05 33.11 -43.95
CA ASP A 2306 -5.50 32.45 -45.17
C ASP A 2306 -4.71 31.16 -45.41
N TYR A 2307 -3.43 31.16 -45.04
CA TYR A 2307 -2.58 29.96 -45.13
C TYR A 2307 -2.91 28.96 -44.03
N VAL A 2308 -3.23 29.47 -42.86
CA VAL A 2308 -3.55 28.64 -41.71
C VAL A 2308 -4.90 27.96 -41.89
N THR A 2309 -5.86 28.70 -42.44
CA THR A 2309 -7.23 28.20 -42.54
C THR A 2309 -7.35 27.18 -43.66
N THR A 2310 -6.53 27.31 -44.71
CA THR A 2310 -6.56 26.38 -45.83
C THR A 2310 -5.64 25.20 -45.58
N LYS A 2311 -5.10 25.14 -44.36
CA LYS A 2311 -4.39 23.96 -43.90
C LYS A 2311 -3.15 23.65 -44.74
N SER A 2312 -2.58 24.68 -45.36
CA SER A 2312 -1.27 24.52 -45.97
C SER A 2312 -0.23 25.12 -45.04
N TYR A 2313 0.49 24.23 -44.36
CA TYR A 2313 1.26 24.57 -43.16
C TYR A 2313 2.63 25.13 -43.50
N ILE A 2314 3.23 24.60 -44.55
CA ILE A 2314 4.60 24.96 -44.92
C ILE A 2314 4.66 26.44 -45.24
N SER A 2315 3.82 26.88 -46.16
CA SER A 2315 3.76 28.27 -46.56
C SER A 2315 3.33 29.15 -45.39
N ALA A 2316 2.52 28.58 -44.50
CA ALA A 2316 2.12 29.27 -43.29
C ALA A 2316 3.33 29.54 -42.39
N LEU A 2317 4.27 28.60 -42.39
CA LEU A 2317 5.45 28.70 -41.55
C LEU A 2317 6.44 29.70 -42.15
N ASN A 2318 6.60 29.63 -43.48
CA ASN A 2318 7.53 30.48 -44.17
C ASN A 2318 6.92 31.84 -44.50
N TRP A 2319 5.70 32.07 -44.05
CA TRP A 2319 5.13 33.41 -44.10
C TRP A 2319 6.02 34.35 -43.32
N PHE A 2320 6.45 33.90 -42.15
CA PHE A 2320 7.25 34.71 -41.27
C PHE A 2320 8.59 35.00 -41.94
N LYS A 2321 9.14 34.02 -42.66
CA LYS A 2321 10.45 34.16 -43.31
C LYS A 2321 10.38 35.15 -44.47
N ASN A 2322 9.28 35.13 -45.20
CA ASN A 2322 9.10 36.06 -46.31
C ASN A 2322 8.60 37.43 -45.85
N GLU A 2323 8.01 37.49 -44.67
CA GLU A 2323 7.72 38.77 -44.03
C GLU A 2323 8.93 39.21 -43.20
N PHE A 2324 9.83 38.27 -42.91
CA PHE A 2324 11.10 38.60 -42.29
C PHE A 2324 11.85 39.37 -43.34
N PHE A 2325 11.56 39.01 -44.59
CA PHE A 2325 11.96 39.83 -45.71
C PHE A 2325 13.47 39.98 -45.77
N VAL A 2326 14.16 38.89 -46.09
CA VAL A 2326 15.61 38.87 -46.22
C VAL A 2326 15.98 37.99 -47.39
N ASP A 2327 17.21 38.14 -47.88
CA ASP A 2327 17.83 37.13 -48.71
C ASP A 2327 18.63 36.18 -47.83
N GLU A 2328 18.25 34.91 -47.84
CA GLU A 2328 18.96 33.89 -47.08
C GLU A 2328 20.36 33.76 -47.64
N TRP A 2329 21.33 33.39 -46.80
CA TRP A 2329 22.71 33.28 -47.30
C TRP A 2329 23.06 31.85 -47.68
N ASN A 2330 23.43 31.70 -48.94
CA ASN A 2330 23.79 30.40 -49.49
C ASN A 2330 25.05 29.88 -48.82
N ILE A 2331 25.25 28.57 -48.90
CA ILE A 2331 26.47 27.97 -48.38
C ILE A 2331 27.63 28.72 -49.03
N ALA A 2332 27.53 28.89 -50.35
CA ALA A 2332 28.51 29.65 -51.13
C ALA A 2332 28.70 31.06 -50.59
N ASP A 2333 27.61 31.67 -50.14
CA ASP A 2333 27.65 33.03 -49.66
C ASP A 2333 28.32 33.11 -48.28
N VAL A 2334 28.16 32.07 -47.47
CA VAL A 2334 28.88 32.03 -46.19
C VAL A 2334 30.36 31.75 -46.43
N VAL A 2335 30.64 30.68 -47.19
CA VAL A 2335 32.01 30.23 -47.42
C VAL A 2335 32.88 31.36 -47.95
N ALA A 2336 32.42 31.99 -49.03
CA ALA A 2336 33.17 33.04 -49.69
C ALA A 2336 33.32 34.29 -48.83
N ASN A 2337 32.21 34.73 -48.25
CA ASN A 2337 32.18 35.98 -47.51
C ASN A 2337 32.91 35.89 -46.17
N SER A 2338 32.83 34.72 -45.53
CA SER A 2338 33.40 34.53 -44.20
C SER A 2338 34.91 34.58 -44.24
N GLU A 2339 35.49 35.33 -43.30
CA GLU A 2339 36.93 35.35 -43.10
C GLU A 2339 37.25 34.47 -41.92
N ASN A 2340 37.78 33.29 -42.24
CA ASN A 2340 38.24 32.32 -41.28
C ASN A 2340 38.73 31.16 -42.13
N ASN A 2341 39.61 30.35 -41.59
CA ASN A 2341 40.19 29.27 -42.36
C ASN A 2341 39.47 27.96 -42.10
N TYR A 2342 38.52 27.99 -41.17
CA TYR A 2342 37.95 26.76 -40.64
C TYR A 2342 36.43 26.76 -40.61
N PHE A 2343 35.88 25.74 -41.26
CA PHE A 2343 34.44 25.54 -41.36
C PHE A 2343 34.09 24.09 -40.99
N THR A 2344 33.06 23.90 -40.15
CA THR A 2344 32.47 22.59 -39.91
C THR A 2344 31.05 22.57 -40.42
N MET A 2345 30.76 21.73 -41.41
CA MET A 2345 29.36 21.59 -41.85
C MET A 2345 28.78 20.23 -41.51
N ALA A 2346 27.86 20.27 -40.56
CA ALA A 2346 27.09 19.12 -40.11
C ALA A 2346 25.87 18.89 -40.98
N SER A 2347 25.42 17.65 -40.98
CA SER A 2347 24.26 17.24 -41.74
C SER A 2347 23.66 15.99 -41.12
N GLU A 2348 22.41 15.68 -41.44
CA GLU A 2348 21.87 14.38 -41.09
C GLU A 2348 22.60 13.37 -41.95
N ARG A 2349 22.57 12.10 -41.57
CA ARG A 2349 23.26 11.09 -42.36
C ARG A 2349 22.62 10.95 -43.73
N ASP A 2350 21.36 11.36 -43.85
CA ASP A 2350 20.60 11.23 -45.08
C ASP A 2350 21.34 11.79 -46.30
N VAL A 2351 22.17 12.80 -46.06
CA VAL A 2351 22.80 13.57 -47.13
C VAL A 2351 24.23 13.95 -46.76
N ASP A 2352 25.10 14.09 -47.76
CA ASP A 2352 26.46 14.58 -47.54
C ASP A 2352 26.75 15.78 -48.42
N GLY A 2353 27.51 16.72 -47.88
CA GLY A 2353 27.74 17.98 -48.57
C GLY A 2353 29.05 17.95 -49.32
N THR A 2354 29.55 16.76 -49.61
CA THR A 2354 30.82 16.65 -50.30
C THR A 2354 30.64 17.09 -51.74
N PHE A 2355 29.60 16.60 -52.39
CA PHE A 2355 29.37 16.91 -53.79
C PHE A 2355 29.12 18.41 -53.98
N LYS A 2356 28.47 19.03 -53.01
CA LYS A 2356 28.25 20.47 -53.04
C LYS A 2356 29.56 21.23 -52.82
N LEU A 2357 30.31 20.84 -51.81
CA LEU A 2357 31.57 21.51 -51.52
C LEU A 2357 32.56 21.36 -52.68
N ILE A 2358 32.43 20.27 -53.43
CA ILE A 2358 33.16 20.13 -54.68
C ILE A 2358 32.77 21.26 -55.63
N GLU A 2359 31.47 21.44 -55.86
CA GLU A 2359 31.04 22.39 -56.86
C GLU A 2359 31.36 23.80 -56.39
N LEU A 2360 31.26 24.05 -55.09
CA LEU A 2360 31.63 25.35 -54.56
C LEU A 2360 33.12 25.58 -54.73
N ALA A 2361 33.90 24.51 -54.72
CA ALA A 2361 35.34 24.62 -54.90
C ALA A 2361 35.69 24.93 -56.36
N LYS A 2362 35.13 24.16 -57.29
CA LYS A 2362 35.37 24.41 -58.71
C LYS A 2362 34.89 25.80 -59.10
N ALA A 2363 33.83 26.24 -58.44
CA ALA A 2363 33.20 27.52 -58.76
C ALA A 2363 34.10 28.68 -58.35
N SER A 2364 34.82 28.53 -57.25
CA SER A 2364 35.75 29.57 -56.80
C SER A 2364 37.10 29.00 -56.39
N LYS A 2365 38.13 29.34 -57.14
CA LYS A 2365 39.51 29.14 -56.69
C LYS A 2365 39.93 27.66 -56.53
N GLU A 2366 39.17 26.75 -57.16
CA GLU A 2366 39.53 25.32 -57.33
C GLU A 2366 40.04 24.62 -56.05
N SER A 2367 41.10 23.82 -56.17
CA SER A 2367 41.83 23.28 -55.03
C SER A 2367 41.04 22.30 -54.16
N LEU A 2368 40.24 21.42 -54.77
CA LEU A 2368 39.42 20.50 -53.98
C LEU A 2368 40.22 19.28 -53.53
N LYS A 2369 40.36 19.12 -52.22
CA LYS A 2369 41.05 17.95 -51.66
C LYS A 2369 40.17 17.17 -50.69
N ILE A 2370 39.73 15.98 -51.11
CA ILE A 2370 38.84 15.16 -50.27
C ILE A 2370 39.63 14.12 -49.49
N ILE A 2371 39.66 14.30 -48.17
CA ILE A 2371 40.36 13.36 -47.30
C ILE A 2371 39.38 12.53 -46.47
N PRO A 2372 39.23 11.25 -46.82
CA PRO A 2372 38.44 10.37 -45.95
C PRO A 2372 39.26 10.00 -44.73
N LEU A 2373 38.67 9.85 -43.55
CA LEU A 2373 39.44 9.30 -42.44
C LEU A 2373 38.93 7.91 -42.07
N GLY A 2374 39.45 6.89 -42.76
CA GLY A 2374 39.15 5.51 -42.47
C GLY A 2374 40.07 4.89 -41.45
N SER A 2375 41.35 5.03 -41.73
CA SER A 2375 42.38 4.16 -41.20
C SER A 2375 43.40 4.93 -40.36
N ILE A 2376 44.42 4.21 -39.89
CA ILE A 2376 45.60 4.87 -39.36
C ILE A 2376 46.32 5.55 -40.51
N GLU A 2377 46.25 4.95 -41.69
CA GLU A 2377 46.93 5.50 -42.85
C GLU A 2377 46.20 6.75 -43.35
N ASN A 2378 44.88 6.70 -43.39
CA ASN A 2378 44.10 7.87 -43.81
C ASN A 2378 44.32 9.03 -42.85
N LEU A 2379 44.65 8.72 -41.61
CA LEU A 2379 44.87 9.76 -40.60
C LEU A 2379 46.25 10.37 -40.72
N ASN A 2380 47.26 9.57 -41.01
CA ASN A 2380 48.59 10.13 -41.27
C ASN A 2380 48.54 10.99 -42.53
N TYR A 2381 47.97 10.46 -43.61
CA TYR A 2381 47.88 11.23 -44.87
C TYR A 2381 47.01 12.47 -44.66
N ALA A 2382 46.10 12.41 -43.71
CA ALA A 2382 45.26 13.56 -43.40
C ALA A 2382 46.13 14.67 -42.84
N GLN A 2383 46.93 14.36 -41.83
CA GLN A 2383 47.71 15.38 -41.14
C GLN A 2383 48.99 15.73 -41.89
N GLU A 2384 49.39 14.89 -42.83
CA GLU A 2384 50.45 15.27 -43.76
C GLU A 2384 49.92 16.35 -44.69
N GLU A 2385 48.81 16.04 -45.35
CA GLU A 2385 48.26 16.92 -46.36
C GLU A 2385 47.64 18.18 -45.78
N ILE A 2386 47.36 18.18 -44.49
CA ILE A 2386 46.91 19.38 -43.83
C ILE A 2386 48.08 20.36 -43.73
N SER A 2387 49.20 19.88 -43.18
CA SER A 2387 50.38 20.72 -43.00
C SER A 2387 50.94 21.15 -44.36
N LYS A 2388 50.69 20.33 -45.38
CA LYS A 2388 51.08 20.66 -46.74
C LYS A 2388 50.14 21.67 -47.40
N SER A 2389 48.84 21.46 -47.24
CA SER A 2389 47.87 22.32 -47.91
C SER A 2389 47.78 23.70 -47.27
N LYS A 2390 48.17 23.83 -46.00
CA LYS A 2390 48.07 25.12 -45.32
C LYS A 2390 49.27 26.01 -45.61
N ILE A 2391 50.37 25.43 -46.07
CA ILE A 2391 51.46 26.22 -46.65
C ILE A 2391 51.20 26.55 -48.12
N GLU A 2392 50.62 25.60 -48.84
CA GLU A 2392 50.35 25.75 -50.28
C GLU A 2392 49.08 26.53 -50.62
N GLY A 2393 48.07 26.42 -49.76
CA GLY A 2393 46.86 27.23 -49.88
C GLY A 2393 45.59 26.50 -50.31
N GLY A 2394 45.69 25.27 -50.79
CA GLY A 2394 44.53 24.55 -51.28
C GLY A 2394 43.44 24.30 -50.24
N TRP A 2395 42.23 24.00 -50.71
CA TRP A 2395 41.12 23.59 -49.85
C TRP A 2395 41.21 22.12 -49.46
N ILE A 2396 41.13 21.85 -48.16
CA ILE A 2396 41.23 20.50 -47.62
C ILE A 2396 39.89 20.10 -46.96
N LEU A 2397 39.39 18.91 -47.29
CA LEU A 2397 38.09 18.45 -46.75
C LEU A 2397 38.21 17.13 -45.99
N LEU A 2398 37.89 17.19 -44.70
CA LEU A 2398 37.93 16.01 -43.85
C LEU A 2398 36.52 15.42 -43.73
N GLN A 2399 36.32 14.25 -44.33
CA GLN A 2399 35.00 13.63 -44.36
C GLN A 2399 34.63 12.90 -43.06
N ASN A 2400 33.43 13.19 -42.56
CA ASN A 2400 32.86 12.51 -41.39
C ASN A 2400 33.84 12.42 -40.24
N ILE A 2401 34.35 13.58 -39.83
CA ILE A 2401 35.37 13.66 -38.79
C ILE A 2401 35.03 12.89 -37.52
N GLN A 2402 33.73 12.64 -37.32
CA GLN A 2402 33.25 12.02 -36.10
C GLN A 2402 33.76 10.62 -35.82
N MET A 2403 34.18 9.89 -36.84
CA MET A 2403 34.54 8.48 -36.62
C MET A 2403 35.89 8.31 -35.94
N SER A 2404 36.82 9.23 -36.18
CA SER A 2404 38.17 9.12 -35.61
C SER A 2404 38.27 9.79 -34.25
N LEU A 2405 37.13 10.19 -33.69
CA LEU A 2405 37.04 11.33 -32.78
C LEU A 2405 38.08 11.46 -31.66
N SER A 2406 38.67 10.36 -31.20
CA SER A 2406 39.76 10.46 -30.23
C SER A 2406 40.99 11.14 -30.88
N TRP A 2407 41.02 11.16 -32.21
CA TRP A 2407 42.06 11.84 -32.98
C TRP A 2407 41.93 13.34 -32.87
N VAL A 2408 40.69 13.81 -32.99
CA VAL A 2408 40.37 15.23 -32.91
C VAL A 2408 40.75 15.83 -31.56
N LYS A 2409 40.36 15.17 -30.49
CA LYS A 2409 40.66 15.66 -29.15
C LYS A 2409 42.16 15.93 -29.00
N THR A 2410 42.97 14.96 -29.39
CA THR A 2410 44.43 15.11 -29.26
C THR A 2410 45.02 16.01 -30.36
N TYR A 2411 44.96 15.55 -31.61
CA TYR A 2411 45.59 16.29 -32.72
C TYR A 2411 44.83 17.53 -33.15
N LEU A 2412 43.68 17.34 -33.79
CA LEU A 2412 43.00 18.43 -34.48
C LEU A 2412 42.55 19.58 -33.59
N HIS A 2413 41.96 19.25 -32.44
CA HIS A 2413 41.47 20.27 -31.51
C HIS A 2413 42.55 21.29 -31.24
N LYS A 2414 43.70 20.80 -30.82
CA LYS A 2414 44.83 21.64 -30.47
C LYS A 2414 45.52 22.23 -31.71
N HIS A 2415 45.46 21.51 -32.83
CA HIS A 2415 46.18 21.91 -34.04
C HIS A 2415 45.46 23.01 -34.83
N VAL A 2416 44.17 23.20 -34.57
CA VAL A 2416 43.47 24.40 -35.01
C VAL A 2416 43.64 25.53 -33.98
N GLU A 2417 43.53 25.16 -32.70
CA GLU A 2417 43.55 26.12 -31.60
C GLU A 2417 44.90 26.80 -31.43
N GLU A 2418 45.93 25.98 -31.25
CA GLU A 2418 47.25 26.48 -30.87
C GLU A 2418 47.84 27.39 -31.95
N THR A 2419 47.18 27.42 -33.12
CA THR A 2419 47.58 28.31 -34.20
C THR A 2419 46.57 29.42 -34.47
N LYS A 2420 46.94 30.65 -34.12
CA LYS A 2420 46.29 31.83 -34.69
C LYS A 2420 47.15 32.38 -35.83
N ALA A 2421 48.31 31.74 -36.05
CA ALA A 2421 49.21 32.09 -37.14
C ALA A 2421 48.79 31.40 -38.45
N ALA A 2422 47.74 30.59 -38.38
CA ALA A 2422 47.17 29.96 -39.58
C ALA A 2422 46.59 30.98 -40.57
N GLU A 2423 46.27 32.18 -40.07
CA GLU A 2423 45.83 33.26 -40.94
C GLU A 2423 47.00 33.83 -41.74
N GLU A 2424 48.16 33.92 -41.09
CA GLU A 2424 49.38 34.39 -41.74
C GLU A 2424 49.73 33.51 -42.94
N HIS A 2425 49.29 32.25 -42.90
CA HIS A 2425 49.48 31.34 -44.03
C HIS A 2425 48.59 31.82 -45.18
N GLU A 2426 48.58 31.09 -46.29
CA GLU A 2426 47.98 31.55 -47.54
C GLU A 2426 46.46 31.54 -47.38
N LYS A 2427 45.72 31.74 -48.48
CA LYS A 2427 44.27 31.63 -48.44
C LYS A 2427 43.98 30.13 -48.51
N PHE A 2428 43.53 29.61 -47.38
CA PHE A 2428 43.47 28.18 -47.13
C PHE A 2428 42.24 27.96 -46.30
N LYS A 2429 41.47 26.93 -46.66
CA LYS A 2429 40.23 26.68 -45.93
C LYS A 2429 40.05 25.19 -45.71
N MET A 2430 39.94 24.84 -44.44
CA MET A 2430 39.75 23.46 -44.02
C MET A 2430 38.29 23.21 -43.69
N PHE A 2431 37.71 22.27 -44.41
CA PHE A 2431 36.32 21.88 -44.19
C PHE A 2431 36.25 20.59 -43.40
N MET A 2432 35.30 20.51 -42.49
CA MET A 2432 35.07 19.30 -41.71
C MET A 2432 33.61 18.89 -41.77
N THR A 2433 33.37 17.71 -42.31
CA THR A 2433 32.04 17.17 -42.42
C THR A 2433 31.68 16.46 -41.13
N CYS A 2434 30.47 16.72 -40.67
CA CYS A 2434 30.04 16.35 -39.33
C CYS A 2434 28.72 15.60 -39.47
N HIS A 2435 28.16 15.10 -38.38
CA HIS A 2435 26.80 14.55 -38.40
C HIS A 2435 26.00 15.08 -37.23
N LEU A 2436 24.81 15.59 -37.52
CA LEU A 2436 23.99 16.20 -36.49
C LEU A 2436 23.58 15.16 -35.47
N THR A 2437 23.19 13.99 -35.96
CA THR A 2437 22.92 12.87 -35.09
C THR A 2437 24.20 12.07 -35.04
N GLY A 2438 24.89 12.14 -33.92
CA GLY A 2438 26.23 11.61 -33.83
C GLY A 2438 27.01 12.21 -32.68
N ASP A 2439 28.21 11.70 -32.46
CA ASP A 2439 28.97 12.04 -31.27
C ASP A 2439 29.30 13.52 -31.17
N LYS A 2440 29.14 14.04 -29.97
CA LYS A 2440 29.35 15.45 -29.69
C LYS A 2440 30.78 15.86 -29.99
N LEU A 2441 30.92 16.92 -30.76
CA LEU A 2441 32.23 17.50 -31.07
C LEU A 2441 32.65 18.50 -30.01
N PRO A 2442 33.97 18.53 -29.71
CA PRO A 2442 34.43 19.39 -28.61
C PRO A 2442 34.02 20.84 -28.81
N ALA A 2443 33.35 21.38 -27.80
CA ALA A 2443 32.75 22.71 -27.86
C ALA A 2443 33.72 23.82 -28.24
N PRO A 2444 34.93 23.80 -27.66
CA PRO A 2444 35.89 24.85 -28.07
C PRO A 2444 36.29 24.76 -29.53
N LEU A 2445 36.57 23.56 -30.02
CA LEU A 2445 36.98 23.40 -31.40
C LEU A 2445 35.89 23.89 -32.33
N LEU A 2446 34.65 23.62 -31.94
CA LEU A 2446 33.49 23.96 -32.77
C LEU A 2446 33.25 25.45 -32.85
N GLN A 2447 33.37 26.14 -31.72
CA GLN A 2447 33.16 27.58 -31.67
C GLN A 2447 34.26 28.33 -32.41
N ARG A 2448 35.43 27.69 -32.50
CA ARG A 2448 36.59 28.27 -33.18
C ARG A 2448 36.41 28.32 -34.70
N THR A 2449 35.46 27.54 -35.20
CA THR A 2449 35.22 27.42 -36.63
C THR A 2449 33.84 27.95 -37.02
N ASP A 2450 33.71 28.38 -38.27
CA ASP A 2450 32.43 28.87 -38.78
C ASP A 2450 31.52 27.69 -39.10
N ARG A 2451 30.40 27.61 -38.41
CA ARG A 2451 29.49 26.48 -38.50
C ARG A 2451 28.43 26.66 -39.58
N VAL A 2452 28.11 25.59 -40.29
CA VAL A 2452 26.95 25.57 -41.19
C VAL A 2452 26.26 24.20 -41.20
N VAL A 2453 25.00 24.16 -41.63
CA VAL A 2453 24.24 22.92 -41.74
C VAL A 2453 23.84 22.65 -43.19
N TYR A 2454 24.04 21.42 -43.65
CA TYR A 2454 23.78 21.10 -45.05
C TYR A 2454 22.47 20.35 -45.18
N GLU A 2455 21.44 21.06 -45.67
CA GLU A 2455 20.06 20.59 -45.64
C GLU A 2455 19.51 20.03 -46.94
N ASP A 2456 20.29 20.00 -48.02
CA ASP A 2456 19.71 19.83 -49.35
C ASP A 2456 19.30 18.40 -49.67
N ILE A 2457 18.00 18.25 -49.88
CA ILE A 2457 17.32 16.96 -49.91
C ILE A 2457 16.73 16.69 -51.30
N PRO A 2458 17.34 15.75 -52.06
CA PRO A 2458 16.92 15.53 -53.45
C PRO A 2458 15.49 15.02 -53.59
N GLY A 2459 14.88 15.23 -54.75
CA GLY A 2459 13.57 14.71 -55.02
C GLY A 2459 13.65 13.21 -55.22
N ILE A 2460 12.50 12.55 -55.38
CA ILE A 2460 12.51 11.11 -55.63
C ILE A 2460 12.99 10.83 -57.05
N LEU A 2461 12.48 11.60 -58.01
CA LEU A 2461 12.85 11.40 -59.40
C LEU A 2461 14.33 11.70 -59.60
N ASP A 2462 14.78 12.77 -58.95
CA ASP A 2462 16.19 13.14 -58.94
C ASP A 2462 17.03 11.93 -58.50
N THR A 2463 16.71 11.42 -57.33
CA THR A 2463 17.47 10.32 -56.72
C THR A 2463 17.52 9.10 -57.63
N VAL A 2464 16.39 8.79 -58.24
CA VAL A 2464 16.33 7.71 -59.23
C VAL A 2464 17.26 8.01 -60.40
N LYS A 2465 17.26 9.25 -60.88
CA LYS A 2465 18.15 9.62 -61.99
C LYS A 2465 19.63 9.47 -61.60
N ASP A 2466 20.00 9.95 -60.41
CA ASP A 2466 21.39 9.91 -59.96
C ASP A 2466 21.90 8.50 -59.65
N LEU A 2467 21.05 7.66 -59.04
CA LEU A 2467 21.38 6.25 -58.83
C LEU A 2467 21.61 5.55 -60.15
N TRP A 2468 20.67 5.76 -61.07
CA TRP A 2468 20.68 5.15 -62.38
C TRP A 2468 21.92 5.60 -63.15
N GLY A 2469 22.41 6.78 -62.79
CA GLY A 2469 23.55 7.38 -63.48
C GLY A 2469 24.86 6.74 -63.10
N SER A 2470 25.07 6.56 -61.79
CA SER A 2470 26.35 6.09 -61.27
C SER A 2470 26.68 4.68 -61.78
N GLN A 2471 25.67 3.99 -62.30
CA GLN A 2471 25.77 2.59 -62.68
C GLN A 2471 26.37 2.33 -64.07
N PHE A 2472 26.05 3.18 -65.06
CA PHE A 2472 26.55 2.92 -66.41
C PHE A 2472 28.04 3.24 -66.55
N PHE A 2473 28.62 3.85 -65.51
CA PHE A 2473 30.05 4.19 -65.51
C PHE A 2473 30.92 2.96 -65.22
N THR A 2474 30.29 1.83 -64.88
CA THR A 2474 31.01 0.62 -64.49
C THR A 2474 31.36 -0.28 -65.68
N GLY A 2475 30.88 0.06 -66.86
CA GLY A 2475 31.05 -0.81 -68.01
C GLY A 2475 30.05 -1.94 -67.84
N LYS A 2476 30.16 -2.98 -68.65
CA LYS A 2476 29.22 -4.09 -68.59
C LYS A 2476 29.89 -5.35 -68.06
N ILE A 2477 29.58 -5.67 -66.80
CA ILE A 2477 29.93 -6.96 -66.21
C ILE A 2477 28.71 -7.88 -66.29
N SER A 2478 27.60 -7.35 -66.81
CA SER A 2478 26.33 -8.06 -66.81
C SER A 2478 25.54 -7.90 -68.11
N GLY A 2479 24.48 -8.71 -68.25
CA GLY A 2479 23.71 -8.78 -69.48
C GLY A 2479 22.56 -7.79 -69.50
N VAL A 2480 21.53 -8.09 -70.30
CA VAL A 2480 20.40 -7.17 -70.49
C VAL A 2480 19.42 -7.15 -69.32
N TRP A 2481 19.13 -8.33 -68.76
CA TRP A 2481 18.19 -8.42 -67.64
C TRP A 2481 18.67 -7.71 -66.40
N SER A 2482 19.97 -7.76 -66.16
CA SER A 2482 20.53 -7.14 -64.99
C SER A 2482 20.30 -5.63 -65.02
N VAL A 2483 20.38 -5.06 -66.23
CA VAL A 2483 20.12 -3.63 -66.40
C VAL A 2483 18.71 -3.30 -65.94
N TYR A 2484 17.75 -4.08 -66.42
CA TYR A 2484 16.36 -3.92 -66.00
C TYR A 2484 16.28 -4.00 -64.49
N CYS A 2485 16.99 -4.98 -63.92
CA CYS A 2485 17.00 -5.16 -62.48
C CYS A 2485 17.71 -4.04 -61.75
N THR A 2486 18.73 -3.45 -62.38
CA THR A 2486 19.40 -2.32 -61.74
C THR A 2486 18.43 -1.15 -61.72
N PHE A 2487 17.67 -1.01 -62.80
CA PHE A 2487 16.67 0.04 -62.94
C PHE A 2487 15.66 -0.05 -61.79
N LEU A 2488 15.09 -1.24 -61.60
CA LEU A 2488 14.14 -1.45 -60.52
C LEU A 2488 14.73 -1.06 -59.18
N LEU A 2489 15.93 -1.56 -58.91
CA LEU A 2489 16.56 -1.33 -57.61
C LEU A 2489 16.76 0.15 -57.32
N SER A 2490 17.09 0.92 -58.35
CA SER A 2490 17.26 2.35 -58.21
C SER A 2490 15.93 2.93 -57.73
N TRP A 2491 14.86 2.50 -58.36
CA TRP A 2491 13.53 2.95 -58.00
C TRP A 2491 13.19 2.56 -56.58
N PHE A 2492 13.39 1.28 -56.26
CA PHE A 2492 13.13 0.79 -54.91
C PHE A 2492 13.95 1.54 -53.86
N HIS A 2493 15.22 1.81 -54.16
CA HIS A 2493 16.06 2.56 -53.23
C HIS A 2493 15.48 3.95 -53.01
N ALA A 2494 15.19 4.64 -54.11
CA ALA A 2494 14.65 6.00 -54.06
C ALA A 2494 13.38 6.08 -53.23
N LEU A 2495 12.53 5.07 -53.35
CA LEU A 2495 11.26 5.07 -52.64
C LEU A 2495 11.44 4.79 -51.14
N ILE A 2496 12.25 3.79 -50.78
CA ILE A 2496 12.56 3.55 -49.37
C ILE A 2496 13.21 4.78 -48.77
N THR A 2497 14.23 5.26 -49.47
CA THR A 2497 15.01 6.42 -49.05
C THR A 2497 14.07 7.54 -48.66
N ALA A 2498 13.12 7.82 -49.54
CA ALA A 2498 12.13 8.85 -49.34
C ALA A 2498 11.23 8.56 -48.14
N ARG A 2499 10.84 7.31 -47.93
CA ARG A 2499 9.89 7.01 -46.87
C ARG A 2499 10.45 7.30 -45.47
N THR A 2500 11.76 7.21 -45.32
CA THR A 2500 12.38 7.47 -44.01
C THR A 2500 12.25 8.94 -43.56
N ARG A 2501 12.09 9.86 -44.51
CA ARG A 2501 11.89 11.27 -44.16
C ARG A 2501 10.53 11.46 -43.54
N LEU A 2502 9.62 10.58 -43.91
CA LEU A 2502 8.26 10.70 -43.46
C LEU A 2502 8.22 10.58 -41.94
N VAL A 2503 9.00 9.67 -41.34
CA VAL A 2503 9.00 9.60 -39.88
C VAL A 2503 7.57 9.10 -39.67
N PRO A 2504 6.94 9.25 -38.50
CA PRO A 2504 5.93 8.24 -38.10
C PRO A 2504 5.04 7.65 -39.23
N HIS A 2505 4.68 8.44 -40.25
CA HIS A 2505 4.03 7.91 -41.47
C HIS A 2505 5.06 7.22 -42.36
N GLY A 2506 4.70 6.16 -43.06
CA GLY A 2506 5.76 5.37 -43.65
C GLY A 2506 6.45 4.67 -42.49
N PHE A 2507 7.76 4.78 -42.37
CA PHE A 2507 8.48 4.09 -41.30
C PHE A 2507 8.28 4.68 -39.89
N SER A 2508 8.04 3.80 -38.92
CA SER A 2508 7.86 4.14 -37.50
C SER A 2508 9.01 4.92 -36.85
N LYS A 2509 10.25 4.52 -37.12
CA LYS A 2509 11.43 5.17 -36.56
C LYS A 2509 12.25 5.74 -37.69
N LYS A 2510 13.37 6.38 -37.35
CA LYS A 2510 14.32 6.78 -38.36
C LYS A 2510 15.16 5.58 -38.72
N TYR A 2511 15.16 5.23 -39.99
CA TYR A 2511 16.05 4.22 -40.53
C TYR A 2511 16.92 4.89 -41.58
N TYR A 2512 18.20 4.54 -41.63
CA TYR A 2512 19.11 5.06 -42.65
C TYR A 2512 19.49 3.95 -43.63
N PHE A 2513 19.29 4.20 -44.91
CA PHE A 2513 19.69 3.25 -45.96
C PHE A 2513 20.76 3.84 -46.86
N ASN A 2514 21.99 3.32 -46.72
CA ASN A 2514 23.15 3.88 -47.38
C ASN A 2514 23.42 3.24 -48.72
N ASP A 2515 24.54 3.60 -49.31
CA ASP A 2515 24.98 2.98 -50.55
C ASP A 2515 25.40 1.55 -50.28
N CYS A 2516 25.77 1.26 -49.03
CA CYS A 2516 26.19 -0.08 -48.64
C CYS A 2516 25.04 -1.04 -48.91
N ASP A 2517 23.83 -0.57 -48.62
CA ASP A 2517 22.62 -1.35 -48.83
C ASP A 2517 22.36 -1.59 -50.31
N PHE A 2518 22.45 -0.53 -51.09
CA PHE A 2518 22.26 -0.60 -52.53
C PHE A 2518 23.27 -1.53 -53.19
N GLN A 2519 24.51 -1.47 -52.73
CA GLN A 2519 25.56 -2.28 -53.33
C GLN A 2519 25.20 -3.74 -53.08
N PHE A 2520 24.89 -4.04 -51.83
CA PHE A 2520 24.61 -5.40 -51.40
C PHE A 2520 23.38 -5.96 -52.08
N ALA A 2521 22.34 -5.14 -52.21
CA ALA A 2521 21.14 -5.53 -52.93
C ALA A 2521 21.42 -5.87 -54.39
N SER A 2522 22.24 -5.05 -55.06
CA SER A 2522 22.59 -5.28 -56.46
C SER A 2522 23.55 -6.45 -56.62
N VAL A 2523 24.40 -6.66 -55.61
CA VAL A 2523 25.35 -7.78 -55.63
C VAL A 2523 24.59 -9.09 -55.56
N TYR A 2524 23.59 -9.13 -54.69
CA TYR A 2524 22.70 -10.27 -54.59
C TYR A 2524 22.01 -10.52 -55.92
N LEU A 2525 21.54 -9.45 -56.55
CA LEU A 2525 20.78 -9.56 -57.78
C LEU A 2525 21.62 -10.10 -58.93
N GLU A 2526 22.88 -9.68 -59.00
CA GLU A 2526 23.77 -10.12 -60.08
C GLU A 2526 24.00 -11.62 -59.92
N ASN A 2527 24.20 -12.01 -58.67
CA ASN A 2527 24.39 -13.39 -58.30
C ASN A 2527 23.19 -14.26 -58.68
N VAL A 2528 22.00 -13.89 -58.21
CA VAL A 2528 20.80 -14.69 -58.46
C VAL A 2528 20.50 -14.68 -59.96
N LEU A 2529 20.97 -13.67 -60.66
CA LEU A 2529 20.81 -13.60 -62.11
C LEU A 2529 21.79 -14.51 -62.84
N ALA A 2530 23.02 -14.55 -62.36
CA ALA A 2530 24.09 -15.31 -63.01
C ALA A 2530 23.95 -16.79 -62.72
N THR A 2531 23.41 -17.08 -61.54
CA THR A 2531 23.27 -18.45 -61.07
C THR A 2531 22.06 -19.15 -61.71
N ASN A 2532 20.97 -18.40 -61.95
CA ASN A 2532 19.76 -18.96 -62.54
C ASN A 2532 19.69 -18.84 -64.07
N SER A 2533 18.56 -19.26 -64.64
CA SER A 2533 18.25 -19.14 -66.07
C SER A 2533 17.68 -17.77 -66.42
N THR A 2534 17.26 -17.59 -67.67
CA THR A 2534 16.64 -16.33 -68.15
C THR A 2534 15.12 -16.33 -67.98
N ASN A 2535 14.59 -17.35 -67.31
CA ASN A 2535 13.18 -17.34 -66.92
C ASN A 2535 12.88 -16.20 -65.94
N ASN A 2536 11.64 -15.76 -65.92
CA ASN A 2536 11.24 -14.62 -65.08
C ASN A 2536 10.81 -15.06 -63.67
N ILE A 2537 10.90 -16.36 -63.39
CA ILE A 2537 10.46 -16.92 -62.12
C ILE A 2537 11.28 -16.51 -60.88
N PRO A 2538 12.62 -16.31 -61.02
CA PRO A 2538 13.43 -16.18 -59.80
C PRO A 2538 12.97 -15.07 -58.83
N TRP A 2539 12.12 -14.18 -59.32
CA TRP A 2539 11.62 -13.05 -58.55
C TRP A 2539 11.04 -13.44 -57.19
N ALA A 2540 10.59 -14.68 -57.07
CA ALA A 2540 10.08 -15.18 -55.80
C ALA A 2540 11.09 -14.92 -54.68
N GLN A 2541 12.32 -15.39 -54.85
CA GLN A 2541 13.33 -15.31 -53.80
C GLN A 2541 14.17 -14.03 -53.83
N VAL A 2542 13.91 -13.14 -54.80
CA VAL A 2542 14.59 -11.86 -54.82
C VAL A 2542 14.01 -10.94 -53.75
N ARG A 2543 12.69 -10.88 -53.67
CA ARG A 2543 12.03 -10.02 -52.68
C ARG A 2543 12.48 -10.35 -51.28
N ASP A 2544 12.34 -11.61 -50.91
CA ASP A 2544 12.55 -12.05 -49.53
C ASP A 2544 13.92 -11.70 -48.98
N HIS A 2545 14.95 -11.80 -49.82
CA HIS A 2545 16.31 -11.51 -49.42
C HIS A 2545 16.47 -10.02 -49.15
N ILE A 2546 15.99 -9.21 -50.08
CA ILE A 2546 16.11 -7.77 -49.97
C ILE A 2546 15.26 -7.25 -48.82
N ALA A 2547 14.04 -7.76 -48.70
CA ALA A 2547 13.15 -7.31 -47.64
C ALA A 2547 13.60 -7.74 -46.25
N THR A 2548 13.87 -9.03 -46.04
CA THR A 2548 14.21 -9.52 -44.71
C THR A 2548 15.69 -9.37 -44.32
N ILE A 2549 16.60 -9.52 -45.29
CA ILE A 2549 18.04 -9.57 -45.00
C ILE A 2549 18.72 -8.24 -45.34
N VAL A 2550 18.89 -7.97 -46.64
CA VAL A 2550 19.63 -6.78 -47.09
C VAL A 2550 19.14 -5.46 -46.47
N TYR A 2551 17.94 -5.01 -46.87
CA TYR A 2551 17.34 -3.79 -46.34
C TYR A 2551 16.69 -3.95 -44.95
N GLY A 2552 15.89 -4.99 -44.78
CA GLY A 2552 15.15 -5.14 -43.53
C GLY A 2552 15.95 -5.71 -42.39
N GLY A 2553 17.20 -6.06 -42.65
CA GLY A 2553 18.06 -6.54 -41.58
C GLY A 2553 18.23 -5.52 -40.49
N LYS A 2554 18.34 -4.26 -40.89
CA LYS A 2554 18.55 -3.15 -39.97
C LYS A 2554 17.38 -2.90 -39.01
N ILE A 2555 16.24 -3.51 -39.29
CA ILE A 2555 14.97 -3.13 -38.68
C ILE A 2555 14.52 -4.05 -37.55
N ASP A 2556 14.39 -3.45 -36.36
CA ASP A 2556 13.90 -4.14 -35.16
C ASP A 2556 12.36 -4.20 -35.01
N GLU A 2557 11.64 -3.16 -35.43
CA GLU A 2557 10.19 -3.12 -35.28
C GLU A 2557 9.46 -3.86 -36.40
N GLU A 2558 8.60 -4.81 -36.06
CA GLU A 2558 7.94 -5.63 -37.07
C GLU A 2558 7.05 -4.81 -37.99
N LYS A 2559 6.53 -3.69 -37.49
CA LYS A 2559 5.69 -2.83 -38.32
C LYS A 2559 6.47 -2.39 -39.56
N ASP A 2560 7.67 -1.89 -39.32
CA ASP A 2560 8.50 -1.35 -40.38
C ASP A 2560 8.98 -2.44 -41.35
N LEU A 2561 9.16 -3.65 -40.84
CA LEU A 2561 9.47 -4.78 -41.72
C LEU A 2561 8.37 -5.14 -42.72
N GLU A 2562 7.11 -4.92 -42.34
CA GLU A 2562 6.01 -5.16 -43.25
C GLU A 2562 6.05 -4.20 -44.42
N VAL A 2563 6.35 -2.96 -44.10
CA VAL A 2563 6.41 -1.89 -45.08
C VAL A 2563 7.46 -2.19 -46.13
N VAL A 2564 8.66 -2.51 -45.67
CA VAL A 2564 9.76 -2.83 -46.57
C VAL A 2564 9.36 -3.98 -47.46
N ALA A 2565 8.68 -4.96 -46.87
CA ALA A 2565 8.23 -6.13 -47.58
C ALA A 2565 7.22 -5.77 -48.67
N LYS A 2566 6.28 -4.88 -48.35
CA LYS A 2566 5.22 -4.53 -49.31
C LYS A 2566 5.78 -3.67 -50.45
N LEU A 2567 6.81 -2.87 -50.17
CA LEU A 2567 7.50 -2.15 -51.25
C LEU A 2567 8.37 -3.10 -52.07
N CYS A 2568 8.99 -4.07 -51.42
CA CYS A 2568 9.73 -5.10 -52.15
C CYS A 2568 8.78 -5.91 -53.02
N ALA A 2569 7.59 -6.15 -52.50
CA ALA A 2569 6.60 -6.92 -53.21
C ALA A 2569 6.12 -6.13 -54.42
N HIS A 2570 6.03 -4.82 -54.23
CA HIS A 2570 5.54 -3.90 -55.25
C HIS A 2570 6.53 -3.72 -56.40
N VAL A 2571 7.77 -3.35 -56.08
CA VAL A 2571 8.75 -3.00 -57.10
C VAL A 2571 9.25 -4.21 -57.87
N PHE A 2572 9.46 -5.32 -57.17
CA PHE A 2572 10.15 -6.44 -57.80
C PHE A 2572 9.20 -7.44 -58.42
N CYS A 2573 8.37 -8.11 -57.63
CA CYS A 2573 7.40 -9.03 -58.22
C CYS A 2573 6.57 -8.25 -59.23
N GLY A 2574 6.57 -8.73 -60.46
CA GLY A 2574 5.79 -8.11 -61.51
C GLY A 2574 6.23 -8.61 -62.88
N SER A 2575 5.38 -8.38 -63.87
CA SER A 2575 5.65 -8.85 -65.23
C SER A 2575 5.18 -7.88 -66.31
N ASP A 2576 6.12 -7.54 -67.21
CA ASP A 2576 5.84 -6.90 -68.51
C ASP A 2576 5.21 -5.50 -68.44
N ASN A 2577 4.74 -5.12 -67.26
CA ASN A 2577 4.29 -3.77 -66.97
C ASN A 2577 4.26 -3.71 -65.45
N LEU A 2578 4.52 -2.53 -64.89
CA LEU A 2578 4.69 -2.43 -63.45
C LEU A 2578 3.88 -1.30 -62.88
N GLN A 2579 4.16 -0.09 -63.36
CA GLN A 2579 3.60 1.12 -62.78
C GLN A 2579 4.13 1.29 -61.36
N ILE A 2580 5.43 1.55 -61.28
CA ILE A 2580 6.11 1.80 -60.00
C ILE A 2580 5.46 2.96 -59.30
N VAL A 2581 5.11 3.96 -60.09
CA VAL A 2581 4.40 5.12 -59.59
C VAL A 2581 3.23 5.35 -60.53
N PRO A 2582 2.12 5.90 -60.01
CA PRO A 2582 0.83 5.87 -60.69
C PRO A 2582 0.87 6.20 -62.18
N GLY A 2583 1.74 7.10 -62.62
CA GLY A 2583 1.85 7.42 -64.03
C GLY A 2583 2.81 6.60 -64.89
N VAL A 2584 3.90 6.12 -64.31
CA VAL A 2584 5.03 5.61 -65.10
C VAL A 2584 5.12 4.09 -65.12
N ARG A 2585 4.86 3.50 -66.29
CA ARG A 2585 4.92 2.05 -66.46
C ARG A 2585 6.29 1.57 -66.94
N ILE A 2586 6.73 0.45 -66.38
CA ILE A 2586 8.03 -0.13 -66.72
C ILE A 2586 7.86 -1.49 -67.42
N PRO A 2587 8.17 -1.53 -68.73
CA PRO A 2587 8.13 -2.82 -69.44
C PRO A 2587 9.34 -3.69 -69.16
N GLN A 2588 9.17 -4.99 -69.31
CA GLN A 2588 10.28 -5.92 -69.16
C GLN A 2588 10.98 -6.11 -70.51
N PRO A 2589 12.26 -6.55 -70.50
CA PRO A 2589 13.18 -6.49 -71.64
C PRO A 2589 12.66 -6.97 -72.99
N LEU A 2590 13.05 -6.22 -74.01
CA LEU A 2590 12.65 -6.47 -75.40
C LEU A 2590 13.24 -7.82 -75.82
N LEU A 2591 12.63 -8.45 -76.83
CA LEU A 2591 13.19 -9.67 -77.41
C LEU A 2591 14.57 -9.40 -78.04
N GLN A 2592 14.72 -8.24 -78.66
CA GLN A 2592 15.99 -7.85 -79.28
C GLN A 2592 17.14 -7.94 -78.28
N GLN A 2593 16.85 -7.54 -77.06
CA GLN A 2593 17.82 -7.62 -75.96
C GLN A 2593 19.11 -6.85 -76.24
N SER A 2594 19.01 -5.74 -76.96
CA SER A 2594 20.20 -4.91 -77.15
C SER A 2594 20.30 -4.04 -75.91
N GLU A 2595 21.37 -4.22 -75.15
CA GLU A 2595 21.50 -3.53 -73.88
C GLU A 2595 21.69 -2.03 -74.09
N GLU A 2596 22.36 -1.67 -75.17
CA GLU A 2596 22.59 -0.27 -75.47
C GLU A 2596 21.23 0.39 -75.69
N GLU A 2597 20.31 -0.38 -76.25
CA GLU A 2597 18.96 0.10 -76.51
C GLU A 2597 18.10 0.14 -75.25
N GLU A 2598 18.27 -0.85 -74.37
CA GLU A 2598 17.49 -0.87 -73.14
C GLU A 2598 17.92 0.26 -72.22
N ARG A 2599 19.22 0.54 -72.19
CA ARG A 2599 19.72 1.65 -71.40
C ARG A 2599 19.09 2.97 -71.84
N ALA A 2600 19.05 3.21 -73.15
CA ALA A 2600 18.48 4.44 -73.67
C ALA A 2600 16.96 4.49 -73.45
N ARG A 2601 16.32 3.33 -73.44
CA ARG A 2601 14.87 3.24 -73.25
C ARG A 2601 14.47 3.58 -71.83
N LEU A 2602 15.14 2.97 -70.87
CA LEU A 2602 14.83 3.20 -69.48
C LEU A 2602 15.32 4.58 -69.06
N THR A 2603 16.36 5.07 -69.72
CA THR A 2603 16.81 6.44 -69.52
C THR A 2603 15.77 7.41 -70.06
N ALA A 2604 15.23 7.07 -71.23
CA ALA A 2604 14.22 7.90 -71.87
C ALA A 2604 12.97 8.01 -71.02
N ILE A 2605 12.56 6.89 -70.42
CA ILE A 2605 11.31 6.87 -69.67
C ILE A 2605 11.42 7.62 -68.35
N LEU A 2606 12.64 7.91 -67.91
CA LEU A 2606 12.86 8.81 -66.77
C LEU A 2606 12.82 10.27 -67.23
N SER A 2607 13.15 10.50 -68.50
CA SER A 2607 13.13 11.84 -69.09
C SER A 2607 11.71 12.28 -69.47
N ASN A 2608 10.82 11.31 -69.64
CA ASN A 2608 9.41 11.60 -69.93
C ASN A 2608 8.61 11.76 -68.64
N THR A 2609 9.25 11.52 -67.50
CA THR A 2609 8.61 11.59 -66.19
C THR A 2609 8.67 13.00 -65.59
N ILE A 2610 7.60 13.40 -64.91
CA ILE A 2610 7.58 14.61 -64.08
C ILE A 2610 7.01 14.30 -62.70
N GLU A 2611 7.80 14.46 -61.66
CA GLU A 2611 7.35 14.10 -60.32
C GLU A 2611 6.22 15.04 -59.87
N PRO A 2612 5.03 14.49 -59.57
CA PRO A 2612 3.88 15.31 -59.18
C PRO A 2612 4.08 16.14 -57.92
N ALA A 2613 3.04 16.89 -57.54
CA ALA A 2613 3.09 17.74 -56.36
C ALA A 2613 2.83 16.97 -55.08
N ASP A 2614 1.96 15.96 -55.17
CA ASP A 2614 1.56 15.15 -54.03
C ASP A 2614 2.49 13.96 -53.87
N SER A 2615 3.58 13.99 -54.63
CA SER A 2615 4.44 12.84 -54.85
C SER A 2615 4.73 12.02 -53.60
N LEU A 2616 4.94 12.66 -52.47
CA LEU A 2616 5.19 11.94 -51.24
C LEU A 2616 4.00 11.06 -50.83
N SER A 2617 2.80 11.49 -51.18
CA SER A 2617 1.61 10.66 -50.99
C SER A 2617 1.33 9.67 -52.14
N SER A 2618 1.54 10.10 -53.37
CA SER A 2618 1.19 9.27 -54.53
C SER A 2618 2.25 8.23 -54.89
N TRP A 2619 3.52 8.63 -54.88
CA TRP A 2619 4.61 7.75 -55.28
C TRP A 2619 5.00 6.79 -54.17
N LEU A 2620 5.06 7.31 -52.95
CA LEU A 2620 5.15 6.46 -51.77
C LEU A 2620 3.72 6.10 -51.45
N GLN A 2621 3.42 4.82 -51.35
CA GLN A 2621 2.03 4.38 -51.39
C GLN A 2621 1.15 4.87 -50.24
N LEU A 2622 1.71 5.54 -49.24
CA LEU A 2622 0.91 6.00 -48.11
C LEU A 2622 -0.03 7.16 -48.44
N PRO A 2623 -1.15 7.27 -47.71
CA PRO A 2623 -2.24 8.17 -48.10
C PRO A 2623 -1.94 9.65 -47.92
N ARG A 2624 -2.73 10.50 -48.56
CA ARG A 2624 -2.55 11.95 -48.51
C ARG A 2624 -2.88 12.47 -47.12
N GLU A 2625 -3.94 11.94 -46.54
CA GLU A 2625 -4.41 12.39 -45.23
C GLU A 2625 -3.29 12.36 -44.19
N SER A 2626 -2.37 11.42 -44.36
CA SER A 2626 -1.22 11.31 -43.46
C SER A 2626 -0.19 12.42 -43.68
N ILE A 2627 0.25 12.60 -44.92
CA ILE A 2627 1.21 13.64 -45.26
C ILE A 2627 0.79 14.97 -44.64
N LEU A 2628 -0.49 15.30 -44.83
CA LEU A 2628 -1.07 16.51 -44.26
C LEU A 2628 -0.90 16.53 -42.74
N ASP A 2629 -0.98 15.36 -42.10
CA ASP A 2629 -0.74 15.30 -40.67
C ASP A 2629 0.71 15.60 -40.38
N TYR A 2630 1.60 15.13 -41.25
CA TYR A 2630 3.03 15.36 -41.03
C TYR A 2630 3.30 16.85 -41.16
N GLU A 2631 2.79 17.45 -42.24
CA GLU A 2631 2.91 18.90 -42.42
C GLU A 2631 2.29 19.63 -41.20
N ARG A 2632 1.07 19.25 -40.82
CA ARG A 2632 0.45 19.82 -39.61
C ARG A 2632 1.38 19.58 -38.43
N LEU A 2633 2.02 18.43 -38.40
CA LEU A 2633 2.84 18.06 -37.26
C LEU A 2633 4.12 18.87 -37.16
N GLN A 2634 4.84 19.07 -38.25
CA GLN A 2634 6.06 19.86 -38.15
C GLN A 2634 5.70 21.30 -37.78
N ALA A 2635 4.62 21.82 -38.34
CA ALA A 2635 4.13 23.15 -37.97
C ALA A 2635 3.88 23.26 -36.47
N LYS A 2636 3.35 22.20 -35.87
CA LYS A 2636 3.11 22.20 -34.43
C LYS A 2636 4.42 22.29 -33.65
N GLU A 2637 5.48 21.63 -34.13
CA GLU A 2637 6.76 21.71 -33.43
C GLU A 2637 7.30 23.14 -33.44
N VAL A 2638 7.31 23.75 -34.63
CA VAL A 2638 7.82 25.11 -34.80
C VAL A 2638 7.03 26.10 -33.95
N ALA A 2639 5.71 26.01 -34.00
CA ALA A 2639 4.84 26.94 -33.30
C ALA A 2639 4.84 26.74 -31.78
N SER A 2640 5.00 25.50 -31.33
CA SER A 2640 5.13 25.22 -29.90
C SER A 2640 6.40 25.90 -29.39
N SER A 2641 7.48 25.72 -30.13
CA SER A 2641 8.78 26.25 -29.75
C SER A 2641 8.76 27.77 -29.58
N THR A 2642 8.28 28.48 -30.60
CA THR A 2642 8.29 29.93 -30.56
C THR A 2642 7.28 30.43 -29.52
N GLU A 2643 6.20 29.69 -29.31
CA GLU A 2643 5.26 30.06 -28.25
C GLU A 2643 5.98 30.01 -26.91
N GLN A 2644 6.77 28.95 -26.69
CA GLN A 2644 7.49 28.80 -25.44
C GLN A 2644 8.58 29.85 -25.30
N LEU A 2645 9.28 30.15 -26.40
CA LEU A 2645 10.34 31.17 -26.38
C LEU A 2645 9.80 32.56 -26.06
N LEU A 2646 8.71 32.92 -26.72
CA LEU A 2646 8.12 34.25 -26.57
C LEU A 2646 7.52 34.41 -25.17
N GLN A 2647 6.92 33.35 -24.66
CA GLN A 2647 6.35 33.37 -23.32
C GLN A 2647 7.45 33.50 -22.26
N GLU A 2648 8.62 32.94 -22.55
CA GLU A 2648 9.76 33.06 -21.65
C GLU A 2648 10.37 34.46 -21.64
N MET A 2649 9.97 35.31 -22.58
CA MET A 2649 10.51 36.66 -22.69
C MET A 2649 9.47 37.64 -23.24
N PHE B 3 -64.53 -8.83 41.32
CA PHE B 3 -65.32 -9.25 40.17
C PHE B 3 -64.42 -9.45 38.95
N VAL B 4 -63.59 -8.45 38.65
CA VAL B 4 -62.62 -8.52 37.55
C VAL B 4 -63.25 -8.56 36.16
N ILE B 5 -64.57 -8.69 36.12
CA ILE B 5 -65.27 -8.96 34.88
C ILE B 5 -66.07 -7.74 34.51
N GLU B 6 -66.95 -7.30 35.40
CA GLU B 6 -67.78 -6.14 35.14
C GLU B 6 -66.92 -4.96 34.68
N LYS B 7 -65.66 -4.91 35.11
CA LYS B 7 -64.73 -3.90 34.60
C LYS B 7 -64.46 -4.06 33.12
N SER B 8 -64.22 -5.30 32.69
CA SER B 8 -63.90 -5.55 31.29
C SER B 8 -65.14 -5.38 30.43
N LEU B 9 -66.27 -5.92 30.86
CA LEU B 9 -67.49 -5.77 30.08
C LEU B 9 -67.86 -4.30 29.90
N ASN B 10 -67.82 -3.53 30.99
CA ASN B 10 -68.08 -2.10 30.91
C ASN B 10 -67.21 -1.38 29.87
N ARG B 11 -65.93 -1.71 29.82
CA ARG B 11 -65.00 -1.03 28.91
C ARG B 11 -65.11 -1.54 27.47
N ILE B 12 -65.55 -2.79 27.29
CA ILE B 12 -65.87 -3.27 25.94
C ILE B 12 -67.05 -2.48 25.41
N LYS B 13 -68.11 -2.39 26.22
CA LYS B 13 -69.33 -1.69 25.84
C LYS B 13 -69.03 -0.24 25.47
N LYS B 14 -68.37 0.49 26.37
CA LYS B 14 -67.97 1.87 26.10
C LYS B 14 -67.24 2.01 24.78
N PHE B 15 -66.45 1.01 24.41
CA PHE B 15 -65.67 1.11 23.19
C PHE B 15 -66.55 1.01 21.95
N TRP B 16 -67.57 0.15 22.01
CA TRP B 16 -68.40 -0.15 20.84
C TRP B 16 -69.60 0.78 20.66
N LYS B 17 -69.92 1.55 21.68
CA LYS B 17 -70.95 2.58 21.57
C LYS B 17 -70.38 3.85 20.94
N GLU B 18 -69.05 3.98 21.01
CA GLU B 18 -68.32 5.07 20.37
C GLU B 18 -67.67 4.68 19.03
N ALA B 19 -67.90 3.46 18.57
CA ALA B 19 -67.27 2.96 17.34
C ALA B 19 -67.49 3.85 16.12
N GLN B 20 -66.41 4.16 15.41
CA GLN B 20 -66.45 5.04 14.24
C GLN B 20 -65.67 4.46 13.07
N TYR B 21 -66.37 4.25 11.97
CA TYR B 21 -65.71 3.95 10.70
C TYR B 21 -65.37 5.25 9.99
N GLU B 22 -64.14 5.35 9.46
CA GLU B 22 -63.79 6.48 8.61
C GLU B 22 -64.46 6.24 7.26
N VAL B 23 -64.98 7.30 6.65
CA VAL B 23 -65.69 7.16 5.39
C VAL B 23 -65.27 8.23 4.38
N ILE B 24 -64.89 7.79 3.18
CA ILE B 24 -64.65 8.68 2.04
C ILE B 24 -65.39 8.12 0.84
N GLU B 25 -66.23 8.94 0.22
CA GLU B 25 -67.05 8.49 -0.90
C GLU B 25 -66.32 8.52 -2.25
N HIS B 26 -66.73 7.59 -3.12
CA HIS B 26 -66.12 7.40 -4.44
C HIS B 26 -66.69 8.36 -5.48
N SER B 27 -66.14 8.33 -6.71
CA SER B 27 -66.36 9.36 -7.72
C SER B 27 -67.83 9.68 -7.84
N SER B 28 -68.60 8.61 -7.90
CA SER B 28 -70.05 8.70 -7.99
C SER B 28 -70.60 7.73 -6.96
N GLY B 29 -71.54 8.21 -6.17
CA GLY B 29 -72.18 7.35 -5.20
C GLY B 29 -71.32 6.87 -4.05
N LEU B 30 -71.14 5.56 -4.02
CA LEU B 30 -70.86 4.77 -2.83
C LEU B 30 -69.77 5.29 -1.90
N LYS B 31 -70.09 5.24 -0.61
CA LYS B 31 -69.16 5.57 0.45
C LYS B 31 -68.23 4.40 0.73
N LEU B 32 -66.93 4.62 0.50
CA LEU B 32 -65.90 3.64 0.83
C LEU B 32 -65.51 3.72 2.29
N VAL B 33 -64.95 2.62 2.80
CA VAL B 33 -64.46 2.60 4.15
C VAL B 33 -62.94 2.57 4.19
N ARG B 34 -62.35 3.60 4.78
CA ARG B 34 -60.94 3.59 5.15
C ARG B 34 -60.74 2.82 6.45
N GLU B 35 -59.52 2.37 6.71
CA GLU B 35 -59.15 1.86 8.03
C GLU B 35 -60.06 0.71 8.47
N TRP B 36 -59.95 -0.42 7.79
CA TRP B 36 -60.68 -1.61 8.19
C TRP B 36 -60.04 -2.19 9.45
N ASP B 37 -58.71 -2.24 9.42
CA ASP B 37 -57.92 -3.07 10.33
C ASP B 37 -58.17 -2.87 11.82
N VAL B 38 -58.44 -1.65 12.25
CA VAL B 38 -58.61 -1.41 13.69
C VAL B 38 -59.77 -2.21 14.26
N LEU B 39 -60.92 -2.09 13.62
CA LEU B 39 -62.15 -2.67 14.13
C LEU B 39 -62.23 -4.15 13.85
N GLU B 40 -61.68 -4.56 12.71
CA GLU B 40 -61.54 -5.97 12.39
C GLU B 40 -60.72 -6.65 13.48
N GLN B 41 -59.70 -5.95 13.97
CA GLN B 41 -58.82 -6.46 15.01
C GLN B 41 -59.51 -6.44 16.37
N ALA B 42 -60.05 -5.27 16.72
CA ALA B 42 -60.61 -5.02 18.05
C ALA B 42 -61.81 -5.90 18.37
N CYS B 43 -62.60 -6.24 17.35
CA CYS B 43 -63.74 -7.13 17.56
C CYS B 43 -63.24 -8.52 17.91
N LYS B 44 -62.29 -8.99 17.11
CA LYS B 44 -61.68 -10.29 17.32
C LYS B 44 -60.92 -10.34 18.64
N GLU B 45 -60.28 -9.25 19.02
CA GLU B 45 -59.56 -9.20 20.28
C GLU B 45 -60.55 -9.35 21.42
N ASP B 46 -61.64 -8.60 21.33
CA ASP B 46 -62.63 -8.54 22.38
C ASP B 46 -63.45 -9.83 22.48
N LEU B 47 -63.77 -10.44 21.34
CA LEU B 47 -64.43 -11.73 21.33
C LEU B 47 -63.59 -12.74 22.10
N GLU B 48 -62.29 -12.76 21.80
CA GLU B 48 -61.34 -13.62 22.48
C GLU B 48 -61.37 -13.42 23.98
N GLU B 49 -61.53 -12.16 24.39
CA GLU B 49 -61.57 -11.85 25.81
C GLU B 49 -62.82 -12.50 26.39
N LEU B 50 -63.91 -12.47 25.64
CA LEU B 50 -65.16 -13.08 26.10
C LEU B 50 -65.06 -14.60 26.13
N VAL B 51 -64.33 -15.17 25.17
CA VAL B 51 -64.13 -16.61 25.13
C VAL B 51 -63.43 -17.06 26.40
N SER B 52 -62.30 -16.41 26.69
CA SER B 52 -61.48 -16.76 27.83
C SER B 52 -62.15 -16.43 29.15
N MET B 53 -63.08 -15.47 29.14
CA MET B 53 -63.80 -15.08 30.35
C MET B 53 -64.54 -16.25 30.96
N LYS B 54 -65.00 -17.16 30.11
CA LYS B 54 -65.79 -18.30 30.55
C LYS B 54 -64.96 -19.22 31.45
N ALA B 55 -63.65 -19.01 31.46
CA ALA B 55 -62.76 -19.76 32.34
C ALA B 55 -63.02 -19.42 33.82
N SER B 56 -63.42 -18.17 34.08
CA SER B 56 -63.61 -17.72 35.45
C SER B 56 -64.77 -18.44 36.12
N ASN B 57 -64.62 -18.69 37.42
CA ASN B 57 -65.65 -19.38 38.21
C ASN B 57 -66.77 -18.43 38.65
N TYR B 58 -66.54 -17.13 38.50
CA TYR B 58 -67.53 -16.11 38.83
C TYR B 58 -68.33 -15.76 37.59
N TYR B 59 -68.09 -16.50 36.50
CA TYR B 59 -68.73 -16.23 35.21
C TYR B 59 -70.23 -16.54 35.21
N LYS B 60 -70.66 -17.36 36.15
CA LYS B 60 -72.04 -17.80 36.18
C LYS B 60 -73.00 -16.62 36.32
N ILE B 61 -72.69 -15.72 37.24
CA ILE B 61 -73.57 -14.60 37.53
C ILE B 61 -73.64 -13.60 36.36
N PHE B 62 -72.51 -13.36 35.68
CA PHE B 62 -72.49 -12.45 34.54
C PHE B 62 -72.86 -13.14 33.23
N GLU B 63 -73.20 -14.43 33.30
CA GLU B 63 -73.34 -15.27 32.10
C GLU B 63 -74.23 -14.69 31.00
N GLN B 64 -75.39 -14.14 31.35
CA GLN B 64 -76.29 -13.60 30.33
C GLN B 64 -75.63 -12.42 29.60
N ASP B 65 -75.23 -11.40 30.35
CA ASP B 65 -74.63 -10.18 29.78
C ASP B 65 -73.42 -10.51 28.95
N CYS B 66 -72.72 -11.58 29.32
CA CYS B 66 -71.58 -12.03 28.55
C CYS B 66 -72.05 -12.58 27.21
N LEU B 67 -72.98 -13.51 27.26
CA LEU B 67 -73.40 -14.21 26.05
C LEU B 67 -74.07 -13.27 25.05
N ASP B 68 -74.89 -12.35 25.55
CA ASP B 68 -75.54 -11.37 24.69
C ASP B 68 -74.54 -10.51 23.93
N LEU B 69 -73.53 -9.99 24.64
CA LEU B 69 -72.52 -9.17 23.99
C LEU B 69 -71.77 -10.00 22.97
N GLU B 70 -71.42 -11.22 23.36
CA GLU B 70 -70.70 -12.13 22.49
C GLU B 70 -71.46 -12.37 21.17
N SER B 71 -72.77 -12.61 21.26
CA SER B 71 -73.59 -12.85 20.08
C SER B 71 -73.73 -11.62 19.17
N LYS B 72 -73.70 -10.42 19.77
CA LYS B 72 -73.75 -9.22 18.95
C LYS B 72 -72.42 -9.05 18.23
N LEU B 73 -71.32 -9.16 18.98
CA LEU B 73 -69.98 -8.99 18.39
C LEU B 73 -69.65 -10.06 17.36
N THR B 74 -69.97 -11.31 17.65
CA THR B 74 -69.73 -12.37 16.68
C THR B 74 -70.52 -12.10 15.40
N LYS B 75 -71.72 -11.56 15.51
CA LYS B 75 -72.50 -11.24 14.31
C LYS B 75 -71.98 -9.95 13.69
N LEU B 76 -71.36 -9.09 14.49
CA LEU B 76 -70.65 -7.96 13.94
C LEU B 76 -69.46 -8.45 13.12
N SER B 77 -68.67 -9.35 13.70
CA SER B 77 -67.52 -9.90 13.00
C SER B 77 -67.96 -10.61 11.72
N GLU B 78 -69.07 -11.33 11.82
CA GLU B 78 -69.63 -12.04 10.67
C GLU B 78 -69.93 -11.12 9.49
N ILE B 79 -70.45 -9.93 9.73
CA ILE B 79 -70.74 -9.00 8.63
C ILE B 79 -69.49 -8.23 8.20
N GLN B 80 -68.58 -7.97 9.14
CA GLN B 80 -67.31 -7.32 8.80
C GLN B 80 -66.51 -8.13 7.77
N VAL B 81 -66.30 -9.41 8.03
CA VAL B 81 -65.61 -10.30 7.09
C VAL B 81 -66.14 -10.20 5.67
N ASN B 82 -67.46 -10.09 5.55
CA ASN B 82 -68.07 -10.01 4.24
C ASN B 82 -67.97 -8.60 3.69
N TRP B 83 -68.19 -7.62 4.56
CA TRP B 83 -68.25 -6.22 4.14
C TRP B 83 -66.96 -5.78 3.47
N VAL B 84 -65.82 -6.16 4.04
CA VAL B 84 -64.54 -5.69 3.54
C VAL B 84 -64.29 -6.26 2.15
N GLU B 85 -64.60 -7.53 1.96
CA GLU B 85 -64.40 -8.18 0.67
C GLU B 85 -65.41 -7.69 -0.37
N VAL B 86 -66.62 -7.35 0.06
CA VAL B 86 -67.59 -6.74 -0.85
C VAL B 86 -67.04 -5.43 -1.42
N GLN B 87 -66.43 -4.63 -0.55
CA GLN B 87 -65.86 -3.36 -1.00
C GLN B 87 -64.71 -3.64 -1.97
N PHE B 88 -63.72 -4.41 -1.53
CA PHE B 88 -62.56 -4.70 -2.37
C PHE B 88 -62.94 -5.22 -3.75
N TYR B 89 -63.76 -6.27 -3.80
CA TYR B 89 -64.21 -6.82 -5.07
C TYR B 89 -64.99 -5.79 -5.89
N TRP B 90 -65.81 -4.98 -5.22
CA TRP B 90 -66.60 -3.98 -5.93
C TRP B 90 -65.66 -2.98 -6.59
N LEU B 91 -64.69 -2.50 -5.82
CA LEU B 91 -63.72 -1.53 -6.34
C LEU B 91 -62.99 -2.10 -7.54
N ASP B 92 -62.51 -3.34 -7.41
CA ASP B 92 -61.74 -3.98 -8.45
C ASP B 92 -62.54 -4.12 -9.74
N LEU B 93 -63.82 -4.45 -9.59
CA LEU B 93 -64.67 -4.69 -10.75
C LEU B 93 -65.15 -3.39 -11.37
N TYR B 94 -65.25 -2.33 -10.56
CA TYR B 94 -65.73 -1.04 -11.08
C TYR B 94 -64.75 -0.54 -12.13
N GLY B 95 -63.46 -0.73 -11.87
CA GLY B 95 -62.43 -0.33 -12.80
C GLY B 95 -62.62 -0.93 -14.18
N ILE B 96 -63.03 -2.20 -14.22
CA ILE B 96 -63.28 -2.87 -15.50
C ILE B 96 -64.65 -2.61 -16.10
N LEU B 97 -65.68 -2.44 -15.27
CA LEU B 97 -67.06 -2.45 -15.77
C LEU B 97 -67.81 -1.14 -15.70
N GLY B 98 -68.03 -0.64 -14.49
CA GLY B 98 -68.96 0.47 -14.28
C GLY B 98 -68.65 1.71 -15.09
N GLU B 99 -67.41 1.87 -15.53
CA GLU B 99 -67.02 3.04 -16.30
C GLU B 99 -66.99 2.77 -17.81
N ASN B 100 -66.03 1.98 -18.28
CA ASN B 100 -65.85 1.84 -19.73
C ASN B 100 -67.06 1.24 -20.43
N LEU B 101 -67.56 1.98 -21.43
CA LEU B 101 -68.77 1.61 -22.14
C LEU B 101 -68.55 0.47 -23.14
N ASP B 102 -67.35 0.42 -23.74
CA ASP B 102 -67.08 -0.53 -24.81
C ASP B 102 -67.18 -1.95 -24.31
N ILE B 103 -66.57 -2.20 -23.17
CA ILE B 103 -66.49 -3.55 -22.65
C ILE B 103 -67.82 -4.00 -22.07
N GLN B 104 -68.52 -3.08 -21.40
CA GLN B 104 -69.79 -3.42 -20.75
C GLN B 104 -70.84 -3.74 -21.81
N ASN B 105 -70.55 -3.39 -23.05
CA ASN B 105 -71.39 -3.72 -24.19
C ASN B 105 -71.30 -5.22 -24.51
N PHE B 106 -70.07 -5.74 -24.49
CA PHE B 106 -69.82 -7.15 -24.81
C PHE B 106 -70.20 -8.08 -23.68
N LEU B 107 -70.52 -7.50 -22.53
CA LEU B 107 -70.96 -8.25 -21.36
C LEU B 107 -72.29 -7.73 -20.83
N PRO B 108 -73.39 -7.98 -21.56
CA PRO B 108 -74.68 -7.44 -21.12
C PRO B 108 -75.00 -7.92 -19.72
N LEU B 109 -74.50 -9.11 -19.40
CA LEU B 109 -74.76 -9.77 -18.13
C LEU B 109 -73.99 -9.27 -16.90
N GLU B 110 -72.66 -9.23 -16.99
CA GLU B 110 -71.85 -8.88 -15.82
C GLU B 110 -72.24 -7.47 -15.40
N THR B 111 -72.58 -6.68 -16.38
CA THR B 111 -73.07 -5.31 -16.19
C THR B 111 -74.48 -5.27 -15.62
N SER B 112 -75.39 -6.05 -16.21
CA SER B 112 -76.77 -6.12 -15.75
C SER B 112 -76.86 -6.53 -14.29
N LYS B 113 -75.93 -7.38 -13.86
CA LYS B 113 -75.85 -7.77 -12.47
C LYS B 113 -75.17 -6.68 -11.64
N PHE B 114 -74.10 -6.10 -12.18
CA PHE B 114 -73.27 -5.16 -11.44
C PHE B 114 -74.05 -3.90 -11.08
N LYS B 115 -74.89 -3.46 -12.01
CA LYS B 115 -75.66 -2.25 -11.82
C LYS B 115 -76.55 -2.38 -10.60
N SER B 116 -77.24 -3.51 -10.50
CA SER B 116 -78.15 -3.78 -9.38
C SER B 116 -77.41 -4.00 -8.06
N LEU B 117 -76.34 -4.80 -8.08
CA LEU B 117 -75.54 -5.02 -6.88
C LEU B 117 -75.09 -3.70 -6.31
N THR B 118 -74.61 -2.83 -7.20
CA THR B 118 -74.09 -1.54 -6.78
C THR B 118 -75.20 -0.76 -6.08
N SER B 119 -76.40 -0.76 -6.66
CA SER B 119 -77.51 -0.02 -6.06
C SER B 119 -77.84 -0.55 -4.67
N GLU B 120 -78.01 -1.87 -4.53
CA GLU B 120 -78.30 -2.44 -3.22
C GLU B 120 -77.18 -2.13 -2.25
N TYR B 121 -75.94 -2.38 -2.66
CA TYR B 121 -74.80 -2.11 -1.80
C TYR B 121 -74.74 -0.61 -1.50
N LYS B 122 -75.25 0.22 -2.40
CA LYS B 122 -75.33 1.65 -2.14
C LYS B 122 -76.33 2.00 -1.05
N MET B 123 -77.57 1.52 -1.20
CA MET B 123 -78.61 1.80 -0.21
C MET B 123 -78.23 1.24 1.14
N ILE B 124 -77.81 -0.03 1.13
CA ILE B 124 -77.49 -0.76 2.34
C ILE B 124 -76.43 0.01 3.11
N THR B 125 -75.45 0.54 2.38
CA THR B 125 -74.36 1.30 2.98
C THR B 125 -74.85 2.64 3.55
N THR B 126 -75.67 3.36 2.78
CA THR B 126 -76.18 4.65 3.23
C THR B 126 -77.02 4.51 4.49
N ARG B 127 -77.79 3.43 4.58
CA ARG B 127 -78.57 3.18 5.78
C ARG B 127 -77.59 2.94 6.93
N ALA B 128 -76.46 2.31 6.63
CA ALA B 128 -75.47 1.92 7.64
C ALA B 128 -74.71 3.09 8.28
N PHE B 129 -74.23 4.03 7.47
CA PHE B 129 -73.40 5.12 7.98
C PHE B 129 -74.20 6.29 8.52
N GLN B 130 -75.50 6.27 8.27
CA GLN B 130 -76.38 7.22 8.90
C GLN B 130 -76.69 6.77 10.33
N LEU B 131 -76.29 5.54 10.67
CA LEU B 131 -76.64 4.96 11.97
C LEU B 131 -75.79 5.49 13.11
N ASP B 132 -74.73 6.24 12.80
CA ASP B 132 -73.96 6.94 13.82
C ASP B 132 -73.17 6.01 14.76
N THR B 133 -73.27 4.70 14.54
CA THR B 133 -72.43 3.73 15.25
C THR B 133 -72.29 2.45 14.41
N THR B 134 -71.14 1.78 14.53
CA THR B 134 -70.89 0.60 13.70
C THR B 134 -71.58 -0.63 14.27
N ILE B 135 -71.64 -0.71 15.59
CA ILE B 135 -72.26 -1.86 16.24
C ILE B 135 -73.69 -1.99 15.74
N GLU B 136 -74.35 -0.85 15.56
CA GLU B 136 -75.76 -0.81 15.17
C GLU B 136 -76.10 -1.59 13.89
N VAL B 137 -75.12 -1.75 13.02
CA VAL B 137 -75.36 -2.35 11.71
C VAL B 137 -75.99 -3.75 11.81
N ILE B 138 -75.77 -4.45 12.92
CA ILE B 138 -76.28 -5.81 13.08
C ILE B 138 -77.80 -5.82 13.10
N HIS B 139 -78.40 -4.71 13.51
CA HIS B 139 -79.85 -4.60 13.63
C HIS B 139 -80.49 -4.18 12.32
N ILE B 140 -79.68 -3.88 11.32
CA ILE B 140 -80.23 -3.55 10.01
C ILE B 140 -80.89 -4.79 9.44
N PRO B 141 -82.18 -4.69 9.11
CA PRO B 141 -82.81 -5.87 8.50
C PRO B 141 -82.21 -6.19 7.13
N ASN B 142 -81.88 -7.46 6.93
CA ASN B 142 -81.27 -7.94 5.69
C ASN B 142 -79.93 -7.26 5.37
N PHE B 143 -79.01 -7.22 6.33
CA PHE B 143 -77.65 -6.71 6.09
C PHE B 143 -76.69 -7.83 5.76
N ASP B 144 -76.50 -8.73 6.72
CA ASP B 144 -75.65 -9.91 6.50
C ASP B 144 -76.04 -10.57 5.20
N THR B 145 -77.34 -10.69 4.98
CA THR B 145 -77.86 -11.36 3.81
C THR B 145 -77.44 -10.70 2.50
N THR B 146 -77.62 -9.38 2.44
CA THR B 146 -77.33 -8.64 1.22
C THR B 146 -75.83 -8.71 0.92
N LEU B 147 -75.00 -8.60 1.96
CA LEU B 147 -73.55 -8.65 1.77
C LEU B 147 -73.13 -10.01 1.22
N LYS B 148 -73.58 -11.07 1.87
CA LYS B 148 -73.25 -12.43 1.41
C LYS B 148 -73.62 -12.61 -0.05
N LEU B 149 -74.80 -12.13 -0.42
CA LEU B 149 -75.25 -12.20 -1.82
C LEU B 149 -74.42 -11.29 -2.73
N THR B 150 -73.97 -10.16 -2.20
CA THR B 150 -73.21 -9.19 -2.99
C THR B 150 -71.82 -9.74 -3.33
N ILE B 151 -71.11 -10.24 -2.32
CA ILE B 151 -69.79 -10.82 -2.52
C ILE B 151 -69.91 -12.05 -3.42
N ASP B 152 -70.93 -12.86 -3.20
CA ASP B 152 -71.17 -14.04 -4.01
C ASP B 152 -71.37 -13.67 -5.47
N SER B 153 -72.18 -12.64 -5.71
CA SER B 153 -72.44 -12.23 -7.07
C SER B 153 -71.18 -11.67 -7.67
N LEU B 154 -70.42 -10.91 -6.89
CA LEU B 154 -69.19 -10.32 -7.37
C LEU B 154 -68.19 -11.42 -7.75
N LYS B 155 -67.97 -12.40 -6.87
CA LYS B 155 -67.07 -13.51 -7.21
C LYS B 155 -67.51 -14.22 -8.49
N MET B 156 -68.82 -14.39 -8.66
CA MET B 156 -69.36 -15.04 -9.86
C MET B 156 -69.18 -14.17 -11.09
N ILE B 157 -69.20 -12.86 -10.91
CA ILE B 157 -68.95 -11.96 -12.02
C ILE B 157 -67.48 -12.04 -12.43
N LYS B 158 -66.56 -11.89 -11.48
CA LYS B 158 -65.14 -11.96 -11.82
C LYS B 158 -64.78 -13.27 -12.50
N SER B 159 -65.26 -14.39 -11.96
CA SER B 159 -65.03 -15.67 -12.59
C SER B 159 -65.54 -15.64 -14.02
N SER B 160 -66.72 -15.07 -14.21
CA SER B 160 -67.33 -15.01 -15.54
C SER B 160 -66.44 -14.21 -16.49
N LEU B 161 -65.91 -13.09 -15.99
CA LEU B 161 -65.02 -12.24 -16.77
C LEU B 161 -63.77 -12.98 -17.20
N SER B 162 -63.10 -13.58 -16.22
CA SER B 162 -61.91 -14.39 -16.49
C SER B 162 -62.18 -15.43 -17.55
N THR B 163 -63.34 -16.10 -17.43
CA THR B 163 -63.70 -17.14 -18.38
C THR B 163 -63.90 -16.53 -19.75
N PHE B 164 -64.62 -15.42 -19.80
CA PHE B 164 -64.85 -14.73 -21.07
C PHE B 164 -63.53 -14.38 -21.76
N LEU B 165 -62.60 -13.79 -21.02
CA LEU B 165 -61.29 -13.46 -21.57
C LEU B 165 -60.52 -14.70 -22.03
N GLU B 166 -60.41 -15.68 -21.14
CA GLU B 166 -59.67 -16.90 -21.44
C GLU B 166 -60.23 -17.63 -22.65
N ARG B 167 -61.54 -17.53 -22.86
CA ARG B 167 -62.14 -18.14 -24.04
C ARG B 167 -61.79 -17.31 -25.25
N GLN B 168 -61.60 -16.02 -25.00
CA GLN B 168 -61.29 -15.09 -26.07
C GLN B 168 -59.86 -15.27 -26.56
N ARG B 169 -58.93 -15.52 -25.64
CA ARG B 169 -57.55 -15.83 -26.04
C ARG B 169 -57.50 -17.15 -26.79
N ARG B 170 -58.28 -18.11 -26.31
CA ARG B 170 -58.17 -19.48 -26.81
C ARG B 170 -58.65 -19.58 -28.26
N GLN B 171 -59.37 -18.56 -28.72
CA GLN B 171 -59.75 -18.50 -30.13
C GLN B 171 -58.58 -18.01 -30.96
N PHE B 172 -57.78 -17.12 -30.40
CA PHE B 172 -56.62 -16.60 -31.11
C PHE B 172 -55.40 -16.46 -30.18
N PRO B 173 -54.70 -17.58 -29.94
CA PRO B 173 -53.70 -17.71 -28.87
C PRO B 173 -52.60 -16.65 -28.86
N ARG B 174 -52.28 -16.02 -29.98
CA ARG B 174 -51.33 -14.90 -29.96
C ARG B 174 -51.71 -13.91 -28.87
N PHE B 175 -53.01 -13.80 -28.61
CA PHE B 175 -53.52 -12.94 -27.57
C PHE B 175 -52.93 -13.31 -26.21
N TYR B 176 -52.52 -14.57 -26.05
CA TYR B 176 -51.88 -15.00 -24.80
C TYR B 176 -50.63 -14.21 -24.52
N PHE B 177 -50.10 -13.57 -25.56
CA PHE B 177 -48.91 -12.76 -25.39
C PHE B 177 -49.26 -11.35 -24.96
N LEU B 178 -50.53 -10.98 -25.09
CA LEU B 178 -50.91 -9.62 -24.74
C LEU B 178 -51.05 -9.48 -23.23
N GLY B 179 -52.01 -10.18 -22.65
CA GLY B 179 -52.33 -9.99 -21.25
C GLY B 179 -53.53 -9.08 -21.08
N ASN B 180 -54.15 -9.11 -19.90
CA ASN B 180 -55.54 -8.68 -19.72
C ASN B 180 -55.95 -7.33 -20.27
N ASP B 181 -55.29 -6.26 -19.83
CA ASP B 181 -55.68 -4.92 -20.22
C ASP B 181 -55.74 -4.76 -21.74
N ASP B 182 -54.61 -5.00 -22.40
CA ASP B 182 -54.49 -4.83 -23.86
C ASP B 182 -55.52 -5.66 -24.65
N LEU B 183 -55.80 -6.86 -24.18
CA LEU B 183 -56.77 -7.72 -24.83
C LEU B 183 -58.13 -7.05 -24.89
N LEU B 184 -58.51 -6.45 -23.78
CA LEU B 184 -59.76 -5.73 -23.70
C LEU B 184 -59.79 -4.54 -24.64
N LYS B 185 -58.67 -3.85 -24.80
CA LYS B 185 -58.67 -2.74 -25.74
C LYS B 185 -58.91 -3.28 -27.14
N ILE B 186 -58.35 -4.45 -27.43
CA ILE B 186 -58.58 -5.07 -28.73
C ILE B 186 -60.05 -5.44 -28.89
N ILE B 187 -60.63 -6.02 -27.84
CA ILE B 187 -62.03 -6.44 -27.90
C ILE B 187 -62.98 -5.28 -28.15
N GLY B 188 -62.77 -4.15 -27.50
CA GLY B 188 -63.63 -3.00 -27.67
C GLY B 188 -63.31 -2.14 -28.87
N SER B 189 -62.02 -2.03 -29.15
CA SER B 189 -61.54 -1.15 -30.21
C SER B 189 -61.57 -1.82 -31.57
N GLY B 190 -62.08 -3.05 -31.61
CA GLY B 190 -62.18 -3.80 -32.85
C GLY B 190 -63.10 -3.11 -33.84
N LYS B 191 -63.71 -2.00 -33.40
CA LYS B 191 -64.50 -1.14 -34.27
C LYS B 191 -63.65 -0.37 -35.28
N HIS B 192 -62.60 0.29 -34.79
CA HIS B 192 -61.77 1.20 -35.58
C HIS B 192 -60.68 0.52 -36.42
N HIS B 193 -60.09 -0.54 -35.85
CA HIS B 193 -59.03 -1.37 -36.45
C HIS B 193 -57.63 -0.78 -36.32
N ASP B 194 -57.53 0.49 -35.98
CA ASP B 194 -56.22 1.16 -35.98
C ASP B 194 -55.55 1.08 -34.61
N GLN B 195 -56.29 0.65 -33.60
CA GLN B 195 -55.77 0.60 -32.24
C GLN B 195 -55.11 -0.76 -32.02
N VAL B 196 -55.33 -1.68 -32.97
CA VAL B 196 -54.76 -3.02 -32.90
C VAL B 196 -53.30 -3.03 -33.37
N SER B 197 -52.93 -2.07 -34.23
CA SER B 197 -51.55 -1.99 -34.71
C SER B 197 -50.59 -1.84 -33.53
N LYS B 198 -51.07 -1.15 -32.50
CA LYS B 198 -50.27 -0.86 -31.31
C LYS B 198 -49.70 -2.14 -30.72
N PHE B 199 -50.52 -3.20 -30.75
CA PHE B 199 -50.18 -4.44 -30.06
C PHE B 199 -49.48 -5.44 -30.97
N MET B 200 -49.32 -5.11 -32.24
CA MET B 200 -48.84 -6.10 -33.19
C MET B 200 -47.34 -6.38 -33.09
N LYS B 201 -46.63 -5.62 -32.26
CA LYS B 201 -45.27 -6.01 -31.91
C LYS B 201 -45.33 -7.12 -30.89
N LYS B 202 -46.30 -7.05 -30.00
CA LYS B 202 -46.28 -7.93 -28.86
C LYS B 202 -46.84 -9.32 -29.18
N MET B 203 -47.79 -9.42 -30.11
CA MET B 203 -48.32 -10.74 -30.46
C MET B 203 -47.57 -11.35 -31.65
N PHE B 204 -46.86 -10.51 -32.40
CA PHE B 204 -45.95 -10.94 -33.46
C PHE B 204 -44.67 -10.21 -33.14
N GLY B 205 -43.61 -10.92 -32.77
CA GLY B 205 -42.40 -10.24 -32.36
C GLY B 205 -41.69 -9.43 -33.42
N SER B 206 -41.76 -9.88 -34.67
CA SER B 206 -41.07 -9.21 -35.76
C SER B 206 -41.78 -7.97 -36.30
N ILE B 207 -43.09 -8.04 -36.49
CA ILE B 207 -43.81 -6.92 -37.11
C ILE B 207 -44.25 -5.87 -36.08
N GLU B 208 -44.07 -4.60 -36.43
CA GLU B 208 -44.45 -3.49 -35.54
C GLU B 208 -45.91 -3.15 -35.68
N SER B 209 -46.27 -2.67 -36.86
CA SER B 209 -47.63 -2.24 -37.13
C SER B 209 -48.11 -2.78 -38.46
N ILE B 210 -49.32 -2.37 -38.81
CA ILE B 210 -50.09 -2.97 -39.89
C ILE B 210 -50.62 -1.90 -40.83
N ILE B 211 -50.55 -2.17 -42.13
CA ILE B 211 -50.83 -1.19 -43.17
C ILE B 211 -52.24 -1.33 -43.70
N PHE B 212 -53.02 -0.24 -43.67
CA PHE B 212 -54.40 -0.28 -44.15
C PHE B 212 -54.68 0.56 -45.41
N LEU B 213 -55.63 0.05 -46.21
CA LEU B 213 -56.32 0.79 -47.27
C LEU B 213 -57.63 1.37 -46.72
N GLU B 214 -57.79 1.24 -45.39
CA GLU B 214 -58.87 1.77 -44.56
C GLU B 214 -60.17 0.95 -44.55
N ASP B 215 -60.42 0.12 -45.57
CA ASP B 215 -61.42 -0.95 -45.45
C ASP B 215 -60.72 -2.31 -45.54
N PHE B 216 -59.49 -2.27 -46.06
CA PHE B 216 -58.70 -3.45 -46.35
C PHE B 216 -57.37 -3.44 -45.59
N ILE B 217 -56.77 -4.62 -45.43
CA ILE B 217 -55.37 -4.74 -45.01
C ILE B 217 -54.45 -5.05 -46.19
N THR B 218 -53.57 -4.13 -46.54
CA THR B 218 -52.60 -4.39 -47.61
C THR B 218 -51.33 -5.12 -47.12
N GLY B 219 -50.96 -4.93 -45.86
CA GLY B 219 -49.74 -5.56 -45.35
C GLY B 219 -49.36 -5.27 -43.91
N VAL B 220 -48.10 -5.53 -43.59
CA VAL B 220 -47.52 -5.24 -42.29
C VAL B 220 -46.20 -4.53 -42.51
N ARG B 221 -45.66 -3.92 -41.46
CA ARG B 221 -44.33 -3.30 -41.52
C ARG B 221 -43.55 -3.70 -40.28
N SER B 222 -42.40 -4.34 -40.48
CA SER B 222 -41.61 -4.86 -39.37
C SER B 222 -40.87 -3.79 -38.58
N VAL B 223 -40.50 -4.13 -37.35
CA VAL B 223 -39.74 -3.24 -36.48
C VAL B 223 -38.43 -2.82 -37.14
N GLU B 224 -37.97 -3.64 -38.07
CA GLU B 224 -36.75 -3.35 -38.80
C GLU B 224 -37.03 -2.24 -39.80
N GLY B 225 -38.30 -2.17 -40.22
CA GLY B 225 -38.74 -1.21 -41.22
C GLY B 225 -39.05 -1.80 -42.58
N GLU B 226 -38.96 -3.12 -42.71
CA GLU B 226 -39.32 -3.76 -43.97
C GLU B 226 -40.83 -3.78 -44.11
N VAL B 227 -41.30 -3.72 -45.34
CA VAL B 227 -42.72 -3.80 -45.61
C VAL B 227 -43.04 -5.06 -46.38
N LEU B 228 -43.98 -5.82 -45.83
CA LEU B 228 -44.48 -7.02 -46.47
C LEU B 228 -45.86 -6.71 -47.01
N ASN B 229 -45.99 -6.66 -48.33
CA ASN B 229 -47.30 -6.49 -48.95
C ASN B 229 -47.89 -7.87 -49.17
N LEU B 230 -49.10 -8.10 -48.66
CA LEU B 230 -49.72 -9.40 -48.78
C LEU B 230 -50.09 -9.68 -50.21
N ASN B 231 -50.18 -10.96 -50.52
CA ASN B 231 -50.72 -11.38 -51.80
C ASN B 231 -52.15 -10.90 -51.88
N GLU B 232 -52.99 -11.50 -51.06
CA GLU B 232 -54.38 -11.07 -50.96
C GLU B 232 -54.53 -9.99 -49.91
N LYS B 233 -55.01 -8.83 -50.36
CA LYS B 233 -55.43 -7.79 -49.45
C LYS B 233 -56.63 -8.32 -48.69
N ILE B 234 -56.72 -8.01 -47.41
CA ILE B 234 -57.79 -8.55 -46.58
C ILE B 234 -58.92 -7.58 -46.40
N GLU B 235 -60.06 -7.92 -46.99
CA GLU B 235 -61.25 -7.09 -46.92
C GLU B 235 -61.83 -7.18 -45.51
N LEU B 236 -62.26 -6.04 -44.97
CA LEU B 236 -62.87 -5.97 -43.65
C LEU B 236 -64.29 -5.44 -43.78
N LYS B 237 -65.21 -5.99 -42.99
CA LYS B 237 -66.60 -5.52 -43.02
C LYS B 237 -66.84 -4.69 -41.77
N ASP B 238 -67.76 -3.73 -41.91
CA ASP B 238 -68.00 -2.70 -40.91
C ASP B 238 -68.09 -3.23 -39.49
N SER B 239 -68.82 -4.33 -39.31
CA SER B 239 -68.85 -5.02 -38.03
C SER B 239 -68.11 -6.33 -38.17
N ILE B 240 -66.91 -6.41 -37.62
CA ILE B 240 -66.15 -7.65 -37.66
C ILE B 240 -65.26 -7.71 -36.43
N GLN B 241 -65.16 -8.90 -35.85
CA GLN B 241 -64.42 -9.07 -34.60
C GLN B 241 -62.94 -9.06 -34.92
N ALA B 242 -62.15 -8.51 -34.01
CA ALA B 242 -60.69 -8.52 -34.15
C ALA B 242 -60.19 -9.94 -34.30
N GLN B 243 -60.68 -10.84 -33.46
CA GLN B 243 -60.17 -12.19 -33.39
C GLN B 243 -60.28 -12.93 -34.72
N GLU B 244 -61.16 -12.46 -35.61
CA GLU B 244 -61.30 -13.07 -36.92
C GLU B 244 -60.22 -12.56 -37.88
N TRP B 245 -60.22 -11.26 -38.18
CA TRP B 245 -59.31 -10.78 -39.21
C TRP B 245 -57.85 -10.87 -38.77
N LEU B 246 -57.61 -10.93 -37.46
CA LEU B 246 -56.26 -11.15 -36.96
C LEU B 246 -55.77 -12.54 -37.31
N ASN B 247 -56.66 -13.52 -37.26
CA ASN B 247 -56.30 -14.87 -37.64
C ASN B 247 -56.06 -14.92 -39.14
N ILE B 248 -56.90 -14.25 -39.91
CA ILE B 248 -56.74 -14.18 -41.36
C ILE B 248 -55.37 -13.58 -41.70
N LEU B 249 -54.98 -12.55 -40.95
CA LEU B 249 -53.73 -11.85 -41.23
C LEU B 249 -52.54 -12.77 -40.97
N ASP B 250 -52.49 -13.37 -39.78
CA ASP B 250 -51.38 -14.22 -39.38
C ASP B 250 -51.10 -15.31 -40.40
N THR B 251 -52.17 -15.81 -41.01
CA THR B 251 -52.08 -16.84 -42.02
C THR B 251 -51.64 -16.32 -43.37
N GLU B 252 -52.05 -15.11 -43.72
CA GLU B 252 -51.72 -14.58 -45.03
C GLU B 252 -50.26 -14.12 -45.09
N ILE B 253 -49.65 -13.75 -43.95
CA ILE B 253 -48.26 -13.30 -44.00
C ILE B 253 -47.40 -14.53 -44.29
N LYS B 254 -47.72 -15.67 -43.66
CA LYS B 254 -46.97 -16.90 -43.91
C LYS B 254 -47.12 -17.26 -45.37
N LEU B 255 -48.35 -17.18 -45.87
CA LEU B 255 -48.63 -17.42 -47.27
C LEU B 255 -47.90 -16.43 -48.16
N SER B 256 -47.78 -15.20 -47.68
CA SER B 256 -47.15 -14.13 -48.43
C SER B 256 -45.64 -14.32 -48.48
N VAL B 257 -45.04 -14.59 -47.33
CA VAL B 257 -43.63 -14.96 -47.27
C VAL B 257 -43.33 -16.11 -48.23
N PHE B 258 -44.11 -17.18 -48.14
CA PHE B 258 -43.94 -18.33 -49.03
C PHE B 258 -44.04 -17.91 -50.48
N THR B 259 -44.96 -17.02 -50.76
CA THR B 259 -45.15 -16.55 -52.12
C THR B 259 -43.88 -15.90 -52.63
N GLN B 260 -43.38 -14.95 -51.86
CA GLN B 260 -42.15 -14.26 -52.24
C GLN B 260 -41.01 -15.25 -52.42
N PHE B 261 -40.97 -16.24 -51.55
CA PHE B 261 -39.96 -17.29 -51.64
C PHE B 261 -39.98 -18.00 -53.00
N ARG B 262 -41.14 -18.54 -53.39
CA ARG B 262 -41.21 -19.33 -54.60
C ARG B 262 -40.98 -18.44 -55.82
N ASP B 263 -41.49 -17.20 -55.76
CA ASP B 263 -41.35 -16.25 -56.87
C ASP B 263 -39.88 -15.93 -57.08
N CYS B 264 -39.24 -15.46 -56.01
CA CYS B 264 -37.84 -15.07 -56.06
C CYS B 264 -36.93 -16.25 -56.41
N LEU B 265 -37.20 -17.41 -55.84
CA LEU B 265 -36.37 -18.59 -56.09
C LEU B 265 -36.41 -19.01 -57.56
N GLY B 266 -37.58 -18.91 -58.17
CA GLY B 266 -37.71 -19.24 -59.58
C GLY B 266 -36.95 -18.28 -60.47
N GLN B 267 -36.83 -17.03 -60.03
CA GLN B 267 -36.08 -16.04 -60.78
C GLN B 267 -34.58 -16.37 -60.78
N LEU B 268 -34.04 -16.62 -59.59
CA LEU B 268 -32.62 -16.97 -59.47
C LEU B 268 -32.30 -18.25 -60.24
N LYS B 269 -33.28 -19.15 -60.30
CA LYS B 269 -33.17 -20.37 -61.11
C LYS B 269 -33.08 -19.97 -62.58
N ASP B 270 -33.92 -19.01 -62.96
CA ASP B 270 -33.91 -18.48 -64.32
C ASP B 270 -32.68 -17.58 -64.52
N GLY B 271 -31.93 -17.36 -63.45
CA GLY B 271 -30.65 -16.72 -63.53
C GLY B 271 -30.59 -15.21 -63.46
N THR B 272 -31.50 -14.57 -62.74
CA THR B 272 -31.35 -13.14 -62.50
C THR B 272 -30.22 -12.95 -61.49
N ASP B 273 -29.43 -11.90 -61.69
CA ASP B 273 -28.36 -11.58 -60.77
C ASP B 273 -28.96 -11.24 -59.41
N ILE B 274 -28.27 -11.61 -58.34
CA ILE B 274 -28.82 -11.42 -57.00
C ILE B 274 -29.08 -9.94 -56.70
N GLU B 275 -28.26 -9.05 -57.26
CA GLU B 275 -28.42 -7.62 -57.03
C GLU B 275 -29.77 -7.13 -57.53
N VAL B 276 -30.23 -7.70 -58.64
CA VAL B 276 -31.52 -7.35 -59.23
C VAL B 276 -32.63 -7.63 -58.23
N VAL B 277 -32.52 -8.79 -57.61
CA VAL B 277 -33.56 -9.33 -56.75
C VAL B 277 -33.73 -8.56 -55.46
N VAL B 278 -32.61 -8.13 -54.87
CA VAL B 278 -32.62 -7.50 -53.56
C VAL B 278 -33.66 -6.38 -53.52
N SER B 279 -33.89 -5.74 -54.67
CA SER B 279 -34.82 -4.64 -54.77
C SER B 279 -36.27 -5.11 -54.66
N LYS B 280 -36.58 -6.23 -55.30
CA LYS B 280 -37.98 -6.60 -55.55
C LYS B 280 -38.65 -7.47 -54.48
N TYR B 281 -37.87 -8.01 -53.55
CA TYR B 281 -38.43 -8.94 -52.56
C TYR B 281 -38.03 -8.59 -51.14
N ILE B 282 -38.75 -9.16 -50.17
CA ILE B 282 -38.35 -9.01 -48.78
C ILE B 282 -37.17 -9.93 -48.54
N PHE B 283 -36.43 -9.65 -47.48
CA PHE B 283 -35.23 -10.40 -47.12
C PHE B 283 -35.41 -11.90 -46.97
N GLN B 284 -36.34 -12.28 -46.10
CA GLN B 284 -36.55 -13.67 -45.77
C GLN B 284 -36.71 -14.52 -47.02
N ALA B 285 -37.46 -13.99 -47.98
CA ALA B 285 -37.73 -14.69 -49.22
C ALA B 285 -36.44 -14.86 -50.00
N ILE B 286 -35.72 -13.75 -50.18
CA ILE B 286 -34.51 -13.78 -50.97
C ILE B 286 -33.42 -14.53 -50.22
N LEU B 287 -33.54 -14.62 -48.90
CA LEU B 287 -32.61 -15.41 -48.11
C LEU B 287 -32.83 -16.90 -48.35
N LEU B 288 -34.04 -17.39 -48.11
CA LEU B 288 -34.34 -18.79 -48.29
C LEU B 288 -34.10 -19.20 -49.74
N SER B 289 -34.36 -18.28 -50.66
CA SER B 289 -34.08 -18.53 -52.08
C SER B 289 -32.60 -18.80 -52.23
N ALA B 290 -31.78 -17.86 -51.77
CA ALA B 290 -30.34 -17.97 -51.89
C ALA B 290 -29.89 -19.28 -51.25
N GLN B 291 -30.49 -19.58 -50.10
CA GLN B 291 -30.14 -20.78 -49.33
C GLN B 291 -30.46 -22.07 -50.07
N VAL B 292 -31.66 -22.18 -50.64
CA VAL B 292 -32.04 -23.40 -51.35
C VAL B 292 -31.18 -23.59 -52.58
N MET B 293 -31.05 -22.54 -53.39
CA MET B 293 -30.31 -22.63 -54.64
C MET B 293 -28.86 -22.94 -54.31
N TRP B 294 -28.33 -22.28 -53.28
CA TRP B 294 -26.96 -22.49 -52.88
C TRP B 294 -26.70 -23.98 -52.72
N THR B 295 -27.38 -24.59 -51.76
CA THR B 295 -27.21 -26.02 -51.50
C THR B 295 -27.32 -26.88 -52.75
N GLU B 296 -28.37 -26.70 -53.53
CA GLU B 296 -28.56 -27.50 -54.73
C GLU B 296 -27.35 -27.37 -55.64
N LEU B 297 -26.79 -26.17 -55.70
CA LEU B 297 -25.63 -25.94 -56.55
C LEU B 297 -24.39 -26.63 -55.99
N VAL B 298 -24.11 -26.39 -54.72
CA VAL B 298 -22.94 -27.01 -54.08
C VAL B 298 -23.16 -28.52 -53.92
N GLU B 299 -24.42 -28.96 -54.00
CA GLU B 299 -24.72 -30.39 -53.93
C GLU B 299 -24.18 -31.05 -55.19
N LYS B 300 -24.43 -30.45 -56.35
CA LYS B 300 -23.91 -30.98 -57.60
C LYS B 300 -22.45 -30.61 -57.76
N CYS B 301 -22.05 -29.47 -57.20
CA CYS B 301 -20.65 -29.05 -57.27
C CYS B 301 -19.76 -30.06 -56.53
N LEU B 302 -20.37 -30.85 -55.66
CA LEU B 302 -19.64 -31.91 -54.94
C LEU B 302 -19.34 -33.11 -55.83
N GLN B 303 -20.35 -33.59 -56.54
CA GLN B 303 -20.16 -34.73 -57.43
C GLN B 303 -19.27 -34.33 -58.59
N THR B 304 -19.44 -33.11 -59.07
CA THR B 304 -18.66 -32.60 -60.19
C THR B 304 -17.27 -32.07 -59.77
N ASN B 305 -17.18 -31.55 -58.54
CA ASN B 305 -15.99 -30.85 -58.06
C ASN B 305 -15.67 -29.57 -58.84
N GLN B 306 -16.71 -28.78 -59.08
CA GLN B 306 -16.60 -27.55 -59.88
C GLN B 306 -16.11 -26.38 -59.04
N PHE B 307 -15.74 -26.67 -57.79
CA PHE B 307 -15.69 -25.69 -56.71
C PHE B 307 -15.07 -24.37 -57.14
N SER B 308 -14.04 -24.43 -57.97
CA SER B 308 -13.37 -23.23 -58.44
C SER B 308 -14.34 -22.25 -59.08
N LYS B 309 -15.12 -22.72 -60.04
CA LYS B 309 -16.02 -21.82 -60.77
C LYS B 309 -17.16 -21.34 -59.88
N TYR B 310 -17.66 -22.18 -58.97
CA TYR B 310 -18.72 -21.72 -58.08
C TYR B 310 -18.15 -20.75 -57.03
N TRP B 311 -16.89 -20.94 -56.64
CA TRP B 311 -16.25 -20.08 -55.64
C TRP B 311 -16.07 -18.67 -56.20
N LYS B 312 -15.60 -18.63 -57.43
CA LYS B 312 -15.33 -17.37 -58.12
C LYS B 312 -16.63 -16.64 -58.41
N GLU B 313 -17.62 -17.39 -58.87
CA GLU B 313 -18.94 -16.85 -59.14
C GLU B 313 -19.53 -16.26 -57.86
N VAL B 314 -19.48 -17.03 -56.78
CA VAL B 314 -19.99 -16.56 -55.50
C VAL B 314 -19.13 -15.40 -55.00
N ASP B 315 -17.82 -15.47 -55.22
CA ASP B 315 -16.94 -14.39 -54.80
C ASP B 315 -17.42 -13.09 -55.46
N MET B 316 -17.77 -13.19 -56.73
CA MET B 316 -18.27 -12.03 -57.47
C MET B 316 -19.58 -11.57 -56.86
N LYS B 317 -20.48 -12.52 -56.59
CA LYS B 317 -21.78 -12.23 -55.98
C LYS B 317 -21.61 -11.34 -54.74
N ILE B 318 -20.65 -11.69 -53.89
CA ILE B 318 -20.41 -10.95 -52.65
C ILE B 318 -19.92 -9.54 -52.93
N LYS B 319 -19.02 -9.40 -53.90
CA LYS B 319 -18.49 -8.10 -54.29
C LYS B 319 -19.63 -7.23 -54.77
N GLY B 320 -20.52 -7.84 -55.55
CA GLY B 320 -21.70 -7.15 -56.05
C GLY B 320 -22.55 -6.55 -54.95
N LEU B 321 -23.01 -7.38 -54.01
CA LEU B 321 -23.87 -6.90 -52.93
C LEU B 321 -23.15 -5.81 -52.15
N LEU B 322 -21.83 -5.94 -52.03
CA LEU B 322 -21.03 -4.97 -51.29
C LEU B 322 -20.93 -3.65 -52.04
N ASP B 323 -20.67 -3.73 -53.35
CA ASP B 323 -20.65 -2.54 -54.18
C ASP B 323 -22.02 -1.89 -54.06
N LYS B 324 -23.04 -2.72 -54.18
CA LYS B 324 -24.43 -2.27 -54.15
C LYS B 324 -24.80 -1.67 -52.81
N LEU B 325 -24.07 -2.04 -51.77
CA LEU B 325 -24.39 -1.57 -50.43
C LEU B 325 -24.13 -0.07 -50.27
N ASN B 326 -23.03 0.41 -50.83
CA ASN B 326 -22.62 1.82 -50.65
C ASN B 326 -23.57 2.81 -51.32
N LYS B 327 -24.14 2.41 -52.44
CA LYS B 327 -24.98 3.29 -53.27
C LYS B 327 -26.45 3.21 -52.90
N SER B 328 -26.76 2.49 -51.83
CA SER B 328 -28.15 2.12 -51.54
C SER B 328 -28.71 2.79 -50.30
N SER B 329 -30.04 2.89 -50.27
CA SER B 329 -30.77 3.57 -49.20
C SER B 329 -30.58 2.86 -47.87
N ASP B 330 -30.86 3.58 -46.79
CA ASP B 330 -30.54 3.11 -45.45
C ASP B 330 -31.42 1.95 -44.97
N ASN B 331 -32.61 1.78 -45.53
CA ASN B 331 -33.44 0.62 -45.18
C ASN B 331 -33.06 -0.64 -45.95
N VAL B 332 -32.67 -0.50 -47.22
CA VAL B 332 -32.23 -1.65 -48.01
C VAL B 332 -30.77 -1.96 -47.66
N LYS B 333 -30.15 -1.07 -46.89
CA LYS B 333 -28.82 -1.31 -46.36
C LYS B 333 -28.84 -2.56 -45.49
N LYS B 334 -29.77 -2.58 -44.53
CA LYS B 334 -29.93 -3.69 -43.61
C LYS B 334 -30.12 -5.02 -44.35
N LYS B 335 -30.91 -5.00 -45.41
CA LYS B 335 -31.17 -6.21 -46.19
C LYS B 335 -29.94 -6.73 -46.91
N ILE B 336 -29.14 -5.85 -47.48
CA ILE B 336 -28.03 -6.30 -48.30
C ILE B 336 -26.99 -6.86 -47.35
N GLU B 337 -26.85 -6.22 -46.18
CA GLU B 337 -25.90 -6.66 -45.16
C GLU B 337 -26.26 -8.03 -44.59
N ALA B 338 -27.52 -8.21 -44.23
CA ALA B 338 -28.01 -9.50 -43.76
C ALA B 338 -27.72 -10.58 -44.79
N LEU B 339 -27.90 -10.25 -46.07
CA LEU B 339 -27.61 -11.19 -47.15
C LEU B 339 -26.11 -11.47 -47.27
N LEU B 340 -25.30 -10.49 -46.90
CA LEU B 340 -23.85 -10.66 -46.98
C LEU B 340 -23.40 -11.63 -45.92
N VAL B 341 -24.05 -11.56 -44.75
CA VAL B 341 -23.78 -12.49 -43.68
C VAL B 341 -23.93 -13.92 -44.19
N GLU B 342 -24.97 -14.14 -44.98
CA GLU B 342 -25.25 -15.47 -45.52
C GLU B 342 -24.44 -15.81 -46.76
N TYR B 343 -24.21 -14.83 -47.63
CA TYR B 343 -23.45 -15.10 -48.84
C TYR B 343 -21.97 -15.28 -48.51
N LEU B 344 -21.48 -14.56 -47.51
CA LEU B 344 -20.13 -14.78 -47.04
C LEU B 344 -19.97 -16.23 -46.61
N HIS B 345 -20.90 -16.70 -45.79
CA HIS B 345 -20.84 -18.06 -45.26
C HIS B 345 -20.92 -19.13 -46.35
N PHE B 346 -21.65 -18.85 -47.43
CA PHE B 346 -21.72 -19.81 -48.54
C PHE B 346 -20.34 -20.04 -49.08
N ASN B 347 -19.65 -18.92 -49.30
CA ASN B 347 -18.32 -18.89 -49.87
C ASN B 347 -17.30 -19.56 -48.96
N ASN B 348 -17.41 -19.30 -47.67
CA ASN B 348 -16.50 -19.83 -46.67
C ASN B 348 -16.54 -21.36 -46.66
N VAL B 349 -17.75 -21.90 -46.76
CA VAL B 349 -17.97 -23.35 -46.81
C VAL B 349 -17.39 -23.97 -48.06
N ILE B 350 -17.77 -23.41 -49.21
CA ILE B 350 -17.22 -23.83 -50.49
C ILE B 350 -15.70 -23.66 -50.43
N GLY B 351 -15.28 -22.64 -49.70
CA GLY B 351 -13.86 -22.41 -49.49
C GLY B 351 -13.27 -23.59 -48.73
N GLN B 352 -13.98 -24.03 -47.70
CA GLN B 352 -13.56 -25.19 -46.93
C GLN B 352 -13.56 -26.43 -47.80
N LEU B 353 -14.63 -26.63 -48.56
CA LEU B 353 -14.77 -27.82 -49.39
C LEU B 353 -13.67 -27.91 -50.45
N LYS B 354 -13.24 -26.77 -51.00
CA LYS B 354 -12.20 -26.76 -52.02
C LYS B 354 -10.93 -27.44 -51.51
N ASN B 355 -10.43 -26.93 -50.37
CA ASN B 355 -9.15 -27.37 -49.83
C ASN B 355 -9.18 -28.79 -49.26
N CYS B 356 -10.36 -29.42 -49.25
CA CYS B 356 -10.49 -30.80 -48.79
C CYS B 356 -9.62 -31.79 -49.58
N SER B 357 -9.05 -32.75 -48.86
CA SER B 357 -8.19 -33.78 -49.46
C SER B 357 -8.96 -34.85 -50.24
N THR B 358 -9.97 -35.46 -49.63
CA THR B 358 -10.71 -36.59 -50.22
C THR B 358 -12.19 -36.30 -50.32
N LYS B 359 -12.87 -37.04 -51.21
CA LYS B 359 -14.33 -36.90 -51.35
C LYS B 359 -14.98 -37.24 -50.00
N GLU B 360 -14.28 -38.02 -49.17
CA GLU B 360 -14.75 -38.32 -47.82
C GLU B 360 -14.75 -37.07 -46.92
N GLU B 361 -13.62 -36.36 -46.90
CA GLU B 361 -13.49 -35.13 -46.12
C GLU B 361 -14.61 -34.13 -46.41
N ALA B 362 -14.97 -34.03 -47.69
CA ALA B 362 -15.98 -33.09 -48.16
C ALA B 362 -17.37 -33.45 -47.64
N ARG B 363 -17.71 -34.72 -47.74
CA ARG B 363 -19.02 -35.20 -47.32
C ARG B 363 -19.19 -34.99 -45.82
N LEU B 364 -18.13 -35.28 -45.07
CA LEU B 364 -18.12 -35.02 -43.64
C LEU B 364 -18.37 -33.54 -43.39
N LEU B 365 -17.57 -32.71 -44.04
CA LEU B 365 -17.60 -31.27 -43.81
C LEU B 365 -18.93 -30.68 -44.30
N TRP B 366 -19.50 -31.29 -45.32
CA TRP B 366 -20.78 -30.85 -45.89
C TRP B 366 -21.96 -31.28 -45.02
N ALA B 367 -21.80 -32.43 -44.36
CA ALA B 367 -22.89 -33.01 -43.57
C ALA B 367 -23.09 -32.27 -42.23
N LYS B 368 -22.10 -31.49 -41.83
CA LYS B 368 -22.14 -30.74 -40.58
C LYS B 368 -22.78 -29.37 -40.74
N VAL B 369 -23.08 -29.00 -41.99
CA VAL B 369 -23.62 -27.69 -42.31
C VAL B 369 -25.12 -27.80 -42.58
N GLN B 370 -25.90 -26.81 -42.15
CA GLN B 370 -27.32 -26.76 -42.51
C GLN B 370 -27.54 -26.66 -44.01
N LYS B 371 -28.40 -27.55 -44.52
CA LYS B 371 -28.77 -27.58 -45.93
C LYS B 371 -30.27 -27.33 -46.08
N PHE B 372 -30.65 -26.56 -47.10
CA PHE B 372 -32.02 -26.16 -47.36
C PHE B 372 -32.57 -26.82 -48.62
N TYR B 373 -33.53 -27.71 -48.44
CA TYR B 373 -34.10 -28.49 -49.55
C TYR B 373 -35.57 -28.19 -49.72
N GLN B 374 -36.05 -28.30 -50.96
CA GLN B 374 -37.44 -28.04 -51.27
C GLN B 374 -38.08 -29.26 -51.93
N LYS B 375 -39.11 -29.82 -51.30
CA LYS B 375 -39.77 -31.01 -51.83
C LYS B 375 -40.48 -30.67 -53.13
N ASN B 376 -40.27 -31.52 -54.12
CA ASN B 376 -40.83 -31.33 -55.45
C ASN B 376 -42.26 -31.83 -55.64
N ASP B 377 -42.99 -31.09 -56.46
CA ASP B 377 -44.34 -31.41 -56.92
C ASP B 377 -45.34 -31.83 -55.83
N THR B 378 -45.49 -30.99 -54.80
CA THR B 378 -46.36 -31.32 -53.68
C THR B 378 -47.17 -30.08 -53.28
N LEU B 379 -48.46 -30.28 -53.02
CA LEU B 379 -49.34 -29.22 -52.54
C LEU B 379 -49.19 -29.04 -51.05
N ASP B 380 -50.08 -28.25 -50.45
CA ASP B 380 -49.97 -27.92 -49.03
C ASP B 380 -48.61 -27.25 -48.83
N ASP B 381 -48.44 -26.13 -49.53
CA ASP B 381 -47.16 -25.43 -49.72
C ASP B 381 -46.32 -25.06 -48.50
N LEU B 382 -46.95 -24.70 -47.38
CA LEU B 382 -46.16 -24.23 -46.24
C LEU B 382 -45.26 -25.31 -45.65
N ASN B 383 -45.46 -26.56 -46.04
CA ASN B 383 -44.59 -27.66 -45.62
C ASN B 383 -43.51 -28.11 -46.63
N SER B 384 -43.34 -27.41 -47.74
CA SER B 384 -42.49 -27.93 -48.83
C SER B 384 -40.99 -27.64 -48.67
N VAL B 385 -40.61 -26.82 -47.70
CA VAL B 385 -39.19 -26.47 -47.49
C VAL B 385 -38.70 -27.03 -46.16
N PHE B 386 -37.62 -27.81 -46.20
CA PHE B 386 -37.03 -28.36 -44.98
C PHE B 386 -35.52 -28.28 -44.96
N ILE B 387 -34.95 -28.64 -43.82
CA ILE B 387 -33.54 -28.46 -43.55
C ILE B 387 -32.87 -29.75 -43.08
N SER B 388 -31.74 -30.10 -43.68
CA SER B 388 -30.98 -31.28 -43.27
C SER B 388 -29.66 -30.91 -42.62
N GLN B 389 -29.45 -31.38 -41.41
CA GLN B 389 -28.17 -31.23 -40.72
C GLN B 389 -27.86 -32.46 -39.90
N SER B 390 -26.61 -32.91 -39.98
CA SER B 390 -26.16 -34.08 -39.23
C SER B 390 -27.01 -35.29 -39.60
N GLY B 391 -27.64 -35.24 -40.78
CA GLY B 391 -28.51 -36.30 -41.24
C GLY B 391 -29.89 -36.25 -40.60
N TYR B 392 -30.18 -35.15 -39.90
CA TYR B 392 -31.48 -34.95 -39.26
C TYR B 392 -32.25 -33.88 -40.01
N LEU B 393 -33.56 -34.07 -40.13
CA LEU B 393 -34.41 -33.14 -40.88
C LEU B 393 -35.33 -32.30 -40.02
N LEU B 394 -35.47 -31.03 -40.42
CA LEU B 394 -36.35 -30.08 -39.74
C LEU B 394 -37.16 -29.27 -40.75
N GLN B 395 -38.46 -29.14 -40.51
CA GLN B 395 -39.34 -28.39 -41.39
C GLN B 395 -39.26 -26.88 -41.15
N TYR B 396 -39.54 -26.10 -42.20
CA TYR B 396 -39.48 -24.64 -42.13
C TYR B 396 -40.90 -24.10 -42.00
N LYS B 397 -41.24 -23.63 -40.80
CA LYS B 397 -42.48 -22.89 -40.62
C LYS B 397 -42.21 -21.50 -41.17
N PHE B 398 -43.20 -20.90 -41.82
CA PHE B 398 -42.98 -19.69 -42.61
C PHE B 398 -43.20 -18.37 -41.88
N GLU B 399 -43.24 -18.38 -40.55
CA GLU B 399 -43.40 -17.15 -39.78
C GLU B 399 -42.46 -16.06 -40.30
N TYR B 400 -42.98 -14.84 -40.38
CA TYR B 400 -42.24 -13.72 -40.94
C TYR B 400 -41.23 -13.19 -39.92
N ILE B 401 -39.94 -13.23 -40.26
CA ILE B 401 -38.87 -12.77 -39.35
C ILE B 401 -38.40 -11.32 -39.57
N GLY B 402 -38.77 -10.72 -40.70
CA GLY B 402 -38.25 -9.41 -41.07
C GLY B 402 -36.78 -9.49 -41.50
N ILE B 403 -35.99 -8.56 -40.98
CA ILE B 403 -34.53 -8.55 -41.18
C ILE B 403 -33.81 -8.28 -39.86
N PRO B 404 -33.77 -9.28 -38.98
CA PRO B 404 -33.05 -9.11 -37.72
C PRO B 404 -31.57 -9.08 -38.00
N GLU B 405 -30.76 -8.65 -37.05
CA GLU B 405 -29.32 -8.60 -37.29
C GLU B 405 -28.78 -10.02 -37.23
N ARG B 406 -28.27 -10.47 -38.37
CA ARG B 406 -27.93 -11.87 -38.58
C ARG B 406 -26.58 -12.20 -37.97
N LEU B 407 -26.52 -13.33 -37.26
CA LEU B 407 -25.31 -13.72 -36.58
C LEU B 407 -24.28 -14.19 -37.59
N ILE B 408 -23.03 -13.82 -37.38
CA ILE B 408 -21.93 -14.31 -38.21
C ILE B 408 -21.85 -15.82 -38.11
N TYR B 409 -21.64 -16.49 -39.24
CA TYR B 409 -21.53 -17.93 -39.26
C TYR B 409 -20.16 -18.37 -38.76
N THR B 410 -20.18 -19.21 -37.74
CA THR B 410 -18.98 -19.83 -37.18
C THR B 410 -19.18 -21.33 -36.94
N PRO B 411 -18.09 -22.11 -36.93
CA PRO B 411 -18.30 -23.56 -36.73
C PRO B 411 -18.99 -23.91 -35.40
N LEU B 412 -18.78 -23.12 -34.35
CA LEU B 412 -19.40 -23.41 -33.06
C LEU B 412 -20.91 -23.21 -33.15
N LEU B 413 -21.30 -22.09 -33.72
CA LEU B 413 -22.71 -21.76 -33.85
C LEU B 413 -23.38 -22.84 -34.71
N LEU B 414 -22.63 -23.34 -35.69
CA LEU B 414 -23.11 -24.46 -36.51
C LEU B 414 -23.22 -25.74 -35.69
N ILE B 415 -22.35 -25.92 -34.72
CA ILE B 415 -22.46 -27.02 -33.77
C ILE B 415 -23.66 -26.80 -32.84
N GLY B 416 -23.88 -25.56 -32.43
CA GLY B 416 -25.03 -25.21 -31.62
C GLY B 416 -26.31 -25.58 -32.35
N PHE B 417 -26.33 -25.31 -33.65
CA PHE B 417 -27.40 -25.76 -34.53
C PHE B 417 -27.51 -27.28 -34.56
N ALA B 418 -26.38 -27.95 -34.41
CA ALA B 418 -26.33 -29.41 -34.53
C ALA B 418 -26.88 -30.14 -33.30
N THR B 419 -26.59 -29.65 -32.09
CA THR B 419 -27.11 -30.31 -30.89
C THR B 419 -28.58 -30.00 -30.73
N LEU B 420 -28.99 -28.80 -31.13
CA LEU B 420 -30.39 -28.44 -31.01
C LEU B 420 -31.22 -29.28 -31.98
N THR B 421 -30.74 -29.39 -33.22
CA THR B 421 -31.46 -30.17 -34.21
C THR B 421 -31.45 -31.63 -33.78
N ASP B 422 -30.36 -32.05 -33.14
CA ASP B 422 -30.26 -33.41 -32.61
C ASP B 422 -31.26 -33.65 -31.49
N SER B 423 -31.45 -32.64 -30.65
CA SER B 423 -32.38 -32.75 -29.53
C SER B 423 -33.81 -32.81 -30.04
N LEU B 424 -34.17 -31.86 -30.88
CA LEU B 424 -35.54 -31.73 -31.38
C LEU B 424 -35.99 -32.93 -32.20
N HIS B 425 -35.04 -33.60 -32.83
CA HIS B 425 -35.32 -34.73 -33.70
C HIS B 425 -36.14 -35.81 -32.99
N GLN B 426 -35.79 -36.02 -31.73
CA GLN B 426 -36.49 -36.95 -30.85
C GLN B 426 -37.51 -36.23 -29.98
N LYS B 427 -37.71 -34.95 -30.28
CA LYS B 427 -38.67 -34.13 -29.55
C LYS B 427 -38.24 -34.04 -28.10
N TYR B 428 -36.94 -33.87 -27.90
CA TYR B 428 -36.38 -33.46 -26.63
C TYR B 428 -36.12 -31.97 -26.69
N GLY B 429 -36.25 -31.29 -25.55
CA GLY B 429 -35.87 -29.90 -25.47
C GLY B 429 -34.37 -29.75 -25.53
N GLY B 430 -33.89 -28.69 -26.16
CA GLY B 430 -32.48 -28.35 -26.11
C GLY B 430 -32.15 -27.38 -24.99
N CYS B 431 -30.94 -27.49 -24.43
CA CYS B 431 -30.48 -26.59 -23.37
C CYS B 431 -29.01 -26.24 -23.50
N PHE B 432 -28.70 -24.95 -23.40
CA PHE B 432 -27.31 -24.46 -23.47
C PHE B 432 -26.83 -23.95 -22.11
N PHE B 433 -25.59 -24.32 -21.75
CA PHE B 433 -24.96 -23.76 -20.56
C PHE B 433 -23.56 -23.25 -20.87
N GLY B 434 -23.12 -22.26 -20.12
CA GLY B 434 -21.77 -21.75 -20.23
C GLY B 434 -21.70 -20.33 -19.70
N PRO B 435 -20.48 -19.79 -19.55
CA PRO B 435 -20.27 -18.49 -18.93
C PRO B 435 -21.01 -17.43 -19.71
N ALA B 436 -21.29 -16.28 -19.12
CA ALA B 436 -21.93 -15.21 -19.88
C ALA B 436 -20.99 -14.80 -21.00
N GLY B 437 -21.54 -14.37 -22.14
CA GLY B 437 -20.73 -13.87 -23.22
C GLY B 437 -20.44 -14.93 -24.26
N THR B 438 -21.03 -16.11 -24.09
CA THR B 438 -20.90 -17.18 -25.08
C THR B 438 -21.97 -17.22 -26.16
N GLY B 439 -23.00 -16.38 -26.06
CA GLY B 439 -23.96 -16.23 -27.14
C GLY B 439 -24.88 -17.42 -27.25
N LYS B 440 -25.42 -17.86 -26.11
CA LYS B 440 -26.27 -19.04 -26.07
C LYS B 440 -27.68 -18.67 -26.53
N THR B 441 -28.24 -17.63 -25.93
CA THR B 441 -29.60 -17.18 -26.20
C THR B 441 -29.81 -16.78 -27.66
N GLU B 442 -28.87 -15.99 -28.19
CA GLU B 442 -28.98 -15.49 -29.55
C GLU B 442 -28.73 -16.57 -30.59
N THR B 443 -28.07 -17.64 -30.19
CA THR B 443 -27.91 -18.79 -31.07
C THR B 443 -29.27 -19.47 -31.24
N VAL B 444 -30.04 -19.55 -30.16
CA VAL B 444 -31.39 -20.14 -30.24
C VAL B 444 -32.30 -19.29 -31.10
N LYS B 445 -32.32 -17.98 -30.85
CA LYS B 445 -33.09 -17.07 -31.68
C LYS B 445 -32.71 -17.25 -33.15
N ALA B 446 -31.41 -17.30 -33.41
CA ALA B 446 -30.92 -17.43 -34.78
C ALA B 446 -31.29 -18.77 -35.38
N PHE B 447 -31.31 -19.80 -34.56
CA PHE B 447 -31.73 -21.12 -35.01
C PHE B 447 -33.19 -21.02 -35.46
N GLY B 448 -33.97 -20.25 -34.71
CA GLY B 448 -35.34 -19.97 -35.08
C GLY B 448 -35.46 -19.26 -36.41
N GLN B 449 -34.70 -18.19 -36.60
CA GLN B 449 -34.70 -17.43 -37.84
C GLN B 449 -34.47 -18.35 -39.02
N ASN B 450 -33.47 -19.21 -38.88
CA ASN B 450 -33.02 -20.02 -39.99
C ASN B 450 -34.10 -20.99 -40.44
N LEU B 451 -34.96 -21.39 -39.51
CA LEU B 451 -36.11 -22.25 -39.83
C LEU B 451 -37.40 -21.47 -40.01
N GLY B 452 -37.31 -20.14 -39.95
CA GLY B 452 -38.45 -19.28 -40.20
C GLY B 452 -39.38 -19.18 -39.01
N ARG B 453 -38.82 -19.17 -37.81
CA ARG B 453 -39.62 -18.96 -36.61
C ARG B 453 -39.10 -17.82 -35.75
N VAL B 454 -40.03 -16.99 -35.29
CA VAL B 454 -39.71 -16.00 -34.28
C VAL B 454 -39.87 -16.65 -32.91
N VAL B 455 -38.73 -16.73 -32.23
CA VAL B 455 -38.60 -17.38 -30.93
C VAL B 455 -39.10 -16.42 -29.85
N VAL B 456 -40.05 -16.85 -29.01
CA VAL B 456 -40.46 -16.00 -27.89
C VAL B 456 -39.45 -16.24 -26.79
N VAL B 457 -39.11 -15.18 -26.06
CA VAL B 457 -38.01 -15.23 -25.10
C VAL B 457 -38.48 -14.78 -23.72
N PHE B 458 -38.08 -15.54 -22.71
CA PHE B 458 -38.34 -15.16 -21.32
C PHE B 458 -37.02 -14.83 -20.61
N ASN B 459 -36.81 -13.54 -20.34
CA ASN B 459 -35.70 -13.10 -19.50
C ASN B 459 -36.06 -13.29 -18.04
N CYS B 460 -35.22 -13.96 -17.28
CA CYS B 460 -35.62 -14.45 -15.97
C CYS B 460 -35.12 -13.62 -14.77
N ASP B 461 -35.93 -13.64 -13.71
CA ASP B 461 -35.75 -12.88 -12.47
C ASP B 461 -35.55 -11.40 -12.75
N ASP B 462 -36.32 -10.92 -13.71
CA ASP B 462 -36.43 -9.49 -14.00
C ASP B 462 -37.58 -8.92 -13.17
N SER B 463 -38.03 -9.70 -12.18
CA SER B 463 -39.13 -9.34 -11.28
C SER B 463 -40.50 -9.60 -11.87
N PHE B 464 -40.54 -10.27 -13.02
CA PHE B 464 -41.80 -10.60 -13.66
C PHE B 464 -42.65 -11.52 -12.80
N ASP B 465 -43.97 -11.34 -12.93
CA ASP B 465 -44.98 -12.12 -12.24
C ASP B 465 -45.11 -13.51 -12.86
N TYR B 466 -45.41 -14.52 -12.04
CA TYR B 466 -45.58 -15.88 -12.55
C TYR B 466 -46.80 -15.92 -13.47
N GLN B 467 -47.77 -15.05 -13.21
CA GLN B 467 -48.99 -14.98 -14.00
C GLN B 467 -48.66 -14.75 -15.47
N VAL B 468 -47.82 -13.75 -15.72
CA VAL B 468 -47.47 -13.41 -17.10
C VAL B 468 -46.57 -14.49 -17.68
N LEU B 469 -45.76 -15.15 -16.86
CA LEU B 469 -44.94 -16.24 -17.39
C LEU B 469 -45.81 -17.44 -17.75
N SER B 470 -46.79 -17.75 -16.90
CA SER B 470 -47.71 -18.84 -17.17
C SER B 470 -48.41 -18.61 -18.49
N ARG B 471 -48.94 -17.40 -18.64
CA ARG B 471 -49.79 -17.05 -19.77
C ARG B 471 -49.02 -17.18 -21.09
N LEU B 472 -47.76 -16.73 -21.08
CA LEU B 472 -46.93 -16.82 -22.26
C LEU B 472 -46.65 -18.27 -22.62
N LEU B 473 -46.58 -19.11 -21.60
CA LEU B 473 -46.37 -20.52 -21.82
C LEU B 473 -47.59 -21.16 -22.48
N VAL B 474 -48.77 -20.79 -22.00
CA VAL B 474 -50.00 -21.37 -22.52
C VAL B 474 -50.11 -20.98 -23.98
N GLY B 475 -49.63 -19.79 -24.31
CA GLY B 475 -49.66 -19.33 -25.69
C GLY B 475 -48.77 -20.16 -26.60
N ILE B 476 -47.51 -20.33 -26.22
CA ILE B 476 -46.57 -21.02 -27.11
C ILE B 476 -46.90 -22.51 -27.25
N THR B 477 -47.53 -23.11 -26.24
CA THR B 477 -47.95 -24.50 -26.40
C THR B 477 -49.14 -24.52 -27.36
N GLN B 478 -50.01 -23.52 -27.29
CA GLN B 478 -51.16 -23.46 -28.20
C GLN B 478 -50.80 -22.99 -29.60
N ILE B 479 -50.06 -21.89 -29.69
CA ILE B 479 -49.54 -21.42 -30.98
C ILE B 479 -48.65 -22.45 -31.65
N GLY B 480 -47.73 -23.03 -30.89
CA GLY B 480 -46.69 -23.87 -31.46
C GLY B 480 -45.38 -23.13 -31.65
N ALA B 481 -45.19 -22.04 -30.89
CA ALA B 481 -43.95 -21.29 -30.98
C ALA B 481 -42.81 -21.99 -30.27
N TRP B 482 -41.62 -21.41 -30.40
CA TRP B 482 -40.44 -21.91 -29.71
C TRP B 482 -40.16 -20.95 -28.58
N GLY B 483 -40.20 -21.45 -27.36
CA GLY B 483 -39.92 -20.61 -26.21
C GLY B 483 -38.47 -20.71 -25.85
N CYS B 484 -37.94 -19.64 -25.26
CA CYS B 484 -36.58 -19.65 -24.74
C CYS B 484 -36.56 -18.99 -23.37
N PHE B 485 -36.03 -19.70 -22.39
CA PHE B 485 -35.83 -19.12 -21.07
C PHE B 485 -34.39 -18.63 -20.98
N ASP B 486 -34.23 -17.32 -20.99
CA ASP B 486 -32.91 -16.69 -20.93
C ASP B 486 -32.51 -16.58 -19.47
N GLN B 487 -31.37 -17.19 -19.13
CA GLN B 487 -30.86 -17.18 -17.77
C GLN B 487 -31.86 -17.86 -16.85
N PHE B 488 -32.31 -19.04 -17.29
CA PHE B 488 -33.22 -19.87 -16.52
C PHE B 488 -32.68 -20.17 -15.13
N ASN B 489 -31.37 -20.21 -15.03
CA ASN B 489 -30.71 -20.56 -13.78
C ASN B 489 -31.15 -19.68 -12.62
N ARG B 490 -31.43 -18.41 -12.89
CA ARG B 490 -31.91 -17.51 -11.85
C ARG B 490 -33.42 -17.30 -11.95
N LEU B 491 -34.14 -17.94 -11.04
CA LEU B 491 -35.58 -17.79 -10.88
C LEU B 491 -35.92 -18.11 -9.43
N ASP B 492 -37.04 -17.60 -8.95
CA ASP B 492 -37.40 -17.78 -7.55
C ASP B 492 -37.73 -19.25 -7.31
N GLU B 493 -37.60 -19.68 -6.05
CA GLU B 493 -37.81 -21.08 -5.69
C GLU B 493 -39.13 -21.64 -6.20
N LYS B 494 -40.23 -21.00 -5.81
CA LYS B 494 -41.56 -21.53 -6.12
C LYS B 494 -41.83 -21.37 -7.60
N VAL B 495 -41.29 -20.30 -8.18
CA VAL B 495 -41.49 -20.04 -9.59
C VAL B 495 -40.82 -21.14 -10.40
N LEU B 496 -39.54 -21.38 -10.13
CA LEU B 496 -38.83 -22.42 -10.86
C LEU B 496 -39.48 -23.78 -10.66
N SER B 497 -39.94 -24.07 -9.44
CA SER B 497 -40.61 -25.34 -9.17
C SER B 497 -41.82 -25.51 -10.08
N ALA B 498 -42.71 -24.52 -10.08
CA ALA B 498 -43.93 -24.58 -10.88
C ALA B 498 -43.64 -24.52 -12.38
N VAL B 499 -42.76 -23.60 -12.78
CA VAL B 499 -42.41 -23.43 -14.19
C VAL B 499 -41.86 -24.74 -14.72
N SER B 500 -40.94 -25.31 -13.95
CA SER B 500 -40.35 -26.60 -14.27
C SER B 500 -41.40 -27.67 -14.52
N ALA B 501 -42.30 -27.84 -13.55
CA ALA B 501 -43.35 -28.85 -13.64
C ALA B 501 -44.13 -28.70 -14.94
N ASN B 502 -44.47 -27.46 -15.29
CA ASN B 502 -45.18 -27.21 -16.54
C ASN B 502 -44.36 -27.54 -17.78
N ILE B 503 -43.09 -27.18 -17.80
CA ILE B 503 -42.27 -27.46 -18.98
C ILE B 503 -42.18 -28.96 -19.20
N GLN B 504 -42.25 -29.75 -18.14
CA GLN B 504 -42.19 -31.19 -18.32
C GLN B 504 -43.51 -31.69 -18.86
N GLN B 505 -44.61 -31.13 -18.38
CA GLN B 505 -45.91 -31.50 -18.91
C GLN B 505 -45.92 -31.28 -20.41
N ILE B 506 -45.30 -30.18 -20.83
CA ILE B 506 -45.24 -29.87 -22.25
C ILE B 506 -44.32 -30.88 -22.93
N GLN B 507 -43.08 -31.00 -22.45
CA GLN B 507 -42.11 -31.89 -23.07
C GLN B 507 -42.58 -33.34 -23.04
N ASN B 508 -43.14 -33.76 -21.91
CA ASN B 508 -43.73 -35.08 -21.78
C ASN B 508 -44.82 -35.24 -22.83
N GLY B 509 -45.70 -34.25 -22.90
CA GLY B 509 -46.79 -34.23 -23.85
C GLY B 509 -46.32 -34.26 -25.29
N LEU B 510 -45.14 -33.72 -25.56
CA LEU B 510 -44.58 -33.71 -26.90
C LEU B 510 -44.01 -35.07 -27.30
N GLN B 511 -43.32 -35.71 -26.38
CA GLN B 511 -42.69 -37.00 -26.65
C GLN B 511 -43.75 -38.08 -26.87
N VAL B 512 -44.79 -38.02 -26.05
CA VAL B 512 -45.87 -39.01 -26.05
C VAL B 512 -46.76 -38.93 -27.29
N GLY B 513 -47.01 -37.73 -27.77
CA GLY B 513 -47.93 -37.50 -28.86
C GLY B 513 -49.34 -37.10 -28.45
N LYS B 514 -49.48 -36.57 -27.23
CA LYS B 514 -50.78 -36.11 -26.76
C LYS B 514 -51.17 -34.82 -27.48
N SER B 515 -52.45 -34.72 -27.87
CA SER B 515 -52.98 -33.52 -28.50
C SER B 515 -53.28 -32.47 -27.44
N HIS B 516 -53.69 -32.94 -26.26
CA HIS B 516 -53.99 -32.08 -25.13
C HIS B 516 -53.16 -32.53 -23.93
N ILE B 517 -52.74 -31.58 -23.09
CA ILE B 517 -52.06 -31.91 -21.84
C ILE B 517 -52.75 -31.17 -20.70
N THR B 518 -52.29 -31.43 -19.49
CA THR B 518 -52.78 -30.73 -18.30
C THR B 518 -51.57 -30.16 -17.62
N LEU B 519 -51.62 -28.88 -17.27
CA LEU B 519 -50.48 -28.26 -16.62
C LEU B 519 -50.92 -27.36 -15.48
N LEU B 520 -50.66 -27.81 -14.25
CA LEU B 520 -50.68 -26.96 -13.05
C LEU B 520 -51.81 -25.94 -13.04
N GLU B 521 -53.03 -26.45 -12.94
CA GLU B 521 -54.26 -25.67 -12.91
C GLU B 521 -54.60 -24.86 -14.16
N GLU B 522 -54.17 -25.32 -15.34
CA GLU B 522 -54.82 -24.96 -16.58
C GLU B 522 -54.70 -26.13 -17.56
N GLU B 523 -55.81 -26.62 -18.11
CA GLU B 523 -55.72 -27.66 -19.14
C GLU B 523 -55.65 -26.96 -20.50
N THR B 524 -54.68 -27.36 -21.31
CA THR B 524 -54.44 -26.72 -22.61
C THR B 524 -54.24 -27.75 -23.72
N PRO B 525 -54.59 -27.38 -24.96
CA PRO B 525 -54.19 -28.20 -26.12
C PRO B 525 -52.70 -28.03 -26.43
N LEU B 526 -52.14 -28.90 -27.24
CA LEU B 526 -50.70 -28.85 -27.46
C LEU B 526 -50.35 -28.99 -28.93
N SER B 527 -49.70 -27.96 -29.46
CA SER B 527 -49.25 -28.00 -30.84
C SER B 527 -48.02 -28.90 -30.94
N PRO B 528 -48.03 -29.86 -31.87
CA PRO B 528 -46.86 -30.71 -32.12
C PRO B 528 -45.60 -29.90 -32.44
N HIS B 529 -45.79 -28.65 -32.82
CA HIS B 529 -44.70 -27.77 -33.25
C HIS B 529 -44.10 -26.91 -32.13
N THR B 530 -44.54 -27.12 -30.90
CA THR B 530 -43.99 -26.42 -29.75
C THR B 530 -42.60 -26.97 -29.38
N ALA B 531 -41.77 -26.10 -28.82
CA ALA B 531 -40.48 -26.51 -28.30
C ALA B 531 -40.02 -25.53 -27.23
N VAL B 532 -39.24 -26.02 -26.27
CA VAL B 532 -38.72 -25.17 -25.20
C VAL B 532 -37.21 -25.27 -25.14
N PHE B 533 -36.56 -24.12 -25.19
CA PHE B 533 -35.11 -24.03 -25.12
C PHE B 533 -34.73 -23.33 -23.82
N ILE B 534 -33.53 -23.63 -23.31
CA ILE B 534 -33.08 -23.09 -22.03
C ILE B 534 -31.61 -22.71 -22.06
N THR B 535 -31.30 -21.53 -21.53
CA THR B 535 -29.92 -21.13 -21.33
C THR B 535 -29.61 -21.13 -19.85
N LEU B 536 -28.41 -21.57 -19.50
CA LEU B 536 -27.98 -21.58 -18.10
C LEU B 536 -26.63 -20.90 -17.96
N ASN B 537 -26.63 -19.77 -17.28
CA ASN B 537 -25.40 -19.07 -16.96
C ASN B 537 -24.86 -19.63 -15.66
N PRO B 538 -23.54 -19.71 -15.51
CA PRO B 538 -23.00 -20.35 -14.32
C PRO B 538 -23.14 -19.46 -13.10
N GLY B 539 -23.33 -20.08 -11.95
CA GLY B 539 -23.32 -19.36 -10.70
C GLY B 539 -21.93 -19.45 -10.12
N TYR B 540 -21.77 -18.91 -8.92
CA TYR B 540 -20.46 -18.73 -8.34
C TYR B 540 -19.84 -20.08 -7.94
N ASN B 541 -20.69 -21.04 -7.57
CA ASN B 541 -20.20 -22.34 -7.11
C ASN B 541 -19.74 -23.24 -8.25
N GLY B 542 -20.11 -22.87 -9.47
CA GLY B 542 -19.78 -23.65 -10.66
C GLY B 542 -20.91 -23.59 -11.68
N ARG B 543 -20.68 -24.20 -12.83
CA ARG B 543 -21.64 -24.14 -13.94
C ARG B 543 -22.98 -24.79 -13.59
N SER B 544 -24.06 -24.03 -13.77
CA SER B 544 -25.40 -24.46 -13.38
C SER B 544 -25.90 -25.66 -14.17
N GLU B 545 -26.87 -26.36 -13.58
CA GLU B 545 -27.48 -27.54 -14.22
C GLU B 545 -29.00 -27.41 -14.16
N LEU B 546 -29.69 -28.17 -14.99
CA LEU B 546 -31.15 -28.18 -15.00
C LEU B 546 -31.73 -28.81 -13.75
N PRO B 547 -32.87 -28.29 -13.27
CA PRO B 547 -33.54 -28.99 -12.18
C PRO B 547 -33.90 -30.41 -12.59
N GLU B 548 -34.00 -31.30 -11.59
CA GLU B 548 -34.16 -32.73 -11.81
C GLU B 548 -35.34 -33.05 -12.73
N ASN B 549 -36.37 -32.21 -12.69
CA ASN B 549 -37.57 -32.43 -13.48
C ASN B 549 -37.25 -32.45 -14.97
N LEU B 550 -36.44 -31.48 -15.38
CA LEU B 550 -36.12 -31.25 -16.77
C LEU B 550 -34.91 -32.05 -17.29
N LYS B 551 -34.19 -32.72 -16.41
CA LYS B 551 -32.94 -33.40 -16.81
C LYS B 551 -33.16 -34.55 -17.78
N LYS B 552 -34.26 -35.26 -17.62
CA LYS B 552 -34.56 -36.41 -18.47
C LYS B 552 -35.22 -35.96 -19.76
N SER B 553 -35.75 -34.74 -19.74
CA SER B 553 -36.49 -34.20 -20.86
C SER B 553 -35.64 -33.34 -21.82
N PHE B 554 -34.40 -33.04 -21.44
CA PHE B 554 -33.58 -32.13 -22.23
C PHE B 554 -32.22 -32.72 -22.65
N ARG B 555 -31.48 -31.96 -23.45
CA ARG B 555 -30.11 -32.31 -23.84
C ARG B 555 -29.16 -31.14 -23.61
N GLU B 556 -28.24 -31.30 -22.68
CA GLU B 556 -27.33 -30.24 -22.28
C GLU B 556 -26.14 -30.13 -23.23
N PHE B 557 -25.72 -28.90 -23.53
CA PHE B 557 -24.55 -28.65 -24.37
C PHE B 557 -23.81 -27.41 -23.89
N SER B 558 -22.49 -27.37 -24.10
CA SER B 558 -21.65 -26.28 -23.60
C SER B 558 -21.31 -25.27 -24.69
N MET B 559 -21.33 -24.00 -24.33
CA MET B 559 -20.89 -22.93 -25.21
C MET B 559 -19.56 -22.36 -24.73
N LYS B 560 -18.55 -22.44 -25.59
CA LYS B 560 -17.16 -22.11 -25.21
C LYS B 560 -16.75 -20.72 -25.72
N SER B 561 -17.68 -20.05 -26.39
CA SER B 561 -17.45 -18.83 -27.17
C SER B 561 -16.22 -18.79 -28.08
N PRO B 562 -15.87 -19.91 -28.73
CA PRO B 562 -14.63 -19.83 -29.52
C PRO B 562 -14.85 -19.10 -30.82
N GLN B 563 -15.65 -18.04 -30.82
CA GLN B 563 -15.91 -17.33 -32.04
C GLN B 563 -15.79 -15.87 -31.74
N SER B 564 -14.64 -15.32 -32.11
CA SER B 564 -14.35 -13.95 -31.84
C SER B 564 -13.62 -13.36 -33.03
N GLY B 565 -12.53 -14.01 -33.39
CA GLY B 565 -11.74 -13.60 -34.53
C GLY B 565 -12.60 -13.48 -35.76
N THR B 566 -13.30 -14.58 -36.06
CA THR B 566 -14.12 -14.68 -37.25
C THR B 566 -15.32 -13.74 -37.29
N ILE B 567 -15.98 -13.55 -36.15
CA ILE B 567 -17.10 -12.62 -36.08
C ILE B 567 -16.62 -11.25 -36.47
N ALA B 568 -15.55 -10.81 -35.81
CA ALA B 568 -15.03 -9.47 -36.02
C ALA B 568 -14.56 -9.32 -37.46
N GLU B 569 -13.95 -10.37 -38.01
CA GLU B 569 -13.48 -10.32 -39.38
C GLU B 569 -14.62 -10.07 -40.38
N MET B 570 -15.70 -10.84 -40.29
CA MET B 570 -16.78 -10.76 -41.29
C MET B 570 -17.61 -9.49 -41.12
N ILE B 571 -17.73 -9.01 -39.89
CA ILE B 571 -18.46 -7.78 -39.64
C ILE B 571 -17.69 -6.62 -40.26
N LEU B 572 -16.39 -6.59 -40.05
CA LEU B 572 -15.54 -5.56 -40.64
C LEU B 572 -15.59 -5.58 -42.16
N GLN B 573 -15.72 -6.77 -42.73
CA GLN B 573 -15.69 -6.92 -44.18
C GLN B 573 -16.99 -6.39 -44.78
N ILE B 574 -18.09 -6.55 -44.05
CA ILE B 574 -19.37 -6.00 -44.49
C ILE B 574 -19.39 -4.51 -44.19
N MET B 575 -18.61 -4.10 -43.19
CA MET B 575 -18.33 -2.69 -42.96
C MET B 575 -17.33 -2.17 -44.00
N GLY B 576 -16.84 -3.07 -44.85
CA GLY B 576 -16.06 -2.64 -46.00
C GLY B 576 -14.67 -2.15 -45.65
N PHE B 577 -14.13 -2.59 -44.52
CA PHE B 577 -12.79 -2.16 -44.14
C PHE B 577 -11.89 -3.01 -45.01
N GLU B 578 -10.85 -2.39 -45.58
CA GLU B 578 -10.04 -3.10 -46.58
C GLU B 578 -9.24 -4.27 -46.02
N ASP B 579 -8.48 -4.09 -44.93
CA ASP B 579 -7.86 -5.27 -44.32
C ASP B 579 -8.75 -5.71 -43.19
N SER B 580 -9.51 -6.76 -43.49
CA SER B 580 -10.48 -7.31 -42.56
C SER B 580 -9.87 -8.25 -41.53
N LYS B 581 -9.05 -9.19 -42.00
CA LYS B 581 -8.48 -10.20 -41.11
C LYS B 581 -7.49 -9.58 -40.14
N SER B 582 -6.57 -8.76 -40.64
CA SER B 582 -5.53 -8.16 -39.81
C SER B 582 -6.16 -7.42 -38.62
N LEU B 583 -7.05 -6.50 -38.93
CA LEU B 583 -7.73 -5.72 -37.90
C LEU B 583 -8.48 -6.61 -36.93
N ALA B 584 -9.09 -7.68 -37.43
CA ALA B 584 -9.82 -8.58 -36.58
C ALA B 584 -8.88 -9.10 -35.50
N SER B 585 -7.78 -9.71 -35.93
CA SER B 585 -6.79 -10.26 -35.01
C SER B 585 -6.23 -9.16 -34.09
N LYS B 586 -5.89 -8.02 -34.66
CA LYS B 586 -5.35 -6.91 -33.86
C LYS B 586 -6.37 -6.47 -32.82
N ILE B 587 -7.63 -6.41 -33.21
CA ILE B 587 -8.70 -6.04 -32.29
C ILE B 587 -8.85 -7.14 -31.23
N VAL B 588 -8.99 -8.39 -31.67
CA VAL B 588 -9.19 -9.51 -30.74
C VAL B 588 -8.02 -9.62 -29.77
N HIS B 589 -6.81 -9.58 -30.34
CA HIS B 589 -5.58 -9.66 -29.57
C HIS B 589 -5.45 -8.53 -28.56
N PHE B 590 -5.88 -7.34 -28.95
CA PHE B 590 -5.79 -6.16 -28.11
C PHE B 590 -6.76 -6.25 -26.93
N LEU B 591 -7.95 -6.76 -27.18
CA LEU B 591 -8.93 -6.97 -26.12
C LEU B 591 -8.41 -8.04 -25.16
N GLU B 592 -7.78 -9.07 -25.72
CA GLU B 592 -7.19 -10.12 -24.92
C GLU B 592 -6.12 -9.54 -23.99
N LEU B 593 -5.25 -8.71 -24.56
CA LEU B 593 -4.23 -8.00 -23.78
C LEU B 593 -4.87 -7.09 -22.74
N LEU B 594 -5.92 -6.39 -23.13
CA LEU B 594 -6.61 -5.48 -22.23
C LEU B 594 -7.15 -6.29 -21.05
N SER B 595 -7.46 -7.56 -21.30
CA SER B 595 -8.00 -8.43 -20.27
C SER B 595 -6.92 -8.96 -19.32
N SER B 596 -5.73 -9.24 -19.85
CA SER B 596 -4.65 -9.79 -19.03
C SER B 596 -4.01 -8.73 -18.15
N LYS B 597 -3.71 -7.58 -18.74
CA LYS B 597 -2.94 -6.54 -18.05
C LYS B 597 -3.78 -5.73 -17.06
N CYS B 598 -4.98 -5.33 -17.47
CA CYS B 598 -5.79 -4.44 -16.64
C CYS B 598 -6.33 -5.18 -15.42
N SER B 599 -6.49 -4.44 -14.33
CA SER B 599 -6.97 -5.04 -13.08
C SER B 599 -8.37 -5.60 -13.29
N SER B 600 -8.66 -6.69 -12.57
CA SER B 600 -10.00 -7.26 -12.60
C SER B 600 -10.96 -6.30 -11.91
N MET B 601 -12.01 -5.89 -12.63
CA MET B 601 -13.00 -4.99 -12.08
C MET B 601 -14.40 -5.39 -12.52
N ASN B 602 -15.37 -5.22 -11.63
CA ASN B 602 -16.74 -5.69 -11.89
C ASN B 602 -17.38 -5.05 -13.11
N HIS B 603 -17.10 -3.77 -13.34
CA HIS B 603 -17.71 -3.03 -14.44
C HIS B 603 -16.88 -3.07 -15.72
N TYR B 604 -15.79 -3.83 -15.72
CA TYR B 604 -15.02 -4.08 -16.95
C TYR B 604 -15.63 -5.22 -17.72
N HIS B 605 -16.06 -4.93 -18.94
CA HIS B 605 -16.49 -5.96 -19.85
C HIS B 605 -15.64 -5.82 -21.12
N PHE B 606 -14.70 -6.76 -21.30
CA PHE B 606 -13.88 -6.84 -22.50
C PHE B 606 -14.38 -7.94 -23.42
N GLY B 607 -15.55 -8.49 -23.09
CA GLY B 607 -16.08 -9.64 -23.79
C GLY B 607 -16.53 -9.34 -25.19
N LEU B 608 -17.18 -10.32 -25.80
CA LEU B 608 -17.61 -10.22 -27.19
C LEU B 608 -18.65 -9.13 -27.43
N ARG B 609 -19.49 -8.86 -26.44
CA ARG B 609 -20.50 -7.83 -26.60
C ARG B 609 -19.85 -6.45 -26.65
N THR B 610 -18.74 -6.29 -25.95
CA THR B 610 -18.01 -5.03 -26.00
C THR B 610 -17.34 -4.84 -27.34
N LEU B 611 -16.68 -5.88 -27.85
CA LEU B 611 -16.01 -5.77 -29.13
C LEU B 611 -17.04 -5.65 -30.24
N LYS B 612 -18.18 -6.32 -30.07
CA LYS B 612 -19.27 -6.20 -31.04
C LYS B 612 -19.80 -4.75 -31.02
N GLY B 613 -19.73 -4.11 -29.85
CA GLY B 613 -20.12 -2.73 -29.71
C GLY B 613 -19.11 -1.79 -30.37
N VAL B 614 -17.85 -2.18 -30.34
CA VAL B 614 -16.79 -1.41 -30.98
C VAL B 614 -17.02 -1.41 -32.49
N LEU B 615 -17.25 -2.60 -33.05
CA LEU B 615 -17.52 -2.75 -34.47
C LEU B 615 -18.79 -1.99 -34.85
N ARG B 616 -19.72 -1.88 -33.91
CA ARG B 616 -20.97 -1.17 -34.14
C ARG B 616 -20.78 0.34 -34.03
N ASN B 617 -20.04 0.74 -32.99
CA ASN B 617 -19.73 2.14 -32.75
C ASN B 617 -18.68 2.70 -33.71
N CYS B 618 -18.04 1.80 -34.46
CA CYS B 618 -17.08 2.17 -35.49
C CYS B 618 -17.72 2.76 -36.74
N SER B 619 -18.97 2.39 -37.02
CA SER B 619 -19.63 2.76 -38.28
C SER B 619 -19.85 4.27 -38.48
N PRO B 620 -20.35 4.98 -37.46
CA PRO B 620 -20.63 6.41 -37.68
C PRO B 620 -19.37 7.24 -37.99
N LEU B 621 -18.23 6.88 -37.40
CA LEU B 621 -16.99 7.62 -37.60
C LEU B 621 -16.43 7.43 -39.01
N ILE B 622 -16.85 6.37 -39.69
CA ILE B 622 -16.35 6.07 -41.03
C ILE B 622 -16.62 7.25 -41.92
N SER B 623 -17.77 7.87 -41.67
CA SER B 623 -18.28 8.98 -42.46
C SER B 623 -17.37 10.20 -42.37
N GLU B 624 -16.98 10.56 -41.16
CA GLU B 624 -16.13 11.72 -40.94
C GLU B 624 -14.65 11.36 -41.03
N PHE B 625 -14.32 10.06 -40.98
CA PHE B 625 -12.93 9.66 -41.13
C PHE B 625 -12.63 8.70 -42.29
N GLY B 626 -12.95 7.43 -42.09
CA GLY B 626 -12.67 6.43 -43.10
C GLY B 626 -12.81 5.00 -42.61
N GLU B 627 -12.41 4.06 -43.46
CA GLU B 627 -12.51 2.65 -43.16
C GLU B 627 -11.21 2.08 -42.59
N GLY B 628 -10.21 2.93 -42.39
CA GLY B 628 -8.92 2.46 -41.95
C GLY B 628 -8.91 2.00 -40.50
N GLU B 629 -7.75 1.56 -40.03
CA GLU B 629 -7.61 1.13 -38.64
C GLU B 629 -7.77 2.30 -37.68
N LYS B 630 -7.55 3.51 -38.16
CA LYS B 630 -7.63 4.68 -37.30
C LYS B 630 -9.05 4.77 -36.73
N THR B 631 -10.01 4.46 -37.59
CA THR B 631 -11.42 4.44 -37.22
C THR B 631 -11.65 3.48 -36.07
N VAL B 632 -11.06 2.30 -36.20
CA VAL B 632 -11.10 1.29 -35.15
C VAL B 632 -10.48 1.79 -33.86
N VAL B 633 -9.33 2.44 -33.96
CA VAL B 633 -8.68 2.96 -32.78
C VAL B 633 -9.58 3.99 -32.11
N GLU B 634 -10.19 4.85 -32.92
CA GLU B 634 -11.05 5.90 -32.36
C GLU B 634 -12.29 5.33 -31.70
N SER B 635 -12.96 4.40 -32.36
CA SER B 635 -14.14 3.78 -31.78
C SER B 635 -13.74 3.07 -30.49
N LEU B 636 -12.58 2.43 -30.51
CA LEU B 636 -12.10 1.71 -29.33
C LEU B 636 -11.90 2.66 -28.15
N LYS B 637 -11.16 3.74 -28.38
CA LYS B 637 -10.89 4.68 -27.29
C LYS B 637 -12.18 5.42 -26.91
N ARG B 638 -13.21 5.34 -27.76
CA ARG B 638 -14.52 5.94 -27.44
C ARG B 638 -15.33 5.06 -26.50
N VAL B 639 -15.36 3.76 -26.78
CA VAL B 639 -16.14 2.81 -25.99
C VAL B 639 -15.43 2.42 -24.68
N ILE B 640 -14.23 1.86 -24.78
CA ILE B 640 -13.55 1.30 -23.61
C ILE B 640 -13.21 2.35 -22.54
N LEU B 641 -12.55 3.44 -22.94
CA LEU B 641 -11.89 4.34 -21.99
C LEU B 641 -12.74 4.93 -20.86
N PRO B 642 -13.94 5.45 -21.16
CA PRO B 642 -14.75 6.09 -20.12
C PRO B 642 -14.92 5.22 -18.86
N SER B 643 -14.99 3.91 -19.03
CA SER B 643 -15.18 3.00 -17.91
C SER B 643 -13.89 2.84 -17.10
N LEU B 644 -12.75 3.01 -17.77
CA LEU B 644 -11.44 2.75 -17.15
C LEU B 644 -11.00 3.83 -16.17
N GLY B 645 -10.08 3.45 -15.28
CA GLY B 645 -9.58 4.35 -14.25
C GLY B 645 -8.15 4.81 -14.46
N ASP B 646 -7.52 5.25 -13.37
CA ASP B 646 -6.16 5.80 -13.38
C ASP B 646 -5.16 4.93 -14.13
N THR B 647 -4.84 3.77 -13.54
CA THR B 647 -3.82 2.88 -14.07
C THR B 647 -4.19 2.33 -15.44
N ASP B 648 -5.39 1.78 -15.55
CA ASP B 648 -5.81 1.09 -16.76
C ASP B 648 -5.86 2.01 -17.98
N GLU B 649 -6.04 3.31 -17.75
CA GLU B 649 -6.04 4.28 -18.85
C GLU B 649 -4.70 4.23 -19.57
N LEU B 650 -3.61 4.26 -18.80
CA LEU B 650 -2.27 4.21 -19.37
C LEU B 650 -1.91 2.81 -19.84
N VAL B 651 -2.48 1.79 -19.19
CA VAL B 651 -2.35 0.42 -19.69
C VAL B 651 -3.01 0.37 -21.06
N PHE B 652 -4.21 0.91 -21.12
CA PHE B 652 -4.96 0.95 -22.38
C PHE B 652 -4.16 1.63 -23.49
N LYS B 653 -3.60 2.81 -23.24
CA LYS B 653 -2.84 3.50 -24.27
C LYS B 653 -1.49 2.84 -24.61
N ASP B 654 -0.76 2.38 -23.60
CA ASP B 654 0.53 1.75 -23.86
C ASP B 654 0.37 0.52 -24.74
N GLU B 655 -0.57 -0.35 -24.39
CA GLU B 655 -0.83 -1.54 -25.19
C GLU B 655 -1.56 -1.23 -26.51
N LEU B 656 -2.16 -0.05 -26.62
CA LEU B 656 -2.78 0.40 -27.88
C LEU B 656 -1.74 0.79 -28.92
N SER B 657 -0.81 1.65 -28.52
CA SER B 657 0.27 2.10 -29.40
C SER B 657 1.06 0.89 -29.88
N LYS B 658 1.20 -0.09 -29.00
CA LYS B 658 1.96 -1.30 -29.28
C LYS B 658 1.36 -2.11 -30.43
N ILE B 659 0.05 -1.96 -30.64
CA ILE B 659 -0.66 -2.66 -31.71
C ILE B 659 -1.18 -1.55 -32.63
N PHE B 660 -1.95 -1.91 -33.65
CA PHE B 660 -2.60 -0.94 -34.52
C PHE B 660 -1.58 -0.04 -35.23
N ASP B 661 -1.73 1.28 -35.04
CA ASP B 661 -0.95 2.32 -35.72
C ASP B 661 0.37 1.87 -36.34
N ASN B 668 -17.73 16.51 -35.02
CA ASN B 668 -18.21 17.50 -34.06
C ASN B 668 -17.12 17.95 -33.09
N SER B 669 -15.87 17.82 -33.51
CA SER B 669 -14.73 18.03 -32.61
C SER B 669 -14.59 19.48 -32.20
N LYS B 670 -14.33 20.36 -33.17
CA LYS B 670 -14.07 21.77 -32.89
C LYS B 670 -15.32 22.52 -32.44
N ALA B 671 -16.46 22.20 -33.06
CA ALA B 671 -17.70 22.89 -32.77
C ALA B 671 -18.13 22.70 -31.33
N ILE B 672 -18.34 21.45 -30.93
CA ILE B 672 -18.84 21.13 -29.60
C ILE B 672 -17.86 21.57 -28.52
N VAL B 673 -16.57 21.38 -28.76
CA VAL B 673 -15.57 21.69 -27.75
C VAL B 673 -15.48 23.19 -27.48
N GLN B 674 -15.84 24.02 -28.46
CA GLN B 674 -15.90 25.45 -28.23
C GLN B 674 -17.22 25.80 -27.52
N CYS B 675 -18.24 24.96 -27.72
CA CYS B 675 -19.48 25.14 -26.98
C CYS B 675 -19.25 24.81 -25.52
N LEU B 676 -18.53 23.72 -25.27
CA LEU B 676 -18.20 23.31 -23.91
C LEU B 676 -17.39 24.43 -23.27
N LYS B 677 -16.35 24.85 -23.98
CA LYS B 677 -15.47 25.92 -23.53
C LYS B 677 -16.23 27.22 -23.24
N ASP B 678 -17.20 27.56 -24.08
CA ASP B 678 -18.04 28.74 -23.83
C ASP B 678 -18.90 28.55 -22.59
N ALA B 679 -19.40 27.33 -22.41
CA ALA B 679 -20.30 27.02 -21.30
C ALA B 679 -19.59 27.06 -19.95
N GLY B 680 -18.37 26.56 -19.90
CA GLY B 680 -17.57 26.60 -18.69
C GLY B 680 -17.13 28.01 -18.29
N GLN B 681 -16.61 28.76 -19.25
CA GLN B 681 -16.16 30.12 -19.00
C GLN B 681 -17.27 30.94 -18.37
N ARG B 682 -18.51 30.60 -18.74
CA ARG B 682 -19.68 31.28 -18.22
C ARG B 682 -19.99 30.73 -16.83
N SER B 683 -19.66 29.45 -16.61
CA SER B 683 -19.85 28.81 -15.31
C SER B 683 -18.62 29.02 -14.43
N GLY B 684 -17.55 29.54 -15.01
CA GLY B 684 -16.33 29.82 -14.26
C GLY B 684 -15.37 28.65 -14.19
N PHE B 685 -15.64 27.60 -14.97
CA PHE B 685 -14.83 26.38 -14.90
C PHE B 685 -13.59 26.46 -15.78
N SER B 686 -12.45 26.08 -15.22
CA SER B 686 -11.22 25.96 -15.99
C SER B 686 -11.28 24.65 -16.73
N MET B 687 -10.89 24.68 -18.00
CA MET B 687 -10.86 23.50 -18.81
C MET B 687 -9.46 22.88 -18.78
N SER B 688 -9.34 21.74 -18.12
CA SER B 688 -8.06 21.03 -18.05
C SER B 688 -8.01 19.99 -19.15
N GLU B 689 -6.97 19.17 -19.14
CA GLU B 689 -6.97 17.96 -19.96
C GLU B 689 -8.18 17.13 -19.53
N GLU B 690 -8.22 16.85 -18.23
CA GLU B 690 -9.21 15.94 -17.65
C GLU B 690 -10.63 16.44 -17.80
N PHE B 691 -10.89 17.66 -17.33
CA PHE B 691 -12.25 18.20 -17.35
C PHE B 691 -12.80 18.19 -18.77
N LEU B 692 -11.97 18.57 -19.73
CA LEU B 692 -12.39 18.56 -21.13
C LEU B 692 -12.66 17.14 -21.59
N LYS B 693 -11.76 16.24 -21.21
CA LYS B 693 -11.84 14.84 -21.60
C LYS B 693 -13.17 14.27 -21.15
N LYS B 694 -13.50 14.48 -19.88
CA LYS B 694 -14.72 13.92 -19.31
C LYS B 694 -15.97 14.56 -19.89
N CYS B 695 -15.95 15.88 -20.07
CA CYS B 695 -17.05 16.56 -20.75
C CYS B 695 -17.33 15.89 -22.09
N MET B 696 -16.27 15.74 -22.88
CA MET B 696 -16.38 15.13 -24.20
C MET B 696 -16.90 13.70 -24.09
N GLN B 697 -16.39 12.94 -23.12
CA GLN B 697 -16.80 11.55 -22.94
C GLN B 697 -18.30 11.48 -22.67
N PHE B 698 -18.77 12.34 -21.78
CA PHE B 698 -20.20 12.42 -21.50
C PHE B 698 -20.96 12.72 -22.78
N TYR B 699 -20.53 13.76 -23.48
CA TYR B 699 -21.19 14.19 -24.70
C TYR B 699 -21.35 13.11 -25.76
N TYR B 700 -20.34 12.28 -25.95
CA TYR B 700 -20.43 11.21 -26.95
C TYR B 700 -21.20 10.01 -26.40
N MET B 701 -21.22 9.88 -25.09
CA MET B 701 -22.00 8.82 -24.46
C MET B 701 -23.49 9.10 -24.63
N GLN B 702 -23.90 10.35 -24.51
CA GLN B 702 -25.32 10.68 -24.42
C GLN B 702 -26.10 10.32 -25.68
N LYS B 703 -25.42 10.35 -26.82
CA LYS B 703 -26.06 10.01 -28.08
C LYS B 703 -26.38 8.52 -28.09
N THR B 704 -25.42 7.69 -27.68
CA THR B 704 -25.63 6.25 -27.62
C THR B 704 -26.55 5.87 -26.45
N GLN B 705 -26.09 6.14 -25.24
CA GLN B 705 -26.76 5.67 -24.03
C GLN B 705 -27.83 6.64 -23.56
N GLN B 706 -29.02 6.10 -23.31
CA GLN B 706 -30.13 6.91 -22.84
C GLN B 706 -29.93 7.17 -21.36
N ALA B 707 -29.37 6.17 -20.67
CA ALA B 707 -29.05 6.29 -19.26
C ALA B 707 -27.55 6.29 -19.03
N LEU B 708 -27.07 7.25 -18.24
CA LEU B 708 -25.65 7.39 -17.93
C LEU B 708 -25.40 7.35 -16.44
N ILE B 709 -24.27 6.77 -16.07
CA ILE B 709 -23.85 6.69 -14.68
C ILE B 709 -22.52 7.40 -14.51
N LEU B 710 -22.45 8.31 -13.54
CA LEU B 710 -21.23 9.06 -13.27
C LEU B 710 -20.69 8.75 -11.87
N VAL B 711 -19.54 8.07 -11.82
CA VAL B 711 -18.98 7.59 -10.56
C VAL B 711 -17.60 8.20 -10.28
N GLY B 712 -17.41 8.71 -9.05
CA GLY B 712 -16.14 9.33 -8.68
C GLY B 712 -16.12 9.80 -7.24
N LYS B 713 -14.91 10.11 -6.74
CA LYS B 713 -14.75 10.50 -5.34
C LYS B 713 -15.55 11.77 -5.07
N ALA B 714 -15.90 12.06 -3.83
CA ALA B 714 -16.62 13.29 -3.53
C ALA B 714 -15.76 14.50 -3.91
N GLY B 715 -16.32 15.39 -4.72
CA GLY B 715 -15.60 16.57 -5.22
C GLY B 715 -14.87 16.28 -6.52
N CYS B 716 -15.22 15.17 -7.17
CA CYS B 716 -14.55 14.76 -8.40
C CYS B 716 -14.76 15.67 -9.61
N GLY B 717 -15.88 16.39 -9.66
CA GLY B 717 -16.25 17.17 -10.84
C GLY B 717 -17.22 16.49 -11.79
N LYS B 718 -18.00 15.55 -11.28
CA LYS B 718 -19.02 14.86 -12.08
C LYS B 718 -20.17 15.81 -12.43
N THR B 719 -20.66 16.53 -11.43
CA THR B 719 -21.73 17.49 -11.62
C THR B 719 -21.30 18.60 -12.57
N ALA B 720 -20.11 19.15 -12.34
CA ALA B 720 -19.56 20.18 -13.21
C ALA B 720 -19.64 19.69 -14.65
N THR B 721 -19.27 18.43 -14.83
CA THR B 721 -19.30 17.79 -16.12
C THR B 721 -20.70 17.75 -16.76
N TRP B 722 -21.68 17.04 -16.18
CA TRP B 722 -22.96 16.89 -16.89
C TRP B 722 -23.69 18.22 -17.05
N LYS B 723 -23.56 19.12 -16.07
CA LYS B 723 -24.21 20.42 -16.15
C LYS B 723 -23.66 21.23 -17.32
N THR B 724 -22.33 21.25 -17.42
CA THR B 724 -21.65 21.97 -18.49
C THR B 724 -21.92 21.35 -19.85
N VAL B 725 -21.92 20.02 -19.93
CA VAL B 725 -22.18 19.37 -21.20
C VAL B 725 -23.64 19.58 -21.57
N ILE B 726 -24.52 19.57 -20.58
CA ILE B 726 -25.92 19.89 -20.82
C ILE B 726 -26.04 21.32 -21.34
N ASP B 727 -25.44 22.25 -20.62
CA ASP B 727 -25.47 23.67 -20.96
C ASP B 727 -24.96 23.91 -22.39
N ALA B 728 -23.90 23.20 -22.76
CA ALA B 728 -23.27 23.39 -24.05
C ALA B 728 -24.13 22.81 -25.17
N MET B 729 -24.92 21.81 -24.85
CA MET B 729 -25.84 21.25 -25.83
C MET B 729 -26.95 22.24 -26.11
N ALA B 730 -27.42 22.91 -25.06
CA ALA B 730 -28.46 23.92 -25.19
C ALA B 730 -28.02 25.00 -26.18
N ILE B 731 -26.78 25.46 -26.02
CA ILE B 731 -26.14 26.33 -27.00
C ILE B 731 -26.13 25.72 -28.40
N PHE B 732 -25.43 24.59 -28.52
CA PHE B 732 -25.18 23.98 -29.82
C PHE B 732 -26.46 23.54 -30.54
N ASP B 733 -27.22 22.67 -29.89
CA ASP B 733 -28.42 22.07 -30.51
C ASP B 733 -29.63 22.99 -30.50
N GLY B 734 -29.69 23.91 -29.54
CA GLY B 734 -30.85 24.78 -29.41
C GLY B 734 -31.97 24.15 -28.61
N HIS B 735 -31.85 22.85 -28.34
CA HIS B 735 -32.81 22.14 -27.51
C HIS B 735 -32.63 22.51 -26.04
N ALA B 736 -33.68 23.06 -25.44
CA ALA B 736 -33.63 23.49 -24.06
C ALA B 736 -33.61 22.27 -23.15
N ASN B 737 -33.00 22.41 -21.98
CA ASN B 737 -32.85 21.29 -21.07
C ASN B 737 -33.65 21.51 -19.81
N VAL B 738 -34.52 20.55 -19.52
CA VAL B 738 -35.30 20.53 -18.30
C VAL B 738 -34.67 19.53 -17.34
N VAL B 739 -34.16 20.03 -16.22
CA VAL B 739 -33.39 19.22 -15.29
C VAL B 739 -34.07 19.09 -13.93
N TYR B 740 -34.42 17.85 -13.59
CA TYR B 740 -34.93 17.49 -12.27
C TYR B 740 -33.84 16.67 -11.57
N VAL B 741 -33.32 17.17 -10.45
CA VAL B 741 -32.32 16.42 -9.70
C VAL B 741 -32.94 15.90 -8.41
N ILE B 742 -33.12 14.59 -8.36
CA ILE B 742 -33.71 13.90 -7.23
C ILE B 742 -32.60 13.30 -6.40
N ASP B 743 -32.59 13.56 -5.09
CA ASP B 743 -31.67 12.85 -4.22
C ASP B 743 -32.43 11.59 -3.79
N THR B 744 -32.03 10.43 -4.31
CA THR B 744 -32.91 9.26 -4.29
C THR B 744 -33.30 8.79 -2.90
N LYS B 745 -32.31 8.49 -2.07
CA LYS B 745 -32.56 7.73 -0.85
C LYS B 745 -33.05 8.65 0.26
N VAL B 746 -33.17 9.94 -0.03
CA VAL B 746 -33.86 10.87 0.85
C VAL B 746 -35.34 10.52 0.86
N LEU B 747 -35.82 10.11 -0.31
CA LEU B 747 -37.21 9.70 -0.49
C LEU B 747 -37.37 8.20 -0.28
N THR B 748 -38.53 7.83 0.26
CA THR B 748 -38.91 6.43 0.30
C THR B 748 -39.21 5.99 -1.13
N LYS B 749 -39.18 4.69 -1.35
CA LYS B 749 -39.53 4.13 -2.65
C LYS B 749 -40.92 4.60 -3.05
N GLU B 750 -41.82 4.60 -2.08
CA GLU B 750 -43.20 5.03 -2.30
C GLU B 750 -43.29 6.51 -2.70
N SER B 751 -42.65 7.39 -1.96
CA SER B 751 -42.69 8.82 -2.25
C SER B 751 -42.13 9.11 -3.63
N LEU B 752 -41.13 8.32 -4.04
CA LEU B 752 -40.50 8.53 -5.32
C LEU B 752 -41.45 8.12 -6.43
N TYR B 753 -41.80 6.83 -6.48
CA TYR B 753 -42.66 6.33 -7.54
C TYR B 753 -44.15 6.49 -7.27
N GLY B 754 -44.57 6.30 -6.01
CA GLY B 754 -45.97 6.42 -5.64
C GLY B 754 -46.39 5.30 -4.71
N SER B 755 -47.67 5.28 -4.35
CA SER B 755 -48.19 4.29 -3.43
C SER B 755 -49.70 4.25 -3.61
N MET B 756 -50.34 3.18 -3.15
CA MET B 756 -51.78 3.04 -3.29
C MET B 756 -52.41 2.86 -1.92
N LEU B 757 -53.52 3.54 -1.68
CA LEU B 757 -54.22 3.39 -0.41
C LEU B 757 -54.78 1.98 -0.32
N LYS B 758 -54.63 1.39 0.86
CA LYS B 758 -55.05 0.03 1.12
C LYS B 758 -56.55 -0.17 0.78
N ALA B 759 -57.41 0.64 1.37
CA ALA B 759 -58.86 0.43 1.30
C ALA B 759 -59.53 1.00 0.03
N THR B 760 -59.43 2.30 -0.18
CA THR B 760 -60.15 2.97 -1.26
C THR B 760 -59.55 2.70 -2.65
N LEU B 761 -58.40 2.02 -2.67
CA LEU B 761 -57.72 1.64 -3.92
C LEU B 761 -57.51 2.81 -4.88
N GLU B 762 -57.17 3.97 -4.34
CA GLU B 762 -56.79 5.11 -5.15
C GLU B 762 -55.28 5.22 -5.22
N TRP B 763 -54.76 5.47 -6.43
CA TRP B 763 -53.33 5.62 -6.64
C TRP B 763 -52.90 7.06 -6.38
N ARG B 764 -51.71 7.25 -5.83
CA ARG B 764 -51.12 8.57 -5.68
C ARG B 764 -49.68 8.54 -6.17
N ASP B 765 -49.41 9.38 -7.16
CA ASP B 765 -48.13 9.43 -7.85
C ASP B 765 -47.00 9.88 -6.93
N GLY B 766 -45.82 9.28 -7.12
CA GLY B 766 -44.63 9.74 -6.44
C GLY B 766 -43.96 10.84 -7.24
N LEU B 767 -42.74 11.21 -6.84
CA LEU B 767 -42.03 12.31 -7.51
C LEU B 767 -41.60 11.98 -8.94
N PHE B 768 -40.92 10.85 -9.13
CA PHE B 768 -40.49 10.48 -10.48
C PHE B 768 -41.69 10.37 -11.41
N THR B 769 -42.71 9.64 -10.97
CA THR B 769 -43.87 9.39 -11.82
C THR B 769 -44.57 10.67 -12.21
N SER B 770 -44.57 11.65 -11.31
CA SER B 770 -45.25 12.92 -11.56
C SER B 770 -44.49 13.75 -12.60
N ILE B 771 -43.18 13.89 -12.45
CA ILE B 771 -42.39 14.65 -13.41
C ILE B 771 -42.25 13.90 -14.73
N LEU B 772 -42.56 12.60 -14.74
CA LEU B 772 -42.68 11.85 -15.98
C LEU B 772 -44.03 12.16 -16.60
N ARG B 773 -45.05 12.28 -15.75
CA ARG B 773 -46.39 12.60 -16.22
C ARG B 773 -46.43 13.96 -16.94
N ARG B 774 -45.82 14.98 -16.36
CA ARG B 774 -45.80 16.30 -16.98
C ARG B 774 -45.18 16.23 -18.38
N VAL B 775 -44.20 15.37 -18.57
CA VAL B 775 -43.57 15.24 -19.88
C VAL B 775 -44.55 14.59 -20.84
N ASN B 776 -45.25 13.59 -20.35
CA ASN B 776 -46.11 12.76 -21.19
C ASN B 776 -47.56 13.17 -21.07
N ASP B 777 -48.15 12.75 -19.95
CA ASP B 777 -49.59 12.73 -19.75
C ASP B 777 -50.20 14.07 -20.12
N ASP B 778 -49.66 15.13 -19.54
CA ASP B 778 -50.12 16.47 -19.82
C ASP B 778 -48.96 17.34 -20.25
N ILE B 779 -48.95 17.74 -21.52
CA ILE B 779 -47.96 18.70 -21.99
C ILE B 779 -48.69 20.02 -22.24
N THR B 780 -48.50 20.96 -21.32
CA THR B 780 -49.08 22.30 -21.48
C THR B 780 -48.22 23.12 -22.42
N GLY B 781 -46.92 23.09 -22.18
CA GLY B 781 -45.93 23.74 -23.02
C GLY B 781 -45.53 22.78 -24.11
N THR B 782 -44.27 22.88 -24.54
CA THR B 782 -43.70 21.91 -25.46
C THR B 782 -42.51 21.28 -24.74
N PHE B 783 -42.64 20.01 -24.38
CA PHE B 783 -41.50 19.23 -23.91
C PHE B 783 -40.91 18.46 -25.07
N LYS B 784 -41.58 18.52 -26.23
CA LYS B 784 -41.17 17.75 -27.38
C LYS B 784 -39.82 18.24 -27.89
N ASN B 785 -39.65 19.56 -27.91
CA ASN B 785 -38.47 20.15 -28.54
C ASN B 785 -37.30 20.27 -27.59
N SER B 786 -37.46 19.73 -26.38
CA SER B 786 -36.46 19.87 -25.33
C SER B 786 -35.99 18.52 -24.82
N ARG B 787 -34.87 18.51 -24.10
CA ARG B 787 -34.37 17.31 -23.47
C ARG B 787 -34.60 17.40 -21.97
N ILE B 788 -35.18 16.34 -21.41
CA ILE B 788 -35.43 16.26 -19.98
C ILE B 788 -34.40 15.34 -19.37
N TRP B 789 -33.93 15.69 -18.18
CA TRP B 789 -32.94 14.87 -17.49
C TRP B 789 -33.34 14.57 -16.06
N VAL B 790 -33.58 13.30 -15.77
CA VAL B 790 -33.76 12.89 -14.39
C VAL B 790 -32.42 12.40 -13.84
N VAL B 791 -31.86 13.18 -12.93
CA VAL B 791 -30.57 12.88 -12.34
C VAL B 791 -30.73 12.49 -10.88
N PHE B 792 -30.17 11.35 -10.53
CA PHE B 792 -30.28 10.82 -9.18
C PHE B 792 -28.97 11.09 -8.42
N ASP B 793 -29.01 12.00 -7.46
CA ASP B 793 -27.79 12.49 -6.82
C ASP B 793 -27.23 11.49 -5.81
N SER B 794 -28.07 10.63 -5.26
CA SER B 794 -27.65 9.83 -4.12
C SER B 794 -27.08 8.47 -4.51
N ASP B 795 -26.63 7.73 -3.50
CA ASP B 795 -26.14 6.37 -3.67
C ASP B 795 -27.23 5.51 -4.29
N LEU B 796 -26.88 4.68 -5.27
CA LEU B 796 -27.90 3.85 -5.94
C LEU B 796 -27.86 2.40 -5.46
N ASP B 797 -29.03 1.94 -5.04
CA ASP B 797 -29.21 0.60 -4.49
C ASP B 797 -30.15 -0.25 -5.36
N PRO B 798 -30.06 -1.59 -5.24
CA PRO B 798 -30.87 -2.53 -6.03
C PRO B 798 -32.37 -2.23 -6.00
N GLU B 799 -32.88 -1.81 -4.85
CA GLU B 799 -34.31 -1.70 -4.63
C GLU B 799 -34.95 -0.68 -5.56
N TYR B 800 -34.39 0.52 -5.59
CA TYR B 800 -34.95 1.59 -6.41
C TYR B 800 -34.78 1.33 -7.90
N VAL B 801 -33.64 0.76 -8.30
CA VAL B 801 -33.44 0.46 -9.70
C VAL B 801 -34.28 -0.75 -10.09
N GLU B 802 -34.52 -1.64 -9.12
CA GLU B 802 -35.39 -2.81 -9.37
C GLU B 802 -36.76 -2.35 -9.81
N ALA B 803 -37.18 -1.21 -9.27
CA ALA B 803 -38.50 -0.65 -9.57
C ALA B 803 -38.56 -0.08 -10.98
N MET B 804 -37.55 0.72 -11.32
CA MET B 804 -37.53 1.40 -12.62
C MET B 804 -36.70 0.65 -13.65
N ASN B 805 -36.28 -0.58 -13.34
CA ASN B 805 -35.46 -1.33 -14.28
C ASN B 805 -36.17 -1.47 -15.63
N SER B 806 -37.49 -1.39 -15.61
CA SER B 806 -38.31 -1.41 -16.83
C SER B 806 -38.09 -0.17 -17.72
N VAL B 807 -37.54 0.89 -17.14
CA VAL B 807 -37.20 2.11 -17.89
C VAL B 807 -36.01 1.90 -18.79
N LEU B 808 -34.94 1.39 -18.20
CA LEU B 808 -33.71 1.13 -18.93
C LEU B 808 -33.86 -0.01 -19.92
N ASP B 809 -34.90 -0.83 -19.73
CA ASP B 809 -35.13 -1.95 -20.62
C ASP B 809 -35.53 -1.43 -21.99
N ASP B 810 -35.49 -2.33 -22.97
CA ASP B 810 -35.91 -2.01 -24.32
C ASP B 810 -37.43 -1.92 -24.44
N ASN B 811 -38.12 -2.27 -23.36
CA ASN B 811 -39.57 -2.13 -23.28
C ASN B 811 -39.91 -0.65 -23.22
N LYS B 812 -38.91 0.17 -22.88
CA LYS B 812 -38.99 1.64 -22.83
C LYS B 812 -40.21 2.15 -22.09
N ILE B 813 -40.52 1.51 -20.96
CA ILE B 813 -41.74 1.83 -20.21
C ILE B 813 -41.57 1.72 -18.69
N LEU B 814 -42.12 2.70 -17.99
CA LEU B 814 -42.15 2.72 -16.52
C LEU B 814 -43.33 1.92 -15.99
N THR B 815 -43.06 0.92 -15.17
CA THR B 815 -44.10 0.04 -14.66
C THR B 815 -44.56 0.50 -13.27
N LEU B 816 -45.83 0.91 -13.19
CA LEU B 816 -46.45 1.33 -11.93
C LEU B 816 -47.08 0.14 -11.18
N PRO B 817 -47.08 0.16 -9.84
CA PRO B 817 -47.64 -0.96 -9.06
C PRO B 817 -49.12 -1.25 -9.36
N ASN B 818 -49.87 -0.27 -9.82
CA ASN B 818 -51.25 -0.50 -10.28
C ASN B 818 -51.33 -0.76 -11.79
N GLY B 819 -50.21 -0.51 -12.49
CA GLY B 819 -50.03 -0.94 -13.87
C GLY B 819 -50.57 -0.17 -15.07
N GLU B 820 -50.67 1.16 -15.02
CA GLU B 820 -51.10 1.92 -16.21
C GLU B 820 -49.94 2.11 -17.20
N ARG B 821 -48.72 1.75 -16.79
CA ARG B 821 -47.56 1.61 -17.69
C ARG B 821 -47.20 2.82 -18.60
N LEU B 822 -46.62 3.86 -18.01
CA LEU B 822 -46.20 5.07 -18.76
C LEU B 822 -45.04 4.85 -19.75
N PRO B 823 -45.27 5.18 -21.04
CA PRO B 823 -44.20 5.14 -22.04
C PRO B 823 -43.08 6.14 -21.77
N ILE B 824 -41.90 5.91 -22.34
CA ILE B 824 -40.76 6.81 -22.15
C ILE B 824 -40.28 7.44 -23.46
N PRO B 825 -40.37 8.77 -23.56
CA PRO B 825 -39.94 9.47 -24.77
C PRO B 825 -38.42 9.46 -24.90
N PRO B 826 -37.90 9.72 -26.11
CA PRO B 826 -36.45 9.90 -26.27
C PRO B 826 -35.90 11.19 -25.65
N ASN B 827 -36.77 12.15 -25.32
CA ASN B 827 -36.32 13.36 -24.64
C ASN B 827 -35.85 13.04 -23.23
N PHE B 828 -36.28 11.88 -22.74
CA PHE B 828 -36.13 11.55 -21.34
C PHE B 828 -34.83 10.77 -21.13
N ARG B 829 -33.89 11.39 -20.42
CA ARG B 829 -32.60 10.76 -20.14
C ARG B 829 -32.38 10.72 -18.64
N ILE B 830 -31.71 9.68 -18.15
CA ILE B 830 -31.52 9.52 -16.72
C ILE B 830 -30.04 9.42 -16.37
N LEU B 831 -29.63 10.22 -15.39
CA LEU B 831 -28.26 10.20 -14.90
C LEU B 831 -28.27 9.68 -13.47
N PHE B 832 -27.26 8.87 -13.14
CA PHE B 832 -27.00 8.47 -11.76
C PHE B 832 -25.67 9.08 -11.36
N GLU B 833 -25.71 10.02 -10.42
CA GLU B 833 -24.49 10.61 -9.89
C GLU B 833 -24.19 9.98 -8.54
N THR B 834 -23.04 9.34 -8.41
CA THR B 834 -22.72 8.62 -7.18
C THR B 834 -21.23 8.38 -6.97
N ASP B 835 -20.82 8.18 -5.72
CA ASP B 835 -19.42 7.90 -5.39
C ASP B 835 -19.01 6.44 -5.48
N ASN B 836 -19.95 5.55 -5.20
CA ASN B 836 -19.64 4.12 -5.13
C ASN B 836 -20.60 3.30 -5.97
N LEU B 837 -20.07 2.26 -6.59
CA LEU B 837 -20.87 1.31 -7.33
C LEU B 837 -21.13 0.05 -6.52
N ASP B 838 -20.60 0.02 -5.30
CA ASP B 838 -20.48 -1.21 -4.53
C ASP B 838 -21.75 -2.06 -4.45
N HIS B 839 -22.91 -1.44 -4.28
CA HIS B 839 -24.14 -2.21 -4.07
C HIS B 839 -25.03 -2.53 -5.28
N THR B 840 -24.77 -1.92 -6.45
CA THR B 840 -25.63 -2.19 -7.61
C THR B 840 -25.32 -3.48 -8.37
N THR B 841 -26.34 -3.97 -9.07
CA THR B 841 -26.26 -5.19 -9.87
C THR B 841 -25.52 -4.98 -11.20
N PRO B 842 -24.83 -6.03 -11.69
CA PRO B 842 -24.24 -5.96 -13.03
C PRO B 842 -25.29 -5.72 -14.11
N ALA B 843 -26.50 -6.22 -13.89
CA ALA B 843 -27.60 -6.00 -14.83
C ALA B 843 -27.94 -4.51 -14.94
N THR B 844 -27.96 -3.81 -13.81
CA THR B 844 -28.21 -2.38 -13.79
C THR B 844 -27.10 -1.63 -14.55
N ILE B 845 -25.87 -2.12 -14.45
CA ILE B 845 -24.73 -1.46 -15.09
C ILE B 845 -24.71 -1.66 -16.61
N THR B 846 -24.96 -2.89 -17.06
CA THR B 846 -24.95 -3.21 -18.49
C THR B 846 -26.11 -2.57 -19.25
N ARG B 847 -27.17 -2.23 -18.52
CA ARG B 847 -28.30 -1.54 -19.12
C ARG B 847 -27.93 -0.09 -19.41
N CYS B 848 -27.07 0.48 -18.56
CA CYS B 848 -26.62 1.85 -18.73
C CYS B 848 -25.28 1.98 -19.44
N GLY B 849 -24.91 3.22 -19.73
CA GLY B 849 -23.55 3.59 -20.03
C GLY B 849 -22.90 4.01 -18.74
N LEU B 850 -21.60 3.79 -18.62
CA LEU B 850 -20.87 4.11 -17.40
C LEU B 850 -19.77 5.10 -17.66
N LEU B 851 -19.80 6.21 -16.92
CA LEU B 851 -18.69 7.14 -16.97
C LEU B 851 -18.00 7.19 -15.60
N TRP B 852 -16.81 6.61 -15.54
CA TRP B 852 -16.07 6.50 -14.28
C TRP B 852 -15.07 7.64 -14.18
N PHE B 853 -15.05 8.29 -13.01
CA PHE B 853 -14.13 9.37 -12.75
C PHE B 853 -13.03 8.93 -11.79
N SER B 854 -11.83 8.75 -12.30
CA SER B 854 -10.72 8.27 -11.48
C SER B 854 -10.18 9.38 -10.58
N THR B 855 -9.90 10.53 -11.18
CA THR B 855 -9.35 11.67 -10.44
C THR B 855 -10.06 12.99 -10.74
N ASP B 856 -9.75 13.99 -9.92
CA ASP B 856 -10.31 15.33 -10.08
C ASP B 856 -10.14 15.87 -11.48
N VAL B 857 -11.21 16.47 -11.98
CA VAL B 857 -11.21 17.06 -13.31
C VAL B 857 -10.35 18.32 -13.34
N CYS B 858 -9.85 18.73 -12.17
CA CYS B 858 -9.48 20.11 -11.95
C CYS B 858 -8.23 20.23 -11.07
N SER B 859 -7.33 21.16 -11.41
CA SER B 859 -6.13 21.42 -10.60
C SER B 859 -6.47 22.14 -9.31
N ILE B 860 -5.72 21.89 -8.24
CA ILE B 860 -5.99 22.56 -6.96
C ILE B 860 -6.11 24.07 -7.16
N SER B 861 -5.19 24.64 -7.92
CA SER B 861 -5.21 26.07 -8.17
C SER B 861 -6.43 26.48 -8.99
N SER B 862 -6.83 25.64 -9.94
CA SER B 862 -7.95 25.94 -10.81
C SER B 862 -9.25 26.06 -10.02
N LYS B 863 -9.41 25.17 -9.04
CA LYS B 863 -10.60 25.18 -8.20
C LYS B 863 -10.66 26.44 -7.37
N ILE B 864 -9.52 26.80 -6.79
CA ILE B 864 -9.39 28.03 -6.02
C ILE B 864 -9.82 29.24 -6.85
N ASP B 865 -9.26 29.39 -8.04
CA ASP B 865 -9.61 30.50 -8.92
C ASP B 865 -11.10 30.56 -9.23
N HIS B 866 -11.72 29.40 -9.46
CA HIS B 866 -13.15 29.34 -9.75
C HIS B 866 -13.92 29.84 -8.55
N LEU B 867 -13.52 29.36 -7.37
CA LEU B 867 -14.17 29.73 -6.13
C LEU B 867 -14.03 31.23 -5.92
N LEU B 868 -12.82 31.74 -6.16
CA LEU B 868 -12.56 33.17 -6.06
C LEU B 868 -13.43 33.93 -7.06
N ASN B 869 -13.45 33.47 -8.31
CA ASN B 869 -14.34 34.07 -9.30
C ASN B 869 -15.76 34.10 -8.76
N LYS B 870 -16.17 32.99 -8.18
CA LYS B 870 -17.53 32.85 -7.68
C LYS B 870 -17.84 33.77 -6.48
N SER B 871 -16.94 33.88 -5.52
CA SER B 871 -17.18 34.73 -4.35
C SER B 871 -17.22 36.20 -4.72
N TYR B 872 -16.39 36.60 -5.67
CA TYR B 872 -16.37 37.96 -6.18
C TYR B 872 -17.70 38.32 -6.82
N GLU B 873 -18.23 37.41 -7.64
CA GLU B 873 -19.49 37.66 -8.33
C GLU B 873 -20.65 37.76 -7.35
N ALA B 874 -20.53 37.07 -6.23
CA ALA B 874 -21.53 37.16 -5.16
C ALA B 874 -21.53 38.55 -4.55
N LEU B 875 -20.36 39.16 -4.51
CA LEU B 875 -20.20 40.54 -4.05
C LEU B 875 -20.71 41.50 -5.13
N ASP B 876 -20.60 41.08 -6.38
CA ASP B 876 -20.90 41.93 -7.53
C ASP B 876 -22.35 42.40 -7.51
N ASN B 877 -23.22 41.61 -6.87
CA ASN B 877 -24.64 41.96 -6.77
C ASN B 877 -24.91 43.07 -5.75
N LYS B 878 -24.37 42.88 -4.54
CA LYS B 878 -24.60 43.80 -3.41
C LYS B 878 -23.49 44.83 -3.17
N LEU B 879 -22.48 44.87 -4.05
CA LEU B 879 -21.34 45.80 -3.91
C LEU B 879 -21.01 46.55 -5.20
N SER B 880 -20.34 47.68 -5.08
CA SER B 880 -19.98 48.53 -6.22
C SER B 880 -18.85 47.92 -7.05
N MET B 881 -18.71 48.37 -8.30
CA MET B 881 -17.72 47.81 -9.22
C MET B 881 -16.27 48.26 -9.00
N PHE B 882 -16.05 49.47 -8.53
CA PHE B 882 -14.69 49.95 -8.33
C PHE B 882 -14.00 49.23 -7.16
N GLU B 883 -14.71 49.08 -6.03
CA GLU B 883 -14.17 48.34 -4.88
C GLU B 883 -13.92 46.88 -5.22
N LEU B 884 -14.90 46.26 -5.89
CA LEU B 884 -14.81 44.84 -6.24
C LEU B 884 -13.53 44.57 -7.02
N ASP B 885 -13.25 45.41 -8.01
CA ASP B 885 -12.03 45.31 -8.81
C ASP B 885 -10.82 45.43 -7.89
N LYS B 886 -10.79 46.49 -7.10
CA LYS B 886 -9.67 46.75 -6.21
C LYS B 886 -9.46 45.57 -5.29
N LEU B 887 -10.55 45.08 -4.71
CA LEU B 887 -10.49 43.97 -3.76
C LEU B 887 -10.06 42.65 -4.40
N LYS B 888 -10.67 42.30 -5.53
CA LYS B 888 -10.39 41.02 -6.16
C LYS B 888 -8.97 40.99 -6.71
N ASP B 889 -8.47 42.17 -7.09
CA ASP B 889 -7.06 42.31 -7.44
C ASP B 889 -6.17 42.08 -6.23
N LEU B 890 -6.56 42.67 -5.10
CA LEU B 890 -5.80 42.54 -3.87
C LEU B 890 -5.65 41.07 -3.47
N ILE B 891 -6.77 40.35 -3.43
CA ILE B 891 -6.77 38.93 -3.04
C ILE B 891 -5.92 38.06 -3.95
N SER B 892 -6.24 38.05 -5.24
CA SER B 892 -5.57 37.21 -6.22
C SER B 892 -4.05 37.44 -6.22
N ASP B 893 -3.66 38.70 -6.09
CA ASP B 893 -2.26 39.10 -6.15
C ASP B 893 -1.56 39.15 -4.79
N SER B 894 -2.30 38.91 -3.70
CA SER B 894 -1.71 38.85 -2.36
C SER B 894 -1.04 37.51 -2.11
N PHE B 895 -1.53 36.46 -2.76
CA PHE B 895 -0.97 35.13 -2.62
C PHE B 895 -0.79 34.40 -3.95
N ASP B 896 0.29 33.64 -4.04
CA ASP B 896 0.65 32.90 -5.24
C ASP B 896 0.54 31.41 -4.96
N MET B 897 0.35 30.63 -6.01
CA MET B 897 0.14 29.20 -5.85
C MET B 897 1.40 28.42 -5.45
N ALA B 898 2.57 29.02 -5.69
CA ALA B 898 3.84 28.35 -5.40
C ALA B 898 4.05 28.10 -3.90
N SER B 899 3.72 29.09 -3.07
CA SER B 899 3.73 28.89 -1.63
C SER B 899 2.64 27.90 -1.26
N LEU B 900 1.43 28.13 -1.78
CA LEU B 900 0.25 27.35 -1.42
C LEU B 900 0.45 25.85 -1.63
N THR B 901 1.14 25.48 -2.70
CA THR B 901 1.33 24.08 -3.04
C THR B 901 2.03 23.32 -1.91
N ASN B 902 3.01 23.96 -1.30
CA ASN B 902 3.73 23.38 -0.17
C ASN B 902 2.91 23.29 1.12
N ILE B 903 1.98 24.23 1.31
CA ILE B 903 1.13 24.25 2.49
C ILE B 903 0.17 23.08 2.50
N PHE B 904 -0.47 22.88 1.35
CA PHE B 904 -1.42 21.80 1.16
C PHE B 904 -0.71 20.45 1.24
N THR B 905 0.53 20.42 0.76
CA THR B 905 1.34 19.21 0.82
C THR B 905 1.78 18.96 2.25
N CYS B 906 2.10 20.04 2.97
CA CYS B 906 2.49 19.95 4.38
C CYS B 906 1.28 19.67 5.28
N SER B 907 0.11 20.07 4.82
CA SER B 907 -1.14 19.77 5.53
C SER B 907 -1.45 18.28 5.49
N ASN B 908 -1.14 17.64 4.37
CA ASN B 908 -1.40 16.23 4.19
C ASN B 908 -0.63 15.37 5.19
N ASP B 909 0.48 15.90 5.69
CA ASP B 909 1.17 15.21 6.77
C ASP B 909 0.74 15.91 8.05
N LEU B 910 -0.23 15.30 8.71
CA LEU B 910 -0.92 15.88 9.87
C LEU B 910 -2.09 14.95 10.21
N VAL B 911 -2.61 15.06 11.43
CA VAL B 911 -3.70 14.20 11.88
C VAL B 911 -5.03 14.99 11.86
N HIS B 912 -5.90 14.63 10.92
CA HIS B 912 -7.15 15.34 10.68
C HIS B 912 -8.36 14.54 11.17
N ILE B 913 -9.03 15.01 12.22
CA ILE B 913 -10.19 14.28 12.76
C ILE B 913 -11.37 14.38 11.82
N LEU B 914 -11.96 13.24 11.51
CA LEU B 914 -13.04 13.18 10.54
C LEU B 914 -12.51 13.69 9.21
N GLY B 915 -11.56 12.96 8.64
CA GLY B 915 -10.79 13.49 7.55
C GLY B 915 -11.50 13.63 6.22
N VAL B 916 -11.27 14.78 5.61
CA VAL B 916 -11.73 15.11 4.27
C VAL B 916 -10.53 15.60 3.45
N ARG B 917 -10.43 15.17 2.21
CA ARG B 917 -9.25 15.52 1.42
C ARG B 917 -9.22 17.01 1.13
N THR B 918 -8.03 17.51 0.81
CA THR B 918 -7.78 18.94 0.69
C THR B 918 -8.67 19.57 -0.38
N PHE B 919 -8.85 18.86 -1.49
CA PHE B 919 -9.62 19.38 -2.61
C PHE B 919 -10.99 19.87 -2.16
N ASN B 920 -11.58 19.18 -1.19
CA ASN B 920 -12.90 19.52 -0.68
C ASN B 920 -12.86 20.61 0.38
N LYS B 921 -11.71 20.78 1.01
CA LYS B 921 -11.54 21.81 2.03
C LYS B 921 -11.44 23.22 1.43
N LEU B 922 -10.96 23.31 0.18
CA LEU B 922 -10.72 24.59 -0.47
C LEU B 922 -11.90 25.56 -0.37
N GLU B 923 -13.12 25.05 -0.46
CA GLU B 923 -14.30 25.90 -0.45
C GLU B 923 -14.41 26.68 0.85
N THR B 924 -14.17 26.03 1.98
CA THR B 924 -14.14 26.73 3.25
C THR B 924 -13.05 27.80 3.23
N ALA B 925 -11.87 27.44 2.73
CA ALA B 925 -10.72 28.34 2.75
C ALA B 925 -11.03 29.65 2.03
N VAL B 926 -11.39 29.56 0.76
CA VAL B 926 -11.65 30.74 -0.05
C VAL B 926 -12.84 31.55 0.47
N GLN B 927 -13.96 30.90 0.70
CA GLN B 927 -15.17 31.59 1.16
C GLN B 927 -14.90 32.31 2.46
N LEU B 928 -14.10 31.68 3.30
CA LEU B 928 -13.74 32.26 4.56
C LEU B 928 -12.87 33.49 4.30
N ALA B 929 -11.80 33.28 3.55
CA ALA B 929 -10.86 34.35 3.22
C ALA B 929 -11.55 35.56 2.61
N VAL B 930 -12.18 35.36 1.45
CA VAL B 930 -12.87 36.44 0.74
C VAL B 930 -13.80 37.21 1.67
N HIS B 931 -14.71 36.51 2.32
CA HIS B 931 -15.66 37.14 3.22
C HIS B 931 -15.01 37.98 4.32
N LEU B 932 -13.99 37.44 4.95
CA LEU B 932 -13.30 38.17 6.01
C LEU B 932 -12.64 39.42 5.43
N ILE B 933 -11.95 39.28 4.31
CA ILE B 933 -11.35 40.45 3.68
C ILE B 933 -12.42 41.50 3.40
N SER B 934 -13.51 41.10 2.76
CA SER B 934 -14.56 42.05 2.39
C SER B 934 -15.31 42.57 3.62
N SER B 935 -15.22 41.87 4.75
CA SER B 935 -15.81 42.36 5.99
C SER B 935 -15.21 43.71 6.37
N TYR B 936 -13.92 43.85 6.08
CA TYR B 936 -13.14 45.00 6.52
C TYR B 936 -13.05 46.11 5.47
N ARG B 937 -13.81 45.98 4.39
CA ARG B 937 -13.74 46.90 3.25
C ARG B 937 -13.82 48.41 3.56
N GLN B 938 -14.64 48.82 4.53
CA GLN B 938 -14.81 50.24 4.82
C GLN B 938 -13.55 50.86 5.43
N TRP B 939 -12.65 50.00 5.92
CA TRP B 939 -11.42 50.45 6.59
C TRP B 939 -10.21 50.51 5.66
N PHE B 940 -10.39 50.17 4.39
CA PHE B 940 -9.29 50.15 3.42
C PHE B 940 -9.07 51.47 2.71
N GLN B 941 -10.00 52.41 2.88
CA GLN B 941 -9.94 53.68 2.18
C GLN B 941 -8.69 54.46 2.58
N ASN B 942 -8.48 54.55 3.89
CA ASN B 942 -7.37 55.32 4.46
C ASN B 942 -6.13 54.47 4.77
N LEU B 943 -6.18 53.19 4.41
CA LEU B 943 -5.16 52.24 4.86
C LEU B 943 -3.86 52.24 4.03
N ASP B 944 -2.75 52.02 4.73
CA ASP B 944 -1.43 51.94 4.12
C ASP B 944 -1.33 50.69 3.24
N ASP B 945 -0.44 50.71 2.25
CA ASP B 945 -0.30 49.57 1.35
C ASP B 945 0.42 48.42 2.05
N LYS B 946 1.35 48.75 2.94
CA LYS B 946 2.04 47.74 3.73
C LYS B 946 1.04 47.12 4.68
N SER B 947 0.36 48.01 5.39
CA SER B 947 -0.62 47.62 6.40
C SER B 947 -1.71 46.76 5.76
N LEU B 948 -2.08 47.09 4.52
CA LEU B 948 -3.14 46.35 3.83
C LEU B 948 -2.71 44.92 3.52
N LYS B 949 -1.57 44.77 2.86
CA LYS B 949 -1.06 43.46 2.49
C LYS B 949 -0.95 42.60 3.73
N ASP B 950 -0.56 43.23 4.82
CA ASP B 950 -0.45 42.56 6.11
C ASP B 950 -1.82 42.06 6.57
N VAL B 951 -2.87 42.86 6.34
CA VAL B 951 -4.22 42.46 6.72
C VAL B 951 -4.73 41.33 5.83
N ILE B 952 -4.67 41.52 4.52
CA ILE B 952 -5.08 40.48 3.59
C ILE B 952 -4.37 39.19 3.96
N THR B 953 -3.05 39.28 4.04
CA THR B 953 -2.22 38.13 4.33
C THR B 953 -2.57 37.50 5.68
N LEU B 954 -2.92 38.32 6.67
CA LEU B 954 -3.24 37.77 7.97
C LEU B 954 -4.53 36.97 7.90
N LEU B 955 -5.57 37.55 7.32
CA LEU B 955 -6.86 36.89 7.21
C LEU B 955 -6.79 35.63 6.37
N ILE B 956 -5.93 35.64 5.36
CA ILE B 956 -5.81 34.47 4.50
C ILE B 956 -5.08 33.39 5.31
N LYS B 957 -4.06 33.77 6.08
CA LYS B 957 -3.38 32.80 6.94
C LYS B 957 -4.38 32.14 7.89
N ARG B 958 -5.26 32.96 8.48
CA ARG B 958 -6.26 32.46 9.40
C ARG B 958 -7.22 31.47 8.72
N SER B 959 -7.77 31.86 7.57
CA SER B 959 -8.73 31.02 6.87
C SER B 959 -8.07 29.78 6.30
N LEU B 960 -6.79 29.89 5.98
CA LEU B 960 -6.05 28.76 5.44
C LEU B 960 -5.77 27.75 6.55
N LEU B 961 -5.55 28.26 7.76
CA LEU B 961 -5.34 27.40 8.93
C LEU B 961 -6.57 26.53 9.21
N TYR B 962 -7.72 27.19 9.38
CA TYR B 962 -8.95 26.50 9.74
C TYR B 962 -9.43 25.56 8.64
N ALA B 963 -9.40 26.03 7.41
CA ALA B 963 -9.91 25.22 6.31
C ALA B 963 -9.09 23.96 6.16
N LEU B 964 -7.81 24.03 6.50
CA LEU B 964 -6.89 22.91 6.36
C LEU B 964 -6.72 22.15 7.67
N ALA B 965 -6.17 22.85 8.65
CA ALA B 965 -5.85 22.25 9.94
C ALA B 965 -6.92 22.48 11.00
N GLY B 966 -8.03 23.11 10.63
CA GLY B 966 -9.08 23.44 11.59
C GLY B 966 -9.60 22.23 12.34
N ASP B 967 -9.39 21.05 11.77
CA ASP B 967 -9.80 19.78 12.37
C ASP B 967 -8.69 19.06 13.16
N SER B 968 -7.55 19.72 13.36
CA SER B 968 -6.41 19.09 14.03
C SER B 968 -6.43 19.19 15.55
N THR B 969 -5.45 18.57 16.21
CA THR B 969 -5.48 18.36 17.66
C THR B 969 -5.35 19.66 18.42
N GLY B 970 -5.04 20.74 17.72
CA GLY B 970 -4.82 22.02 18.34
C GLY B 970 -3.36 22.17 18.71
N GLU B 971 -2.67 21.05 18.89
CA GLU B 971 -1.21 21.08 18.95
C GLU B 971 -0.74 21.13 17.51
N SER B 972 -1.35 20.30 16.68
CA SER B 972 -1.03 20.26 15.27
C SER B 972 -1.48 21.56 14.61
N GLN B 973 -2.52 22.20 15.16
CA GLN B 973 -2.93 23.51 14.65
C GLN B 973 -1.76 24.47 14.80
N ARG B 974 -1.11 24.45 15.96
CA ARG B 974 0.01 25.35 16.21
C ARG B 974 1.21 25.05 15.31
N ALA B 975 1.52 23.77 15.09
CA ALA B 975 2.62 23.43 14.20
C ALA B 975 2.29 23.87 12.78
N PHE B 976 1.02 23.79 12.42
CA PHE B 976 0.61 24.18 11.07
C PHE B 976 0.64 25.69 10.97
N ILE B 977 0.45 26.39 12.08
CA ILE B 977 0.63 27.83 12.08
C ILE B 977 2.09 28.11 11.76
N GLN B 978 2.99 27.44 12.47
CA GLN B 978 4.42 27.63 12.28
C GLN B 978 4.80 27.35 10.83
N THR B 979 4.15 26.36 10.23
CA THR B 979 4.40 26.00 8.83
C THR B 979 3.78 27.02 7.87
N ILE B 980 2.77 27.76 8.33
CA ILE B 980 2.22 28.84 7.52
C ILE B 980 3.14 30.07 7.58
N ASN B 981 3.58 30.45 8.77
CA ASN B 981 4.48 31.59 8.88
C ASN B 981 5.82 31.37 8.19
N THR B 982 6.38 30.18 8.35
CA THR B 982 7.70 29.86 7.78
C THR B 982 7.65 29.77 6.26
N TYR B 983 6.54 29.26 5.72
CA TYR B 983 6.31 29.30 4.27
C TYR B 983 5.75 30.70 4.04
N PHE B 984 5.15 30.99 2.89
CA PHE B 984 4.61 32.35 2.66
C PHE B 984 5.80 33.28 2.76
N GLY B 985 5.79 34.16 3.76
CA GLY B 985 6.94 35.02 3.98
C GLY B 985 7.13 35.44 5.43
N HIS B 986 8.39 35.62 5.77
CA HIS B 986 8.82 36.14 7.05
C HIS B 986 8.48 37.62 7.13
N ASP B 987 8.51 38.26 5.97
CA ASP B 987 8.20 39.67 5.85
C ASP B 987 6.71 39.91 6.12
N SER B 988 5.88 38.93 5.76
CA SER B 988 4.44 39.01 6.00
C SER B 988 4.09 38.86 7.48
N GLN B 989 2.97 39.45 7.89
CA GLN B 989 2.55 39.40 9.29
C GLN B 989 2.47 37.96 9.74
N GLU B 990 3.15 37.65 10.84
CA GLU B 990 3.16 36.29 11.31
C GLU B 990 1.84 36.00 11.97
N LEU B 991 1.35 34.78 11.73
CA LEU B 991 0.18 34.30 12.43
C LEU B 991 0.63 33.73 13.76
N SER B 992 -0.16 33.96 14.79
CA SER B 992 0.13 33.44 16.11
C SER B 992 -1.07 32.62 16.52
N ASP B 993 -0.90 31.80 17.56
CA ASP B 993 -1.98 30.97 18.04
C ASP B 993 -3.19 31.85 18.23
N TYR B 994 -2.99 32.97 18.94
CA TYR B 994 -4.08 33.86 19.28
C TYR B 994 -4.20 35.13 18.41
N SER B 995 -3.37 35.28 17.39
CA SER B 995 -3.34 36.48 16.53
C SER B 995 -4.70 36.94 15.97
N THR B 996 -5.01 38.23 16.14
CA THR B 996 -6.27 38.81 15.66
C THR B 996 -6.14 40.29 15.28
N ILE B 997 -6.98 40.72 14.34
CA ILE B 997 -7.13 42.13 13.97
C ILE B 997 -8.20 42.81 14.82
N VAL B 998 -7.89 43.99 15.35
CA VAL B 998 -8.83 44.73 16.18
C VAL B 998 -8.91 46.18 15.74
N ILE B 999 -10.11 46.75 15.85
CA ILE B 999 -10.37 48.13 15.45
C ILE B 999 -11.16 48.86 16.54
N ALA B 1000 -10.92 50.17 16.66
CA ALA B 1000 -11.47 50.94 17.77
C ALA B 1000 -12.99 51.04 17.70
N ASN B 1001 -13.61 51.13 18.87
CA ASN B 1001 -15.06 51.16 19.00
C ASN B 1001 -15.71 52.40 18.40
N ASP B 1002 -15.29 53.57 18.89
CA ASP B 1002 -15.92 54.83 18.52
C ASP B 1002 -15.27 55.53 17.33
N LYS B 1003 -14.11 55.04 16.90
CA LYS B 1003 -13.39 55.65 15.78
C LYS B 1003 -12.75 54.58 14.90
N LEU B 1004 -12.42 54.97 13.67
CA LEU B 1004 -11.75 54.08 12.74
C LEU B 1004 -10.26 53.98 13.06
N SER B 1005 -9.75 52.76 13.19
CA SER B 1005 -8.33 52.56 13.43
C SER B 1005 -7.90 51.18 12.93
N PHE B 1006 -6.60 50.90 13.01
CA PHE B 1006 -6.07 49.58 12.70
C PHE B 1006 -4.93 49.19 13.66
N SER B 1007 -5.10 48.07 14.34
CA SER B 1007 -4.05 47.50 15.16
C SER B 1007 -4.27 46.00 15.28
N SER B 1008 -3.22 45.26 15.62
CA SER B 1008 -3.33 43.83 15.83
C SER B 1008 -3.05 43.49 17.29
N PHE B 1009 -4.11 43.16 18.01
CA PHE B 1009 -4.02 42.73 19.40
C PHE B 1009 -4.99 41.57 19.56
N CYS B 1010 -4.84 40.80 20.64
CA CYS B 1010 -5.63 39.58 20.77
C CYS B 1010 -5.75 39.06 22.21
N SER B 1011 -6.67 38.12 22.39
CA SER B 1011 -6.89 37.46 23.69
C SER B 1011 -7.32 38.40 24.79
N GLU B 1012 -8.32 39.24 24.52
CA GLU B 1012 -8.97 40.03 25.56
C GLU B 1012 -10.34 39.44 25.90
N ILE B 1013 -10.55 39.17 27.19
CA ILE B 1013 -11.68 38.37 27.66
C ILE B 1013 -12.57 39.15 28.61
N PRO B 1014 -13.89 38.91 28.57
CA PRO B 1014 -14.76 39.53 29.59
C PRO B 1014 -14.66 38.83 30.94
N SER B 1015 -14.66 39.61 32.02
CA SER B 1015 -14.68 39.01 33.34
C SER B 1015 -16.14 38.79 33.72
N VAL B 1016 -16.44 37.55 34.13
CA VAL B 1016 -17.79 37.17 34.51
C VAL B 1016 -17.80 36.88 36.00
N SER B 1017 -18.85 37.35 36.68
CA SER B 1017 -19.09 36.99 38.08
C SER B 1017 -20.55 36.63 38.27
N LEU B 1018 -20.81 35.39 38.69
CA LEU B 1018 -22.17 34.90 38.82
C LEU B 1018 -22.49 34.43 40.22
N GLU B 1019 -23.74 34.67 40.63
CA GLU B 1019 -24.20 34.30 41.95
C GLU B 1019 -24.36 32.79 42.03
N ALA B 1020 -24.67 32.30 43.22
CA ALA B 1020 -24.83 30.88 43.45
C ALA B 1020 -25.86 30.22 42.52
N HIS B 1021 -27.07 30.77 42.47
CA HIS B 1021 -28.15 30.12 41.71
C HIS B 1021 -27.86 30.06 40.21
N GLU B 1022 -26.85 30.80 39.75
CA GLU B 1022 -26.44 30.73 38.35
C GLU B 1022 -25.34 29.71 38.10
N VAL B 1023 -24.97 28.93 39.12
CA VAL B 1023 -23.83 28.05 38.96
C VAL B 1023 -24.06 26.88 37.99
N MET B 1024 -25.25 26.31 37.99
CA MET B 1024 -25.59 25.25 37.05
C MET B 1024 -26.70 25.78 36.17
N ARG B 1025 -26.68 25.44 34.89
CA ARG B 1025 -27.65 25.98 33.96
C ARG B 1025 -27.41 25.43 32.56
N PRO B 1026 -28.50 25.22 31.78
CA PRO B 1026 -28.26 24.81 30.40
C PRO B 1026 -27.40 25.87 29.71
N ASP B 1027 -27.75 27.13 29.95
CA ASP B 1027 -27.00 28.23 29.40
C ASP B 1027 -26.05 28.80 30.44
N ILE B 1028 -24.77 28.46 30.34
CA ILE B 1028 -23.75 29.14 31.10
C ILE B 1028 -22.41 28.91 30.44
N VAL B 1029 -21.53 29.90 30.51
CA VAL B 1029 -20.16 29.68 30.08
C VAL B 1029 -19.22 30.61 30.83
N ILE B 1030 -18.07 30.08 31.26
CA ILE B 1030 -17.02 30.90 31.81
C ILE B 1030 -16.06 31.15 30.66
N PRO B 1031 -16.05 32.37 30.10
CA PRO B 1031 -15.28 32.60 28.88
C PRO B 1031 -13.76 32.50 29.04
N THR B 1032 -13.13 31.79 28.12
CA THR B 1032 -11.67 31.68 28.03
C THR B 1032 -11.21 32.07 26.63
N ILE B 1033 -9.89 32.06 26.42
CA ILE B 1033 -9.33 32.37 25.10
C ILE B 1033 -9.89 31.43 24.04
N ASP B 1034 -9.93 30.14 24.36
CA ASP B 1034 -10.42 29.15 23.42
C ASP B 1034 -11.91 29.37 23.15
N THR B 1035 -12.65 29.79 24.19
CA THR B 1035 -14.07 30.08 24.04
C THR B 1035 -14.30 31.14 22.96
N ILE B 1036 -13.72 32.32 23.16
CA ILE B 1036 -13.95 33.42 22.24
C ILE B 1036 -13.48 33.05 20.85
N LYS B 1037 -12.28 32.49 20.77
CA LYS B 1037 -11.69 32.14 19.50
C LYS B 1037 -12.64 31.23 18.73
N HIS B 1038 -13.22 30.26 19.44
CA HIS B 1038 -14.17 29.32 18.82
C HIS B 1038 -15.46 30.00 18.37
N GLU B 1039 -15.99 30.88 19.21
CA GLU B 1039 -17.25 31.57 18.89
C GLU B 1039 -17.07 32.42 17.64
N LYS B 1040 -15.91 33.06 17.50
CA LYS B 1040 -15.65 33.94 16.36
C LYS B 1040 -15.58 33.13 15.07
N ILE B 1041 -14.88 32.00 15.10
CA ILE B 1041 -14.76 31.18 13.90
C ILE B 1041 -16.08 30.48 13.56
N PHE B 1042 -16.94 30.23 14.56
CA PHE B 1042 -18.28 29.73 14.28
C PHE B 1042 -19.03 30.74 13.43
N TYR B 1043 -19.11 31.95 13.96
CA TYR B 1043 -19.73 33.08 13.27
C TYR B 1043 -19.18 33.29 11.87
N ASP B 1044 -17.86 33.45 11.79
CA ASP B 1044 -17.19 33.68 10.51
C ASP B 1044 -17.64 32.65 9.47
N LEU B 1045 -17.63 31.39 9.86
CA LEU B 1045 -18.07 30.31 8.97
C LEU B 1045 -19.54 30.47 8.59
N LEU B 1046 -20.36 30.86 9.56
CA LEU B 1046 -21.80 30.99 9.32
C LEU B 1046 -22.12 32.18 8.43
N ASN B 1047 -21.25 33.19 8.47
CA ASN B 1047 -21.40 34.37 7.62
C ASN B 1047 -20.84 34.07 6.24
N SER B 1048 -20.00 33.05 6.17
CA SER B 1048 -19.57 32.51 4.89
C SER B 1048 -20.64 31.53 4.42
N LYS B 1049 -21.67 31.35 5.25
CA LYS B 1049 -22.83 30.54 4.91
C LYS B 1049 -22.46 29.06 4.75
N ARG B 1050 -21.18 28.78 4.95
CA ARG B 1050 -20.66 27.42 4.97
C ARG B 1050 -21.10 26.72 6.26
N GLY B 1051 -21.21 25.40 6.19
CA GLY B 1051 -21.69 24.64 7.33
C GLY B 1051 -20.56 24.28 8.27
N ILE B 1052 -20.94 23.86 9.48
CA ILE B 1052 -19.98 23.49 10.50
C ILE B 1052 -20.29 22.08 10.99
N ILE B 1053 -19.24 21.30 11.24
CA ILE B 1053 -19.40 20.07 12.01
C ILE B 1053 -18.34 20.05 13.10
N LEU B 1054 -18.81 19.93 14.34
CA LEU B 1054 -17.95 19.95 15.51
C LEU B 1054 -17.72 18.54 16.00
N CYS B 1055 -16.49 18.05 15.91
CA CYS B 1055 -16.19 16.70 16.35
C CYS B 1055 -15.11 16.69 17.41
N GLY B 1056 -15.45 16.13 18.55
CA GLY B 1056 -14.50 16.01 19.62
C GLY B 1056 -15.00 15.02 20.65
N PRO B 1057 -14.13 14.64 21.58
CA PRO B 1057 -14.54 13.81 22.72
C PRO B 1057 -15.51 14.54 23.63
N PRO B 1058 -16.13 13.81 24.58
CA PRO B 1058 -17.06 14.36 25.58
C PRO B 1058 -16.50 15.47 26.46
N GLY B 1059 -17.37 16.35 26.94
CA GLY B 1059 -16.98 17.42 27.85
C GLY B 1059 -16.10 18.45 27.19
N SER B 1060 -15.95 18.35 25.87
CA SER B 1060 -15.13 19.28 25.13
C SER B 1060 -15.77 20.66 25.11
N GLY B 1061 -17.10 20.69 25.14
CA GLY B 1061 -17.83 21.95 25.06
C GLY B 1061 -18.50 22.23 23.73
N LYS B 1062 -18.66 21.21 22.89
CA LYS B 1062 -19.28 21.39 21.57
C LYS B 1062 -20.67 21.96 21.68
N THR B 1063 -21.55 21.27 22.40
CA THR B 1063 -22.93 21.73 22.57
C THR B 1063 -23.00 23.00 23.42
N MET B 1064 -22.24 23.04 24.50
CA MET B 1064 -22.25 24.21 25.39
C MET B 1064 -21.79 25.45 24.63
N ILE B 1065 -20.65 25.38 23.95
CA ILE B 1065 -20.12 26.54 23.24
C ILE B 1065 -21.01 26.87 22.04
N MET B 1066 -21.50 25.84 21.35
CA MET B 1066 -22.33 26.07 20.17
C MET B 1066 -23.68 26.69 20.52
N ASN B 1067 -24.30 26.19 21.58
CA ASN B 1067 -25.54 26.77 22.05
C ASN B 1067 -25.29 28.20 22.53
N ASN B 1068 -24.16 28.39 23.17
CA ASN B 1068 -23.81 29.70 23.72
C ASN B 1068 -23.53 30.69 22.61
N ALA B 1069 -22.84 30.25 21.57
CA ALA B 1069 -22.50 31.14 20.47
C ALA B 1069 -23.77 31.65 19.78
N LEU B 1070 -24.76 30.79 19.61
CA LEU B 1070 -25.98 31.18 18.88
C LEU B 1070 -26.97 31.95 19.76
N ARG B 1071 -26.94 31.72 21.07
CA ARG B 1071 -27.76 32.49 22.00
C ARG B 1071 -27.14 33.87 22.25
N ASN B 1072 -25.82 33.96 22.06
CA ASN B 1072 -25.11 35.22 22.29
C ASN B 1072 -25.51 36.31 21.28
N SER B 1073 -25.58 35.95 20.00
CA SER B 1073 -25.91 36.91 18.93
C SER B 1073 -27.41 36.97 18.64
N SER B 1074 -27.88 38.16 18.28
CA SER B 1074 -29.26 38.37 17.82
C SER B 1074 -29.41 37.97 16.35
N LEU B 1075 -28.27 37.94 15.65
CA LEU B 1075 -28.25 37.74 14.21
C LEU B 1075 -28.67 36.33 13.85
N TYR B 1076 -28.36 35.40 14.74
CA TYR B 1076 -28.71 33.99 14.57
C TYR B 1076 -29.64 33.47 15.66
N ASP B 1077 -30.61 32.67 15.24
CA ASP B 1077 -31.45 31.92 16.16
C ASP B 1077 -31.30 30.44 15.80
N VAL B 1078 -31.37 29.57 16.80
CA VAL B 1078 -31.11 28.14 16.62
C VAL B 1078 -32.38 27.30 16.69
N VAL B 1079 -32.41 26.20 15.93
CA VAL B 1079 -33.42 25.16 16.07
C VAL B 1079 -32.77 23.87 16.55
N GLY B 1080 -33.04 23.51 17.81
CA GLY B 1080 -32.47 22.32 18.42
C GLY B 1080 -33.05 21.00 17.92
N ILE B 1081 -32.16 20.08 17.55
CA ILE B 1081 -32.53 18.68 17.29
C ILE B 1081 -31.48 17.74 17.85
N ASN B 1082 -31.92 16.69 18.52
CA ASN B 1082 -31.03 15.60 18.94
C ASN B 1082 -31.27 14.34 18.14
N PHE B 1083 -30.33 14.03 17.25
CA PHE B 1083 -30.46 12.85 16.41
C PHE B 1083 -30.29 11.59 17.25
N SER B 1084 -30.96 10.53 16.80
CA SER B 1084 -30.92 9.21 17.43
C SER B 1084 -30.54 8.23 16.36
N LYS B 1085 -30.21 7.00 16.72
CA LYS B 1085 -29.81 6.02 15.71
C LYS B 1085 -30.95 5.73 14.75
N ASP B 1086 -32.19 6.04 15.15
CA ASP B 1086 -33.28 6.16 14.19
C ASP B 1086 -33.99 7.51 14.31
N THR B 1087 -33.80 8.38 13.33
CA THR B 1087 -34.55 9.63 13.24
C THR B 1087 -34.78 9.92 11.78
N THR B 1088 -35.86 10.64 11.54
CA THR B 1088 -36.36 10.85 10.19
C THR B 1088 -36.24 12.28 9.73
N THR B 1089 -36.22 12.44 8.42
CA THR B 1089 -36.33 13.73 7.79
C THR B 1089 -37.54 14.47 8.32
N GLU B 1090 -38.61 13.74 8.61
CA GLU B 1090 -39.83 14.37 9.08
C GLU B 1090 -39.66 14.90 10.49
N HIS B 1091 -38.66 14.42 11.21
CA HIS B 1091 -38.32 14.97 12.52
C HIS B 1091 -37.68 16.35 12.34
N ILE B 1092 -36.88 16.48 11.29
CA ILE B 1092 -36.19 17.73 10.98
C ILE B 1092 -37.15 18.81 10.50
N LEU B 1093 -38.00 18.44 9.54
CA LEU B 1093 -39.00 19.37 9.02
C LEU B 1093 -39.92 19.88 10.11
N SER B 1094 -40.50 18.95 10.87
CA SER B 1094 -41.41 19.31 11.95
C SER B 1094 -40.70 20.09 13.04
N ALA B 1095 -39.38 19.90 13.18
CA ALA B 1095 -38.61 20.65 14.17
C ALA B 1095 -38.52 22.11 13.76
N LEU B 1096 -38.43 22.34 12.44
CA LEU B 1096 -38.35 23.68 11.88
C LEU B 1096 -39.71 24.39 11.80
N HIS B 1097 -40.78 23.62 11.64
CA HIS B 1097 -42.08 24.18 11.28
C HIS B 1097 -42.65 25.15 12.34
N ARG B 1098 -42.06 25.16 13.53
CA ARG B 1098 -42.42 26.18 14.51
C ARG B 1098 -41.71 27.51 14.25
N HIS B 1099 -40.45 27.45 13.80
CA HIS B 1099 -39.69 28.67 13.55
C HIS B 1099 -39.77 29.15 12.12
N THR B 1100 -40.43 28.39 11.25
CA THR B 1100 -40.49 28.73 9.83
C THR B 1100 -41.90 28.74 9.29
N ASN B 1101 -42.04 29.29 8.10
CA ASN B 1101 -43.32 29.44 7.43
C ASN B 1101 -43.12 29.24 5.94
N TYR B 1102 -44.03 28.51 5.30
CA TYR B 1102 -43.99 28.34 3.86
C TYR B 1102 -44.54 29.60 3.19
N VAL B 1103 -43.94 30.01 2.07
CA VAL B 1103 -44.51 31.08 1.25
C VAL B 1103 -44.54 30.60 -0.19
N THR B 1104 -45.47 31.15 -0.96
CA THR B 1104 -45.54 30.86 -2.38
C THR B 1104 -45.15 32.11 -3.15
N THR B 1105 -44.02 32.04 -3.85
CA THR B 1105 -43.45 33.20 -4.54
C THR B 1105 -43.14 32.86 -6.00
N SER B 1106 -43.83 33.52 -6.93
CA SER B 1106 -43.65 33.25 -8.35
C SER B 1106 -42.20 33.44 -8.80
N LYS B 1107 -41.41 34.15 -8.00
CA LYS B 1107 -39.99 34.33 -8.27
C LYS B 1107 -39.22 33.01 -8.18
N GLY B 1108 -39.30 32.39 -7.01
CA GLY B 1108 -38.62 31.12 -6.75
C GLY B 1108 -39.56 29.94 -6.62
N LEU B 1109 -40.80 30.12 -7.07
CA LEU B 1109 -41.87 29.15 -6.84
C LEU B 1109 -42.09 29.01 -5.33
N THR B 1110 -42.14 27.78 -4.81
CA THR B 1110 -42.32 27.61 -3.37
C THR B 1110 -41.01 27.85 -2.62
N LEU B 1111 -41.09 28.58 -1.51
CA LEU B 1111 -39.93 28.90 -0.67
C LEU B 1111 -40.25 28.59 0.79
N LEU B 1112 -39.24 28.30 1.59
CA LEU B 1112 -39.41 28.02 3.02
C LEU B 1112 -38.42 28.83 3.86
N PRO B 1113 -38.74 30.10 4.14
CA PRO B 1113 -37.84 30.93 4.97
C PRO B 1113 -38.14 30.90 6.46
N LYS B 1114 -37.31 31.62 7.21
CA LYS B 1114 -37.58 31.94 8.61
C LYS B 1114 -38.84 32.80 8.76
N SER B 1115 -39.51 32.68 9.90
CA SER B 1115 -40.77 33.39 10.16
C SER B 1115 -40.58 34.88 10.49
N ASP B 1116 -39.32 35.30 10.61
CA ASP B 1116 -38.96 36.70 10.84
C ASP B 1116 -37.83 37.05 9.88
N ILE B 1117 -37.21 38.20 10.07
CA ILE B 1117 -36.17 38.65 9.18
C ILE B 1117 -34.79 37.97 9.39
N LYS B 1118 -34.33 37.86 10.63
CA LYS B 1118 -32.98 37.36 10.92
C LYS B 1118 -32.82 35.84 10.72
N ASN B 1119 -31.58 35.39 10.45
CA ASN B 1119 -31.28 34.03 9.96
C ASN B 1119 -31.38 32.89 11.00
N LEU B 1120 -31.66 31.67 10.49
CA LEU B 1120 -32.00 30.51 11.33
C LEU B 1120 -31.06 29.31 11.19
N VAL B 1121 -30.53 28.82 12.31
CA VAL B 1121 -29.55 27.73 12.30
C VAL B 1121 -30.06 26.41 12.84
N LEU B 1122 -30.01 25.36 12.02
CA LEU B 1122 -30.38 24.02 12.47
C LEU B 1122 -29.18 23.32 13.09
N PHE B 1123 -29.32 22.94 14.34
CA PHE B 1123 -28.22 22.35 15.12
C PHE B 1123 -28.49 20.88 15.39
N CYS B 1124 -27.77 20.00 14.70
CA CYS B 1124 -27.98 18.57 14.87
C CYS B 1124 -26.89 18.06 15.80
N ASP B 1125 -27.27 17.81 17.05
CA ASP B 1125 -26.31 17.36 18.04
C ASP B 1125 -26.21 15.85 17.96
N GLU B 1126 -25.01 15.33 18.15
CA GLU B 1126 -24.76 13.90 17.97
C GLU B 1126 -25.26 13.49 16.58
N ILE B 1127 -24.81 14.24 15.58
CA ILE B 1127 -25.34 14.20 14.22
C ILE B 1127 -25.05 12.90 13.47
N ASN B 1128 -23.99 12.21 13.87
CA ASN B 1128 -23.56 11.01 13.17
C ASN B 1128 -24.27 9.74 13.64
N LEU B 1129 -25.19 9.88 14.58
CA LEU B 1129 -25.86 8.71 15.17
C LEU B 1129 -26.84 7.92 14.27
N PRO B 1130 -27.62 8.60 13.39
CA PRO B 1130 -28.61 7.89 12.58
C PRO B 1130 -28.10 6.61 11.87
N LYS B 1131 -28.93 5.57 11.81
CA LYS B 1131 -28.47 4.27 11.30
C LYS B 1131 -28.50 4.17 9.77
N LEU B 1132 -28.02 3.04 9.26
CA LEU B 1132 -27.87 2.78 7.82
C LEU B 1132 -28.85 1.74 7.26
N ASP B 1133 -29.22 1.89 6.00
CA ASP B 1133 -29.95 0.84 5.31
C ASP B 1133 -29.04 -0.35 5.16
N LYS B 1134 -29.62 -1.52 4.93
CA LYS B 1134 -28.82 -2.71 4.70
C LYS B 1134 -27.90 -2.47 3.50
N TYR B 1135 -28.31 -1.60 2.58
CA TYR B 1135 -27.49 -1.25 1.43
C TYR B 1135 -26.49 -0.15 1.82
N GLY B 1136 -26.51 0.24 3.08
CA GLY B 1136 -25.42 0.99 3.68
C GLY B 1136 -25.42 2.49 3.58
N SER B 1137 -26.61 3.11 3.55
CA SER B 1137 -26.69 4.57 3.42
C SER B 1137 -27.71 5.17 4.39
N GLN B 1138 -27.32 6.24 5.08
CA GLN B 1138 -28.19 6.88 6.06
C GLN B 1138 -28.89 8.06 5.39
N ASN B 1139 -30.18 7.90 5.17
CA ASN B 1139 -30.96 8.84 4.36
C ASN B 1139 -31.08 10.25 4.95
N VAL B 1140 -31.27 10.33 6.28
CA VAL B 1140 -31.41 11.63 6.95
C VAL B 1140 -30.17 12.50 6.74
N VAL B 1141 -29.02 11.85 6.64
CA VAL B 1141 -27.77 12.55 6.34
C VAL B 1141 -27.74 13.06 4.89
N LEU B 1142 -28.13 12.21 3.94
CA LEU B 1142 -28.23 12.65 2.55
C LEU B 1142 -29.23 13.78 2.39
N PHE B 1143 -30.17 13.88 3.34
CA PHE B 1143 -31.15 14.96 3.30
C PHE B 1143 -30.48 16.24 3.74
N LEU B 1144 -29.63 16.14 4.76
CA LEU B 1144 -28.86 17.28 5.22
C LEU B 1144 -27.93 17.80 4.12
N ARG B 1145 -27.41 16.89 3.31
CA ARG B 1145 -26.57 17.26 2.18
C ARG B 1145 -27.39 18.00 1.14
N GLN B 1146 -28.50 17.40 0.75
CA GLN B 1146 -29.40 18.00 -0.24
C GLN B 1146 -29.78 19.42 0.14
N LEU B 1147 -30.07 19.64 1.42
CA LEU B 1147 -30.34 20.99 1.93
C LEU B 1147 -29.11 21.85 1.67
N MET B 1148 -27.94 21.30 1.96
CA MET B 1148 -26.71 22.07 1.88
C MET B 1148 -26.29 22.37 0.44
N GLU B 1149 -26.20 21.35 -0.40
CA GLU B 1149 -25.72 21.56 -1.77
C GLU B 1149 -26.73 22.33 -2.61
N LYS B 1150 -28.00 21.94 -2.55
CA LYS B 1150 -29.04 22.54 -3.39
C LYS B 1150 -29.90 23.60 -2.71
N GLN B 1151 -29.70 23.84 -1.41
CA GLN B 1151 -30.51 24.82 -0.68
C GLN B 1151 -32.01 24.64 -0.94
N GLY B 1152 -32.46 23.39 -0.94
CA GLY B 1152 -33.86 23.09 -1.16
C GLY B 1152 -34.10 21.59 -1.15
N PHE B 1153 -35.37 21.19 -1.21
CA PHE B 1153 -35.74 19.78 -1.11
C PHE B 1153 -37.12 19.53 -1.73
N TRP B 1154 -37.39 18.28 -2.08
CA TRP B 1154 -38.72 17.91 -2.58
C TRP B 1154 -39.75 17.78 -1.46
N LYS B 1155 -40.92 18.39 -1.68
CA LYS B 1155 -42.01 18.26 -0.73
C LYS B 1155 -42.62 16.89 -1.00
N THR B 1156 -42.58 16.03 0.01
CA THR B 1156 -42.70 14.59 -0.18
C THR B 1156 -44.06 14.14 -0.72
N PRO B 1157 -45.16 14.53 -0.06
CA PRO B 1157 -46.49 14.10 -0.52
C PRO B 1157 -46.94 14.76 -1.83
N GLU B 1158 -46.61 16.03 -1.96
CA GLU B 1158 -47.14 16.91 -3.01
C GLU B 1158 -46.26 17.02 -4.26
N ASN B 1159 -45.05 16.48 -4.18
CA ASN B 1159 -44.14 16.41 -5.32
C ASN B 1159 -43.83 17.76 -5.96
N LYS B 1160 -43.41 18.72 -5.15
CA LYS B 1160 -43.13 20.06 -5.65
C LYS B 1160 -41.90 20.62 -4.92
N TRP B 1161 -41.08 21.37 -5.63
CA TRP B 1161 -39.80 21.81 -5.09
C TRP B 1161 -39.91 23.00 -4.15
N VAL B 1162 -39.36 22.82 -2.95
CA VAL B 1162 -39.23 23.91 -1.99
C VAL B 1162 -37.78 24.39 -1.98
N THR B 1163 -37.60 25.71 -2.01
CA THR B 1163 -36.25 26.29 -1.94
C THR B 1163 -36.12 27.01 -0.61
N ILE B 1164 -35.12 26.62 0.18
CA ILE B 1164 -34.91 27.23 1.49
C ILE B 1164 -34.06 28.49 1.38
N GLU B 1165 -34.33 29.41 2.29
CA GLU B 1165 -33.64 30.69 2.36
C GLU B 1165 -33.23 30.94 3.80
N ARG B 1166 -31.97 31.31 4.01
CA ARG B 1166 -31.50 31.75 5.32
C ARG B 1166 -31.68 30.69 6.41
N ILE B 1167 -31.37 29.44 6.05
CA ILE B 1167 -31.29 28.34 6.99
C ILE B 1167 -29.90 27.72 6.93
N HIS B 1168 -29.19 27.72 8.05
CA HIS B 1168 -27.85 27.13 8.11
C HIS B 1168 -27.88 25.78 8.80
N ILE B 1169 -27.04 24.87 8.33
CA ILE B 1169 -26.92 23.55 8.94
C ILE B 1169 -25.59 23.44 9.67
N VAL B 1170 -25.70 22.98 10.91
CA VAL B 1170 -24.58 22.85 11.81
C VAL B 1170 -24.73 21.52 12.52
N GLY B 1171 -23.63 20.87 12.85
CA GLY B 1171 -23.71 19.61 13.57
C GLY B 1171 -22.56 19.42 14.53
N ALA B 1172 -22.77 18.54 15.51
CA ALA B 1172 -21.76 18.25 16.51
C ALA B 1172 -21.82 16.76 16.81
N CYS B 1173 -20.68 16.16 17.12
CA CYS B 1173 -20.64 14.71 17.25
C CYS B 1173 -19.41 14.15 17.91
N ASN B 1174 -19.38 12.82 17.96
CA ASN B 1174 -18.28 12.07 18.53
C ASN B 1174 -17.56 11.33 17.40
N PRO B 1175 -16.26 11.09 17.54
CA PRO B 1175 -15.49 10.41 16.50
C PRO B 1175 -16.05 9.03 16.12
N PRO B 1176 -16.01 8.64 14.84
CA PRO B 1176 -16.51 7.32 14.44
C PRO B 1176 -15.79 6.18 15.15
N THR B 1177 -14.60 6.47 15.65
CA THR B 1177 -13.79 5.49 16.36
C THR B 1177 -14.58 4.98 17.57
N ASP B 1178 -15.38 5.86 18.14
CA ASP B 1178 -16.22 5.50 19.28
C ASP B 1178 -17.31 4.52 18.84
N PRO B 1179 -17.86 3.72 19.78
CA PRO B 1179 -18.98 2.82 19.51
C PRO B 1179 -20.34 3.52 19.43
N GLY B 1180 -21.18 3.08 18.50
CA GLY B 1180 -22.52 3.62 18.35
C GLY B 1180 -22.54 4.67 17.26
N ARG B 1181 -21.37 5.24 16.98
CA ARG B 1181 -21.25 6.27 15.97
C ARG B 1181 -21.17 5.68 14.58
N ILE B 1182 -21.66 6.43 13.60
CA ILE B 1182 -21.73 5.96 12.22
C ILE B 1182 -20.87 6.83 11.27
N PRO B 1183 -20.32 6.21 10.21
CA PRO B 1183 -19.63 6.93 9.14
C PRO B 1183 -20.55 7.81 8.30
N MET B 1184 -20.07 9.03 8.05
CA MET B 1184 -20.75 10.01 7.20
C MET B 1184 -20.09 10.13 5.83
N SER B 1185 -20.90 10.22 4.78
CA SER B 1185 -20.36 10.32 3.43
C SER B 1185 -19.58 11.61 3.27
N GLU B 1186 -18.42 11.53 2.62
CA GLU B 1186 -17.58 12.72 2.36
C GLU B 1186 -18.43 13.71 1.56
N ARG B 1187 -19.47 13.17 0.92
CA ARG B 1187 -20.44 13.95 0.15
C ARG B 1187 -21.33 14.81 1.02
N PHE B 1188 -21.55 14.42 2.28
CA PHE B 1188 -22.21 15.32 3.23
C PHE B 1188 -21.24 16.33 3.77
N THR B 1189 -20.08 15.84 4.20
CA THR B 1189 -19.15 16.64 4.98
C THR B 1189 -18.35 17.63 4.11
N ARG B 1190 -18.29 17.37 2.80
CA ARG B 1190 -17.58 18.26 1.88
C ARG B 1190 -18.12 19.70 1.94
N HIS B 1191 -19.39 19.82 2.31
CA HIS B 1191 -20.08 21.12 2.36
C HIS B 1191 -19.95 21.74 3.74
N ALA B 1192 -19.35 20.99 4.67
CA ALA B 1192 -19.21 21.46 6.04
C ALA B 1192 -17.74 21.57 6.45
N ALA B 1193 -17.44 22.65 7.16
CA ALA B 1193 -16.13 22.82 7.77
C ALA B 1193 -16.08 22.02 9.06
N ILE B 1194 -15.00 21.29 9.25
CA ILE B 1194 -14.86 20.40 10.40
C ILE B 1194 -13.94 21.02 11.43
N LEU B 1195 -14.41 21.09 12.66
CA LEU B 1195 -13.66 21.67 13.76
C LEU B 1195 -13.45 20.63 14.84
N TYR B 1196 -12.21 20.42 15.27
CA TYR B 1196 -11.96 19.54 16.41
C TYR B 1196 -12.17 20.36 17.67
N LEU B 1197 -12.71 19.73 18.71
CA LEU B 1197 -12.84 20.43 19.98
C LEU B 1197 -12.42 19.52 21.13
N GLY B 1198 -11.35 19.91 21.80
CA GLY B 1198 -10.71 19.11 22.84
C GLY B 1198 -10.68 19.81 24.19
N TYR B 1199 -10.14 19.15 25.20
CA TYR B 1199 -10.10 19.72 26.54
C TYR B 1199 -9.22 20.97 26.57
N PRO B 1200 -9.67 22.00 27.31
CA PRO B 1200 -8.91 23.26 27.44
C PRO B 1200 -7.53 23.16 28.12
N SER B 1201 -6.57 22.47 27.48
CA SER B 1201 -5.22 22.30 28.02
C SER B 1201 -5.23 21.85 29.47
N GLY B 1202 -4.28 22.36 30.25
CA GLY B 1202 -4.33 22.25 31.70
C GLY B 1202 -4.55 23.56 32.45
N LYS B 1203 -4.24 24.69 31.83
CA LYS B 1203 -4.44 25.98 32.50
C LYS B 1203 -5.85 26.55 32.44
N SER B 1204 -6.50 26.43 31.29
CA SER B 1204 -7.83 26.99 31.15
C SER B 1204 -8.75 26.39 32.20
N LEU B 1205 -8.70 25.07 32.32
CA LEU B 1205 -9.56 24.37 33.25
C LEU B 1205 -9.38 24.92 34.66
N SER B 1206 -8.14 25.18 35.03
CA SER B 1206 -7.85 25.77 36.33
C SER B 1206 -8.48 27.16 36.47
N GLN B 1207 -8.45 27.96 35.41
CA GLN B 1207 -9.04 29.29 35.43
C GLN B 1207 -10.54 29.26 35.57
N ILE B 1208 -11.18 28.44 34.74
CA ILE B 1208 -12.62 28.32 34.72
C ILE B 1208 -13.15 27.97 36.09
N TYR B 1209 -12.59 26.92 36.68
CA TYR B 1209 -13.12 26.42 37.91
C TYR B 1209 -12.61 27.23 39.09
N GLU B 1210 -11.56 28.00 38.88
CA GLU B 1210 -11.19 28.98 39.89
C GLU B 1210 -12.30 30.01 39.96
N ILE B 1211 -12.88 30.32 38.80
CA ILE B 1211 -13.95 31.31 38.70
C ILE B 1211 -15.22 30.74 39.31
N TYR B 1212 -15.45 29.44 39.09
CA TYR B 1212 -16.61 28.77 39.67
C TYR B 1212 -16.47 28.82 41.19
N TYR B 1213 -15.33 28.37 41.70
CA TYR B 1213 -15.05 28.40 43.13
C TYR B 1213 -15.16 29.81 43.70
N LYS B 1214 -14.71 30.80 42.93
CA LYS B 1214 -14.77 32.19 43.37
C LYS B 1214 -16.23 32.60 43.56
N ALA B 1215 -17.11 31.99 42.77
CA ALA B 1215 -18.55 32.20 42.85
C ALA B 1215 -19.18 31.33 43.95
N ILE B 1216 -18.65 30.13 44.13
CA ILE B 1216 -19.23 29.16 45.05
C ILE B 1216 -18.93 29.54 46.48
N PHE B 1217 -17.86 30.29 46.65
CA PHE B 1217 -17.31 30.58 47.97
C PHE B 1217 -17.86 31.86 48.61
N LYS B 1218 -18.85 32.47 47.98
CA LYS B 1218 -19.55 33.60 48.59
C LYS B 1218 -20.26 33.13 49.86
N LEU B 1219 -20.49 31.83 49.95
CA LEU B 1219 -21.12 31.21 51.12
C LEU B 1219 -20.13 30.98 52.26
N VAL B 1220 -18.84 31.05 51.96
CA VAL B 1220 -17.80 30.91 52.98
C VAL B 1220 -16.68 31.92 52.72
N PRO B 1221 -16.98 33.22 52.90
CA PRO B 1221 -16.04 34.28 52.54
C PRO B 1221 -14.70 34.20 53.29
N GLU B 1222 -14.65 33.49 54.42
CA GLU B 1222 -13.41 33.37 55.17
C GLU B 1222 -12.32 32.71 54.32
N PHE B 1223 -12.75 31.74 53.50
CA PHE B 1223 -11.84 30.89 52.75
C PHE B 1223 -11.56 31.42 51.35
N ARG B 1224 -12.00 32.64 51.09
CA ARG B 1224 -11.79 33.31 49.81
C ARG B 1224 -10.36 33.17 49.30
N SER B 1225 -9.40 33.20 50.22
CA SER B 1225 -7.98 33.15 49.85
C SER B 1225 -7.66 31.91 49.04
N TYR B 1226 -8.44 30.86 49.25
CA TYR B 1226 -8.12 29.53 48.74
C TYR B 1226 -8.77 29.19 47.38
N THR B 1227 -9.42 30.14 46.72
CA THR B 1227 -10.05 29.87 45.43
C THR B 1227 -9.11 29.19 44.44
N GLU B 1228 -7.93 29.79 44.25
CA GLU B 1228 -6.99 29.29 43.25
C GLU B 1228 -6.52 27.87 43.61
N PRO B 1229 -6.05 27.64 44.85
CA PRO B 1229 -5.51 26.31 45.12
C PRO B 1229 -6.51 25.14 45.02
N PHE B 1230 -7.80 25.37 45.19
CA PHE B 1230 -8.76 24.27 45.01
C PHE B 1230 -8.91 23.94 43.54
N ALA B 1231 -8.96 24.97 42.70
CA ALA B 1231 -9.10 24.76 41.27
C ALA B 1231 -7.90 24.00 40.74
N ARG B 1232 -6.70 24.37 41.16
CA ARG B 1232 -5.50 23.64 40.75
C ARG B 1232 -5.53 22.21 41.29
N ALA B 1233 -5.79 22.07 42.58
CA ALA B 1233 -5.86 20.76 43.22
C ALA B 1233 -6.93 19.89 42.57
N SER B 1234 -8.04 20.50 42.18
CA SER B 1234 -9.12 19.78 41.52
C SER B 1234 -8.70 19.35 40.13
N VAL B 1235 -7.97 20.22 39.44
CA VAL B 1235 -7.47 19.93 38.10
C VAL B 1235 -6.30 18.95 38.15
N HIS B 1236 -5.50 19.04 39.20
CA HIS B 1236 -4.38 18.12 39.38
C HIS B 1236 -4.95 16.71 39.44
N LEU B 1237 -5.89 16.51 40.36
CA LEU B 1237 -6.60 15.26 40.48
C LEU B 1237 -7.18 14.83 39.14
N TYR B 1238 -7.92 15.74 38.52
CA TYR B 1238 -8.55 15.47 37.23
C TYR B 1238 -7.54 14.90 36.25
N ASN B 1239 -6.37 15.54 36.18
CA ASN B 1239 -5.32 15.13 35.26
C ASN B 1239 -4.78 13.76 35.60
N GLU B 1240 -4.36 13.59 36.84
CA GLU B 1240 -3.75 12.34 37.28
C GLU B 1240 -4.74 11.19 37.19
N CYS B 1241 -5.98 11.40 37.64
CA CYS B 1241 -7.01 10.38 37.54
C CYS B 1241 -7.08 9.95 36.08
N LYS B 1242 -7.08 10.94 35.19
CA LYS B 1242 -7.19 10.70 33.77
C LYS B 1242 -5.94 10.00 33.23
N ALA B 1243 -4.80 10.27 33.85
CA ALA B 1243 -3.54 9.69 33.43
C ALA B 1243 -3.41 8.24 33.90
N ARG B 1244 -3.71 8.00 35.17
CA ARG B 1244 -3.55 6.68 35.77
C ARG B 1244 -4.57 5.67 35.23
N TYR B 1245 -5.84 6.03 35.28
CA TYR B 1245 -6.92 5.13 34.86
C TYR B 1245 -7.39 5.43 33.44
N SER B 1246 -7.19 4.46 32.56
CA SER B 1246 -7.52 4.60 31.15
C SER B 1246 -8.35 3.43 30.66
N THR B 1247 -8.93 3.59 29.47
CA THR B 1247 -9.81 2.59 28.88
C THR B 1247 -9.08 1.26 28.68
N GLY B 1248 -7.76 1.27 28.83
CA GLY B 1248 -6.98 0.06 28.74
C GLY B 1248 -7.27 -0.90 29.88
N LEU B 1249 -7.60 -0.37 31.06
CA LEU B 1249 -7.99 -1.21 32.19
C LEU B 1249 -9.47 -1.55 32.11
N GLN B 1250 -10.30 -0.53 32.28
CA GLN B 1250 -11.75 -0.66 32.27
C GLN B 1250 -12.36 0.27 31.22
N SER B 1251 -13.40 -0.19 30.54
CA SER B 1251 -14.03 0.59 29.48
C SER B 1251 -14.56 1.93 29.98
N HIS B 1252 -14.95 1.97 31.25
CA HIS B 1252 -15.63 3.16 31.78
C HIS B 1252 -14.75 4.18 32.47
N TYR B 1253 -13.43 4.05 32.37
CA TYR B 1253 -12.59 5.09 32.95
C TYR B 1253 -12.45 6.17 31.89
N LEU B 1254 -13.18 7.26 32.12
CA LEU B 1254 -13.15 8.40 31.23
C LEU B 1254 -13.33 9.64 32.07
N PHE B 1255 -12.52 10.66 31.82
CA PHE B 1255 -12.63 11.90 32.59
C PHE B 1255 -12.60 13.10 31.68
N SER B 1256 -13.56 13.98 31.88
CA SER B 1256 -13.72 15.16 31.04
C SER B 1256 -13.95 16.36 31.96
N PRO B 1257 -14.10 17.56 31.38
CA PRO B 1257 -14.40 18.69 32.25
C PRO B 1257 -15.72 18.51 33.00
N ARG B 1258 -16.59 17.64 32.51
CA ARG B 1258 -17.83 17.32 33.22
C ARG B 1258 -17.55 16.87 34.64
N GLU B 1259 -16.50 16.09 34.82
CA GLU B 1259 -16.14 15.60 36.14
C GLU B 1259 -15.81 16.75 37.09
N LEU B 1260 -15.14 17.79 36.59
CA LEU B 1260 -14.86 18.97 37.40
C LEU B 1260 -16.12 19.76 37.72
N THR B 1261 -17.04 19.83 36.77
CA THR B 1261 -18.30 20.56 36.97
C THR B 1261 -19.11 19.92 38.10
N ARG B 1262 -19.26 18.59 38.07
CA ARG B 1262 -19.89 17.87 39.18
C ARG B 1262 -19.17 18.18 40.49
N LEU B 1263 -17.85 18.21 40.43
CA LEU B 1263 -17.01 18.44 41.60
C LEU B 1263 -17.28 19.80 42.23
N VAL B 1264 -17.40 20.84 41.42
CA VAL B 1264 -17.71 22.15 41.93
C VAL B 1264 -19.16 22.20 42.41
N ARG B 1265 -20.06 21.71 41.57
CA ARG B 1265 -21.49 21.75 41.85
C ARG B 1265 -21.77 21.02 43.15
N GLY B 1266 -21.17 19.83 43.29
CA GLY B 1266 -21.27 19.05 44.51
C GLY B 1266 -20.81 19.79 45.76
N VAL B 1267 -19.64 20.42 45.69
CA VAL B 1267 -19.11 21.20 46.82
C VAL B 1267 -20.07 22.31 47.19
N TYR B 1268 -20.64 22.96 46.19
CA TYR B 1268 -21.59 24.04 46.43
C TYR B 1268 -22.81 23.52 47.16
N THR B 1269 -23.40 22.45 46.63
CA THR B 1269 -24.61 21.89 47.21
C THR B 1269 -24.34 21.48 48.65
N ALA B 1270 -23.22 20.80 48.88
CA ALA B 1270 -22.88 20.30 50.20
C ALA B 1270 -22.58 21.41 51.20
N ILE B 1271 -21.93 22.48 50.75
CA ILE B 1271 -21.70 23.64 51.60
C ILE B 1271 -23.01 24.36 51.88
N ASN B 1272 -23.75 24.66 50.81
CA ASN B 1272 -24.99 25.41 50.90
C ASN B 1272 -25.99 24.81 51.86
N THR B 1273 -26.15 23.50 51.78
CA THR B 1273 -27.11 22.81 52.63
C THR B 1273 -26.47 22.51 53.99
N GLY B 1274 -25.14 22.61 54.04
CA GLY B 1274 -24.39 22.23 55.22
C GLY B 1274 -24.15 23.38 56.18
N PRO B 1275 -23.69 23.08 57.41
CA PRO B 1275 -23.42 24.09 58.43
C PRO B 1275 -22.12 24.84 58.13
N ARG B 1276 -21.86 25.93 58.83
CA ARG B 1276 -20.64 26.70 58.61
C ARG B 1276 -19.40 25.82 58.78
N GLN B 1277 -18.48 25.96 57.81
CA GLN B 1277 -17.34 25.07 57.65
C GLN B 1277 -16.06 25.70 58.19
N THR B 1278 -15.19 24.87 58.77
CA THR B 1278 -13.80 25.26 59.00
C THR B 1278 -13.03 24.83 57.77
N LEU B 1279 -11.73 25.11 57.74
CA LEU B 1279 -10.95 24.71 56.58
C LEU B 1279 -10.92 23.20 56.46
N ARG B 1280 -10.76 22.55 57.61
CA ARG B 1280 -10.80 21.10 57.70
C ARG B 1280 -12.06 20.58 57.03
N SER B 1281 -13.17 21.24 57.31
CA SER B 1281 -14.47 20.86 56.79
C SER B 1281 -14.50 20.93 55.27
N LEU B 1282 -13.97 22.02 54.70
CA LEU B 1282 -14.01 22.20 53.25
C LEU B 1282 -13.22 21.14 52.49
N ILE B 1283 -11.99 20.87 52.89
CA ILE B 1283 -11.15 19.94 52.14
C ILE B 1283 -11.59 18.49 52.35
N ARG B 1284 -12.22 18.21 53.48
CA ARG B 1284 -12.78 16.89 53.73
C ARG B 1284 -14.05 16.73 52.91
N LEU B 1285 -14.87 17.77 52.89
CA LEU B 1285 -16.00 17.81 51.97
C LEU B 1285 -15.49 17.65 50.54
N TRP B 1286 -14.44 18.39 50.20
CA TRP B 1286 -13.83 18.32 48.88
C TRP B 1286 -13.37 16.88 48.62
N ALA B 1287 -12.66 16.34 49.59
CA ALA B 1287 -12.12 14.99 49.49
C ALA B 1287 -13.24 13.96 49.32
N TYR B 1288 -14.39 14.23 49.91
CA TYR B 1288 -15.57 13.41 49.71
C TYR B 1288 -16.05 13.44 48.27
N GLU B 1289 -16.34 14.63 47.74
CA GLU B 1289 -16.83 14.75 46.38
C GLU B 1289 -15.82 14.15 45.41
N ALA B 1290 -14.53 14.33 45.72
CA ALA B 1290 -13.46 13.78 44.90
C ALA B 1290 -13.61 12.27 44.80
N TRP B 1291 -13.75 11.64 45.97
CA TRP B 1291 -13.95 10.21 46.03
C TRP B 1291 -15.13 9.76 45.18
N ARG B 1292 -16.25 10.45 45.31
CA ARG B 1292 -17.48 10.03 44.63
C ARG B 1292 -17.50 10.32 43.13
N ILE B 1293 -17.00 11.48 42.72
CA ILE B 1293 -17.07 11.83 41.30
C ILE B 1293 -16.08 10.98 40.51
N PHE B 1294 -14.91 10.74 41.10
CA PHE B 1294 -13.79 10.11 40.41
C PHE B 1294 -13.61 8.62 40.72
N ALA B 1295 -13.31 8.32 41.98
CA ALA B 1295 -12.89 6.96 42.35
C ALA B 1295 -14.02 5.94 42.44
N ASP B 1296 -15.25 6.41 42.66
CA ASP B 1296 -16.39 5.52 42.80
C ASP B 1296 -16.59 4.61 41.59
N ARG B 1297 -16.00 4.99 40.46
CA ARG B 1297 -16.13 4.20 39.24
C ARG B 1297 -15.10 3.06 39.19
N LEU B 1298 -14.15 3.08 40.12
CA LEU B 1298 -13.01 2.18 40.06
C LEU B 1298 -13.35 0.78 40.57
N VAL B 1299 -13.01 -0.24 39.78
CA VAL B 1299 -13.17 -1.64 40.17
C VAL B 1299 -12.08 -2.12 41.10
N GLY B 1300 -12.36 -3.23 41.79
CA GLY B 1300 -11.36 -3.86 42.61
C GLY B 1300 -10.99 -2.92 43.72
N VAL B 1301 -9.73 -2.99 44.12
CA VAL B 1301 -9.26 -2.34 45.34
C VAL B 1301 -8.02 -1.49 45.06
N LYS B 1302 -6.98 -2.15 44.57
CA LYS B 1302 -5.67 -1.58 44.34
C LYS B 1302 -5.76 -0.21 43.68
N GLU B 1303 -6.69 -0.07 42.74
CA GLU B 1303 -6.90 1.19 42.06
C GLU B 1303 -7.49 2.20 43.02
N LYS B 1304 -8.37 1.74 43.91
CA LYS B 1304 -8.99 2.62 44.91
C LYS B 1304 -8.01 3.13 45.96
N ASN B 1305 -7.08 2.28 46.39
CA ASN B 1305 -6.06 2.73 47.33
C ASN B 1305 -5.05 3.64 46.66
N SER B 1306 -4.75 3.39 45.39
CA SER B 1306 -3.90 4.29 44.61
C SER B 1306 -4.48 5.70 44.60
N PHE B 1307 -5.80 5.77 44.38
CA PHE B 1307 -6.50 7.06 44.37
C PHE B 1307 -6.41 7.77 45.71
N GLU B 1308 -6.52 6.99 46.79
CA GLU B 1308 -6.41 7.56 48.11
C GLU B 1308 -5.03 8.20 48.22
N GLN B 1309 -4.03 7.46 47.75
CA GLN B 1309 -2.65 7.92 47.77
C GLN B 1309 -2.49 9.21 46.96
N LEU B 1310 -3.11 9.28 45.79
CA LEU B 1310 -3.10 10.49 44.96
C LEU B 1310 -3.79 11.66 45.67
N LEU B 1311 -4.82 11.36 46.45
CA LEU B 1311 -5.56 12.40 47.16
C LEU B 1311 -4.71 13.09 48.22
N TYR B 1312 -4.07 12.28 49.07
CA TYR B 1312 -3.18 12.82 50.10
C TYR B 1312 -2.11 13.68 49.46
N GLU B 1313 -1.53 13.17 48.39
CA GLU B 1313 -0.48 13.89 47.66
C GLU B 1313 -0.97 15.26 47.25
N THR B 1314 -2.17 15.29 46.68
CA THR B 1314 -2.74 16.53 46.18
C THR B 1314 -2.90 17.53 47.30
N VAL B 1315 -3.52 17.09 48.39
CA VAL B 1315 -3.77 17.97 49.53
C VAL B 1315 -2.42 18.45 50.06
N ASP B 1316 -1.45 17.53 50.11
CA ASP B 1316 -0.13 17.84 50.60
C ASP B 1316 0.54 18.89 49.70
N LYS B 1317 0.42 18.68 48.41
CA LYS B 1317 1.04 19.53 47.38
C LYS B 1317 0.36 20.90 47.23
N TYR B 1318 -0.94 20.96 47.49
CA TYR B 1318 -1.74 22.16 47.25
C TYR B 1318 -2.25 22.81 48.54
N LEU B 1319 -2.98 22.07 49.38
CA LEU B 1319 -3.52 22.61 50.64
C LEU B 1319 -2.94 21.90 51.88
N PRO B 1320 -1.73 22.33 52.32
CA PRO B 1320 -1.02 21.66 53.42
C PRO B 1320 -1.54 21.99 54.83
N ASN B 1321 -2.58 21.29 55.27
CA ASN B 1321 -3.04 21.34 56.65
C ASN B 1321 -2.79 20.01 57.38
N GLN B 1322 -2.32 20.09 58.61
CA GLN B 1322 -2.06 18.89 59.41
C GLN B 1322 -3.28 18.56 60.28
N ASP B 1323 -4.35 19.34 60.11
CA ASP B 1323 -5.57 19.15 60.88
C ASP B 1323 -6.41 18.01 60.33
N LEU B 1324 -5.99 17.43 59.20
CA LEU B 1324 -6.72 16.32 58.62
C LEU B 1324 -6.65 15.09 59.51
N GLY B 1325 -7.64 14.22 59.37
CA GLY B 1325 -7.58 12.90 59.95
C GLY B 1325 -7.30 11.93 58.81
N ASN B 1326 -7.72 10.68 58.98
CA ASN B 1326 -7.69 9.75 57.87
C ASN B 1326 -8.65 10.26 56.80
N ILE B 1327 -8.17 10.39 55.56
CA ILE B 1327 -8.99 10.93 54.50
C ILE B 1327 -9.63 9.81 53.68
N SER B 1328 -9.37 8.56 54.08
CA SER B 1328 -9.86 7.43 53.28
C SER B 1328 -11.38 7.39 53.26
N SER B 1329 -11.92 6.83 52.19
CA SER B 1329 -13.37 6.75 51.97
C SER B 1329 -14.09 5.95 53.05
N THR B 1330 -13.40 4.94 53.57
CA THR B 1330 -13.95 4.09 54.62
C THR B 1330 -14.29 4.92 55.84
N SER B 1331 -13.33 5.73 56.27
CA SER B 1331 -13.48 6.52 57.49
C SER B 1331 -13.96 7.93 57.24
N LEU B 1332 -14.27 8.30 56.00
CA LEU B 1332 -14.57 9.70 55.77
C LEU B 1332 -16.05 10.00 55.93
N LEU B 1333 -16.36 10.55 57.12
CA LEU B 1333 -17.53 11.39 57.37
C LEU B 1333 -18.69 10.96 56.51
N PHE B 1334 -19.21 9.77 56.78
CA PHE B 1334 -20.37 9.26 56.07
C PHE B 1334 -21.40 10.38 56.07
N SER B 1335 -21.95 10.70 54.90
CA SER B 1335 -22.78 11.89 54.84
C SER B 1335 -24.24 11.60 55.16
N GLY B 1336 -24.65 12.08 56.32
CA GLY B 1336 -25.99 11.91 56.85
C GLY B 1336 -27.04 12.80 56.22
N LEU B 1337 -28.20 12.25 55.88
CA LEU B 1337 -29.36 13.10 55.67
C LEU B 1337 -30.27 13.06 56.89
N LEU B 1338 -30.09 12.07 57.76
CA LEU B 1338 -30.85 12.03 59.01
C LEU B 1338 -30.54 13.33 59.71
N SER B 1339 -29.27 13.72 59.58
CA SER B 1339 -28.81 15.03 59.99
C SER B 1339 -29.36 16.10 59.05
N LEU B 1340 -29.87 17.16 59.63
CA LEU B 1340 -30.60 18.16 58.88
C LEU B 1340 -29.73 18.92 57.89
N ASP B 1341 -28.47 19.13 58.26
CA ASP B 1341 -27.50 19.75 57.39
C ASP B 1341 -26.51 18.68 56.97
N PHE B 1342 -25.98 18.78 55.75
CA PHE B 1342 -25.06 17.76 55.25
C PHE B 1342 -23.85 17.81 56.19
N LYS B 1343 -23.52 16.69 56.84
CA LYS B 1343 -22.31 16.64 57.66
C LYS B 1343 -21.75 15.23 57.82
N GLU B 1344 -20.71 15.12 58.64
CA GLU B 1344 -20.27 13.82 59.15
C GLU B 1344 -21.29 13.26 60.11
N VAL B 1345 -21.23 11.96 60.36
CA VAL B 1345 -22.16 11.32 61.28
C VAL B 1345 -21.44 10.38 62.24
N ASN B 1346 -22.24 9.78 63.10
CA ASN B 1346 -21.75 8.85 64.11
C ASN B 1346 -21.66 7.41 63.59
N LYS B 1347 -22.30 7.17 62.45
CA LYS B 1347 -22.25 5.88 61.74
C LYS B 1347 -23.06 4.79 62.41
N THR B 1348 -23.26 4.91 63.72
CA THR B 1348 -24.05 3.94 64.46
C THR B 1348 -25.51 4.32 64.33
N ASP B 1349 -25.77 5.63 64.43
CA ASP B 1349 -27.10 6.17 64.23
C ASP B 1349 -27.54 5.89 62.79
N LEU B 1350 -26.62 6.05 61.85
CA LEU B 1350 -26.91 5.78 60.44
C LEU B 1350 -27.45 4.39 60.20
N VAL B 1351 -26.65 3.40 60.60
CA VAL B 1351 -27.00 2.02 60.32
C VAL B 1351 -28.37 1.73 60.93
N ASN B 1352 -28.61 2.24 62.14
CA ASN B 1352 -29.92 2.05 62.78
C ASN B 1352 -31.02 2.69 61.97
N PHE B 1353 -30.83 3.96 61.60
CA PHE B 1353 -31.81 4.66 60.80
C PHE B 1353 -32.09 3.91 59.51
N ILE B 1354 -31.03 3.43 58.85
CA ILE B 1354 -31.20 2.69 57.62
C ILE B 1354 -32.01 1.41 57.82
N GLU B 1355 -31.67 0.61 58.82
CA GLU B 1355 -32.34 -0.68 58.99
C GLU B 1355 -33.82 -0.53 59.33
N GLU B 1356 -34.17 0.44 60.18
CA GLU B 1356 -35.56 0.62 60.54
C GLU B 1356 -36.38 1.11 59.35
N ARG B 1357 -35.77 1.95 58.52
CA ARG B 1357 -36.47 2.50 57.37
C ARG B 1357 -36.49 1.53 56.20
N PHE B 1358 -35.58 0.55 56.19
CA PHE B 1358 -35.65 -0.49 55.17
C PHE B 1358 -36.70 -1.54 55.51
N LYS B 1359 -36.81 -1.90 56.79
CA LYS B 1359 -37.87 -2.78 57.23
C LYS B 1359 -39.20 -2.10 56.90
N THR B 1360 -39.29 -0.82 57.24
CA THR B 1360 -40.47 -0.01 56.96
C THR B 1360 -40.75 0.00 55.44
N PHE B 1361 -39.73 0.29 54.63
CA PHE B 1361 -39.90 0.38 53.18
C PHE B 1361 -40.33 -0.96 52.57
N CYS B 1362 -39.82 -2.04 53.14
CA CYS B 1362 -40.16 -3.38 52.64
C CYS B 1362 -41.62 -3.71 52.94
N ASP B 1363 -42.08 -3.30 54.12
CA ASP B 1363 -43.46 -3.57 54.53
C ASP B 1363 -44.44 -2.67 53.79
N GLU B 1364 -44.16 -1.37 53.83
CA GLU B 1364 -45.05 -0.34 53.32
C GLU B 1364 -45.11 -0.37 51.79
N GLU B 1365 -43.95 -0.43 51.15
CA GLU B 1365 -43.86 -0.57 49.70
C GLU B 1365 -43.67 -2.02 49.27
N LEU B 1366 -43.45 -2.21 47.97
CA LEU B 1366 -43.55 -3.52 47.32
C LEU B 1366 -42.77 -4.60 48.07
N GLU B 1367 -43.36 -5.79 48.18
CA GLU B 1367 -42.81 -6.79 49.10
C GLU B 1367 -41.99 -7.90 48.44
N VAL B 1368 -40.66 -7.75 48.57
CA VAL B 1368 -39.70 -8.83 48.43
C VAL B 1368 -38.93 -8.88 49.75
N PRO B 1369 -39.07 -9.95 50.56
CA PRO B 1369 -38.25 -9.98 51.78
C PRO B 1369 -36.75 -9.87 51.47
N MET B 1370 -36.03 -9.03 52.20
CA MET B 1370 -34.60 -8.82 51.97
C MET B 1370 -33.77 -8.79 53.25
N VAL B 1371 -32.47 -8.66 53.08
CA VAL B 1371 -31.51 -8.64 54.18
C VAL B 1371 -30.70 -7.37 54.09
N ILE B 1372 -30.14 -6.94 55.21
CA ILE B 1372 -29.31 -5.74 55.24
C ILE B 1372 -27.87 -6.21 55.31
N HIS B 1373 -26.95 -5.41 54.75
CA HIS B 1373 -25.53 -5.71 54.89
C HIS B 1373 -24.76 -4.40 54.70
N GLU B 1374 -23.50 -4.36 55.13
CA GLU B 1374 -22.73 -3.12 55.07
C GLU B 1374 -22.61 -2.63 53.64
N SER B 1375 -22.45 -3.54 52.69
CA SER B 1375 -22.31 -3.17 51.27
C SER B 1375 -23.44 -2.22 50.87
N MET B 1376 -24.66 -2.59 51.24
CA MET B 1376 -25.83 -1.75 50.99
C MET B 1376 -25.69 -0.34 51.56
N VAL B 1377 -25.21 -0.23 52.79
CA VAL B 1377 -25.15 1.05 53.48
C VAL B 1377 -24.27 2.03 52.71
N ASP B 1378 -23.13 1.55 52.23
CA ASP B 1378 -22.24 2.42 51.46
C ASP B 1378 -23.00 3.00 50.29
N HIS B 1379 -23.66 2.11 49.56
CA HIS B 1379 -24.31 2.44 48.32
C HIS B 1379 -25.62 3.22 48.49
N ILE B 1380 -26.26 3.04 49.63
CA ILE B 1380 -27.43 3.84 49.97
C ILE B 1380 -26.97 5.29 50.08
N LEU B 1381 -25.95 5.51 50.90
CA LEU B 1381 -25.32 6.82 51.03
C LEU B 1381 -24.88 7.39 49.69
N ARG B 1382 -24.32 6.52 48.85
CA ARG B 1382 -23.85 6.94 47.54
C ARG B 1382 -25.02 7.33 46.64
N ILE B 1383 -26.05 6.49 46.61
CA ILE B 1383 -27.23 6.77 45.80
C ILE B 1383 -27.98 8.00 46.32
N ASP B 1384 -27.94 8.22 47.63
CA ASP B 1384 -28.68 9.33 48.19
C ASP B 1384 -28.03 10.64 47.76
N ARG B 1385 -26.72 10.76 47.98
CA ARG B 1385 -25.99 11.96 47.60
C ARG B 1385 -26.14 12.23 46.10
N ALA B 1386 -26.18 11.17 45.30
CA ALA B 1386 -26.33 11.30 43.86
C ALA B 1386 -27.65 11.96 43.48
N LEU B 1387 -28.74 11.53 44.11
CA LEU B 1387 -30.06 12.10 43.83
C LEU B 1387 -30.23 13.46 44.49
N LYS B 1388 -29.34 13.77 45.42
CA LYS B 1388 -29.35 15.06 46.10
C LYS B 1388 -28.66 16.18 45.35
N GLN B 1389 -27.65 15.85 44.57
CA GLN B 1389 -26.89 16.90 43.89
C GLN B 1389 -27.70 17.33 42.67
N VAL B 1390 -27.76 18.64 42.47
CA VAL B 1390 -28.80 19.26 41.66
C VAL B 1390 -29.03 18.57 40.32
N GLN B 1391 -28.07 18.65 39.40
CA GLN B 1391 -28.18 17.96 38.12
C GLN B 1391 -27.25 16.76 38.08
N GLY B 1392 -27.83 15.57 38.12
CA GLY B 1392 -27.03 14.38 38.26
C GLY B 1392 -27.81 13.12 37.99
N HIS B 1393 -27.06 12.10 37.59
CA HIS B 1393 -27.64 10.84 37.17
C HIS B 1393 -26.58 9.84 37.54
N MET B 1394 -26.96 8.57 37.57
CA MET B 1394 -26.08 7.55 38.10
C MET B 1394 -26.24 6.29 37.30
N MET B 1395 -25.17 5.51 37.16
CA MET B 1395 -25.33 4.17 36.62
C MET B 1395 -24.59 3.19 37.50
N LEU B 1396 -25.32 2.17 37.92
CA LEU B 1396 -24.83 1.20 38.87
C LEU B 1396 -24.46 -0.06 38.10
N ILE B 1397 -23.17 -0.42 38.06
CA ILE B 1397 -22.79 -1.65 37.38
C ILE B 1397 -22.60 -2.77 38.40
N GLY B 1398 -23.61 -3.61 38.56
CA GLY B 1398 -23.65 -4.52 39.68
C GLY B 1398 -23.58 -6.02 39.43
N ALA B 1399 -23.22 -6.45 38.24
CA ALA B 1399 -23.55 -7.82 37.82
C ALA B 1399 -25.06 -7.93 38.00
N SER B 1400 -25.56 -9.02 38.58
CA SER B 1400 -27.01 -9.23 38.61
C SER B 1400 -27.55 -9.62 39.97
N ARG B 1401 -28.82 -9.29 40.22
CA ARG B 1401 -29.50 -9.64 41.47
C ARG B 1401 -28.88 -8.94 42.70
N THR B 1402 -27.86 -8.12 42.45
CA THR B 1402 -27.06 -7.46 43.48
C THR B 1402 -27.86 -6.57 44.43
N GLY B 1403 -29.10 -6.26 44.07
CA GLY B 1403 -29.95 -5.39 44.87
C GLY B 1403 -29.77 -3.91 44.61
N LYS B 1404 -29.48 -3.56 43.36
CA LYS B 1404 -29.33 -2.15 42.95
C LYS B 1404 -30.62 -1.41 42.56
N THR B 1405 -31.55 -2.06 41.86
CA THR B 1405 -32.80 -1.37 41.49
C THR B 1405 -33.59 -1.11 42.76
N ILE B 1406 -33.74 -2.13 43.58
CA ILE B 1406 -34.51 -2.00 44.81
C ILE B 1406 -33.85 -1.03 45.80
N LEU B 1407 -32.53 -0.85 45.70
CA LEU B 1407 -31.86 0.11 46.58
C LEU B 1407 -32.19 1.53 46.15
N THR B 1408 -32.14 1.78 44.85
CA THR B 1408 -32.51 3.08 44.31
C THR B 1408 -33.95 3.43 44.65
N ARG B 1409 -34.85 2.47 44.45
CA ARG B 1409 -36.27 2.66 44.75
C ARG B 1409 -36.44 2.99 46.23
N PHE B 1410 -35.57 2.42 47.06
CA PHE B 1410 -35.56 2.70 48.49
C PHE B 1410 -35.11 4.13 48.75
N VAL B 1411 -34.01 4.53 48.10
CA VAL B 1411 -33.48 5.88 48.29
C VAL B 1411 -34.49 6.89 47.79
N ALA B 1412 -35.13 6.59 46.68
CA ALA B 1412 -36.19 7.44 46.15
C ALA B 1412 -37.31 7.58 47.16
N TRP B 1413 -37.62 6.46 47.83
CA TRP B 1413 -38.69 6.41 48.82
C TRP B 1413 -38.32 7.26 50.04
N LEU B 1414 -37.04 7.24 50.39
CA LEU B 1414 -36.53 7.99 51.53
C LEU B 1414 -36.63 9.50 51.29
N ASN B 1415 -36.21 9.93 50.11
CA ASN B 1415 -36.19 11.35 49.75
C ASN B 1415 -37.46 11.83 49.06
N GLY B 1416 -38.45 10.96 48.95
CA GLY B 1416 -39.76 11.33 48.43
C GLY B 1416 -39.75 11.78 46.99
N LEU B 1417 -39.00 11.07 46.16
CA LEU B 1417 -38.96 11.31 44.73
C LEU B 1417 -39.93 10.37 44.04
N LYS B 1418 -40.55 10.85 42.98
CA LYS B 1418 -41.49 10.05 42.22
C LYS B 1418 -40.71 9.08 41.34
N ILE B 1419 -40.94 7.77 41.50
CA ILE B 1419 -40.24 6.78 40.69
C ILE B 1419 -41.01 6.59 39.39
N VAL B 1420 -40.25 6.57 38.30
CA VAL B 1420 -40.80 6.35 36.98
C VAL B 1420 -39.96 5.29 36.30
N GLN B 1421 -40.58 4.15 35.97
CA GLN B 1421 -39.90 3.08 35.25
C GLN B 1421 -40.53 2.96 33.87
N PRO B 1422 -39.76 3.27 32.80
CA PRO B 1422 -40.36 3.17 31.47
C PRO B 1422 -40.90 1.80 31.14
N LYS B 1423 -42.16 1.74 30.74
CA LYS B 1423 -42.78 0.48 30.37
C LYS B 1423 -42.70 0.34 28.86
N ILE B 1424 -41.95 -0.68 28.43
CA ILE B 1424 -41.60 -0.87 27.03
C ILE B 1424 -41.59 -2.35 26.67
N HIS B 1425 -41.37 -2.65 25.39
CA HIS B 1425 -41.26 -4.03 24.93
C HIS B 1425 -40.70 -4.09 23.52
N ARG B 1426 -40.72 -5.30 22.95
CA ARG B 1426 -40.18 -5.55 21.63
C ARG B 1426 -40.92 -4.71 20.58
N HIS B 1427 -42.21 -4.47 20.82
CA HIS B 1427 -43.05 -3.71 19.87
C HIS B 1427 -43.08 -2.21 20.17
N SER B 1428 -42.41 -1.78 21.24
CA SER B 1428 -42.45 -0.38 21.65
C SER B 1428 -41.75 0.52 20.65
N ASN B 1429 -42.36 1.68 20.38
CA ASN B 1429 -41.84 2.61 19.39
C ASN B 1429 -41.13 3.79 20.05
N LEU B 1430 -40.57 4.68 19.24
CA LEU B 1430 -39.90 5.89 19.72
C LEU B 1430 -40.95 6.90 20.18
N SER B 1431 -42.08 6.96 19.47
CA SER B 1431 -43.23 7.77 19.88
C SER B 1431 -43.63 7.49 21.33
N ASP B 1432 -43.55 6.23 21.74
CA ASP B 1432 -43.89 5.86 23.11
C ASP B 1432 -42.87 6.35 24.13
N PHE B 1433 -41.58 6.14 23.88
CA PHE B 1433 -40.55 6.58 24.82
C PHE B 1433 -40.57 8.11 24.91
N ASP B 1434 -40.95 8.76 23.81
CA ASP B 1434 -41.13 10.20 23.81
C ASP B 1434 -42.17 10.57 24.85
N MET B 1435 -43.33 9.92 24.80
CA MET B 1435 -44.41 10.20 25.73
C MET B 1435 -44.00 9.95 27.17
N ILE B 1436 -43.17 8.95 27.41
CA ILE B 1436 -42.63 8.72 28.74
C ILE B 1436 -41.80 9.92 29.17
N LEU B 1437 -40.83 10.31 28.33
CA LEU B 1437 -39.97 11.46 28.62
C LEU B 1437 -40.77 12.76 28.71
N LYS B 1438 -41.69 12.94 27.77
CA LYS B 1438 -42.49 14.15 27.70
C LYS B 1438 -43.27 14.33 29.00
N LYS B 1439 -44.04 13.31 29.36
CA LYS B 1439 -44.86 13.35 30.57
C LYS B 1439 -44.03 13.53 31.81
N ALA B 1440 -42.88 12.86 31.84
CA ALA B 1440 -42.00 12.92 32.99
C ALA B 1440 -41.47 14.34 33.17
N ILE B 1441 -41.06 14.97 32.07
CA ILE B 1441 -40.51 16.32 32.10
C ILE B 1441 -41.56 17.35 32.48
N SER B 1442 -42.76 17.20 31.94
CA SER B 1442 -43.85 18.11 32.26
C SER B 1442 -44.08 18.10 33.76
N ASP B 1443 -44.10 16.92 34.36
CA ASP B 1443 -44.31 16.79 35.79
C ASP B 1443 -43.10 17.32 36.58
N CYS B 1444 -41.90 17.13 36.05
CA CYS B 1444 -40.67 17.56 36.73
C CYS B 1444 -40.54 19.06 36.87
N SER B 1445 -41.17 19.78 35.95
CA SER B 1445 -41.10 21.23 35.91
C SER B 1445 -42.42 21.84 36.38
N LEU B 1446 -43.49 21.58 35.65
CA LEU B 1446 -44.78 22.21 35.92
C LEU B 1446 -45.32 21.91 37.32
N LYS B 1447 -45.32 20.64 37.71
CA LYS B 1447 -45.82 20.26 39.04
C LYS B 1447 -44.69 20.05 40.07
N GLU B 1448 -43.45 20.18 39.61
CA GLU B 1448 -42.27 20.04 40.48
C GLU B 1448 -42.28 18.73 41.27
N SER B 1449 -42.56 17.63 40.58
CA SER B 1449 -42.69 16.33 41.22
C SER B 1449 -41.35 15.76 41.70
N ARG B 1450 -40.26 16.23 41.08
CA ARG B 1450 -38.91 15.78 41.44
C ARG B 1450 -38.77 14.26 41.29
N THR B 1451 -38.77 13.79 40.04
CA THR B 1451 -38.85 12.36 39.75
C THR B 1451 -37.48 11.71 39.53
N CYS B 1452 -37.40 10.44 39.91
CA CYS B 1452 -36.25 9.59 39.63
C CYS B 1452 -36.62 8.53 38.59
N LEU B 1453 -36.02 8.65 37.41
CA LEU B 1453 -36.31 7.76 36.28
C LEU B 1453 -35.34 6.59 36.26
N ILE B 1454 -35.84 5.38 36.53
CA ILE B 1454 -34.98 4.21 36.65
C ILE B 1454 -34.95 3.38 35.36
N ILE B 1455 -33.79 3.34 34.72
CA ILE B 1455 -33.57 2.52 33.54
C ILE B 1455 -32.82 1.23 33.89
N ASP B 1456 -33.38 0.10 33.46
CA ASP B 1456 -32.66 -1.17 33.51
C ASP B 1456 -32.11 -1.46 32.11
N GLU B 1457 -31.28 -2.49 31.93
CA GLU B 1457 -30.76 -2.79 30.59
C GLU B 1457 -31.61 -3.78 29.82
N SER B 1458 -32.58 -4.41 30.48
CA SER B 1458 -33.59 -5.19 29.79
C SER B 1458 -34.50 -4.23 29.03
N ASN B 1459 -34.80 -3.11 29.69
CA ASN B 1459 -35.76 -2.15 29.19
C ASN B 1459 -35.49 -1.61 27.79
N ILE B 1460 -34.22 -1.60 27.36
CA ILE B 1460 -33.90 -1.09 26.03
C ILE B 1460 -33.87 -2.24 25.03
N LEU B 1461 -34.86 -2.23 24.14
CA LEU B 1461 -34.95 -3.15 23.01
C LEU B 1461 -34.43 -2.51 21.72
N GLU B 1462 -34.07 -1.23 21.81
CA GLU B 1462 -33.41 -0.53 20.73
C GLU B 1462 -32.58 0.59 21.33
N THR B 1463 -31.62 1.09 20.57
CA THR B 1463 -30.75 2.12 21.10
C THR B 1463 -31.40 3.49 21.09
N ALA B 1464 -32.35 3.74 20.19
CA ALA B 1464 -32.94 5.08 20.03
C ALA B 1464 -33.37 5.65 21.38
N PHE B 1465 -33.63 4.74 22.30
CA PHE B 1465 -33.94 5.07 23.68
C PHE B 1465 -32.67 5.58 24.37
N LEU B 1466 -31.55 4.93 24.08
CA LEU B 1466 -30.20 5.33 24.53
C LEU B 1466 -29.95 6.82 24.24
N GLU B 1467 -30.13 7.23 22.99
CA GLU B 1467 -29.70 8.55 22.50
C GLU B 1467 -30.62 9.67 22.99
N ARG B 1468 -31.92 9.42 23.01
CA ARG B 1468 -32.85 10.38 23.60
C ARG B 1468 -32.41 10.66 25.05
N MET B 1469 -31.76 9.69 25.68
CA MET B 1469 -31.18 9.93 27.00
C MET B 1469 -29.82 10.62 26.89
N ASN B 1470 -29.11 10.42 25.77
CA ASN B 1470 -27.87 11.15 25.52
C ASN B 1470 -28.14 12.63 25.62
N THR B 1471 -29.29 13.00 25.06
CA THR B 1471 -29.77 14.36 25.10
C THR B 1471 -30.09 14.86 26.51
N LEU B 1472 -31.03 14.20 27.16
CA LEU B 1472 -31.65 14.74 28.36
C LEU B 1472 -30.69 14.86 29.54
N LEU B 1473 -29.73 13.94 29.60
CA LEU B 1473 -28.70 13.97 30.63
C LEU B 1473 -27.70 15.09 30.42
N ALA B 1474 -27.07 15.11 29.24
CA ALA B 1474 -25.97 16.02 28.90
C ALA B 1474 -26.33 17.48 29.15
N ASN B 1475 -27.19 18.05 28.31
CA ASN B 1475 -27.79 19.34 28.61
C ASN B 1475 -29.03 19.06 29.45
N ALA B 1476 -29.77 20.09 29.81
CA ALA B 1476 -30.87 19.91 30.75
C ALA B 1476 -32.25 19.74 30.07
N ASP B 1477 -32.29 19.78 28.73
CA ASP B 1477 -33.57 19.63 28.02
C ASP B 1477 -33.48 18.80 26.75
N ILE B 1478 -34.65 18.47 26.21
CA ILE B 1478 -34.77 17.93 24.86
C ILE B 1478 -35.57 18.91 23.99
N PRO B 1479 -34.93 19.48 22.94
CA PRO B 1479 -35.60 20.43 22.04
C PRO B 1479 -36.74 19.84 21.19
N ASP B 1480 -36.57 18.64 20.66
CA ASP B 1480 -37.58 18.04 19.79
C ASP B 1480 -38.89 17.77 20.51
N LEU B 1481 -38.77 17.44 21.79
CA LEU B 1481 -39.84 16.80 22.53
C LEU B 1481 -41.15 17.59 22.48
N PHE B 1482 -41.07 18.90 22.61
CA PHE B 1482 -42.25 19.77 22.49
C PHE B 1482 -42.23 20.57 21.19
N GLN B 1483 -43.11 20.22 20.26
CA GLN B 1483 -43.16 20.89 18.96
C GLN B 1483 -44.59 21.05 18.43
N GLY B 1484 -44.71 21.90 17.42
CA GLY B 1484 -45.99 22.26 16.84
C GLY B 1484 -46.82 23.08 17.81
N GLU B 1485 -48.12 22.86 17.80
CA GLU B 1485 -49.01 23.53 18.74
C GLU B 1485 -48.71 23.09 20.17
N GLU B 1486 -48.24 21.85 20.33
CA GLU B 1486 -47.88 21.35 21.65
C GLU B 1486 -46.85 22.21 22.36
N TYR B 1487 -45.96 22.82 21.58
CA TYR B 1487 -45.01 23.78 22.13
C TYR B 1487 -45.78 24.99 22.66
N ASP B 1488 -46.73 25.45 21.84
CA ASP B 1488 -47.56 26.60 22.18
C ASP B 1488 -48.35 26.31 23.46
N LYS B 1489 -48.75 25.05 23.64
CA LYS B 1489 -49.46 24.63 24.86
C LYS B 1489 -48.60 24.67 26.11
N LEU B 1490 -47.40 24.09 26.04
CA LEU B 1490 -46.50 24.03 27.19
C LEU B 1490 -46.19 25.43 27.73
N LEU B 1491 -45.79 26.32 26.82
CA LEU B 1491 -45.50 27.71 27.16
C LEU B 1491 -46.67 28.32 27.94
N ASN B 1492 -47.89 28.06 27.47
CA ASN B 1492 -49.09 28.52 28.14
C ASN B 1492 -49.12 28.04 29.60
N ASN B 1493 -49.03 26.72 29.78
CA ASN B 1493 -48.96 26.14 31.13
C ASN B 1493 -47.81 26.75 31.92
N LEU B 1494 -46.67 26.87 31.23
CA LEU B 1494 -45.45 27.44 31.81
C LEU B 1494 -45.66 28.88 32.27
N ARG B 1495 -46.31 29.70 31.44
CA ARG B 1495 -46.61 31.10 31.81
C ARG B 1495 -47.47 31.15 33.07
N ASN B 1496 -48.56 30.39 33.05
CA ASN B 1496 -49.45 30.30 34.20
C ASN B 1496 -48.68 29.86 35.45
N LYS B 1497 -47.81 28.86 35.31
CA LYS B 1497 -47.01 28.39 36.43
C LYS B 1497 -46.03 29.46 36.92
N THR B 1498 -45.39 30.14 35.98
CA THR B 1498 -44.37 31.14 36.32
C THR B 1498 -44.94 32.27 37.17
N ARG B 1499 -46.03 32.88 36.70
CA ARG B 1499 -46.64 33.99 37.41
C ARG B 1499 -47.27 33.52 38.72
N SER B 1500 -47.60 32.23 38.78
CA SER B 1500 -48.16 31.65 39.99
C SER B 1500 -47.13 31.53 41.10
N LEU B 1501 -45.85 31.50 40.72
CA LEU B 1501 -44.77 31.50 41.69
C LEU B 1501 -44.53 32.92 42.20
N GLY B 1502 -45.22 33.89 41.59
CA GLY B 1502 -45.08 35.28 41.97
C GLY B 1502 -43.93 35.90 41.22
N LEU B 1503 -43.59 35.31 40.07
CA LEU B 1503 -42.49 35.77 39.24
C LEU B 1503 -42.97 35.90 37.79
N LEU B 1504 -42.86 37.09 37.21
CA LEU B 1504 -43.28 37.31 35.83
C LEU B 1504 -42.13 37.32 34.84
N LEU B 1505 -42.06 36.28 34.00
CA LEU B 1505 -41.02 36.20 32.98
C LEU B 1505 -41.55 36.65 31.63
N ASP B 1506 -41.01 37.78 31.18
CA ASP B 1506 -41.45 38.46 29.98
C ASP B 1506 -41.33 37.63 28.70
N THR B 1507 -40.10 37.39 28.27
CA THR B 1507 -39.83 36.79 26.97
C THR B 1507 -40.13 35.29 26.98
N GLU B 1508 -39.96 34.66 25.82
CA GLU B 1508 -40.19 33.22 25.70
C GLU B 1508 -38.99 32.40 26.18
N GLN B 1509 -37.77 32.82 25.86
CA GLN B 1509 -36.59 32.08 26.30
C GLN B 1509 -36.41 32.14 27.82
N GLU B 1510 -36.90 33.19 28.46
CA GLU B 1510 -36.82 33.30 29.92
C GLU B 1510 -37.71 32.25 30.60
N LEU B 1511 -38.95 32.15 30.15
CA LEU B 1511 -39.85 31.10 30.63
C LEU B 1511 -39.18 29.74 30.44
N TYR B 1512 -38.72 29.50 29.22
CA TYR B 1512 -38.11 28.23 28.88
C TYR B 1512 -36.80 27.99 29.65
N ASP B 1513 -36.10 29.05 30.04
CA ASP B 1513 -34.90 28.91 30.85
C ASP B 1513 -35.28 28.50 32.27
N TRP B 1514 -36.43 29.00 32.72
CA TRP B 1514 -36.97 28.59 34.02
C TRP B 1514 -37.30 27.10 33.96
N PHE B 1515 -37.90 26.72 32.84
CA PHE B 1515 -38.33 25.36 32.57
C PHE B 1515 -37.17 24.37 32.57
N VAL B 1516 -36.15 24.68 31.77
CA VAL B 1516 -35.00 23.80 31.63
C VAL B 1516 -34.29 23.73 32.97
N GLY B 1517 -34.15 24.87 33.63
CA GLY B 1517 -33.56 24.92 34.95
C GLY B 1517 -34.34 24.06 35.92
N GLU B 1518 -35.65 23.96 35.69
CA GLU B 1518 -36.50 23.09 36.51
C GLU B 1518 -36.22 21.62 36.22
N ILE B 1519 -36.07 21.26 34.94
CA ILE B 1519 -35.72 19.89 34.58
C ILE B 1519 -34.35 19.57 35.16
N ALA B 1520 -33.48 20.57 35.16
CA ALA B 1520 -32.11 20.39 35.63
C ALA B 1520 -32.13 19.91 37.07
N LYS B 1521 -32.84 20.62 37.93
CA LYS B 1521 -32.84 20.30 39.35
C LYS B 1521 -33.79 19.15 39.75
N ASN B 1522 -34.90 19.00 39.04
CA ASN B 1522 -35.93 18.04 39.45
C ASN B 1522 -35.98 16.68 38.73
N LEU B 1523 -35.09 16.43 37.76
CA LEU B 1523 -35.11 15.14 37.05
C LEU B 1523 -33.80 14.40 37.18
N HIS B 1524 -33.86 13.26 37.86
CA HIS B 1524 -32.72 12.37 37.98
C HIS B 1524 -32.96 11.06 37.27
N VAL B 1525 -31.89 10.56 36.66
CA VAL B 1525 -31.93 9.30 35.93
C VAL B 1525 -30.98 8.34 36.60
N VAL B 1526 -31.41 7.10 36.75
CA VAL B 1526 -30.57 6.06 37.34
C VAL B 1526 -30.54 4.87 36.41
N PHE B 1527 -29.36 4.57 35.90
CA PHE B 1527 -29.15 3.37 35.11
C PHE B 1527 -28.71 2.22 36.01
N THR B 1528 -29.23 1.03 35.76
CA THR B 1528 -28.74 -0.17 36.42
C THR B 1528 -28.36 -1.14 35.34
N ILE B 1529 -27.05 -1.37 35.19
CA ILE B 1529 -26.54 -2.28 34.19
C ILE B 1529 -25.75 -3.36 34.88
N CYS B 1530 -25.59 -4.48 34.20
CA CYS B 1530 -24.98 -5.66 34.80
C CYS B 1530 -23.58 -5.83 34.27
N ASP B 1531 -23.50 -6.26 33.02
CA ASP B 1531 -22.25 -6.59 32.37
C ASP B 1531 -21.81 -5.48 31.41
N PRO B 1532 -20.73 -4.75 31.75
CA PRO B 1532 -20.23 -3.71 30.85
C PRO B 1532 -19.73 -4.30 29.52
N THR B 1533 -19.47 -5.60 29.53
CA THR B 1533 -18.93 -6.32 28.39
C THR B 1533 -19.99 -6.51 27.28
N ASN B 1534 -21.27 -6.53 27.69
CA ASN B 1534 -22.41 -6.70 26.79
C ASN B 1534 -22.64 -5.54 25.81
N ASN B 1535 -23.38 -5.80 24.73
CA ASN B 1535 -23.63 -4.79 23.68
C ASN B 1535 -24.49 -3.60 24.11
N LYS B 1536 -25.58 -3.88 24.84
CA LYS B 1536 -26.49 -2.84 25.32
C LYS B 1536 -25.91 -1.99 26.44
N SER B 1537 -25.22 -2.64 27.38
CA SER B 1537 -24.56 -1.89 28.44
C SER B 1537 -23.29 -1.20 27.90
N SER B 1538 -22.65 -1.79 26.89
CA SER B 1538 -21.49 -1.13 26.30
C SER B 1538 -21.99 -0.01 25.37
N ALA B 1539 -23.24 -0.13 24.93
CA ALA B 1539 -23.90 0.97 24.24
C ALA B 1539 -24.09 2.08 25.26
N MET B 1540 -24.42 1.69 26.50
CA MET B 1540 -24.44 2.64 27.60
C MET B 1540 -23.03 3.10 27.95
N ILE B 1541 -22.06 2.18 27.84
CA ILE B 1541 -20.72 2.50 28.30
C ILE B 1541 -20.07 3.42 27.30
N SER B 1542 -20.05 2.98 26.05
CA SER B 1542 -19.37 3.71 24.99
C SER B 1542 -19.88 5.12 24.91
N SER B 1543 -21.20 5.27 24.98
CA SER B 1543 -21.81 6.58 24.81
C SER B 1543 -21.25 7.43 25.93
N PRO B 1544 -20.43 8.42 25.57
CA PRO B 1544 -19.73 9.11 26.66
C PRO B 1544 -20.68 9.92 27.53
N ALA B 1545 -21.64 10.61 26.90
CA ALA B 1545 -22.52 11.55 27.59
C ALA B 1545 -23.20 10.87 28.76
N LEU B 1546 -23.36 9.55 28.66
CA LEU B 1546 -23.76 8.75 29.79
C LEU B 1546 -22.74 8.89 30.91
N PHE B 1547 -21.57 8.32 30.67
CA PHE B 1547 -20.52 8.26 31.66
C PHE B 1547 -20.16 9.59 32.23
N ASN B 1548 -20.25 10.60 31.39
CA ASN B 1548 -19.91 11.94 31.80
C ASN B 1548 -21.06 12.69 32.48
N ARG B 1549 -22.31 12.31 32.22
CA ARG B 1549 -23.42 12.77 33.06
C ARG B 1549 -23.92 11.73 34.04
N CYS B 1550 -23.37 10.53 33.99
CA CYS B 1550 -23.66 9.51 35.00
C CYS B 1550 -22.58 9.44 36.07
N ILE B 1551 -23.00 9.41 37.33
CA ILE B 1551 -22.09 9.06 38.40
C ILE B 1551 -21.96 7.55 38.34
N ILE B 1552 -20.77 7.04 38.07
CA ILE B 1552 -20.58 5.59 37.93
C ILE B 1552 -20.16 4.95 39.26
N ASN B 1553 -21.00 4.05 39.75
CA ASN B 1553 -20.75 3.24 40.95
C ASN B 1553 -20.80 1.79 40.52
N TRP B 1554 -19.74 1.01 40.76
CA TRP B 1554 -19.72 -0.34 40.18
C TRP B 1554 -20.43 -1.32 41.13
N MET B 1555 -19.79 -1.74 42.21
CA MET B 1555 -20.42 -2.61 43.24
C MET B 1555 -21.20 -3.85 42.74
N GLY B 1556 -20.49 -4.78 42.10
CA GLY B 1556 -21.08 -6.02 41.61
C GLY B 1556 -20.57 -7.19 42.43
N ASP B 1557 -19.79 -6.89 43.46
CA ASP B 1557 -19.25 -7.91 44.33
C ASP B 1557 -20.05 -8.07 45.60
N TRP B 1558 -20.81 -9.14 45.69
CA TRP B 1558 -21.37 -9.55 46.97
C TRP B 1558 -20.26 -9.88 47.94
N ASP B 1559 -19.05 -10.06 47.39
CA ASP B 1559 -17.90 -10.57 48.12
C ASP B 1559 -18.35 -11.84 48.85
N THR B 1560 -17.90 -12.03 50.09
CA THR B 1560 -18.25 -13.18 50.90
C THR B 1560 -18.98 -12.70 52.13
N LYS B 1561 -18.38 -11.73 52.81
CA LYS B 1561 -18.94 -11.14 54.01
C LYS B 1561 -20.44 -10.84 53.90
N THR B 1562 -20.85 -10.11 52.86
CA THR B 1562 -22.27 -9.87 52.66
C THR B 1562 -23.05 -11.14 52.32
N MET B 1563 -22.42 -12.07 51.62
CA MET B 1563 -23.04 -13.37 51.33
C MET B 1563 -23.36 -14.07 52.62
N SER B 1564 -22.41 -13.98 53.54
CA SER B 1564 -22.55 -14.57 54.85
C SER B 1564 -23.62 -13.87 55.66
N GLN B 1565 -23.66 -12.55 55.57
CA GLN B 1565 -24.67 -11.78 56.30
C GLN B 1565 -26.08 -12.05 55.77
N VAL B 1566 -26.22 -12.20 54.45
CA VAL B 1566 -27.52 -12.53 53.87
C VAL B 1566 -27.95 -13.90 54.35
N ALA B 1567 -27.08 -14.88 54.20
CA ALA B 1567 -27.39 -16.24 54.57
C ALA B 1567 -27.75 -16.31 56.06
N ASN B 1568 -26.91 -15.72 56.91
CA ASN B 1568 -27.14 -15.76 58.36
C ASN B 1568 -28.52 -15.22 58.75
N ASN B 1569 -28.93 -14.11 58.15
CA ASN B 1569 -30.23 -13.52 58.47
C ASN B 1569 -31.39 -14.26 57.81
N MET B 1570 -31.10 -15.06 56.78
CA MET B 1570 -32.13 -15.90 56.14
C MET B 1570 -32.38 -17.21 56.87
N VAL B 1571 -31.32 -17.82 57.36
CA VAL B 1571 -31.43 -19.04 58.17
C VAL B 1571 -31.43 -18.72 59.66
N ASP B 1572 -31.48 -17.43 59.99
CA ASP B 1572 -31.41 -16.98 61.38
C ASP B 1572 -32.35 -17.78 62.27
N VAL B 1573 -33.51 -18.10 61.73
CA VAL B 1573 -34.42 -19.02 62.41
C VAL B 1573 -33.79 -20.42 62.40
N ILE B 1574 -33.63 -21.01 63.58
CA ILE B 1574 -32.72 -22.15 63.78
C ILE B 1574 -33.33 -23.45 64.29
N PRO B 1575 -33.92 -24.24 63.38
CA PRO B 1575 -34.18 -25.61 63.83
C PRO B 1575 -32.90 -26.45 64.05
N MET B 1576 -32.14 -26.16 65.11
CA MET B 1576 -30.90 -26.89 65.37
C MET B 1576 -31.16 -28.13 66.23
N GLU B 1577 -30.80 -29.32 65.74
CA GLU B 1577 -30.89 -30.52 66.58
C GLU B 1577 -29.55 -31.26 66.62
N PHE B 1578 -29.39 -32.04 67.70
CA PHE B 1578 -28.12 -32.69 68.05
C PHE B 1578 -27.00 -31.59 68.19
N THR B 1579 -25.73 -31.90 67.94
CA THR B 1579 -24.61 -30.95 67.99
C THR B 1579 -23.72 -31.02 66.74
N ASP B 1580 -22.96 -29.95 66.50
CA ASP B 1580 -21.83 -29.96 65.55
C ASP B 1580 -20.47 -29.98 66.22
N PHE B 1581 -19.67 -30.98 65.86
CA PHE B 1581 -18.34 -31.17 66.41
C PHE B 1581 -17.23 -30.16 66.02
N ILE B 1582 -17.17 -29.74 64.75
CA ILE B 1582 -16.00 -28.99 64.18
C ILE B 1582 -15.12 -28.33 65.25
N PHE B 1592 -15.56 -18.45 56.33
CA PHE B 1592 -16.24 -17.27 55.84
C PHE B 1592 -17.13 -16.64 56.89
N THR B 1593 -17.44 -17.34 57.97
CA THR B 1593 -18.11 -16.67 59.08
C THR B 1593 -17.38 -16.71 60.41
N GLU B 1594 -16.34 -15.89 60.62
CA GLU B 1594 -15.75 -15.81 61.97
C GLU B 1594 -15.41 -17.24 62.48
N PRO B 1595 -14.85 -17.37 63.69
CA PRO B 1595 -14.82 -18.74 64.25
C PRO B 1595 -16.20 -19.39 64.38
N ILE B 1596 -16.36 -20.63 63.91
CA ILE B 1596 -17.69 -21.26 63.88
C ILE B 1596 -17.83 -22.54 64.70
N GLN B 1597 -18.59 -22.46 65.80
CA GLN B 1597 -19.00 -23.61 66.59
C GLN B 1597 -20.42 -24.06 66.18
N THR B 1598 -21.32 -23.10 65.95
CA THR B 1598 -22.73 -23.40 65.68
C THR B 1598 -22.95 -24.04 64.31
N ILE B 1599 -24.10 -24.71 64.16
CA ILE B 1599 -24.50 -25.33 62.89
C ILE B 1599 -24.87 -24.33 61.81
N ARG B 1600 -25.40 -23.17 62.20
CA ARG B 1600 -25.74 -22.14 61.23
C ARG B 1600 -24.55 -21.91 60.35
N ASP B 1601 -23.45 -21.62 61.02
CA ASP B 1601 -22.19 -21.29 60.40
C ASP B 1601 -21.72 -22.39 59.45
N ALA B 1602 -21.84 -23.64 59.89
CA ALA B 1602 -21.48 -24.77 59.05
C ALA B 1602 -22.29 -24.68 57.77
N VAL B 1603 -23.59 -24.46 57.91
CA VAL B 1603 -24.48 -24.43 56.75
C VAL B 1603 -24.11 -23.30 55.80
N VAL B 1604 -23.81 -22.11 56.33
CA VAL B 1604 -23.52 -20.97 55.46
C VAL B 1604 -22.15 -21.11 54.83
N ASN B 1605 -21.26 -21.81 55.52
CA ASN B 1605 -19.92 -22.06 55.00
C ASN B 1605 -19.91 -23.11 53.92
N ILE B 1606 -20.76 -24.12 54.07
CA ILE B 1606 -20.90 -25.12 53.04
C ILE B 1606 -21.51 -24.46 51.81
N LEU B 1607 -22.55 -23.66 52.04
CA LEU B 1607 -23.29 -23.05 50.96
C LEU B 1607 -22.41 -22.10 50.15
N ILE B 1608 -21.67 -21.25 50.86
CA ILE B 1608 -20.79 -20.28 50.23
C ILE B 1608 -19.71 -20.96 49.38
N HIS B 1609 -19.01 -21.93 49.99
CA HIS B 1609 -17.98 -22.67 49.29
C HIS B 1609 -18.52 -23.32 48.03
N PHE B 1610 -19.74 -23.84 48.09
CA PHE B 1610 -20.30 -24.47 46.90
C PHE B 1610 -20.56 -23.44 45.81
N ASP B 1611 -21.01 -22.26 46.21
CA ASP B 1611 -21.29 -21.21 45.23
C ASP B 1611 -19.99 -20.89 44.52
N ARG B 1612 -18.97 -20.51 45.28
CA ARG B 1612 -17.67 -20.18 44.69
C ARG B 1612 -17.15 -21.36 43.85
N ASN B 1613 -17.37 -22.59 44.31
CA ASN B 1613 -16.94 -23.75 43.52
C ASN B 1613 -17.77 -23.91 42.25
N PHE B 1614 -19.05 -23.62 42.34
CA PHE B 1614 -19.95 -23.79 41.21
C PHE B 1614 -19.55 -22.84 40.10
N TYR B 1615 -19.37 -21.58 40.47
CA TYR B 1615 -18.96 -20.54 39.54
C TYR B 1615 -17.56 -20.83 39.00
N GLN B 1616 -16.73 -21.47 39.82
CA GLN B 1616 -15.39 -21.82 39.39
C GLN B 1616 -15.46 -22.92 38.32
N LYS B 1617 -16.15 -24.00 38.64
CA LYS B 1617 -16.09 -25.24 37.84
C LYS B 1617 -17.03 -25.27 36.66
N MET B 1618 -17.82 -24.22 36.51
CA MET B 1618 -18.81 -24.17 35.45
C MET B 1618 -18.60 -22.90 34.63
N LYS B 1619 -18.90 -21.77 35.25
CA LYS B 1619 -18.86 -20.49 34.58
C LYS B 1619 -17.44 -20.13 34.17
N VAL B 1620 -17.33 -19.66 32.94
CA VAL B 1620 -16.08 -19.19 32.37
C VAL B 1620 -16.14 -17.67 32.37
N GLY B 1621 -15.00 -17.02 32.52
CA GLY B 1621 -14.96 -15.57 32.51
C GLY B 1621 -14.75 -15.03 33.91
N VAL B 1622 -14.19 -13.83 34.01
CA VAL B 1622 -13.79 -13.27 35.30
C VAL B 1622 -14.86 -12.39 35.93
N ASN B 1623 -15.47 -12.91 36.99
CA ASN B 1623 -16.56 -12.25 37.72
C ASN B 1623 -17.55 -11.48 36.85
N PRO B 1624 -18.04 -12.11 35.75
CA PRO B 1624 -19.08 -11.37 35.05
C PRO B 1624 -20.40 -11.43 35.79
N ARG B 1625 -20.55 -12.42 36.67
CA ARG B 1625 -21.84 -12.73 37.26
C ARG B 1625 -21.75 -12.87 38.77
N SER B 1626 -22.89 -12.63 39.43
CA SER B 1626 -23.02 -12.73 40.88
C SER B 1626 -24.26 -13.54 41.24
N PRO B 1627 -24.34 -14.03 42.49
CA PRO B 1627 -25.41 -14.98 42.78
C PRO B 1627 -26.85 -14.49 42.77
N GLY B 1628 -27.66 -15.17 41.97
CA GLY B 1628 -29.09 -15.25 42.19
C GLY B 1628 -29.38 -16.69 42.59
N TYR B 1629 -28.37 -17.55 42.44
CA TYR B 1629 -28.43 -18.94 42.88
C TYR B 1629 -28.35 -19.05 44.41
N PHE B 1630 -27.44 -18.29 45.00
CA PHE B 1630 -27.19 -18.33 46.44
C PHE B 1630 -28.50 -18.10 47.15
N ILE B 1631 -29.20 -17.06 46.73
CA ILE B 1631 -30.43 -16.63 47.38
C ILE B 1631 -31.58 -17.61 47.10
N ASP B 1632 -31.80 -17.94 45.84
CA ASP B 1632 -32.85 -18.90 45.49
C ASP B 1632 -32.57 -20.23 46.18
N GLY B 1633 -31.31 -20.49 46.47
CA GLY B 1633 -30.90 -21.71 47.14
C GLY B 1633 -31.10 -21.69 48.64
N LEU B 1634 -30.97 -20.51 49.25
CA LEU B 1634 -31.25 -20.38 50.67
C LEU B 1634 -32.74 -20.49 50.97
N ARG B 1635 -33.57 -19.92 50.10
CA ARG B 1635 -35.01 -19.95 50.34
C ARG B 1635 -35.53 -21.39 50.31
N ALA B 1636 -35.07 -22.16 49.34
CA ALA B 1636 -35.48 -23.56 49.21
C ALA B 1636 -35.13 -24.40 50.43
N LEU B 1637 -33.98 -24.13 51.03
CA LEU B 1637 -33.55 -24.84 52.23
C LEU B 1637 -34.46 -24.55 53.40
N VAL B 1638 -34.77 -23.26 53.58
CA VAL B 1638 -35.74 -22.83 54.56
C VAL B 1638 -37.05 -23.59 54.38
N LYS B 1639 -37.45 -23.74 53.12
CA LYS B 1639 -38.63 -24.49 52.78
C LYS B 1639 -38.48 -25.94 53.22
N LEU B 1640 -37.43 -26.60 52.73
CA LEU B 1640 -37.26 -28.03 52.97
C LEU B 1640 -36.95 -28.39 54.41
N VAL B 1641 -36.19 -27.56 55.12
CA VAL B 1641 -35.91 -27.84 56.52
C VAL B 1641 -37.21 -27.71 57.30
N THR B 1642 -38.02 -26.73 56.95
CA THR B 1642 -39.31 -26.54 57.61
C THR B 1642 -40.20 -27.77 57.36
N ALA B 1643 -40.36 -28.13 56.09
CA ALA B 1643 -41.23 -29.24 55.70
C ALA B 1643 -40.83 -30.60 56.27
N LYS B 1644 -39.59 -31.02 56.03
CA LYS B 1644 -39.13 -32.34 56.49
C LYS B 1644 -39.04 -32.43 58.01
N TYR B 1645 -38.70 -31.31 58.65
CA TYR B 1645 -38.60 -31.30 60.10
C TYR B 1645 -40.00 -31.42 60.67
N GLN B 1646 -40.96 -30.72 60.07
CA GLN B 1646 -42.35 -30.85 60.48
C GLN B 1646 -42.76 -32.32 60.37
N ASP B 1647 -42.54 -32.92 59.20
CA ASP B 1647 -42.89 -34.33 59.00
C ASP B 1647 -42.13 -35.26 59.94
N LEU B 1648 -40.90 -34.91 60.27
CA LEU B 1648 -40.13 -35.67 61.24
C LEU B 1648 -40.82 -35.65 62.58
N GLN B 1649 -41.05 -34.44 63.07
CA GLN B 1649 -41.64 -34.24 64.38
C GLN B 1649 -43.03 -34.88 64.43
N GLU B 1650 -43.72 -34.87 63.30
CA GLU B 1650 -45.05 -35.46 63.21
C GLU B 1650 -44.99 -36.97 63.45
N ASN B 1651 -44.05 -37.63 62.77
CA ASN B 1651 -43.82 -39.06 62.98
C ASN B 1651 -43.34 -39.36 64.39
N GLN B 1652 -42.40 -38.57 64.90
CA GLN B 1652 -41.85 -38.80 66.23
C GLN B 1652 -42.96 -38.69 67.27
N ARG B 1653 -43.92 -37.81 67.01
CA ARG B 1653 -45.07 -37.65 67.89
C ARG B 1653 -45.93 -38.90 67.86
N PHE B 1654 -46.16 -39.40 66.65
CA PHE B 1654 -46.99 -40.58 66.41
C PHE B 1654 -46.45 -41.85 67.05
N VAL B 1655 -45.14 -42.03 67.01
CA VAL B 1655 -44.51 -43.19 67.63
C VAL B 1655 -44.46 -42.98 69.14
N ASN B 1656 -44.44 -41.73 69.56
CA ASN B 1656 -44.40 -41.40 70.97
C ASN B 1656 -45.79 -41.53 71.60
N VAL B 1657 -46.85 -41.26 70.83
CA VAL B 1657 -48.20 -41.55 71.31
C VAL B 1657 -48.48 -43.04 71.24
N GLY B 1658 -47.87 -43.73 70.28
CA GLY B 1658 -48.03 -45.17 70.16
C GLY B 1658 -47.33 -45.94 71.25
N LEU B 1659 -46.04 -45.66 71.46
CA LEU B 1659 -45.27 -46.28 72.52
C LEU B 1659 -45.90 -45.97 73.86
N GLU B 1660 -46.44 -44.77 73.98
CA GLU B 1660 -47.12 -44.34 75.19
C GLU B 1660 -48.33 -45.24 75.47
N LYS B 1661 -49.16 -45.41 74.45
CA LYS B 1661 -50.40 -46.18 74.57
C LYS B 1661 -50.18 -47.67 74.84
N LEU B 1662 -49.05 -48.21 74.41
CA LEU B 1662 -48.70 -49.59 74.73
C LEU B 1662 -48.17 -49.67 76.16
N ASN B 1663 -47.43 -48.65 76.56
CA ASN B 1663 -46.97 -48.52 77.95
C ASN B 1663 -48.15 -48.32 78.88
N GLU B 1664 -49.22 -47.74 78.34
CA GLU B 1664 -50.47 -47.66 79.07
C GLU B 1664 -51.11 -49.05 79.12
N SER B 1665 -50.80 -49.85 78.11
CA SER B 1665 -51.34 -51.19 77.96
C SER B 1665 -50.64 -52.24 78.83
N VAL B 1666 -49.52 -51.88 79.44
CA VAL B 1666 -48.78 -52.86 80.26
C VAL B 1666 -49.36 -52.91 81.66
N LEU B 1667 -50.47 -52.20 81.92
CA LEU B 1667 -51.00 -52.13 83.27
C LEU B 1667 -51.22 -53.54 83.79
N LYS B 1668 -51.55 -54.47 82.88
CA LYS B 1668 -51.62 -55.87 83.26
C LYS B 1668 -52.64 -56.11 84.39
N VAL B 1669 -52.14 -56.59 85.54
CA VAL B 1669 -52.87 -56.83 86.81
C VAL B 1669 -53.65 -58.14 86.86
N ASN B 1670 -53.63 -58.93 85.78
CA ASN B 1670 -54.29 -60.22 85.78
C ASN B 1670 -53.91 -61.07 87.00
N GLU B 1671 -54.91 -61.63 87.66
CA GLU B 1671 -54.69 -62.48 88.82
C GLU B 1671 -55.95 -63.25 89.18
N ASN B 1683 -51.51 -71.67 75.47
CA ASN B 1683 -52.69 -72.38 75.97
C ASN B 1683 -53.72 -72.59 74.86
N ILE B 1684 -54.29 -73.79 74.78
CA ILE B 1684 -55.27 -74.11 73.73
C ILE B 1684 -56.52 -73.25 73.86
N PHE B 1685 -56.77 -72.71 75.04
CA PHE B 1685 -57.96 -71.88 75.23
C PHE B 1685 -57.81 -70.59 74.42
N GLU B 1686 -56.61 -70.01 74.47
CA GLU B 1686 -56.34 -68.77 73.78
C GLU B 1686 -56.36 -68.98 72.26
N MET B 1687 -55.96 -70.16 71.83
CA MET B 1687 -56.04 -70.56 70.42
C MET B 1687 -57.46 -70.54 69.93
N LEU B 1688 -58.29 -71.37 70.55
CA LEU B 1688 -59.65 -71.55 70.10
C LEU B 1688 -60.44 -70.26 70.25
N ARG B 1689 -60.02 -69.42 71.19
CA ARG B 1689 -60.61 -68.10 71.33
C ARG B 1689 -60.39 -67.30 70.04
N ILE B 1690 -59.18 -67.37 69.53
CA ILE B 1690 -58.79 -66.64 68.33
C ILE B 1690 -59.51 -67.12 67.07
N ASP B 1691 -59.58 -68.44 66.88
CA ASP B 1691 -60.17 -69.03 65.67
C ASP B 1691 -61.69 -68.96 65.62
N GLU B 1692 -62.30 -69.27 66.76
CA GLU B 1692 -63.76 -69.31 66.91
C GLU B 1692 -64.31 -67.96 67.32
N GLY B 1693 -63.81 -67.49 68.47
CA GLY B 1693 -64.17 -66.21 69.03
C GLY B 1693 -65.02 -66.39 70.25
N LEU B 1694 -64.89 -65.44 71.16
CA LEU B 1694 -65.44 -65.52 72.50
C LEU B 1694 -66.61 -64.56 72.71
N ARG B 1695 -67.72 -65.09 73.20
CA ARG B 1695 -68.89 -64.28 73.55
C ARG B 1695 -69.31 -64.52 74.98
N LEU B 1696 -69.54 -63.45 75.74
CA LEU B 1696 -70.02 -63.54 77.12
C LEU B 1696 -71.54 -63.39 77.22
N LYS B 1697 -72.20 -63.28 76.07
CA LYS B 1697 -73.67 -63.26 76.00
C LYS B 1697 -74.12 -64.20 74.89
N ILE B 1698 -75.32 -64.76 75.01
CA ILE B 1698 -75.81 -65.72 74.02
C ILE B 1698 -75.91 -65.03 72.66
N TYR B 1699 -75.63 -65.78 71.60
CA TYR B 1699 -75.78 -65.27 70.24
C TYR B 1699 -76.05 -66.43 69.27
N LYS B 1700 -76.01 -66.15 67.97
CA LYS B 1700 -76.23 -67.16 66.95
C LYS B 1700 -75.01 -67.33 66.07
N ASP B 1701 -74.74 -68.55 65.63
CA ASP B 1701 -73.61 -68.82 64.76
C ASP B 1701 -74.04 -68.62 63.30
N THR B 1702 -73.16 -68.97 62.36
CA THR B 1702 -73.46 -68.84 60.94
C THR B 1702 -74.68 -69.69 60.56
N GLU B 1703 -74.84 -70.83 61.24
CA GLU B 1703 -76.00 -71.71 61.02
C GLU B 1703 -77.21 -71.30 61.87
N GLY B 1704 -77.03 -70.30 62.74
CA GLY B 1704 -78.14 -69.69 63.44
C GLY B 1704 -78.57 -70.39 64.71
N TYR B 1705 -77.86 -71.44 65.09
CA TYR B 1705 -78.17 -72.18 66.31
C TYR B 1705 -77.71 -71.37 67.50
N TYR B 1706 -77.96 -71.86 68.71
CA TYR B 1706 -77.60 -71.12 69.92
C TYR B 1706 -76.24 -71.51 70.44
N THR B 1707 -75.40 -70.50 70.65
CA THR B 1707 -74.03 -70.70 71.07
C THR B 1707 -73.67 -69.65 72.11
N ILE B 1708 -72.74 -69.99 73.00
CA ILE B 1708 -72.27 -69.06 74.01
C ILE B 1708 -70.83 -69.42 74.36
N GLY B 1709 -70.06 -68.44 74.85
CA GLY B 1709 -68.65 -68.66 75.13
C GLY B 1709 -67.89 -69.02 73.87
N ILE B 1710 -67.04 -70.04 73.97
CA ILE B 1710 -66.29 -70.53 72.81
C ILE B 1710 -66.94 -71.80 72.27
N GLY B 1711 -67.61 -71.67 71.13
CA GLY B 1711 -68.11 -72.82 70.41
C GLY B 1711 -68.98 -73.77 71.22
N HIS B 1712 -69.52 -73.29 72.33
CA HIS B 1712 -70.33 -74.15 73.19
C HIS B 1712 -71.78 -74.05 72.75
N LEU B 1713 -72.32 -75.15 72.22
CA LEU B 1713 -73.64 -75.15 71.61
C LEU B 1713 -74.71 -75.53 72.63
N LEU B 1714 -75.56 -74.57 73.00
CA LEU B 1714 -76.63 -74.83 73.95
C LEU B 1714 -77.78 -75.64 73.33
N THR B 1715 -78.35 -75.17 72.23
CA THR B 1715 -79.39 -75.93 71.54
C THR B 1715 -79.51 -75.65 70.04
N LYS B 1716 -79.79 -76.71 69.27
CA LYS B 1716 -80.10 -76.58 67.85
C LYS B 1716 -81.61 -76.35 67.68
N SER B 1717 -82.34 -76.36 68.79
CA SER B 1717 -83.78 -76.16 68.77
C SER B 1717 -84.15 -74.70 68.47
N PRO B 1718 -85.22 -74.47 67.68
CA PRO B 1718 -85.72 -73.11 67.43
C PRO B 1718 -86.23 -72.42 68.71
N SER B 1719 -86.46 -73.20 69.76
CA SER B 1719 -86.91 -72.68 71.05
C SER B 1719 -85.95 -71.63 71.61
N LEU B 1720 -86.48 -70.52 72.12
CA LEU B 1720 -85.65 -69.42 72.59
C LEU B 1720 -85.03 -69.65 73.98
N ASN B 1721 -85.82 -70.23 74.89
CA ASN B 1721 -85.34 -70.44 76.25
C ASN B 1721 -84.79 -71.86 76.47
N ALA B 1722 -84.78 -72.66 75.41
CA ALA B 1722 -84.15 -73.98 75.46
C ALA B 1722 -82.64 -73.86 75.63
N ALA B 1723 -82.07 -72.80 75.06
CA ALA B 1723 -80.65 -72.52 75.21
C ALA B 1723 -80.33 -72.11 76.64
N LYS B 1724 -81.15 -71.22 77.20
CA LYS B 1724 -81.00 -70.79 78.58
C LYS B 1724 -81.19 -71.98 79.52
N SER B 1725 -82.05 -72.91 79.12
CA SER B 1725 -82.27 -74.14 79.87
C SER B 1725 -81.01 -75.01 79.88
N GLU B 1726 -80.34 -75.10 78.74
CA GLU B 1726 -79.11 -75.88 78.62
C GLU B 1726 -77.96 -75.26 79.41
N LEU B 1727 -77.80 -73.95 79.30
CA LEU B 1727 -76.70 -73.24 79.97
C LEU B 1727 -76.85 -73.31 81.50
N ASP B 1728 -78.07 -73.13 82.00
CA ASP B 1728 -78.33 -73.21 83.43
C ASP B 1728 -78.10 -74.62 83.97
N LYS B 1729 -78.39 -75.62 83.14
CA LYS B 1729 -78.17 -77.02 83.50
C LYS B 1729 -76.70 -77.43 83.39
N ALA B 1730 -75.93 -76.69 82.59
CA ALA B 1730 -74.52 -77.00 82.38
C ALA B 1730 -73.64 -76.46 83.51
N ILE B 1731 -73.59 -75.13 83.65
CA ILE B 1731 -72.76 -74.51 84.69
C ILE B 1731 -73.39 -74.71 86.05
N GLY B 1732 -74.70 -74.95 86.06
CA GLY B 1732 -75.44 -75.16 87.29
C GLY B 1732 -75.75 -73.85 88.02
N ARG B 1733 -76.04 -72.80 87.25
CA ARG B 1733 -76.41 -71.51 87.83
C ARG B 1733 -77.56 -70.85 87.06
N ASN B 1734 -78.20 -69.89 87.72
CA ASN B 1734 -79.46 -69.29 87.27
C ASN B 1734 -79.26 -68.19 86.24
N THR B 1735 -78.02 -68.01 85.78
CA THR B 1735 -77.64 -66.84 84.99
C THR B 1735 -78.53 -66.63 83.76
N ASN B 1736 -78.67 -65.36 83.38
CA ASN B 1736 -79.61 -64.95 82.33
C ASN B 1736 -79.08 -65.19 80.93
N GLY B 1737 -77.89 -65.77 80.83
CA GLY B 1737 -77.18 -65.87 79.56
C GLY B 1737 -75.98 -64.96 79.45
N VAL B 1738 -75.57 -64.36 80.57
CA VAL B 1738 -74.29 -63.65 80.65
C VAL B 1738 -73.36 -64.41 81.58
N ILE B 1739 -72.22 -64.86 81.04
CA ILE B 1739 -71.31 -65.72 81.81
C ILE B 1739 -69.97 -65.04 82.05
N THR B 1740 -69.35 -65.38 83.18
CA THR B 1740 -68.04 -64.85 83.57
C THR B 1740 -66.86 -65.48 82.81
N LYS B 1741 -65.72 -64.79 82.84
CA LYS B 1741 -64.51 -65.23 82.15
C LYS B 1741 -64.05 -66.64 82.50
N ASP B 1742 -63.82 -66.91 83.78
CA ASP B 1742 -63.29 -68.20 84.19
C ASP B 1742 -64.29 -69.31 83.85
N GLU B 1743 -65.57 -69.04 84.02
CA GLU B 1743 -66.60 -70.03 83.73
C GLU B 1743 -66.67 -70.32 82.23
N ALA B 1744 -66.32 -69.32 81.41
CA ALA B 1744 -66.23 -69.52 79.98
C ALA B 1744 -65.11 -70.51 79.67
N GLU B 1745 -63.98 -70.34 80.35
CA GLU B 1745 -62.83 -71.21 80.16
C GLU B 1745 -63.09 -72.59 80.76
N LYS B 1746 -63.88 -72.63 81.82
CA LYS B 1746 -64.24 -73.88 82.46
C LYS B 1746 -65.13 -74.68 81.52
N LEU B 1747 -66.14 -74.02 80.97
CA LEU B 1747 -67.03 -74.66 80.01
C LEU B 1747 -66.26 -75.08 78.76
N PHE B 1748 -65.24 -74.30 78.40
CA PHE B 1748 -64.40 -74.66 77.27
C PHE B 1748 -63.62 -75.93 77.60
N ASN B 1749 -62.89 -75.90 78.72
CA ASN B 1749 -62.12 -77.06 79.17
C ASN B 1749 -62.99 -78.28 79.25
N GLN B 1750 -64.23 -78.07 79.65
CA GLN B 1750 -65.21 -79.14 79.71
C GLN B 1750 -65.50 -79.71 78.32
N ASP B 1751 -65.71 -78.81 77.34
CA ASP B 1751 -65.95 -79.23 75.94
C ASP B 1751 -64.75 -79.96 75.35
N VAL B 1752 -63.55 -79.51 75.69
CA VAL B 1752 -62.32 -80.09 75.17
C VAL B 1752 -62.18 -81.52 75.67
N ASP B 1753 -62.34 -81.67 76.98
CA ASP B 1753 -62.27 -82.99 77.61
C ASP B 1753 -63.23 -83.93 76.90
N ALA B 1754 -64.44 -83.46 76.67
CA ALA B 1754 -65.45 -84.24 75.98
C ALA B 1754 -65.00 -84.62 74.57
N ALA B 1755 -64.41 -83.66 73.85
CA ALA B 1755 -63.93 -83.91 72.50
C ALA B 1755 -62.71 -84.82 72.48
N VAL B 1756 -61.85 -84.69 73.49
CA VAL B 1756 -60.68 -85.57 73.60
C VAL B 1756 -61.14 -87.00 73.85
N ARG B 1757 -62.06 -87.17 74.79
CA ARG B 1757 -62.63 -88.49 75.08
C ARG B 1757 -63.24 -89.08 73.81
N GLY B 1758 -63.85 -88.23 73.00
CA GLY B 1758 -64.46 -88.66 71.77
C GLY B 1758 -63.46 -89.18 70.75
N ILE B 1759 -62.32 -88.51 70.64
CA ILE B 1759 -61.26 -88.94 69.73
C ILE B 1759 -60.77 -90.33 70.08
N LEU B 1760 -60.44 -90.54 71.34
CA LEU B 1760 -59.85 -91.78 71.78
C LEU B 1760 -60.78 -92.98 71.63
N ARG B 1761 -62.08 -92.79 71.83
CA ARG B 1761 -63.01 -93.89 71.68
C ARG B 1761 -63.14 -94.38 70.23
N ASN B 1762 -63.28 -93.46 69.27
CA ASN B 1762 -63.55 -93.87 67.88
C ASN B 1762 -62.41 -94.55 67.09
N ALA B 1763 -61.16 -94.40 67.54
CA ALA B 1763 -60.04 -95.18 66.99
C ALA B 1763 -59.59 -94.92 65.55
N LYS B 1764 -60.33 -94.14 64.77
CA LYS B 1764 -59.80 -93.73 63.47
C LYS B 1764 -58.81 -92.61 63.74
N LEU B 1765 -59.18 -91.76 64.69
CA LEU B 1765 -58.34 -90.65 65.14
C LEU B 1765 -57.29 -91.04 66.20
N LYS B 1766 -57.64 -92.01 67.05
CA LYS B 1766 -56.85 -92.33 68.25
C LYS B 1766 -55.37 -92.59 68.04
N PRO B 1767 -55.02 -93.41 67.04
CA PRO B 1767 -53.57 -93.63 66.87
C PRO B 1767 -52.87 -92.32 66.57
N VAL B 1768 -53.49 -91.53 65.71
CA VAL B 1768 -52.95 -90.24 65.31
C VAL B 1768 -52.82 -89.30 66.52
N TYR B 1769 -53.88 -89.15 67.29
CA TYR B 1769 -53.87 -88.25 68.46
C TYR B 1769 -52.86 -88.66 69.53
N ASP B 1770 -52.60 -89.95 69.66
CA ASP B 1770 -51.57 -90.43 70.58
C ASP B 1770 -50.19 -90.07 70.06
N SER B 1771 -50.05 -90.09 68.74
CA SER B 1771 -48.77 -89.82 68.08
C SER B 1771 -48.32 -88.40 68.38
N LEU B 1772 -49.26 -87.47 68.36
CA LEU B 1772 -48.94 -86.06 68.35
C LEU B 1772 -48.40 -85.53 69.68
N ASP B 1773 -47.55 -84.52 69.55
CA ASP B 1773 -47.10 -83.70 70.67
C ASP B 1773 -48.24 -82.80 71.14
N ALA B 1774 -48.10 -82.26 72.36
CA ALA B 1774 -49.16 -81.46 72.97
C ALA B 1774 -49.67 -80.37 72.04
N VAL B 1775 -48.76 -79.65 71.41
CA VAL B 1775 -49.14 -78.54 70.54
C VAL B 1775 -50.04 -79.00 69.40
N ARG B 1776 -49.59 -80.03 68.70
CA ARG B 1776 -50.31 -80.54 67.54
C ARG B 1776 -51.63 -81.20 67.92
N ARG B 1777 -51.69 -81.75 69.12
CA ARG B 1777 -52.95 -82.27 69.63
C ARG B 1777 -53.96 -81.14 69.63
N ALA B 1778 -53.55 -79.98 70.13
CA ALA B 1778 -54.43 -78.82 70.19
C ALA B 1778 -54.93 -78.48 68.81
N ALA B 1779 -54.10 -78.71 67.80
CA ALA B 1779 -54.49 -78.45 66.43
C ALA B 1779 -55.53 -79.48 66.01
N LEU B 1780 -55.30 -80.73 66.38
CA LEU B 1780 -56.25 -81.77 66.02
C LEU B 1780 -57.57 -81.53 66.73
N ILE B 1781 -57.49 -81.16 68.00
CA ILE B 1781 -58.67 -80.84 68.80
C ILE B 1781 -59.46 -79.69 68.20
N ASN B 1782 -58.78 -78.74 67.56
CA ASN B 1782 -59.45 -77.61 66.91
C ASN B 1782 -60.34 -78.09 65.78
N MET B 1783 -59.75 -78.92 64.92
CA MET B 1783 -60.45 -79.43 63.76
C MET B 1783 -61.70 -80.18 64.19
N VAL B 1784 -61.59 -80.89 65.30
CA VAL B 1784 -62.72 -81.59 65.87
C VAL B 1784 -63.82 -80.59 66.27
N PHE B 1785 -63.42 -79.44 66.80
CA PHE B 1785 -64.40 -78.43 67.23
C PHE B 1785 -65.09 -77.73 66.09
N GLN B 1786 -64.41 -77.60 64.97
CA GLN B 1786 -64.97 -76.88 63.84
C GLN B 1786 -65.94 -77.78 63.07
N MET B 1787 -65.39 -78.83 62.44
CA MET B 1787 -66.17 -79.69 61.56
C MET B 1787 -66.74 -80.93 62.26
N GLY B 1788 -66.28 -81.23 63.47
CA GLY B 1788 -66.76 -82.39 64.21
C GLY B 1788 -65.97 -83.63 63.85
N GLU B 1789 -65.83 -84.53 64.82
CA GLU B 1789 -64.90 -85.66 64.70
C GLU B 1789 -65.15 -86.53 63.47
N THR B 1790 -66.43 -86.72 63.11
CA THR B 1790 -66.75 -87.54 61.94
C THR B 1790 -66.13 -86.95 60.69
N GLY B 1791 -66.14 -85.62 60.61
CA GLY B 1791 -65.52 -84.91 59.50
C GLY B 1791 -64.00 -85.02 59.53
N VAL B 1792 -63.42 -84.94 60.73
CA VAL B 1792 -61.98 -85.00 60.86
C VAL B 1792 -61.44 -86.36 60.49
N ALA B 1793 -62.22 -87.40 60.72
CA ALA B 1793 -61.75 -88.75 60.43
C ALA B 1793 -61.66 -88.95 58.91
N GLY B 1794 -62.37 -88.12 58.17
CA GLY B 1794 -62.39 -88.21 56.71
C GLY B 1794 -61.12 -87.69 56.05
N PHE B 1795 -60.14 -87.34 56.87
CA PHE B 1795 -58.91 -86.68 56.43
C PHE B 1795 -57.79 -87.69 56.11
N THR B 1796 -58.17 -88.95 55.92
CA THR B 1796 -57.26 -90.10 56.11
C THR B 1796 -55.83 -89.91 55.60
N ASN B 1797 -55.64 -89.25 54.45
CA ASN B 1797 -54.28 -88.88 54.04
C ASN B 1797 -53.56 -88.07 55.10
N SER B 1798 -54.11 -86.88 55.33
CA SER B 1798 -53.53 -85.90 56.23
C SER B 1798 -53.20 -86.49 57.60
N LEU B 1799 -54.08 -87.34 58.11
CA LEU B 1799 -53.92 -87.92 59.44
C LEU B 1799 -52.80 -88.97 59.49
N ARG B 1800 -52.72 -89.80 58.45
CA ARG B 1800 -51.66 -90.80 58.37
C ARG B 1800 -50.30 -90.12 58.38
N MET B 1801 -50.13 -89.17 57.47
CA MET B 1801 -48.88 -88.42 57.39
C MET B 1801 -48.62 -87.66 58.69
N LEU B 1802 -49.68 -87.33 59.42
CA LEU B 1802 -49.53 -86.66 60.70
C LEU B 1802 -48.95 -87.59 61.76
N GLN B 1803 -49.32 -88.87 61.72
CA GLN B 1803 -48.81 -89.81 62.72
C GLN B 1803 -47.43 -90.28 62.30
N GLN B 1804 -47.23 -90.46 60.99
CA GLN B 1804 -45.92 -90.77 60.44
C GLN B 1804 -44.95 -89.61 60.61
N LYS B 1805 -45.47 -88.48 61.08
CA LYS B 1805 -44.66 -87.32 61.48
C LYS B 1805 -43.93 -86.64 60.32
N ARG B 1806 -44.51 -86.69 59.13
CA ARG B 1806 -44.01 -85.85 58.05
C ARG B 1806 -44.90 -84.63 57.94
N TRP B 1807 -44.42 -83.51 58.48
CA TRP B 1807 -45.29 -82.35 58.69
C TRP B 1807 -45.40 -81.45 57.47
N ASP B 1808 -44.41 -81.52 56.59
CA ASP B 1808 -44.45 -80.68 55.42
C ASP B 1808 -45.49 -81.28 54.49
N GLU B 1809 -45.40 -82.59 54.26
CA GLU B 1809 -46.36 -83.26 53.40
C GLU B 1809 -47.78 -83.27 53.99
N ALA B 1810 -47.91 -83.25 55.31
CA ALA B 1810 -49.22 -83.19 55.94
C ALA B 1810 -49.91 -81.88 55.63
N ALA B 1811 -49.16 -80.79 55.73
CA ALA B 1811 -49.71 -79.47 55.46
C ALA B 1811 -50.04 -79.30 54.00
N VAL B 1812 -49.22 -79.91 53.14
CA VAL B 1812 -49.46 -79.82 51.71
C VAL B 1812 -50.77 -80.52 51.38
N ASN B 1813 -51.02 -81.64 52.05
CA ASN B 1813 -52.23 -82.39 51.84
C ASN B 1813 -53.43 -81.78 52.55
N LEU B 1814 -53.22 -81.27 53.76
CA LEU B 1814 -54.30 -80.63 54.50
C LEU B 1814 -54.83 -79.43 53.75
N ALA B 1815 -53.95 -78.74 53.03
CA ALA B 1815 -54.32 -77.55 52.29
C ALA B 1815 -55.43 -77.87 51.29
N LYS B 1816 -55.45 -79.09 50.77
CA LYS B 1816 -56.46 -79.47 49.79
C LYS B 1816 -57.66 -80.11 50.47
N SER B 1817 -58.77 -79.38 50.49
CA SER B 1817 -59.97 -79.85 51.17
C SER B 1817 -61.09 -78.79 51.11
N ARG B 1818 -62.33 -79.20 51.35
CA ARG B 1818 -63.43 -78.25 51.41
C ARG B 1818 -63.21 -77.35 52.63
N TRP B 1819 -62.51 -77.91 53.61
CA TRP B 1819 -62.19 -77.21 54.85
C TRP B 1819 -61.37 -75.96 54.59
N TYR B 1820 -60.46 -76.06 53.62
CA TYR B 1820 -59.59 -74.96 53.25
C TYR B 1820 -60.39 -73.90 52.48
N ASN B 1821 -61.12 -74.33 51.45
CA ASN B 1821 -61.90 -73.42 50.63
C ASN B 1821 -62.96 -72.65 51.43
N GLN B 1822 -63.48 -73.27 52.48
CA GLN B 1822 -64.56 -72.67 53.27
C GLN B 1822 -64.09 -71.60 54.25
N THR B 1823 -63.07 -71.92 55.03
CA THR B 1823 -62.59 -71.05 56.12
C THR B 1823 -61.07 -71.02 56.08
N PRO B 1824 -60.52 -70.42 55.02
CA PRO B 1824 -59.09 -70.62 54.72
C PRO B 1824 -58.13 -69.99 55.72
N ASN B 1825 -58.48 -68.87 56.34
CA ASN B 1825 -57.59 -68.25 57.31
C ASN B 1825 -57.33 -69.16 58.50
N ARG B 1826 -58.40 -69.62 59.14
CA ARG B 1826 -58.29 -70.59 60.24
C ARG B 1826 -57.55 -71.85 59.79
N ALA B 1827 -57.93 -72.38 58.64
CA ALA B 1827 -57.32 -73.60 58.13
C ALA B 1827 -55.83 -73.38 57.92
N LYS B 1828 -55.45 -72.16 57.59
CA LYS B 1828 -54.05 -71.85 57.36
C LYS B 1828 -53.27 -71.84 58.67
N ARG B 1829 -53.87 -71.30 59.72
CA ARG B 1829 -53.19 -71.18 61.01
C ARG B 1829 -53.06 -72.54 61.69
N VAL B 1830 -54.13 -73.32 61.64
CA VAL B 1830 -54.11 -74.69 62.16
C VAL B 1830 -53.01 -75.49 61.49
N ILE B 1831 -52.95 -75.40 60.17
CA ILE B 1831 -51.98 -76.17 59.39
C ILE B 1831 -50.54 -75.80 59.72
N THR B 1832 -50.23 -74.50 59.77
CA THR B 1832 -48.88 -74.08 60.09
C THR B 1832 -48.57 -74.37 61.57
N THR B 1833 -49.61 -74.63 62.35
CA THR B 1833 -49.41 -75.10 63.72
C THR B 1833 -49.02 -76.57 63.70
N PHE B 1834 -49.59 -77.33 62.76
CA PHE B 1834 -49.18 -78.72 62.57
C PHE B 1834 -47.74 -78.76 62.09
N ARG B 1835 -47.44 -77.97 61.07
CA ARG B 1835 -46.10 -77.90 60.50
C ARG B 1835 -45.06 -77.57 61.55
N THR B 1836 -45.11 -76.33 62.03
CA THR B 1836 -44.08 -75.80 62.89
C THR B 1836 -44.10 -76.46 64.26
N GLY B 1837 -45.23 -77.06 64.60
CA GLY B 1837 -45.45 -77.56 65.94
C GLY B 1837 -45.30 -76.47 66.97
N THR B 1838 -45.57 -75.23 66.54
CA THR B 1838 -45.48 -74.07 67.42
C THR B 1838 -46.72 -73.21 67.27
N TRP B 1839 -46.90 -72.36 68.28
CA TRP B 1839 -48.07 -71.54 68.48
C TRP B 1839 -47.93 -70.21 67.73
N ASP B 1840 -46.91 -70.09 66.88
CA ASP B 1840 -46.53 -68.80 66.32
C ASP B 1840 -47.67 -68.08 65.59
N ALA B 1841 -48.32 -68.71 64.61
CA ALA B 1841 -49.61 -68.19 64.16
C ALA B 1841 -50.39 -68.28 65.45
N TYR B 1842 -51.32 -67.36 65.72
CA TYR B 1842 -52.04 -67.27 67.01
C TYR B 1842 -51.48 -66.35 68.08
N GLY B 1843 -50.39 -65.65 67.85
CA GLY B 1843 -50.20 -64.51 68.70
C GLY B 1843 -49.53 -63.40 67.99
N SER B 1844 -50.06 -62.23 68.28
CA SER B 1844 -49.92 -61.15 67.40
C SER B 1844 -48.53 -60.55 67.42
N GLY B 1845 -48.16 -60.05 68.58
CA GLY B 1845 -46.80 -59.66 68.81
C GLY B 1845 -45.87 -60.83 69.16
N SER B 1846 -46.41 -61.97 69.57
CA SER B 1846 -45.57 -63.05 70.09
C SER B 1846 -45.46 -64.21 69.14
N GLY B 1847 -44.23 -64.49 68.78
CA GLY B 1847 -43.82 -65.75 68.21
C GLY B 1847 -43.46 -66.66 69.37
N SER B 1848 -44.09 -66.42 70.52
CA SER B 1848 -43.74 -67.05 71.78
C SER B 1848 -43.90 -68.56 71.77
N SER B 1849 -43.21 -69.20 72.71
CA SER B 1849 -43.31 -70.63 72.94
C SER B 1849 -44.70 -71.01 73.46
N ILE B 1850 -45.18 -70.24 74.43
CA ILE B 1850 -46.55 -70.30 74.93
C ILE B 1850 -47.35 -69.12 74.39
N SER B 1851 -48.55 -69.34 73.87
CA SER B 1851 -49.26 -68.25 73.22
C SER B 1851 -50.10 -67.53 74.28
N LEU B 1852 -49.53 -66.42 74.75
CA LEU B 1852 -50.13 -65.55 75.77
C LEU B 1852 -50.14 -64.12 75.25
N VAL B 1853 -51.33 -63.58 75.02
CA VAL B 1853 -51.43 -62.29 74.36
C VAL B 1853 -50.79 -61.09 75.04
N LYS B 1854 -50.52 -61.19 76.33
CA LYS B 1854 -49.81 -60.11 76.97
C LYS B 1854 -48.35 -60.03 76.56
N SER B 1855 -47.70 -61.19 76.48
CA SER B 1855 -46.31 -61.25 76.07
C SER B 1855 -46.11 -60.76 74.64
N LEU B 1856 -47.16 -60.89 73.83
CA LEU B 1856 -47.07 -60.43 72.45
C LEU B 1856 -47.20 -58.92 72.32
N THR B 1857 -48.10 -58.32 73.08
CA THR B 1857 -48.21 -56.88 73.09
C THR B 1857 -46.88 -56.33 73.52
N PHE B 1858 -46.19 -57.07 74.36
CA PHE B 1858 -44.90 -56.65 74.82
C PHE B 1858 -43.88 -56.65 73.66
N GLU B 1859 -43.96 -57.58 72.71
CA GLU B 1859 -42.95 -57.56 71.65
C GLU B 1859 -43.18 -56.32 70.80
N LYS B 1860 -44.44 -55.96 70.61
CA LYS B 1860 -44.77 -54.71 69.95
C LYS B 1860 -44.25 -53.51 70.75
N GLU B 1861 -44.26 -53.63 72.08
CA GLU B 1861 -43.67 -52.60 72.94
C GLU B 1861 -42.19 -52.37 72.66
N ARG B 1862 -41.47 -53.47 72.42
CA ARG B 1862 -40.03 -53.43 72.19
C ARG B 1862 -39.76 -53.14 70.72
N TRP B 1863 -40.83 -52.89 69.97
CA TRP B 1863 -40.74 -52.52 68.55
C TRP B 1863 -40.47 -51.01 68.48
N LEU B 1864 -40.26 -50.40 69.65
CA LEU B 1864 -39.86 -49.00 69.78
C LEU B 1864 -38.51 -48.69 69.15
N ASN B 1865 -37.82 -49.72 68.69
CA ASN B 1865 -36.48 -49.57 68.11
C ASN B 1865 -36.44 -48.48 67.06
N THR B 1866 -37.60 -48.18 66.50
CA THR B 1866 -37.77 -47.02 65.63
C THR B 1866 -37.18 -45.75 66.24
N THR B 1867 -37.32 -45.59 67.55
CA THR B 1867 -36.80 -44.42 68.26
C THR B 1867 -35.31 -44.17 67.98
N LYS B 1868 -34.52 -45.23 67.82
CA LYS B 1868 -33.11 -45.07 67.45
C LYS B 1868 -32.94 -44.77 65.96
N GLN B 1869 -33.89 -45.23 65.15
CA GLN B 1869 -33.86 -44.91 63.73
C GLN B 1869 -34.06 -43.42 63.50
N PHE B 1870 -34.95 -42.82 64.29
CA PHE B 1870 -35.20 -41.39 64.22
C PHE B 1870 -33.93 -40.55 64.39
N SER B 1871 -33.17 -40.81 65.45
CA SER B 1871 -31.97 -40.03 65.74
C SER B 1871 -31.00 -39.93 64.56
N LYS B 1872 -30.96 -40.95 63.71
CA LYS B 1872 -30.20 -40.88 62.46
C LYS B 1872 -30.88 -39.91 61.49
N THR B 1873 -32.12 -40.22 61.14
CA THR B 1873 -32.86 -39.52 60.12
C THR B 1873 -32.88 -38.01 60.40
N SER B 1874 -32.95 -37.65 61.68
CA SER B 1874 -32.99 -36.25 62.09
C SER B 1874 -31.60 -35.62 62.01
N GLN B 1875 -30.60 -36.43 62.32
CA GLN B 1875 -29.21 -35.99 62.33
C GLN B 1875 -28.76 -35.50 60.95
N GLU B 1876 -29.13 -36.25 59.91
CA GLU B 1876 -28.75 -35.92 58.55
C GLU B 1876 -29.78 -35.07 57.80
N LEU B 1877 -30.81 -34.59 58.50
CA LEU B 1877 -31.82 -33.72 57.88
C LEU B 1877 -31.25 -32.48 57.21
N ILE B 1878 -30.44 -31.71 57.95
CA ILE B 1878 -29.91 -30.47 57.39
C ILE B 1878 -29.11 -30.80 56.14
N GLY B 1879 -28.22 -31.77 56.25
CA GLY B 1879 -27.42 -32.20 55.11
C GLY B 1879 -28.23 -32.56 53.88
N ASN B 1880 -29.24 -33.42 54.05
CA ASN B 1880 -30.08 -33.85 52.92
C ASN B 1880 -30.82 -32.69 52.27
N CYS B 1881 -31.27 -31.74 53.07
CA CYS B 1881 -32.02 -30.60 52.56
C CYS B 1881 -31.10 -29.64 51.83
N ILE B 1882 -29.88 -29.49 52.34
CA ILE B 1882 -28.85 -28.71 51.68
C ILE B 1882 -28.63 -29.28 50.29
N ILE B 1883 -28.33 -30.58 50.24
CA ILE B 1883 -28.12 -31.28 48.98
C ILE B 1883 -29.30 -31.04 48.05
N SER B 1884 -30.50 -31.19 48.60
CA SER B 1884 -31.72 -31.15 47.80
C SER B 1884 -31.98 -29.77 47.25
N SER B 1885 -31.84 -28.75 48.09
CA SER B 1885 -32.06 -27.36 47.70
C SER B 1885 -31.06 -26.94 46.63
N ILE B 1886 -29.79 -27.24 46.87
CA ILE B 1886 -28.73 -26.97 45.92
C ILE B 1886 -29.06 -27.69 44.61
N TYR B 1887 -29.58 -28.90 44.72
CA TYR B 1887 -29.95 -29.68 43.54
C TYR B 1887 -31.05 -28.97 42.77
N GLU B 1888 -32.08 -28.50 43.47
CA GLU B 1888 -33.18 -27.82 42.80
C GLU B 1888 -32.66 -26.57 42.12
N THR B 1889 -31.87 -25.80 42.86
CA THR B 1889 -31.44 -24.48 42.42
C THR B 1889 -30.36 -24.50 41.33
N TYR B 1890 -29.16 -24.98 41.67
CA TYR B 1890 -28.02 -24.91 40.75
C TYR B 1890 -28.02 -25.88 39.55
N PHE B 1891 -28.62 -27.06 39.71
CA PHE B 1891 -28.33 -28.18 38.80
C PHE B 1891 -29.12 -28.23 37.49
N GLY B 1892 -30.17 -27.43 37.36
CA GLY B 1892 -31.09 -27.53 36.25
C GLY B 1892 -30.46 -27.55 34.87
N HIS B 1893 -29.46 -26.69 34.69
CA HIS B 1893 -28.86 -26.42 33.39
C HIS B 1893 -27.62 -27.27 33.16
N LEU B 1894 -27.40 -28.23 34.05
CA LEU B 1894 -26.19 -29.04 34.06
C LEU B 1894 -26.37 -30.41 33.42
N ASN B 1895 -25.30 -30.91 32.80
CA ASN B 1895 -25.26 -32.28 32.29
C ASN B 1895 -25.35 -33.27 33.43
N GLU B 1896 -25.68 -34.52 33.12
CA GLU B 1896 -25.60 -35.58 34.11
C GLU B 1896 -24.22 -35.52 34.76
N ARG B 1897 -23.17 -35.48 33.94
CA ARG B 1897 -21.81 -35.47 34.45
C ARG B 1897 -21.51 -34.21 35.24
N GLU B 1898 -22.13 -33.09 34.85
CA GLU B 1898 -21.88 -31.85 35.55
C GLU B 1898 -22.46 -31.97 36.96
N ARG B 1899 -23.67 -32.52 37.07
CA ARG B 1899 -24.31 -32.67 38.37
C ARG B 1899 -23.51 -33.63 39.24
N ALA B 1900 -22.98 -34.68 38.60
CA ALA B 1900 -22.20 -35.68 39.30
C ALA B 1900 -21.03 -35.00 39.98
N ASP B 1901 -20.18 -34.40 39.15
CA ASP B 1901 -18.95 -33.79 39.61
C ASP B 1901 -19.26 -32.69 40.61
N MET B 1902 -20.36 -31.98 40.39
CA MET B 1902 -20.76 -30.92 41.31
C MET B 1902 -21.25 -31.48 42.63
N LEU B 1903 -21.94 -32.62 42.57
CA LEU B 1903 -22.49 -33.24 43.77
C LEU B 1903 -21.35 -33.73 44.66
N VAL B 1904 -20.34 -34.31 44.04
CA VAL B 1904 -19.17 -34.78 44.76
C VAL B 1904 -18.52 -33.63 45.52
N ILE B 1905 -18.35 -32.50 44.84
CA ILE B 1905 -17.82 -31.29 45.49
C ILE B 1905 -18.68 -30.92 46.68
N LEU B 1906 -20.00 -31.01 46.54
CA LEU B 1906 -20.90 -30.63 47.62
C LEU B 1906 -20.74 -31.58 48.80
N LYS B 1907 -20.57 -32.87 48.52
CA LYS B 1907 -20.47 -33.87 49.58
C LYS B 1907 -19.16 -33.78 50.37
N ARG B 1908 -18.05 -33.46 49.72
CA ARG B 1908 -16.80 -33.28 50.47
C ARG B 1908 -16.82 -31.96 51.22
N LEU B 1909 -17.76 -31.08 50.87
CA LEU B 1909 -17.96 -29.85 51.62
C LEU B 1909 -18.82 -30.16 52.85
N LEU B 1910 -19.83 -31.00 52.66
CA LEU B 1910 -20.67 -31.44 53.77
C LEU B 1910 -19.86 -32.28 54.74
N GLY B 1911 -18.81 -32.93 54.22
CA GLY B 1911 -17.93 -33.75 55.02
C GLY B 1911 -16.92 -32.93 55.80
N LYS B 1912 -16.36 -31.93 55.14
CA LYS B 1912 -15.28 -31.13 55.72
C LYS B 1912 -15.76 -30.32 56.92
N PHE B 1913 -16.81 -29.53 56.71
CA PHE B 1913 -17.58 -28.98 57.82
C PHE B 1913 -18.43 -30.11 58.38
N ALA B 1914 -18.86 -30.00 59.63
CA ALA B 1914 -19.58 -31.12 60.22
C ALA B 1914 -21.05 -30.92 59.94
N VAL B 1915 -21.54 -31.71 58.99
CA VAL B 1915 -22.96 -31.87 58.77
C VAL B 1915 -23.13 -33.28 58.23
N LYS B 1916 -24.10 -34.01 58.76
CA LYS B 1916 -24.29 -35.38 58.35
C LYS B 1916 -25.19 -35.32 57.13
N TYR B 1917 -24.90 -36.14 56.14
CA TYR B 1917 -25.78 -36.27 55.00
C TYR B 1917 -25.95 -37.76 54.78
N ASP B 1918 -26.94 -38.13 53.98
CA ASP B 1918 -27.29 -39.53 53.83
C ASP B 1918 -26.35 -40.17 52.82
N VAL B 1919 -25.50 -41.08 53.28
CA VAL B 1919 -24.38 -41.58 52.49
C VAL B 1919 -24.92 -42.19 51.22
N ASN B 1920 -26.01 -42.92 51.37
CA ASN B 1920 -26.82 -43.32 50.24
C ASN B 1920 -27.92 -42.30 50.07
N TYR B 1921 -27.83 -41.54 48.98
CA TYR B 1921 -28.77 -40.47 48.70
C TYR B 1921 -29.11 -40.53 47.24
N ARG B 1922 -30.39 -40.34 46.96
CA ARG B 1922 -30.87 -40.24 45.61
C ARG B 1922 -31.89 -39.12 45.59
N PHE B 1923 -31.69 -38.15 44.72
CA PHE B 1923 -32.54 -36.96 44.68
C PHE B 1923 -33.98 -37.34 44.41
N ILE B 1924 -34.16 -38.19 43.41
CA ILE B 1924 -35.48 -38.62 42.99
C ILE B 1924 -36.24 -39.27 44.15
N ASP B 1925 -35.67 -40.33 44.72
CA ASP B 1925 -36.35 -41.07 45.79
C ASP B 1925 -36.70 -40.17 46.96
N TYR B 1926 -35.88 -39.14 47.18
CA TYR B 1926 -36.05 -38.22 48.29
C TYR B 1926 -37.22 -37.26 48.07
N LEU B 1927 -37.24 -36.57 46.94
CA LEU B 1927 -38.21 -35.50 46.69
C LEU B 1927 -39.42 -35.80 45.80
N VAL B 1928 -39.53 -37.00 45.21
CA VAL B 1928 -40.70 -37.28 44.35
C VAL B 1928 -41.56 -38.42 44.91
N THR B 1929 -42.87 -38.19 44.85
CA THR B 1929 -43.87 -39.16 45.25
C THR B 1929 -44.03 -40.25 44.18
N LEU B 1930 -44.47 -41.42 44.59
CA LEU B 1930 -44.83 -42.48 43.65
C LEU B 1930 -45.89 -41.92 42.69
N ASP B 1931 -46.92 -41.31 43.26
CA ASP B 1931 -47.99 -40.69 42.48
C ASP B 1931 -47.45 -39.69 41.47
N GLU B 1932 -46.59 -38.78 41.93
CA GLU B 1932 -45.99 -37.78 41.07
C GLU B 1932 -45.28 -38.45 39.89
N LYS B 1933 -44.42 -39.42 40.19
CA LYS B 1933 -43.67 -40.14 39.16
C LYS B 1933 -44.62 -40.78 38.15
N MET B 1934 -45.63 -41.48 38.66
CA MET B 1934 -46.57 -42.23 37.84
C MET B 1934 -47.32 -41.30 36.88
N LYS B 1935 -47.83 -40.19 37.41
CA LYS B 1935 -48.60 -39.27 36.60
C LYS B 1935 -47.74 -38.61 35.53
N TRP B 1936 -46.52 -38.22 35.89
CA TRP B 1936 -45.63 -37.57 34.94
C TRP B 1936 -45.34 -38.47 33.74
N LEU B 1937 -45.02 -39.73 34.01
CA LEU B 1937 -44.72 -40.68 32.95
C LEU B 1937 -45.97 -40.97 32.11
N GLU B 1938 -47.14 -40.86 32.73
CA GLU B 1938 -48.41 -41.03 32.02
C GLU B 1938 -48.58 -39.85 31.07
N CYS B 1939 -48.19 -38.67 31.54
CA CYS B 1939 -48.26 -37.45 30.73
C CYS B 1939 -47.29 -37.51 29.56
N GLY B 1940 -46.44 -38.54 29.52
CA GLY B 1940 -45.52 -38.73 28.42
C GLY B 1940 -44.08 -38.44 28.76
N LEU B 1941 -43.80 -38.13 30.02
CA LEU B 1941 -42.44 -37.84 30.44
C LEU B 1941 -41.53 -39.03 30.17
N ASP B 1942 -40.28 -38.75 29.82
CA ASP B 1942 -39.31 -39.79 29.49
C ASP B 1942 -38.88 -40.59 30.70
N LYS B 1943 -38.50 -41.84 30.47
CA LYS B 1943 -38.14 -42.79 31.53
C LYS B 1943 -36.97 -42.30 32.38
N ASN B 1944 -36.09 -41.50 31.77
CA ASN B 1944 -34.79 -41.19 32.38
C ASN B 1944 -34.88 -40.58 33.78
N ASP B 1945 -33.89 -40.91 34.61
CA ASP B 1945 -33.72 -40.26 35.91
C ASP B 1945 -33.49 -38.76 35.72
N TYR B 1946 -32.74 -38.42 34.67
CA TYR B 1946 -32.44 -37.02 34.37
C TYR B 1946 -33.74 -36.26 34.21
N PHE B 1947 -34.55 -36.69 33.25
CA PHE B 1947 -35.84 -36.05 32.98
C PHE B 1947 -36.80 -36.08 34.17
N LEU B 1948 -36.60 -37.01 35.09
CA LEU B 1948 -37.41 -37.05 36.31
C LEU B 1948 -36.91 -36.01 37.31
N GLU B 1949 -35.58 -35.91 37.43
CA GLU B 1949 -34.98 -34.87 38.25
C GLU B 1949 -35.49 -33.52 37.77
N ASN B 1950 -35.46 -33.33 36.45
CA ASN B 1950 -35.89 -32.08 35.82
C ASN B 1950 -37.32 -31.73 36.14
N MET B 1951 -38.22 -32.66 35.82
CA MET B 1951 -39.65 -32.44 35.98
C MET B 1951 -39.94 -32.06 37.42
N SER B 1952 -39.18 -32.64 38.36
CA SER B 1952 -39.30 -32.26 39.75
C SER B 1952 -38.85 -30.83 39.95
N ILE B 1953 -37.68 -30.48 39.40
CA ILE B 1953 -37.15 -29.13 39.57
C ILE B 1953 -38.10 -28.10 39.00
N VAL B 1954 -38.73 -28.44 37.87
CA VAL B 1954 -39.72 -27.56 37.29
C VAL B 1954 -40.95 -27.45 38.17
N MET B 1955 -41.56 -28.59 38.47
CA MET B 1955 -42.85 -28.60 39.16
C MET B 1955 -42.71 -28.21 40.62
N ASN B 1956 -41.99 -29.03 41.37
CA ASN B 1956 -42.01 -29.01 42.82
C ASN B 1956 -41.77 -27.65 43.49
N SER B 1957 -40.84 -26.86 42.98
CA SER B 1957 -40.61 -25.53 43.54
C SER B 1957 -40.81 -24.46 42.48
N GLN B 1958 -41.91 -23.72 42.59
CA GLN B 1958 -42.00 -22.43 41.96
C GLN B 1958 -42.21 -21.38 43.04
N ASP B 1959 -41.12 -20.72 43.37
CA ASP B 1959 -41.13 -19.35 43.85
C ASP B 1959 -40.72 -18.50 42.64
N ALA B 1960 -40.40 -19.18 41.54
CA ALA B 1960 -39.90 -18.54 40.34
C ALA B 1960 -40.31 -19.30 39.08
N VAL B 1961 -40.32 -18.61 37.95
CA VAL B 1961 -40.82 -19.15 36.68
C VAL B 1961 -39.87 -20.16 36.04
N PRO B 1962 -40.39 -21.35 35.69
CA PRO B 1962 -39.53 -22.29 34.96
C PRO B 1962 -39.19 -21.83 33.55
N PHE B 1963 -37.98 -22.15 33.11
CA PHE B 1963 -37.56 -21.96 31.73
C PHE B 1963 -37.15 -23.32 31.21
N LEU B 1964 -37.96 -23.85 30.31
CA LEU B 1964 -37.73 -25.21 29.83
C LEU B 1964 -36.96 -25.14 28.53
N LEU B 1965 -35.98 -26.02 28.41
CA LEU B 1965 -35.21 -26.13 27.18
C LEU B 1965 -35.14 -27.57 26.71
N ASP B 1966 -35.81 -27.87 25.61
CA ASP B 1966 -35.51 -29.08 24.84
C ASP B 1966 -35.63 -28.73 23.37
N PRO B 1967 -34.70 -29.24 22.54
CA PRO B 1967 -34.78 -28.91 21.11
C PRO B 1967 -36.09 -29.36 20.49
N SER B 1968 -36.47 -30.60 20.75
CA SER B 1968 -37.77 -31.11 20.34
C SER B 1968 -38.65 -30.92 21.54
N SER B 1969 -39.83 -30.34 21.33
CA SER B 1969 -40.65 -30.04 22.47
C SER B 1969 -41.68 -31.14 22.59
N HIS B 1970 -41.32 -32.14 23.38
CA HIS B 1970 -42.25 -33.17 23.80
C HIS B 1970 -42.81 -32.67 25.09
N MET B 1971 -42.10 -31.69 25.66
CA MET B 1971 -42.35 -31.25 27.00
C MET B 1971 -43.52 -30.29 26.98
N ILE B 1972 -43.79 -29.73 25.80
CA ILE B 1972 -44.90 -28.79 25.66
C ILE B 1972 -46.22 -29.56 25.75
N THR B 1973 -46.18 -30.83 25.34
CA THR B 1973 -47.35 -31.70 25.43
C THR B 1973 -47.42 -32.47 26.74
N VAL B 1974 -46.36 -32.43 27.54
CA VAL B 1974 -46.38 -33.04 28.87
C VAL B 1974 -47.10 -32.14 29.86
N ILE B 1975 -46.75 -30.87 29.86
CA ILE B 1975 -47.46 -29.89 30.67
C ILE B 1975 -48.90 -29.82 30.19
N SER B 1976 -49.06 -29.77 28.87
CA SER B 1976 -50.38 -29.70 28.25
C SER B 1976 -51.23 -30.89 28.66
N ASN B 1977 -50.61 -32.06 28.72
CA ASN B 1977 -51.30 -33.26 29.15
C ASN B 1977 -51.54 -33.24 30.65
N TYR B 1978 -50.66 -32.56 31.38
CA TYR B 1978 -50.77 -32.48 32.83
C TYR B 1978 -51.94 -31.57 33.23
N TYR B 1979 -52.02 -30.41 32.58
CA TYR B 1979 -53.03 -29.40 32.91
C TYR B 1979 -54.28 -29.44 32.04
N GLY B 1980 -54.29 -30.31 31.02
CA GLY B 1980 -55.47 -30.50 30.20
C GLY B 1980 -55.93 -29.32 29.36
N ASN B 1981 -57.21 -29.01 29.45
CA ASN B 1981 -57.81 -27.92 28.68
C ASN B 1981 -57.36 -26.55 29.18
N LYS B 1982 -56.97 -26.51 30.45
CA LYS B 1982 -56.61 -25.26 31.12
C LYS B 1982 -55.39 -24.64 30.44
N THR B 1983 -54.56 -25.49 29.84
CA THR B 1983 -53.31 -25.05 29.21
C THR B 1983 -53.57 -24.06 28.08
N VAL B 1984 -52.81 -22.97 28.09
CA VAL B 1984 -52.87 -22.00 26.99
C VAL B 1984 -51.49 -21.77 26.40
N LEU B 1985 -51.41 -21.87 25.07
CA LEU B 1985 -50.15 -21.78 24.36
C LEU B 1985 -49.99 -20.42 23.68
N LEU B 1986 -48.99 -19.67 24.12
CA LEU B 1986 -48.68 -18.34 23.59
C LEU B 1986 -47.25 -18.30 23.07
N SER B 1987 -46.94 -17.31 22.24
CA SER B 1987 -45.57 -17.08 21.78
C SER B 1987 -45.17 -15.63 21.98
N PHE B 1988 -43.87 -15.40 22.16
CA PHE B 1988 -43.37 -14.04 22.23
C PHE B 1988 -43.32 -13.42 20.83
N LEU B 1989 -43.21 -14.27 19.80
CA LEU B 1989 -43.09 -13.80 18.42
C LEU B 1989 -44.42 -13.55 17.70
N GLU B 1990 -45.51 -14.08 18.23
CA GLU B 1990 -46.82 -13.89 17.61
C GLU B 1990 -47.37 -12.49 17.94
N GLU B 1991 -48.15 -11.92 17.02
CA GLU B 1991 -48.60 -10.53 17.11
C GLU B 1991 -49.31 -10.18 18.41
N GLY B 1992 -50.50 -10.73 18.61
CA GLY B 1992 -51.40 -10.28 19.67
C GLY B 1992 -51.05 -10.78 21.06
N PHE B 1993 -49.88 -11.38 21.20
CA PHE B 1993 -49.48 -12.05 22.45
C PHE B 1993 -49.73 -11.22 23.70
N VAL B 1994 -49.25 -9.97 23.68
CA VAL B 1994 -49.38 -9.08 24.84
C VAL B 1994 -50.82 -9.02 25.37
N LYS B 1995 -51.80 -8.93 24.46
CA LYS B 1995 -53.19 -8.84 24.86
C LYS B 1995 -53.68 -10.18 25.37
N ARG B 1996 -53.28 -11.24 24.68
CA ARG B 1996 -53.79 -12.57 24.97
C ARG B 1996 -53.23 -13.09 26.28
N LEU B 1997 -52.14 -12.48 26.73
CA LEU B 1997 -51.60 -12.78 28.04
C LEU B 1997 -52.45 -12.13 29.12
N GLU B 1998 -52.77 -10.86 28.94
CA GLU B 1998 -53.60 -10.10 29.89
C GLU B 1998 -54.90 -10.84 30.19
N ASN B 1999 -55.41 -11.52 29.16
CA ASN B 1999 -56.60 -12.34 29.30
C ASN B 1999 -56.31 -13.57 30.13
N ALA B 2000 -55.28 -14.31 29.73
CA ALA B 2000 -54.88 -15.50 30.44
C ALA B 2000 -54.60 -15.16 31.89
N ILE B 2001 -53.91 -14.05 32.11
CA ILE B 2001 -53.52 -13.72 33.46
C ILE B 2001 -54.73 -13.36 34.33
N ARG B 2002 -55.75 -12.75 33.74
CA ARG B 2002 -56.92 -12.33 34.52
C ARG B 2002 -57.83 -13.50 34.86
N PHE B 2003 -57.97 -14.45 33.94
CA PHE B 2003 -58.95 -15.53 34.05
C PHE B 2003 -58.44 -16.88 34.56
N GLY B 2004 -57.17 -16.96 34.97
CA GLY B 2004 -56.68 -18.15 35.64
C GLY B 2004 -56.23 -19.27 34.72
N SER B 2005 -55.80 -18.90 33.50
CA SER B 2005 -55.28 -19.87 32.54
C SER B 2005 -53.82 -20.26 32.81
N VAL B 2006 -53.46 -21.52 32.58
CA VAL B 2006 -52.06 -21.94 32.74
C VAL B 2006 -51.33 -21.76 31.41
N VAL B 2007 -50.34 -20.87 31.44
CA VAL B 2007 -49.70 -20.41 30.21
C VAL B 2007 -48.33 -21.00 29.95
N ILE B 2008 -48.09 -21.25 28.67
CA ILE B 2008 -46.76 -21.54 28.15
C ILE B 2008 -46.42 -20.51 27.09
N ILE B 2009 -45.26 -19.88 27.20
CA ILE B 2009 -44.85 -18.91 26.20
C ILE B 2009 -43.75 -19.54 25.34
N GLN B 2010 -44.09 -19.75 24.08
CA GLN B 2010 -43.46 -20.80 23.27
C GLN B 2010 -42.06 -20.51 22.73
N ASP B 2011 -41.74 -19.26 22.45
CA ASP B 2011 -40.38 -18.91 22.03
C ASP B 2011 -39.75 -18.09 23.13
N GLY B 2012 -38.85 -18.71 23.91
CA GLY B 2012 -38.29 -18.06 25.07
C GLY B 2012 -37.02 -17.27 24.79
N GLU B 2013 -36.31 -17.65 23.74
CA GLU B 2013 -35.10 -16.94 23.33
C GLU B 2013 -35.43 -15.46 23.27
N PHE B 2014 -36.58 -15.20 22.65
CA PHE B 2014 -37.09 -13.85 22.51
C PHE B 2014 -38.06 -13.59 23.64
N PHE B 2015 -37.76 -12.55 24.40
CA PHE B 2015 -38.51 -12.23 25.60
C PHE B 2015 -38.61 -10.72 25.70
N ASP B 2016 -39.83 -10.18 25.82
CA ASP B 2016 -39.97 -8.73 25.95
C ASP B 2016 -40.27 -8.33 27.41
N PRO B 2017 -39.52 -7.36 27.95
CA PRO B 2017 -39.56 -6.93 29.34
C PRO B 2017 -40.94 -6.54 29.86
N ILE B 2018 -41.94 -6.41 29.01
CA ILE B 2018 -43.27 -6.17 29.54
C ILE B 2018 -43.60 -7.23 30.61
N ILE B 2019 -43.12 -8.46 30.42
CA ILE B 2019 -43.30 -9.52 31.41
C ILE B 2019 -42.36 -9.38 32.61
N SER B 2020 -41.38 -8.47 32.53
CA SER B 2020 -40.37 -8.34 33.56
C SER B 2020 -40.96 -8.15 34.96
N ARG B 2021 -41.92 -7.24 35.07
CA ARG B 2021 -42.58 -7.00 36.35
C ARG B 2021 -43.34 -8.27 36.76
N LEU B 2022 -43.64 -9.14 35.80
CA LEU B 2022 -44.37 -10.37 36.10
C LEU B 2022 -43.43 -11.45 36.64
N ILE B 2023 -42.17 -11.43 36.24
CA ILE B 2023 -41.18 -12.31 36.85
C ILE B 2023 -40.64 -11.72 38.16
N SER B 2024 -40.82 -12.47 39.25
CA SER B 2024 -40.17 -12.21 40.55
C SER B 2024 -40.59 -10.91 41.21
N ARG B 2025 -41.73 -10.38 40.81
CA ARG B 2025 -42.31 -9.22 41.48
C ARG B 2025 -43.79 -9.54 41.65
N GLU B 2026 -44.36 -8.94 42.68
CA GLU B 2026 -45.72 -9.19 43.07
C GLU B 2026 -46.37 -7.82 43.11
N PHE B 2027 -47.58 -7.75 43.62
CA PHE B 2027 -48.22 -6.47 43.88
C PHE B 2027 -49.18 -6.75 45.03
N ASN B 2028 -49.35 -5.79 45.91
CA ASN B 2028 -50.14 -5.96 47.12
C ASN B 2028 -51.65 -5.68 47.09
N HIS B 2029 -52.35 -6.31 48.04
CA HIS B 2029 -53.76 -6.03 48.36
C HIS B 2029 -54.87 -6.37 47.34
N ALA B 2030 -54.95 -7.62 46.88
CA ALA B 2030 -56.00 -8.05 45.94
C ALA B 2030 -55.71 -7.46 44.55
N GLY B 2031 -54.58 -6.78 44.50
CA GLY B 2031 -54.01 -6.13 43.33
C GLY B 2031 -53.38 -7.12 42.36
N ASN B 2032 -52.12 -6.81 42.01
CA ASN B 2032 -51.25 -7.29 40.89
C ASN B 2032 -51.65 -6.65 39.60
N ARG B 2033 -52.10 -5.40 39.77
CA ARG B 2033 -52.41 -4.50 38.70
C ARG B 2033 -51.19 -4.25 37.81
N VAL B 2034 -50.06 -3.91 38.44
CA VAL B 2034 -48.86 -3.66 37.67
C VAL B 2034 -48.50 -4.84 36.83
N THR B 2035 -48.54 -4.64 35.52
CA THR B 2035 -47.95 -5.59 34.61
C THR B 2035 -47.16 -4.90 33.51
N VAL B 2036 -47.91 -4.49 32.48
CA VAL B 2036 -47.33 -4.04 31.21
C VAL B 2036 -47.59 -2.62 30.62
N GLU B 2037 -48.47 -1.81 31.19
CA GLU B 2037 -49.04 -0.67 30.44
C GLU B 2037 -48.11 0.26 29.66
N GLU B 2042 -52.46 -1.41 30.93
CA GLU B 2042 -52.93 -0.74 32.12
C GLU B 2042 -52.69 -1.61 33.35
N VAL B 2043 -53.67 -1.62 34.25
CA VAL B 2043 -53.61 -2.42 35.45
C VAL B 2043 -54.13 -3.78 35.06
N ASP B 2044 -53.57 -4.83 35.64
CA ASP B 2044 -53.99 -6.18 35.28
C ASP B 2044 -54.39 -6.99 36.49
N VAL B 2045 -55.56 -7.60 36.44
CA VAL B 2045 -56.03 -8.43 37.54
C VAL B 2045 -55.55 -9.87 37.31
N SER B 2046 -55.26 -10.62 38.38
CA SER B 2046 -54.71 -11.98 38.24
C SER B 2046 -55.67 -13.09 38.65
N GLY B 2047 -55.48 -14.26 38.03
CA GLY B 2047 -56.17 -15.47 38.43
C GLY B 2047 -55.27 -16.16 39.43
N ASP B 2048 -55.46 -17.46 39.64
CA ASP B 2048 -54.50 -18.29 40.40
C ASP B 2048 -53.52 -19.17 39.60
N PHE B 2049 -53.50 -19.03 38.28
CA PHE B 2049 -52.73 -19.92 37.41
C PHE B 2049 -51.22 -19.82 37.56
N LYS B 2050 -50.53 -20.57 36.69
CA LYS B 2050 -49.08 -20.64 36.69
C LYS B 2050 -48.48 -20.25 35.35
N LEU B 2051 -47.15 -20.14 35.33
CA LEU B 2051 -46.43 -19.74 34.14
C LEU B 2051 -45.28 -20.68 33.80
N PHE B 2052 -45.13 -20.95 32.50
CA PHE B 2052 -44.04 -21.75 31.95
C PHE B 2052 -43.47 -21.09 30.71
N ILE B 2053 -42.18 -20.81 30.69
CA ILE B 2053 -41.55 -20.36 29.47
C ILE B 2053 -40.87 -21.56 28.83
N HIS B 2054 -40.90 -21.62 27.51
CA HIS B 2054 -40.36 -22.76 26.78
C HIS B 2054 -39.51 -22.25 25.63
N SER B 2055 -38.37 -22.90 25.43
CA SER B 2055 -37.48 -22.55 24.34
C SER B 2055 -36.95 -23.80 23.68
N CYS B 2056 -36.44 -23.65 22.47
CA CYS B 2056 -35.93 -24.80 21.73
C CYS B 2056 -34.42 -24.78 21.60
N ASP B 2057 -33.84 -23.80 20.91
CA ASP B 2057 -32.40 -23.86 20.65
C ASP B 2057 -31.58 -23.34 21.84
N PRO B 2058 -30.53 -24.09 22.24
CA PRO B 2058 -29.58 -23.65 23.27
C PRO B 2058 -28.69 -22.51 22.76
N SER B 2059 -28.63 -22.34 21.45
CA SER B 2059 -27.87 -21.25 20.85
C SER B 2059 -28.45 -19.93 21.34
N GLY B 2060 -29.78 -19.87 21.38
CA GLY B 2060 -30.51 -18.65 21.66
C GLY B 2060 -30.09 -18.03 22.96
N ASP B 2061 -29.85 -16.72 22.93
CA ASP B 2061 -29.31 -16.01 24.08
C ASP B 2061 -30.39 -15.18 24.76
N ILE B 2062 -30.74 -15.59 25.98
CA ILE B 2062 -31.70 -14.85 26.79
C ILE B 2062 -31.01 -13.82 27.69
N PRO B 2063 -31.71 -12.71 28.00
CA PRO B 2063 -31.19 -11.64 28.87
C PRO B 2063 -30.71 -12.12 30.23
N ILE B 2064 -29.62 -11.52 30.70
CA ILE B 2064 -29.06 -11.84 32.01
C ILE B 2064 -30.12 -11.59 33.08
N PHE B 2065 -30.96 -10.58 32.86
CA PHE B 2065 -32.03 -10.29 33.78
C PHE B 2065 -32.96 -11.48 33.92
N LEU B 2066 -33.29 -12.11 32.80
CA LEU B 2066 -34.17 -13.26 32.82
C LEU B 2066 -33.53 -14.48 33.48
N ARG B 2067 -32.35 -14.88 33.00
CA ARG B 2067 -31.69 -16.10 33.47
C ARG B 2067 -31.42 -16.05 34.97
N SER B 2068 -31.26 -14.84 35.48
CA SER B 2068 -31.06 -14.61 36.90
C SER B 2068 -32.34 -14.88 37.68
N ARG B 2069 -33.44 -14.33 37.18
CA ARG B 2069 -34.73 -14.37 37.88
C ARG B 2069 -35.42 -15.71 37.72
N VAL B 2070 -34.98 -16.46 36.73
CA VAL B 2070 -35.74 -17.58 36.21
C VAL B 2070 -35.08 -18.88 36.58
N ARG B 2071 -35.89 -19.92 36.84
CA ARG B 2071 -35.30 -21.23 37.14
C ARG B 2071 -35.21 -22.03 35.85
N LEU B 2072 -33.97 -22.23 35.41
CA LEU B 2072 -33.69 -22.76 34.09
C LEU B 2072 -33.39 -24.25 34.15
N VAL B 2073 -34.16 -25.03 33.38
CA VAL B 2073 -34.01 -26.49 33.37
C VAL B 2073 -33.86 -27.05 31.94
N HIS B 2074 -32.87 -27.93 31.78
CA HIS B 2074 -32.56 -28.58 30.49
C HIS B 2074 -33.23 -29.95 30.30
N PHE B 2075 -34.16 -30.02 29.36
CA PHE B 2075 -34.73 -31.29 28.91
C PHE B 2075 -34.01 -31.87 27.69
N VAL B 2076 -32.80 -31.36 27.43
CA VAL B 2076 -31.98 -31.79 26.29
C VAL B 2076 -31.64 -33.29 26.36
N THR B 2077 -31.30 -33.88 25.20
CA THR B 2077 -30.76 -35.24 25.17
C THR B 2077 -29.31 -35.28 24.63
N ASN B 2078 -29.13 -35.17 23.32
CA ASN B 2078 -27.78 -35.14 22.68
C ASN B 2078 -26.76 -36.15 23.22
N LYS B 2079 -25.50 -35.73 23.39
CA LYS B 2079 -24.43 -36.62 23.82
C LYS B 2079 -24.37 -36.50 25.33
N GLU B 2080 -23.49 -37.27 25.96
CA GLU B 2080 -23.24 -37.20 27.41
C GLU B 2080 -24.45 -37.72 28.18
N SER B 2081 -25.59 -37.80 27.48
CA SER B 2081 -26.77 -38.43 28.00
C SER B 2081 -26.56 -39.89 27.64
N ILE B 2082 -25.68 -40.12 26.66
CA ILE B 2082 -25.44 -41.47 26.13
C ILE B 2082 -24.89 -42.38 27.23
N GLU B 2083 -23.89 -41.88 27.96
CA GLU B 2083 -23.26 -42.64 29.03
C GLU B 2083 -24.31 -43.19 29.99
N THR B 2084 -25.18 -42.30 30.45
CA THR B 2084 -26.28 -42.61 31.35
C THR B 2084 -27.20 -43.69 30.80
N ARG B 2085 -27.57 -43.51 29.53
CA ARG B 2085 -28.61 -44.31 28.89
C ARG B 2085 -28.19 -45.72 28.50
N ILE B 2086 -26.93 -45.91 28.10
CA ILE B 2086 -26.47 -47.24 27.74
C ILE B 2086 -26.29 -48.07 29.00
N PHE B 2087 -26.05 -47.41 30.14
CA PHE B 2087 -26.01 -48.10 31.42
C PHE B 2087 -27.40 -48.61 31.80
N ASP B 2088 -28.38 -47.73 31.69
CA ASP B 2088 -29.77 -48.08 31.96
C ASP B 2088 -30.16 -49.33 31.17
N ILE B 2089 -29.89 -49.33 29.87
CA ILE B 2089 -30.15 -50.48 29.02
C ILE B 2089 -29.38 -51.70 29.49
N THR B 2090 -28.09 -51.50 29.77
CA THR B 2090 -27.20 -52.58 30.19
C THR B 2090 -27.70 -53.22 31.47
N LEU B 2091 -28.12 -52.41 32.42
CA LEU B 2091 -28.56 -52.93 33.70
C LEU B 2091 -29.89 -53.65 33.53
N THR B 2092 -30.75 -53.08 32.69
CA THR B 2092 -32.04 -53.70 32.36
C THR B 2092 -31.88 -55.10 31.76
N GLU B 2093 -30.94 -55.27 30.85
CA GLU B 2093 -30.73 -56.56 30.20
C GLU B 2093 -29.73 -57.49 30.90
N GLU B 2094 -28.96 -56.98 31.85
CA GLU B 2094 -27.99 -57.83 32.55
C GLU B 2094 -28.49 -58.23 33.92
N ASN B 2095 -28.62 -57.27 34.82
CA ASN B 2095 -29.26 -57.56 36.10
C ASN B 2095 -30.62 -56.89 36.16
N ALA B 2096 -31.65 -57.69 35.93
CA ALA B 2096 -33.00 -57.15 35.80
C ALA B 2096 -33.56 -56.88 37.16
N GLU B 2097 -33.41 -57.84 38.05
CA GLU B 2097 -34.15 -57.81 39.30
C GLU B 2097 -33.74 -56.61 40.13
N MET B 2098 -32.52 -56.11 39.95
CA MET B 2098 -32.16 -54.89 40.67
C MET B 2098 -32.40 -53.61 39.84
N GLN B 2099 -32.69 -53.75 38.55
CA GLN B 2099 -33.27 -52.63 37.81
C GLN B 2099 -34.69 -52.54 38.31
N ARG B 2100 -35.30 -53.70 38.51
CA ARG B 2100 -36.63 -53.76 39.05
C ARG B 2100 -36.63 -53.10 40.44
N LYS B 2101 -35.72 -53.50 41.32
CA LYS B 2101 -35.85 -53.07 42.71
C LYS B 2101 -35.21 -51.72 43.04
N ARG B 2102 -34.60 -51.04 42.08
CA ARG B 2102 -34.38 -49.60 42.21
C ARG B 2102 -35.63 -48.80 41.83
N GLU B 2103 -36.37 -49.30 40.83
CA GLU B 2103 -37.57 -48.62 40.38
C GLU B 2103 -38.62 -48.61 41.48
N ASP B 2104 -38.84 -49.76 42.12
CA ASP B 2104 -39.85 -49.86 43.17
C ASP B 2104 -39.26 -49.48 44.53
N LEU B 2105 -38.04 -48.93 44.53
CA LEU B 2105 -37.41 -48.46 45.74
C LEU B 2105 -38.33 -47.56 46.57
N ILE B 2106 -39.02 -46.60 45.94
CA ILE B 2106 -40.02 -45.81 46.67
C ILE B 2106 -41.39 -46.51 46.79
N LYS B 2107 -41.78 -47.30 45.78
CA LYS B 2107 -43.10 -47.95 45.77
C LYS B 2107 -43.33 -48.73 47.05
N LEU B 2108 -42.64 -49.85 47.21
CA LEU B 2108 -42.88 -50.75 48.33
C LEU B 2108 -42.56 -50.06 49.66
N ASN B 2109 -41.64 -49.10 49.61
CA ASN B 2109 -41.30 -48.30 50.79
C ASN B 2109 -42.51 -47.58 51.40
N THR B 2110 -43.03 -46.59 50.69
CA THR B 2110 -44.19 -45.83 51.16
C THR B 2110 -45.45 -46.68 51.18
N GLU B 2111 -45.49 -47.75 50.38
CA GLU B 2111 -46.60 -48.69 50.44
C GLU B 2111 -46.63 -49.44 51.77
N TYR B 2112 -45.51 -50.07 52.10
CA TYR B 2112 -45.44 -50.88 53.31
C TYR B 2112 -45.51 -50.01 54.57
N LYS B 2113 -44.95 -48.81 54.49
CA LYS B 2113 -44.95 -47.92 55.64
C LYS B 2113 -46.33 -47.30 55.88
N LEU B 2114 -47.17 -47.25 54.84
CA LEU B 2114 -48.58 -46.88 55.02
C LEU B 2114 -49.41 -48.09 55.47
N LYS B 2115 -48.95 -49.29 55.18
CA LYS B 2115 -49.61 -50.51 55.63
C LYS B 2115 -49.42 -50.76 57.11
N LEU B 2116 -48.21 -50.50 57.59
CA LEU B 2116 -47.91 -50.55 59.00
C LEU B 2116 -48.66 -49.44 59.75
N LYS B 2117 -48.52 -48.21 59.26
CA LYS B 2117 -49.23 -47.08 59.85
C LYS B 2117 -50.72 -47.36 59.88
N ASN B 2118 -51.20 -48.10 58.87
CA ASN B 2118 -52.60 -48.49 58.78
C ASN B 2118 -52.99 -49.41 59.93
N LEU B 2119 -52.17 -50.43 60.16
CA LEU B 2119 -52.43 -51.38 61.22
C LEU B 2119 -52.12 -50.79 62.60
N GLU B 2120 -51.11 -49.92 62.71
CA GLU B 2120 -50.87 -49.23 63.97
C GLU B 2120 -52.04 -48.29 64.26
N LYS B 2121 -52.63 -47.72 63.22
CA LYS B 2121 -53.81 -46.89 63.40
C LYS B 2121 -54.97 -47.78 63.83
N ARG B 2122 -55.08 -48.95 63.21
CA ARG B 2122 -56.13 -49.92 63.58
C ARG B 2122 -55.93 -50.39 65.01
N LEU B 2123 -54.68 -50.63 65.38
CA LEU B 2123 -54.36 -51.08 66.72
C LEU B 2123 -54.79 -50.02 67.72
N LEU B 2124 -54.27 -48.80 67.53
CA LEU B 2124 -54.56 -47.70 68.43
C LEU B 2124 -56.04 -47.39 68.53
N GLU B 2125 -56.71 -47.36 67.38
CA GLU B 2125 -58.13 -47.02 67.33
C GLU B 2125 -58.93 -47.97 68.22
N GLU B 2126 -58.73 -49.27 68.03
CA GLU B 2126 -59.56 -50.25 68.72
C GLU B 2126 -58.96 -50.67 70.07
N LEU B 2127 -57.87 -50.00 70.49
CA LEU B 2127 -57.41 -50.12 71.88
C LEU B 2127 -58.18 -49.16 72.81
N ASN B 2128 -58.62 -48.00 72.31
CA ASN B 2128 -59.45 -47.05 73.11
C ASN B 2128 -60.95 -47.34 73.21
N ASN B 2129 -61.53 -48.02 72.23
CA ASN B 2129 -62.97 -48.28 72.21
C ASN B 2129 -63.13 -49.79 72.29
N SER B 2130 -64.10 -50.26 73.09
CA SER B 2130 -64.07 -51.62 73.58
C SER B 2130 -62.71 -51.65 74.29
N GLN B 2131 -62.62 -50.82 75.32
CA GLN B 2131 -61.38 -50.56 76.06
C GLN B 2131 -61.16 -51.55 77.21
N GLY B 2132 -61.81 -52.70 77.11
CA GLY B 2132 -61.47 -53.78 78.00
C GLY B 2132 -61.32 -54.82 76.92
N ASN B 2133 -60.32 -55.67 77.08
CA ASN B 2133 -59.85 -56.52 76.00
C ASN B 2133 -60.28 -57.97 76.06
N MET B 2134 -61.26 -58.25 76.93
CA MET B 2134 -61.59 -59.62 77.30
C MET B 2134 -61.68 -60.56 76.09
N LEU B 2135 -62.43 -60.17 75.07
CA LEU B 2135 -62.58 -61.01 73.88
C LEU B 2135 -62.17 -60.26 72.60
N GLU B 2136 -62.90 -59.21 72.28
CA GLU B 2136 -62.83 -58.58 70.95
C GLU B 2136 -61.50 -57.92 70.65
N ASN B 2137 -60.99 -57.19 71.63
CA ASN B 2137 -59.77 -56.44 71.43
C ASN B 2137 -58.63 -57.40 71.12
N ASP B 2138 -58.76 -58.62 71.60
CA ASP B 2138 -57.82 -59.68 71.25
C ASP B 2138 -58.01 -60.13 69.81
N GLU B 2139 -59.26 -60.13 69.36
CA GLU B 2139 -59.57 -60.47 67.98
C GLU B 2139 -59.11 -59.36 67.05
N LEU B 2140 -58.79 -58.20 67.63
CA LEU B 2140 -57.99 -57.22 66.92
C LEU B 2140 -56.54 -57.60 67.02
N MET B 2141 -56.17 -58.15 68.18
CA MET B 2141 -54.78 -58.46 68.39
C MET B 2141 -54.38 -59.45 67.30
N VAL B 2142 -55.27 -60.33 66.86
CA VAL B 2142 -54.81 -61.25 65.79
C VAL B 2142 -54.48 -60.45 64.53
N THR B 2143 -55.07 -59.27 64.39
CA THR B 2143 -54.64 -58.34 63.34
C THR B 2143 -53.29 -57.72 63.75
N LEU B 2144 -52.99 -57.73 65.05
CA LEU B 2144 -51.66 -57.35 65.56
C LEU B 2144 -50.68 -58.50 65.21
N ASN B 2145 -51.20 -59.69 64.91
CA ASN B 2145 -50.38 -60.80 64.36
C ASN B 2145 -50.03 -60.54 62.95
N ASN B 2146 -51.05 -60.15 62.21
CA ASN B 2146 -50.88 -59.75 60.85
C ASN B 2146 -49.91 -58.58 60.85
N LEU B 2147 -50.02 -57.77 61.90
CA LEU B 2147 -49.14 -56.63 62.05
C LEU B 2147 -47.67 -57.03 62.23
N LYS B 2148 -47.36 -58.11 62.94
CA LYS B 2148 -45.95 -58.51 63.08
C LYS B 2148 -45.33 -59.11 61.84
N LYS B 2149 -46.12 -59.87 61.10
CA LYS B 2149 -45.62 -60.47 59.87
C LYS B 2149 -45.32 -59.37 58.84
N GLU B 2150 -46.17 -58.35 58.82
CA GLU B 2150 -45.96 -57.17 57.97
C GLU B 2150 -44.72 -56.38 58.36
N ALA B 2151 -44.32 -56.47 59.62
CA ALA B 2151 -43.10 -55.83 60.10
C ALA B 2151 -41.83 -56.59 59.72
N MET B 2152 -41.97 -57.90 59.49
CA MET B 2152 -40.85 -58.70 58.99
C MET B 2152 -40.61 -58.50 57.51
N ASN B 2153 -41.68 -58.31 56.74
CA ASN B 2153 -41.53 -57.96 55.33
C ASN B 2153 -40.82 -56.64 55.16
N ILE B 2154 -41.22 -55.65 55.97
CA ILE B 2154 -40.58 -54.35 55.94
C ILE B 2154 -39.11 -54.47 56.30
N GLU B 2155 -38.83 -55.19 57.38
CA GLU B 2155 -37.45 -55.38 57.81
C GLU B 2155 -36.63 -56.14 56.78
N LYS B 2156 -37.28 -56.99 55.99
CA LYS B 2156 -36.59 -57.69 54.90
C LYS B 2156 -36.20 -56.75 53.77
N LYS B 2157 -37.15 -55.92 53.33
CA LYS B 2157 -36.89 -54.96 52.26
C LYS B 2157 -35.93 -53.87 52.72
N LEU B 2158 -36.13 -53.40 53.95
CA LEU B 2158 -35.24 -52.42 54.55
C LEU B 2158 -33.81 -52.97 54.63
N SER B 2159 -33.69 -54.29 54.80
CA SER B 2159 -32.37 -54.93 54.91
C SER B 2159 -31.68 -55.19 53.57
N GLU B 2160 -32.43 -55.45 52.50
CA GLU B 2160 -31.82 -55.72 51.20
C GLU B 2160 -31.57 -54.44 50.41
N SER B 2161 -31.98 -53.31 50.97
CA SER B 2161 -31.61 -52.01 50.40
C SER B 2161 -30.16 -51.63 50.69
N GLU B 2162 -29.75 -51.69 51.96
CA GLU B 2162 -28.38 -51.36 52.32
C GLU B 2162 -27.45 -52.33 51.58
N GLU B 2163 -27.99 -53.49 51.25
CA GLU B 2163 -27.28 -54.48 50.45
C GLU B 2163 -27.34 -54.12 48.95
N PHE B 2164 -28.41 -53.44 48.56
CA PHE B 2164 -28.61 -53.04 47.15
C PHE B 2164 -27.73 -51.88 46.68
N PHE B 2165 -27.63 -50.83 47.48
CA PHE B 2165 -26.97 -49.61 47.03
C PHE B 2165 -25.48 -49.79 46.69
N PRO B 2166 -24.69 -50.39 47.58
CA PRO B 2166 -23.28 -50.59 47.21
C PRO B 2166 -23.11 -51.54 46.02
N GLN B 2167 -23.99 -52.52 45.90
CA GLN B 2167 -23.97 -53.41 44.75
C GLN B 2167 -24.36 -52.69 43.47
N PHE B 2168 -25.29 -51.75 43.59
CA PHE B 2168 -25.71 -50.97 42.44
C PHE B 2168 -24.62 -50.02 42.02
N ASP B 2169 -24.15 -49.22 42.98
CA ASP B 2169 -23.15 -48.19 42.72
C ASP B 2169 -21.90 -48.80 42.11
N ASN B 2170 -21.66 -50.07 42.38
CA ASN B 2170 -20.54 -50.77 41.79
C ASN B 2170 -20.82 -51.10 40.32
N LEU B 2171 -22.04 -51.53 40.04
CA LEU B 2171 -22.35 -51.98 38.68
C LEU B 2171 -22.33 -50.81 37.70
N VAL B 2172 -22.47 -49.58 38.20
CA VAL B 2172 -22.42 -48.42 37.31
C VAL B 2172 -20.96 -48.20 36.92
N GLU B 2173 -20.05 -48.56 37.81
CA GLU B 2173 -18.62 -48.41 37.53
C GLU B 2173 -18.11 -49.51 36.62
N GLU B 2174 -18.54 -50.75 36.83
CA GLU B 2174 -18.11 -51.86 35.97
C GLU B 2174 -18.56 -51.67 34.53
N TYR B 2175 -19.73 -51.04 34.37
CA TYR B 2175 -20.30 -50.83 33.04
C TYR B 2175 -19.85 -49.51 32.42
N SER B 2176 -19.07 -48.73 33.16
CA SER B 2176 -18.59 -47.42 32.70
C SER B 2176 -18.02 -47.49 31.30
N ILE B 2177 -17.14 -48.46 31.10
CA ILE B 2177 -16.35 -48.55 29.88
C ILE B 2177 -17.23 -48.57 28.65
N ILE B 2178 -18.35 -49.25 28.77
CA ILE B 2178 -19.25 -49.44 27.65
C ILE B 2178 -19.78 -48.06 27.25
N GLY B 2179 -20.01 -47.22 28.23
CA GLY B 2179 -20.55 -45.90 27.99
C GLY B 2179 -19.53 -45.02 27.33
N LYS B 2180 -18.37 -44.92 27.96
CA LYS B 2180 -17.33 -44.02 27.51
C LYS B 2180 -16.85 -44.40 26.12
N HIS B 2181 -17.03 -45.67 25.75
CA HIS B 2181 -16.73 -46.09 24.38
C HIS B 2181 -17.83 -45.66 23.42
N SER B 2182 -19.09 -45.81 23.82
CA SER B 2182 -20.20 -45.55 22.91
C SER B 2182 -20.41 -44.05 22.67
N VAL B 2183 -19.94 -43.19 23.56
CA VAL B 2183 -20.02 -41.76 23.34
C VAL B 2183 -19.09 -41.36 22.20
N LYS B 2184 -17.93 -42.00 22.15
CA LYS B 2184 -16.93 -41.72 21.12
C LYS B 2184 -17.33 -42.35 19.79
N ILE B 2185 -17.97 -43.52 19.85
CA ILE B 2185 -18.48 -44.18 18.65
C ILE B 2185 -19.64 -43.38 18.09
N PHE B 2186 -20.47 -42.85 18.98
CA PHE B 2186 -21.57 -42.02 18.55
C PHE B 2186 -21.01 -40.75 17.93
N SER B 2187 -20.11 -40.12 18.67
CA SER B 2187 -19.52 -38.86 18.23
C SER B 2187 -18.95 -39.03 16.83
N MET B 2188 -18.39 -40.19 16.55
CA MET B 2188 -17.91 -40.49 15.20
C MET B 2188 -19.07 -40.51 14.20
N LEU B 2189 -20.17 -41.17 14.54
CA LEU B 2189 -21.31 -41.28 13.62
C LEU B 2189 -21.98 -39.92 13.46
N GLU B 2190 -21.92 -39.11 14.51
CA GLU B 2190 -22.50 -37.78 14.47
C GLU B 2190 -21.72 -36.92 13.48
N LYS B 2191 -20.39 -37.01 13.52
CA LYS B 2191 -19.52 -36.22 12.66
C LYS B 2191 -19.68 -36.59 11.19
N PHE B 2192 -20.10 -37.82 10.91
CA PHE B 2192 -20.36 -38.23 9.54
C PHE B 2192 -21.53 -37.41 9.03
N GLY B 2193 -22.51 -37.19 9.90
CA GLY B 2193 -23.71 -36.47 9.54
C GLY B 2193 -23.40 -35.02 9.24
N GLN B 2194 -22.40 -34.48 9.94
CA GLN B 2194 -22.05 -33.08 9.79
C GLN B 2194 -21.33 -32.82 8.48
N PHE B 2195 -20.84 -33.88 7.84
CA PHE B 2195 -20.23 -33.77 6.52
C PHE B 2195 -21.28 -33.82 5.39
N HIS B 2196 -22.31 -34.64 5.57
CA HIS B 2196 -23.30 -34.88 4.51
C HIS B 2196 -24.67 -35.20 5.12
N TRP B 2197 -25.73 -34.74 4.45
CA TRP B 2197 -27.08 -34.74 5.03
C TRP B 2197 -27.64 -36.16 5.21
N PHE B 2198 -27.23 -37.08 4.35
CA PHE B 2198 -27.77 -38.42 4.34
C PHE B 2198 -27.22 -39.24 5.50
N TYR B 2199 -26.13 -38.78 6.08
CA TYR B 2199 -25.37 -39.53 7.07
C TYR B 2199 -25.75 -39.22 8.51
N GLY B 2200 -26.81 -38.45 8.71
CA GLY B 2200 -27.27 -38.18 10.06
C GLY B 2200 -27.54 -39.46 10.83
N ILE B 2201 -27.44 -39.35 12.15
CA ILE B 2201 -27.78 -40.43 13.06
C ILE B 2201 -28.26 -39.81 14.36
N SER B 2202 -29.18 -40.48 15.03
CA SER B 2202 -29.71 -40.01 16.29
C SER B 2202 -29.31 -40.90 17.44
N ILE B 2203 -29.38 -40.37 18.67
CA ILE B 2203 -29.03 -41.15 19.84
C ILE B 2203 -30.13 -42.18 20.06
N GLY B 2204 -31.29 -41.93 19.45
CA GLY B 2204 -32.35 -42.90 19.43
C GLY B 2204 -31.89 -44.14 18.69
N GLN B 2205 -31.46 -43.97 17.44
CA GLN B 2205 -31.07 -45.10 16.62
C GLN B 2205 -29.89 -45.80 17.23
N PHE B 2206 -29.00 -45.03 17.83
CA PHE B 2206 -27.78 -45.59 18.38
C PHE B 2206 -28.13 -46.47 19.58
N LEU B 2207 -29.02 -45.99 20.44
CA LEU B 2207 -29.49 -46.78 21.57
C LEU B 2207 -30.30 -48.00 21.16
N SER B 2208 -31.08 -47.91 20.09
CA SER B 2208 -31.82 -49.08 19.61
C SER B 2208 -30.83 -50.09 19.06
N CYS B 2209 -29.73 -49.60 18.51
CA CYS B 2209 -28.66 -50.45 18.01
C CYS B 2209 -27.99 -51.18 19.17
N PHE B 2210 -27.63 -50.42 20.19
CA PHE B 2210 -27.02 -51.01 21.37
C PHE B 2210 -27.93 -52.04 22.04
N LYS B 2211 -29.24 -51.81 21.96
CA LYS B 2211 -30.21 -52.74 22.54
C LYS B 2211 -30.08 -54.09 21.85
N ARG B 2212 -29.72 -54.06 20.57
CA ARG B 2212 -29.66 -55.28 19.78
C ARG B 2212 -28.59 -56.26 20.25
N VAL B 2213 -27.64 -55.77 21.04
CA VAL B 2213 -26.56 -56.64 21.52
C VAL B 2213 -27.11 -57.77 22.39
N PHE B 2214 -28.23 -57.51 23.07
CA PHE B 2214 -28.81 -58.50 23.98
C PHE B 2214 -29.93 -59.33 23.37
N ILE B 2215 -30.34 -59.04 22.16
CA ILE B 2215 -31.53 -59.71 21.61
C ILE B 2215 -31.31 -61.21 21.58
N LYS B 2216 -30.23 -61.61 20.94
CA LYS B 2216 -29.87 -63.00 20.82
C LYS B 2216 -28.65 -63.23 21.67
N LYS B 2217 -28.49 -64.48 22.11
CA LYS B 2217 -27.28 -65.04 22.73
C LYS B 2217 -27.56 -65.46 24.17
N THR B 2226 -15.44 -60.20 32.23
CA THR B 2226 -15.44 -60.79 30.90
C THR B 2226 -16.81 -60.80 30.23
N ARG B 2227 -17.86 -60.47 30.98
CA ARG B 2227 -19.15 -60.27 30.35
C ARG B 2227 -19.08 -58.91 29.70
N VAL B 2228 -18.63 -57.94 30.49
CA VAL B 2228 -18.46 -56.57 30.02
C VAL B 2228 -17.49 -56.48 28.85
N ASP B 2229 -16.51 -57.39 28.77
CA ASP B 2229 -15.65 -57.43 27.59
C ASP B 2229 -16.49 -57.78 26.38
N GLU B 2230 -17.31 -58.82 26.53
CA GLU B 2230 -18.15 -59.27 25.45
C GLU B 2230 -19.16 -58.20 25.07
N ILE B 2231 -19.78 -57.55 26.06
CA ILE B 2231 -20.83 -56.59 25.75
C ILE B 2231 -20.21 -55.44 24.97
N LEU B 2232 -18.95 -55.15 25.26
CA LEU B 2232 -18.24 -54.10 24.56
C LEU B 2232 -17.93 -54.48 23.13
N TRP B 2233 -17.27 -55.62 22.96
CA TRP B 2233 -16.91 -56.12 21.65
C TRP B 2233 -18.11 -56.24 20.72
N LEU B 2234 -19.23 -56.73 21.25
CA LEU B 2234 -20.44 -56.86 20.46
C LEU B 2234 -20.96 -55.51 20.03
N LEU B 2235 -20.81 -54.53 20.91
CA LEU B 2235 -21.26 -53.18 20.61
C LEU B 2235 -20.58 -52.67 19.35
N TYR B 2236 -19.25 -52.72 19.30
CA TYR B 2236 -18.52 -52.28 18.11
C TYR B 2236 -19.05 -53.01 16.89
N GLN B 2237 -19.19 -54.31 17.05
CA GLN B 2237 -19.56 -55.19 15.95
C GLN B 2237 -20.98 -54.92 15.50
N GLU B 2238 -21.86 -54.62 16.45
CA GLU B 2238 -23.26 -54.36 16.14
C GLU B 2238 -23.43 -52.97 15.58
N VAL B 2239 -22.65 -52.01 16.07
CA VAL B 2239 -22.72 -50.66 15.52
C VAL B 2239 -22.17 -50.65 14.09
N TYR B 2240 -21.13 -51.42 13.81
CA TYR B 2240 -20.63 -51.50 12.45
C TYR B 2240 -21.63 -52.14 11.52
N CYS B 2241 -21.99 -53.38 11.86
CA CYS B 2241 -22.89 -54.17 11.03
C CYS B 2241 -24.18 -53.43 10.66
N GLN B 2242 -24.73 -52.63 11.58
CA GLN B 2242 -25.93 -51.86 11.28
C GLN B 2242 -25.58 -50.70 10.36
N PHE B 2243 -24.84 -49.75 10.92
CA PHE B 2243 -24.65 -48.44 10.30
C PHE B 2243 -23.69 -48.40 9.11
N SER B 2244 -22.97 -49.49 8.87
CA SER B 2244 -22.16 -49.61 7.68
C SER B 2244 -23.01 -49.43 6.42
N THR B 2245 -24.30 -49.75 6.54
CA THR B 2245 -25.17 -49.74 5.37
C THR B 2245 -25.62 -48.34 4.97
N ALA B 2246 -25.60 -47.40 5.92
CA ALA B 2246 -26.05 -46.03 5.67
C ALA B 2246 -24.92 -45.16 5.12
N LEU B 2247 -23.73 -45.74 4.99
CA LEU B 2247 -22.53 -45.01 4.57
C LEU B 2247 -22.02 -45.54 3.23
N ASP B 2248 -21.48 -44.65 2.40
CA ASP B 2248 -20.83 -45.06 1.15
C ASP B 2248 -19.43 -45.65 1.42
N LYS B 2249 -18.86 -46.32 0.42
CA LYS B 2249 -17.59 -47.06 0.56
C LYS B 2249 -16.53 -46.28 1.30
N LYS B 2250 -16.36 -45.02 0.93
CA LYS B 2250 -15.40 -44.15 1.57
C LYS B 2250 -15.60 -44.16 3.07
N PHE B 2251 -16.85 -43.94 3.48
CA PHE B 2251 -17.19 -43.81 4.89
C PHE B 2251 -17.29 -45.16 5.56
N LYS B 2252 -17.60 -46.20 4.79
CA LYS B 2252 -17.49 -47.56 5.30
C LYS B 2252 -16.06 -47.83 5.76
N MET B 2253 -15.10 -47.43 4.93
CA MET B 2253 -13.68 -47.66 5.21
C MET B 2253 -13.15 -46.74 6.31
N ILE B 2254 -13.62 -45.50 6.32
CA ILE B 2254 -13.27 -44.58 7.40
C ILE B 2254 -13.81 -45.15 8.70
N MET B 2255 -15.04 -45.66 8.66
CA MET B 2255 -15.67 -46.12 9.87
C MET B 2255 -14.97 -47.36 10.39
N ALA B 2256 -14.62 -48.26 9.48
CA ALA B 2256 -13.89 -49.46 9.85
C ALA B 2256 -12.54 -49.09 10.47
N MET B 2257 -11.75 -48.25 9.79
CA MET B 2257 -10.43 -47.89 10.29
C MET B 2257 -10.50 -47.14 11.63
N THR B 2258 -11.47 -46.24 11.78
CA THR B 2258 -11.60 -45.46 13.01
C THR B 2258 -11.93 -46.36 14.18
N MET B 2259 -13.00 -47.12 14.03
CA MET B 2259 -13.52 -47.98 15.08
C MET B 2259 -12.50 -49.00 15.52
N PHE B 2260 -11.79 -49.58 14.55
CA PHE B 2260 -10.75 -50.54 14.85
C PHE B 2260 -9.71 -49.97 15.82
N CYS B 2261 -9.24 -48.76 15.54
CA CYS B 2261 -8.31 -48.08 16.43
C CYS B 2261 -8.95 -47.82 17.79
N LEU B 2262 -10.16 -47.27 17.74
CA LEU B 2262 -10.90 -46.87 18.94
C LEU B 2262 -11.03 -48.03 19.92
N TYR B 2263 -11.16 -49.24 19.38
CA TYR B 2263 -11.29 -50.43 20.22
C TYR B 2263 -9.93 -50.92 20.70
N LYS B 2264 -9.07 -51.31 19.76
CA LYS B 2264 -7.75 -51.84 20.07
C LYS B 2264 -6.83 -50.95 20.90
N PHE B 2265 -6.79 -49.64 20.62
CA PHE B 2265 -5.91 -48.74 21.36
C PHE B 2265 -6.08 -48.82 22.86
N ASP B 2266 -7.28 -49.17 23.29
CA ASP B 2266 -7.58 -49.36 24.70
C ASP B 2266 -7.09 -50.74 25.12
N ILE B 2267 -7.43 -51.73 24.32
CA ILE B 2267 -7.10 -53.13 24.59
C ILE B 2267 -5.60 -53.42 24.42
N GLU B 2268 -5.09 -53.22 23.21
CA GLU B 2268 -3.72 -53.59 22.91
C GLU B 2268 -2.70 -52.62 23.52
N SER B 2269 -1.43 -52.96 23.35
CA SER B 2269 -0.33 -52.26 24.00
C SER B 2269 -0.03 -50.90 23.37
N GLU B 2270 0.68 -50.05 24.10
CA GLU B 2270 1.07 -48.73 23.61
C GLU B 2270 2.00 -48.89 22.42
N GLN B 2271 2.66 -50.05 22.34
CA GLN B 2271 3.53 -50.34 21.23
C GLN B 2271 2.71 -50.61 19.96
N TYR B 2272 1.58 -51.29 20.13
CA TYR B 2272 0.63 -51.53 19.06
C TYR B 2272 0.15 -50.21 18.48
N LYS B 2273 -0.35 -49.33 19.34
CA LYS B 2273 -0.93 -48.07 18.93
C LYS B 2273 0.05 -47.26 18.09
N GLU B 2274 1.25 -47.03 18.61
CA GLU B 2274 2.23 -46.23 17.89
C GLU B 2274 2.62 -46.91 16.59
N ALA B 2275 2.56 -48.24 16.57
CA ALA B 2275 2.83 -48.99 15.35
C ALA B 2275 1.69 -48.82 14.35
N VAL B 2276 0.46 -49.05 14.78
CA VAL B 2276 -0.66 -48.89 13.85
C VAL B 2276 -0.79 -47.42 13.45
N LEU B 2277 -0.60 -46.51 14.41
CA LEU B 2277 -0.72 -45.08 14.12
C LEU B 2277 0.34 -44.58 13.14
N THR B 2278 1.58 -45.03 13.30
CA THR B 2278 2.62 -44.62 12.36
C THR B 2278 2.30 -45.18 10.98
N MET B 2279 1.68 -46.36 10.95
CA MET B 2279 1.30 -47.00 9.69
C MET B 2279 0.19 -46.24 8.96
N ILE B 2280 -0.75 -45.69 9.72
CA ILE B 2280 -1.78 -44.83 9.14
C ILE B 2280 -1.13 -43.58 8.57
N GLY B 2281 -0.19 -43.01 9.32
CA GLY B 2281 0.57 -41.86 8.87
C GLY B 2281 1.32 -42.07 7.57
N VAL B 2282 1.73 -43.32 7.31
CA VAL B 2282 2.31 -43.69 6.01
C VAL B 2282 1.25 -43.70 4.93
N LEU B 2283 0.05 -44.18 5.26
CA LEU B 2283 -1.05 -44.22 4.31
C LEU B 2283 -1.52 -42.81 3.97
N SER B 2284 -1.67 -41.98 4.99
CA SER B 2284 -1.83 -40.56 4.76
C SER B 2284 -0.46 -40.03 4.36
N GLU B 2285 -0.36 -38.76 4.05
CA GLU B 2285 0.93 -38.17 3.74
C GLU B 2285 1.54 -37.61 5.03
N SER B 2286 0.90 -37.89 6.16
CA SER B 2286 1.32 -37.38 7.47
C SER B 2286 2.79 -37.55 7.76
N SER B 2287 3.29 -38.77 7.59
CA SER B 2287 4.70 -39.07 7.85
C SER B 2287 5.21 -40.24 7.04
N ASP B 2288 6.51 -40.23 6.80
CA ASP B 2288 7.19 -41.38 6.22
C ASP B 2288 8.20 -41.88 7.25
N GLY B 2289 8.00 -43.12 7.68
CA GLY B 2289 8.87 -43.71 8.68
C GLY B 2289 8.65 -45.20 8.85
N VAL B 2290 9.68 -45.87 9.34
CA VAL B 2290 9.63 -47.30 9.56
C VAL B 2290 8.76 -47.52 10.80
N PRO B 2291 7.80 -48.46 10.73
CA PRO B 2291 6.94 -48.68 11.90
C PRO B 2291 7.70 -49.33 13.03
N LYS B 2292 7.24 -49.18 14.27
CA LYS B 2292 7.98 -49.76 15.38
C LYS B 2292 7.88 -51.26 15.19
N LEU B 2293 9.03 -51.89 15.01
CA LEU B 2293 9.08 -53.26 14.58
C LEU B 2293 9.33 -54.18 15.76
N THR B 2294 8.28 -54.88 16.17
CA THR B 2294 8.38 -55.93 17.15
C THR B 2294 8.26 -57.22 16.35
N VAL B 2295 8.94 -58.29 16.75
CA VAL B 2295 9.02 -59.46 15.89
C VAL B 2295 7.96 -60.48 16.28
N ASP B 2296 6.95 -60.64 15.42
CA ASP B 2296 5.92 -61.65 15.61
C ASP B 2296 5.06 -61.42 16.87
N THR B 2297 5.36 -60.37 17.63
CA THR B 2297 4.53 -59.99 18.78
C THR B 2297 3.12 -59.71 18.30
N ASN B 2298 3.02 -58.98 17.19
CA ASN B 2298 1.78 -58.84 16.46
C ASN B 2298 1.96 -59.42 15.07
N ASP B 2299 1.33 -60.56 14.79
CA ASP B 2299 1.47 -61.19 13.48
C ASP B 2299 0.63 -60.38 12.51
N ASP B 2300 -0.68 -60.33 12.74
CA ASP B 2300 -1.63 -59.64 11.86
C ASP B 2300 -1.13 -58.25 11.48
N LEU B 2301 -0.53 -57.55 12.44
CA LEU B 2301 -0.07 -56.20 12.24
C LEU B 2301 1.05 -56.13 11.21
N ARG B 2302 1.85 -57.18 11.12
CA ARG B 2302 2.92 -57.22 10.13
C ARG B 2302 2.34 -57.43 8.73
N TYR B 2303 1.19 -58.12 8.65
CA TYR B 2303 0.51 -58.29 7.37
C TYR B 2303 0.05 -56.93 6.86
N LEU B 2304 -0.30 -56.01 7.77
CA LEU B 2304 -0.73 -54.67 7.36
C LEU B 2304 0.43 -53.91 6.76
N TRP B 2305 1.56 -53.89 7.46
CA TRP B 2305 2.73 -53.20 6.94
C TRP B 2305 3.12 -53.79 5.61
N ASP B 2306 2.93 -55.11 5.49
CA ASP B 2306 3.21 -55.81 4.26
C ASP B 2306 2.31 -55.31 3.12
N TYR B 2307 1.09 -54.91 3.45
CA TYR B 2307 0.19 -54.37 2.43
C TYR B 2307 0.56 -52.94 2.07
N VAL B 2308 0.95 -52.16 3.08
CA VAL B 2308 1.32 -50.75 2.88
C VAL B 2308 2.63 -50.58 2.12
N THR B 2309 3.59 -51.44 2.44
CA THR B 2309 4.93 -51.30 1.89
C THR B 2309 4.95 -51.73 0.43
N THR B 2310 4.06 -52.66 0.08
CA THR B 2310 3.94 -53.15 -1.29
C THR B 2310 3.00 -52.26 -2.08
N LYS B 2311 2.58 -51.15 -1.49
CA LYS B 2311 1.86 -50.11 -2.20
C LYS B 2311 0.55 -50.63 -2.78
N SER B 2312 -0.02 -51.65 -2.13
CA SER B 2312 -1.36 -52.09 -2.46
C SER B 2312 -2.28 -51.48 -1.41
N TYR B 2313 -2.97 -50.43 -1.82
CA TYR B 2313 -3.60 -49.53 -0.87
C TYR B 2313 -4.97 -50.01 -0.41
N ILE B 2314 -5.72 -50.62 -1.33
CA ILE B 2314 -7.07 -51.07 -1.05
C ILE B 2314 -7.05 -52.14 0.04
N SER B 2315 -6.23 -53.16 -0.17
CA SER B 2315 -6.10 -54.25 0.79
C SER B 2315 -5.58 -53.73 2.13
N ALA B 2316 -4.77 -52.67 2.10
CA ALA B 2316 -4.35 -51.99 3.32
C ALA B 2316 -5.57 -51.36 3.97
N LEU B 2317 -6.51 -50.91 3.15
CA LEU B 2317 -7.72 -50.26 3.62
C LEU B 2317 -8.70 -51.28 4.18
N ASN B 2318 -8.87 -52.41 3.49
CA ASN B 2318 -9.80 -53.44 3.96
C ASN B 2318 -9.15 -54.38 4.96
N TRP B 2319 -7.89 -54.12 5.32
CA TRP B 2319 -7.25 -54.84 6.42
C TRP B 2319 -8.01 -54.58 7.70
N PHE B 2320 -8.36 -53.31 7.93
CA PHE B 2320 -9.06 -52.94 9.14
C PHE B 2320 -10.42 -53.59 9.17
N LYS B 2321 -11.06 -53.69 8.01
CA LYS B 2321 -12.42 -54.21 7.93
C LYS B 2321 -12.45 -55.70 8.25
N ASN B 2322 -11.44 -56.42 7.80
CA ASN B 2322 -11.34 -57.85 8.06
C ASN B 2322 -10.70 -58.17 9.41
N GLU B 2323 -9.96 -57.21 9.95
CA GLU B 2323 -9.47 -57.30 11.33
C GLU B 2323 -10.54 -56.73 12.27
N PHE B 2324 -11.49 -55.99 11.68
CA PHE B 2324 -12.68 -55.58 12.40
C PHE B 2324 -13.48 -56.84 12.64
N PHE B 2325 -13.34 -57.77 11.71
CA PHE B 2325 -13.76 -59.14 11.91
C PHE B 2325 -15.28 -59.24 12.13
N VAL B 2326 -16.04 -58.97 11.08
CA VAL B 2326 -17.49 -59.04 11.13
C VAL B 2326 -18.04 -59.61 9.82
N ASP B 2327 -19.29 -60.04 9.85
CA ASP B 2327 -20.05 -60.25 8.62
C ASP B 2327 -20.84 -58.99 8.27
N GLU B 2328 -20.53 -58.41 7.12
CA GLU B 2328 -21.23 -57.23 6.63
C GLU B 2328 -22.67 -57.58 6.28
N TRP B 2329 -23.57 -56.62 6.39
CA TRP B 2329 -24.99 -56.85 6.12
C TRP B 2329 -25.46 -56.49 4.73
N ASN B 2330 -26.04 -57.49 4.06
CA ASN B 2330 -26.58 -57.33 2.73
C ASN B 2330 -27.73 -56.35 2.74
N ILE B 2331 -28.02 -55.77 1.59
CA ILE B 2331 -29.20 -54.94 1.42
C ILE B 2331 -30.38 -55.80 1.84
N ALA B 2332 -30.37 -57.05 1.35
CA ALA B 2332 -31.38 -58.05 1.68
C ALA B 2332 -31.50 -58.29 3.18
N ASP B 2333 -30.39 -58.23 3.89
CA ASP B 2333 -30.39 -58.45 5.33
C ASP B 2333 -30.98 -57.27 6.08
N VAL B 2334 -30.80 -56.06 5.55
CA VAL B 2334 -31.42 -54.89 6.18
C VAL B 2334 -32.91 -55.00 6.01
N VAL B 2335 -33.34 -55.15 4.76
CA VAL B 2335 -34.75 -55.18 4.39
C VAL B 2335 -35.54 -56.24 5.16
N ALA B 2336 -35.07 -57.48 5.08
CA ALA B 2336 -35.78 -58.59 5.68
C ALA B 2336 -35.79 -58.44 7.20
N ASN B 2337 -34.63 -58.14 7.77
CA ASN B 2337 -34.50 -58.04 9.22
C ASN B 2337 -35.16 -56.78 9.77
N SER B 2338 -35.14 -55.70 9.00
CA SER B 2338 -35.67 -54.43 9.49
C SER B 2338 -37.17 -54.50 9.63
N GLU B 2339 -37.67 -54.07 10.79
CA GLU B 2339 -39.10 -53.87 10.95
C GLU B 2339 -39.36 -52.38 10.83
N ASN B 2340 -39.91 -52.02 9.69
CA ASN B 2340 -40.30 -50.65 9.35
C ASN B 2340 -40.87 -50.73 7.96
N ASN B 2341 -41.71 -49.76 7.59
CA ASN B 2341 -42.35 -49.79 6.29
C ASN B 2341 -41.68 -48.90 5.26
N TYR B 2342 -40.68 -48.14 5.69
CA TYR B 2342 -40.15 -47.08 4.86
C TYR B 2342 -38.63 -47.08 4.80
N PHE B 2343 -38.13 -47.19 3.58
CA PHE B 2343 -36.70 -47.20 3.32
C PHE B 2343 -36.39 -46.19 2.22
N THR B 2344 -35.32 -45.43 2.42
CA THR B 2344 -34.79 -44.57 1.36
C THR B 2344 -33.43 -45.11 0.95
N MET B 2345 -33.25 -45.55 -0.30
CA MET B 2345 -31.91 -45.95 -0.73
C MET B 2345 -31.36 -44.91 -1.69
N ALA B 2346 -30.37 -44.19 -1.18
CA ALA B 2346 -29.63 -43.21 -1.95
C ALA B 2346 -28.51 -43.89 -2.71
N SER B 2347 -28.09 -43.25 -3.79
CA SER B 2347 -27.02 -43.76 -4.61
C SER B 2347 -26.38 -42.61 -5.35
N GLU B 2348 -25.17 -42.82 -5.84
CA GLU B 2348 -24.60 -41.86 -6.78
C GLU B 2348 -25.44 -42.00 -8.04
N ARG B 2349 -25.40 -41.01 -8.93
CA ARG B 2349 -26.15 -41.10 -10.16
C ARG B 2349 -25.67 -42.26 -11.04
N ASP B 2350 -24.43 -42.69 -10.83
CA ASP B 2350 -23.83 -43.74 -11.66
C ASP B 2350 -24.68 -45.00 -11.74
N VAL B 2351 -25.41 -45.28 -10.67
CA VAL B 2351 -26.13 -46.54 -10.52
C VAL B 2351 -27.45 -46.34 -9.81
N ASP B 2352 -28.45 -47.16 -10.14
CA ASP B 2352 -29.71 -47.16 -9.41
C ASP B 2352 -30.04 -48.56 -8.95
N GLY B 2353 -30.65 -48.64 -7.77
CA GLY B 2353 -30.87 -49.90 -7.09
C GLY B 2353 -32.25 -50.46 -7.37
N THR B 2354 -32.82 -50.07 -8.49
CA THR B 2354 -34.14 -50.56 -8.84
C THR B 2354 -34.03 -52.03 -9.25
N PHE B 2355 -33.05 -52.36 -10.10
CA PHE B 2355 -32.89 -53.74 -10.58
C PHE B 2355 -32.66 -54.72 -9.43
N LYS B 2356 -31.95 -54.27 -8.41
CA LYS B 2356 -31.70 -55.10 -7.23
C LYS B 2356 -32.98 -55.28 -6.43
N LEU B 2357 -33.68 -54.17 -6.23
CA LEU B 2357 -34.93 -54.16 -5.47
C LEU B 2357 -35.99 -55.04 -6.13
N ILE B 2358 -35.88 -55.22 -7.45
CA ILE B 2358 -36.72 -56.17 -8.16
C ILE B 2358 -36.50 -57.55 -7.57
N GLU B 2359 -35.26 -58.00 -7.57
CA GLU B 2359 -34.92 -59.35 -7.17
C GLU B 2359 -35.08 -59.54 -5.65
N LEU B 2360 -34.83 -58.49 -4.88
CA LEU B 2360 -35.08 -58.55 -3.44
C LEU B 2360 -36.57 -58.72 -3.17
N ALA B 2361 -37.38 -58.20 -4.07
CA ALA B 2361 -38.82 -58.35 -3.98
C ALA B 2361 -39.23 -59.77 -4.39
N LYS B 2362 -38.72 -60.22 -5.54
CA LYS B 2362 -39.04 -61.55 -6.06
C LYS B 2362 -38.69 -62.63 -5.03
N ALA B 2363 -37.60 -62.39 -4.29
CA ALA B 2363 -37.09 -63.36 -3.33
C ALA B 2363 -37.96 -63.50 -2.09
N SER B 2364 -38.55 -62.39 -1.65
CA SER B 2364 -39.42 -62.40 -0.47
C SER B 2364 -40.70 -61.61 -0.71
N LYS B 2365 -41.84 -62.30 -0.69
CA LYS B 2365 -43.14 -61.64 -0.63
C LYS B 2365 -43.50 -60.86 -1.89
N GLU B 2366 -42.63 -60.90 -2.91
CA GLU B 2366 -42.94 -60.38 -4.24
C GLU B 2366 -43.56 -58.98 -4.24
N SER B 2367 -44.56 -58.79 -5.11
CA SER B 2367 -45.49 -57.67 -5.07
C SER B 2367 -44.85 -56.31 -5.32
N LEU B 2368 -43.90 -56.23 -6.24
CA LEU B 2368 -43.23 -54.97 -6.53
C LEU B 2368 -43.93 -54.11 -7.58
N LYS B 2369 -44.26 -52.88 -7.20
CA LYS B 2369 -44.83 -51.90 -8.10
C LYS B 2369 -43.91 -50.67 -8.17
N ILE B 2370 -43.33 -50.44 -9.34
CA ILE B 2370 -42.36 -49.34 -9.51
C ILE B 2370 -43.09 -48.07 -9.95
N ILE B 2371 -43.05 -47.04 -9.10
CA ILE B 2371 -43.73 -45.79 -9.41
C ILE B 2371 -42.68 -44.74 -9.80
N PRO B 2372 -42.61 -44.42 -11.10
CA PRO B 2372 -41.76 -43.29 -11.48
C PRO B 2372 -42.48 -42.00 -11.14
N LEU B 2373 -41.80 -40.94 -10.71
CA LEU B 2373 -42.51 -39.68 -10.57
C LEU B 2373 -42.03 -38.74 -11.67
N GLY B 2374 -42.69 -38.83 -12.82
CA GLY B 2374 -42.40 -37.94 -13.93
C GLY B 2374 -43.22 -36.68 -13.87
N SER B 2375 -44.53 -36.88 -13.76
CA SER B 2375 -45.52 -35.87 -14.15
C SER B 2375 -46.38 -35.46 -12.98
N ILE B 2376 -47.36 -34.61 -13.28
CA ILE B 2376 -48.44 -34.36 -12.34
C ILE B 2376 -49.25 -35.65 -12.24
N GLU B 2377 -49.26 -36.36 -13.36
CA GLU B 2377 -50.04 -37.58 -13.53
C GLU B 2377 -49.41 -38.74 -12.75
N ASN B 2378 -48.10 -38.88 -12.86
CA ASN B 2378 -47.37 -39.88 -12.10
C ASN B 2378 -47.48 -39.63 -10.61
N LEU B 2379 -47.69 -38.37 -10.25
CA LEU B 2379 -47.77 -37.99 -8.84
C LEU B 2379 -49.13 -38.34 -8.25
N ASN B 2380 -50.19 -38.11 -9.00
CA ASN B 2380 -51.51 -38.53 -8.56
C ASN B 2380 -51.55 -40.05 -8.49
N TYR B 2381 -51.10 -40.72 -9.56
CA TYR B 2381 -51.09 -42.17 -9.58
C TYR B 2381 -50.20 -42.74 -8.50
N ALA B 2382 -49.20 -41.96 -8.07
CA ALA B 2382 -48.34 -42.40 -6.99
C ALA B 2382 -49.16 -42.50 -5.72
N GLN B 2383 -49.86 -41.43 -5.38
CA GLN B 2383 -50.57 -41.36 -4.11
C GLN B 2383 -51.88 -42.14 -4.16
N GLU B 2384 -52.33 -42.48 -5.36
CA GLU B 2384 -53.41 -43.45 -5.51
C GLU B 2384 -52.87 -44.82 -5.12
N GLU B 2385 -51.79 -45.22 -5.78
CA GLU B 2385 -51.22 -46.55 -5.62
C GLU B 2385 -50.49 -46.73 -4.30
N ILE B 2386 -50.13 -45.63 -3.65
CA ILE B 2386 -49.53 -45.71 -2.33
C ILE B 2386 -50.58 -46.19 -1.34
N SER B 2387 -51.68 -45.46 -1.31
CA SER B 2387 -52.77 -45.75 -0.38
C SER B 2387 -53.42 -47.08 -0.73
N LYS B 2388 -53.30 -47.48 -1.99
CA LYS B 2388 -53.80 -48.77 -2.45
C LYS B 2388 -52.87 -49.90 -2.01
N SER B 2389 -51.57 -49.70 -2.17
CA SER B 2389 -50.60 -50.74 -1.84
C SER B 2389 -50.40 -50.93 -0.33
N LYS B 2390 -50.71 -49.92 0.49
CA LYS B 2390 -50.49 -50.09 1.93
C LYS B 2390 -51.71 -50.78 2.57
N ILE B 2391 -52.84 -50.78 1.88
CA ILE B 2391 -53.96 -51.64 2.23
C ILE B 2391 -53.82 -53.04 1.61
N GLU B 2392 -53.26 -53.11 0.41
CA GLU B 2392 -53.08 -54.38 -0.33
C GLU B 2392 -51.84 -55.22 0.00
N GLY B 2393 -50.75 -54.58 0.40
CA GLY B 2393 -49.57 -55.28 0.91
C GLY B 2393 -48.34 -55.28 0.03
N GLY B 2394 -48.52 -54.89 -1.23
CA GLY B 2394 -47.42 -54.90 -2.16
C GLY B 2394 -46.29 -53.95 -1.77
N TRP B 2395 -45.10 -54.21 -2.30
CA TRP B 2395 -43.98 -53.31 -2.14
C TRP B 2395 -44.09 -52.19 -3.17
N ILE B 2396 -44.00 -50.95 -2.72
CA ILE B 2396 -44.13 -49.80 -3.62
C ILE B 2396 -42.79 -49.06 -3.65
N LEU B 2397 -42.34 -48.73 -4.86
CA LEU B 2397 -41.05 -48.07 -5.05
C LEU B 2397 -41.20 -46.73 -5.77
N LEU B 2398 -40.86 -45.65 -5.08
CA LEU B 2398 -40.92 -44.32 -5.68
C LEU B 2398 -39.53 -43.93 -6.18
N GLN B 2399 -39.38 -43.89 -7.50
CA GLN B 2399 -38.08 -43.63 -8.11
C GLN B 2399 -37.70 -42.14 -8.15
N ASN B 2400 -36.48 -41.86 -7.71
CA ASN B 2400 -35.89 -40.53 -7.75
C ASN B 2400 -36.80 -39.47 -7.18
N ILE B 2401 -37.21 -39.68 -5.93
CA ILE B 2401 -38.12 -38.78 -5.23
C ILE B 2401 -37.65 -37.32 -5.28
N GLN B 2402 -36.36 -37.13 -5.52
CA GLN B 2402 -35.74 -35.80 -5.50
C GLN B 2402 -36.28 -34.83 -6.54
N MET B 2403 -36.80 -35.31 -7.66
CA MET B 2403 -37.16 -34.41 -8.74
C MET B 2403 -38.45 -33.66 -8.42
N SER B 2404 -39.33 -34.30 -7.68
CA SER B 2404 -40.63 -33.75 -7.34
C SER B 2404 -40.65 -32.95 -6.04
N LEU B 2405 -39.47 -32.69 -5.47
CA LEU B 2405 -39.31 -32.49 -4.03
C LEU B 2405 -40.34 -31.56 -3.37
N SER B 2406 -40.91 -30.61 -4.12
CA SER B 2406 -41.99 -29.79 -3.56
C SER B 2406 -43.25 -30.61 -3.24
N TRP B 2407 -43.37 -31.78 -3.87
CA TRP B 2407 -44.42 -32.76 -3.57
C TRP B 2407 -44.14 -33.46 -2.26
N VAL B 2408 -42.86 -33.75 -2.07
CA VAL B 2408 -42.42 -34.45 -0.88
C VAL B 2408 -42.75 -33.65 0.38
N LYS B 2409 -42.36 -32.37 0.38
CA LYS B 2409 -42.62 -31.51 1.53
C LYS B 2409 -44.10 -31.46 1.91
N THR B 2410 -44.97 -31.23 0.93
CA THR B 2410 -46.39 -31.12 1.22
C THR B 2410 -47.02 -32.50 1.46
N TYR B 2411 -47.05 -33.37 0.45
CA TYR B 2411 -47.73 -34.66 0.57
C TYR B 2411 -46.96 -35.70 1.39
N LEU B 2412 -45.86 -36.19 0.83
CA LEU B 2412 -45.20 -37.38 1.35
C LEU B 2412 -44.67 -37.21 2.77
N HIS B 2413 -44.10 -36.05 3.05
CA HIS B 2413 -43.56 -35.79 4.38
C HIS B 2413 -44.65 -36.07 5.40
N LYS B 2414 -45.79 -35.43 5.19
CA LYS B 2414 -46.92 -35.58 6.10
C LYS B 2414 -47.59 -36.95 5.97
N HIS B 2415 -47.55 -37.54 4.77
CA HIS B 2415 -48.23 -38.82 4.55
C HIS B 2415 -47.43 -40.01 5.06
N VAL B 2416 -46.12 -39.86 5.29
CA VAL B 2416 -45.36 -40.86 6.05
C VAL B 2416 -45.46 -40.66 7.55
N GLU B 2417 -45.27 -39.42 7.99
CA GLU B 2417 -45.20 -39.10 9.41
C GLU B 2417 -46.54 -39.21 10.12
N GLU B 2418 -47.54 -38.49 9.62
CA GLU B 2418 -48.82 -38.37 10.31
C GLU B 2418 -49.55 -39.70 10.44
N THR B 2419 -49.10 -40.72 9.73
CA THR B 2419 -49.65 -42.06 9.90
C THR B 2419 -48.63 -42.96 10.56
N LYS B 2420 -48.87 -43.23 11.84
CA LYS B 2420 -48.21 -44.30 12.56
C LYS B 2420 -49.13 -45.52 12.59
N ALA B 2421 -50.33 -45.37 12.02
CA ALA B 2421 -51.27 -46.48 11.91
C ALA B 2421 -50.91 -47.34 10.70
N ALA B 2422 -49.92 -46.88 9.93
CA ALA B 2422 -49.34 -47.67 8.86
C ALA B 2422 -48.65 -48.89 9.48
N GLU B 2423 -48.34 -48.77 10.77
CA GLU B 2423 -47.83 -49.87 11.57
C GLU B 2423 -48.93 -50.88 11.84
N GLU B 2424 -50.10 -50.37 12.20
CA GLU B 2424 -51.29 -51.20 12.34
C GLU B 2424 -51.65 -51.77 10.98
N HIS B 2425 -51.30 -51.02 9.94
CA HIS B 2425 -51.62 -51.45 8.59
C HIS B 2425 -50.80 -52.66 8.19
N GLU B 2426 -51.01 -53.04 6.96
CA GLU B 2426 -50.63 -54.33 6.44
C GLU B 2426 -49.12 -54.49 6.36
N LYS B 2427 -48.66 -55.63 5.83
CA LYS B 2427 -47.23 -55.81 5.63
C LYS B 2427 -46.86 -55.35 4.22
N PHE B 2428 -46.23 -54.17 4.17
CA PHE B 2428 -45.99 -53.43 2.94
C PHE B 2428 -44.76 -52.60 3.16
N LYS B 2429 -43.95 -52.42 2.12
CA LYS B 2429 -42.74 -51.64 2.27
C LYS B 2429 -42.58 -50.69 1.10
N MET B 2430 -42.48 -49.41 1.44
CA MET B 2430 -42.30 -48.35 0.48
C MET B 2430 -40.83 -48.01 0.38
N PHE B 2431 -40.27 -48.18 -0.81
CA PHE B 2431 -38.89 -47.81 -1.05
C PHE B 2431 -38.84 -46.49 -1.79
N MET B 2432 -37.87 -45.67 -1.42
CA MET B 2432 -37.66 -44.37 -2.06
C MET B 2432 -36.21 -44.25 -2.50
N THR B 2433 -36.00 -44.14 -3.81
CA THR B 2433 -34.66 -43.98 -4.36
C THR B 2433 -34.25 -42.52 -4.42
N CYS B 2434 -33.01 -42.29 -4.04
CA CYS B 2434 -32.51 -40.97 -3.74
C CYS B 2434 -31.21 -40.74 -4.51
N HIS B 2435 -30.63 -39.55 -4.41
CA HIS B 2435 -29.28 -39.32 -4.92
C HIS B 2435 -28.42 -38.61 -3.90
N LEU B 2436 -27.23 -39.16 -3.65
CA LEU B 2436 -26.31 -38.64 -2.65
C LEU B 2436 -25.87 -37.26 -3.04
N THR B 2437 -25.58 -37.11 -4.33
CA THR B 2437 -25.22 -35.82 -4.90
C THR B 2437 -26.49 -35.27 -5.53
N GLY B 2438 -27.11 -34.30 -4.87
CA GLY B 2438 -28.43 -33.86 -5.24
C GLY B 2438 -29.11 -33.15 -4.08
N ASP B 2439 -30.29 -32.59 -4.32
CA ASP B 2439 -30.93 -31.72 -3.35
C ASP B 2439 -31.24 -32.45 -2.04
N LYS B 2440 -30.97 -31.75 -0.93
CA LYS B 2440 -31.15 -32.29 0.42
C LYS B 2440 -32.60 -32.67 0.70
N LEU B 2441 -32.79 -33.88 1.19
CA LEU B 2441 -34.11 -34.35 1.61
C LEU B 2441 -34.36 -33.97 3.07
N PRO B 2442 -35.61 -33.63 3.41
CA PRO B 2442 -35.95 -33.09 4.74
C PRO B 2442 -35.55 -33.97 5.93
N ALA B 2443 -34.85 -33.35 6.88
CA ALA B 2443 -34.24 -34.03 8.02
C ALA B 2443 -35.19 -34.91 8.83
N PRO B 2444 -36.42 -34.41 9.09
CA PRO B 2444 -37.36 -35.31 9.78
C PRO B 2444 -37.74 -36.54 8.95
N LEU B 2445 -38.01 -36.36 7.65
CA LEU B 2445 -38.40 -37.48 6.79
C LEU B 2445 -37.32 -38.55 6.75
N LEU B 2446 -36.08 -38.10 6.74
CA LEU B 2446 -34.95 -38.97 6.57
C LEU B 2446 -34.73 -39.87 7.77
N GLN B 2447 -34.81 -39.30 8.96
CA GLN B 2447 -34.62 -40.05 10.19
C GLN B 2447 -35.78 -41.01 10.44
N ARG B 2448 -36.95 -40.69 9.89
CA ARG B 2448 -38.14 -41.52 10.05
C ARG B 2448 -38.02 -42.85 9.31
N THR B 2449 -37.12 -42.90 8.33
CA THR B 2449 -36.94 -44.10 7.52
C THR B 2449 -35.57 -44.72 7.73
N ASP B 2450 -35.48 -46.02 7.51
CA ASP B 2450 -34.18 -46.72 7.58
C ASP B 2450 -33.42 -46.45 6.29
N ARG B 2451 -32.25 -45.83 6.42
CA ARG B 2451 -31.47 -45.37 5.28
C ARG B 2451 -30.52 -46.45 4.79
N VAL B 2452 -30.33 -46.54 3.48
CA VAL B 2452 -29.25 -47.34 2.94
C VAL B 2452 -28.63 -46.66 1.72
N VAL B 2453 -27.39 -47.04 1.42
CA VAL B 2453 -26.66 -46.52 0.26
C VAL B 2453 -26.36 -47.66 -0.69
N TYR B 2454 -26.69 -47.45 -1.96
CA TYR B 2454 -26.55 -48.51 -2.95
C TYR B 2454 -25.35 -48.28 -3.86
N GLU B 2455 -24.29 -49.04 -3.60
CA GLU B 2455 -22.99 -48.84 -4.22
C GLU B 2455 -22.61 -49.78 -5.33
N ASP B 2456 -23.47 -50.74 -5.68
CA ASP B 2456 -22.94 -51.87 -6.41
C ASP B 2456 -22.72 -51.49 -7.87
N ILE B 2457 -21.44 -51.55 -8.25
CA ILE B 2457 -20.94 -51.02 -9.52
C ILE B 2457 -20.41 -52.17 -10.36
N PRO B 2458 -21.13 -52.54 -11.42
CA PRO B 2458 -20.72 -53.69 -12.22
C PRO B 2458 -19.37 -53.46 -12.91
N GLY B 2459 -18.72 -54.54 -13.31
CA GLY B 2459 -17.46 -54.43 -14.04
C GLY B 2459 -17.68 -53.87 -15.42
N ILE B 2460 -16.60 -53.69 -16.18
CA ILE B 2460 -16.72 -53.21 -17.55
C ILE B 2460 -17.31 -54.30 -18.42
N LEU B 2461 -16.83 -55.52 -18.23
CA LEU B 2461 -17.31 -56.64 -19.02
C LEU B 2461 -18.78 -56.89 -18.72
N ASP B 2462 -19.17 -56.81 -17.45
CA ASP B 2462 -20.58 -56.92 -17.07
C ASP B 2462 -21.45 -55.91 -17.80
N THR B 2463 -21.14 -54.63 -17.65
CA THR B 2463 -21.96 -53.57 -18.23
C THR B 2463 -22.07 -53.71 -19.75
N VAL B 2464 -20.99 -54.09 -20.42
CA VAL B 2464 -21.07 -54.39 -21.86
C VAL B 2464 -22.10 -55.48 -22.11
N LYS B 2465 -22.05 -56.53 -21.31
CA LYS B 2465 -22.99 -57.64 -21.41
C LYS B 2465 -24.43 -57.18 -21.16
N ASP B 2466 -24.61 -56.37 -20.12
CA ASP B 2466 -25.94 -55.92 -19.70
C ASP B 2466 -26.59 -55.02 -20.76
N LEU B 2467 -25.79 -54.14 -21.35
CA LEU B 2467 -26.25 -53.32 -22.47
C LEU B 2467 -26.63 -54.18 -23.68
N TRP B 2468 -25.73 -55.11 -24.00
CA TRP B 2468 -25.85 -55.96 -25.19
C TRP B 2468 -27.10 -56.82 -25.20
N GLY B 2469 -27.59 -57.18 -24.01
CA GLY B 2469 -28.74 -58.05 -23.89
C GLY B 2469 -30.03 -57.30 -24.19
N SER B 2470 -30.14 -56.12 -23.59
CA SER B 2470 -31.35 -55.31 -23.58
C SER B 2470 -31.84 -54.89 -24.97
N GLN B 2471 -30.98 -55.01 -25.97
CA GLN B 2471 -31.25 -54.46 -27.29
C GLN B 2471 -32.18 -55.33 -28.13
N PHE B 2472 -32.03 -56.65 -28.02
CA PHE B 2472 -32.84 -57.57 -28.81
C PHE B 2472 -34.28 -57.69 -28.31
N PHE B 2473 -34.56 -57.07 -27.17
CA PHE B 2473 -35.89 -57.17 -26.57
C PHE B 2473 -36.91 -56.28 -27.30
N THR B 2474 -36.41 -55.40 -28.17
CA THR B 2474 -37.26 -54.47 -28.92
C THR B 2474 -37.65 -55.00 -30.30
N GLY B 2475 -37.12 -56.17 -30.67
CA GLY B 2475 -37.29 -56.70 -32.02
C GLY B 2475 -36.33 -56.05 -32.99
N LYS B 2476 -36.50 -56.31 -34.29
CA LYS B 2476 -35.57 -55.78 -35.29
C LYS B 2476 -36.19 -54.75 -36.23
N ILE B 2477 -35.80 -53.49 -36.02
CA ILE B 2477 -36.08 -52.40 -36.95
C ILE B 2477 -34.84 -52.15 -37.82
N SER B 2478 -33.77 -52.92 -37.57
CA SER B 2478 -32.48 -52.68 -38.21
C SER B 2478 -31.79 -53.95 -38.71
N GLY B 2479 -30.74 -53.74 -39.50
CA GLY B 2479 -30.06 -54.83 -40.19
C GLY B 2479 -28.87 -55.44 -39.45
N VAL B 2480 -27.97 -56.03 -40.24
CA VAL B 2480 -26.82 -56.77 -39.71
C VAL B 2480 -25.72 -55.83 -39.21
N TRP B 2481 -25.46 -54.77 -39.97
CA TRP B 2481 -24.44 -53.81 -39.59
C TRP B 2481 -24.85 -53.10 -38.32
N SER B 2482 -26.16 -52.90 -38.17
CA SER B 2482 -26.68 -52.22 -37.01
C SER B 2482 -26.35 -53.02 -35.76
N VAL B 2483 -26.38 -54.34 -35.89
CA VAL B 2483 -26.03 -55.21 -34.77
C VAL B 2483 -24.58 -54.91 -34.39
N TYR B 2484 -23.70 -54.95 -35.39
CA TYR B 2484 -22.28 -54.66 -35.18
C TYR B 2484 -22.08 -53.29 -34.53
N CYS B 2485 -22.80 -52.29 -35.01
CA CYS B 2485 -22.68 -50.95 -34.45
C CYS B 2485 -23.21 -50.88 -33.02
N THR B 2486 -24.25 -51.66 -32.72
CA THR B 2486 -24.77 -51.67 -31.35
C THR B 2486 -23.73 -52.31 -30.46
N PHE B 2487 -23.05 -53.34 -30.98
CA PHE B 2487 -21.97 -53.97 -30.24
C PHE B 2487 -20.91 -52.93 -29.89
N LEU B 2488 -20.44 -52.22 -30.91
CA LEU B 2488 -19.48 -51.15 -30.72
C LEU B 2488 -19.96 -50.14 -29.69
N LEU B 2489 -21.20 -49.66 -29.83
CA LEU B 2489 -21.71 -48.63 -28.94
C LEU B 2489 -21.72 -49.16 -27.49
N SER B 2490 -21.99 -50.44 -27.33
CA SER B 2490 -21.98 -51.06 -26.00
C SER B 2490 -20.59 -50.94 -25.37
N TRP B 2491 -19.58 -51.28 -26.14
CA TRP B 2491 -18.20 -51.21 -25.67
C TRP B 2491 -17.82 -49.77 -25.35
N PHE B 2492 -18.10 -48.87 -26.29
CA PHE B 2492 -17.82 -47.47 -26.09
C PHE B 2492 -18.52 -46.91 -24.86
N HIS B 2493 -19.79 -47.27 -24.67
CA HIS B 2493 -20.52 -46.81 -23.50
C HIS B 2493 -19.84 -47.36 -22.25
N ALA B 2494 -19.59 -48.66 -22.26
CA ALA B 2494 -18.99 -49.35 -21.13
C ALA B 2494 -17.67 -48.69 -20.73
N LEU B 2495 -16.89 -48.32 -21.74
CA LEU B 2495 -15.58 -47.74 -21.53
C LEU B 2495 -15.64 -46.28 -21.04
N ILE B 2496 -16.48 -45.45 -21.65
CA ILE B 2496 -16.66 -44.09 -21.15
C ILE B 2496 -17.15 -44.15 -19.71
N THR B 2497 -18.24 -44.90 -19.50
CA THR B 2497 -18.83 -45.04 -18.19
C THR B 2497 -17.77 -45.40 -17.17
N ALA B 2498 -16.95 -46.39 -17.49
CA ALA B 2498 -15.90 -46.83 -16.58
C ALA B 2498 -14.88 -45.72 -16.27
N ARG B 2499 -14.47 -44.94 -17.26
CA ARG B 2499 -13.51 -43.88 -17.01
C ARG B 2499 -14.09 -42.80 -16.09
N THR B 2500 -15.42 -42.64 -16.10
CA THR B 2500 -16.08 -41.59 -15.34
C THR B 2500 -15.84 -41.66 -13.82
N ARG B 2501 -15.62 -42.85 -13.29
CA ARG B 2501 -15.39 -43.01 -11.87
C ARG B 2501 -14.04 -42.50 -11.40
N LEU B 2502 -13.08 -42.44 -12.29
CA LEU B 2502 -11.73 -42.09 -11.91
C LEU B 2502 -11.58 -40.70 -11.30
N VAL B 2503 -12.28 -39.67 -11.78
CA VAL B 2503 -12.13 -38.33 -11.18
C VAL B 2503 -10.70 -38.07 -11.63
N PRO B 2504 -9.93 -37.15 -11.02
CA PRO B 2504 -8.88 -36.41 -11.74
C PRO B 2504 -8.09 -37.20 -12.80
N HIS B 2505 -7.82 -38.49 -12.58
CA HIS B 2505 -7.28 -39.35 -13.65
C HIS B 2505 -8.36 -39.74 -14.65
N GLY B 2506 -8.03 -39.84 -15.93
CA GLY B 2506 -9.10 -39.92 -16.91
C GLY B 2506 -9.77 -38.57 -16.95
N PHE B 2507 -11.10 -38.52 -16.80
CA PHE B 2507 -11.82 -37.26 -16.86
C PHE B 2507 -11.51 -36.30 -15.71
N SER B 2508 -11.29 -35.04 -16.08
CA SER B 2508 -11.01 -33.97 -15.12
C SER B 2508 -12.07 -33.83 -14.03
N LYS B 2509 -13.34 -33.85 -14.43
CA LYS B 2509 -14.44 -33.73 -13.48
C LYS B 2509 -15.32 -34.96 -13.56
N LYS B 2510 -16.34 -35.00 -12.70
CA LYS B 2510 -17.34 -36.05 -12.82
C LYS B 2510 -18.28 -35.62 -13.92
N TYR B 2511 -18.40 -36.46 -14.93
CA TYR B 2511 -19.39 -36.27 -15.97
C TYR B 2511 -20.26 -37.51 -15.88
N TYR B 2512 -21.56 -37.35 -16.01
CA TYR B 2512 -22.47 -38.49 -15.97
C TYR B 2512 -23.01 -38.76 -17.35
N PHE B 2513 -22.86 -40.01 -17.79
CA PHE B 2513 -23.39 -40.45 -19.08
C PHE B 2513 -24.49 -41.48 -18.86
N ASN B 2514 -25.72 -41.07 -19.13
CA ASN B 2514 -26.89 -41.90 -18.85
C ASN B 2514 -27.28 -42.74 -20.06
N ASP B 2515 -28.44 -43.40 -19.98
CA ASP B 2515 -28.94 -44.17 -21.11
C ASP B 2515 -29.42 -43.28 -22.25
N CYS B 2516 -29.79 -42.04 -21.94
CA CYS B 2516 -30.23 -41.10 -22.97
C CYS B 2516 -29.11 -40.94 -23.99
N ASP B 2517 -27.89 -40.91 -23.48
CA ASP B 2517 -26.71 -40.76 -24.32
C ASP B 2517 -26.58 -41.97 -25.24
N PHE B 2518 -26.71 -43.16 -24.67
CA PHE B 2518 -26.66 -44.40 -25.45
C PHE B 2518 -27.81 -44.41 -26.45
N GLN B 2519 -28.96 -43.91 -26.03
CA GLN B 2519 -30.15 -43.90 -26.87
C GLN B 2519 -29.93 -42.98 -28.07
N PHE B 2520 -29.43 -41.77 -27.82
CA PHE B 2520 -29.23 -40.80 -28.92
C PHE B 2520 -28.14 -41.30 -29.86
N ALA B 2521 -27.07 -41.83 -29.29
CA ALA B 2521 -25.98 -42.41 -30.07
C ALA B 2521 -26.50 -43.55 -30.94
N SER B 2522 -27.39 -44.36 -30.38
CA SER B 2522 -27.94 -45.50 -31.12
C SER B 2522 -28.87 -45.02 -32.21
N VAL B 2523 -29.57 -43.93 -31.92
CA VAL B 2523 -30.49 -43.32 -32.86
C VAL B 2523 -29.73 -42.66 -34.01
N TYR B 2524 -28.64 -41.95 -33.72
CA TYR B 2524 -27.80 -41.40 -34.77
C TYR B 2524 -27.25 -42.50 -35.66
N LEU B 2525 -26.76 -43.58 -35.06
CA LEU B 2525 -26.12 -44.66 -35.80
C LEU B 2525 -27.09 -45.38 -36.73
N GLU B 2526 -28.34 -45.57 -36.27
CA GLU B 2526 -29.33 -46.21 -37.12
C GLU B 2526 -29.63 -45.35 -38.32
N ASN B 2527 -29.74 -44.05 -38.08
CA ASN B 2527 -29.99 -43.07 -39.13
C ASN B 2527 -28.90 -43.13 -40.21
N VAL B 2528 -27.64 -42.95 -39.80
CA VAL B 2528 -26.52 -42.93 -40.74
C VAL B 2528 -26.32 -44.26 -41.44
N LEU B 2529 -26.76 -45.34 -40.82
CA LEU B 2529 -26.70 -46.65 -41.45
C LEU B 2529 -27.79 -46.71 -42.49
N ALA B 2530 -28.93 -46.14 -42.15
CA ALA B 2530 -30.11 -46.19 -42.99
C ALA B 2530 -30.00 -45.20 -44.15
N THR B 2531 -29.32 -44.08 -43.90
CA THR B 2531 -29.19 -43.01 -44.88
C THR B 2531 -28.13 -43.34 -45.95
N ASN B 2532 -27.05 -43.98 -45.54
CA ASN B 2532 -25.98 -44.37 -46.46
C ASN B 2532 -26.13 -45.81 -46.97
N SER B 2533 -25.13 -46.29 -47.71
CA SER B 2533 -25.15 -47.66 -48.17
C SER B 2533 -24.70 -48.56 -47.04
N THR B 2534 -24.61 -49.86 -47.29
CA THR B 2534 -24.15 -50.81 -46.28
C THR B 2534 -22.64 -51.00 -46.37
N ASN B 2535 -21.96 -50.20 -47.20
CA ASN B 2535 -20.51 -50.12 -47.16
C ASN B 2535 -20.11 -49.49 -45.82
N ASN B 2536 -18.88 -49.73 -45.38
CA ASN B 2536 -18.45 -49.30 -44.05
C ASN B 2536 -17.88 -47.87 -43.95
N ILE B 2537 -17.82 -47.14 -45.06
CA ILE B 2537 -17.09 -45.85 -45.08
C ILE B 2537 -17.58 -44.72 -44.15
N PRO B 2538 -18.89 -44.61 -43.86
CA PRO B 2538 -19.38 -43.41 -43.17
C PRO B 2538 -18.71 -43.08 -41.80
N TRP B 2539 -17.88 -43.97 -41.27
CA TRP B 2539 -17.33 -43.85 -39.90
C TRP B 2539 -16.74 -42.50 -39.56
N ALA B 2540 -16.24 -41.80 -40.57
CA ALA B 2540 -15.64 -40.49 -40.37
C ALA B 2540 -16.57 -39.59 -39.56
N GLN B 2541 -17.80 -39.43 -40.05
CA GLN B 2541 -18.74 -38.50 -39.44
C GLN B 2541 -19.57 -39.14 -38.33
N VAL B 2542 -19.35 -40.43 -38.08
CA VAL B 2542 -20.02 -41.07 -36.95
C VAL B 2542 -19.30 -40.65 -35.67
N ARG B 2543 -17.97 -40.64 -35.72
CA ARG B 2543 -17.15 -40.24 -34.58
C ARG B 2543 -17.47 -38.83 -34.10
N ASP B 2544 -17.37 -37.87 -35.01
CA ASP B 2544 -17.48 -36.45 -34.70
C ASP B 2544 -18.81 -36.10 -34.02
N HIS B 2545 -19.87 -36.78 -34.44
CA HIS B 2545 -21.19 -36.58 -33.82
C HIS B 2545 -21.20 -37.09 -32.40
N ILE B 2546 -20.72 -38.32 -32.21
CA ILE B 2546 -20.70 -38.92 -30.89
C ILE B 2546 -19.72 -38.16 -30.00
N ALA B 2547 -18.58 -37.79 -30.56
CA ALA B 2547 -17.55 -37.07 -29.81
C ALA B 2547 -17.95 -35.64 -29.46
N THR B 2548 -18.36 -34.84 -30.45
CA THR B 2548 -18.64 -33.43 -30.22
C THR B 2548 -20.04 -33.15 -29.65
N ILE B 2549 -21.04 -33.93 -30.06
CA ILE B 2549 -22.44 -33.67 -29.70
C ILE B 2549 -22.98 -34.60 -28.61
N VAL B 2550 -23.25 -35.84 -29.01
CA VAL B 2550 -23.96 -36.80 -28.17
C VAL B 2550 -23.34 -36.96 -26.77
N TYR B 2551 -22.16 -37.56 -26.68
CA TYR B 2551 -21.49 -37.72 -25.40
C TYR B 2551 -20.74 -36.48 -24.92
N GLY B 2552 -19.94 -35.88 -25.80
CA GLY B 2552 -19.08 -34.79 -25.42
C GLY B 2552 -19.74 -33.43 -25.33
N GLY B 2553 -21.02 -33.37 -25.69
CA GLY B 2553 -21.77 -32.14 -25.56
C GLY B 2553 -21.80 -31.70 -24.10
N LYS B 2554 -21.93 -32.68 -23.21
CA LYS B 2554 -22.03 -32.41 -21.78
C LYS B 2554 -20.76 -31.80 -21.18
N ILE B 2555 -19.67 -31.85 -21.94
CA ILE B 2555 -18.34 -31.55 -21.41
C ILE B 2555 -17.84 -30.16 -21.80
N ASP B 2556 -17.64 -29.30 -20.81
CA ASP B 2556 -17.08 -27.97 -21.06
C ASP B 2556 -15.53 -27.92 -21.10
N GLU B 2557 -14.86 -28.74 -20.31
CA GLU B 2557 -13.39 -28.67 -20.19
C GLU B 2557 -12.72 -29.34 -21.37
N GLU B 2558 -11.84 -28.61 -22.05
CA GLU B 2558 -11.32 -29.04 -23.34
C GLU B 2558 -10.46 -30.31 -23.25
N LYS B 2559 -9.82 -30.58 -22.11
CA LYS B 2559 -9.04 -31.80 -21.97
C LYS B 2559 -9.93 -33.01 -22.17
N ASP B 2560 -11.04 -33.01 -21.45
CA ASP B 2560 -11.95 -34.13 -21.41
C ASP B 2560 -12.59 -34.37 -22.77
N LEU B 2561 -12.73 -33.30 -23.54
CA LEU B 2561 -13.21 -33.40 -24.92
C LEU B 2561 -12.25 -34.17 -25.82
N GLU B 2562 -10.95 -34.02 -25.58
CA GLU B 2562 -9.94 -34.76 -26.33
C GLU B 2562 -10.06 -36.24 -25.99
N VAL B 2563 -10.33 -36.51 -24.71
CA VAL B 2563 -10.44 -37.88 -24.20
C VAL B 2563 -11.53 -38.62 -24.95
N VAL B 2564 -12.72 -38.04 -24.97
CA VAL B 2564 -13.89 -38.62 -25.61
C VAL B 2564 -13.59 -38.87 -27.09
N ALA B 2565 -12.91 -37.91 -27.69
CA ALA B 2565 -12.55 -37.97 -29.11
C ALA B 2565 -11.66 -39.16 -29.45
N LYS B 2566 -10.61 -39.37 -28.66
CA LYS B 2566 -9.64 -40.42 -28.94
C LYS B 2566 -10.25 -41.78 -28.64
N LEU B 2567 -11.17 -41.82 -27.68
CA LEU B 2567 -11.88 -43.06 -27.40
C LEU B 2567 -12.83 -43.34 -28.55
N CYS B 2568 -13.41 -42.28 -29.10
CA CYS B 2568 -14.21 -42.39 -30.30
C CYS B 2568 -13.34 -42.82 -31.47
N ALA B 2569 -12.09 -42.34 -31.48
CA ALA B 2569 -11.18 -42.64 -32.58
C ALA B 2569 -10.83 -44.11 -32.57
N HIS B 2570 -10.67 -44.66 -31.38
CA HIS B 2570 -10.31 -46.05 -31.20
C HIS B 2570 -11.46 -47.00 -31.52
N VAL B 2571 -12.62 -46.77 -30.92
CA VAL B 2571 -13.73 -47.71 -31.02
C VAL B 2571 -14.43 -47.77 -32.38
N PHE B 2572 -14.66 -46.62 -33.00
CA PHE B 2572 -15.49 -46.60 -34.20
C PHE B 2572 -14.68 -46.72 -35.50
N CYS B 2573 -13.82 -45.78 -35.81
CA CYS B 2573 -12.97 -45.99 -36.99
C CYS B 2573 -12.19 -47.28 -36.81
N GLY B 2574 -12.33 -48.17 -37.77
CA GLY B 2574 -11.62 -49.43 -37.77
C GLY B 2574 -12.22 -50.33 -38.83
N SER B 2575 -11.48 -51.36 -39.23
CA SER B 2575 -11.94 -52.22 -40.32
C SER B 2575 -11.64 -53.68 -40.03
N ASP B 2576 -12.70 -54.49 -39.96
CA ASP B 2576 -12.63 -55.95 -40.00
C ASP B 2576 -11.82 -56.55 -38.83
N ASN B 2577 -11.15 -55.68 -38.08
CA ASN B 2577 -10.43 -56.06 -36.89
C ASN B 2577 -10.29 -54.80 -36.06
N LEU B 2578 -10.35 -54.95 -34.74
CA LEU B 2578 -10.38 -53.78 -33.86
C LEU B 2578 -9.43 -53.91 -32.69
N GLN B 2579 -9.66 -54.94 -31.88
CA GLN B 2579 -8.97 -55.09 -30.61
C GLN B 2579 -9.37 -53.93 -29.70
N ILE B 2580 -10.64 -53.92 -29.29
CA ILE B 2580 -11.16 -52.89 -28.38
C ILE B 2580 -10.35 -52.85 -27.11
N VAL B 2581 -10.04 -54.03 -26.61
CA VAL B 2581 -9.20 -54.17 -25.44
C VAL B 2581 -8.17 -55.25 -25.77
N PRO B 2582 -6.99 -55.18 -25.12
CA PRO B 2582 -5.78 -55.88 -25.55
C PRO B 2582 -5.98 -57.33 -26.00
N GLY B 2583 -6.90 -58.05 -25.36
CA GLY B 2583 -7.20 -59.41 -25.76
C GLY B 2583 -8.28 -59.58 -26.83
N VAL B 2584 -9.25 -58.67 -26.86
CA VAL B 2584 -10.49 -58.91 -27.60
C VAL B 2584 -10.63 -58.18 -28.93
N ARG B 2585 -10.56 -58.95 -30.01
CA ARG B 2585 -10.73 -58.45 -31.38
C ARG B 2585 -12.16 -58.66 -31.88
N ILE B 2586 -12.68 -57.67 -32.61
CA ILE B 2586 -14.05 -57.73 -33.15
C ILE B 2586 -14.04 -57.77 -34.67
N PRO B 2587 -14.43 -58.90 -35.27
CA PRO B 2587 -14.54 -58.92 -36.74
C PRO B 2587 -15.80 -58.19 -37.21
N GLN B 2588 -15.77 -57.69 -38.44
CA GLN B 2588 -16.94 -57.00 -39.01
C GLN B 2588 -17.85 -58.01 -39.73
N PRO B 2589 -19.12 -57.62 -39.97
CA PRO B 2589 -20.21 -58.51 -40.38
C PRO B 2589 -19.94 -59.53 -41.49
N LEU B 2590 -20.50 -60.71 -41.26
CA LEU B 2590 -20.34 -61.90 -42.09
C LEU B 2590 -20.94 -61.84 -43.49
N LEU B 2591 -20.43 -62.73 -44.34
CA LEU B 2591 -20.99 -63.03 -45.65
C LEU B 2591 -22.40 -63.56 -45.48
N GLN B 2592 -22.56 -64.39 -44.45
CA GLN B 2592 -23.82 -65.01 -44.09
C GLN B 2592 -24.90 -63.97 -43.85
N GLN B 2593 -24.51 -62.88 -43.17
CA GLN B 2593 -25.40 -61.75 -42.93
C GLN B 2593 -26.69 -62.18 -42.20
N SER B 2594 -26.58 -63.23 -41.40
CA SER B 2594 -27.70 -63.68 -40.56
C SER B 2594 -27.71 -62.93 -39.24
N GLU B 2595 -28.79 -62.21 -38.98
CA GLU B 2595 -28.86 -61.39 -37.78
C GLU B 2595 -28.85 -62.28 -36.53
N GLU B 2596 -29.50 -63.43 -36.63
CA GLU B 2596 -29.55 -64.42 -35.54
C GLU B 2596 -28.20 -65.07 -35.25
N GLU B 2597 -27.37 -65.24 -36.28
CA GLU B 2597 -26.05 -65.83 -36.08
C GLU B 2597 -25.01 -64.85 -35.51
N GLU B 2598 -25.07 -63.59 -35.95
CA GLU B 2598 -24.08 -62.61 -35.47
C GLU B 2598 -24.28 -62.30 -34.00
N ARG B 2599 -25.53 -62.21 -33.55
CA ARG B 2599 -25.81 -61.96 -32.15
C ARG B 2599 -25.16 -63.07 -31.31
N ALA B 2600 -25.34 -64.31 -31.76
CA ALA B 2600 -24.76 -65.45 -31.07
C ALA B 2600 -23.23 -65.46 -31.18
N ARG B 2601 -22.70 -64.91 -32.27
CA ARG B 2601 -21.26 -64.89 -32.48
C ARG B 2601 -20.57 -63.93 -31.52
N LEU B 2602 -21.11 -62.71 -31.41
CA LEU B 2602 -20.58 -61.72 -30.48
C LEU B 2602 -20.97 -62.03 -29.03
N THR B 2603 -22.05 -62.77 -28.85
CA THR B 2603 -22.39 -63.23 -27.52
C THR B 2603 -21.27 -64.15 -27.07
N ALA B 2604 -20.78 -64.97 -27.99
CA ALA B 2604 -19.62 -65.82 -27.72
C ALA B 2604 -18.35 -64.99 -27.46
N ILE B 2605 -18.13 -63.94 -28.24
CA ILE B 2605 -16.88 -63.18 -28.17
C ILE B 2605 -16.85 -62.42 -26.85
N LEU B 2606 -18.03 -62.27 -26.24
CA LEU B 2606 -18.15 -61.75 -24.88
C LEU B 2606 -17.96 -62.85 -23.84
N SER B 2607 -18.34 -64.08 -24.19
CA SER B 2607 -18.23 -65.22 -23.28
C SER B 2607 -16.80 -65.79 -23.22
N ASN B 2608 -16.01 -65.53 -24.25
CA ASN B 2608 -14.62 -65.99 -24.29
C ASN B 2608 -13.66 -64.99 -23.65
N THR B 2609 -14.19 -63.82 -23.29
CA THR B 2609 -13.39 -62.76 -22.67
C THR B 2609 -13.37 -62.90 -21.14
N ILE B 2610 -12.22 -62.58 -20.54
CA ILE B 2610 -12.12 -62.47 -19.09
C ILE B 2610 -11.44 -61.17 -18.69
N GLU B 2611 -12.17 -60.31 -17.99
CA GLU B 2611 -11.69 -58.98 -17.63
C GLU B 2611 -10.52 -59.08 -16.66
N PRO B 2612 -9.33 -58.58 -17.06
CA PRO B 2612 -8.17 -58.70 -16.16
C PRO B 2612 -8.33 -57.96 -14.84
N ALA B 2613 -7.31 -58.08 -13.99
CA ALA B 2613 -7.28 -57.41 -12.70
C ALA B 2613 -6.83 -55.95 -12.88
N ASP B 2614 -5.98 -55.75 -13.87
CA ASP B 2614 -5.43 -54.43 -14.17
C ASP B 2614 -6.34 -53.69 -15.13
N SER B 2615 -7.53 -54.27 -15.38
CA SER B 2615 -8.43 -53.85 -16.45
C SER B 2615 -8.58 -52.34 -16.56
N LEU B 2616 -8.65 -51.67 -15.42
CA LEU B 2616 -8.79 -50.22 -15.39
C LEU B 2616 -7.63 -49.46 -16.03
N SER B 2617 -6.43 -50.03 -16.01
CA SER B 2617 -5.31 -49.45 -16.76
C SER B 2617 -5.27 -49.91 -18.22
N SER B 2618 -5.57 -51.18 -18.47
CA SER B 2618 -5.44 -51.74 -19.82
C SER B 2618 -6.65 -51.47 -20.72
N TRP B 2619 -7.85 -51.62 -20.18
CA TRP B 2619 -9.07 -51.43 -20.97
C TRP B 2619 -9.42 -49.96 -21.12
N LEU B 2620 -9.27 -49.21 -20.04
CA LEU B 2620 -9.31 -47.77 -20.09
C LEU B 2620 -7.90 -47.38 -20.47
N GLN B 2621 -7.72 -46.63 -21.54
CA GLN B 2621 -6.41 -46.52 -22.16
C GLN B 2621 -5.32 -45.87 -21.29
N LEU B 2622 -5.70 -45.34 -20.13
CA LEU B 2622 -4.75 -44.63 -19.26
C LEU B 2622 -3.78 -45.55 -18.49
N PRO B 2623 -2.58 -45.05 -18.15
CA PRO B 2623 -1.45 -45.85 -17.69
C PRO B 2623 -1.65 -46.41 -16.28
N ARG B 2624 -0.81 -47.36 -15.91
CA ARG B 2624 -0.92 -48.00 -14.60
C ARG B 2624 -0.60 -47.00 -13.50
N GLU B 2625 0.45 -46.21 -13.69
CA GLU B 2625 0.89 -45.26 -12.67
C GLU B 2625 -0.24 -44.33 -12.22
N SER B 2626 -1.21 -44.08 -13.11
CA SER B 2626 -2.35 -43.22 -12.75
C SER B 2626 -3.26 -43.91 -11.75
N ILE B 2627 -3.72 -45.11 -12.12
CA ILE B 2627 -4.59 -45.90 -11.27
C ILE B 2627 -4.01 -46.01 -9.87
N LEU B 2628 -2.75 -46.40 -9.84
CA LEU B 2628 -2.05 -46.56 -8.59
C LEU B 2628 -2.11 -45.27 -7.79
N ASP B 2629 -2.07 -44.14 -8.50
CA ASP B 2629 -2.17 -42.85 -7.83
C ASP B 2629 -3.58 -42.66 -7.25
N TYR B 2630 -4.60 -43.12 -7.98
CA TYR B 2630 -5.98 -42.98 -7.51
C TYR B 2630 -6.20 -43.80 -6.26
N GLU B 2631 -5.81 -45.06 -6.31
CA GLU B 2631 -5.88 -45.95 -5.15
C GLU B 2631 -5.08 -45.33 -4.00
N ARG B 2632 -3.86 -44.87 -4.29
CA ARG B 2632 -3.05 -44.15 -3.29
C ARG B 2632 -3.81 -42.96 -2.72
N LEU B 2633 -4.52 -42.27 -3.60
CA LEU B 2633 -5.19 -41.03 -3.21
C LEU B 2633 -6.38 -41.27 -2.30
N GLN B 2634 -7.23 -42.23 -2.66
CA GLN B 2634 -8.40 -42.49 -1.84
C GLN B 2634 -7.91 -43.05 -0.51
N ALA B 2635 -6.84 -43.85 -0.56
CA ALA B 2635 -6.20 -44.31 0.66
C ALA B 2635 -5.80 -43.15 1.56
N LYS B 2636 -5.31 -42.07 0.96
CA LYS B 2636 -4.98 -40.87 1.73
C LYS B 2636 -6.25 -40.25 2.29
N GLU B 2637 -7.35 -40.30 1.53
CA GLU B 2637 -8.60 -39.69 1.95
C GLU B 2637 -9.09 -40.33 3.23
N VAL B 2638 -9.15 -41.66 3.21
CA VAL B 2638 -9.62 -42.45 4.33
C VAL B 2638 -8.74 -42.30 5.56
N ALA B 2639 -7.43 -42.41 5.38
CA ALA B 2639 -6.49 -42.34 6.50
C ALA B 2639 -6.39 -40.91 7.06
N SER B 2640 -6.54 -39.91 6.19
CA SER B 2640 -6.61 -38.51 6.64
C SER B 2640 -7.79 -38.31 7.56
N SER B 2641 -8.93 -38.85 7.14
CA SER B 2641 -10.19 -38.69 7.84
C SER B 2641 -10.09 -39.21 9.27
N THR B 2642 -9.65 -40.46 9.42
CA THR B 2642 -9.59 -41.09 10.72
C THR B 2642 -8.51 -40.50 11.60
N GLU B 2643 -7.42 -40.02 11.01
CA GLU B 2643 -6.37 -39.38 11.80
C GLU B 2643 -6.99 -38.15 12.46
N GLN B 2644 -7.77 -37.40 11.70
CA GLN B 2644 -8.45 -36.23 12.22
C GLN B 2644 -9.54 -36.59 13.23
N LEU B 2645 -10.27 -37.67 12.96
CA LEU B 2645 -11.33 -38.11 13.87
C LEU B 2645 -10.77 -38.56 15.21
N LEU B 2646 -9.68 -39.32 15.15
CA LEU B 2646 -9.06 -39.86 16.35
C LEU B 2646 -8.39 -38.78 17.20
N GLN B 2647 -7.78 -37.79 16.54
CA GLN B 2647 -7.13 -36.69 17.26
C GLN B 2647 -8.17 -35.84 18.00
N GLU B 2648 -9.37 -35.76 17.45
CA GLU B 2648 -10.46 -35.01 18.06
C GLU B 2648 -11.02 -35.71 19.31
N MET B 2649 -10.63 -36.95 19.55
CA MET B 2649 -11.14 -37.70 20.70
C MET B 2649 -10.09 -38.67 21.25
#